data_4XWO
#
_entry.id   4XWO
#
_cell.length_a   112.580
_cell.length_b   119.450
_cell.length_c   147.570
_cell.angle_alpha   71.890
_cell.angle_beta   89.860
_cell.angle_gamma   66.610
#
_symmetry.space_group_name_H-M   'P 1'
#
loop_
_entity.id
_entity.type
_entity.pdbx_description
1 polymer 'ATPase GET3'
2 polymer 'Antibody heavy chain'
3 polymer 'Antibody light chain'
4 polymer Sec22
5 non-polymer 'MAGNESIUM ION'
6 non-polymer 'ZINC ION'
7 non-polymer "ADENOSINE-5'-DIPHOSPHATE"
8 non-polymer "ADENOSINE-5'-TRIPHOSPHATE"
9 water water
#
loop_
_entity_poly.entity_id
_entity_poly.type
_entity_poly.pdbx_seq_one_letter_code
_entity_poly.pdbx_strand_id
1 'polypeptide(L)'
;MDLTVEPNLHSLITSTTHKWIFVGGKGGVGKTTSSCSIAIQMALSQPNKQFLLISTNPAHNLSDAFGEKFGKDARKVTGM
NNLSCMEIDPSAALKDMNDMAVSRANNNGSDGQGDDLGSLLQGGALADLTGSIPGIDEALSFMEVMKHIKRQEQGEGETF
DTVIFDTAPTGHTLRFLQLPNTLSKLLEKFGEITNKLGPMLNSFMGAGNVDISGKLNELKANVETIRQQFTDPDLTTFVC
VCISEFLSLYETERLIQELISYDMDVNSIIVNQLLFAENDQEHNCKRCQARWKMQKKYLDQIDELYEDFHVVKMPLCAGE
IRGLNNLTKFSQFLNKEYNPITDGKVIYELEDKE
;
A,B,G,H,M,N,S,T
2 'polypeptide(L)'
;EISEVQLVESGGGLVQPGGSLRLSCAASGFNLYYYSIHWVRQAPGKGLEWVASISPYSSSTSYADSVKGRFTISADTSKN
TAYLQMNSLRAEDTAVYYCARGRWYRRALDYWGQGTLVTVSSASTKGPSVFPLAPSSKSTSGGTAALGCLVKDYFPEPVT
VSWNSGALTSGVHTFPAVLQSSGLYSLSSVVTVPSSSLGTQTYICNVNHKPSNTKVDKKVEPKSCDKTHT
;
C,E,I,K,O,Q,U,W
3 'polypeptide(L)'
;SDIQMTQSPSSLSASVGDRVTITCRASQSVSSAVAWYQQKPGKAPKLLIYSASSLYSGVPSRFSGSRSGTDFTLTISSLQ
PEDFATYYCQQYPYYSSLITFGQGTKVEIKRTVAAPSVFIFPPSDSQLKSGTASVVCLLNNFYPREAKVQWKVDNALQSG
NSQESVTEQDSKDSTYSLSSTLTLSKADYEKHKVYACEVTHQGLSSPVTKSFNRGEC
;
D,F,J,L,P,R,V,X
4 'polypeptide(L)'
;(UNK)(UNK)(UNK)(UNK)(UNK)(UNK)(UNK)(UNK)(UNK)(UNK)(UNK)(UNK)(UNK)(UNK)(UNK)(UNK)
(UNK)(UNK)(UNK)(UNK)(UNK)(UNK)(UNK)(UNK)(UNK)(UNK)(UNK)(UNK)(UNK)(UNK)(UNK)(UNK)
(UNK)(UNK)(UNK)(UNK)(UNK)(UNK)(UNK)(UNK)(UNK)
;
a,g,m,s
#
# COMPACT_ATOMS: atom_id res chain seq x y z
N THR A 4 -32.24 9.72 1.46
CA THR A 4 -32.75 9.83 2.83
C THR A 4 -33.36 8.51 3.30
N VAL A 5 -33.45 7.55 2.38
CA VAL A 5 -34.06 6.25 2.67
C VAL A 5 -33.09 5.11 3.03
N GLU A 6 -31.91 5.46 3.53
CA GLU A 6 -30.86 4.46 3.77
C GLU A 6 -31.35 3.30 4.63
N PRO A 7 -30.89 2.08 4.33
CA PRO A 7 -31.35 0.89 5.06
C PRO A 7 -30.67 0.71 6.41
N ASN A 8 -30.71 1.75 7.24
CA ASN A 8 -30.18 1.71 8.60
C ASN A 8 -30.84 2.79 9.46
N LEU A 9 -30.61 2.75 10.76
CA LEU A 9 -31.20 3.75 11.64
C LEU A 9 -30.17 4.77 12.12
N HIS A 10 -29.09 4.93 11.35
CA HIS A 10 -28.02 5.86 11.73
C HIS A 10 -28.57 7.27 11.93
N SER A 11 -29.49 7.67 11.05
CA SER A 11 -30.11 8.99 11.15
C SER A 11 -30.88 9.16 12.45
N LEU A 12 -31.50 8.09 12.91
CA LEU A 12 -32.28 8.12 14.15
C LEU A 12 -31.41 8.01 15.40
N ILE A 13 -30.42 7.13 15.33
CA ILE A 13 -29.54 6.91 16.47
C ILE A 13 -28.76 8.17 16.81
N THR A 14 -28.46 8.97 15.79
CA THR A 14 -27.69 10.19 15.98
C THR A 14 -28.61 11.40 16.00
N SER A 15 -29.91 11.14 16.10
CA SER A 15 -30.91 12.20 16.16
C SER A 15 -30.77 12.98 17.45
N THR A 16 -30.91 14.30 17.37
CA THR A 16 -30.80 15.14 18.57
C THR A 16 -32.10 15.87 18.91
N THR A 17 -33.17 15.53 18.19
CA THR A 17 -34.46 16.22 18.37
C THR A 17 -35.54 15.28 18.92
N HIS A 18 -35.41 13.99 18.62
CA HIS A 18 -36.41 13.01 19.04
C HIS A 18 -36.44 12.87 20.56
N LYS A 19 -37.64 12.94 21.12
CA LYS A 19 -37.83 12.80 22.55
C LYS A 19 -38.63 11.54 22.88
N TRP A 20 -39.40 11.07 21.91
CA TRP A 20 -40.20 9.88 22.07
C TRP A 20 -39.98 8.88 20.93
N ILE A 21 -39.41 7.73 21.25
CA ILE A 21 -39.20 6.69 20.25
C ILE A 21 -39.97 5.41 20.60
N PHE A 22 -40.95 5.07 19.77
CA PHE A 22 -41.76 3.88 19.98
C PHE A 22 -41.24 2.72 19.15
N VAL A 23 -41.09 1.56 19.78
CA VAL A 23 -40.72 0.34 19.07
C VAL A 23 -41.83 -0.67 19.26
N GLY A 24 -42.40 -1.14 18.16
CA GLY A 24 -43.54 -2.04 18.21
C GLY A 24 -43.60 -3.02 17.06
N GLY A 25 -44.73 -3.71 16.97
CA GLY A 25 -44.95 -4.68 15.92
C GLY A 25 -45.61 -5.95 16.44
N LYS A 26 -45.85 -6.89 15.54
CA LYS A 26 -46.47 -8.15 15.89
C LYS A 26 -45.65 -8.88 16.95
N GLY A 27 -46.28 -9.80 17.67
CA GLY A 27 -45.60 -10.53 18.71
C GLY A 27 -44.53 -11.47 18.20
N GLY A 28 -43.42 -11.52 18.91
CA GLY A 28 -42.35 -12.46 18.58
C GLY A 28 -41.42 -12.00 17.48
N VAL A 29 -41.69 -10.85 16.88
CA VAL A 29 -40.83 -10.39 15.79
C VAL A 29 -39.50 -9.84 16.32
N GLY A 30 -39.52 -9.37 17.57
CA GLY A 30 -38.30 -8.87 18.21
C GLY A 30 -38.33 -7.42 18.67
N LYS A 31 -39.47 -6.98 19.18
CA LYS A 31 -39.60 -5.61 19.68
C LYS A 31 -38.62 -5.33 20.79
N THR A 32 -38.56 -6.24 21.77
CA THR A 32 -37.71 -6.04 22.94
C THR A 32 -36.23 -6.04 22.58
N THR A 33 -35.82 -7.00 21.77
CA THR A 33 -34.43 -7.11 21.35
C THR A 33 -34.00 -5.87 20.58
N SER A 34 -34.90 -5.38 19.73
CA SER A 34 -34.62 -4.23 18.89
C SER A 34 -34.65 -2.93 19.69
N SER A 35 -35.61 -2.82 20.61
CA SER A 35 -35.75 -1.62 21.43
C SER A 35 -34.58 -1.51 22.40
N CYS A 36 -34.03 -2.64 22.80
CA CYS A 36 -32.84 -2.65 23.64
C CYS A 36 -31.63 -2.26 22.80
N SER A 37 -31.61 -2.73 21.56
CA SER A 37 -30.49 -2.46 20.67
C SER A 37 -30.46 -0.98 20.26
N ILE A 38 -31.63 -0.42 19.99
CA ILE A 38 -31.71 0.98 19.62
C ILE A 38 -31.27 1.88 20.78
N ALA A 39 -31.73 1.56 21.99
CA ALA A 39 -31.38 2.35 23.17
C ALA A 39 -29.87 2.32 23.43
N ILE A 40 -29.25 1.18 23.16
CA ILE A 40 -27.82 1.03 23.38
C ILE A 40 -27.03 1.87 22.36
N GLN A 41 -27.46 1.82 21.11
CA GLN A 41 -26.80 2.53 20.02
C GLN A 41 -26.85 4.05 20.26
N MET A 42 -28.00 4.54 20.71
CA MET A 42 -28.15 5.95 21.00
C MET A 42 -27.25 6.35 22.16
N ALA A 43 -27.22 5.50 23.19
CA ALA A 43 -26.39 5.75 24.37
C ALA A 43 -24.91 5.80 24.00
N LEU A 44 -24.50 4.90 23.12
CA LEU A 44 -23.10 4.84 22.68
C LEU A 44 -22.77 5.99 21.74
N SER A 45 -23.72 6.35 20.88
CA SER A 45 -23.52 7.42 19.91
C SER A 45 -23.57 8.81 20.54
N GLN A 46 -24.31 8.93 21.64
CA GLN A 46 -24.48 10.23 22.29
C GLN A 46 -24.17 10.19 23.77
N PRO A 47 -22.86 10.16 24.11
CA PRO A 47 -22.38 10.04 25.50
C PRO A 47 -22.87 11.20 26.36
N ASN A 48 -23.20 12.33 25.74
CA ASN A 48 -23.60 13.52 26.47
C ASN A 48 -25.08 13.51 26.84
N LYS A 49 -25.82 12.54 26.31
CA LYS A 49 -27.25 12.46 26.58
C LYS A 49 -27.64 11.25 27.42
N GLN A 50 -28.63 11.44 28.28
CA GLN A 50 -29.18 10.34 29.09
C GLN A 50 -30.39 9.73 28.38
N PHE A 51 -30.46 8.42 28.36
CA PHE A 51 -31.54 7.72 27.66
C PHE A 51 -32.33 6.78 28.57
N LEU A 52 -33.65 6.81 28.43
CA LEU A 52 -34.53 5.93 29.19
C LEU A 52 -35.25 4.93 28.28
N LEU A 53 -35.23 3.66 28.70
CA LEU A 53 -35.91 2.58 27.98
C LEU A 53 -37.06 2.02 28.81
N ILE A 54 -38.29 2.41 28.47
CA ILE A 54 -39.47 1.97 29.21
C ILE A 54 -40.16 0.82 28.52
N SER A 55 -40.62 -0.17 29.29
CA SER A 55 -41.41 -1.26 28.74
C SER A 55 -42.89 -1.07 29.04
N THR A 56 -43.72 -0.93 28.00
CA THR A 56 -45.16 -0.76 28.20
C THR A 56 -45.90 -2.10 28.11
N ASN A 57 -45.16 -3.17 27.84
CA ASN A 57 -45.71 -4.52 27.82
C ASN A 57 -45.79 -5.08 29.23
N PRO A 58 -46.99 -5.48 29.66
CA PRO A 58 -47.21 -5.98 31.02
C PRO A 58 -46.28 -7.13 31.37
N ALA A 59 -46.10 -8.04 30.43
CA ALA A 59 -45.11 -9.10 30.56
C ALA A 59 -43.74 -8.57 30.13
N HIS A 60 -43.01 -8.01 31.08
CA HIS A 60 -41.76 -7.32 30.79
C HIS A 60 -40.64 -8.28 30.42
N ASN A 61 -39.76 -7.85 29.53
CA ASN A 61 -38.62 -8.67 29.12
C ASN A 61 -37.30 -7.92 29.18
N LEU A 62 -37.33 -6.68 29.66
CA LEU A 62 -36.11 -5.91 29.78
C LEU A 62 -35.17 -6.58 30.77
N SER A 63 -35.72 -6.97 31.91
CA SER A 63 -34.96 -7.64 32.95
C SER A 63 -34.40 -8.96 32.47
N ASP A 64 -35.21 -9.69 31.72
CA ASP A 64 -34.79 -10.98 31.18
C ASP A 64 -33.72 -10.79 30.10
N ALA A 65 -33.81 -9.67 29.37
CA ALA A 65 -32.93 -9.41 28.24
C ALA A 65 -31.55 -8.95 28.70
N PHE A 66 -31.52 -8.09 29.72
CA PHE A 66 -30.27 -7.58 30.26
C PHE A 66 -29.72 -8.45 31.39
N GLY A 67 -30.60 -9.13 32.11
CA GLY A 67 -30.15 -9.95 33.21
C GLY A 67 -30.06 -9.20 34.52
N GLU A 68 -30.83 -8.13 34.65
CA GLU A 68 -30.91 -7.37 35.89
C GLU A 68 -32.37 -7.00 36.18
N LYS A 69 -32.73 -6.95 37.45
CA LYS A 69 -34.12 -6.66 37.79
C LYS A 69 -34.39 -5.17 37.70
N PHE A 70 -35.37 -4.79 36.88
CA PHE A 70 -35.80 -3.39 36.83
C PHE A 70 -37.20 -3.26 37.42
N GLY A 71 -37.58 -2.04 37.78
CA GLY A 71 -38.88 -1.83 38.41
C GLY A 71 -39.52 -0.51 38.05
N LYS A 72 -40.49 -0.09 38.87
CA LYS A 72 -41.21 1.14 38.60
C LYS A 72 -40.26 2.33 38.66
N ASP A 73 -39.20 2.18 39.45
CA ASP A 73 -38.19 3.21 39.58
C ASP A 73 -37.05 2.94 38.58
N ALA A 74 -36.70 3.96 37.81
CA ALA A 74 -35.70 3.84 36.77
C ALA A 74 -34.31 3.54 37.33
N ARG A 75 -33.68 2.50 36.80
CA ARG A 75 -32.32 2.15 37.20
C ARG A 75 -31.39 2.17 35.99
N LYS A 76 -30.14 2.56 36.23
CA LYS A 76 -29.13 2.55 35.19
C LYS A 76 -28.83 1.10 34.78
N VAL A 77 -28.53 0.89 33.50
CA VAL A 77 -28.12 -0.42 33.04
C VAL A 77 -26.64 -0.67 33.35
N THR A 78 -26.36 -1.76 34.05
CA THR A 78 -25.00 -2.09 34.48
C THR A 78 -24.09 -2.29 33.28
N GLY A 79 -23.02 -1.50 33.22
CA GLY A 79 -22.11 -1.55 32.09
C GLY A 79 -22.30 -0.35 31.19
N MET A 80 -23.34 0.43 31.48
CA MET A 80 -23.66 1.65 30.72
C MET A 80 -23.75 2.84 31.67
N ASN A 81 -23.30 4.01 31.22
CA ASN A 81 -23.31 5.21 32.06
C ASN A 81 -24.49 6.13 31.79
N ASN A 82 -25.15 5.96 30.65
CA ASN A 82 -26.24 6.85 30.25
C ASN A 82 -27.50 6.13 29.75
N LEU A 83 -27.63 4.85 30.06
CA LEU A 83 -28.82 4.10 29.67
C LEU A 83 -29.52 3.48 30.86
N SER A 84 -30.81 3.79 31.01
CA SER A 84 -31.61 3.27 32.12
C SER A 84 -32.90 2.63 31.63
N CYS A 85 -33.32 1.56 32.30
CA CYS A 85 -34.56 0.88 31.96
C CYS A 85 -35.61 1.08 33.05
N MET A 86 -36.86 0.80 32.71
CA MET A 86 -37.96 0.91 33.64
C MET A 86 -39.04 -0.09 33.30
N GLU A 87 -39.39 -0.93 34.27
CA GLU A 87 -40.48 -1.88 34.09
C GLU A 87 -41.59 -1.55 35.07
N ILE A 88 -42.64 -0.92 34.56
CA ILE A 88 -43.71 -0.45 35.43
C ILE A 88 -44.53 -1.62 35.96
N ASP A 89 -44.63 -1.72 37.28
CA ASP A 89 -45.39 -2.77 37.91
C ASP A 89 -46.71 -2.20 38.46
N PRO A 90 -47.82 -2.53 37.80
CA PRO A 90 -49.16 -2.01 38.10
C PRO A 90 -49.61 -2.22 39.54
N SER A 91 -49.35 -3.39 40.10
CA SER A 91 -49.79 -3.68 41.47
C SER A 91 -49.07 -2.80 42.50
N ALA A 92 -47.74 -2.79 42.43
CA ALA A 92 -46.93 -2.02 43.37
C ALA A 92 -47.18 -0.52 43.26
N ALA A 93 -47.35 -0.04 42.02
CA ALA A 93 -47.56 1.38 41.75
C ALA A 93 -48.83 1.92 42.39
N LEU A 94 -49.93 1.17 42.30
CA LEU A 94 -51.21 1.63 42.86
C LEU A 94 -51.21 1.62 44.39
N LYS A 95 -50.54 0.64 45.01
CA LYS A 95 -50.47 0.63 46.46
C LYS A 95 -49.69 1.84 46.93
N ASP A 96 -48.67 2.20 46.15
CA ASP A 96 -47.83 3.35 46.44
C ASP A 96 -48.66 4.64 46.43
N MET A 97 -49.54 4.77 45.43
CA MET A 97 -50.37 5.96 45.33
C MET A 97 -51.33 6.06 46.51
N ASN A 98 -51.81 4.91 46.97
CA ASN A 98 -52.70 4.85 48.14
C ASN A 98 -52.00 5.21 49.46
N ASP A 99 -50.73 4.86 49.58
CA ASP A 99 -49.98 5.03 50.83
C ASP A 99 -49.48 6.47 50.97
N MET A 100 -49.49 7.21 49.86
CA MET A 100 -49.14 8.62 49.91
C MET A 100 -50.37 9.40 50.38
N ALA A 101 -51.54 9.07 49.82
CA ALA A 101 -52.79 9.72 50.20
C ALA A 101 -53.54 8.88 51.24
N LEU A 126 -59.31 -1.51 47.13
CA LEU A 126 -59.73 -0.82 45.91
C LEU A 126 -58.57 -0.63 44.95
N ALA A 127 -57.37 -0.48 45.50
CA ALA A 127 -56.18 -0.27 44.69
C ALA A 127 -55.75 -1.53 43.93
N ASP A 128 -55.84 -2.67 44.58
CA ASP A 128 -55.45 -3.93 43.95
C ASP A 128 -56.45 -4.28 42.86
N LEU A 129 -57.72 -3.94 43.09
CA LEU A 129 -58.79 -4.23 42.15
C LEU A 129 -58.61 -3.41 40.88
N THR A 130 -58.33 -2.12 41.06
CA THR A 130 -58.13 -1.23 39.92
C THR A 130 -56.84 -1.63 39.20
N GLY A 131 -55.93 -2.25 39.93
CA GLY A 131 -54.66 -2.72 39.40
C GLY A 131 -54.82 -3.97 38.56
N SER A 132 -55.97 -4.62 38.68
CA SER A 132 -56.26 -5.84 37.93
C SER A 132 -57.22 -5.60 36.77
N ILE A 133 -57.72 -4.37 36.66
CA ILE A 133 -58.64 -3.99 35.60
C ILE A 133 -57.92 -3.86 34.26
N PRO A 134 -58.53 -4.39 33.19
CA PRO A 134 -57.90 -4.33 31.87
C PRO A 134 -57.71 -2.89 31.42
N GLY A 135 -56.52 -2.56 30.93
CA GLY A 135 -56.23 -1.21 30.48
C GLY A 135 -55.34 -0.45 31.43
N ILE A 136 -55.27 -0.90 32.68
CA ILE A 136 -54.50 -0.22 33.72
C ILE A 136 -53.04 -0.08 33.32
N ASP A 137 -52.55 -1.03 32.54
CA ASP A 137 -51.16 -1.02 32.08
C ASP A 137 -50.92 0.15 31.16
N GLU A 138 -51.86 0.37 30.25
CA GLU A 138 -51.75 1.49 29.32
C GLU A 138 -51.91 2.80 30.07
N ALA A 139 -52.71 2.79 31.12
CA ALA A 139 -52.94 3.97 31.94
C ALA A 139 -51.70 4.37 32.73
N LEU A 140 -51.05 3.39 33.34
CA LEU A 140 -49.86 3.65 34.13
C LEU A 140 -48.66 4.00 33.26
N SER A 141 -48.73 3.59 31.99
CA SER A 141 -47.67 3.92 31.04
C SER A 141 -47.76 5.38 30.61
N PHE A 142 -48.98 5.80 30.29
CA PHE A 142 -49.27 7.17 29.88
C PHE A 142 -49.02 8.13 31.03
N MET A 143 -49.27 7.67 32.25
CA MET A 143 -49.04 8.46 33.44
C MET A 143 -47.54 8.71 33.62
N GLU A 144 -46.76 7.71 33.22
CA GLU A 144 -45.31 7.81 33.28
C GLU A 144 -44.86 8.86 32.27
N VAL A 145 -45.44 8.79 31.08
CA VAL A 145 -45.19 9.78 30.04
C VAL A 145 -45.66 11.17 30.48
N MET A 146 -46.86 11.20 31.05
CA MET A 146 -47.49 12.45 31.43
C MET A 146 -46.71 13.17 32.52
N LYS A 147 -46.20 12.41 33.47
CA LYS A 147 -45.44 12.99 34.58
C LYS A 147 -44.01 13.28 34.13
N HIS A 148 -43.56 12.59 33.09
CA HIS A 148 -42.25 12.86 32.52
C HIS A 148 -42.25 14.21 31.81
N ILE A 149 -43.36 14.53 31.16
CA ILE A 149 -43.49 15.81 30.45
C ILE A 149 -43.52 16.96 31.46
N LYS A 150 -44.19 16.71 32.58
CA LYS A 150 -44.28 17.68 33.66
C LYS A 150 -42.91 18.02 34.19
N ARG A 151 -42.01 17.04 34.15
CA ARG A 151 -40.64 17.21 34.61
C ARG A 151 -39.81 18.08 33.66
N GLN A 152 -39.99 17.89 32.36
CA GLN A 152 -39.27 18.70 31.37
C GLN A 152 -39.74 20.15 31.41
N GLU A 153 -41.02 20.35 31.70
CA GLU A 153 -41.59 21.70 31.73
C GLU A 153 -41.19 22.43 33.00
N THR A 159 -34.11 14.18 34.72
CA THR A 159 -34.87 14.08 33.48
C THR A 159 -34.07 13.37 32.41
N PHE A 160 -34.78 12.86 31.41
CA PHE A 160 -34.13 12.17 30.31
C PHE A 160 -34.36 12.93 29.00
N ASP A 161 -33.36 12.92 28.13
CA ASP A 161 -33.45 13.65 26.88
C ASP A 161 -34.33 12.89 25.89
N THR A 162 -34.15 11.57 25.87
CA THR A 162 -34.91 10.72 24.97
C THR A 162 -35.46 9.51 25.71
N VAL A 163 -36.67 9.10 25.34
CA VAL A 163 -37.30 7.93 25.94
C VAL A 163 -37.66 6.91 24.86
N ILE A 164 -37.13 5.70 24.98
CA ILE A 164 -37.47 4.64 24.05
C ILE A 164 -38.52 3.71 24.66
N PHE A 165 -39.56 3.42 23.87
CA PHE A 165 -40.65 2.57 24.36
C PHE A 165 -40.60 1.17 23.77
N ASP A 166 -40.39 0.19 24.64
CA ASP A 166 -40.58 -1.19 24.26
C ASP A 166 -42.06 -1.51 24.46
N THR A 167 -42.85 -1.27 23.41
CA THR A 167 -44.31 -1.35 23.48
C THR A 167 -44.81 -2.78 23.47
N ALA A 168 -46.07 -2.96 23.84
CA ALA A 168 -46.72 -4.26 23.73
C ALA A 168 -47.03 -4.53 22.26
N PRO A 169 -47.43 -5.77 21.94
CA PRO A 169 -47.78 -6.15 20.57
C PRO A 169 -48.82 -5.22 19.94
N THR A 170 -48.95 -5.32 18.61
CA THR A 170 -49.74 -4.40 17.80
C THR A 170 -51.07 -3.94 18.40
N GLY A 171 -51.89 -4.89 18.85
CA GLY A 171 -53.23 -4.59 19.32
C GLY A 171 -53.34 -3.56 20.41
N HIS A 172 -52.51 -3.68 21.45
CA HIS A 172 -52.66 -2.84 22.64
C HIS A 172 -51.82 -1.59 22.59
N THR A 173 -50.78 -1.60 21.77
CA THR A 173 -49.97 -0.40 21.57
C THR A 173 -50.81 0.68 20.91
N LEU A 174 -51.68 0.25 20.01
CA LEU A 174 -52.59 1.16 19.33
C LEU A 174 -53.52 1.85 20.32
N ARG A 175 -54.06 1.08 21.27
CA ARG A 175 -54.93 1.65 22.31
C ARG A 175 -54.18 2.71 23.11
N PHE A 176 -52.92 2.42 23.39
CA PHE A 176 -52.09 3.34 24.16
C PHE A 176 -51.86 4.65 23.41
N LEU A 177 -51.53 4.57 22.13
CA LEU A 177 -51.21 5.75 21.35
C LEU A 177 -52.44 6.58 21.00
N GLN A 178 -53.62 5.97 21.11
CA GLN A 178 -54.87 6.68 20.87
C GLN A 178 -55.29 7.43 22.14
N LEU A 179 -54.63 7.12 23.24
CA LEU A 179 -55.01 7.63 24.55
C LEU A 179 -54.99 9.16 24.64
N PRO A 180 -53.96 9.80 24.07
CA PRO A 180 -53.95 11.27 24.02
C PRO A 180 -55.18 11.81 23.31
N ASN A 181 -55.43 11.29 22.10
CA ASN A 181 -56.59 11.69 21.33
C ASN A 181 -57.88 11.30 22.05
N THR A 182 -57.85 10.14 22.69
CA THR A 182 -59.01 9.64 23.42
C THR A 182 -59.32 10.47 24.66
N LEU A 183 -58.28 10.74 25.45
CA LEU A 183 -58.44 11.52 26.68
C LEU A 183 -58.91 12.95 26.41
N SER A 184 -58.40 13.56 25.35
CA SER A 184 -58.78 14.92 24.98
C SER A 184 -60.28 15.02 24.71
N LYS A 185 -60.78 14.14 23.86
CA LYS A 185 -62.20 14.15 23.51
C LYS A 185 -63.07 13.87 24.73
N LEU A 186 -62.72 12.84 25.50
CA LEU A 186 -63.47 12.51 26.71
C LEU A 186 -63.41 13.64 27.72
N LEU A 187 -62.22 14.21 27.89
CA LEU A 187 -61.98 15.22 28.92
C LEU A 187 -62.70 16.54 28.66
N GLU A 188 -62.64 17.02 27.41
CA GLU A 188 -63.24 18.31 27.07
C GLU A 188 -64.77 18.30 27.23
N LYS A 189 -65.41 17.22 26.79
CA LYS A 189 -66.86 17.12 26.91
C LYS A 189 -67.31 17.00 28.36
N PHE A 190 -66.46 16.38 29.19
CA PHE A 190 -66.73 16.25 30.62
C PHE A 190 -66.69 17.60 31.35
N GLY A 191 -65.57 18.29 31.23
CA GLY A 191 -65.43 19.64 31.77
C GLY A 191 -65.39 19.67 33.29
N LYS A 215 -57.27 23.06 37.92
CA LYS A 215 -56.43 21.86 37.96
C LYS A 215 -56.87 20.86 36.91
N LEU A 216 -58.16 20.81 36.63
CA LEU A 216 -58.70 19.96 35.58
C LEU A 216 -58.28 20.54 34.24
N ASN A 217 -58.16 21.86 34.20
CA ASN A 217 -57.71 22.57 33.02
C ASN A 217 -56.22 22.33 32.79
N GLU A 218 -55.49 22.22 33.89
CA GLU A 218 -54.06 21.95 33.83
C GLU A 218 -53.82 20.55 33.29
N LEU A 219 -54.66 19.60 33.71
CA LEU A 219 -54.59 18.23 33.19
C LEU A 219 -54.93 18.18 31.70
N LYS A 220 -55.95 18.94 31.31
CA LYS A 220 -56.39 18.99 29.92
C LYS A 220 -55.32 19.66 29.06
N ALA A 221 -54.55 20.55 29.68
CA ALA A 221 -53.42 21.20 29.00
C ALA A 221 -52.27 20.22 28.79
N ASN A 222 -52.04 19.35 29.77
CA ASN A 222 -50.97 18.35 29.68
C ASN A 222 -51.23 17.33 28.59
N VAL A 223 -52.48 16.88 28.48
CA VAL A 223 -52.86 15.91 27.46
C VAL A 223 -52.63 16.46 26.06
N GLU A 224 -52.98 17.73 25.87
CA GLU A 224 -52.81 18.38 24.59
C GLU A 224 -51.32 18.49 24.25
N THR A 225 -50.50 18.69 25.27
CA THR A 225 -49.05 18.78 25.09
C THR A 225 -48.50 17.47 24.57
N ILE A 226 -49.00 16.36 25.10
CA ILE A 226 -48.58 15.05 24.65
C ILE A 226 -49.08 14.79 23.24
N ARG A 227 -50.32 15.22 22.99
CA ARG A 227 -50.98 15.01 21.71
C ARG A 227 -50.24 15.68 20.56
N GLN A 228 -49.72 16.87 20.82
CA GLN A 228 -49.04 17.62 19.77
C GLN A 228 -47.61 17.12 19.59
N GLN A 229 -47.02 16.59 20.66
CA GLN A 229 -45.66 16.09 20.60
C GLN A 229 -45.57 14.73 19.92
N PHE A 230 -46.64 13.94 20.05
CA PHE A 230 -46.68 12.61 19.44
C PHE A 230 -46.99 12.72 17.94
N THR A 231 -47.55 13.85 17.53
CA THR A 231 -47.87 14.09 16.12
C THR A 231 -46.79 14.92 15.43
N ASP A 232 -45.71 15.23 16.15
CA ASP A 232 -44.60 15.96 15.59
C ASP A 232 -43.50 15.01 15.12
N PRO A 233 -43.29 14.95 13.81
CA PRO A 233 -42.35 14.00 13.18
C PRO A 233 -40.92 14.17 13.70
N ASP A 234 -40.58 15.37 14.15
CA ASP A 234 -39.22 15.65 14.61
C ASP A 234 -39.02 15.19 16.05
N LEU A 235 -40.12 15.06 16.78
CA LEU A 235 -40.07 14.66 18.18
C LEU A 235 -40.38 13.19 18.38
N THR A 236 -41.43 12.71 17.72
CA THR A 236 -41.88 11.34 17.92
C THR A 236 -41.92 10.52 16.62
N THR A 237 -41.43 9.29 16.71
CA THR A 237 -41.50 8.35 15.60
C THR A 237 -41.74 6.93 16.09
N PHE A 238 -42.28 6.09 15.22
CA PHE A 238 -42.60 4.70 15.55
C PHE A 238 -41.78 3.79 14.66
N VAL A 239 -41.00 2.90 15.27
CA VAL A 239 -40.19 1.94 14.53
C VAL A 239 -40.83 0.56 14.53
N CYS A 240 -41.22 0.09 13.35
CA CYS A 240 -41.86 -1.22 13.26
C CYS A 240 -40.85 -2.34 13.12
N VAL A 241 -41.00 -3.37 13.95
CA VAL A 241 -40.19 -4.55 13.84
C VAL A 241 -41.06 -5.67 13.29
N CYS A 242 -40.48 -6.49 12.42
CA CYS A 242 -41.24 -7.58 11.82
C CYS A 242 -40.31 -8.66 11.30
N ILE A 243 -40.90 -9.78 10.91
CA ILE A 243 -40.16 -10.85 10.27
C ILE A 243 -40.70 -11.03 8.86
N SER A 244 -39.90 -11.63 7.98
CA SER A 244 -40.34 -11.82 6.60
C SER A 244 -41.16 -13.08 6.45
N GLU A 245 -42.32 -13.10 7.11
CA GLU A 245 -43.24 -14.23 7.03
C GLU A 245 -44.64 -13.74 6.69
N PHE A 246 -45.47 -14.62 6.14
CA PHE A 246 -46.78 -14.23 5.62
C PHE A 246 -47.67 -13.51 6.64
N LEU A 247 -47.89 -14.14 7.79
CA LEU A 247 -48.78 -13.59 8.82
C LEU A 247 -48.24 -12.26 9.38
N SER A 248 -46.96 -12.00 9.16
CA SER A 248 -46.36 -10.75 9.61
C SER A 248 -46.58 -9.65 8.58
N LEU A 249 -46.74 -10.06 7.33
CA LEU A 249 -46.90 -9.12 6.25
C LEU A 249 -48.17 -8.28 6.40
N TYR A 250 -49.27 -8.95 6.69
CA TYR A 250 -50.56 -8.25 6.73
C TYR A 250 -50.80 -7.50 8.03
N GLU A 251 -50.20 -7.95 9.13
CA GLU A 251 -50.38 -7.24 10.39
C GLU A 251 -49.50 -6.00 10.50
N THR A 252 -48.29 -6.10 9.95
CA THR A 252 -47.37 -4.96 9.96
C THR A 252 -47.94 -3.83 9.08
N GLU A 253 -48.39 -4.19 7.88
CA GLU A 253 -49.03 -3.24 6.96
C GLU A 253 -50.26 -2.61 7.60
N ARG A 254 -51.06 -3.44 8.24
CA ARG A 254 -52.28 -2.99 8.88
C ARG A 254 -51.95 -2.01 10.00
N LEU A 255 -50.84 -2.26 10.71
CA LEU A 255 -50.39 -1.43 11.83
C LEU A 255 -49.81 -0.09 11.37
N ILE A 256 -48.97 -0.11 10.34
CA ILE A 256 -48.40 1.12 9.82
C ILE A 256 -49.49 2.05 9.27
N GLN A 257 -50.47 1.48 8.58
CA GLN A 257 -51.57 2.28 8.03
C GLN A 257 -52.40 2.93 9.13
N GLU A 258 -52.64 2.20 10.22
CA GLU A 258 -53.44 2.72 11.31
C GLU A 258 -52.67 3.79 12.08
N LEU A 259 -51.34 3.65 12.14
CA LEU A 259 -50.51 4.62 12.84
C LEU A 259 -50.50 5.94 12.10
N ILE A 260 -50.42 5.87 10.77
CA ILE A 260 -50.41 7.08 9.96
C ILE A 260 -51.71 7.87 10.15
N SER A 261 -52.81 7.15 10.35
CA SER A 261 -54.11 7.80 10.55
C SER A 261 -54.18 8.49 11.92
N TYR A 262 -53.24 8.16 12.80
CA TYR A 262 -53.16 8.82 14.10
C TYR A 262 -52.14 9.95 14.05
N ASP A 263 -51.61 10.19 12.86
CA ASP A 263 -50.58 11.20 12.65
C ASP A 263 -49.27 10.86 13.37
N MET A 264 -49.04 9.57 13.59
CA MET A 264 -47.77 9.07 14.11
C MET A 264 -46.79 8.89 12.98
N ASP A 265 -45.59 9.45 13.12
CA ASP A 265 -44.58 9.28 12.10
C ASP A 265 -43.97 7.89 12.15
N VAL A 266 -43.98 7.21 11.02
CA VAL A 266 -43.31 5.93 10.90
C VAL A 266 -42.57 5.86 9.58
N ASN A 267 -41.25 5.71 9.65
CA ASN A 267 -40.41 5.67 8.46
C ASN A 267 -39.30 4.64 8.61
N SER A 268 -39.39 3.86 9.68
CA SER A 268 -38.38 2.85 9.94
C SER A 268 -39.03 1.50 10.19
N ILE A 269 -38.57 0.49 9.46
CA ILE A 269 -39.06 -0.87 9.64
C ILE A 269 -37.89 -1.82 9.77
N ILE A 270 -37.84 -2.52 10.89
CA ILE A 270 -36.80 -3.53 11.09
C ILE A 270 -37.32 -4.91 10.68
N VAL A 271 -36.67 -5.50 9.68
CA VAL A 271 -36.97 -6.87 9.26
C VAL A 271 -35.97 -7.79 9.93
N ASN A 272 -36.47 -8.56 10.89
CA ASN A 272 -35.64 -9.33 11.80
C ASN A 272 -35.60 -10.82 11.47
N GLN A 273 -34.63 -11.53 12.05
CA GLN A 273 -34.56 -12.98 11.96
C GLN A 273 -34.42 -13.52 10.54
N LEU A 274 -33.75 -12.78 9.67
CA LEU A 274 -33.52 -13.22 8.30
C LEU A 274 -32.42 -14.27 8.27
N LEU A 275 -32.62 -15.33 7.49
CA LEU A 275 -31.66 -16.43 7.41
C LEU A 275 -30.46 -16.12 6.52
N PHE A 276 -30.70 -15.49 5.37
CA PHE A 276 -29.64 -15.21 4.40
C PHE A 276 -28.94 -16.50 3.97
N ALA A 277 -29.72 -17.55 3.75
CA ALA A 277 -29.17 -18.91 3.58
C ALA A 277 -28.20 -19.06 2.41
N GLU A 278 -28.46 -18.39 1.29
CA GLU A 278 -27.59 -18.50 0.13
C GLU A 278 -26.19 -18.02 0.48
N ASN A 279 -26.14 -17.09 1.43
CA ASN A 279 -24.89 -16.52 1.90
C ASN A 279 -24.24 -17.42 2.96
N ASP A 280 -25.04 -18.35 3.49
CA ASP A 280 -24.58 -19.26 4.55
C ASP A 280 -23.53 -20.26 4.11
N GLN A 281 -22.68 -20.57 5.09
CA GLN A 281 -21.68 -21.62 5.05
C GLN A 281 -22.06 -22.83 4.20
N GLU A 282 -23.31 -23.24 4.33
CA GLU A 282 -23.86 -24.39 3.58
C GLU A 282 -23.35 -25.72 4.14
N CYS A 285 -28.55 -27.09 3.49
CA CYS A 285 -29.64 -27.45 4.41
C CYS A 285 -30.99 -27.35 3.74
N LYS A 286 -31.80 -28.40 3.87
CA LYS A 286 -33.08 -28.47 3.18
C LYS A 286 -34.07 -27.43 3.71
N ARG A 287 -34.17 -27.33 5.03
CA ARG A 287 -35.14 -26.42 5.64
C ARG A 287 -34.74 -24.95 5.54
N CYS A 288 -33.47 -24.64 5.79
CA CYS A 288 -33.02 -23.26 5.79
C CYS A 288 -33.17 -22.61 4.42
N GLN A 289 -32.82 -23.35 3.37
CA GLN A 289 -32.94 -22.82 2.02
C GLN A 289 -34.41 -22.67 1.64
N ALA A 290 -35.23 -23.61 2.10
CA ALA A 290 -36.67 -23.51 1.88
C ALA A 290 -37.26 -22.30 2.58
N ARG A 291 -36.88 -22.08 3.83
CA ARG A 291 -37.42 -20.96 4.59
C ARG A 291 -36.84 -19.63 4.13
N TRP A 292 -35.58 -19.65 3.70
CA TRP A 292 -34.97 -18.43 3.17
C TRP A 292 -35.61 -18.10 1.82
N LYS A 293 -35.90 -19.13 1.04
CA LYS A 293 -36.56 -18.96 -0.25
C LYS A 293 -37.90 -18.27 -0.03
N MET A 294 -38.57 -18.65 1.04
CA MET A 294 -39.83 -18.04 1.42
C MET A 294 -39.60 -16.61 1.92
N GLN A 295 -38.55 -16.43 2.72
CA GLN A 295 -38.27 -15.12 3.31
C GLN A 295 -37.82 -14.11 2.25
N LYS A 296 -37.03 -14.57 1.29
CA LYS A 296 -36.53 -13.70 0.24
C LYS A 296 -37.66 -13.21 -0.67
N LYS A 297 -38.65 -14.07 -0.91
CA LYS A 297 -39.80 -13.72 -1.74
C LYS A 297 -40.57 -12.54 -1.16
N TYR A 298 -40.91 -12.65 0.12
CA TYR A 298 -41.65 -11.61 0.81
C TYR A 298 -40.78 -10.40 1.06
N LEU A 299 -39.48 -10.64 1.18
CA LEU A 299 -38.53 -9.56 1.44
C LEU A 299 -38.48 -8.62 0.24
N ASP A 300 -38.57 -9.17 -0.95
CA ASP A 300 -38.61 -8.36 -2.17
C ASP A 300 -39.87 -7.48 -2.20
N GLN A 301 -40.96 -8.03 -1.67
CA GLN A 301 -42.25 -7.34 -1.65
C GLN A 301 -42.22 -6.19 -0.66
N ILE A 302 -41.51 -6.39 0.45
CA ILE A 302 -41.39 -5.36 1.46
C ILE A 302 -40.57 -4.20 0.91
N ASP A 303 -39.50 -4.53 0.19
CA ASP A 303 -38.65 -3.51 -0.40
C ASP A 303 -39.44 -2.65 -1.36
N GLU A 304 -40.37 -3.29 -2.07
CA GLU A 304 -41.14 -2.60 -3.09
C GLU A 304 -42.20 -1.68 -2.52
N LEU A 305 -42.94 -2.16 -1.53
CA LEU A 305 -44.02 -1.37 -0.95
C LEU A 305 -43.50 -0.21 -0.11
N TYR A 306 -42.46 -0.45 0.69
CA TYR A 306 -41.96 0.56 1.60
C TYR A 306 -40.67 1.21 1.10
N GLU A 307 -40.73 1.81 -0.09
CA GLU A 307 -39.54 2.42 -0.67
C GLU A 307 -39.25 3.76 -0.02
N ASP A 308 -40.22 4.27 0.73
CA ASP A 308 -40.06 5.54 1.42
C ASP A 308 -39.57 5.31 2.86
N PHE A 309 -39.43 4.06 3.23
CA PHE A 309 -39.06 3.68 4.58
C PHE A 309 -37.61 3.24 4.68
N HIS A 310 -37.02 3.38 5.86
CA HIS A 310 -35.77 2.74 6.18
C HIS A 310 -36.01 1.25 6.43
N VAL A 311 -35.64 0.40 5.49
CA VAL A 311 -35.80 -1.04 5.68
C VAL A 311 -34.49 -1.68 6.17
N VAL A 312 -34.40 -1.89 7.48
CA VAL A 312 -33.18 -2.44 8.08
C VAL A 312 -33.31 -3.94 8.28
N LYS A 313 -32.38 -4.70 7.71
CA LYS A 313 -32.43 -6.16 7.74
C LYS A 313 -31.47 -6.77 8.76
N MET A 314 -32.00 -7.65 9.60
CA MET A 314 -31.20 -8.25 10.68
C MET A 314 -31.15 -9.77 10.54
N PRO A 315 -29.96 -10.34 10.75
CA PRO A 315 -29.76 -11.79 10.62
C PRO A 315 -30.26 -12.58 11.82
N LEU A 316 -30.63 -13.84 11.59
CA LEU A 316 -30.97 -14.76 12.67
C LEU A 316 -29.68 -15.29 13.26
N CYS A 317 -29.37 -14.89 14.49
CA CYS A 317 -28.11 -15.31 15.11
C CYS A 317 -28.17 -16.75 15.62
N ALA A 318 -27.01 -17.40 15.61
CA ALA A 318 -26.89 -18.78 16.05
C ALA A 318 -26.85 -18.86 17.57
N GLY A 319 -26.48 -17.75 18.19
CA GLY A 319 -26.41 -17.67 19.63
C GLY A 319 -27.64 -16.95 20.14
N GLU A 320 -27.65 -16.60 21.41
CA GLU A 320 -28.78 -15.86 21.96
C GLU A 320 -28.43 -14.43 22.34
N ILE A 321 -29.23 -13.48 21.90
CA ILE A 321 -28.96 -12.08 22.20
C ILE A 321 -29.48 -11.72 23.59
N ARG A 322 -28.65 -11.95 24.60
CA ARG A 322 -29.02 -11.61 25.97
C ARG A 322 -27.79 -11.09 26.69
N GLY A 323 -27.98 -10.10 27.55
CA GLY A 323 -26.89 -9.47 28.26
C GLY A 323 -26.36 -8.27 27.49
N LEU A 324 -25.72 -7.35 28.19
CA LEU A 324 -25.24 -6.11 27.59
C LEU A 324 -24.30 -6.34 26.41
N ASN A 325 -23.41 -7.31 26.54
CA ASN A 325 -22.42 -7.56 25.51
C ASN A 325 -23.04 -8.02 24.20
N ASN A 326 -23.81 -9.10 24.23
CA ASN A 326 -24.38 -9.65 23.00
C ASN A 326 -25.41 -8.71 22.38
N LEU A 327 -26.12 -7.96 23.21
CA LEU A 327 -27.11 -7.00 22.72
C LEU A 327 -26.39 -5.88 21.96
N THR A 328 -25.29 -5.42 22.51
CA THR A 328 -24.49 -4.39 21.85
C THR A 328 -23.96 -4.88 20.51
N LYS A 329 -23.40 -6.08 20.49
CA LYS A 329 -22.77 -6.62 19.28
C LYS A 329 -23.79 -6.80 18.14
N PHE A 330 -25.05 -6.97 18.51
CA PHE A 330 -26.14 -7.13 17.57
C PHE A 330 -26.68 -5.75 17.17
N SER A 331 -26.63 -4.82 18.12
CA SER A 331 -27.16 -3.48 17.92
C SER A 331 -26.35 -2.68 16.91
N GLN A 332 -25.11 -3.07 16.67
CA GLN A 332 -24.25 -2.33 15.74
C GLN A 332 -24.79 -2.39 14.33
N PHE A 333 -25.63 -3.39 14.06
CA PHE A 333 -26.20 -3.60 12.74
C PHE A 333 -27.45 -2.79 12.52
N LEU A 334 -27.78 -1.93 13.48
CA LEU A 334 -28.84 -0.94 13.29
C LEU A 334 -28.25 0.37 12.78
N ASN A 335 -26.94 0.53 12.95
CA ASN A 335 -26.25 1.75 12.56
C ASN A 335 -25.63 1.59 11.17
N LYS A 336 -24.82 0.55 11.00
CA LYS A 336 -24.27 0.18 9.70
C LYS A 336 -24.85 -1.15 9.26
N GLU A 337 -25.46 -1.17 8.07
CA GLU A 337 -26.22 -2.34 7.62
C GLU A 337 -25.42 -3.64 7.63
N TYR A 338 -26.14 -4.74 7.84
CA TYR A 338 -25.53 -6.06 7.91
C TYR A 338 -25.17 -6.59 6.54
N ASN A 339 -23.91 -7.01 6.39
CA ASN A 339 -23.45 -7.60 5.14
C ASN A 339 -23.17 -9.08 5.35
N PRO A 340 -24.05 -9.95 4.82
CA PRO A 340 -23.97 -11.40 4.99
C PRO A 340 -22.67 -11.97 4.45
N ILE A 341 -22.09 -11.31 3.44
CA ILE A 341 -20.84 -11.75 2.86
C ILE A 341 -19.65 -11.41 3.75
N THR A 342 -19.76 -10.29 4.47
CA THR A 342 -18.68 -9.78 5.30
C THR A 342 -18.88 -10.12 6.78
N ASP A 343 -20.03 -9.74 7.32
CA ASP A 343 -20.29 -9.83 8.74
C ASP A 343 -20.93 -11.16 9.16
N GLY A 344 -20.80 -12.18 8.32
CA GLY A 344 -21.45 -13.46 8.57
C GLY A 344 -20.89 -14.25 9.74
N LYS A 345 -19.72 -13.84 10.23
CA LYS A 345 -19.06 -14.53 11.33
C LYS A 345 -19.66 -14.13 12.67
N VAL A 346 -20.23 -12.93 12.71
CA VAL A 346 -20.74 -12.35 13.96
C VAL A 346 -21.93 -13.13 14.53
N ILE A 347 -22.60 -13.92 13.71
CA ILE A 347 -23.78 -14.66 14.18
C ILE A 347 -23.42 -15.90 15.01
N TYR A 348 -22.13 -16.23 15.06
CA TYR A 348 -21.67 -17.34 15.88
C TYR A 348 -20.78 -16.90 17.05
N GLU A 349 -20.51 -15.60 17.13
CA GLU A 349 -19.62 -15.06 18.15
C GLU A 349 -20.35 -14.57 19.40
N LEU A 350 -21.56 -15.08 19.62
CA LEU A 350 -22.34 -14.71 20.79
C LEU A 350 -22.14 -15.70 21.94
N THR B 4 -48.29 -40.48 34.34
CA THR B 4 -48.57 -41.11 33.06
C THR B 4 -49.22 -40.12 32.08
N VAL B 5 -48.58 -38.97 31.92
CA VAL B 5 -49.06 -37.87 31.08
C VAL B 5 -48.51 -37.84 29.64
N GLU B 6 -49.21 -38.50 28.71
CA GLU B 6 -48.75 -38.60 27.32
C GLU B 6 -48.45 -37.25 26.68
N PRO B 7 -47.43 -37.21 25.81
CA PRO B 7 -46.98 -35.97 25.16
C PRO B 7 -47.90 -35.57 24.00
N ASN B 8 -49.19 -35.43 24.30
CA ASN B 8 -50.18 -35.00 23.34
C ASN B 8 -51.38 -34.41 24.05
N LEU B 9 -52.27 -33.81 23.28
CA LEU B 9 -53.49 -33.24 23.83
C LEU B 9 -54.71 -34.11 23.52
N HIS B 10 -54.47 -35.41 23.32
CA HIS B 10 -55.53 -36.35 22.96
C HIS B 10 -56.69 -36.35 23.95
N SER B 11 -56.37 -36.31 25.24
CA SER B 11 -57.40 -36.28 26.27
C SER B 11 -58.27 -35.03 26.14
N LEU B 12 -57.64 -33.92 25.75
CA LEU B 12 -58.35 -32.66 25.61
C LEU B 12 -59.13 -32.60 24.29
N ILE B 13 -58.51 -33.10 23.23
CA ILE B 13 -59.15 -33.10 21.92
C ILE B 13 -60.40 -33.96 21.94
N THR B 14 -60.37 -35.03 22.73
CA THR B 14 -61.49 -35.95 22.83
C THR B 14 -62.31 -35.72 24.09
N SER B 15 -62.03 -34.61 24.76
CA SER B 15 -62.75 -34.26 25.98
C SER B 15 -64.19 -33.90 25.69
N THR B 16 -65.10 -34.34 26.55
CA THR B 16 -66.52 -34.04 26.38
C THR B 16 -67.06 -33.17 27.50
N THR B 17 -66.16 -32.67 28.36
CA THR B 17 -66.57 -31.87 29.51
C THR B 17 -66.06 -30.44 29.41
N HIS B 18 -64.93 -30.24 28.74
CA HIS B 18 -64.35 -28.92 28.64
C HIS B 18 -65.23 -27.97 27.83
N LYS B 19 -65.50 -26.80 28.40
CA LYS B 19 -66.32 -25.80 27.75
C LYS B 19 -65.52 -24.55 27.41
N TRP B 20 -64.45 -24.32 28.17
CA TRP B 20 -63.60 -23.16 27.97
C TRP B 20 -62.16 -23.60 27.86
N ILE B 21 -61.58 -23.45 26.67
CA ILE B 21 -60.18 -23.80 26.45
C ILE B 21 -59.36 -22.58 26.05
N PHE B 22 -58.44 -22.17 26.92
CA PHE B 22 -57.60 -21.01 26.65
C PHE B 22 -56.25 -21.42 26.09
N VAL B 23 -55.84 -20.75 25.01
CA VAL B 23 -54.54 -20.98 24.41
C VAL B 23 -53.75 -19.67 24.51
N GLY B 24 -52.60 -19.70 25.17
CA GLY B 24 -51.85 -18.48 25.37
C GLY B 24 -50.35 -18.66 25.47
N GLY B 25 -49.66 -17.59 25.83
CA GLY B 25 -48.21 -17.62 25.95
C GLY B 25 -47.58 -16.36 25.41
N LYS B 26 -46.25 -16.32 25.44
CA LYS B 26 -45.49 -15.18 24.96
C LYS B 26 -45.79 -14.93 23.49
N GLY B 27 -45.52 -13.72 23.02
CA GLY B 27 -45.80 -13.37 21.64
C GLY B 27 -44.91 -14.14 20.68
N GLY B 28 -45.50 -14.56 19.55
CA GLY B 28 -44.73 -15.18 18.48
C GLY B 28 -44.43 -16.67 18.62
N VAL B 29 -44.83 -17.26 19.74
CA VAL B 29 -44.55 -18.67 19.99
C VAL B 29 -45.46 -19.60 19.18
N GLY B 30 -46.63 -19.09 18.79
CA GLY B 30 -47.55 -19.86 17.96
C GLY B 30 -48.92 -20.10 18.56
N LYS B 31 -49.43 -19.10 19.26
CA LYS B 31 -50.74 -19.16 19.90
C LYS B 31 -51.86 -19.34 18.87
N THR B 32 -51.85 -18.51 17.83
CA THR B 32 -52.90 -18.55 16.83
C THR B 32 -52.84 -19.86 16.05
N THR B 33 -51.63 -20.26 15.68
CA THR B 33 -51.44 -21.51 14.96
C THR B 33 -51.92 -22.71 15.78
N SER B 34 -51.62 -22.70 17.09
CA SER B 34 -51.99 -23.79 17.98
C SER B 34 -53.48 -23.81 18.32
N SER B 35 -54.06 -22.64 18.55
CA SER B 35 -55.46 -22.57 18.93
C SER B 35 -56.35 -22.97 17.75
N CYS B 36 -55.86 -22.74 16.53
CA CYS B 36 -56.58 -23.18 15.34
C CYS B 36 -56.48 -24.70 15.23
N SER B 37 -55.31 -25.23 15.56
CA SER B 37 -55.08 -26.67 15.43
C SER B 37 -55.91 -27.45 16.44
N ILE B 38 -55.98 -26.95 17.66
CA ILE B 38 -56.79 -27.58 18.70
C ILE B 38 -58.26 -27.53 18.32
N ALA B 39 -58.69 -26.38 17.81
CA ALA B 39 -60.07 -26.19 17.41
C ALA B 39 -60.44 -27.14 16.28
N ILE B 40 -59.51 -27.34 15.35
CA ILE B 40 -59.75 -28.22 14.22
C ILE B 40 -59.83 -29.68 14.67
N GLN B 41 -58.92 -30.06 15.54
CA GLN B 41 -58.86 -31.43 16.04
C GLN B 41 -60.12 -31.82 16.81
N MET B 42 -60.60 -30.92 17.66
CA MET B 42 -61.81 -31.19 18.42
C MET B 42 -63.00 -31.30 17.50
N ALA B 43 -63.06 -30.41 16.51
CA ALA B 43 -64.14 -30.40 15.54
C ALA B 43 -64.18 -31.69 14.74
N LEU B 44 -63.01 -32.20 14.35
CA LEU B 44 -62.94 -33.44 13.60
C LEU B 44 -63.19 -34.64 14.50
N SER B 45 -62.69 -34.57 15.73
CA SER B 45 -62.81 -35.69 16.65
C SER B 45 -64.23 -35.83 17.19
N GLN B 46 -64.94 -34.72 17.31
CA GLN B 46 -66.28 -34.73 17.87
C GLN B 46 -67.27 -34.01 16.94
N PRO B 47 -67.63 -34.67 15.83
CA PRO B 47 -68.46 -34.08 14.78
C PRO B 47 -69.84 -33.64 15.27
N ASN B 48 -70.31 -34.23 16.37
CA ASN B 48 -71.66 -33.93 16.87
C ASN B 48 -71.70 -32.67 17.74
N LYS B 49 -70.53 -32.11 18.04
CA LYS B 49 -70.50 -30.90 18.84
C LYS B 49 -70.04 -29.70 18.01
N GLN B 50 -70.60 -28.54 18.35
CA GLN B 50 -70.27 -27.29 17.69
C GLN B 50 -69.15 -26.56 18.44
N PHE B 51 -68.17 -26.06 17.70
CA PHE B 51 -67.04 -25.37 18.32
C PHE B 51 -66.87 -23.95 17.81
N LEU B 52 -66.62 -23.04 18.75
CA LEU B 52 -66.38 -21.64 18.43
C LEU B 52 -64.94 -21.28 18.77
N LEU B 53 -64.26 -20.63 17.83
CA LEU B 53 -62.89 -20.19 18.07
C LEU B 53 -62.85 -18.67 18.10
N ILE B 54 -62.76 -18.10 19.30
CA ILE B 54 -62.75 -16.66 19.50
C ILE B 54 -61.34 -16.12 19.65
N SER B 55 -61.06 -14.99 19.02
CA SER B 55 -59.78 -14.32 19.20
C SER B 55 -59.92 -13.14 20.13
N THR B 56 -59.26 -13.20 21.28
CA THR B 56 -59.32 -12.11 22.24
C THR B 56 -58.15 -11.16 22.04
N ASN B 57 -57.31 -11.48 21.07
CA ASN B 57 -56.19 -10.62 20.71
C ASN B 57 -56.68 -9.52 19.76
N PRO B 58 -56.49 -8.26 20.14
CA PRO B 58 -57.00 -7.12 19.37
C PRO B 58 -56.52 -7.14 17.93
N ALA B 59 -55.25 -7.46 17.73
CA ALA B 59 -54.70 -7.68 16.40
C ALA B 59 -54.98 -9.11 15.99
N HIS B 60 -56.12 -9.33 15.35
CA HIS B 60 -56.60 -10.66 15.02
C HIS B 60 -55.78 -11.33 13.92
N ASN B 61 -55.64 -12.65 14.00
CA ASN B 61 -54.92 -13.41 12.99
C ASN B 61 -55.70 -14.65 12.51
N LEU B 62 -56.92 -14.83 13.00
CA LEU B 62 -57.74 -15.95 12.56
C LEU B 62 -58.10 -15.84 11.08
N SER B 63 -58.51 -14.66 10.65
CA SER B 63 -58.87 -14.44 9.25
C SER B 63 -57.67 -14.64 8.34
N ASP B 64 -56.50 -14.17 8.77
CA ASP B 64 -55.30 -14.32 7.99
C ASP B 64 -54.87 -15.78 7.88
N ALA B 65 -55.15 -16.55 8.93
CA ALA B 65 -54.72 -17.94 9.01
C ALA B 65 -55.55 -18.86 8.13
N PHE B 66 -56.87 -18.64 8.11
CA PHE B 66 -57.76 -19.48 7.31
C PHE B 66 -57.93 -18.92 5.90
N GLY B 67 -57.76 -17.62 5.75
CA GLY B 67 -57.90 -16.98 4.45
C GLY B 67 -59.32 -16.59 4.13
N GLU B 68 -60.14 -16.42 5.17
CA GLU B 68 -61.50 -15.93 4.98
C GLU B 68 -61.81 -14.92 6.08
N LYS B 69 -62.63 -13.94 5.73
CA LYS B 69 -62.89 -12.83 6.65
C LYS B 69 -63.90 -13.20 7.73
N PHE B 70 -63.49 -13.00 8.97
CA PHE B 70 -64.37 -13.20 10.11
C PHE B 70 -64.74 -11.87 10.75
N GLY B 71 -65.78 -11.87 11.56
CA GLY B 71 -66.26 -10.64 12.18
C GLY B 71 -66.86 -10.87 13.55
N LYS B 72 -67.68 -9.92 14.01
CA LYS B 72 -68.31 -10.02 15.31
C LYS B 72 -69.31 -11.18 15.37
N ASP B 73 -69.91 -11.49 14.22
CA ASP B 73 -70.89 -12.57 14.15
C ASP B 73 -70.22 -13.86 13.74
N ALA B 74 -70.45 -14.91 14.53
CA ALA B 74 -69.78 -16.18 14.31
C ALA B 74 -70.17 -16.77 12.97
N ARG B 75 -69.17 -17.11 12.15
CA ARG B 75 -69.44 -17.77 10.89
C ARG B 75 -68.64 -19.08 10.77
N LYS B 76 -69.23 -20.05 10.08
CA LYS B 76 -68.59 -21.34 9.88
C LYS B 76 -67.30 -21.23 9.09
N VAL B 77 -66.32 -22.05 9.43
CA VAL B 77 -65.07 -22.13 8.69
C VAL B 77 -65.27 -22.97 7.44
N THR B 78 -64.95 -22.39 6.29
CA THR B 78 -65.19 -23.05 5.01
C THR B 78 -64.42 -24.37 4.92
N GLY B 79 -65.14 -25.46 4.72
CA GLY B 79 -64.54 -26.78 4.66
C GLY B 79 -64.84 -27.60 5.91
N MET B 80 -65.42 -26.95 6.91
CA MET B 80 -65.82 -27.65 8.13
C MET B 80 -67.25 -27.37 8.53
N ASN B 81 -67.89 -28.38 9.11
CA ASN B 81 -69.30 -28.30 9.45
C ASN B 81 -69.60 -27.93 10.89
N ASN B 82 -68.60 -28.01 11.78
CA ASN B 82 -68.84 -27.75 13.19
C ASN B 82 -67.82 -26.82 13.86
N LEU B 83 -67.08 -26.06 13.07
CA LEU B 83 -66.13 -25.09 13.62
C LEU B 83 -66.42 -23.69 13.10
N SER B 84 -66.60 -22.76 14.03
CA SER B 84 -66.89 -21.39 13.66
C SER B 84 -65.90 -20.45 14.32
N CYS B 85 -65.52 -19.39 13.61
CA CYS B 85 -64.60 -18.41 14.17
C CYS B 85 -65.29 -17.08 14.42
N MET B 86 -64.65 -16.28 15.29
CA MET B 86 -65.16 -14.97 15.65
C MET B 86 -64.00 -14.05 16.03
N GLU B 87 -63.90 -12.92 15.34
CA GLU B 87 -62.91 -11.90 15.65
C GLU B 87 -63.61 -10.60 16.06
N ILE B 88 -63.59 -10.31 17.36
CA ILE B 88 -64.35 -9.20 17.87
C ILE B 88 -63.80 -7.84 17.45
N ASP B 89 -64.65 -7.04 16.84
CA ASP B 89 -64.28 -5.70 16.40
C ASP B 89 -64.87 -4.66 17.34
N PRO B 90 -64.00 -4.03 18.14
CA PRO B 90 -64.45 -3.05 19.12
C PRO B 90 -65.26 -1.94 18.48
N SER B 91 -64.84 -1.47 17.31
CA SER B 91 -65.51 -0.36 16.63
C SER B 91 -66.92 -0.70 16.13
N ALA B 92 -67.02 -1.75 15.33
CA ALA B 92 -68.31 -2.16 14.76
C ALA B 92 -69.30 -2.62 15.82
N ALA B 93 -68.82 -3.37 16.80
CA ALA B 93 -69.67 -3.94 17.85
C ALA B 93 -70.35 -2.85 18.66
N LEU B 94 -69.60 -1.81 19.02
CA LEU B 94 -70.15 -0.70 19.79
C LEU B 94 -71.14 0.10 18.95
N LYS B 95 -70.86 0.21 17.66
CA LYS B 95 -71.78 0.88 16.73
C LYS B 95 -73.08 0.09 16.65
N ASP B 96 -72.96 -1.23 16.73
CA ASP B 96 -74.11 -2.13 16.70
C ASP B 96 -75.01 -1.92 17.93
N MET B 97 -74.41 -1.87 19.12
CA MET B 97 -75.19 -1.71 20.35
C MET B 97 -75.85 -0.33 20.49
N ASN B 98 -75.20 0.71 19.99
CA ASN B 98 -75.76 2.06 20.05
C ASN B 98 -77.00 2.20 19.16
N ASP B 99 -77.01 1.51 18.03
CA ASP B 99 -78.14 1.57 17.09
C ASP B 99 -79.14 0.46 17.37
N GLY B 124 -72.39 8.89 15.82
CA GLY B 124 -71.71 7.72 16.34
C GLY B 124 -70.25 7.98 16.66
N ALA B 125 -69.89 9.26 16.67
CA ALA B 125 -68.52 9.67 16.98
C ALA B 125 -68.13 9.33 18.42
N LEU B 126 -69.01 9.65 19.37
CA LEU B 126 -68.76 9.36 20.78
C LEU B 126 -68.75 7.86 21.04
N ALA B 127 -69.47 7.10 20.22
CA ALA B 127 -69.49 5.65 20.35
C ALA B 127 -68.11 5.11 19.96
N ASP B 128 -67.51 5.74 18.96
CA ASP B 128 -66.18 5.39 18.48
C ASP B 128 -65.15 5.75 19.54
N LEU B 129 -65.42 6.84 20.25
CA LEU B 129 -64.54 7.36 21.28
C LEU B 129 -64.44 6.39 22.46
N THR B 130 -65.59 5.86 22.90
CA THR B 130 -65.61 4.85 23.95
C THR B 130 -64.93 3.57 23.47
N GLY B 131 -64.95 3.37 22.16
CA GLY B 131 -64.37 2.19 21.53
C GLY B 131 -62.85 2.20 21.46
N SER B 132 -62.25 3.33 21.78
CA SER B 132 -60.79 3.46 21.72
C SER B 132 -60.14 3.36 23.10
N ILE B 133 -60.98 3.29 24.14
CA ILE B 133 -60.46 3.21 25.50
C ILE B 133 -59.81 1.86 25.77
N PRO B 134 -58.63 1.89 26.39
CA PRO B 134 -57.89 0.66 26.70
C PRO B 134 -58.68 -0.26 27.63
N GLY B 135 -58.74 -1.54 27.29
CA GLY B 135 -59.47 -2.50 28.09
C GLY B 135 -60.77 -2.92 27.42
N ILE B 136 -61.26 -2.09 26.51
CA ILE B 136 -62.52 -2.34 25.83
C ILE B 136 -62.50 -3.69 25.11
N ASP B 137 -61.32 -4.11 24.69
CA ASP B 137 -61.16 -5.39 24.01
C ASP B 137 -61.45 -6.56 24.94
N GLU B 138 -60.88 -6.52 26.13
CA GLU B 138 -61.08 -7.60 27.10
C GLU B 138 -62.52 -7.59 27.62
N ALA B 139 -63.10 -6.40 27.70
CA ALA B 139 -64.47 -6.24 28.18
C ALA B 139 -65.47 -6.83 27.21
N LEU B 140 -65.28 -6.57 25.92
CA LEU B 140 -66.19 -7.06 24.91
C LEU B 140 -66.02 -8.57 24.74
N SER B 141 -64.84 -9.06 25.11
CA SER B 141 -64.55 -10.49 25.06
C SER B 141 -65.24 -11.16 26.23
N PHE B 142 -65.16 -10.55 27.40
CA PHE B 142 -65.81 -11.10 28.57
C PHE B 142 -67.30 -11.09 28.33
N MET B 143 -67.75 -10.06 27.64
CA MET B 143 -69.14 -9.87 27.30
C MET B 143 -69.59 -10.98 26.35
N GLU B 144 -68.65 -11.43 25.52
CA GLU B 144 -68.91 -12.54 24.60
C GLU B 144 -69.08 -13.83 25.38
N VAL B 145 -68.20 -14.05 26.36
CA VAL B 145 -68.29 -15.21 27.24
C VAL B 145 -69.59 -15.18 28.02
N MET B 146 -69.92 -13.99 28.52
CA MET B 146 -71.08 -13.80 29.37
C MET B 146 -72.38 -14.09 28.62
N LYS B 147 -72.43 -13.71 27.35
CA LYS B 147 -73.66 -13.92 26.58
C LYS B 147 -73.77 -15.38 26.16
N HIS B 148 -72.63 -16.07 26.07
CA HIS B 148 -72.64 -17.50 25.78
C HIS B 148 -73.16 -18.34 26.94
N ILE B 149 -72.88 -17.91 28.17
CA ILE B 149 -73.38 -18.63 29.34
C ILE B 149 -74.89 -18.48 29.42
N LYS B 150 -75.38 -17.29 29.09
CA LYS B 150 -76.82 -17.02 29.05
C LYS B 150 -77.46 -17.92 28.01
N ARG B 151 -76.70 -18.26 26.97
CA ARG B 151 -77.17 -19.11 25.88
C ARG B 151 -77.36 -20.55 26.34
N GLN B 152 -76.42 -21.03 27.16
CA GLN B 152 -76.50 -22.39 27.69
C GLN B 152 -77.67 -22.52 28.65
N GLU B 153 -77.88 -21.48 29.46
CA GLU B 153 -78.96 -21.49 30.43
C GLU B 153 -80.30 -21.13 29.79
N THR B 159 -76.31 -23.35 20.94
CA THR B 159 -75.17 -22.54 20.51
C THR B 159 -73.93 -23.40 20.28
N PHE B 160 -72.89 -23.18 21.09
CA PHE B 160 -71.67 -23.97 20.96
C PHE B 160 -71.40 -24.78 22.22
N ASP B 161 -70.87 -25.99 22.05
CA ASP B 161 -70.56 -26.87 23.17
C ASP B 161 -69.25 -26.48 23.84
N THR B 162 -68.25 -26.13 23.03
CA THR B 162 -66.94 -25.73 23.54
C THR B 162 -66.41 -24.45 22.88
N VAL B 163 -65.73 -23.62 23.65
CA VAL B 163 -65.19 -22.38 23.14
C VAL B 163 -63.67 -22.33 23.32
N ILE B 164 -62.95 -22.20 22.21
CA ILE B 164 -61.50 -22.04 22.25
C ILE B 164 -61.11 -20.58 22.07
N PHE B 165 -60.23 -20.10 22.94
CA PHE B 165 -59.77 -18.70 22.89
C PHE B 165 -58.35 -18.60 22.36
N ASP B 166 -58.19 -17.94 21.22
CA ASP B 166 -56.88 -17.54 20.75
C ASP B 166 -56.52 -16.23 21.42
N THR B 167 -55.89 -16.34 22.59
CA THR B 167 -55.68 -15.18 23.45
C THR B 167 -54.56 -14.25 22.99
N ALA B 168 -54.57 -13.05 23.54
CA ALA B 168 -53.48 -12.11 23.32
C ALA B 168 -52.29 -12.57 24.14
N PRO B 169 -51.11 -11.97 23.91
CA PRO B 169 -49.92 -12.34 24.68
C PRO B 169 -50.14 -12.26 26.19
N THR B 170 -49.22 -12.88 26.93
CA THR B 170 -49.34 -13.12 28.37
C THR B 170 -49.95 -11.97 29.17
N GLY B 171 -49.43 -10.77 28.99
CA GLY B 171 -49.80 -9.64 29.81
C GLY B 171 -51.28 -9.33 29.90
N HIS B 172 -51.96 -9.28 28.77
CA HIS B 172 -53.34 -8.80 28.77
C HIS B 172 -54.31 -9.94 28.94
N THR B 173 -53.86 -11.14 28.61
CA THR B 173 -54.64 -12.35 28.80
C THR B 173 -54.89 -12.63 30.28
N LEU B 174 -53.88 -12.36 31.11
CA LEU B 174 -54.04 -12.54 32.55
C LEU B 174 -55.11 -11.63 33.12
N ARG B 175 -55.08 -10.36 32.70
CA ARG B 175 -56.07 -9.39 33.15
C ARG B 175 -57.47 -9.83 32.74
N PHE B 176 -57.58 -10.43 31.56
CA PHE B 176 -58.86 -10.94 31.08
C PHE B 176 -59.38 -12.05 32.01
N LEU B 177 -58.48 -12.94 32.40
CA LEU B 177 -58.87 -14.07 33.24
C LEU B 177 -59.13 -13.63 34.67
N GLN B 178 -58.62 -12.46 35.01
CA GLN B 178 -58.86 -11.88 36.32
C GLN B 178 -60.21 -11.18 36.34
N LEU B 179 -60.77 -10.99 35.14
CA LEU B 179 -62.00 -10.23 34.98
C LEU B 179 -63.21 -10.78 35.76
N PRO B 180 -63.39 -12.12 35.73
CA PRO B 180 -64.47 -12.71 36.53
C PRO B 180 -64.34 -12.37 38.01
N ASN B 181 -63.16 -12.63 38.54
CA ASN B 181 -62.85 -12.35 39.94
C ASN B 181 -62.91 -10.85 40.26
N THR B 182 -62.46 -10.02 39.32
CA THR B 182 -62.48 -8.58 39.51
C THR B 182 -63.90 -8.03 39.54
N LEU B 183 -64.72 -8.45 38.57
CA LEU B 183 -66.12 -8.02 38.48
C LEU B 183 -66.94 -8.45 39.70
N SER B 184 -66.69 -9.66 40.19
CA SER B 184 -67.42 -10.19 41.33
C SER B 184 -67.27 -9.30 42.56
N LYS B 185 -66.02 -9.01 42.94
CA LYS B 185 -65.75 -8.16 44.10
C LYS B 185 -66.23 -6.73 43.87
N LEU B 186 -65.94 -6.21 42.68
CA LEU B 186 -66.34 -4.86 42.30
C LEU B 186 -67.86 -4.69 42.33
N LEU B 187 -68.58 -5.73 41.92
CA LEU B 187 -70.02 -5.66 41.71
C LEU B 187 -70.84 -5.41 42.97
N GLU B 188 -70.54 -6.11 44.07
CA GLU B 188 -71.28 -5.91 45.31
C GLU B 188 -71.07 -4.50 45.87
N LYS B 189 -69.82 -4.03 45.82
CA LYS B 189 -69.47 -2.71 46.29
C LYS B 189 -70.11 -1.66 45.40
N PHE B 190 -70.32 -2.03 44.14
CA PHE B 190 -71.01 -1.16 43.18
C PHE B 190 -72.44 -0.94 43.65
N GLY B 191 -73.18 -2.04 43.79
CA GLY B 191 -74.49 -2.04 44.41
C GLY B 191 -74.65 -1.06 45.55
N GLU B 192 -73.67 -1.02 46.44
CA GLU B 192 -73.71 -0.18 47.63
C GLU B 192 -73.50 1.32 47.44
N ILE B 193 -72.35 1.67 46.85
CA ILE B 193 -71.94 3.06 46.68
C ILE B 193 -72.80 3.78 45.64
N THR B 194 -73.59 3.00 44.91
CA THR B 194 -74.49 3.54 43.88
C THR B 194 -75.33 4.70 44.38
N GLY B 214 -81.52 -4.53 40.60
CA GLY B 214 -82.10 -5.80 40.22
C GLY B 214 -81.45 -6.40 38.97
N LYS B 215 -81.29 -5.58 37.95
CA LYS B 215 -80.66 -6.00 36.70
C LYS B 215 -79.21 -6.41 36.98
N LEU B 216 -78.61 -5.71 37.94
CA LEU B 216 -77.24 -5.99 38.38
C LEU B 216 -77.14 -7.30 39.16
N ASN B 217 -78.21 -7.65 39.85
CA ASN B 217 -78.23 -8.87 40.65
C ASN B 217 -78.23 -10.12 39.76
N GLU B 218 -78.91 -10.05 38.63
CA GLU B 218 -78.90 -11.14 37.65
C GLU B 218 -77.51 -11.22 37.02
N LEU B 219 -76.94 -10.05 36.77
CA LEU B 219 -75.59 -9.92 36.26
C LEU B 219 -74.59 -10.44 37.28
N LYS B 220 -74.88 -10.18 38.55
CA LYS B 220 -74.01 -10.58 39.65
C LYS B 220 -73.93 -12.11 39.79
N ALA B 221 -75.01 -12.80 39.47
CA ALA B 221 -75.03 -14.27 39.49
C ALA B 221 -74.26 -14.87 38.31
N ASN B 222 -74.38 -14.25 37.15
CA ASN B 222 -73.71 -14.71 35.93
C ASN B 222 -72.20 -14.64 36.03
N VAL B 223 -71.69 -13.55 36.60
CA VAL B 223 -70.26 -13.39 36.79
C VAL B 223 -69.73 -14.47 37.71
N GLU B 224 -70.48 -14.78 38.76
CA GLU B 224 -70.07 -15.81 39.71
C GLU B 224 -70.05 -17.18 39.02
N THR B 225 -70.98 -17.38 38.10
CA THR B 225 -71.04 -18.62 37.35
C THR B 225 -69.80 -18.81 36.50
N ILE B 226 -69.35 -17.71 35.88
CA ILE B 226 -68.15 -17.75 35.06
C ILE B 226 -66.96 -18.00 35.95
N ARG B 227 -66.99 -17.39 37.13
CA ARG B 227 -65.88 -17.48 38.06
C ARG B 227 -65.61 -18.91 38.47
N GLN B 228 -66.66 -19.69 38.71
CA GLN B 228 -66.50 -21.05 39.18
C GLN B 228 -66.16 -22.04 38.06
N GLN B 229 -66.62 -21.74 36.85
CA GLN B 229 -66.38 -22.62 35.71
C GLN B 229 -64.94 -22.50 35.22
N PHE B 230 -64.34 -21.34 35.44
CA PHE B 230 -62.95 -21.13 35.04
C PHE B 230 -62.04 -21.81 36.05
N THR B 231 -62.56 -22.06 37.24
CA THR B 231 -61.79 -22.73 38.29
C THR B 231 -62.11 -24.23 38.33
N ASP B 232 -62.93 -24.70 37.40
CA ASP B 232 -63.26 -26.11 37.31
C ASP B 232 -62.39 -26.82 36.27
N PRO B 233 -61.48 -27.70 36.74
CA PRO B 233 -60.53 -28.36 35.85
C PRO B 233 -61.21 -29.17 34.75
N ASP B 234 -62.44 -29.63 35.00
CA ASP B 234 -63.16 -30.42 34.02
C ASP B 234 -63.81 -29.54 32.97
N LEU B 235 -64.06 -28.28 33.34
CA LEU B 235 -64.72 -27.36 32.42
C LEU B 235 -63.75 -26.41 31.72
N THR B 236 -62.82 -25.84 32.48
CA THR B 236 -61.90 -24.85 31.92
C THR B 236 -60.44 -25.27 32.06
N THR B 237 -59.67 -25.11 30.98
CA THR B 237 -58.23 -25.35 31.06
C THR B 237 -57.47 -24.36 30.18
N PHE B 238 -56.20 -24.16 30.52
CA PHE B 238 -55.34 -23.24 29.81
C PHE B 238 -54.21 -24.02 29.18
N VAL B 239 -54.06 -23.89 27.87
CA VAL B 239 -52.97 -24.55 27.16
C VAL B 239 -51.87 -23.55 26.85
N CYS B 240 -50.69 -23.77 27.43
CA CYS B 240 -49.58 -22.86 27.24
C CYS B 240 -48.80 -23.20 25.99
N VAL B 241 -48.55 -22.19 25.17
CA VAL B 241 -47.69 -22.39 24.02
C VAL B 241 -46.40 -21.66 24.31
N CYS B 242 -45.29 -22.23 23.85
CA CYS B 242 -43.99 -21.61 24.05
C CYS B 242 -43.03 -22.14 23.01
N ILE B 243 -41.86 -21.53 22.91
CA ILE B 243 -40.80 -22.06 22.09
C ILE B 243 -39.66 -22.41 23.02
N SER B 244 -38.77 -23.29 22.60
CA SER B 244 -37.70 -23.74 23.47
C SER B 244 -36.55 -22.74 23.43
N GLU B 245 -36.82 -21.54 23.92
CA GLU B 245 -35.81 -20.49 24.00
C GLU B 245 -35.75 -19.87 25.38
N PHE B 246 -34.62 -19.24 25.65
CA PHE B 246 -34.27 -18.66 26.95
C PHE B 246 -35.33 -17.68 27.46
N LEU B 247 -35.63 -16.65 26.66
CA LEU B 247 -36.61 -15.62 27.06
C LEU B 247 -38.04 -16.15 27.17
N SER B 248 -38.33 -17.27 26.53
CA SER B 248 -39.65 -17.84 26.57
C SER B 248 -39.85 -18.69 27.81
N LEU B 249 -38.75 -19.23 28.31
CA LEU B 249 -38.78 -20.11 29.46
C LEU B 249 -39.28 -19.39 30.70
N TYR B 250 -38.74 -18.20 30.92
CA TYR B 250 -39.00 -17.49 32.17
C TYR B 250 -40.35 -16.81 32.17
N GLU B 251 -40.83 -16.44 30.98
CA GLU B 251 -42.15 -15.83 30.90
C GLU B 251 -43.23 -16.90 30.98
N THR B 252 -42.97 -18.05 30.37
CA THR B 252 -43.91 -19.17 30.40
C THR B 252 -44.06 -19.66 31.83
N GLU B 253 -42.93 -19.86 32.50
CA GLU B 253 -42.94 -20.25 33.90
C GLU B 253 -43.70 -19.23 34.72
N ARG B 254 -43.38 -17.97 34.45
CA ARG B 254 -43.99 -16.88 35.18
C ARG B 254 -45.50 -16.84 34.91
N LEU B 255 -45.88 -17.21 33.69
CA LEU B 255 -47.30 -17.24 33.31
C LEU B 255 -48.03 -18.41 33.98
N ILE B 256 -47.43 -19.59 33.95
CA ILE B 256 -48.03 -20.77 34.54
C ILE B 256 -48.24 -20.62 36.05
N GLN B 257 -47.27 -20.02 36.73
CA GLN B 257 -47.39 -19.80 38.16
C GLN B 257 -48.54 -18.87 38.51
N GLU B 258 -48.70 -17.81 37.72
CA GLU B 258 -49.75 -16.83 37.97
C GLU B 258 -51.11 -17.42 37.64
N LEU B 259 -51.14 -18.29 36.64
CA LEU B 259 -52.39 -18.93 36.26
C LEU B 259 -52.81 -19.88 37.36
N ILE B 260 -51.84 -20.60 37.94
CA ILE B 260 -52.13 -21.50 39.05
C ILE B 260 -52.62 -20.75 40.28
N SER B 261 -52.14 -19.52 40.47
CA SER B 261 -52.59 -18.73 41.61
C SER B 261 -54.03 -18.24 41.40
N TYR B 262 -54.50 -18.32 40.16
CA TYR B 262 -55.88 -17.93 39.84
C TYR B 262 -56.80 -19.14 39.82
N ASP B 263 -56.27 -20.30 40.18
CA ASP B 263 -57.03 -21.54 40.16
C ASP B 263 -57.44 -21.91 38.73
N MET B 264 -56.66 -21.45 37.76
CA MET B 264 -56.84 -21.90 36.38
C MET B 264 -56.09 -23.20 36.16
N ASP B 265 -56.78 -24.20 35.64
CA ASP B 265 -56.14 -25.47 35.39
C ASP B 265 -55.22 -25.36 34.18
N VAL B 266 -53.96 -25.71 34.38
CA VAL B 266 -52.98 -25.81 33.32
C VAL B 266 -52.14 -27.05 33.50
N ASN B 267 -52.18 -27.93 32.52
CA ASN B 267 -51.43 -29.19 32.57
C ASN B 267 -50.87 -29.54 31.21
N SER B 268 -50.98 -28.58 30.27
CA SER B 268 -50.52 -28.83 28.92
C SER B 268 -49.59 -27.74 28.41
N ILE B 269 -48.46 -28.14 27.87
CA ILE B 269 -47.52 -27.20 27.29
C ILE B 269 -47.12 -27.60 25.88
N ILE B 270 -47.38 -26.71 24.93
CA ILE B 270 -46.91 -26.93 23.58
C ILE B 270 -45.55 -26.25 23.40
N VAL B 271 -44.55 -27.04 23.08
CA VAL B 271 -43.24 -26.50 22.74
C VAL B 271 -43.15 -26.47 21.22
N ASN B 272 -43.20 -25.27 20.65
CA ASN B 272 -43.36 -25.11 19.21
C ASN B 272 -42.05 -24.71 18.52
N GLN B 273 -42.02 -24.83 17.20
CA GLN B 273 -40.90 -24.39 16.37
C GLN B 273 -39.58 -25.12 16.64
N LEU B 274 -39.68 -26.41 16.98
CA LEU B 274 -38.52 -27.25 17.23
C LEU B 274 -37.85 -27.73 15.94
N LEU B 275 -36.51 -27.70 15.93
CA LEU B 275 -35.74 -28.11 14.76
C LEU B 275 -35.60 -29.63 14.59
N PHE B 276 -35.31 -30.34 15.68
CA PHE B 276 -35.09 -31.78 15.61
C PHE B 276 -33.98 -32.14 14.62
N ALA B 277 -32.91 -31.34 14.61
CA ALA B 277 -31.88 -31.45 13.57
C ALA B 277 -31.16 -32.80 13.54
N GLU B 278 -30.90 -33.35 14.72
CA GLU B 278 -30.20 -34.63 14.83
C GLU B 278 -30.95 -35.76 14.14
N HIS B 283 -27.50 -32.41 8.40
CA HIS B 283 -26.58 -32.97 9.38
C HIS B 283 -25.19 -32.36 9.23
N ASN B 284 -25.14 -31.13 8.74
CA ASN B 284 -23.88 -30.43 8.52
C ASN B 284 -24.11 -28.92 8.47
N CYS B 285 -25.26 -28.47 8.97
CA CYS B 285 -25.58 -27.06 8.97
C CYS B 285 -25.15 -26.45 10.30
N LYS B 286 -24.35 -25.40 10.27
CA LYS B 286 -23.82 -24.83 11.51
C LYS B 286 -24.90 -24.18 12.37
N ARG B 287 -25.78 -23.43 11.73
CA ARG B 287 -26.78 -22.68 12.48
C ARG B 287 -27.87 -23.58 13.06
N CYS B 288 -28.35 -24.53 12.26
CA CYS B 288 -29.41 -25.43 12.74
C CYS B 288 -28.91 -26.32 13.88
N GLN B 289 -27.69 -26.82 13.77
CA GLN B 289 -27.13 -27.67 14.83
C GLN B 289 -26.86 -26.85 16.09
N ALA B 290 -26.38 -25.62 15.90
CA ALA B 290 -26.12 -24.72 17.01
C ALA B 290 -27.40 -24.39 17.75
N ARG B 291 -28.44 -24.07 16.99
CA ARG B 291 -29.72 -23.70 17.58
C ARG B 291 -30.45 -24.92 18.12
N TRP B 292 -30.26 -26.08 17.48
CA TRP B 292 -30.86 -27.30 17.97
C TRP B 292 -30.20 -27.72 19.28
N LYS B 293 -28.88 -27.52 19.37
CA LYS B 293 -28.12 -27.77 20.59
C LYS B 293 -28.69 -26.93 21.73
N MET B 294 -29.05 -25.70 21.37
CA MET B 294 -29.65 -24.75 22.31
C MET B 294 -31.04 -25.22 22.71
N GLN B 295 -31.79 -25.68 21.73
CA GLN B 295 -33.19 -26.07 21.93
C GLN B 295 -33.33 -27.33 22.78
N LYS B 296 -32.46 -28.30 22.56
CA LYS B 296 -32.56 -29.57 23.26
C LYS B 296 -32.25 -29.39 24.74
N LYS B 297 -31.30 -28.51 25.03
CA LYS B 297 -30.90 -28.24 26.40
C LYS B 297 -32.09 -27.71 27.20
N TYR B 298 -32.75 -26.70 26.66
CA TYR B 298 -33.87 -26.09 27.36
C TYR B 298 -35.05 -27.05 27.36
N LEU B 299 -35.11 -27.89 26.35
CA LEU B 299 -36.21 -28.85 26.24
C LEU B 299 -36.12 -29.86 27.38
N ASP B 300 -34.91 -30.29 27.73
CA ASP B 300 -34.71 -31.18 28.87
C ASP B 300 -35.11 -30.51 30.17
N GLN B 301 -34.89 -29.21 30.26
CA GLN B 301 -35.20 -28.47 31.47
C GLN B 301 -36.69 -28.35 31.66
N ILE B 302 -37.40 -28.23 30.55
CA ILE B 302 -38.85 -28.14 30.58
C ILE B 302 -39.44 -29.48 30.99
N ASP B 303 -38.92 -30.57 30.42
CA ASP B 303 -39.43 -31.90 30.73
C ASP B 303 -39.26 -32.21 32.21
N GLU B 304 -38.17 -31.73 32.79
CA GLU B 304 -37.86 -32.00 34.20
C GLU B 304 -38.77 -31.24 35.13
N LEU B 305 -38.99 -29.95 34.85
CA LEU B 305 -39.84 -29.13 35.70
C LEU B 305 -41.32 -29.50 35.58
N TYR B 306 -41.77 -29.76 34.36
CA TYR B 306 -43.19 -30.02 34.11
C TYR B 306 -43.46 -31.50 33.88
N GLU B 307 -43.13 -32.35 34.85
CA GLU B 307 -43.32 -33.78 34.65
C GLU B 307 -44.78 -34.20 34.83
N ASP B 308 -45.59 -33.32 35.42
CA ASP B 308 -47.00 -33.61 35.61
C ASP B 308 -47.84 -33.04 34.48
N PHE B 309 -47.18 -32.40 33.51
CA PHE B 309 -47.86 -31.74 32.38
C PHE B 309 -47.81 -32.54 31.10
N HIS B 310 -48.79 -32.34 30.24
CA HIS B 310 -48.70 -32.81 28.87
C HIS B 310 -47.75 -31.88 28.12
N VAL B 311 -46.52 -32.33 27.88
CA VAL B 311 -45.57 -31.54 27.13
C VAL B 311 -45.58 -32.01 25.67
N VAL B 312 -46.25 -31.24 24.81
CA VAL B 312 -46.40 -31.59 23.41
C VAL B 312 -45.37 -30.88 22.55
N LYS B 313 -44.59 -31.64 21.78
CA LYS B 313 -43.52 -31.05 21.00
C LYS B 313 -43.88 -30.97 19.52
N MET B 314 -43.76 -29.77 18.94
CA MET B 314 -44.14 -29.52 17.56
C MET B 314 -42.96 -29.03 16.73
N PRO B 315 -42.82 -29.55 15.50
CA PRO B 315 -41.71 -29.22 14.61
C PRO B 315 -41.86 -27.89 13.88
N LEU B 316 -40.73 -27.29 13.55
CA LEU B 316 -40.71 -26.12 12.69
C LEU B 316 -40.84 -26.57 11.25
N CYS B 317 -41.99 -26.27 10.63
CA CYS B 317 -42.24 -26.73 9.27
C CYS B 317 -41.50 -25.87 8.25
N ALA B 318 -41.14 -26.48 7.13
CA ALA B 318 -40.42 -25.81 6.07
C ALA B 318 -41.32 -24.92 5.23
N GLY B 319 -42.63 -25.20 5.27
CA GLY B 319 -43.59 -24.42 4.55
C GLY B 319 -44.31 -23.45 5.47
N GLU B 320 -45.39 -22.85 4.98
CA GLU B 320 -46.16 -21.96 5.84
C GLU B 320 -47.52 -22.60 6.17
N ILE B 321 -47.84 -22.61 7.46
CA ILE B 321 -49.07 -23.24 7.93
C ILE B 321 -50.27 -22.31 7.76
N ARG B 322 -50.91 -22.44 6.59
CA ARG B 322 -52.03 -21.61 6.19
C ARG B 322 -53.14 -22.38 5.48
N GLY B 323 -54.38 -22.01 5.76
CA GLY B 323 -55.51 -22.68 5.17
C GLY B 323 -55.97 -23.85 6.00
N LEU B 324 -57.21 -24.27 5.80
CA LEU B 324 -57.76 -25.37 6.55
C LEU B 324 -56.89 -26.61 6.40
N ASN B 325 -56.40 -26.82 5.19
CA ASN B 325 -55.60 -28.00 4.89
C ASN B 325 -54.30 -28.07 5.67
N ASN B 326 -53.44 -27.06 5.54
CA ASN B 326 -52.13 -27.12 6.20
C ASN B 326 -52.26 -27.09 7.73
N LEU B 327 -53.26 -26.38 8.22
CA LEU B 327 -53.54 -26.35 9.64
C LEU B 327 -53.99 -27.73 10.09
N THR B 328 -54.86 -28.33 9.28
CA THR B 328 -55.33 -29.69 9.53
C THR B 328 -54.17 -30.68 9.51
N LYS B 329 -53.31 -30.54 8.51
CA LYS B 329 -52.16 -31.44 8.35
C LYS B 329 -51.16 -31.28 9.49
N PHE B 330 -51.15 -30.11 10.10
CA PHE B 330 -50.23 -29.80 11.18
C PHE B 330 -50.78 -30.22 12.54
N SER B 331 -52.10 -30.08 12.69
CA SER B 331 -52.78 -30.33 13.96
C SER B 331 -52.77 -31.79 14.38
N GLN B 332 -52.55 -32.69 13.43
CA GLN B 332 -52.58 -34.10 13.77
C GLN B 332 -51.49 -34.45 14.79
N PHE B 333 -50.47 -33.61 14.87
CA PHE B 333 -49.34 -33.84 15.77
C PHE B 333 -49.62 -33.31 17.17
N LEU B 334 -50.83 -32.79 17.37
CA LEU B 334 -51.30 -32.41 18.69
C LEU B 334 -52.05 -33.58 19.31
N ASN B 335 -52.46 -34.50 18.45
CA ASN B 335 -53.23 -35.68 18.84
C ASN B 335 -52.32 -36.90 19.02
N LYS B 336 -51.53 -37.19 18.00
CA LYS B 336 -50.50 -38.24 18.04
C LYS B 336 -49.11 -37.61 17.93
N GLU B 337 -48.22 -37.96 18.86
CA GLU B 337 -46.92 -37.30 18.99
C GLU B 337 -46.15 -37.28 17.68
N TYR B 338 -45.35 -36.24 17.48
CA TYR B 338 -44.57 -36.08 16.25
C TYR B 338 -43.32 -36.95 16.32
N ASN B 339 -43.11 -37.75 15.28
CA ASN B 339 -41.93 -38.59 15.19
C ASN B 339 -40.99 -38.07 14.10
N PRO B 340 -39.86 -37.47 14.51
CA PRO B 340 -38.93 -36.83 13.56
C PRO B 340 -38.36 -37.79 12.52
N ILE B 341 -38.20 -39.07 12.87
CA ILE B 341 -37.68 -40.05 11.92
C ILE B 341 -38.73 -40.50 10.92
N THR B 342 -39.98 -40.55 11.35
CA THR B 342 -41.06 -41.05 10.51
C THR B 342 -41.85 -39.94 9.83
N ASP B 343 -42.37 -39.02 10.64
CA ASP B 343 -43.25 -38.00 10.14
C ASP B 343 -42.46 -36.77 9.71
N GLY B 344 -41.16 -36.95 9.49
CA GLY B 344 -40.28 -35.84 9.18
C GLY B 344 -40.53 -35.29 7.79
N LYS B 345 -41.29 -36.04 6.99
CA LYS B 345 -41.59 -35.67 5.62
C LYS B 345 -42.74 -34.66 5.56
N VAL B 346 -43.59 -34.67 6.57
CA VAL B 346 -44.78 -33.83 6.57
C VAL B 346 -44.42 -32.35 6.62
N ILE B 347 -43.21 -32.03 7.05
CA ILE B 347 -42.81 -30.63 7.17
C ILE B 347 -42.49 -30.04 5.80
N TYR B 348 -42.44 -30.89 4.78
CA TYR B 348 -42.18 -30.42 3.42
C TYR B 348 -43.40 -30.65 2.53
N GLU B 349 -44.44 -31.25 3.10
CA GLU B 349 -45.64 -31.63 2.35
C GLU B 349 -46.71 -30.55 2.44
N LEU B 350 -46.39 -29.45 3.11
CA LEU B 350 -47.34 -28.34 3.22
C LEU B 350 -47.59 -27.70 1.86
N GLU B 351 -48.87 -27.55 1.53
CA GLU B 351 -49.31 -26.96 0.28
C GLU B 351 -48.93 -25.47 0.21
N ASP B 352 -48.45 -25.03 -0.94
CA ASP B 352 -48.07 -23.64 -1.12
C ASP B 352 -48.87 -22.97 -2.25
N GLU C 4 -54.54 -20.59 -13.18
CA GLU C 4 -54.63 -19.36 -13.95
C GLU C 4 -55.68 -18.40 -13.38
N VAL C 5 -55.23 -17.18 -13.13
CA VAL C 5 -56.07 -16.12 -12.56
C VAL C 5 -56.99 -15.48 -13.58
N GLN C 6 -58.28 -15.38 -13.25
CA GLN C 6 -59.17 -14.61 -14.10
C GLN C 6 -60.35 -14.02 -13.32
N LEU C 7 -60.85 -12.90 -13.81
CA LEU C 7 -62.00 -12.23 -13.22
C LEU C 7 -63.15 -12.11 -14.23
N VAL C 8 -64.38 -12.27 -13.77
CA VAL C 8 -65.53 -12.16 -14.64
C VAL C 8 -66.60 -11.22 -14.07
N GLU C 9 -66.79 -10.08 -14.72
CA GLU C 9 -67.83 -9.15 -14.29
C GLU C 9 -69.19 -9.59 -14.79
N SER C 10 -70.23 -9.24 -14.04
CA SER C 10 -71.61 -9.50 -14.45
C SER C 10 -72.56 -8.55 -13.71
N GLY C 11 -73.78 -8.39 -14.23
CA GLY C 11 -74.77 -7.55 -13.58
C GLY C 11 -75.14 -6.31 -14.38
N GLY C 12 -74.30 -5.93 -15.33
CA GLY C 12 -74.53 -4.77 -16.15
C GLY C 12 -75.83 -4.78 -16.93
N GLY C 13 -76.44 -3.62 -17.09
CA GLY C 13 -77.67 -3.50 -17.84
C GLY C 13 -78.20 -2.08 -17.87
N LEU C 14 -79.46 -1.95 -18.30
CA LEU C 14 -80.07 -0.63 -18.41
C LEU C 14 -80.95 -0.28 -17.21
N VAL C 15 -80.68 0.87 -16.63
CA VAL C 15 -81.50 1.38 -15.53
C VAL C 15 -81.72 2.87 -15.72
N GLN C 16 -82.78 3.40 -15.12
CA GLN C 16 -83.12 4.82 -15.26
C GLN C 16 -82.36 5.63 -14.21
N PRO C 17 -82.11 6.91 -14.51
CA PRO C 17 -81.43 7.82 -13.59
C PRO C 17 -82.07 7.86 -12.21
N GLY C 18 -81.25 7.67 -11.17
CA GLY C 18 -81.72 7.63 -9.80
C GLY C 18 -81.96 6.20 -9.32
N GLY C 19 -81.81 5.24 -10.23
CA GLY C 19 -82.06 3.85 -9.91
C GLY C 19 -80.81 3.16 -9.38
N SER C 20 -80.98 1.92 -8.92
CA SER C 20 -79.88 1.16 -8.37
C SER C 20 -79.48 -0.03 -9.23
N LEU C 21 -78.24 -0.48 -9.08
CA LEU C 21 -77.72 -1.64 -9.80
C LEU C 21 -76.53 -2.26 -9.08
N ARG C 22 -76.49 -3.58 -9.02
CA ARG C 22 -75.42 -4.30 -8.32
C ARG C 22 -74.56 -5.17 -9.24
N LEU C 23 -73.26 -4.87 -9.31
CA LEU C 23 -72.33 -5.64 -10.13
C LEU C 23 -71.59 -6.71 -9.33
N SER C 24 -71.25 -7.82 -10.00
CA SER C 24 -70.47 -8.87 -9.37
C SER C 24 -69.16 -9.08 -10.13
N CYS C 25 -68.11 -9.40 -9.39
CA CYS C 25 -66.82 -9.72 -9.98
C CYS C 25 -66.36 -11.04 -9.36
N ALA C 26 -66.57 -12.14 -10.11
CA ALA C 26 -66.24 -13.47 -9.62
C ALA C 26 -64.81 -13.82 -9.98
N ALA C 27 -64.03 -14.21 -8.97
CA ALA C 27 -62.63 -14.50 -9.15
C ALA C 27 -62.35 -16.00 -9.11
N SER C 28 -61.34 -16.43 -9.85
CA SER C 28 -60.85 -17.80 -9.78
C SER C 28 -59.35 -17.80 -10.01
N GLY C 29 -58.67 -18.78 -9.44
CA GLY C 29 -57.23 -18.90 -9.58
C GLY C 29 -56.47 -18.21 -8.46
N PHE C 30 -57.19 -17.51 -7.58
CA PHE C 30 -56.55 -16.86 -6.45
C PHE C 30 -57.56 -16.58 -5.34
N ASN C 31 -57.06 -16.48 -4.11
CA ASN C 31 -57.91 -16.22 -2.95
C ASN C 31 -58.12 -14.72 -2.76
N LEU C 32 -59.37 -14.30 -2.88
CA LEU C 32 -59.74 -12.89 -2.95
C LEU C 32 -59.41 -12.15 -1.66
N TYR C 33 -59.24 -12.89 -0.58
CA TYR C 33 -58.96 -12.31 0.72
C TYR C 33 -57.60 -11.61 0.81
N TYR C 34 -56.57 -12.22 0.25
CA TYR C 34 -55.20 -11.73 0.40
C TYR C 34 -54.83 -10.67 -0.61
N TYR C 35 -55.81 -10.28 -1.42
CA TYR C 35 -55.58 -9.31 -2.48
C TYR C 35 -56.56 -8.14 -2.37
N SER C 36 -56.39 -7.15 -3.23
CA SER C 36 -57.34 -6.05 -3.30
C SER C 36 -58.09 -6.11 -4.62
N ILE C 37 -59.36 -5.73 -4.62
CA ILE C 37 -60.13 -5.72 -5.85
C ILE C 37 -60.63 -4.32 -6.13
N HIS C 38 -60.56 -3.91 -7.39
CA HIS C 38 -60.85 -2.54 -7.76
C HIS C 38 -61.82 -2.49 -8.91
N TRP C 39 -62.71 -1.51 -8.86
CA TRP C 39 -63.61 -1.23 -9.99
C TRP C 39 -63.14 -0.01 -10.73
N VAL C 40 -62.97 -0.17 -12.04
CA VAL C 40 -62.56 0.93 -12.92
C VAL C 40 -63.53 0.99 -14.09
N ARG C 41 -64.11 2.17 -14.33
CA ARG C 41 -65.09 2.33 -15.39
C ARG C 41 -64.57 3.22 -16.50
N GLN C 42 -65.21 3.16 -17.65
CA GLN C 42 -64.77 3.90 -18.82
C GLN C 42 -65.95 4.41 -19.62
N ALA C 43 -66.25 5.69 -19.47
CA ALA C 43 -67.32 6.29 -20.25
C ALA C 43 -66.94 6.32 -21.71
N PRO C 44 -67.93 6.34 -22.61
CA PRO C 44 -67.70 6.33 -24.05
C PRO C 44 -66.75 7.43 -24.50
N GLY C 45 -65.63 7.03 -25.11
CA GLY C 45 -64.66 7.96 -25.66
C GLY C 45 -63.79 8.66 -24.63
N LYS C 46 -63.93 8.27 -23.37
CA LYS C 46 -63.14 8.88 -22.31
C LYS C 46 -62.12 7.90 -21.75
N GLY C 47 -61.33 8.37 -20.78
CA GLY C 47 -60.27 7.55 -20.23
C GLY C 47 -60.71 6.71 -19.04
N LEU C 48 -59.74 6.14 -18.34
CA LEU C 48 -60.01 5.27 -17.23
C LEU C 48 -60.29 6.08 -15.96
N GLU C 49 -61.29 5.66 -15.20
CA GLU C 49 -61.61 6.31 -13.94
C GLU C 49 -61.86 5.27 -12.85
N TRP C 50 -60.92 5.19 -11.91
CA TRP C 50 -61.06 4.36 -10.71
C TRP C 50 -62.24 4.85 -9.89
N VAL C 51 -63.06 3.92 -9.38
CA VAL C 51 -64.24 4.34 -8.62
C VAL C 51 -64.22 3.80 -7.20
N ALA C 52 -63.72 2.59 -7.01
CA ALA C 52 -63.72 2.00 -5.68
C ALA C 52 -62.72 0.86 -5.54
N SER C 53 -62.27 0.64 -4.31
CA SER C 53 -61.34 -0.45 -3.99
C SER C 53 -61.76 -1.11 -2.68
N ILE C 54 -61.46 -2.41 -2.56
CA ILE C 54 -61.68 -3.09 -1.30
C ILE C 54 -60.52 -4.05 -0.98
N SER C 55 -60.06 -3.99 0.26
CA SER C 55 -59.03 -4.89 0.75
C SER C 55 -59.58 -5.71 1.92
N PRO C 56 -60.00 -6.94 1.64
CA PRO C 56 -60.59 -7.78 2.68
C PRO C 56 -59.62 -8.05 3.82
N TYR C 57 -58.33 -8.11 3.50
CA TYR C 57 -57.33 -8.45 4.50
C TYR C 57 -57.15 -7.34 5.52
N SER C 58 -57.42 -6.10 5.14
CA SER C 58 -57.31 -5.02 6.10
C SER C 58 -58.64 -4.34 6.36
N SER C 59 -59.73 -5.07 6.16
CA SER C 59 -61.09 -4.53 6.33
C SER C 59 -61.30 -3.12 5.75
N SER C 60 -60.44 -2.72 4.81
CA SER C 60 -60.49 -1.37 4.26
C SER C 60 -61.19 -1.23 2.90
N THR C 61 -61.93 -0.14 2.71
CA THR C 61 -62.53 0.18 1.41
C THR C 61 -62.25 1.64 1.07
N SER C 62 -62.29 1.95 -0.22
CA SER C 62 -61.99 3.30 -0.67
C SER C 62 -62.84 3.66 -1.87
N TYR C 63 -63.23 4.93 -1.97
CA TYR C 63 -64.09 5.39 -3.07
C TYR C 63 -63.63 6.71 -3.67
N ALA C 64 -63.84 6.88 -4.97
CA ALA C 64 -63.65 8.18 -5.59
C ALA C 64 -64.80 9.09 -5.18
N ASP C 65 -64.52 10.37 -4.98
CA ASP C 65 -65.55 11.30 -4.52
C ASP C 65 -66.71 11.38 -5.49
N SER C 66 -66.45 11.04 -6.75
CA SER C 66 -67.48 11.10 -7.79
C SER C 66 -68.60 10.09 -7.51
N VAL C 67 -68.31 9.06 -6.72
CA VAL C 67 -69.29 8.03 -6.43
C VAL C 67 -69.49 7.82 -4.94
N LYS C 68 -68.76 8.60 -4.14
CA LYS C 68 -68.76 8.43 -2.70
C LYS C 68 -70.18 8.60 -2.13
N GLY C 69 -70.60 7.65 -1.29
CA GLY C 69 -71.91 7.71 -0.69
C GLY C 69 -73.03 7.16 -1.55
N ARG C 70 -72.73 6.91 -2.82
CA ARG C 70 -73.73 6.38 -3.74
C ARG C 70 -73.40 4.92 -4.03
N PHE C 71 -72.10 4.65 -4.12
CA PHE C 71 -71.62 3.31 -4.41
C PHE C 71 -71.09 2.65 -3.14
N THR C 72 -71.22 1.32 -3.09
CA THR C 72 -70.69 0.54 -1.97
C THR C 72 -70.04 -0.73 -2.49
N ILE C 73 -68.75 -0.89 -2.19
CA ILE C 73 -68.02 -2.06 -2.63
C ILE C 73 -67.87 -3.05 -1.48
N SER C 74 -67.94 -4.34 -1.81
CA SER C 74 -67.85 -5.39 -0.81
C SER C 74 -67.27 -6.65 -1.40
N ALA C 75 -67.05 -7.65 -0.55
CA ALA C 75 -66.49 -8.92 -0.97
C ALA C 75 -67.06 -10.05 -0.13
N ASP C 76 -67.25 -11.19 -0.77
CA ASP C 76 -67.67 -12.42 -0.11
C ASP C 76 -66.58 -13.45 -0.30
N THR C 77 -65.78 -13.68 0.74
CA THR C 77 -64.63 -14.57 0.62
C THR C 77 -65.05 -16.02 0.41
N SER C 78 -66.20 -16.40 0.95
CA SER C 78 -66.70 -17.77 0.84
C SER C 78 -66.95 -18.15 -0.63
N LYS C 79 -67.46 -17.21 -1.41
CA LYS C 79 -67.71 -17.45 -2.83
C LYS C 79 -66.65 -16.81 -3.73
N ASN C 80 -65.62 -16.21 -3.13
CA ASN C 80 -64.52 -15.61 -3.87
C ASN C 80 -65.04 -14.60 -4.89
N THR C 81 -65.90 -13.70 -4.45
CA THR C 81 -66.54 -12.77 -5.36
C THR C 81 -66.67 -11.37 -4.75
N ALA C 82 -66.44 -10.35 -5.56
CA ALA C 82 -66.62 -8.96 -5.14
C ALA C 82 -67.87 -8.35 -5.76
N TYR C 83 -68.39 -7.30 -5.13
CA TYR C 83 -69.61 -6.66 -5.59
C TYR C 83 -69.48 -5.14 -5.62
N LEU C 84 -70.23 -4.50 -6.51
CA LEU C 84 -70.32 -3.05 -6.50
C LEU C 84 -71.79 -2.61 -6.48
N GLN C 85 -72.23 -2.12 -5.32
CA GLN C 85 -73.60 -1.66 -5.18
C GLN C 85 -73.71 -0.20 -5.58
N MET C 86 -74.42 0.06 -6.67
CA MET C 86 -74.58 1.41 -7.18
C MET C 86 -75.99 1.93 -6.95
N ASN C 87 -76.09 3.03 -6.21
CA ASN C 87 -77.38 3.69 -5.99
C ASN C 87 -77.36 5.13 -6.50
N SER C 88 -78.55 5.69 -6.70
CA SER C 88 -78.69 7.05 -7.19
C SER C 88 -77.88 7.26 -8.47
N LEU C 89 -78.00 6.32 -9.40
CA LEU C 89 -77.23 6.37 -10.64
C LEU C 89 -77.64 7.57 -11.51
N ARG C 90 -76.69 8.09 -12.26
CA ARG C 90 -76.94 9.20 -13.18
C ARG C 90 -76.40 8.87 -14.56
N ALA C 91 -76.77 9.67 -15.55
CA ALA C 91 -76.31 9.44 -16.92
C ALA C 91 -74.79 9.41 -16.98
N GLU C 92 -74.17 10.23 -16.14
CA GLU C 92 -72.72 10.35 -16.05
C GLU C 92 -72.06 9.03 -15.65
N ASP C 93 -72.81 8.14 -15.03
CA ASP C 93 -72.28 6.87 -14.56
C ASP C 93 -72.24 5.82 -15.66
N THR C 94 -72.77 6.17 -16.82
CA THR C 94 -72.76 5.29 -17.98
C THR C 94 -71.33 4.99 -18.44
N ALA C 95 -70.99 3.71 -18.49
CA ALA C 95 -69.63 3.32 -18.87
C ALA C 95 -69.49 1.82 -18.85
N VAL C 96 -68.40 1.32 -19.40
CA VAL C 96 -68.03 -0.06 -19.20
C VAL C 96 -67.31 -0.18 -17.86
N TYR C 97 -67.77 -1.09 -17.02
CA TYR C 97 -67.21 -1.27 -15.69
C TYR C 97 -66.31 -2.50 -15.62
N TYR C 98 -65.03 -2.26 -15.35
CA TYR C 98 -64.05 -3.32 -15.17
C TYR C 98 -63.78 -3.59 -13.69
N CYS C 99 -63.45 -4.82 -13.35
CA CYS C 99 -62.90 -5.13 -12.03
C CYS C 99 -61.47 -5.64 -12.20
N ALA C 100 -60.61 -5.33 -11.23
CA ALA C 100 -59.20 -5.69 -11.33
C ALA C 100 -58.56 -5.97 -9.97
N ARG C 101 -57.43 -6.69 -10.02
CA ARG C 101 -56.58 -7.02 -8.86
C ARG C 101 -55.24 -6.26 -9.00
N GLY C 102 -54.55 -5.85 -7.93
CA GLY C 102 -54.99 -5.95 -6.54
C GLY C 102 -54.04 -6.62 -5.55
N ARG C 103 -52.81 -6.12 -5.43
CA ARG C 103 -51.87 -6.72 -4.44
C ARG C 103 -51.57 -5.85 -3.21
N TRP C 104 -51.30 -6.48 -2.07
CA TRP C 104 -51.06 -5.74 -0.83
C TRP C 104 -49.77 -4.92 -0.90
N TYR C 105 -48.77 -5.42 -1.63
CA TYR C 105 -47.51 -4.71 -1.80
C TYR C 105 -47.42 -3.94 -3.12
N ARG C 106 -48.51 -3.96 -3.88
CA ARG C 106 -48.52 -3.35 -5.20
C ARG C 106 -49.93 -3.02 -5.67
N ARG C 107 -50.31 -1.75 -5.56
CA ARG C 107 -51.65 -1.33 -5.93
C ARG C 107 -51.71 -1.07 -7.44
N ALA C 108 -50.97 -1.87 -8.19
CA ALA C 108 -51.10 -1.91 -9.64
C ALA C 108 -52.10 -2.98 -10.04
N LEU C 109 -52.81 -2.76 -11.15
CA LEU C 109 -53.87 -3.66 -11.55
C LEU C 109 -53.39 -4.63 -12.65
N ASP C 110 -53.14 -5.88 -12.26
CA ASP C 110 -52.49 -6.85 -13.14
C ASP C 110 -53.48 -7.76 -13.89
N TYR C 111 -54.62 -8.00 -13.28
CA TYR C 111 -55.66 -8.79 -13.89
C TYR C 111 -56.95 -8.01 -14.00
N TRP C 112 -57.51 -7.98 -15.20
CA TRP C 112 -58.76 -7.27 -15.45
C TRP C 112 -59.81 -8.22 -16.00
N GLY C 113 -61.06 -7.94 -15.69
CA GLY C 113 -62.16 -8.66 -16.29
C GLY C 113 -62.38 -8.15 -17.69
N GLN C 114 -63.34 -8.73 -18.39
CA GLN C 114 -63.62 -8.35 -19.77
C GLN C 114 -64.45 -7.08 -19.83
N GLY C 115 -65.05 -6.72 -18.70
CA GLY C 115 -65.87 -5.52 -18.63
C GLY C 115 -67.36 -5.80 -18.74
N THR C 116 -68.16 -4.97 -18.09
CA THR C 116 -69.62 -5.06 -18.19
C THR C 116 -70.23 -3.68 -18.42
N LEU C 117 -71.18 -3.60 -19.36
CA LEU C 117 -71.73 -2.31 -19.74
C LEU C 117 -72.88 -1.86 -18.84
N VAL C 118 -72.75 -0.65 -18.32
CA VAL C 118 -73.80 -0.04 -17.51
C VAL C 118 -74.30 1.19 -18.20
N THR C 119 -75.59 1.21 -18.50
CA THR C 119 -76.20 2.32 -19.20
C THR C 119 -77.25 3.00 -18.33
N VAL C 120 -77.06 4.28 -18.05
CA VAL C 120 -78.01 5.01 -17.24
C VAL C 120 -78.73 6.03 -18.12
N SER C 121 -80.00 5.76 -18.39
CA SER C 121 -80.81 6.64 -19.22
C SER C 121 -82.29 6.36 -19.03
N SER C 122 -83.10 7.42 -19.11
CA SER C 122 -84.54 7.27 -19.01
C SER C 122 -85.15 6.89 -20.35
N ALA C 123 -84.33 6.83 -21.39
CA ALA C 123 -84.78 6.49 -22.72
C ALA C 123 -85.27 5.05 -22.84
N SER C 124 -86.37 4.86 -23.57
CA SER C 124 -86.92 3.54 -23.86
C SER C 124 -86.44 3.10 -25.25
N THR C 125 -86.48 1.79 -25.51
CA THR C 125 -86.06 1.24 -26.79
C THR C 125 -86.85 1.82 -27.97
N LYS C 126 -86.13 2.30 -28.99
CA LYS C 126 -86.76 2.93 -30.15
C LYS C 126 -85.95 2.74 -31.43
N GLY C 127 -86.65 2.45 -32.52
CA GLY C 127 -86.04 2.25 -33.82
C GLY C 127 -85.70 3.55 -34.53
N PRO C 128 -84.72 3.51 -35.43
CA PRO C 128 -84.24 4.70 -36.12
C PRO C 128 -85.09 5.11 -37.30
N SER C 129 -84.95 6.38 -37.69
CA SER C 129 -85.47 6.84 -38.94
C SER C 129 -84.29 6.97 -39.90
N VAL C 130 -84.46 6.49 -41.12
CA VAL C 130 -83.39 6.52 -42.10
C VAL C 130 -83.65 7.56 -43.20
N PHE C 131 -82.73 8.49 -43.33
CA PHE C 131 -82.83 9.54 -44.35
C PHE C 131 -81.68 9.41 -45.33
N PRO C 132 -81.94 9.73 -46.60
CA PRO C 132 -80.90 9.63 -47.63
C PRO C 132 -79.94 10.81 -47.59
N LEU C 133 -78.66 10.55 -47.77
CA LEU C 133 -77.72 11.61 -48.05
C LEU C 133 -77.42 11.60 -49.54
N ALA C 134 -78.29 12.25 -50.29
CA ALA C 134 -78.26 12.20 -51.75
C ALA C 134 -77.04 12.91 -52.33
N PRO C 135 -76.42 12.29 -53.34
CA PRO C 135 -75.26 12.86 -54.05
C PRO C 135 -75.65 14.10 -54.83
N SER C 136 -74.76 15.10 -54.87
CA SER C 136 -75.07 16.32 -55.60
C SER C 136 -75.15 15.99 -57.08
N SER C 137 -76.02 16.70 -57.80
CA SER C 137 -76.21 16.42 -59.22
C SER C 137 -74.99 16.88 -60.03
N LYS C 138 -74.36 17.97 -59.59
CA LYS C 138 -73.17 18.46 -60.28
C LYS C 138 -71.99 18.57 -59.31
N GLY C 143 -64.80 13.66 -60.30
CA GLY C 143 -64.39 12.28 -60.39
C GLY C 143 -65.24 11.36 -59.51
N THR C 144 -65.00 11.42 -58.19
CA THR C 144 -65.79 10.61 -57.28
C THR C 144 -66.99 11.37 -56.71
N ALA C 145 -67.96 10.63 -56.22
CA ALA C 145 -69.16 11.20 -55.60
C ALA C 145 -69.40 10.59 -54.25
N ALA C 146 -69.92 11.37 -53.31
CA ALA C 146 -70.21 10.83 -52.00
C ALA C 146 -71.72 10.75 -51.79
N LEU C 147 -72.19 9.64 -51.24
CA LEU C 147 -73.60 9.51 -50.88
C LEU C 147 -73.70 8.60 -49.67
N GLY C 148 -74.86 8.59 -49.01
CA GLY C 148 -75.02 7.76 -47.83
C GLY C 148 -76.40 7.79 -47.20
N CYS C 149 -76.48 7.23 -45.99
CA CYS C 149 -77.71 7.20 -45.21
C CYS C 149 -77.52 7.79 -43.83
N LEU C 150 -78.48 8.61 -43.42
CA LEU C 150 -78.51 9.15 -42.08
C LEU C 150 -79.44 8.31 -41.21
N VAL C 151 -78.88 7.61 -40.23
CA VAL C 151 -79.66 6.78 -39.31
C VAL C 151 -79.87 7.51 -37.99
N LYS C 152 -81.06 8.05 -37.79
CA LYS C 152 -81.30 9.00 -36.70
C LYS C 152 -82.27 8.54 -35.63
N ASP C 153 -81.99 8.93 -34.39
CA ASP C 153 -82.92 8.79 -33.27
C ASP C 153 -83.31 7.34 -32.96
N TYR C 154 -82.32 6.53 -32.56
CA TYR C 154 -82.57 5.15 -32.15
C TYR C 154 -81.97 4.86 -30.77
N PHE C 155 -82.41 3.76 -30.18
CA PHE C 155 -81.93 3.33 -28.88
C PHE C 155 -82.46 1.92 -28.58
N PRO C 156 -81.62 1.07 -27.97
CA PRO C 156 -80.25 1.38 -27.60
C PRO C 156 -79.28 1.02 -28.72
N GLU C 157 -77.99 1.06 -28.43
CA GLU C 157 -77.00 0.57 -29.35
C GLU C 157 -77.22 -0.93 -29.49
N PRO C 158 -76.78 -1.53 -30.61
CA PRO C 158 -76.13 -0.92 -31.76
C PRO C 158 -77.05 -0.86 -32.97
N VAL C 159 -76.49 -0.37 -34.07
CA VAL C 159 -77.16 -0.39 -35.36
C VAL C 159 -76.16 -0.90 -36.40
N THR C 160 -76.61 -1.77 -37.29
CA THR C 160 -75.74 -2.23 -38.36
C THR C 160 -76.25 -1.76 -39.72
N VAL C 161 -75.35 -1.24 -40.55
CA VAL C 161 -75.73 -0.73 -41.86
C VAL C 161 -74.97 -1.44 -42.95
N SER C 162 -75.65 -1.70 -44.07
CA SER C 162 -75.04 -2.35 -45.22
C SER C 162 -75.30 -1.52 -46.45
N TRP C 163 -74.70 -1.94 -47.56
CA TRP C 163 -74.92 -1.28 -48.83
C TRP C 163 -75.11 -2.30 -49.94
N ASN C 164 -76.27 -2.20 -50.60
CA ASN C 164 -76.66 -3.15 -51.62
C ASN C 164 -76.62 -4.59 -51.13
N SER C 165 -77.17 -4.81 -49.94
CA SER C 165 -77.23 -6.13 -49.32
C SER C 165 -75.88 -6.81 -49.11
N GLY C 166 -74.84 -6.01 -48.87
CA GLY C 166 -73.53 -6.52 -48.54
C GLY C 166 -72.57 -6.56 -49.70
N ALA C 167 -73.09 -6.24 -50.89
CA ALA C 167 -72.30 -6.27 -52.12
C ALA C 167 -71.31 -5.10 -52.19
N LEU C 168 -71.69 -3.97 -51.62
CA LEU C 168 -70.84 -2.79 -51.66
C LEU C 168 -70.16 -2.56 -50.30
N THR C 169 -68.86 -2.87 -50.23
CA THR C 169 -68.10 -2.72 -48.99
C THR C 169 -66.90 -1.79 -49.17
N SER C 170 -66.37 -1.76 -50.38
CA SER C 170 -65.22 -0.93 -50.66
C SER C 170 -65.61 0.54 -50.72
N GLY C 171 -64.92 1.38 -49.94
CA GLY C 171 -65.15 2.80 -49.94
C GLY C 171 -66.17 3.25 -48.91
N VAL C 172 -66.75 2.30 -48.19
CA VAL C 172 -67.79 2.62 -47.22
C VAL C 172 -67.23 3.13 -45.90
N HIS C 173 -67.86 4.16 -45.36
CA HIS C 173 -67.48 4.68 -44.05
C HIS C 173 -68.72 4.80 -43.19
N THR C 174 -68.85 3.88 -42.24
CA THR C 174 -69.94 3.93 -41.28
C THR C 174 -69.40 4.51 -39.97
N PHE C 175 -69.85 5.71 -39.62
CA PHE C 175 -69.30 6.43 -38.48
C PHE C 175 -69.81 5.88 -37.15
N PRO C 176 -69.00 6.03 -36.10
CA PRO C 176 -69.37 5.69 -34.73
C PRO C 176 -70.61 6.47 -34.33
N ALA C 177 -71.52 5.85 -33.60
CA ALA C 177 -72.74 6.53 -33.18
C ALA C 177 -72.42 7.69 -32.23
N VAL C 178 -73.29 8.69 -32.23
CA VAL C 178 -73.17 9.83 -31.33
C VAL C 178 -74.41 9.92 -30.43
N LEU C 179 -74.18 10.16 -29.14
CA LEU C 179 -75.27 10.35 -28.21
C LEU C 179 -75.76 11.79 -28.28
N GLN C 180 -77.00 11.96 -28.71
CA GLN C 180 -77.59 13.28 -28.85
C GLN C 180 -78.13 13.78 -27.52
N SER C 181 -78.44 15.07 -27.45
CA SER C 181 -78.94 15.68 -26.22
C SER C 181 -80.29 15.10 -25.82
N SER C 182 -80.98 14.50 -26.78
CA SER C 182 -82.27 13.88 -26.55
C SER C 182 -82.15 12.57 -25.78
N GLY C 183 -80.94 12.01 -25.77
CA GLY C 183 -80.70 10.73 -25.16
C GLY C 183 -80.68 9.61 -26.19
N LEU C 184 -80.88 9.98 -27.45
CA LEU C 184 -80.89 9.02 -28.55
C LEU C 184 -79.60 9.08 -29.36
N TYR C 185 -79.29 7.98 -30.05
CA TYR C 185 -78.07 7.89 -30.86
C TYR C 185 -78.34 8.20 -32.33
N SER C 186 -77.29 8.57 -33.06
CA SER C 186 -77.37 8.78 -34.50
C SER C 186 -76.03 8.53 -35.16
N LEU C 187 -76.06 8.01 -36.38
CA LEU C 187 -74.85 7.84 -37.15
C LEU C 187 -75.13 7.95 -38.64
N SER C 188 -74.09 8.25 -39.41
CA SER C 188 -74.22 8.29 -40.85
C SER C 188 -73.30 7.24 -41.47
N SER C 189 -73.78 6.59 -42.51
CA SER C 189 -72.94 5.70 -43.30
C SER C 189 -72.86 6.26 -44.72
N VAL C 190 -71.63 6.53 -45.17
CA VAL C 190 -71.43 7.10 -46.49
C VAL C 190 -70.55 6.21 -47.35
N VAL C 191 -70.54 6.47 -48.65
CA VAL C 191 -69.71 5.72 -49.59
C VAL C 191 -69.42 6.56 -50.82
N THR C 192 -68.23 6.39 -51.39
CA THR C 192 -67.85 7.14 -52.58
C THR C 192 -67.85 6.22 -53.78
N VAL C 193 -68.47 6.69 -54.87
CA VAL C 193 -68.58 5.90 -56.09
C VAL C 193 -68.33 6.78 -57.31
N PRO C 194 -68.12 6.14 -58.47
CA PRO C 194 -67.94 6.89 -59.74
C PRO C 194 -69.15 7.76 -60.04
N SER C 195 -68.90 8.99 -60.49
CA SER C 195 -69.98 9.93 -60.81
C SER C 195 -70.80 9.46 -62.01
N SER C 196 -70.17 8.70 -62.90
CA SER C 196 -70.85 8.18 -64.08
C SER C 196 -71.90 7.13 -63.73
N SER C 197 -71.65 6.39 -62.66
CA SER C 197 -72.55 5.32 -62.23
C SER C 197 -73.74 5.84 -61.41
N LEU C 198 -73.82 7.16 -61.27
CA LEU C 198 -74.83 7.77 -60.40
C LEU C 198 -76.26 7.43 -60.80
N GLY C 199 -76.60 7.63 -62.06
CA GLY C 199 -77.97 7.42 -62.50
C GLY C 199 -78.26 6.01 -62.95
N THR C 200 -77.23 5.27 -63.37
CA THR C 200 -77.41 3.92 -63.88
C THR C 200 -77.40 2.85 -62.79
N GLN C 201 -76.68 3.09 -61.70
CA GLN C 201 -76.57 2.08 -60.65
C GLN C 201 -77.38 2.46 -59.42
N THR C 202 -78.00 1.46 -58.81
CA THR C 202 -78.85 1.67 -57.65
C THR C 202 -78.07 1.44 -56.37
N TYR C 203 -78.30 2.31 -55.39
CA TYR C 203 -77.65 2.20 -54.09
C TYR C 203 -78.67 2.16 -52.96
N ILE C 204 -78.71 1.04 -52.24
CA ILE C 204 -79.64 0.86 -51.14
C ILE C 204 -78.87 0.52 -49.88
N CYS C 205 -78.99 1.35 -48.85
CA CYS C 205 -78.38 1.02 -47.56
C CYS C 205 -79.33 0.18 -46.73
N ASN C 206 -78.78 -0.85 -46.09
CA ASN C 206 -79.59 -1.76 -45.29
C ASN C 206 -79.29 -1.63 -43.81
N VAL C 207 -80.22 -1.04 -43.07
CA VAL C 207 -80.04 -0.76 -41.65
C VAL C 207 -80.90 -1.69 -40.77
N ASN C 208 -80.24 -2.49 -39.95
CA ASN C 208 -80.91 -3.45 -39.10
C ASN C 208 -80.75 -3.07 -37.62
N HIS C 209 -81.82 -2.57 -37.02
CA HIS C 209 -81.84 -2.31 -35.58
C HIS C 209 -82.53 -3.45 -34.84
N LYS C 210 -81.74 -4.41 -34.36
CA LYS C 210 -82.26 -5.62 -33.74
C LYS C 210 -83.09 -5.36 -32.48
N PRO C 211 -82.60 -4.50 -31.57
CA PRO C 211 -83.32 -4.27 -30.31
C PRO C 211 -84.75 -3.77 -30.47
N SER C 212 -85.11 -3.35 -31.68
CA SER C 212 -86.47 -2.89 -31.96
C SER C 212 -87.07 -3.70 -33.11
N ASN C 213 -86.25 -4.58 -33.68
CA ASN C 213 -86.70 -5.45 -34.79
C ASN C 213 -87.11 -4.68 -36.04
N THR C 214 -86.48 -3.53 -36.26
CA THR C 214 -86.75 -2.73 -37.46
C THR C 214 -85.68 -2.89 -38.52
N LYS C 215 -86.09 -3.26 -39.72
CA LYS C 215 -85.17 -3.35 -40.84
C LYS C 215 -85.64 -2.40 -41.92
N VAL C 216 -84.77 -1.47 -42.30
CA VAL C 216 -85.11 -0.51 -43.32
C VAL C 216 -84.13 -0.56 -44.47
N ASP C 217 -84.70 -0.53 -45.67
CA ASP C 217 -83.92 -0.46 -46.88
C ASP C 217 -84.32 0.81 -47.59
N LYS C 218 -83.38 1.74 -47.70
CA LYS C 218 -83.69 3.04 -48.25
C LYS C 218 -82.87 3.23 -49.51
N LYS C 219 -83.55 3.40 -50.64
CA LYS C 219 -82.84 3.64 -51.89
C LYS C 219 -82.34 5.08 -51.88
N VAL C 220 -81.15 5.32 -52.41
CA VAL C 220 -80.55 6.64 -52.33
C VAL C 220 -80.18 7.17 -53.71
N GLU C 221 -81.08 7.97 -54.26
CA GLU C 221 -80.90 8.59 -55.57
C GLU C 221 -80.78 10.09 -55.42
N PRO C 222 -80.32 10.77 -56.48
CA PRO C 222 -80.22 12.23 -56.46
C PRO C 222 -81.60 12.90 -56.42
N LYS C 223 -81.63 14.23 -56.40
CA LYS C 223 -82.88 14.98 -56.35
C LYS C 223 -83.47 15.21 -57.73
N SER C 224 -84.74 14.85 -57.90
CA SER C 224 -85.44 15.12 -59.15
C SER C 224 -85.87 16.59 -59.17
N CYS C 225 -85.18 17.39 -59.98
CA CYS C 225 -85.43 18.82 -60.06
C CYS C 225 -86.71 19.13 -60.82
N ASP D 2 -57.69 16.09 -5.75
CA ASP D 2 -56.80 17.22 -6.09
C ASP D 2 -55.50 16.73 -6.71
N ILE D 3 -55.09 15.53 -6.34
CA ILE D 3 -53.86 14.97 -6.88
C ILE D 3 -54.09 14.77 -8.38
N GLN D 4 -53.11 15.12 -9.19
CA GLN D 4 -53.27 14.94 -10.63
C GLN D 4 -52.07 14.30 -11.33
N MET D 5 -52.40 13.57 -12.39
CA MET D 5 -51.42 12.99 -13.30
C MET D 5 -51.66 13.58 -14.67
N THR D 6 -50.77 14.46 -15.11
CA THR D 6 -50.94 15.10 -16.41
C THR D 6 -50.19 14.35 -17.51
N GLN D 7 -50.92 13.64 -18.34
CA GLN D 7 -50.31 12.86 -19.41
C GLN D 7 -50.20 13.67 -20.69
N SER D 8 -49.12 13.41 -21.43
CA SER D 8 -48.84 14.14 -22.67
C SER D 8 -47.98 13.30 -23.60
N PRO D 9 -48.27 13.35 -24.90
CA PRO D 9 -49.39 14.12 -25.45
C PRO D 9 -50.68 13.31 -25.46
N SER D 10 -51.80 13.95 -25.77
CA SER D 10 -53.07 13.25 -25.85
C SER D 10 -53.04 12.29 -27.03
N SER D 11 -52.17 12.59 -27.98
CA SER D 11 -51.99 11.77 -29.18
C SER D 11 -50.63 12.02 -29.81
N LEU D 12 -50.06 10.99 -30.44
CA LEU D 12 -48.80 11.15 -31.14
C LEU D 12 -48.71 10.13 -32.27
N SER D 13 -48.17 10.57 -33.39
CA SER D 13 -48.07 9.73 -34.57
C SER D 13 -46.67 9.12 -34.72
N ALA D 14 -46.61 7.85 -35.06
CA ALA D 14 -45.33 7.15 -35.21
C ALA D 14 -45.41 6.06 -36.26
N SER D 15 -44.25 5.61 -36.73
CA SER D 15 -44.18 4.55 -37.73
C SER D 15 -43.51 3.33 -37.14
N VAL D 16 -43.66 2.18 -37.80
CA VAL D 16 -43.03 0.95 -37.33
C VAL D 16 -41.51 1.08 -37.27
N GLY D 17 -40.93 0.67 -36.14
CA GLY D 17 -39.50 0.76 -35.94
C GLY D 17 -39.08 2.03 -35.21
N ASP D 18 -40.02 2.97 -35.09
CA ASP D 18 -39.77 4.24 -34.42
C ASP D 18 -39.66 4.06 -32.92
N ARG D 19 -38.88 4.94 -32.27
CA ARG D 19 -38.81 5.00 -30.82
C ARG D 19 -39.89 5.94 -30.31
N VAL D 20 -40.80 5.42 -29.49
CA VAL D 20 -41.92 6.21 -28.98
C VAL D 20 -41.78 6.56 -27.50
N THR D 21 -42.09 7.80 -27.16
CA THR D 21 -41.99 8.30 -25.80
C THR D 21 -43.26 8.99 -25.31
N ILE D 22 -43.80 8.50 -24.20
CA ILE D 22 -45.01 9.06 -23.60
C ILE D 22 -44.70 9.46 -22.16
N THR D 23 -45.04 10.69 -21.77
CA THR D 23 -44.68 11.17 -20.44
C THR D 23 -45.88 11.45 -19.54
N CYS D 24 -45.70 11.32 -18.23
CA CYS D 24 -46.77 11.62 -17.27
C CYS D 24 -46.19 12.31 -16.04
N ARG D 25 -46.70 13.50 -15.74
CA ARG D 25 -46.20 14.33 -14.62
C ARG D 25 -47.16 14.35 -13.43
N ALA D 26 -46.67 13.94 -12.27
CA ALA D 26 -47.46 13.98 -11.04
C ALA D 26 -47.47 15.36 -10.39
N SER D 27 -48.63 15.75 -9.87
CA SER D 27 -48.80 17.06 -9.23
C SER D 27 -48.03 17.13 -7.92
N GLN D 28 -47.94 16.00 -7.23
CA GLN D 28 -47.12 15.88 -6.02
C GLN D 28 -46.11 14.77 -6.20
N SER D 29 -45.19 14.66 -5.25
CA SER D 29 -44.30 13.51 -5.23
C SER D 29 -45.10 12.26 -4.88
N VAL D 30 -44.97 11.22 -5.68
CA VAL D 30 -45.62 9.95 -5.40
C VAL D 30 -44.57 8.86 -5.33
N SER D 31 -43.32 9.28 -5.17
CA SER D 31 -42.19 8.36 -5.21
C SER D 31 -42.19 7.60 -6.54
N SER D 32 -42.02 6.28 -6.48
CA SER D 32 -41.98 5.46 -7.69
C SER D 32 -43.28 4.70 -7.94
N ALA D 33 -44.34 5.08 -7.22
CA ALA D 33 -45.59 4.32 -7.27
C ALA D 33 -46.38 4.65 -8.51
N VAL D 34 -45.86 4.25 -9.67
CA VAL D 34 -46.51 4.53 -10.94
C VAL D 34 -46.54 3.31 -11.85
N ALA D 35 -47.66 3.11 -12.53
CA ALA D 35 -47.82 2.01 -13.48
C ALA D 35 -48.30 2.48 -14.86
N TRP D 36 -47.99 1.71 -15.89
CA TRP D 36 -48.42 2.02 -17.26
C TRP D 36 -49.29 0.93 -17.84
N TYR D 37 -50.36 1.31 -18.55
CA TYR D 37 -51.26 0.35 -19.17
C TYR D 37 -51.43 0.60 -20.66
N GLN D 38 -51.72 -0.49 -21.38
CA GLN D 38 -52.09 -0.43 -22.79
C GLN D 38 -53.53 -0.91 -22.96
N GLN D 39 -54.30 -0.14 -23.71
CA GLN D 39 -55.69 -0.53 -23.99
C GLN D 39 -56.00 -0.39 -25.46
N LYS D 40 -56.55 -1.44 -26.04
CA LYS D 40 -57.06 -1.36 -27.40
C LYS D 40 -58.56 -1.18 -27.32
N PRO D 41 -59.16 -0.54 -28.33
CA PRO D 41 -60.58 -0.15 -28.26
C PRO D 41 -61.50 -1.35 -28.02
N GLY D 42 -62.40 -1.22 -27.07
CA GLY D 42 -63.37 -2.27 -26.77
C GLY D 42 -62.85 -3.36 -25.87
N LYS D 43 -61.56 -3.29 -25.54
CA LYS D 43 -60.94 -4.32 -24.71
C LYS D 43 -60.42 -3.74 -23.40
N ALA D 44 -60.25 -4.60 -22.39
CA ALA D 44 -59.72 -4.18 -21.10
C ALA D 44 -58.22 -3.88 -21.18
N PRO D 45 -57.75 -2.92 -20.38
CA PRO D 45 -56.34 -2.52 -20.30
C PRO D 45 -55.41 -3.68 -19.88
N LYS D 46 -54.15 -3.61 -20.33
CA LYS D 46 -53.13 -4.58 -19.91
C LYS D 46 -52.00 -3.86 -19.16
N LEU D 47 -51.54 -4.47 -18.07
CA LEU D 47 -50.45 -3.90 -17.29
C LEU D 47 -49.11 -4.07 -17.99
N LEU D 48 -48.39 -2.96 -18.18
CA LEU D 48 -47.09 -3.00 -18.82
C LEU D 48 -45.98 -2.85 -17.77
N ILE D 49 -46.09 -1.81 -16.96
CA ILE D 49 -45.03 -1.47 -16.02
C ILE D 49 -45.58 -1.06 -14.66
N TYR D 50 -44.91 -1.53 -13.61
CA TYR D 50 -45.24 -1.16 -12.24
C TYR D 50 -43.98 -0.61 -11.56
N SER D 51 -44.18 0.18 -10.51
CA SER D 51 -43.08 0.82 -9.80
C SER D 51 -42.24 1.70 -10.74
N ALA D 52 -42.92 2.39 -11.66
CA ALA D 52 -42.30 3.37 -12.55
C ALA D 52 -41.48 2.75 -13.68
N SER D 53 -40.67 1.73 -13.36
CA SER D 53 -39.72 1.24 -14.35
C SER D 53 -39.60 -0.28 -14.41
N SER D 54 -40.39 -0.99 -13.60
CA SER D 54 -40.33 -2.44 -13.60
C SER D 54 -41.25 -3.04 -14.66
N LEU D 55 -40.67 -3.88 -15.51
CA LEU D 55 -41.39 -4.52 -16.60
C LEU D 55 -42.23 -5.69 -16.09
N TYR D 56 -43.55 -5.61 -16.27
CA TYR D 56 -44.43 -6.68 -15.85
C TYR D 56 -44.19 -7.96 -16.65
N SER D 57 -44.52 -9.10 -16.05
CA SER D 57 -44.27 -10.40 -16.68
C SER D 57 -44.97 -10.56 -18.02
N GLY D 58 -44.21 -10.98 -19.03
CA GLY D 58 -44.76 -11.27 -20.34
C GLY D 58 -44.76 -10.07 -21.27
N VAL D 59 -44.49 -8.89 -20.74
CA VAL D 59 -44.43 -7.68 -21.57
C VAL D 59 -43.11 -7.63 -22.31
N PRO D 60 -43.15 -7.31 -23.61
CA PRO D 60 -41.95 -7.23 -24.45
C PRO D 60 -40.91 -6.27 -23.88
N SER D 61 -39.63 -6.56 -24.13
CA SER D 61 -38.54 -5.80 -23.55
C SER D 61 -38.41 -4.44 -24.21
N ARG D 62 -39.11 -4.27 -25.34
CA ARG D 62 -39.09 -3.00 -26.04
C ARG D 62 -39.83 -1.96 -25.22
N PHE D 63 -40.66 -2.44 -24.28
CA PHE D 63 -41.31 -1.55 -23.34
C PHE D 63 -40.39 -1.26 -22.16
N SER D 64 -40.30 0.01 -21.79
CA SER D 64 -39.37 0.44 -20.76
C SER D 64 -39.97 1.62 -20.00
N GLY D 65 -39.67 1.70 -18.71
CA GLY D 65 -40.12 2.79 -17.88
C GLY D 65 -38.98 3.46 -17.15
N SER D 66 -39.12 4.75 -16.90
CA SER D 66 -38.11 5.49 -16.16
C SER D 66 -38.76 6.63 -15.39
N ARG D 67 -38.07 7.13 -14.37
CA ARG D 67 -38.61 8.19 -13.54
C ARG D 67 -37.58 9.28 -13.30
N SER D 68 -38.04 10.52 -13.28
CA SER D 68 -37.21 11.65 -12.85
C SER D 68 -38.08 12.64 -12.10
N GLY D 69 -38.04 12.56 -10.77
CA GLY D 69 -38.88 13.39 -9.93
C GLY D 69 -40.34 13.04 -10.07
N THR D 70 -41.14 14.02 -10.50
CA THR D 70 -42.56 13.81 -10.69
C THR D 70 -42.88 13.49 -12.14
N ASP D 71 -41.83 13.33 -12.95
CA ASP D 71 -42.00 13.02 -14.36
C ASP D 71 -41.73 11.54 -14.63
N PHE D 72 -42.69 10.88 -15.28
CA PHE D 72 -42.57 9.47 -15.60
C PHE D 72 -42.65 9.26 -17.10
N THR D 73 -41.85 8.32 -17.62
CA THR D 73 -41.74 8.12 -19.06
C THR D 73 -41.92 6.66 -19.46
N LEU D 74 -42.83 6.43 -20.41
CA LEU D 74 -42.98 5.13 -21.05
C LEU D 74 -42.29 5.14 -22.40
N THR D 75 -41.43 4.15 -22.64
CA THR D 75 -40.69 4.07 -23.89
C THR D 75 -40.89 2.76 -24.64
N ILE D 76 -41.13 2.87 -25.94
CA ILE D 76 -41.13 1.70 -26.82
C ILE D 76 -39.91 1.78 -27.72
N SER D 77 -38.98 0.84 -27.55
CA SER D 77 -37.70 0.87 -28.24
C SER D 77 -37.88 0.83 -29.75
N SER D 78 -38.66 -0.14 -30.22
CA SER D 78 -38.89 -0.33 -31.64
C SER D 78 -40.35 -0.70 -31.86
N LEU D 79 -41.15 0.31 -32.18
CA LEU D 79 -42.60 0.14 -32.28
C LEU D 79 -42.98 -0.96 -33.26
N GLN D 80 -43.90 -1.82 -32.83
CA GLN D 80 -44.42 -2.88 -33.69
C GLN D 80 -45.88 -2.61 -34.00
N PRO D 81 -46.41 -3.25 -35.06
CA PRO D 81 -47.79 -3.01 -35.49
C PRO D 81 -48.81 -3.26 -34.39
N GLU D 82 -48.54 -4.21 -33.50
CA GLU D 82 -49.49 -4.53 -32.44
C GLU D 82 -49.41 -3.52 -31.29
N ASP D 83 -48.51 -2.55 -31.40
CA ASP D 83 -48.32 -1.57 -30.34
C ASP D 83 -49.20 -0.32 -30.52
N PHE D 84 -49.85 -0.20 -31.66
CA PHE D 84 -50.73 0.95 -31.89
C PHE D 84 -52.01 0.85 -31.06
N ALA D 85 -52.18 1.81 -30.15
CA ALA D 85 -53.25 1.77 -29.16
C ALA D 85 -53.18 2.98 -28.25
N THR D 86 -54.03 3.01 -27.22
CA THR D 86 -54.02 4.09 -26.24
C THR D 86 -53.36 3.67 -24.93
N TYR D 87 -52.52 4.54 -24.38
CA TYR D 87 -51.78 4.24 -23.15
C TYR D 87 -52.13 5.18 -21.98
N TYR D 88 -52.14 4.63 -20.75
CA TYR D 88 -52.53 5.40 -19.57
C TYR D 88 -51.47 5.26 -18.47
N CYS D 89 -51.09 6.38 -17.87
CA CYS D 89 -50.20 6.35 -16.70
C CYS D 89 -51.10 6.23 -15.47
N GLN D 90 -50.58 5.72 -14.37
CA GLN D 90 -51.39 5.54 -13.15
C GLN D 90 -50.53 5.62 -11.90
N GLN D 91 -50.98 6.37 -10.90
CA GLN D 91 -50.25 6.47 -9.64
C GLN D 91 -50.98 5.75 -8.50
N TYR D 92 -50.20 5.17 -7.61
CA TYR D 92 -50.74 4.53 -6.41
C TYR D 92 -49.81 4.80 -5.24
N PRO D 93 -49.68 6.09 -4.87
CA PRO D 93 -48.74 6.49 -3.83
C PRO D 93 -49.14 5.90 -2.48
N TYR D 94 -48.17 5.67 -1.60
CA TYR D 94 -48.44 5.06 -0.31
C TYR D 94 -49.43 5.83 0.54
N TYR D 95 -49.13 7.09 0.75
CA TYR D 95 -49.95 8.00 1.56
C TYR D 95 -51.42 8.10 1.17
N SER D 96 -51.79 7.67 -0.03
CA SER D 96 -53.18 7.80 -0.48
C SER D 96 -53.86 6.47 -0.79
N SER D 97 -55.13 6.37 -0.42
CA SER D 97 -55.98 5.24 -0.78
C SER D 97 -56.49 5.37 -2.22
N LEU D 98 -56.39 6.57 -2.77
CA LEU D 98 -56.93 6.86 -4.10
C LEU D 98 -56.03 6.37 -5.23
N ILE D 99 -56.67 5.96 -6.33
CA ILE D 99 -55.97 5.65 -7.57
C ILE D 99 -56.37 6.69 -8.61
N THR D 100 -55.39 7.36 -9.23
CA THR D 100 -55.73 8.37 -10.22
C THR D 100 -55.02 8.09 -11.55
N PHE D 101 -55.78 8.16 -12.63
CA PHE D 101 -55.29 7.91 -14.00
C PHE D 101 -55.00 9.17 -14.81
N GLY D 102 -54.07 9.04 -15.75
CA GLY D 102 -53.83 10.10 -16.72
C GLY D 102 -54.93 10.15 -17.77
N GLN D 103 -54.92 11.20 -18.59
CA GLN D 103 -55.95 11.41 -19.61
C GLN D 103 -55.79 10.41 -20.76
N GLY D 104 -54.60 9.83 -20.87
CA GLY D 104 -54.32 8.87 -21.93
C GLY D 104 -53.53 9.43 -23.09
N THR D 105 -52.83 8.52 -23.78
CA THR D 105 -52.07 8.84 -24.99
C THR D 105 -52.39 7.87 -26.12
N LYS D 106 -52.99 8.36 -27.19
CA LYS D 106 -53.32 7.53 -28.34
C LYS D 106 -52.13 7.43 -29.30
N VAL D 107 -51.63 6.22 -29.55
CA VAL D 107 -50.52 6.05 -30.49
C VAL D 107 -51.04 5.62 -31.88
N GLU D 108 -50.98 6.55 -32.83
CA GLU D 108 -51.48 6.32 -34.19
C GLU D 108 -50.36 6.07 -35.21
N ILE D 109 -50.73 5.61 -36.39
CA ILE D 109 -49.77 5.30 -37.45
C ILE D 109 -49.43 6.55 -38.25
N LYS D 110 -48.14 6.85 -38.38
CA LYS D 110 -47.70 8.03 -39.13
C LYS D 110 -47.80 7.76 -40.61
N ARG D 111 -48.24 8.78 -41.34
CA ARG D 111 -48.40 8.70 -42.77
C ARG D 111 -48.04 10.02 -43.44
N THR D 112 -48.08 10.05 -44.77
CA THR D 112 -47.84 11.29 -45.48
C THR D 112 -49.14 12.10 -45.43
N VAL D 113 -49.03 13.42 -45.48
CA VAL D 113 -50.22 14.28 -45.41
C VAL D 113 -51.15 14.00 -46.59
N ALA D 114 -52.45 13.96 -46.33
CA ALA D 114 -53.43 13.72 -47.39
C ALA D 114 -54.64 14.63 -47.23
N ALA D 115 -54.90 15.42 -48.25
CA ALA D 115 -56.00 16.38 -48.23
C ALA D 115 -57.36 15.70 -48.22
N PRO D 116 -58.27 16.20 -47.38
CA PRO D 116 -59.66 15.71 -47.33
C PRO D 116 -60.48 16.17 -48.53
N SER D 117 -61.13 15.24 -49.19
CA SER D 117 -62.15 15.60 -50.18
C SER D 117 -63.45 15.85 -49.42
N VAL D 118 -64.04 17.02 -49.63
CA VAL D 118 -65.17 17.46 -48.80
C VAL D 118 -66.52 17.40 -49.52
N PHE D 119 -67.55 17.01 -48.77
CA PHE D 119 -68.92 16.91 -49.26
C PHE D 119 -69.91 17.46 -48.25
N ILE D 120 -70.91 18.20 -48.72
CA ILE D 120 -72.01 18.66 -47.88
C ILE D 120 -73.31 17.99 -48.32
N PHE D 121 -74.17 17.68 -47.36
CA PHE D 121 -75.45 17.01 -47.66
C PHE D 121 -76.62 17.73 -47.02
N PRO D 122 -77.52 18.28 -47.83
CA PRO D 122 -78.74 18.93 -47.33
C PRO D 122 -79.69 17.92 -46.68
N PRO D 123 -80.58 18.40 -45.81
CA PRO D 123 -81.61 17.56 -45.17
C PRO D 123 -82.61 17.08 -46.21
N SER D 124 -82.99 15.81 -46.15
CA SER D 124 -83.93 15.26 -47.12
C SER D 124 -85.32 15.82 -46.90
N ASP D 125 -86.15 15.71 -47.93
CA ASP D 125 -87.53 16.13 -47.84
C ASP D 125 -88.25 15.25 -46.82
N SER D 126 -87.84 13.99 -46.75
CA SER D 126 -88.40 13.03 -45.81
C SER D 126 -88.23 13.49 -44.36
N GLN D 127 -87.02 13.92 -44.02
CA GLN D 127 -86.73 14.35 -42.64
C GLN D 127 -87.46 15.62 -42.24
N LEU D 128 -87.50 16.58 -43.15
CA LEU D 128 -88.15 17.87 -42.87
C LEU D 128 -89.63 17.68 -42.54
N LYS D 129 -90.24 16.67 -43.14
CA LYS D 129 -91.62 16.32 -42.85
C LYS D 129 -91.79 15.84 -41.41
N SER D 130 -90.72 15.29 -40.84
CA SER D 130 -90.75 14.75 -39.49
C SER D 130 -90.53 15.85 -38.45
N GLY D 131 -90.01 16.99 -38.90
CA GLY D 131 -89.92 18.15 -38.03
C GLY D 131 -88.51 18.66 -37.77
N THR D 132 -87.50 17.92 -38.21
CA THR D 132 -86.12 18.27 -37.93
C THR D 132 -85.28 18.40 -39.19
N ALA D 133 -84.09 18.95 -39.06
CA ALA D 133 -83.22 19.17 -40.21
C ALA D 133 -81.76 18.89 -39.87
N SER D 134 -81.18 17.88 -40.54
CA SER D 134 -79.78 17.54 -40.33
C SER D 134 -78.96 17.82 -41.58
N VAL D 135 -77.87 18.55 -41.41
CA VAL D 135 -76.96 18.86 -42.51
C VAL D 135 -75.63 18.21 -42.24
N VAL D 136 -75.13 17.44 -43.20
CA VAL D 136 -73.92 16.66 -42.99
C VAL D 136 -72.78 17.12 -43.86
N CYS D 137 -71.62 17.33 -43.23
CA CYS D 137 -70.40 17.66 -43.94
C CYS D 137 -69.40 16.51 -43.82
N LEU D 138 -68.96 16.00 -44.96
CA LEU D 138 -68.09 14.83 -44.97
C LEU D 138 -66.64 15.15 -45.34
N LEU D 139 -65.73 14.85 -44.43
CA LEU D 139 -64.30 14.90 -44.72
C LEU D 139 -63.80 13.49 -44.93
N ASN D 140 -63.39 13.18 -46.15
CA ASN D 140 -63.09 11.81 -46.52
C ASN D 140 -61.60 11.51 -46.75
N ASN D 141 -61.12 10.46 -46.10
CA ASN D 141 -59.76 9.96 -46.31
C ASN D 141 -58.69 11.05 -46.22
N PHE D 142 -58.44 11.54 -45.02
CA PHE D 142 -57.44 12.60 -44.84
C PHE D 142 -56.42 12.24 -43.76
N TYR D 143 -55.29 12.95 -43.78
CA TYR D 143 -54.25 12.80 -42.77
C TYR D 143 -53.34 14.03 -42.74
N PRO D 144 -52.92 14.46 -41.54
CA PRO D 144 -53.23 13.85 -40.25
C PRO D 144 -54.67 14.13 -39.81
N ARG D 145 -55.01 13.71 -38.59
CA ARG D 145 -56.38 13.82 -38.11
C ARG D 145 -56.81 15.25 -37.87
N GLU D 146 -55.87 16.10 -37.47
CA GLU D 146 -56.20 17.47 -37.10
C GLU D 146 -56.80 18.22 -38.28
N ALA D 147 -57.98 18.79 -38.06
CA ALA D 147 -58.68 19.56 -39.07
C ALA D 147 -59.75 20.41 -38.41
N LYS D 148 -60.12 21.51 -39.05
CA LYS D 148 -61.10 22.41 -38.46
C LYS D 148 -62.27 22.56 -39.39
N VAL D 149 -63.46 22.25 -38.87
CA VAL D 149 -64.68 22.39 -39.63
C VAL D 149 -65.55 23.43 -38.97
N GLN D 150 -66.02 24.39 -39.77
CA GLN D 150 -66.90 25.41 -39.24
C GLN D 150 -68.12 25.57 -40.10
N TRP D 151 -69.27 25.57 -39.44
CA TRP D 151 -70.53 25.76 -40.13
C TRP D 151 -70.84 27.24 -40.16
N LYS D 152 -71.11 27.74 -41.35
CA LYS D 152 -71.49 29.13 -41.51
C LYS D 152 -72.85 29.17 -42.16
N VAL D 153 -73.84 29.66 -41.41
CA VAL D 153 -75.18 29.81 -41.93
C VAL D 153 -75.38 31.27 -42.29
N ASP D 154 -75.49 31.54 -43.59
CA ASP D 154 -75.52 32.90 -44.09
C ASP D 154 -74.27 33.66 -43.64
N ASN D 155 -73.12 32.96 -43.66
CA ASN D 155 -71.84 33.57 -43.30
C ASN D 155 -71.71 33.83 -41.81
N ALA D 156 -72.68 33.35 -41.05
CA ALA D 156 -72.66 33.45 -39.59
C ALA D 156 -72.12 32.16 -38.96
N LEU D 157 -71.31 32.31 -37.91
CA LEU D 157 -70.72 31.16 -37.24
C LEU D 157 -71.72 30.49 -36.31
N GLN D 158 -71.63 29.17 -36.23
CA GLN D 158 -72.53 28.36 -35.43
C GLN D 158 -71.82 27.75 -34.23
N SER D 159 -72.57 27.50 -33.17
CA SER D 159 -72.03 26.86 -31.98
C SER D 159 -73.09 26.06 -31.23
N GLY D 160 -72.77 24.80 -30.92
CA GLY D 160 -73.60 24.00 -30.06
C GLY D 160 -74.63 23.16 -30.78
N ASN D 161 -74.69 23.27 -32.10
CA ASN D 161 -75.66 22.52 -32.86
C ASN D 161 -75.04 21.59 -33.90
N SER D 162 -73.78 21.23 -33.68
CA SER D 162 -73.11 20.28 -34.57
C SER D 162 -72.32 19.26 -33.76
N GLN D 163 -72.21 18.06 -34.30
CA GLN D 163 -71.45 17.01 -33.65
C GLN D 163 -70.56 16.32 -34.67
N GLU D 164 -69.33 16.02 -34.26
CA GLU D 164 -68.37 15.40 -35.16
C GLU D 164 -68.24 13.93 -34.77
N SER D 165 -67.97 13.09 -35.77
CA SER D 165 -67.69 11.70 -35.52
C SER D 165 -66.63 11.26 -36.51
N VAL D 166 -65.62 10.58 -36.02
CA VAL D 166 -64.49 10.21 -36.87
C VAL D 166 -64.27 8.72 -36.83
N THR D 167 -63.89 8.17 -37.97
CA THR D 167 -63.65 6.75 -38.08
C THR D 167 -62.26 6.45 -37.54
N GLU D 168 -62.00 5.18 -37.26
CA GLU D 168 -60.64 4.78 -36.90
C GLU D 168 -59.80 4.82 -38.18
N GLN D 169 -58.48 4.79 -38.04
CA GLN D 169 -57.61 4.79 -39.21
C GLN D 169 -57.94 3.64 -40.14
N ASP D 170 -58.05 3.92 -41.44
CA ASP D 170 -58.36 2.89 -42.43
C ASP D 170 -57.24 1.85 -42.50
N SER D 171 -57.61 0.58 -42.53
CA SER D 171 -56.63 -0.50 -42.51
C SER D 171 -55.83 -0.59 -43.80
N LYS D 172 -56.31 0.07 -44.85
CA LYS D 172 -55.68 -0.01 -46.16
C LYS D 172 -54.69 1.13 -46.41
N ASP D 173 -55.06 2.34 -45.99
CA ASP D 173 -54.25 3.51 -46.31
C ASP D 173 -53.97 4.42 -45.10
N SER D 174 -54.42 4.00 -43.92
CA SER D 174 -54.10 4.68 -42.66
C SER D 174 -54.62 6.11 -42.58
N THR D 175 -55.68 6.40 -43.33
CA THR D 175 -56.29 7.72 -43.31
C THR D 175 -57.52 7.77 -42.40
N TYR D 176 -57.95 8.98 -42.08
CA TYR D 176 -59.19 9.18 -41.33
C TYR D 176 -60.32 9.67 -42.23
N SER D 177 -61.55 9.46 -41.77
CA SER D 177 -62.72 10.11 -42.36
C SER D 177 -63.56 10.71 -41.24
N LEU D 178 -64.23 11.81 -41.55
CA LEU D 178 -64.94 12.58 -40.53
C LEU D 178 -66.29 13.09 -41.01
N SER D 179 -67.28 13.01 -40.13
CA SER D 179 -68.58 13.56 -40.41
C SER D 179 -68.91 14.63 -39.38
N SER D 180 -69.32 15.80 -39.87
CA SER D 180 -69.81 16.86 -39.00
C SER D 180 -71.30 17.03 -39.30
N THR D 181 -72.13 16.94 -38.27
CA THR D 181 -73.57 17.00 -38.46
C THR D 181 -74.20 18.18 -37.74
N LEU D 182 -74.75 19.09 -38.54
CA LEU D 182 -75.48 20.24 -38.02
C LEU D 182 -76.97 19.92 -37.95
N THR D 183 -77.54 19.98 -36.75
CA THR D 183 -78.95 19.64 -36.56
C THR D 183 -79.78 20.87 -36.17
N LEU D 184 -80.76 21.22 -36.99
CA LEU D 184 -81.64 22.32 -36.65
C LEU D 184 -83.09 21.87 -36.72
N SER D 185 -83.96 22.56 -35.99
CA SER D 185 -85.39 22.32 -36.12
C SER D 185 -85.82 22.85 -37.49
N LYS D 186 -86.94 22.34 -37.99
CA LYS D 186 -87.43 22.76 -39.30
C LYS D 186 -87.69 24.25 -39.34
N ALA D 187 -88.04 24.83 -38.20
CA ALA D 187 -88.31 26.26 -38.10
C ALA D 187 -87.05 27.09 -38.32
N ASP D 188 -86.03 26.82 -37.53
CA ASP D 188 -84.76 27.54 -37.63
C ASP D 188 -84.06 27.29 -38.96
N TYR D 189 -84.24 26.10 -39.52
CA TYR D 189 -83.60 25.76 -40.79
C TYR D 189 -84.17 26.63 -41.90
N GLU D 190 -85.47 26.90 -41.83
CA GLU D 190 -86.17 27.67 -42.86
C GLU D 190 -86.03 29.17 -42.64
N LYS D 191 -85.26 29.55 -41.63
CA LYS D 191 -84.99 30.96 -41.39
C LYS D 191 -83.86 31.44 -42.30
N HIS D 192 -82.80 30.65 -42.42
CA HIS D 192 -81.66 31.04 -43.23
C HIS D 192 -81.67 30.28 -44.56
N LYS D 193 -80.88 30.74 -45.52
CA LYS D 193 -80.91 30.17 -46.86
C LYS D 193 -79.60 29.43 -47.16
N VAL D 194 -78.47 30.10 -46.98
CA VAL D 194 -77.17 29.55 -47.35
C VAL D 194 -76.54 28.72 -46.23
N TYR D 195 -76.22 27.47 -46.53
CA TYR D 195 -75.53 26.61 -45.56
C TYR D 195 -74.20 26.14 -46.12
N ALA D 196 -73.14 26.53 -45.43
CA ALA D 196 -71.80 26.26 -45.91
C ALA D 196 -70.96 25.62 -44.84
N CYS D 197 -70.14 24.67 -45.26
CA CYS D 197 -69.21 24.02 -44.37
C CYS D 197 -67.80 24.39 -44.83
N GLU D 198 -67.01 24.99 -43.95
CA GLU D 198 -65.63 25.39 -44.29
C GLU D 198 -64.62 24.44 -43.65
N VAL D 199 -63.80 23.81 -44.48
CA VAL D 199 -62.83 22.81 -44.02
C VAL D 199 -61.40 23.33 -44.11
N THR D 200 -60.74 23.39 -42.95
CA THR D 200 -59.33 23.76 -42.88
C THR D 200 -58.46 22.57 -42.53
N HIS D 201 -57.51 22.24 -43.40
CA HIS D 201 -56.61 21.11 -43.16
C HIS D 201 -55.25 21.44 -43.73
N GLN D 202 -54.21 20.85 -43.13
CA GLN D 202 -52.83 21.11 -43.51
C GLN D 202 -52.51 20.67 -44.94
N GLY D 203 -53.24 19.65 -45.40
CA GLY D 203 -53.07 19.13 -46.75
C GLY D 203 -53.69 19.97 -47.85
N LEU D 204 -54.46 21.00 -47.46
CA LEU D 204 -55.14 21.88 -48.41
C LEU D 204 -54.50 23.27 -48.56
N SER D 205 -54.35 23.73 -49.80
CA SER D 205 -53.80 25.07 -50.08
C SER D 205 -54.81 26.19 -49.88
N SER D 206 -55.36 26.27 -48.66
CA SER D 206 -56.34 27.28 -48.22
C SER D 206 -57.63 26.54 -47.96
N PRO D 207 -58.49 27.07 -47.08
CA PRO D 207 -59.68 26.32 -46.68
C PRO D 207 -60.63 26.05 -47.84
N VAL D 208 -61.18 24.84 -47.89
CA VAL D 208 -62.17 24.48 -48.89
C VAL D 208 -63.58 24.62 -48.30
N THR D 209 -64.50 25.15 -49.09
CA THR D 209 -65.86 25.41 -48.60
C THR D 209 -66.92 24.83 -49.50
N LYS D 210 -67.66 23.85 -48.97
CA LYS D 210 -68.83 23.34 -49.66
C LYS D 210 -70.10 23.96 -49.10
N SER D 211 -71.06 24.28 -49.98
CA SER D 211 -72.28 24.95 -49.55
C SER D 211 -73.45 24.65 -50.49
N PHE D 212 -74.64 25.02 -50.04
CA PHE D 212 -75.87 24.88 -50.82
C PHE D 212 -76.92 25.86 -50.33
N ASN D 213 -77.86 26.21 -51.20
CA ASN D 213 -78.98 27.06 -50.80
C ASN D 213 -80.25 26.26 -50.58
N ARG D 214 -81.01 26.67 -49.56
CA ARG D 214 -82.21 25.95 -49.13
C ARG D 214 -83.21 25.86 -50.28
N GLY D 215 -83.59 24.64 -50.64
CA GLY D 215 -84.55 24.42 -51.70
C GLY D 215 -84.06 24.77 -53.09
N GLU D 216 -82.80 24.42 -53.38
CA GLU D 216 -82.20 24.68 -54.68
C GLU D 216 -81.96 23.37 -55.42
N CYS D 217 -82.79 22.37 -55.08
CA CYS D 217 -82.72 21.04 -55.65
C CYS D 217 -81.33 20.42 -55.42
N GLU E 4 -15.51 -20.79 38.20
CA GLU E 4 -16.25 -21.86 38.86
C GLU E 4 -17.40 -21.29 39.70
N VAL E 5 -18.46 -22.08 39.84
CA VAL E 5 -19.63 -21.63 40.58
C VAL E 5 -19.37 -21.66 42.08
N GLN E 6 -19.57 -20.53 42.74
CA GLN E 6 -19.47 -20.51 44.19
C GLN E 6 -20.28 -19.38 44.83
N LEU E 7 -20.71 -19.63 46.06
CA LEU E 7 -21.42 -18.66 46.87
C LEU E 7 -20.63 -18.40 48.14
N VAL E 8 -20.60 -17.16 48.60
CA VAL E 8 -19.87 -16.82 49.82
C VAL E 8 -20.70 -16.00 50.80
N GLU E 9 -20.99 -16.60 51.95
CA GLU E 9 -21.72 -15.89 53.00
C GLU E 9 -20.84 -14.94 53.79
N SER E 10 -21.46 -13.89 54.32
CA SER E 10 -20.81 -12.96 55.23
C SER E 10 -21.86 -12.22 56.05
N GLY E 11 -21.45 -11.62 57.17
CA GLY E 11 -22.38 -10.85 57.96
C GLY E 11 -22.63 -11.46 59.32
N GLY E 12 -22.32 -12.76 59.45
CA GLY E 12 -22.53 -13.45 60.71
C GLY E 12 -21.76 -12.80 61.84
N GLY E 13 -22.36 -12.79 63.02
CA GLY E 13 -21.73 -12.20 64.18
C GLY E 13 -22.62 -12.25 65.39
N LEU E 14 -22.27 -11.47 66.40
CA LEU E 14 -23.03 -11.46 67.64
C LEU E 14 -24.04 -10.31 67.71
N VAL E 15 -25.29 -10.65 67.99
CA VAL E 15 -26.32 -9.64 68.18
C VAL E 15 -27.17 -9.99 69.39
N GLN E 16 -27.81 -8.97 69.97
CA GLN E 16 -28.60 -9.18 71.17
C GLN E 16 -29.99 -9.66 70.78
N PRO E 17 -30.62 -10.45 71.64
CA PRO E 17 -32.00 -10.91 71.40
C PRO E 17 -32.92 -9.72 71.14
N GLY E 18 -33.67 -9.78 70.05
CA GLY E 18 -34.57 -8.71 69.65
C GLY E 18 -33.89 -7.76 68.67
N GLY E 19 -32.60 -7.99 68.44
CA GLY E 19 -31.81 -7.12 67.58
C GLY E 19 -31.85 -7.53 66.13
N SER E 20 -31.21 -6.72 65.29
CA SER E 20 -31.19 -7.00 63.86
C SER E 20 -29.78 -7.38 63.40
N LEU E 21 -29.71 -8.10 62.28
CA LEU E 21 -28.44 -8.49 61.67
C LEU E 21 -28.69 -8.79 60.21
N ARG E 22 -27.80 -8.34 59.33
CA ARG E 22 -27.97 -8.50 57.88
C ARG E 22 -26.93 -9.43 57.28
N LEU E 23 -27.37 -10.53 56.67
CA LEU E 23 -26.46 -11.47 56.02
C LEU E 23 -26.36 -11.22 54.52
N SER E 24 -25.19 -11.50 53.95
CA SER E 24 -24.98 -11.37 52.51
C SER E 24 -24.50 -12.69 51.88
N CYS E 25 -24.92 -12.93 50.65
CA CYS E 25 -24.48 -14.10 49.92
C CYS E 25 -24.03 -13.66 48.52
N ALA E 26 -22.72 -13.52 48.34
CA ALA E 26 -22.15 -13.02 47.09
C ALA E 26 -21.90 -14.16 46.12
N ALA E 27 -22.41 -14.02 44.91
CA ALA E 27 -22.30 -15.09 43.91
C ALA E 27 -21.26 -14.78 42.86
N SER E 28 -20.62 -15.84 42.36
CA SER E 28 -19.70 -15.74 41.24
C SER E 28 -19.77 -16.99 40.38
N GLY E 29 -19.49 -16.83 39.09
CA GLY E 29 -19.52 -17.94 38.17
C GLY E 29 -20.87 -18.13 37.50
N PHE E 30 -21.86 -17.36 37.95
CA PHE E 30 -23.19 -17.44 37.35
C PHE E 30 -23.97 -16.15 37.63
N ASN E 31 -24.93 -15.84 36.78
CA ASN E 31 -25.73 -14.64 36.94
C ASN E 31 -26.94 -14.91 37.81
N LEU E 32 -27.02 -14.20 38.93
CA LEU E 32 -28.00 -14.50 39.96
C LEU E 32 -29.45 -14.28 39.56
N TYR E 33 -29.70 -13.49 38.51
CA TYR E 33 -31.08 -13.20 38.08
C TYR E 33 -31.82 -14.43 37.54
N TYR E 34 -31.10 -15.25 36.78
CA TYR E 34 -31.71 -16.38 36.10
C TYR E 34 -31.79 -17.62 37.01
N TYR E 35 -31.39 -17.44 38.27
CA TYR E 35 -31.39 -18.53 39.23
C TYR E 35 -32.18 -18.18 40.49
N SER E 36 -32.32 -19.17 41.37
CA SER E 36 -32.95 -18.97 42.66
C SER E 36 -31.94 -19.13 43.77
N ILE E 37 -32.08 -18.33 44.83
CA ILE E 37 -31.16 -18.42 45.96
C ILE E 37 -31.91 -18.75 47.23
N HIS E 38 -31.34 -19.62 48.04
CA HIS E 38 -32.04 -20.13 49.21
C HIS E 38 -31.19 -20.03 50.48
N TRP E 39 -31.83 -19.70 51.58
CA TRP E 39 -31.16 -19.74 52.87
C TRP E 39 -31.61 -20.93 53.70
N VAL E 40 -30.64 -21.73 54.13
CA VAL E 40 -30.90 -22.89 54.99
C VAL E 40 -30.02 -22.80 56.21
N ARG E 41 -30.61 -22.87 57.40
CA ARG E 41 -29.84 -22.75 58.62
C ARG E 41 -29.80 -24.05 59.40
N GLN E 42 -28.84 -24.13 60.32
CA GLN E 42 -28.67 -25.32 61.12
C GLN E 42 -28.21 -24.95 62.52
N ALA E 43 -29.14 -25.02 63.47
CA ALA E 43 -28.84 -24.76 64.86
C ALA E 43 -27.93 -25.85 65.40
N PRO E 44 -27.20 -25.56 66.49
CA PRO E 44 -26.26 -26.52 67.07
C PRO E 44 -26.92 -27.85 67.38
N GLY E 45 -26.42 -28.92 66.76
CA GLY E 45 -26.92 -30.26 67.01
C GLY E 45 -28.26 -30.54 66.37
N LYS E 46 -28.76 -29.62 65.56
CA LYS E 46 -30.05 -29.83 64.92
C LYS E 46 -29.85 -30.09 63.43
N GLY E 47 -30.95 -30.34 62.72
CA GLY E 47 -30.85 -30.65 61.31
C GLY E 47 -30.95 -29.42 60.44
N LEU E 48 -31.11 -29.64 59.13
CA LEU E 48 -31.19 -28.54 58.20
C LEU E 48 -32.59 -27.97 58.19
N GLU E 49 -32.69 -26.64 58.18
CA GLU E 49 -33.98 -25.97 58.13
C GLU E 49 -33.94 -24.87 57.08
N TRP E 50 -34.68 -25.07 55.99
CA TRP E 50 -34.86 -24.02 55.01
C TRP E 50 -35.60 -22.87 55.66
N VAL E 51 -35.14 -21.63 55.40
CA VAL E 51 -35.74 -20.47 56.03
C VAL E 51 -36.31 -19.50 55.00
N ALA E 52 -35.64 -19.36 53.87
CA ALA E 52 -36.08 -18.42 52.85
C ALA E 52 -35.52 -18.76 51.48
N SER E 53 -36.28 -18.39 50.44
CA SER E 53 -35.86 -18.57 49.06
C SER E 53 -36.29 -17.37 48.22
N ILE E 54 -35.52 -17.06 47.18
CA ILE E 54 -35.90 -15.97 46.27
C ILE E 54 -35.64 -16.30 44.80
N SER E 55 -36.60 -15.97 43.94
CA SER E 55 -36.42 -16.06 42.50
C SER E 55 -36.56 -14.67 41.90
N PRO E 56 -35.42 -14.00 41.67
CA PRO E 56 -35.42 -12.63 41.13
C PRO E 56 -36.07 -12.57 39.75
N TYR E 57 -35.97 -13.67 39.00
CA TYR E 57 -36.48 -13.72 37.64
C TYR E 57 -38.01 -13.68 37.60
N SER E 58 -38.64 -14.12 38.68
CA SER E 58 -40.10 -14.13 38.77
C SER E 58 -40.62 -13.20 39.86
N SER E 59 -39.72 -12.44 40.48
CA SER E 59 -40.07 -11.52 41.57
C SER E 59 -40.72 -12.25 42.75
N SER E 60 -40.50 -13.55 42.84
CA SER E 60 -41.14 -14.33 43.88
C SER E 60 -40.25 -14.62 45.09
N THR E 61 -40.83 -14.58 46.28
CA THR E 61 -40.14 -14.98 47.50
C THR E 61 -41.03 -15.85 48.40
N SER E 62 -40.41 -16.68 49.22
CA SER E 62 -41.15 -17.55 50.14
C SER E 62 -40.33 -17.76 51.42
N TYR E 63 -41.04 -17.93 52.53
CA TYR E 63 -40.41 -18.03 53.85
C TYR E 63 -40.98 -19.19 54.70
N ALA E 64 -40.15 -19.76 55.55
CA ALA E 64 -40.63 -20.69 56.56
C ALA E 64 -41.40 -19.91 57.62
N ASP E 65 -42.45 -20.50 58.18
CA ASP E 65 -43.31 -19.81 59.13
C ASP E 65 -42.56 -19.32 60.36
N SER E 66 -41.47 -19.99 60.70
CA SER E 66 -40.68 -19.65 61.88
C SER E 66 -39.99 -18.29 61.76
N VAL E 67 -39.79 -17.83 60.53
CA VAL E 67 -39.07 -16.59 60.30
C VAL E 67 -39.85 -15.63 59.41
N LYS E 68 -41.08 -16.01 59.07
CA LYS E 68 -41.86 -15.33 58.03
C LYS E 68 -42.05 -13.82 58.20
N GLY E 69 -42.49 -13.38 59.36
CA GLY E 69 -42.72 -11.96 59.57
C GLY E 69 -41.49 -11.20 59.99
N ARG E 70 -40.44 -11.95 60.30
CA ARG E 70 -39.22 -11.39 60.88
C ARG E 70 -38.07 -11.32 59.87
N PHE E 71 -38.01 -12.29 58.97
CA PHE E 71 -36.94 -12.32 57.99
C PHE E 71 -37.44 -11.81 56.64
N THR E 72 -36.55 -11.18 55.89
CA THR E 72 -36.84 -10.72 54.53
C THR E 72 -35.63 -10.97 53.65
N ILE E 73 -35.85 -11.72 52.57
CA ILE E 73 -34.77 -12.08 51.66
C ILE E 73 -34.83 -11.19 50.44
N SER E 74 -33.67 -10.79 49.93
CA SER E 74 -33.62 -9.89 48.79
C SER E 74 -32.35 -10.10 47.98
N ALA E 75 -32.26 -9.41 46.85
CA ALA E 75 -31.09 -9.52 45.99
C ALA E 75 -30.80 -8.20 45.26
N ASP E 76 -29.51 -7.93 45.06
CA ASP E 76 -29.09 -6.78 44.26
C ASP E 76 -28.35 -7.35 43.06
N THR E 77 -29.02 -7.39 41.93
CA THR E 77 -28.49 -8.02 40.73
C THR E 77 -27.30 -7.27 40.13
N SER E 78 -27.21 -5.97 40.35
CA SER E 78 -26.11 -5.18 39.81
C SER E 78 -24.77 -5.65 40.39
N LYS E 79 -24.77 -6.02 41.67
CA LYS E 79 -23.57 -6.51 42.33
C LYS E 79 -23.57 -8.05 42.49
N ASN E 80 -24.59 -8.69 41.93
CA ASN E 80 -24.71 -10.14 41.94
C ASN E 80 -24.67 -10.71 43.35
N THR E 81 -25.51 -10.16 44.22
CA THR E 81 -25.54 -10.56 45.62
C THR E 81 -26.96 -10.63 46.18
N ALA E 82 -27.20 -11.64 47.00
CA ALA E 82 -28.46 -11.79 47.72
C ALA E 82 -28.26 -11.44 49.20
N TYR E 83 -29.35 -11.09 49.89
CA TYR E 83 -29.27 -10.68 51.27
C TYR E 83 -30.36 -11.32 52.14
N LEU E 84 -30.08 -11.46 53.43
CA LEU E 84 -31.10 -11.90 54.39
C LEU E 84 -31.22 -10.91 55.54
N GLN E 85 -32.28 -10.12 55.55
CA GLN E 85 -32.49 -9.14 56.62
C GLN E 85 -33.25 -9.77 57.79
N MET E 86 -32.57 -9.88 58.92
CA MET E 86 -33.17 -10.50 60.10
C MET E 86 -33.49 -9.49 61.19
N ASN E 87 -34.76 -9.40 61.56
CA ASN E 87 -35.18 -8.54 62.67
C ASN E 87 -35.88 -9.37 63.75
N SER E 88 -35.98 -8.79 64.94
CA SER E 88 -36.62 -9.45 66.08
C SER E 88 -36.04 -10.83 66.30
N LEU E 89 -34.71 -10.91 66.30
CA LEU E 89 -34.02 -12.19 66.45
C LEU E 89 -34.29 -12.78 67.81
N ARG E 90 -34.29 -14.11 67.88
CA ARG E 90 -34.49 -14.81 69.15
C ARG E 90 -33.34 -15.80 69.34
N ALA E 91 -33.19 -16.30 70.57
CA ALA E 91 -32.14 -17.28 70.87
C ALA E 91 -32.28 -18.49 69.98
N GLU E 92 -33.52 -18.84 69.67
CA GLU E 92 -33.85 -19.99 68.83
C GLU E 92 -33.24 -19.86 67.44
N ASP E 93 -32.97 -18.63 67.03
CA ASP E 93 -32.46 -18.35 65.68
C ASP E 93 -30.94 -18.50 65.58
N THR E 94 -30.29 -18.76 66.71
CA THR E 94 -28.86 -18.99 66.72
C THR E 94 -28.52 -20.26 65.91
N ALA E 95 -27.68 -20.09 64.89
CA ALA E 95 -27.38 -21.20 64.00
C ALA E 95 -26.37 -20.82 62.93
N VAL E 96 -25.87 -21.81 62.21
CA VAL E 96 -25.09 -21.56 61.00
C VAL E 96 -26.02 -21.30 59.81
N TYR E 97 -25.78 -20.19 59.12
CA TYR E 97 -26.60 -19.83 57.98
C TYR E 97 -25.89 -20.09 56.65
N TYR E 98 -26.44 -21.03 55.89
CA TYR E 98 -25.95 -21.32 54.55
C TYR E 98 -26.82 -20.64 53.52
N CYS E 99 -26.20 -20.24 52.42
CA CYS E 99 -26.93 -19.85 51.24
C CYS E 99 -26.59 -20.89 50.18
N ALA E 100 -27.56 -21.18 49.33
CA ALA E 100 -27.41 -22.21 48.31
C ALA E 100 -28.18 -21.80 47.08
N ARG E 101 -27.82 -22.40 45.97
CA ARG E 101 -28.41 -22.05 44.71
C ARG E 101 -29.39 -23.09 44.21
N GLY E 102 -30.43 -22.61 43.54
CA GLY E 102 -31.43 -23.46 42.92
C GLY E 102 -31.53 -23.06 41.47
N ARG E 103 -32.13 -23.95 40.68
CA ARG E 103 -32.33 -23.70 39.26
C ARG E 103 -33.81 -23.43 38.99
N TRP E 104 -34.11 -22.68 37.95
CA TRP E 104 -35.50 -22.31 37.68
C TRP E 104 -36.32 -23.58 37.40
N TYR E 105 -35.68 -24.58 36.82
CA TYR E 105 -36.36 -25.86 36.53
C TYR E 105 -36.09 -26.96 37.56
N ARG E 106 -35.34 -26.66 38.60
CA ARG E 106 -34.97 -27.70 39.54
C ARG E 106 -34.62 -27.07 40.86
N ARG E 107 -35.56 -27.13 41.79
CA ARG E 107 -35.40 -26.47 43.08
C ARG E 107 -34.62 -27.35 44.04
N ALA E 108 -33.65 -28.09 43.50
CA ALA E 108 -32.67 -28.80 44.31
C ALA E 108 -31.47 -27.88 44.51
N LEU E 109 -30.79 -28.02 45.64
CA LEU E 109 -29.71 -27.10 46.01
C LEU E 109 -28.34 -27.68 45.68
N ASP E 110 -27.73 -27.20 44.59
CA ASP E 110 -26.51 -27.79 44.07
C ASP E 110 -25.19 -27.13 44.52
N TYR E 111 -25.22 -25.84 44.78
CA TYR E 111 -24.05 -25.10 45.24
C TYR E 111 -24.31 -24.44 46.58
N TRP E 112 -23.40 -24.67 47.54
CA TRP E 112 -23.53 -24.11 48.88
C TRP E 112 -22.34 -23.26 49.27
N GLY E 113 -22.58 -22.25 50.09
CA GLY E 113 -21.51 -21.48 50.69
C GLY E 113 -20.93 -22.25 51.86
N GLN E 114 -19.91 -21.69 52.49
CA GLN E 114 -19.25 -22.36 53.60
C GLN E 114 -20.05 -22.22 54.88
N GLY E 115 -20.99 -21.27 54.88
CA GLY E 115 -21.82 -21.02 56.04
C GLY E 115 -21.32 -19.83 56.84
N THR E 116 -22.24 -19.11 57.48
CA THR E 116 -21.87 -17.99 58.34
C THR E 116 -22.59 -18.08 59.69
N LEU E 117 -21.85 -17.85 60.78
CA LEU E 117 -22.39 -18.07 62.11
C LEU E 117 -23.13 -16.88 62.71
N VAL E 118 -24.35 -17.14 63.19
CA VAL E 118 -25.17 -16.13 63.84
C VAL E 118 -25.41 -16.53 65.30
N THR E 119 -25.00 -15.65 66.21
CA THR E 119 -25.14 -15.92 67.62
C THR E 119 -26.06 -14.89 68.29
N VAL E 120 -27.16 -15.37 68.86
CA VAL E 120 -28.08 -14.47 69.53
C VAL E 120 -28.05 -14.73 71.03
N SER E 121 -27.45 -13.80 71.77
CA SER E 121 -27.36 -13.89 73.22
C SER E 121 -26.97 -12.55 73.82
N SER E 122 -27.46 -12.27 75.02
CA SER E 122 -27.12 -11.05 75.73
C SER E 122 -25.78 -11.19 76.45
N ALA E 123 -25.17 -12.37 76.33
CA ALA E 123 -23.92 -12.65 77.03
C ALA E 123 -22.78 -11.76 76.55
N SER E 124 -21.94 -11.33 77.49
CA SER E 124 -20.80 -10.50 77.18
C SER E 124 -19.54 -11.34 77.00
N THR E 125 -18.57 -10.81 76.26
CA THR E 125 -17.31 -11.52 76.04
C THR E 125 -16.62 -11.75 77.38
N LYS E 126 -16.29 -13.01 77.66
CA LYS E 126 -15.68 -13.36 78.94
C LYS E 126 -14.80 -14.60 78.82
N GLY E 127 -13.65 -14.56 79.50
CA GLY E 127 -12.73 -15.69 79.50
C GLY E 127 -13.18 -16.76 80.48
N PRO E 128 -12.75 -18.01 80.24
CA PRO E 128 -13.17 -19.16 81.04
C PRO E 128 -12.41 -19.29 82.35
N SER E 129 -12.99 -20.04 83.28
CA SER E 129 -12.25 -20.50 84.45
C SER E 129 -11.90 -21.95 84.22
N VAL E 130 -10.66 -22.33 84.51
CA VAL E 130 -10.24 -23.71 84.34
C VAL E 130 -10.03 -24.38 85.70
N PHE E 131 -10.79 -25.45 85.94
CA PHE E 131 -10.69 -26.21 87.18
C PHE E 131 -10.23 -27.63 86.89
N PRO E 132 -9.43 -28.21 87.79
CA PRO E 132 -8.91 -29.56 87.57
C PRO E 132 -9.95 -30.64 87.85
N LEU E 133 -9.96 -31.68 87.01
CA LEU E 133 -10.69 -32.90 87.32
C LEU E 133 -9.63 -33.89 87.82
N ALA E 134 -9.32 -33.82 89.11
CA ALA E 134 -8.19 -34.55 89.66
C ALA E 134 -8.42 -36.05 89.64
N PRO E 135 -7.37 -36.78 89.24
CA PRO E 135 -7.37 -38.25 89.17
C PRO E 135 -7.43 -38.86 90.55
N SER E 136 -8.19 -39.93 90.72
CA SER E 136 -8.23 -40.59 92.01
C SER E 136 -6.87 -41.25 92.19
N SER E 137 -6.36 -41.28 93.42
CA SER E 137 -5.04 -41.86 93.66
C SER E 137 -5.06 -43.39 93.63
N LYS E 138 -6.20 -43.97 94.01
CA LYS E 138 -6.31 -45.41 94.17
C LYS E 138 -7.38 -46.11 93.34
N SER E 139 -8.47 -45.43 93.03
CA SER E 139 -9.64 -46.08 92.44
C SER E 139 -9.37 -46.89 91.17
N THR E 140 -8.92 -46.20 90.12
CA THR E 140 -8.66 -46.86 88.85
C THR E 140 -9.99 -47.43 88.36
N SER E 141 -10.99 -46.55 88.21
CA SER E 141 -12.36 -46.94 87.92
C SER E 141 -12.55 -47.64 86.56
N GLY E 142 -12.03 -48.86 86.46
CA GLY E 142 -12.09 -49.63 85.24
C GLY E 142 -11.00 -49.24 84.27
N GLY E 143 -9.99 -50.07 84.16
CA GLY E 143 -8.89 -49.84 83.23
C GLY E 143 -7.74 -49.09 83.87
N THR E 144 -7.49 -47.88 83.36
CA THR E 144 -6.47 -47.01 83.92
C THR E 144 -7.05 -45.99 84.88
N ALA E 145 -6.53 -44.76 84.83
CA ALA E 145 -7.01 -43.66 85.66
C ALA E 145 -7.40 -42.47 84.78
N ALA E 146 -8.44 -41.75 85.18
CA ALA E 146 -8.92 -40.60 84.41
C ALA E 146 -8.68 -39.28 85.12
N LEU E 147 -8.27 -38.27 84.35
CA LEU E 147 -8.12 -36.91 84.86
C LEU E 147 -8.43 -35.93 83.73
N GLY E 148 -8.63 -34.66 84.05
CA GLY E 148 -8.94 -33.67 83.04
C GLY E 148 -9.10 -32.25 83.52
N CYS E 149 -9.60 -31.40 82.63
CA CYS E 149 -9.85 -29.99 82.95
C CYS E 149 -11.27 -29.58 82.60
N LEU E 150 -11.92 -28.89 83.54
CA LEU E 150 -13.21 -28.30 83.29
C LEU E 150 -13.02 -26.83 82.91
N VAL E 151 -13.38 -26.48 81.68
CA VAL E 151 -13.30 -25.10 81.21
C VAL E 151 -14.69 -24.47 81.25
N LYS E 152 -14.94 -23.64 82.26
CA LYS E 152 -16.30 -23.22 82.57
C LYS E 152 -16.57 -21.71 82.39
N ASP E 153 -17.78 -21.40 81.93
CA ASP E 153 -18.26 -20.02 81.86
C ASP E 153 -17.48 -19.12 80.92
N TYR E 154 -17.48 -19.44 79.63
CA TYR E 154 -16.85 -18.58 78.62
C TYR E 154 -17.80 -18.23 77.48
N PHE E 155 -17.44 -17.18 76.75
CA PHE E 155 -18.24 -16.71 75.63
C PHE E 155 -17.46 -15.66 74.85
N PRO E 156 -17.55 -15.72 73.51
CA PRO E 156 -18.31 -16.75 72.79
C PRO E 156 -17.46 -17.99 72.50
N GLU E 157 -17.98 -18.85 71.63
CA GLU E 157 -17.22 -19.98 71.12
C GLU E 157 -16.06 -19.44 70.25
N PRO E 158 -15.01 -20.24 70.05
CA PRO E 158 -14.79 -21.58 70.60
C PRO E 158 -13.74 -21.61 71.69
N VAL E 159 -13.46 -22.79 72.21
CA VAL E 159 -12.32 -23.01 73.11
C VAL E 159 -11.56 -24.25 72.65
N THR E 160 -10.24 -24.13 72.57
CA THR E 160 -9.40 -25.26 72.22
C THR E 160 -8.51 -25.66 73.40
N VAL E 161 -8.39 -26.96 73.63
CA VAL E 161 -7.62 -27.46 74.76
C VAL E 161 -6.48 -28.36 74.31
N SER E 162 -5.36 -28.27 75.00
CA SER E 162 -4.21 -29.12 74.71
C SER E 162 -3.75 -29.81 75.98
N TRP E 163 -2.79 -30.73 75.84
CA TRP E 163 -2.23 -31.41 76.99
C TRP E 163 -0.72 -31.54 76.87
N ASN E 164 -0.02 -31.01 77.86
CA ASN E 164 1.44 -31.00 77.87
C ASN E 164 2.01 -30.40 76.60
N SER E 165 1.44 -29.27 76.17
CA SER E 165 1.91 -28.58 74.98
C SER E 165 1.89 -29.48 73.75
N GLY E 166 0.95 -30.41 73.72
CA GLY E 166 0.74 -31.24 72.55
C GLY E 166 1.39 -32.60 72.61
N ALA E 167 2.16 -32.84 73.67
CA ALA E 167 2.88 -34.10 73.79
C ALA E 167 1.94 -35.26 74.12
N LEU E 168 0.89 -34.96 74.90
CA LEU E 168 -0.06 -35.99 75.27
C LEU E 168 -1.34 -35.88 74.46
N THR E 169 -1.54 -36.81 73.52
CA THR E 169 -2.71 -36.80 72.65
C THR E 169 -3.47 -38.11 72.76
N SER E 170 -2.74 -39.17 73.08
CA SER E 170 -3.35 -40.50 73.18
C SER E 170 -4.23 -40.60 74.41
N GLY E 171 -5.49 -41.00 74.22
CA GLY E 171 -6.44 -41.16 75.30
C GLY E 171 -7.25 -39.92 75.59
N VAL E 172 -6.99 -38.85 74.85
CA VAL E 172 -7.65 -37.56 75.08
C VAL E 172 -9.05 -37.47 74.48
N HIS E 173 -10.00 -36.93 75.25
CA HIS E 173 -11.35 -36.68 74.78
C HIS E 173 -11.80 -35.28 75.18
N THR E 174 -11.88 -34.37 74.23
CA THR E 174 -12.40 -33.03 74.49
C THR E 174 -13.86 -32.97 74.06
N PHE E 175 -14.76 -32.84 75.02
CA PHE E 175 -16.18 -32.91 74.72
C PHE E 175 -16.66 -31.62 74.05
N PRO E 176 -17.71 -31.75 73.23
CA PRO E 176 -18.35 -30.58 72.61
C PRO E 176 -18.80 -29.60 73.68
N ALA E 177 -18.67 -28.31 73.42
CA ALA E 177 -19.10 -27.32 74.41
C ALA E 177 -20.59 -27.44 74.65
N VAL E 178 -21.01 -27.03 75.85
CA VAL E 178 -22.42 -27.03 76.22
C VAL E 178 -22.89 -25.62 76.54
N LEU E 179 -24.06 -25.24 76.03
CA LEU E 179 -24.58 -23.94 76.38
C LEU E 179 -25.30 -24.05 77.71
N GLN E 180 -24.77 -23.37 78.72
CA GLN E 180 -25.36 -23.42 80.05
C GLN E 180 -26.52 -22.47 80.13
N SER E 181 -27.37 -22.65 81.13
CA SER E 181 -28.54 -21.82 81.29
C SER E 181 -28.17 -20.36 81.57
N SER E 182 -26.94 -20.13 82.04
CA SER E 182 -26.49 -18.78 82.33
C SER E 182 -26.24 -17.98 81.05
N GLY E 183 -26.15 -18.70 79.94
CA GLY E 183 -25.85 -18.10 78.65
C GLY E 183 -24.39 -18.26 78.30
N LEU E 184 -23.65 -18.90 79.20
CA LEU E 184 -22.22 -19.13 78.99
C LEU E 184 -21.98 -20.57 78.59
N TYR E 185 -20.84 -20.82 77.95
CA TYR E 185 -20.49 -22.16 77.53
C TYR E 185 -19.58 -22.83 78.53
N SER E 186 -19.56 -24.16 78.48
CA SER E 186 -18.66 -24.96 79.29
C SER E 186 -18.34 -26.26 78.57
N LEU E 187 -17.11 -26.74 78.74
CA LEU E 187 -16.74 -28.06 78.23
C LEU E 187 -15.67 -28.67 79.11
N SER E 188 -15.55 -29.99 79.06
CA SER E 188 -14.52 -30.70 79.81
C SER E 188 -13.57 -31.37 78.85
N SER E 189 -12.29 -31.36 79.20
CA SER E 189 -11.31 -32.13 78.45
C SER E 189 -10.75 -33.18 79.39
N VAL E 190 -10.88 -34.45 79.01
CA VAL E 190 -10.44 -35.52 79.89
C VAL E 190 -9.37 -36.37 79.20
N VAL E 191 -8.66 -37.16 80.00
CA VAL E 191 -7.64 -38.07 79.49
C VAL E 191 -7.41 -39.21 80.47
N THR E 192 -7.14 -40.40 79.94
CA THR E 192 -6.87 -41.54 80.79
C THR E 192 -5.38 -41.86 80.71
N VAL E 193 -4.77 -42.05 81.87
CA VAL E 193 -3.34 -42.32 81.94
C VAL E 193 -3.03 -43.42 82.95
N PRO E 194 -1.82 -43.97 82.88
CA PRO E 194 -1.37 -45.00 83.82
C PRO E 194 -1.39 -44.54 85.27
N SER E 195 -1.86 -45.38 86.18
CA SER E 195 -1.89 -45.04 87.60
C SER E 195 -0.48 -44.92 88.18
N SER E 196 0.46 -45.68 87.64
CA SER E 196 1.83 -45.65 88.14
C SER E 196 2.51 -44.33 87.81
N SER E 197 2.12 -43.74 86.69
CA SER E 197 2.70 -42.49 86.23
C SER E 197 2.06 -41.25 86.89
N LEU E 198 1.14 -41.46 87.82
CA LEU E 198 0.39 -40.35 88.42
C LEU E 198 1.28 -39.34 89.13
N GLY E 199 2.17 -39.82 89.98
CA GLY E 199 3.02 -38.93 90.77
C GLY E 199 4.31 -38.54 90.07
N THR E 200 4.74 -39.35 89.09
CA THR E 200 5.99 -39.11 88.39
C THR E 200 5.81 -38.18 87.20
N GLN E 201 4.60 -38.18 86.61
CA GLN E 201 4.34 -37.40 85.40
C GLN E 201 3.48 -36.17 85.65
N THR E 202 3.81 -35.08 84.97
CA THR E 202 3.05 -33.85 85.11
C THR E 202 2.03 -33.73 83.97
N TYR E 203 0.83 -33.29 84.30
CA TYR E 203 -0.20 -33.09 83.30
C TYR E 203 -0.74 -31.67 83.32
N ILE E 204 -0.54 -30.98 82.21
CA ILE E 204 -0.97 -29.60 82.08
C ILE E 204 -1.90 -29.48 80.87
N CYS E 205 -3.13 -29.06 81.11
CA CYS E 205 -4.04 -28.77 80.01
C CYS E 205 -3.89 -27.31 79.56
N ASN E 206 -3.88 -27.08 78.26
CA ASN E 206 -3.69 -25.73 77.73
C ASN E 206 -4.95 -25.19 77.06
N VAL E 207 -5.56 -24.21 77.72
CA VAL E 207 -6.85 -23.64 77.31
C VAL E 207 -6.72 -22.22 76.75
N ASN E 208 -6.89 -22.06 75.44
CA ASN E 208 -6.71 -20.76 74.82
C ASN E 208 -8.02 -20.22 74.27
N HIS E 209 -8.58 -19.22 74.96
CA HIS E 209 -9.79 -18.57 74.49
C HIS E 209 -9.44 -17.28 73.75
N LYS E 210 -9.36 -17.38 72.42
CA LYS E 210 -8.89 -16.30 71.57
C LYS E 210 -9.75 -15.03 71.67
N PRO E 211 -11.09 -15.19 71.61
CA PRO E 211 -11.98 -14.03 71.67
C PRO E 211 -11.84 -13.20 72.95
N SER E 212 -11.07 -13.69 73.92
CA SER E 212 -10.84 -12.94 75.16
C SER E 212 -9.34 -12.75 75.43
N ASN E 213 -8.51 -13.37 74.60
CA ASN E 213 -7.06 -13.28 74.72
C ASN E 213 -6.54 -13.85 76.04
N THR E 214 -7.28 -14.78 76.62
CA THR E 214 -6.84 -15.42 77.85
C THR E 214 -6.31 -16.84 77.55
N LYS E 215 -5.06 -17.11 77.96
CA LYS E 215 -4.44 -18.41 77.75
C LYS E 215 -4.08 -18.98 79.11
N VAL E 216 -4.58 -20.17 79.41
CA VAL E 216 -4.34 -20.79 80.71
C VAL E 216 -3.72 -22.17 80.63
N ASP E 217 -2.74 -22.40 81.48
CA ASP E 217 -2.12 -23.72 81.65
C ASP E 217 -2.36 -24.18 83.07
N LYS E 218 -3.10 -25.27 83.22
CA LYS E 218 -3.46 -25.76 84.53
C LYS E 218 -2.86 -27.13 84.79
N LYS E 219 -2.03 -27.21 85.81
CA LYS E 219 -1.48 -28.50 86.19
C LYS E 219 -2.55 -29.29 86.94
N VAL E 220 -2.58 -30.60 86.74
CA VAL E 220 -3.62 -31.42 87.33
C VAL E 220 -3.00 -32.57 88.12
N GLU E 221 -2.95 -32.40 89.43
CA GLU E 221 -2.38 -33.42 90.30
C GLU E 221 -3.47 -34.03 91.19
N PRO E 222 -3.15 -35.18 91.82
CA PRO E 222 -4.07 -35.89 92.70
C PRO E 222 -4.43 -35.10 93.96
N LYS E 223 -5.23 -35.72 94.82
CA LYS E 223 -5.70 -35.09 96.05
C LYS E 223 -4.67 -35.22 97.17
N SER E 224 -4.31 -34.08 97.76
CA SER E 224 -3.42 -34.09 98.91
C SER E 224 -4.19 -34.44 100.18
N CYS E 225 -4.02 -35.67 100.68
CA CYS E 225 -4.73 -36.11 101.87
C CYS E 225 -4.12 -35.48 103.12
N ILE F 3 -47.61 -30.14 54.91
CA ILE F 3 -46.69 -31.11 54.34
C ILE F 3 -45.54 -31.42 55.29
N GLN F 4 -45.22 -32.70 55.39
CA GLN F 4 -44.13 -33.16 56.25
C GLN F 4 -43.29 -34.19 55.52
N MET F 5 -42.00 -34.25 55.87
CA MET F 5 -41.12 -35.28 55.32
C MET F 5 -40.59 -36.14 56.48
N THR F 6 -41.10 -37.36 56.60
CA THR F 6 -40.70 -38.26 57.67
C THR F 6 -39.61 -39.22 57.22
N GLN F 7 -38.39 -38.95 57.68
CA GLN F 7 -37.21 -39.74 57.33
C GLN F 7 -36.93 -40.82 58.38
N SER F 8 -36.36 -41.93 57.94
CA SER F 8 -36.08 -43.07 58.82
C SER F 8 -34.90 -43.87 58.28
N PRO F 9 -34.03 -44.35 59.18
CA PRO F 9 -34.12 -44.15 60.63
C PRO F 9 -33.41 -42.88 61.08
N SER F 10 -33.59 -42.51 62.35
CA SER F 10 -32.92 -41.33 62.88
C SER F 10 -31.43 -41.59 62.93
N SER F 11 -31.08 -42.87 63.01
CA SER F 11 -29.70 -43.29 63.07
C SER F 11 -29.61 -44.76 62.69
N LEU F 12 -28.50 -45.17 62.11
CA LEU F 12 -28.29 -46.58 61.81
C LEU F 12 -26.81 -46.91 61.79
N SER F 13 -26.48 -48.09 62.31
CA SER F 13 -25.10 -48.53 62.39
C SER F 13 -24.79 -49.50 61.26
N ALA F 14 -23.65 -49.32 60.63
CA ALA F 14 -23.29 -50.16 59.49
C ALA F 14 -21.78 -50.31 59.38
N SER F 15 -21.36 -51.29 58.58
CA SER F 15 -19.94 -51.52 58.34
C SER F 15 -19.59 -51.28 56.89
N VAL F 16 -18.31 -51.12 56.60
CA VAL F 16 -17.87 -50.93 55.22
C VAL F 16 -18.26 -52.12 54.37
N GLY F 17 -18.83 -51.85 53.20
CA GLY F 17 -19.29 -52.89 52.30
C GLY F 17 -20.76 -53.22 52.46
N ASP F 18 -21.39 -52.67 53.50
CA ASP F 18 -22.80 -52.90 53.77
C ASP F 18 -23.71 -52.18 52.77
N ARG F 19 -24.90 -52.74 52.54
CA ARG F 19 -25.93 -52.03 51.79
C ARG F 19 -26.76 -51.23 52.77
N VAL F 20 -26.74 -49.90 52.64
CA VAL F 20 -27.47 -49.04 53.56
C VAL F 20 -28.67 -48.42 52.84
N THR F 21 -29.82 -48.42 53.51
CA THR F 21 -31.05 -47.90 52.94
C THR F 21 -31.71 -46.90 53.88
N ILE F 22 -31.99 -45.71 53.35
CA ILE F 22 -32.62 -44.64 54.10
C ILE F 22 -33.91 -44.20 53.41
N THR F 23 -35.00 -44.11 54.15
CA THR F 23 -36.29 -43.79 53.55
C THR F 23 -36.89 -42.48 54.06
N CYS F 24 -37.71 -41.86 53.20
CA CYS F 24 -38.42 -40.63 53.51
C CYS F 24 -39.83 -40.68 52.93
N ARG F 25 -40.82 -40.47 53.79
CA ARG F 25 -42.21 -40.51 53.35
C ARG F 25 -42.80 -39.10 53.32
N ALA F 26 -43.28 -38.70 52.15
CA ALA F 26 -43.93 -37.41 52.01
C ALA F 26 -45.37 -37.51 52.49
N SER F 27 -45.84 -36.47 53.18
CA SER F 27 -47.19 -36.45 53.71
C SER F 27 -48.21 -36.40 52.58
N GLN F 28 -47.84 -35.72 51.49
CA GLN F 28 -48.63 -35.71 50.27
C GLN F 28 -47.77 -36.17 49.12
N SER F 29 -48.39 -36.36 47.96
CA SER F 29 -47.64 -36.66 46.76
C SER F 29 -46.82 -35.43 46.36
N VAL F 30 -45.54 -35.64 46.07
CA VAL F 30 -44.68 -34.56 45.61
C VAL F 30 -44.12 -34.90 44.24
N SER F 31 -44.77 -35.84 43.56
CA SER F 31 -44.26 -36.37 42.31
C SER F 31 -42.85 -36.89 42.58
N SER F 32 -41.92 -36.52 41.72
CA SER F 32 -40.54 -36.95 41.89
C SER F 32 -39.70 -35.82 42.46
N ALA F 33 -40.36 -34.80 43.00
CA ALA F 33 -39.67 -33.61 43.46
C ALA F 33 -39.01 -33.84 44.82
N VAL F 34 -38.00 -34.71 44.83
CA VAL F 34 -37.28 -35.04 46.05
C VAL F 34 -35.77 -35.08 45.78
N ALA F 35 -34.99 -34.57 46.73
CA ALA F 35 -33.54 -34.57 46.60
C ALA F 35 -32.88 -35.18 47.85
N TRP F 36 -31.67 -35.72 47.68
CA TRP F 36 -30.94 -36.28 48.81
C TRP F 36 -29.58 -35.58 49.01
N TYR F 37 -29.24 -35.32 50.26
CA TYR F 37 -27.98 -34.66 50.59
C TYR F 37 -27.15 -35.44 51.61
N GLN F 38 -25.83 -35.30 51.50
CA GLN F 38 -24.91 -35.84 52.48
C GLN F 38 -24.18 -34.70 53.15
N GLN F 39 -24.10 -34.73 54.48
CA GLN F 39 -23.37 -33.70 55.21
C GLN F 39 -22.46 -34.29 56.27
N LYS F 40 -21.22 -33.86 56.27
CA LYS F 40 -20.29 -34.22 57.33
C LYS F 40 -20.22 -33.03 58.29
N PRO F 41 -19.93 -33.29 59.56
CA PRO F 41 -20.02 -32.24 60.58
C PRO F 41 -19.14 -31.02 60.29
N GLY F 42 -19.72 -29.82 60.37
CA GLY F 42 -18.98 -28.60 60.15
C GLY F 42 -18.83 -28.17 58.70
N LYS F 43 -19.35 -28.98 57.78
CA LYS F 43 -19.26 -28.66 56.37
C LYS F 43 -20.64 -28.45 55.75
N ALA F 44 -20.68 -27.77 54.60
CA ALA F 44 -21.92 -27.58 53.89
C ALA F 44 -22.38 -28.88 53.26
N PRO F 45 -23.70 -29.10 53.18
CA PRO F 45 -24.28 -30.28 52.54
C PRO F 45 -23.86 -30.42 51.07
N LYS F 46 -23.84 -31.66 50.57
CA LYS F 46 -23.59 -31.92 49.16
C LYS F 46 -24.78 -32.61 48.50
N LEU F 47 -25.13 -32.17 47.30
CA LEU F 47 -26.24 -32.77 46.57
C LEU F 47 -25.83 -34.12 45.99
N LEU F 48 -26.63 -35.15 46.27
CA LEU F 48 -26.37 -36.49 45.72
C LEU F 48 -27.36 -36.83 44.61
N ILE F 49 -28.64 -36.65 44.90
CA ILE F 49 -29.71 -37.06 43.99
C ILE F 49 -30.81 -36.02 43.88
N TYR F 50 -31.30 -35.81 42.67
CA TYR F 50 -32.42 -34.90 42.45
C TYR F 50 -33.50 -35.64 41.66
N SER F 51 -34.73 -35.14 41.74
CA SER F 51 -35.86 -35.76 41.04
C SER F 51 -36.01 -37.24 41.43
N ALA F 52 -35.78 -37.51 42.71
CA ALA F 52 -36.01 -38.83 43.29
C ALA F 52 -34.96 -39.85 42.92
N SER F 53 -34.59 -39.91 41.63
CA SER F 53 -33.76 -41.02 41.15
C SER F 53 -32.63 -40.61 40.21
N SER F 54 -32.48 -39.31 39.98
CA SER F 54 -31.43 -38.82 39.10
C SER F 54 -30.13 -38.55 39.86
N LEU F 55 -29.04 -39.13 39.39
CA LEU F 55 -27.74 -38.95 40.01
C LEU F 55 -27.10 -37.61 39.63
N TYR F 56 -26.81 -36.78 40.64
CA TYR F 56 -26.18 -35.49 40.37
C TYR F 56 -24.75 -35.72 39.86
N SER F 57 -24.26 -34.79 39.05
CA SER F 57 -22.96 -34.92 38.42
C SER F 57 -21.80 -35.03 39.41
N GLY F 58 -20.93 -36.00 39.18
CA GLY F 58 -19.73 -36.14 39.98
C GLY F 58 -19.91 -37.02 41.22
N VAL F 59 -21.16 -37.35 41.52
CA VAL F 59 -21.47 -38.21 42.66
C VAL F 59 -21.17 -39.66 42.33
N PRO F 60 -20.49 -40.36 43.26
CA PRO F 60 -20.16 -41.77 43.10
C PRO F 60 -21.41 -42.61 42.83
N SER F 61 -21.24 -43.68 42.06
CA SER F 61 -22.38 -44.48 41.59
C SER F 61 -22.99 -45.33 42.70
N ARG F 62 -22.27 -45.47 43.82
CA ARG F 62 -22.77 -46.26 44.93
C ARG F 62 -23.96 -45.55 45.58
N PHE F 63 -24.08 -44.25 45.33
CA PHE F 63 -25.26 -43.52 45.80
C PHE F 63 -26.38 -43.62 44.77
N SER F 64 -27.58 -43.90 45.27
CA SER F 64 -28.71 -44.20 44.39
C SER F 64 -30.00 -43.68 45.02
N GLY F 65 -30.92 -43.22 44.17
CA GLY F 65 -32.21 -42.75 44.65
C GLY F 65 -33.35 -43.41 43.90
N SER F 66 -34.47 -43.62 44.59
CA SER F 66 -35.62 -44.25 43.98
C SER F 66 -36.93 -43.76 44.60
N ARG F 67 -38.04 -43.95 43.86
CA ARG F 67 -39.34 -43.51 44.33
C ARG F 67 -40.41 -44.56 44.13
N SER F 68 -41.32 -44.66 45.11
CA SER F 68 -42.52 -45.46 44.97
C SER F 68 -43.67 -44.75 45.68
N GLY F 69 -44.46 -44.02 44.91
CA GLY F 69 -45.54 -43.23 45.47
C GLY F 69 -44.99 -42.09 46.31
N THR F 70 -45.37 -42.04 47.58
CA THR F 70 -44.88 -41.01 48.48
C THR F 70 -43.70 -41.52 49.32
N ASP F 71 -43.23 -42.72 49.00
CA ASP F 71 -42.10 -43.31 49.70
C ASP F 71 -40.83 -43.16 48.87
N PHE F 72 -39.80 -42.57 49.45
CA PHE F 72 -38.56 -42.33 48.74
C PHE F 72 -37.39 -43.02 49.44
N THR F 73 -36.49 -43.58 48.65
CA THR F 73 -35.40 -44.37 49.22
C THR F 73 -34.03 -43.94 48.70
N LEU F 74 -33.13 -43.68 49.63
CA LEU F 74 -31.73 -43.45 49.31
C LEU F 74 -30.98 -44.74 49.59
N THR F 75 -30.21 -45.21 48.61
CA THR F 75 -29.47 -46.45 48.75
C THR F 75 -27.97 -46.29 48.49
N ILE F 76 -27.16 -46.87 49.37
CA ILE F 76 -25.74 -47.00 49.12
C ILE F 76 -25.43 -48.48 48.90
N SER F 77 -25.00 -48.83 47.68
CA SER F 77 -24.78 -50.22 47.30
C SER F 77 -23.72 -50.90 48.16
N SER F 78 -22.57 -50.26 48.26
CA SER F 78 -21.45 -50.79 49.03
C SER F 78 -20.78 -49.66 49.76
N LEU F 79 -21.17 -49.48 51.02
CA LEU F 79 -20.74 -48.35 51.83
C LEU F 79 -19.22 -48.23 51.90
N GLN F 80 -18.74 -47.00 51.78
CA GLN F 80 -17.32 -46.70 51.90
C GLN F 80 -17.04 -45.93 53.17
N PRO F 81 -15.77 -45.91 53.62
CA PRO F 81 -15.35 -45.22 54.85
C PRO F 81 -15.68 -43.72 54.81
N GLU F 82 -15.65 -43.11 53.63
CA GLU F 82 -15.92 -41.69 53.50
C GLU F 82 -17.42 -41.42 53.51
N ASP F 83 -18.21 -42.49 53.60
CA ASP F 83 -19.67 -42.35 53.53
C ASP F 83 -20.33 -42.22 54.89
N PHE F 84 -19.56 -42.39 55.97
CA PHE F 84 -20.13 -42.21 57.29
C PHE F 84 -20.37 -40.72 57.53
N ALA F 85 -21.65 -40.38 57.69
CA ALA F 85 -22.09 -39.00 57.72
C ALA F 85 -23.61 -38.95 57.95
N THR F 86 -24.18 -37.75 57.87
CA THR F 86 -25.63 -37.58 58.03
C THR F 86 -26.27 -37.29 56.68
N TYR F 87 -27.41 -37.93 56.42
CA TYR F 87 -28.08 -37.76 55.14
C TYR F 87 -29.45 -37.12 55.28
N TYR F 88 -29.80 -36.27 54.32
CA TYR F 88 -31.05 -35.54 54.37
C TYR F 88 -31.79 -35.63 53.06
N CYS F 89 -33.09 -35.96 53.15
CA CYS F 89 -33.97 -35.86 52.00
C CYS F 89 -34.56 -34.46 52.00
N GLN F 90 -35.02 -34.00 50.85
CA GLN F 90 -35.57 -32.67 50.71
C GLN F 90 -36.61 -32.66 49.58
N GLN F 91 -37.76 -32.04 49.84
CA GLN F 91 -38.79 -31.96 48.82
C GLN F 91 -38.92 -30.55 48.27
N TYR F 92 -39.22 -30.46 46.98
CA TYR F 92 -39.44 -29.18 46.33
C TYR F 92 -40.56 -29.32 45.30
N PRO F 93 -41.77 -29.66 45.76
CA PRO F 93 -42.90 -29.91 44.85
C PRO F 93 -43.28 -28.65 44.12
N TYR F 94 -43.80 -28.78 42.90
CA TYR F 94 -44.13 -27.63 42.09
C TYR F 94 -45.18 -26.71 42.73
N TYR F 95 -46.27 -27.31 43.22
CA TYR F 95 -47.38 -26.54 43.80
C TYR F 95 -47.02 -25.71 45.03
N SER F 96 -45.87 -25.97 45.64
CA SER F 96 -45.49 -25.22 46.85
C SER F 96 -44.20 -24.41 46.69
N SER F 97 -44.21 -23.22 47.27
CA SER F 97 -43.03 -22.38 47.35
C SER F 97 -42.08 -22.84 48.47
N LEU F 98 -42.62 -23.66 49.37
CA LEU F 98 -41.88 -24.07 50.56
C LEU F 98 -40.88 -25.19 50.26
N ILE F 99 -39.74 -25.14 50.94
CA ILE F 99 -38.78 -26.25 50.92
C ILE F 99 -38.70 -26.86 52.32
N THR F 100 -38.87 -28.18 52.40
CA THR F 100 -38.82 -28.86 53.70
C THR F 100 -37.83 -30.03 53.71
N PHE F 101 -37.02 -30.10 54.77
CA PHE F 101 -36.04 -31.18 54.92
C PHE F 101 -36.53 -32.29 55.84
N GLY F 102 -36.05 -33.50 55.60
CA GLY F 102 -36.29 -34.60 56.51
C GLY F 102 -35.48 -34.45 57.78
N GLN F 103 -35.75 -35.31 58.77
CA GLN F 103 -35.10 -35.20 60.08
C GLN F 103 -33.61 -35.54 60.04
N GLY F 104 -33.18 -36.24 59.00
CA GLY F 104 -31.80 -36.64 58.86
C GLY F 104 -31.60 -38.07 59.31
N THR F 105 -30.58 -38.71 58.77
CA THR F 105 -30.19 -40.07 59.14
C THR F 105 -28.69 -40.10 59.39
N LYS F 106 -28.28 -40.32 60.64
CA LYS F 106 -26.86 -40.39 60.96
C LYS F 106 -26.34 -41.80 60.76
N VAL F 107 -25.39 -41.97 59.84
CA VAL F 107 -24.80 -43.27 59.58
C VAL F 107 -23.48 -43.43 60.32
N GLU F 108 -23.49 -44.22 61.38
CA GLU F 108 -22.31 -44.41 62.22
C GLU F 108 -21.60 -45.73 61.94
N ILE F 109 -20.37 -45.86 62.45
CA ILE F 109 -19.57 -47.06 62.25
C ILE F 109 -19.88 -48.13 63.28
N LYS F 110 -20.26 -49.32 62.81
CA LYS F 110 -20.60 -50.41 63.71
C LYS F 110 -19.37 -51.12 64.25
N ARG F 111 -19.40 -51.39 65.55
CA ARG F 111 -18.34 -52.10 66.24
C ARG F 111 -18.98 -52.96 67.33
N THR F 112 -18.19 -53.77 68.02
CA THR F 112 -18.69 -54.64 69.07
C THR F 112 -18.96 -53.90 70.36
N VAL F 113 -19.85 -54.45 71.18
CA VAL F 113 -20.24 -53.84 72.44
C VAL F 113 -19.02 -53.63 73.33
N ALA F 114 -18.97 -52.45 73.94
CA ALA F 114 -17.89 -52.09 74.83
C ALA F 114 -18.46 -51.34 76.00
N ALA F 115 -18.27 -51.88 77.20
CA ALA F 115 -18.79 -51.24 78.40
C ALA F 115 -18.01 -49.96 78.65
N PRO F 116 -18.72 -48.90 79.05
CA PRO F 116 -18.07 -47.63 79.41
C PRO F 116 -17.35 -47.74 80.74
N SER F 117 -16.08 -47.35 80.80
CA SER F 117 -15.41 -47.22 82.09
C SER F 117 -15.80 -45.86 82.70
N VAL F 118 -16.29 -45.89 83.94
CA VAL F 118 -16.90 -44.71 84.55
C VAL F 118 -16.01 -44.06 85.62
N PHE F 119 -16.02 -42.73 85.63
CA PHE F 119 -15.22 -41.94 86.57
C PHE F 119 -16.03 -40.78 87.10
N ILE F 120 -15.94 -40.53 88.40
CA ILE F 120 -16.60 -39.36 88.98
C ILE F 120 -15.52 -38.41 89.50
N PHE F 121 -15.77 -37.10 89.35
CA PHE F 121 -14.81 -36.08 89.74
C PHE F 121 -15.46 -35.04 90.64
N PRO F 122 -15.02 -34.96 91.91
CA PRO F 122 -15.58 -33.93 92.78
C PRO F 122 -15.17 -32.55 92.31
N PRO F 123 -15.94 -31.52 92.67
CA PRO F 123 -15.58 -30.13 92.35
C PRO F 123 -14.34 -29.69 93.13
N SER F 124 -13.40 -29.03 92.45
CA SER F 124 -12.17 -28.61 93.10
C SER F 124 -12.43 -27.50 94.12
N ASP F 125 -11.47 -27.30 95.03
CA ASP F 125 -11.58 -26.22 96.01
C ASP F 125 -11.56 -24.85 95.36
N SER F 126 -10.82 -24.75 94.24
CA SER F 126 -10.71 -23.51 93.50
C SER F 126 -12.10 -23.01 93.07
N GLN F 127 -12.91 -23.91 92.53
CA GLN F 127 -14.24 -23.53 92.03
C GLN F 127 -15.16 -23.11 93.17
N LEU F 128 -15.10 -23.83 94.27
CA LEU F 128 -15.97 -23.56 95.42
C LEU F 128 -15.78 -22.14 95.94
N LYS F 129 -14.57 -21.60 95.81
CA LYS F 129 -14.31 -20.23 96.24
C LYS F 129 -15.08 -19.22 95.38
N SER F 130 -15.41 -19.59 94.15
CA SER F 130 -16.11 -18.70 93.24
C SER F 130 -17.63 -18.70 93.45
N GLY F 131 -18.14 -19.73 94.14
CA GLY F 131 -19.54 -19.74 94.53
C GLY F 131 -20.40 -20.87 93.97
N THR F 132 -19.84 -21.65 93.05
CA THR F 132 -20.61 -22.72 92.43
C THR F 132 -19.88 -24.06 92.54
N ALA F 133 -20.57 -25.16 92.24
CA ALA F 133 -20.02 -26.49 92.39
C ALA F 133 -20.42 -27.39 91.23
N SER F 134 -19.43 -27.89 90.50
CA SER F 134 -19.68 -28.79 89.39
C SER F 134 -19.19 -30.19 89.69
N VAL F 135 -20.06 -31.18 89.46
CA VAL F 135 -19.70 -32.56 89.66
C VAL F 135 -19.73 -33.24 88.30
N VAL F 136 -18.63 -33.89 87.93
CA VAL F 136 -18.49 -34.44 86.60
C VAL F 136 -18.42 -35.96 86.58
N CYS F 137 -19.28 -36.57 85.77
CA CYS F 137 -19.27 -38.01 85.58
C CYS F 137 -18.81 -38.36 84.16
N LEU F 138 -17.76 -39.17 84.05
CA LEU F 138 -17.16 -39.51 82.76
C LEU F 138 -17.45 -40.94 82.34
N LEU F 139 -18.13 -41.11 81.21
CA LEU F 139 -18.29 -42.43 80.60
C LEU F 139 -17.34 -42.54 79.42
N ASN F 140 -16.35 -43.42 79.53
CA ASN F 140 -15.24 -43.43 78.57
C ASN F 140 -15.21 -44.66 77.66
N ASN F 141 -15.09 -44.40 76.35
CA ASN F 141 -14.92 -45.44 75.33
C ASN F 141 -15.93 -46.58 75.41
N PHE F 142 -17.18 -46.28 75.05
CA PHE F 142 -18.24 -47.28 75.09
C PHE F 142 -18.98 -47.37 73.75
N TYR F 143 -19.68 -48.48 73.55
CA TYR F 143 -20.50 -48.66 72.36
C TYR F 143 -21.55 -49.74 72.62
N PRO F 144 -22.78 -49.55 72.11
CA PRO F 144 -23.22 -48.42 71.28
C PRO F 144 -23.38 -47.13 72.06
N ARG F 145 -23.89 -46.10 71.38
CA ARG F 145 -24.00 -44.75 71.95
C ARG F 145 -25.01 -44.62 73.08
N GLU F 146 -26.08 -45.40 73.03
CA GLU F 146 -27.12 -45.29 74.06
C GLU F 146 -26.59 -45.65 75.44
N ALA F 147 -26.85 -44.76 76.40
CA ALA F 147 -26.45 -44.96 77.78
C ALA F 147 -27.29 -44.05 78.66
N LYS F 148 -27.44 -44.43 79.92
CA LYS F 148 -28.26 -43.66 80.83
C LYS F 148 -27.46 -43.26 82.06
N VAL F 149 -27.43 -41.97 82.34
CA VAL F 149 -26.74 -41.48 83.53
C VAL F 149 -27.74 -40.84 84.50
N GLN F 150 -27.65 -41.21 85.77
CA GLN F 150 -28.49 -40.62 86.81
C GLN F 150 -27.67 -40.15 87.99
N TRP F 151 -27.92 -38.92 88.40
CA TRP F 151 -27.23 -38.37 89.56
C TRP F 151 -28.06 -38.59 90.83
N LYS F 152 -27.40 -39.14 91.85
CA LYS F 152 -28.02 -39.33 93.15
C LYS F 152 -27.24 -38.61 94.25
N VAL F 153 -27.85 -37.59 94.85
CA VAL F 153 -27.25 -36.88 95.97
C VAL F 153 -27.90 -37.28 97.29
N ASP F 154 -27.15 -37.97 98.13
CA ASP F 154 -27.70 -38.56 99.36
C ASP F 154 -28.88 -39.46 99.03
N ASN F 155 -28.74 -40.24 97.96
CA ASN F 155 -29.75 -41.20 97.53
C ASN F 155 -31.00 -40.55 96.94
N ALA F 156 -30.97 -39.24 96.75
CA ALA F 156 -32.09 -38.54 96.11
C ALA F 156 -31.84 -38.32 94.62
N LEU F 157 -32.87 -38.54 93.79
CA LEU F 157 -32.70 -38.40 92.35
C LEU F 157 -32.73 -36.95 91.91
N GLN F 158 -31.91 -36.64 90.92
CA GLN F 158 -31.77 -35.28 90.41
C GLN F 158 -32.34 -35.25 89.00
N SER F 159 -32.93 -34.13 88.59
CA SER F 159 -33.39 -33.98 87.20
C SER F 159 -33.42 -32.52 86.79
N GLY F 160 -32.80 -32.21 85.66
CA GLY F 160 -32.87 -30.87 85.09
C GLY F 160 -31.73 -29.97 85.51
N ASN F 161 -30.82 -30.47 86.33
CA ASN F 161 -29.67 -29.67 86.75
C ASN F 161 -28.36 -30.32 86.32
N SER F 162 -28.44 -31.13 85.26
CA SER F 162 -27.29 -31.78 84.69
C SER F 162 -27.33 -31.66 83.17
N GLN F 163 -26.16 -31.62 82.55
CA GLN F 163 -26.06 -31.55 81.09
C GLN F 163 -25.05 -32.55 80.57
N GLU F 164 -25.40 -33.20 79.47
CA GLU F 164 -24.55 -34.20 78.87
C GLU F 164 -23.91 -33.67 77.59
N SER F 165 -22.72 -34.18 77.29
CA SER F 165 -22.04 -33.88 76.04
C SER F 165 -21.32 -35.14 75.56
N VAL F 166 -21.43 -35.45 74.28
CA VAL F 166 -20.86 -36.67 73.74
C VAL F 166 -19.89 -36.39 72.60
N THR F 167 -18.81 -37.16 72.54
CA THR F 167 -17.83 -36.97 71.47
C THR F 167 -18.29 -37.71 70.23
N GLU F 168 -17.70 -37.37 69.09
CA GLU F 168 -17.92 -38.14 67.88
C GLU F 168 -17.17 -39.47 68.03
N GLN F 169 -17.51 -40.45 67.21
CA GLN F 169 -16.84 -41.74 67.25
C GLN F 169 -15.34 -41.59 67.08
N ASP F 170 -14.57 -42.25 67.93
CA ASP F 170 -13.11 -42.19 67.86
C ASP F 170 -12.62 -42.80 66.57
N SER F 171 -11.68 -42.13 65.91
CA SER F 171 -11.19 -42.56 64.61
C SER F 171 -10.36 -43.84 64.70
N LYS F 172 -9.94 -44.18 65.91
CA LYS F 172 -9.10 -45.35 66.11
C LYS F 172 -9.91 -46.58 66.52
N ASP F 173 -10.91 -46.40 67.38
CA ASP F 173 -11.66 -47.55 67.90
C ASP F 173 -13.18 -47.37 67.82
N SER F 174 -13.63 -46.25 67.26
CA SER F 174 -15.05 -46.08 66.95
C SER F 174 -15.98 -46.13 68.16
N THR F 175 -15.46 -45.79 69.34
CA THR F 175 -16.27 -45.78 70.56
C THR F 175 -16.72 -44.35 70.89
N TYR F 176 -17.70 -44.22 71.78
CA TYR F 176 -18.11 -42.89 72.23
C TYR F 176 -17.58 -42.61 73.63
N SER F 177 -17.52 -41.33 73.99
CA SER F 177 -17.31 -40.92 75.37
C SER F 177 -18.34 -39.87 75.75
N LEU F 178 -18.69 -39.86 77.03
CA LEU F 178 -19.76 -38.99 77.52
C LEU F 178 -19.41 -38.36 78.86
N SER F 179 -19.69 -37.07 78.98
CA SER F 179 -19.51 -36.38 80.24
C SER F 179 -20.83 -35.83 80.72
N SER F 180 -21.18 -36.13 81.96
CA SER F 180 -22.35 -35.55 82.58
C SER F 180 -21.93 -34.65 83.74
N THR F 181 -22.39 -33.41 83.74
CA THR F 181 -22.01 -32.43 84.75
C THR F 181 -23.21 -32.01 85.59
N LEU F 182 -23.14 -32.34 86.87
CA LEU F 182 -24.15 -31.93 87.84
C LEU F 182 -23.71 -30.61 88.45
N THR F 183 -24.55 -29.60 88.32
CA THR F 183 -24.23 -28.26 88.78
C THR F 183 -25.06 -27.86 90.00
N LEU F 184 -24.39 -27.59 91.11
CA LEU F 184 -25.04 -27.14 92.33
C LEU F 184 -24.39 -25.88 92.83
N SER F 185 -25.14 -25.08 93.60
CA SER F 185 -24.54 -23.95 94.28
C SER F 185 -23.64 -24.50 95.38
N LYS F 186 -22.67 -23.73 95.82
CA LYS F 186 -21.77 -24.19 96.86
C LYS F 186 -22.56 -24.52 98.13
N ALA F 187 -23.68 -23.82 98.32
CA ALA F 187 -24.53 -24.05 99.48
C ALA F 187 -25.21 -25.42 99.43
N ASP F 188 -25.91 -25.72 98.34
CA ASP F 188 -26.57 -27.01 98.18
C ASP F 188 -25.56 -28.15 98.15
N TYR F 189 -24.37 -27.88 97.64
CA TYR F 189 -23.32 -28.88 97.57
C TYR F 189 -22.82 -29.29 98.95
N GLU F 190 -22.69 -28.31 99.84
CA GLU F 190 -22.16 -28.56 101.18
C GLU F 190 -23.25 -28.97 102.18
N LYS F 191 -24.47 -29.12 101.68
CA LYS F 191 -25.58 -29.59 102.51
C LYS F 191 -25.56 -31.11 102.60
N HIS F 192 -25.32 -31.76 101.47
CA HIS F 192 -25.36 -33.21 101.38
C HIS F 192 -23.96 -33.82 101.37
N LYS F 193 -23.89 -35.13 101.59
CA LYS F 193 -22.59 -35.79 101.72
C LYS F 193 -22.28 -36.71 100.54
N VAL F 194 -23.21 -37.62 100.22
CA VAL F 194 -22.95 -38.61 99.20
C VAL F 194 -23.36 -38.15 97.79
N TYR F 195 -22.40 -38.20 96.86
CA TYR F 195 -22.67 -37.85 95.46
C TYR F 195 -22.35 -39.05 94.59
N ALA F 196 -23.36 -39.55 93.89
CA ALA F 196 -23.20 -40.78 93.12
C ALA F 196 -23.71 -40.63 91.69
N CYS F 197 -22.99 -41.22 90.75
CA CYS F 197 -23.39 -41.25 89.36
C CYS F 197 -23.67 -42.69 88.90
N GLU F 198 -24.90 -42.96 88.47
CA GLU F 198 -25.28 -44.32 88.05
C GLU F 198 -25.33 -44.47 86.53
N VAL F 199 -24.54 -45.41 86.01
CA VAL F 199 -24.44 -45.59 84.57
C VAL F 199 -25.12 -46.88 84.11
N THR F 200 -26.11 -46.73 83.25
CA THR F 200 -26.79 -47.87 82.67
C THR F 200 -26.43 -48.01 81.20
N HIS F 201 -25.82 -49.14 80.85
CA HIS F 201 -25.41 -49.40 79.48
C HIS F 201 -25.57 -50.87 79.17
N GLN F 202 -25.84 -51.19 77.91
CA GLN F 202 -26.07 -52.56 77.49
C GLN F 202 -24.83 -53.44 77.70
N GLY F 203 -23.66 -52.81 77.67
CA GLY F 203 -22.40 -53.50 77.87
C GLY F 203 -22.13 -53.88 79.32
N LEU F 204 -22.96 -53.37 80.23
CA LEU F 204 -22.80 -53.70 81.64
C LEU F 204 -23.86 -54.69 82.07
N SER F 205 -23.47 -55.74 82.78
CA SER F 205 -24.44 -56.69 83.31
C SER F 205 -25.10 -56.17 84.59
N SER F 206 -25.66 -54.97 84.50
CA SER F 206 -26.37 -54.23 85.57
C SER F 206 -25.71 -52.85 85.70
N PRO F 207 -26.45 -51.85 86.18
CA PRO F 207 -25.93 -50.49 86.22
C PRO F 207 -24.72 -50.34 87.15
N VAL F 208 -23.74 -49.58 86.70
CA VAL F 208 -22.54 -49.28 87.49
C VAL F 208 -22.70 -47.95 88.20
N THR F 209 -22.22 -47.88 89.43
CA THR F 209 -22.34 -46.66 90.22
C THR F 209 -21.00 -46.25 90.83
N LYS F 210 -20.46 -45.12 90.35
CA LYS F 210 -19.30 -44.52 90.99
C LYS F 210 -19.75 -43.36 91.85
N SER F 211 -19.13 -43.21 93.02
CA SER F 211 -19.55 -42.18 93.95
C SER F 211 -18.40 -41.73 94.84
N PHE F 212 -18.64 -40.68 95.61
CA PHE F 212 -17.65 -40.15 96.53
C PHE F 212 -18.34 -39.40 97.67
N ASN F 213 -17.65 -39.30 98.80
CA ASN F 213 -18.16 -38.52 99.92
C ASN F 213 -17.46 -37.17 99.94
N ARG F 214 -18.21 -36.12 100.28
CA ARG F 214 -17.69 -34.76 100.24
C ARG F 214 -16.51 -34.58 101.19
N GLY F 215 -15.37 -34.19 100.63
CA GLY F 215 -14.18 -33.90 101.42
C GLY F 215 -13.51 -35.07 102.13
N GLU F 216 -13.43 -36.22 101.49
CA GLU F 216 -12.75 -37.37 102.09
C GLU F 216 -11.47 -37.74 101.33
N CYS F 217 -10.87 -36.74 100.70
CA CYS F 217 -9.64 -36.87 99.91
C CYS F 217 -9.83 -37.92 98.82
N THR G 4 37.52 64.83 -68.10
CA THR G 4 36.18 64.50 -67.63
C THR G 4 36.12 64.40 -66.11
N VAL G 5 35.27 63.50 -65.63
CA VAL G 5 35.05 63.29 -64.20
C VAL G 5 35.94 62.19 -63.65
N GLU G 6 37.11 62.55 -63.14
CA GLU G 6 38.12 61.58 -62.72
C GLU G 6 37.61 60.49 -61.79
N PRO G 7 38.12 59.26 -61.98
CA PRO G 7 37.71 58.08 -61.24
C PRO G 7 38.38 57.99 -59.87
N ASN G 8 38.23 59.05 -59.07
CA ASN G 8 38.74 59.08 -57.71
C ASN G 8 37.95 60.09 -56.87
N LEU G 9 38.19 60.07 -55.56
CA LEU G 9 37.51 60.99 -54.65
C LEU G 9 38.45 62.09 -54.16
N HIS G 10 39.47 62.39 -54.95
CA HIS G 10 40.47 63.40 -54.58
C HIS G 10 39.82 64.75 -54.30
N SER G 11 38.83 65.10 -55.12
CA SER G 11 38.11 66.36 -54.95
C SER G 11 37.38 66.41 -53.61
N LEU G 12 36.87 65.26 -53.18
CA LEU G 12 36.15 65.15 -51.92
C LEU G 12 37.12 65.06 -50.76
N ILE G 13 38.19 64.31 -50.96
CA ILE G 13 39.21 64.09 -49.94
C ILE G 13 39.90 65.38 -49.52
N THR G 14 40.04 66.30 -50.48
CA THR G 14 40.70 67.58 -50.25
C THR G 14 39.71 68.73 -50.13
N SER G 15 38.42 68.39 -50.01
CA SER G 15 37.36 69.39 -49.91
C SER G 15 37.46 70.20 -48.62
N THR G 16 37.19 71.49 -48.72
CA THR G 16 37.25 72.36 -47.55
C THR G 16 35.88 72.94 -47.18
N THR G 17 34.81 72.48 -47.84
CA THR G 17 33.48 73.00 -47.57
C THR G 17 32.53 71.96 -46.98
N HIS G 18 32.73 70.69 -47.33
CA HIS G 18 31.85 69.63 -46.89
C HIS G 18 31.93 69.43 -45.38
N LYS G 19 30.76 69.38 -44.74
CA LYS G 19 30.70 69.18 -43.30
C LYS G 19 30.06 67.84 -42.97
N TRP G 20 29.23 67.34 -43.88
CA TRP G 20 28.54 66.07 -43.71
C TRP G 20 28.78 65.15 -44.89
N ILE G 21 29.50 64.06 -44.65
CA ILE G 21 29.76 63.08 -45.70
C ILE G 21 29.12 61.74 -45.32
N PHE G 22 28.12 61.33 -46.09
CA PHE G 22 27.44 60.07 -45.86
C PHE G 22 28.03 58.97 -46.75
N VAL G 23 28.30 57.82 -46.16
CA VAL G 23 28.75 56.68 -46.94
C VAL G 23 27.73 55.57 -46.77
N GLY G 24 27.18 55.10 -47.89
CA GLY G 24 26.11 54.12 -47.85
C GLY G 24 26.11 53.15 -49.00
N GLY G 25 25.04 52.36 -49.09
CA GLY G 25 24.90 51.36 -50.14
C GLY G 25 24.32 50.07 -49.62
N LYS G 26 24.18 49.10 -50.52
CA LYS G 26 23.63 47.80 -50.17
C LYS G 26 24.48 47.12 -49.11
N GLY G 27 23.91 46.15 -48.40
CA GLY G 27 24.64 45.47 -47.36
C GLY G 27 25.77 44.64 -47.93
N GLY G 28 26.92 44.64 -47.26
CA GLY G 28 28.02 43.80 -47.64
C GLY G 28 28.91 44.30 -48.76
N VAL G 29 28.56 45.45 -49.35
CA VAL G 29 29.35 45.98 -50.45
C VAL G 29 30.63 46.66 -49.97
N GLY G 30 30.64 47.09 -48.71
CA GLY G 30 31.82 47.70 -48.13
C GLY G 30 31.68 49.13 -47.62
N LYS G 31 30.53 49.45 -47.03
CA LYS G 31 30.31 50.77 -46.46
C LYS G 31 31.31 51.09 -45.36
N THR G 32 31.48 50.15 -44.42
CA THR G 32 32.35 50.39 -43.29
C THR G 32 33.81 50.50 -43.71
N THR G 33 34.26 49.59 -44.56
CA THR G 33 35.63 49.60 -45.04
C THR G 33 35.89 50.91 -45.79
N SER G 34 34.91 51.34 -46.58
CA SER G 34 35.05 52.55 -47.40
C SER G 34 34.97 53.84 -46.59
N SER G 35 34.09 53.89 -45.60
CA SER G 35 33.97 55.11 -44.79
C SER G 35 35.20 55.27 -43.91
N CYS G 36 35.83 54.16 -43.53
CA CYS G 36 37.07 54.22 -42.76
C CYS G 36 38.17 54.74 -43.67
N SER G 37 38.13 54.30 -44.94
CA SER G 37 39.15 54.68 -45.89
C SER G 37 39.04 56.17 -46.25
N ILE G 38 37.81 56.65 -46.44
CA ILE G 38 37.58 58.06 -46.72
C ILE G 38 37.96 58.95 -45.54
N ALA G 39 37.56 58.53 -44.34
CA ALA G 39 37.84 59.30 -43.14
C ALA G 39 39.35 59.43 -42.94
N ILE G 40 40.07 58.37 -43.23
CA ILE G 40 41.53 58.38 -43.09
C ILE G 40 42.17 59.31 -44.11
N GLN G 41 41.72 59.24 -45.36
CA GLN G 41 42.28 60.07 -46.43
C GLN G 41 42.11 61.56 -46.20
N MET G 42 40.93 61.96 -45.74
CA MET G 42 40.67 63.37 -45.49
C MET G 42 41.55 63.87 -44.35
N ALA G 43 41.69 63.06 -43.32
CA ALA G 43 42.50 63.41 -42.16
C ALA G 43 43.97 63.60 -42.55
N LEU G 44 44.47 62.73 -43.41
CA LEU G 44 45.85 62.80 -43.85
C LEU G 44 46.06 63.94 -44.83
N SER G 45 45.09 64.15 -45.69
CA SER G 45 45.17 65.19 -46.72
C SER G 45 45.00 66.57 -46.09
N GLN G 46 44.28 66.61 -44.97
CA GLN G 46 43.99 67.88 -44.31
C GLN G 46 44.36 67.84 -42.83
N PRO G 47 45.67 67.89 -42.52
CA PRO G 47 46.16 67.78 -41.14
C PRO G 47 45.65 68.87 -40.21
N ASN G 48 45.31 70.04 -40.75
CA ASN G 48 44.91 71.18 -39.94
C ASN G 48 43.43 71.13 -39.54
N LYS G 49 42.71 70.16 -40.09
CA LYS G 49 41.30 70.01 -39.78
C LYS G 49 41.03 68.73 -38.98
N GLN G 50 40.04 68.78 -38.08
CA GLN G 50 39.62 67.63 -37.29
C GLN G 50 38.45 66.88 -37.95
N PHE G 51 38.50 65.54 -37.93
CA PHE G 51 37.46 64.71 -38.56
C PHE G 51 36.82 63.69 -37.61
N LEU G 52 35.49 63.57 -37.68
CA LEU G 52 34.73 62.57 -36.91
C LEU G 52 34.06 61.53 -37.81
N LEU G 53 34.24 60.27 -37.45
CA LEU G 53 33.61 59.17 -38.19
C LEU G 53 32.57 58.44 -37.33
N ILE G 54 31.30 58.73 -37.59
CA ILE G 54 30.19 58.16 -36.81
C ILE G 54 29.56 56.97 -37.51
N SER G 55 29.25 55.93 -36.74
CA SER G 55 28.50 54.79 -37.27
C SER G 55 27.05 54.89 -36.83
N THR G 56 26.16 55.02 -37.81
CA THR G 56 24.72 55.09 -37.55
C THR G 56 24.04 53.75 -37.71
N ASN G 57 24.82 52.73 -38.09
CA ASN G 57 24.34 51.36 -38.22
C ASN G 57 24.33 50.67 -36.85
N PRO G 58 23.16 50.15 -36.45
CA PRO G 58 23.00 49.51 -35.14
C PRO G 58 24.03 48.40 -34.91
N ALA G 59 24.29 47.61 -35.96
CA ALA G 59 25.37 46.64 -35.92
C ALA G 59 26.69 47.30 -36.29
N HIS G 60 27.38 47.86 -35.29
CA HIS G 60 28.58 48.65 -35.52
C HIS G 60 29.79 47.81 -35.91
N ASN G 61 30.63 48.35 -36.78
CA ASN G 61 31.84 47.66 -37.23
C ASN G 61 33.09 48.52 -37.18
N LEU G 62 32.96 49.76 -36.71
CA LEU G 62 34.12 50.63 -36.63
C LEU G 62 35.15 50.08 -35.65
N SER G 63 34.67 49.60 -34.50
CA SER G 63 35.57 49.02 -33.51
C SER G 63 36.25 47.79 -34.06
N ASP G 64 35.48 46.96 -34.75
CA ASP G 64 36.02 45.73 -35.33
C ASP G 64 37.00 46.05 -36.46
N ALA G 65 36.77 47.17 -37.13
CA ALA G 65 37.58 47.55 -38.29
C ALA G 65 38.94 48.08 -37.85
N PHE G 66 38.97 48.91 -36.81
CA PHE G 66 40.22 49.46 -36.29
C PHE G 66 40.84 48.60 -35.20
N GLY G 67 40.02 47.85 -34.47
CA GLY G 67 40.53 47.02 -33.41
C GLY G 67 40.61 47.74 -32.08
N GLU G 68 39.78 48.78 -31.93
CA GLU G 68 39.72 49.51 -30.68
C GLU G 68 38.25 49.74 -30.32
N LYS G 69 37.96 49.76 -29.02
CA LYS G 69 36.58 49.90 -28.60
C LYS G 69 36.17 51.36 -28.64
N PHE G 70 35.11 51.65 -29.39
CA PHE G 70 34.54 52.98 -29.40
C PHE G 70 33.17 52.96 -28.74
N GLY G 71 32.68 54.14 -28.37
CA GLY G 71 31.40 54.25 -27.70
C GLY G 71 30.66 55.54 -28.03
N LYS G 72 29.72 55.91 -27.16
CA LYS G 72 28.92 57.10 -27.39
C LYS G 72 29.77 58.36 -27.33
N ASP G 73 30.88 58.30 -26.59
CA ASP G 73 31.80 59.43 -26.51
C ASP G 73 32.91 59.29 -27.54
N ALA G 74 33.10 60.35 -28.34
CA ALA G 74 34.07 60.33 -29.44
C ALA G 74 35.49 60.17 -28.93
N ARG G 75 36.22 59.19 -29.44
CA ARG G 75 37.61 59.02 -29.05
C ARG G 75 38.54 58.99 -30.27
N LYS G 76 39.77 59.49 -30.08
CA LYS G 76 40.75 59.54 -31.17
C LYS G 76 41.14 58.16 -31.66
N VAL G 77 41.36 58.05 -32.96
CA VAL G 77 41.86 56.80 -33.56
C VAL G 77 43.37 56.70 -33.35
N THR G 78 43.80 55.60 -32.73
CA THR G 78 45.22 55.43 -32.39
C THR G 78 46.12 55.46 -33.64
N GLY G 79 47.05 56.40 -33.67
CA GLY G 79 47.92 56.53 -34.83
C GLY G 79 47.56 57.71 -35.70
N MET G 80 46.44 58.35 -35.39
CA MET G 80 45.98 59.51 -36.16
C MET G 80 45.82 60.69 -35.22
N ASN G 81 46.12 61.88 -35.74
CA ASN G 81 46.10 63.09 -34.94
C ASN G 81 44.80 63.87 -35.09
N ASN G 82 44.07 63.59 -36.16
CA ASN G 82 42.86 64.36 -36.45
C ASN G 82 41.64 63.52 -36.85
N LEU G 83 41.66 62.23 -36.55
CA LEU G 83 40.52 61.38 -36.87
C LEU G 83 39.98 60.65 -35.64
N SER G 84 38.69 60.79 -35.38
CA SER G 84 38.03 60.15 -34.24
C SER G 84 36.77 59.37 -34.66
N CYS G 85 36.51 58.24 -33.99
CA CYS G 85 35.31 57.45 -34.26
C CYS G 85 34.29 57.53 -33.14
N MET G 86 33.05 57.16 -33.45
CA MET G 86 31.96 57.18 -32.49
C MET G 86 30.91 56.12 -32.81
N GLU G 87 30.61 55.26 -31.83
CA GLU G 87 29.57 54.27 -31.97
C GLU G 87 28.44 54.53 -30.98
N ILE G 88 27.33 55.07 -31.46
CA ILE G 88 26.23 55.49 -30.58
C ILE G 88 25.48 54.29 -29.98
N ASP G 89 25.36 54.29 -28.66
CA ASP G 89 24.68 53.20 -27.94
C ASP G 89 23.27 53.59 -27.51
N PRO G 90 22.27 53.00 -28.16
CA PRO G 90 20.86 53.31 -27.90
C PRO G 90 20.51 53.11 -26.43
N SER G 91 20.99 52.01 -25.84
CA SER G 91 20.70 51.68 -24.46
C SER G 91 21.34 52.67 -23.49
N ALA G 92 22.65 52.87 -23.67
CA ALA G 92 23.40 53.76 -22.80
C ALA G 92 22.91 55.20 -22.92
N ALA G 93 22.60 55.63 -24.14
CA ALA G 93 22.16 56.99 -24.39
C ALA G 93 20.86 57.28 -23.65
N LEU G 94 19.92 56.33 -23.69
CA LEU G 94 18.64 56.50 -23.03
C LEU G 94 18.79 56.46 -21.51
N LYS G 95 19.73 55.65 -21.03
CA LYS G 95 20.01 55.57 -19.59
C LYS G 95 20.53 56.92 -19.11
N ASP G 96 21.38 57.52 -19.94
CA ASP G 96 21.95 58.82 -19.64
C ASP G 96 20.87 59.89 -19.65
N MET G 97 20.03 59.86 -20.68
CA MET G 97 18.94 60.83 -20.84
C MET G 97 17.86 60.67 -19.77
N ASN G 98 17.65 59.43 -19.33
CA ASN G 98 16.68 59.12 -18.28
C ASN G 98 17.06 59.71 -16.93
N ASP G 99 18.35 59.74 -16.62
CA ASP G 99 18.80 60.25 -15.34
C ASP G 99 19.17 61.73 -15.43
N MET G 100 19.42 62.19 -16.65
CA MET G 100 19.71 63.60 -16.90
C MET G 100 18.41 64.40 -16.99
N LEU G 126 11.24 52.39 -18.07
CA LEU G 126 10.70 52.81 -19.35
C LEU G 126 11.81 53.04 -20.36
N ALA G 127 13.01 53.33 -19.88
CA ALA G 127 14.14 53.59 -20.75
C ALA G 127 14.50 52.35 -21.55
N ASP G 128 14.36 51.19 -20.92
CA ASP G 128 14.66 49.92 -21.59
C ASP G 128 13.66 49.64 -22.72
N LEU G 129 12.40 49.96 -22.47
CA LEU G 129 11.33 49.72 -23.44
C LEU G 129 11.40 50.64 -24.66
N THR G 130 11.60 51.94 -24.40
CA THR G 130 11.70 52.93 -25.48
C THR G 130 12.96 52.70 -26.33
N GLY G 131 13.99 52.12 -25.73
CA GLY G 131 15.24 51.86 -26.42
C GLY G 131 15.20 50.70 -27.39
N SER G 132 14.14 49.90 -27.32
CA SER G 132 13.98 48.75 -28.19
C SER G 132 12.97 48.97 -29.32
N ILE G 133 12.32 50.14 -29.32
CA ILE G 133 11.34 50.47 -30.35
C ILE G 133 12.03 50.74 -31.68
N PRO G 134 11.48 50.19 -32.78
CA PRO G 134 12.07 50.38 -34.11
C PRO G 134 12.11 51.86 -34.51
N GLY G 135 13.27 52.30 -35.00
CA GLY G 135 13.45 53.68 -35.40
C GLY G 135 14.32 54.46 -34.43
N ILE G 136 14.44 53.94 -33.21
CA ILE G 136 15.19 54.61 -32.14
C ILE G 136 16.64 54.88 -32.51
N ASP G 137 17.23 54.01 -33.33
CA ASP G 137 18.61 54.18 -33.75
C ASP G 137 18.74 55.41 -34.64
N GLU G 138 17.83 55.55 -35.60
CA GLU G 138 17.84 56.70 -36.49
C GLU G 138 17.50 57.97 -35.71
N ALA G 139 16.69 57.82 -34.68
CA ALA G 139 16.32 58.96 -33.85
C ALA G 139 17.53 59.47 -33.07
N LEU G 140 18.29 58.55 -32.49
CA LEU G 140 19.48 58.93 -31.72
C LEU G 140 20.63 59.39 -32.60
N SER G 141 20.59 58.98 -33.87
CA SER G 141 21.60 59.40 -34.83
C SER G 141 21.34 60.86 -35.19
N PHE G 142 20.06 61.18 -35.38
CA PHE G 142 19.67 62.53 -35.74
C PHE G 142 20.06 63.48 -34.62
N MET G 143 19.96 62.97 -33.40
CA MET G 143 20.28 63.72 -32.20
C MET G 143 21.75 64.08 -32.13
N GLU G 144 22.58 63.17 -32.62
CA GLU G 144 24.02 63.39 -32.60
C GLU G 144 24.37 64.50 -33.58
N VAL G 145 23.76 64.44 -34.76
CA VAL G 145 23.93 65.47 -35.76
C VAL G 145 23.42 66.80 -35.21
N MET G 146 22.27 66.73 -34.56
CA MET G 146 21.59 67.92 -34.07
C MET G 146 22.39 68.62 -32.96
N LYS G 147 22.99 67.85 -32.07
CA LYS G 147 23.75 68.42 -30.97
C LYS G 147 25.14 68.83 -31.46
N HIS G 148 25.57 68.21 -32.54
CA HIS G 148 26.84 68.57 -33.17
C HIS G 148 26.75 69.98 -33.78
N ILE G 149 25.58 70.31 -34.33
CA ILE G 149 25.36 71.63 -34.90
C ILE G 149 25.37 72.70 -33.83
N LYS G 150 24.75 72.37 -32.69
CA LYS G 150 24.72 73.26 -31.53
C LYS G 150 26.13 73.54 -31.04
N ARG G 151 26.99 72.53 -31.17
CA ARG G 151 28.38 72.65 -30.76
C ARG G 151 29.16 73.55 -31.71
N GLN G 152 28.86 73.46 -33.01
CA GLN G 152 29.50 74.30 -34.01
C GLN G 152 29.15 75.78 -33.85
N GLU G 153 27.94 76.06 -33.39
CA GLU G 153 27.45 77.42 -33.24
C GLU G 153 28.06 78.11 -32.03
N THR G 159 35.55 71.71 -31.94
CA THR G 159 34.68 70.64 -32.42
C THR G 159 35.32 69.92 -33.60
N PHE G 160 34.48 69.41 -34.50
CA PHE G 160 34.97 68.71 -35.69
C PHE G 160 34.58 69.48 -36.93
N ASP G 161 35.46 69.49 -37.92
CA ASP G 161 35.22 70.23 -39.15
C ASP G 161 34.28 69.48 -40.08
N THR G 162 34.49 68.17 -40.19
CA THR G 162 33.69 67.33 -41.06
C THR G 162 33.29 66.02 -40.37
N VAL G 163 32.09 65.54 -40.67
CA VAL G 163 31.63 64.29 -40.07
C VAL G 163 31.29 63.27 -41.16
N ILE G 164 31.97 62.12 -41.12
CA ILE G 164 31.70 61.04 -42.05
C ILE G 164 30.79 59.99 -41.42
N PHE G 165 29.75 59.59 -42.14
CA PHE G 165 28.77 58.64 -41.63
C PHE G 165 28.93 57.26 -42.24
N ASP G 166 29.24 56.28 -41.39
CA ASP G 166 29.15 54.88 -41.77
C ASP G 166 27.70 54.45 -41.56
N THR G 167 26.89 54.65 -42.59
CA THR G 167 25.45 54.46 -42.49
C THR G 167 25.02 53.01 -42.51
N ALA G 168 23.78 52.76 -42.11
CA ALA G 168 23.19 51.43 -42.24
C ALA G 168 22.86 51.20 -43.70
N PRO G 169 22.56 49.94 -44.05
CA PRO G 169 22.21 49.60 -45.42
C PRO G 169 21.06 50.44 -45.98
N THR G 170 20.89 50.40 -47.30
CA THR G 170 19.99 51.29 -48.04
C THR G 170 18.65 51.58 -47.36
N GLY G 171 17.95 50.53 -46.95
CA GLY G 171 16.60 50.66 -46.46
C GLY G 171 16.39 51.67 -45.35
N HIS G 172 17.25 51.61 -44.33
CA HIS G 172 17.03 52.43 -43.14
C HIS G 172 17.75 53.76 -43.17
N THR G 173 18.79 53.86 -43.99
CA THR G 173 19.50 55.13 -44.16
C THR G 173 18.59 56.16 -44.80
N LEU G 174 17.75 55.69 -45.74
CA LEU G 174 16.80 56.57 -46.38
C LEU G 174 15.84 57.16 -45.35
N ARG G 175 15.37 56.34 -44.43
CA ARG G 175 14.50 56.82 -43.36
C ARG G 175 15.18 57.91 -42.56
N PHE G 176 16.47 57.72 -42.30
CA PHE G 176 17.25 58.69 -41.56
C PHE G 176 17.36 60.03 -42.30
N LEU G 177 17.66 59.98 -43.59
CA LEU G 177 17.86 61.20 -44.38
C LEU G 177 16.53 61.91 -44.68
N GLN G 178 15.43 61.20 -44.54
CA GLN G 178 14.11 61.80 -44.72
C GLN G 178 13.68 62.50 -43.43
N LEU G 179 14.39 62.21 -42.35
CA LEU G 179 14.02 62.65 -41.01
C LEU G 179 13.96 64.18 -40.89
N PRO G 180 14.93 64.88 -41.50
CA PRO G 180 14.84 66.34 -41.54
C PRO G 180 13.55 66.79 -42.18
N ASN G 181 13.27 66.27 -43.37
CA ASN G 181 12.04 66.60 -44.08
C ASN G 181 10.80 66.12 -43.33
N THR G 182 10.88 64.94 -42.72
CA THR G 182 9.76 64.37 -41.98
C THR G 182 9.46 65.14 -40.70
N LEU G 183 10.51 65.45 -39.94
CA LEU G 183 10.34 66.22 -38.71
C LEU G 183 9.80 67.60 -39.03
N SER G 184 10.26 68.17 -40.14
CA SER G 184 9.83 69.49 -40.58
C SER G 184 8.32 69.52 -40.79
N LYS G 185 7.81 68.57 -41.57
CA LYS G 185 6.39 68.49 -41.87
C LYS G 185 5.52 68.23 -40.63
N LEU G 186 5.93 67.27 -39.81
CA LEU G 186 5.17 66.95 -38.59
C LEU G 186 5.06 68.12 -37.63
N LEU G 187 6.18 68.84 -37.43
CA LEU G 187 6.20 69.93 -36.45
C LEU G 187 5.33 71.11 -36.87
N GLU G 188 5.42 71.52 -38.13
CA GLU G 188 4.66 72.68 -38.59
C GLU G 188 3.15 72.41 -38.54
N LYS G 189 2.75 71.22 -38.97
CA LYS G 189 1.33 70.84 -38.94
C LYS G 189 0.85 70.65 -37.51
N PHE G 190 1.75 70.19 -36.64
CA PHE G 190 1.44 70.02 -35.23
C PHE G 190 1.20 71.35 -34.52
N GLY G 191 2.19 72.25 -34.60
CA GLY G 191 2.12 73.62 -34.11
C GLY G 191 0.73 74.19 -33.85
N SER G 213 5.46 76.35 -26.81
CA SER G 213 5.51 76.61 -28.24
C SER G 213 6.82 77.26 -28.65
N GLY G 214 7.35 78.12 -27.79
CA GLY G 214 8.61 78.80 -28.03
C GLY G 214 9.78 77.85 -28.06
N LYS G 215 9.85 76.97 -27.07
CA LYS G 215 10.91 75.98 -26.97
C LYS G 215 10.86 75.04 -28.17
N LEU G 216 9.64 74.76 -28.64
CA LEU G 216 9.40 73.91 -29.79
C LEU G 216 9.82 74.56 -31.10
N ASN G 217 9.74 75.89 -31.14
CA ASN G 217 10.14 76.63 -32.34
C ASN G 217 11.65 76.58 -32.52
N GLU G 218 12.38 76.55 -31.41
CA GLU G 218 13.84 76.45 -31.45
C GLU G 218 14.25 75.10 -32.04
N LEU G 219 13.52 74.06 -31.64
CA LEU G 219 13.74 72.72 -32.19
C LEU G 219 13.41 72.73 -33.68
N LYS G 220 12.34 73.43 -34.03
CA LYS G 220 11.89 73.54 -35.41
C LYS G 220 12.95 74.29 -36.22
N ALA G 221 13.66 75.18 -35.54
CA ALA G 221 14.75 75.92 -36.17
C ALA G 221 15.95 75.00 -36.40
N ASN G 222 16.21 74.11 -35.46
CA ASN G 222 17.31 73.16 -35.57
C ASN G 222 17.07 72.17 -36.71
N VAL G 223 15.83 71.70 -36.82
CA VAL G 223 15.44 70.77 -37.88
C VAL G 223 15.57 71.41 -39.26
N GLU G 224 15.14 72.67 -39.36
CA GLU G 224 15.23 73.41 -40.62
C GLU G 224 16.69 73.67 -41.00
N THR G 225 17.54 73.89 -40.01
CA THR G 225 18.96 74.12 -40.25
C THR G 225 19.63 72.87 -40.85
N ILE G 226 19.26 71.70 -40.33
CA ILE G 226 19.81 70.46 -40.85
C ILE G 226 19.30 70.26 -42.27
N ARG G 227 18.03 70.59 -42.48
CA ARG G 227 17.39 70.41 -43.77
C ARG G 227 18.09 71.19 -44.87
N GLN G 228 18.55 72.41 -44.57
CA GLN G 228 19.19 73.23 -45.58
C GLN G 228 20.63 72.80 -45.81
N GLN G 229 21.28 72.26 -44.78
CA GLN G 229 22.66 71.82 -44.92
C GLN G 229 22.78 70.49 -45.65
N PHE G 230 21.77 69.62 -45.52
CA PHE G 230 21.83 68.32 -46.18
C PHE G 230 21.49 68.47 -47.66
N THR G 231 20.82 69.57 -48.00
CA THR G 231 20.45 69.83 -49.38
C THR G 231 21.43 70.78 -50.06
N ASP G 232 22.50 71.12 -49.35
CA ASP G 232 23.55 71.98 -49.92
C ASP G 232 24.68 71.09 -50.44
N PRO G 233 24.87 71.07 -51.77
CA PRO G 233 25.84 70.17 -52.41
C PRO G 233 27.26 70.39 -51.89
N ASP G 234 27.51 71.60 -51.43
CA ASP G 234 28.81 71.99 -50.92
C ASP G 234 29.02 71.58 -49.47
N LEU G 235 27.91 71.36 -48.77
CA LEU G 235 27.98 70.99 -47.36
C LEU G 235 27.78 69.48 -47.16
N THR G 236 26.79 68.92 -47.83
CA THR G 236 26.46 67.50 -47.66
C THR G 236 26.49 66.71 -48.97
N THR G 237 27.13 65.54 -48.93
CA THR G 237 27.10 64.63 -50.07
C THR G 237 27.03 63.19 -49.63
N PHE G 238 26.53 62.35 -50.53
CA PHE G 238 26.35 60.93 -50.27
C PHE G 238 27.22 60.11 -51.22
N VAL G 239 28.08 59.27 -50.66
CA VAL G 239 28.93 58.41 -51.46
C VAL G 239 28.36 56.99 -51.47
N CYS G 240 27.94 56.53 -52.64
CA CYS G 240 27.37 55.19 -52.75
C CYS G 240 28.48 54.18 -52.96
N VAL G 241 28.43 53.12 -52.15
CA VAL G 241 29.36 52.02 -52.29
C VAL G 241 28.62 50.85 -52.87
N CYS G 242 29.27 50.09 -53.73
CA CYS G 242 28.63 48.93 -54.34
C CYS G 242 29.65 47.94 -54.89
N ILE G 243 29.14 46.77 -55.28
CA ILE G 243 29.94 45.79 -55.98
C ILE G 243 29.35 45.59 -57.36
N SER G 244 30.17 45.10 -58.29
CA SER G 244 29.72 44.95 -59.67
C SER G 244 28.99 43.62 -59.84
N GLU G 245 27.84 43.51 -59.16
CA GLU G 245 26.93 42.36 -59.29
C GLU G 245 25.51 42.79 -59.58
N PHE G 246 24.75 41.87 -60.16
CA PHE G 246 23.41 42.17 -60.65
C PHE G 246 22.53 42.71 -59.53
N LEU G 247 22.46 42.01 -58.41
CA LEU G 247 21.58 42.40 -57.30
C LEU G 247 21.97 43.75 -56.71
N SER G 248 23.22 44.14 -56.93
CA SER G 248 23.70 45.43 -56.43
C SER G 248 23.39 46.55 -57.40
N LEU G 249 23.29 46.21 -58.69
CA LEU G 249 23.05 47.21 -59.73
C LEU G 249 21.71 47.88 -59.55
N TYR G 250 20.68 47.08 -59.31
CA TYR G 250 19.33 47.59 -59.27
C TYR G 250 19.02 48.26 -57.93
N GLU G 251 19.68 47.83 -56.86
CA GLU G 251 19.41 48.45 -55.57
C GLU G 251 20.12 49.79 -55.49
N THR G 252 21.33 49.85 -56.04
CA THR G 252 22.09 51.09 -56.05
C THR G 252 21.41 52.15 -56.92
N GLU G 253 20.99 51.77 -58.13
CA GLU G 253 20.29 52.68 -59.02
C GLU G 253 19.01 53.16 -58.34
N ARG G 254 18.31 52.23 -57.71
CA ARG G 254 17.07 52.54 -57.02
C ARG G 254 17.34 53.50 -55.85
N LEU G 255 18.48 53.29 -55.19
CA LEU G 255 18.88 54.11 -54.04
C LEU G 255 19.33 55.51 -54.41
N ILE G 256 20.18 55.60 -55.42
CA ILE G 256 20.70 56.88 -55.88
C ILE G 256 19.57 57.76 -56.40
N GLN G 257 18.62 57.17 -57.11
CA GLN G 257 17.48 57.93 -57.61
C GLN G 257 16.67 58.51 -56.47
N GLU G 258 16.49 57.74 -55.40
CA GLU G 258 15.69 58.22 -54.28
C GLU G 258 16.41 59.32 -53.51
N LEU G 259 17.73 59.25 -53.46
CA LEU G 259 18.50 60.26 -52.76
C LEU G 259 18.39 61.57 -53.51
N ILE G 260 18.41 61.49 -54.83
CA ILE G 260 18.29 62.67 -55.67
C ILE G 260 16.93 63.33 -55.47
N SER G 261 15.91 62.54 -55.21
CA SER G 261 14.57 63.07 -54.96
C SER G 261 14.47 63.76 -53.59
N TYR G 262 15.43 63.47 -52.71
CA TYR G 262 15.49 64.12 -51.40
C TYR G 262 16.42 65.32 -51.43
N ASP G 263 16.93 65.62 -52.62
CA ASP G 263 17.89 66.71 -52.82
C ASP G 263 19.21 66.43 -52.12
N MET G 264 19.52 65.15 -51.92
CA MET G 264 20.84 64.76 -51.47
C MET G 264 21.78 64.68 -52.66
N ASP G 265 22.92 65.34 -52.54
CA ASP G 265 23.92 65.30 -53.58
C ASP G 265 24.64 63.97 -53.55
N VAL G 266 24.69 63.30 -54.70
CA VAL G 266 25.47 62.11 -54.85
C VAL G 266 26.19 62.20 -56.20
N ASN G 267 27.52 62.17 -56.15
CA ASN G 267 28.32 62.26 -57.36
C ASN G 267 29.52 61.35 -57.31
N SER G 268 29.56 60.49 -56.29
CA SER G 268 30.65 59.55 -56.12
C SER G 268 30.14 58.14 -55.89
N ILE G 269 30.67 57.19 -56.66
CA ILE G 269 30.32 55.79 -56.52
C ILE G 269 31.58 54.95 -56.42
N ILE G 270 31.70 54.21 -55.31
CA ILE G 270 32.78 53.27 -55.17
C ILE G 270 32.31 51.89 -55.61
N VAL G 271 32.95 51.36 -56.65
CA VAL G 271 32.72 49.98 -57.06
C VAL G 271 33.80 49.13 -56.43
N ASN G 272 33.41 48.33 -55.45
CA ASN G 272 34.35 47.63 -54.57
C ASN G 272 34.51 46.15 -54.93
N GLN G 273 35.57 45.55 -54.40
CA GLN G 273 35.79 44.11 -54.53
C GLN G 273 35.95 43.63 -55.97
N LEU G 274 36.54 44.46 -56.82
CA LEU G 274 36.77 44.08 -58.20
C LEU G 274 37.95 43.12 -58.30
N LEU G 275 37.79 42.09 -59.12
CA LEU G 275 38.83 41.06 -59.26
C LEU G 275 40.02 41.46 -60.14
N PHE G 276 39.75 42.10 -61.27
CA PHE G 276 40.81 42.46 -62.23
C PHE G 276 41.60 41.23 -62.65
N ALA G 277 40.89 40.13 -62.91
CA ALA G 277 41.53 38.82 -63.11
C ALA G 277 42.49 38.75 -64.28
N GLU G 278 42.15 39.41 -65.39
CA GLU G 278 42.99 39.43 -66.59
C GLU G 278 44.36 40.02 -66.28
N ASN G 279 44.40 40.85 -65.25
CA ASN G 279 45.61 41.52 -64.80
C ASN G 279 46.48 40.58 -63.96
N ASP G 280 45.89 39.47 -63.50
CA ASP G 280 46.56 38.48 -62.65
C ASP G 280 47.67 37.74 -63.38
N GLN G 281 48.09 36.61 -62.82
CA GLN G 281 49.06 35.73 -63.47
C GLN G 281 48.30 34.49 -63.93
N ASN G 284 45.17 32.20 -64.77
CA ASN G 284 44.61 30.92 -64.33
C ASN G 284 43.35 31.13 -63.50
N CYS G 285 42.89 30.07 -62.85
CA CYS G 285 41.74 30.07 -61.98
C CYS G 285 40.44 30.25 -62.76
N LYS G 286 39.65 29.17 -62.81
CA LYS G 286 38.42 29.13 -63.59
C LYS G 286 37.41 30.13 -63.04
N ARG G 287 37.31 30.18 -61.72
CA ARG G 287 36.31 30.98 -61.04
C ARG G 287 36.58 32.48 -61.17
N CYS G 288 37.84 32.88 -60.99
CA CYS G 288 38.19 34.30 -61.06
C CYS G 288 37.96 34.84 -62.47
N GLN G 289 38.31 34.06 -63.49
CA GLN G 289 38.10 34.52 -64.86
C GLN G 289 36.61 34.56 -65.19
N ALA G 290 35.86 33.59 -64.71
CA ALA G 290 34.42 33.57 -64.93
C ALA G 290 33.74 34.74 -64.23
N ARG G 291 34.11 34.96 -62.97
CA ARG G 291 33.50 36.01 -62.18
C ARG G 291 33.97 37.41 -62.61
N TRP G 292 35.20 37.51 -63.09
CA TRP G 292 35.71 38.78 -63.59
C TRP G 292 34.95 39.17 -64.87
N LYS G 293 34.64 38.17 -65.68
CA LYS G 293 33.88 38.40 -66.90
C LYS G 293 32.52 39.04 -66.58
N MET G 294 31.89 38.57 -65.51
CA MET G 294 30.61 39.13 -65.08
C MET G 294 30.80 40.55 -64.57
N GLN G 295 31.85 40.74 -63.77
CA GLN G 295 32.08 42.03 -63.14
C GLN G 295 32.43 43.07 -64.17
N LYS G 296 33.23 42.69 -65.17
CA LYS G 296 33.64 43.63 -66.19
C LYS G 296 32.45 44.06 -67.05
N LYS G 297 31.55 43.12 -67.32
CA LYS G 297 30.36 43.40 -68.11
C LYS G 297 29.50 44.47 -67.46
N TYR G 298 29.20 44.28 -66.18
CA TYR G 298 28.37 45.22 -65.46
C TYR G 298 29.13 46.51 -65.19
N LEU G 299 30.45 46.41 -65.09
CA LEU G 299 31.27 47.58 -64.80
C LEU G 299 31.18 48.57 -65.94
N ASP G 300 31.15 48.07 -67.17
CA ASP G 300 30.97 48.94 -68.33
C ASP G 300 29.59 49.60 -68.29
N GLN G 301 28.61 48.89 -67.76
CA GLN G 301 27.25 49.40 -67.68
C GLN G 301 27.15 50.50 -66.63
N ILE G 302 27.92 50.36 -65.55
CA ILE G 302 27.95 51.37 -64.50
C ILE G 302 28.61 52.65 -65.02
N ASP G 303 29.70 52.48 -65.77
CA ASP G 303 30.41 53.61 -66.36
C ASP G 303 29.54 54.39 -67.33
N GLU G 304 28.70 53.70 -68.07
CA GLU G 304 27.88 54.35 -69.08
C GLU G 304 26.75 55.15 -68.43
N LEU G 305 26.09 54.56 -67.45
CA LEU G 305 24.98 55.23 -66.80
C LEU G 305 25.46 56.39 -65.94
N TYR G 306 26.55 56.18 -65.22
CA TYR G 306 27.01 57.19 -64.27
C TYR G 306 28.19 57.99 -64.79
N GLU G 307 28.03 58.64 -65.94
CA GLU G 307 29.12 59.40 -66.54
C GLU G 307 29.33 60.75 -65.87
N ASP G 308 28.35 61.17 -65.08
CA ASP G 308 28.45 62.43 -64.35
C ASP G 308 29.00 62.18 -62.95
N PHE G 309 29.26 60.91 -62.66
CA PHE G 309 29.71 60.52 -61.34
C PHE G 309 31.21 60.23 -61.33
N HIS G 310 31.83 60.42 -60.17
CA HIS G 310 33.16 59.89 -59.94
C HIS G 310 33.01 58.39 -59.69
N VAL G 311 33.36 57.57 -60.66
CA VAL G 311 33.29 56.12 -60.50
C VAL G 311 34.65 55.57 -60.08
N VAL G 312 34.80 55.28 -58.79
CA VAL G 312 36.07 54.79 -58.26
C VAL G 312 36.08 53.28 -58.14
N LYS G 313 37.07 52.66 -58.76
CA LYS G 313 37.15 51.21 -58.77
C LYS G 313 38.20 50.73 -57.78
N MET G 314 37.81 49.82 -56.91
CA MET G 314 38.68 49.31 -55.85
C MET G 314 38.88 47.80 -55.99
N PRO G 315 40.12 47.35 -55.79
CA PRO G 315 40.44 45.92 -55.96
C PRO G 315 40.05 45.06 -54.77
N LEU G 316 39.77 43.79 -55.04
CA LEU G 316 39.57 42.80 -54.01
C LEU G 316 40.93 42.34 -53.49
N CYS G 317 41.26 42.72 -52.26
CA CYS G 317 42.56 42.39 -51.68
C CYS G 317 42.63 40.95 -51.21
N ALA G 318 43.83 40.39 -51.27
CA ALA G 318 44.06 39.01 -50.89
C ALA G 318 44.09 38.87 -49.37
N GLY G 319 44.36 39.98 -48.69
CA GLY G 319 44.39 39.99 -47.24
C GLY G 319 43.12 40.60 -46.72
N GLU G 320 43.10 40.91 -45.42
CA GLU G 320 41.94 41.54 -44.82
C GLU G 320 42.24 42.98 -44.41
N ILE G 321 41.35 43.90 -44.78
CA ILE G 321 41.53 45.31 -44.49
C ILE G 321 41.19 45.60 -43.03
N ARG G 322 42.21 45.53 -42.18
CA ARG G 322 42.06 45.74 -40.73
C ARG G 322 43.20 46.54 -40.16
N GLY G 323 42.89 47.42 -39.22
CA GLY G 323 43.91 48.24 -38.61
C GLY G 323 44.15 49.51 -39.37
N LEU G 324 44.71 50.51 -38.70
CA LEU G 324 44.98 51.79 -39.32
C LEU G 324 45.89 51.59 -40.53
N ASN G 325 46.86 50.67 -40.39
CA ASN G 325 47.83 50.42 -41.45
C ASN G 325 47.17 49.94 -42.73
N ASN G 326 46.45 48.83 -42.66
CA ASN G 326 45.84 48.27 -43.86
C ASN G 326 44.72 49.14 -44.42
N LEU G 327 44.00 49.84 -43.54
CA LEU G 327 42.94 50.73 -44.02
C LEU G 327 43.56 51.91 -44.76
N THR G 328 44.63 52.46 -44.21
CA THR G 328 45.36 53.54 -44.86
C THR G 328 45.94 53.08 -46.19
N LYS G 329 46.55 51.89 -46.18
CA LYS G 329 47.19 51.33 -47.36
C LYS G 329 46.19 51.07 -48.49
N PHE G 330 44.95 50.84 -48.10
CA PHE G 330 43.87 50.57 -49.04
C PHE G 330 43.22 51.87 -49.51
N SER G 331 43.13 52.85 -48.61
CA SER G 331 42.44 54.09 -48.89
C SER G 331 43.14 54.96 -49.94
N GLN G 332 44.43 54.72 -50.16
CA GLN G 332 45.20 55.55 -51.08
C GLN G 332 44.64 55.47 -52.49
N PHE G 333 43.92 54.39 -52.78
CA PHE G 333 43.36 54.19 -54.10
C PHE G 333 41.99 54.86 -54.24
N LEU G 334 41.59 55.59 -53.20
CA LEU G 334 40.42 56.45 -53.26
C LEU G 334 40.84 57.84 -53.69
N ASN G 335 42.14 58.12 -53.55
CA ASN G 335 42.71 59.41 -53.87
C ASN G 335 43.32 59.44 -55.27
N LYS G 336 44.26 58.53 -55.52
CA LYS G 336 44.80 58.34 -56.87
C LYS G 336 44.36 56.95 -57.33
N GLU G 337 43.68 56.89 -58.48
CA GLU G 337 43.02 55.66 -58.91
C GLU G 337 43.95 54.46 -58.95
N TYR G 338 43.37 53.29 -58.74
CA TYR G 338 44.13 52.04 -58.69
C TYR G 338 44.52 51.57 -60.07
N ASN G 339 45.80 51.29 -60.24
CA ASN G 339 46.31 50.77 -61.50
C ASN G 339 46.71 49.31 -61.33
N PRO G 340 45.88 48.39 -61.85
CA PRO G 340 46.06 46.94 -61.70
C PRO G 340 47.40 46.45 -62.25
N ILE G 341 47.91 47.12 -63.28
CA ILE G 341 49.18 46.73 -63.86
C ILE G 341 50.32 47.15 -62.96
N THR G 342 50.13 48.26 -62.26
CA THR G 342 51.18 48.83 -61.43
C THR G 342 51.05 48.48 -59.96
N ASP G 343 49.89 48.78 -59.38
CA ASP G 343 49.67 48.64 -57.95
C ASP G 343 49.13 47.27 -57.57
N GLY G 344 49.30 46.28 -58.45
CA GLY G 344 48.74 44.96 -58.25
C GLY G 344 49.40 44.19 -57.12
N LYS G 345 50.55 44.68 -56.67
CA LYS G 345 51.29 44.03 -55.60
C LYS G 345 50.70 44.38 -54.25
N VAL G 346 50.02 45.52 -54.18
CA VAL G 346 49.51 46.04 -52.91
C VAL G 346 48.44 45.15 -52.28
N ILE G 347 47.79 44.32 -53.08
CA ILE G 347 46.72 43.47 -52.56
C ILE G 347 47.27 42.27 -51.77
N TYR G 348 48.58 42.08 -51.83
CA TYR G 348 49.23 41.01 -51.09
C TYR G 348 50.13 41.55 -50.00
N GLU G 349 50.21 42.88 -49.93
CA GLU G 349 51.09 43.54 -48.98
C GLU G 349 50.35 43.89 -47.69
N LEU G 350 49.26 43.17 -47.44
CA LEU G 350 48.48 43.36 -46.24
C LEU G 350 48.88 42.35 -45.16
N VAL H 5 24.74 16.18 -35.60
CA VAL H 5 23.98 17.26 -36.23
C VAL H 5 24.59 17.68 -37.57
N GLU H 6 24.14 16.99 -38.62
CA GLU H 6 24.67 17.08 -39.97
C GLU H 6 24.73 18.51 -40.51
N PRO H 7 25.76 18.80 -41.32
CA PRO H 7 25.97 20.14 -41.89
C PRO H 7 25.02 20.41 -43.07
N ASN H 8 23.73 20.33 -42.77
CA ASN H 8 22.68 20.63 -43.73
C ASN H 8 21.42 21.05 -43.01
N LEU H 9 20.44 21.55 -43.76
CA LEU H 9 19.17 21.99 -43.17
C LEU H 9 18.04 20.99 -43.45
N HIS H 10 18.40 19.73 -43.69
CA HIS H 10 17.42 18.71 -44.03
C HIS H 10 16.33 18.57 -42.98
N SER H 11 16.71 18.65 -41.71
CA SER H 11 15.74 18.55 -40.62
C SER H 11 14.74 19.71 -40.66
N LEU H 12 15.22 20.89 -41.04
CA LEU H 12 14.37 22.07 -41.09
C LEU H 12 13.49 22.09 -42.33
N ILE H 13 14.09 21.70 -43.45
CA ILE H 13 13.42 21.73 -44.74
C ILE H 13 12.22 20.79 -44.78
N THR H 14 12.31 19.68 -44.05
CA THR H 14 11.23 18.71 -44.02
C THR H 14 10.42 18.83 -42.73
N SER H 15 10.65 19.92 -42.00
CA SER H 15 9.93 20.21 -40.77
C SER H 15 8.46 20.51 -41.05
N THR H 16 7.59 20.02 -40.18
CA THR H 16 6.16 20.23 -40.33
C THR H 16 5.57 21.05 -39.20
N THR H 17 6.42 21.60 -38.34
CA THR H 17 5.95 22.32 -37.17
C THR H 17 6.28 23.81 -37.22
N HIS H 18 7.36 24.14 -37.90
CA HIS H 18 7.79 25.53 -37.97
C HIS H 18 6.79 26.36 -38.75
N LYS H 19 6.38 27.48 -38.15
CA LYS H 19 5.44 28.40 -38.77
C LYS H 19 6.12 29.71 -39.11
N TRP H 20 7.19 30.01 -38.37
CA TRP H 20 7.94 31.23 -38.57
C TRP H 20 9.42 30.89 -38.71
N ILE H 21 9.98 31.10 -39.90
CA ILE H 21 11.39 30.87 -40.11
C ILE H 21 12.09 32.16 -40.51
N PHE H 22 12.94 32.67 -39.62
CA PHE H 22 13.64 33.91 -39.88
C PHE H 22 15.02 33.66 -40.47
N VAL H 23 15.35 34.38 -41.53
CA VAL H 23 16.69 34.27 -42.10
C VAL H 23 17.36 35.61 -41.94
N GLY H 24 18.49 35.62 -41.25
CA GLY H 24 19.16 36.86 -40.93
C GLY H 24 20.65 36.73 -40.86
N GLY H 25 21.30 37.81 -40.43
CA GLY H 25 22.74 37.85 -40.35
C GLY H 25 23.25 39.19 -40.85
N LYS H 26 24.56 39.34 -40.88
CA LYS H 26 25.20 40.55 -41.36
C LYS H 26 24.79 40.85 -42.80
N GLY H 27 24.95 42.09 -43.22
CA GLY H 27 24.58 42.49 -44.56
C GLY H 27 25.50 41.90 -45.61
N GLY H 28 24.94 41.49 -46.74
CA GLY H 28 25.73 41.01 -47.86
C GLY H 28 26.16 39.56 -47.79
N VAL H 29 25.83 38.89 -46.69
CA VAL H 29 26.28 37.52 -46.49
C VAL H 29 25.51 36.50 -47.33
N GLY H 30 24.28 36.85 -47.70
CA GLY H 30 23.45 36.00 -48.53
C GLY H 30 22.13 35.63 -47.88
N LYS H 31 21.56 36.58 -47.14
CA LYS H 31 20.26 36.40 -46.49
C LYS H 31 19.17 36.14 -47.53
N THR H 32 19.13 36.99 -48.55
CA THR H 32 18.11 36.89 -49.59
C THR H 32 18.31 35.61 -50.39
N THR H 33 19.55 35.34 -50.77
CA THR H 33 19.87 34.13 -51.52
C THR H 33 19.52 32.87 -50.74
N SER H 34 19.80 32.88 -49.43
CA SER H 34 19.54 31.70 -48.61
C SER H 34 18.05 31.52 -48.31
N SER H 35 17.35 32.62 -48.05
CA SER H 35 15.93 32.55 -47.72
C SER H 35 15.12 32.14 -48.94
N CYS H 36 15.61 32.43 -50.14
CA CYS H 36 14.95 31.96 -51.35
C CYS H 36 15.19 30.45 -51.49
N SER H 37 16.40 30.00 -51.18
CA SER H 37 16.76 28.60 -51.30
C SER H 37 16.03 27.73 -50.29
N ILE H 38 15.92 28.22 -49.05
CA ILE H 38 15.21 27.51 -48.00
C ILE H 38 13.73 27.40 -48.36
N ALA H 39 13.16 28.49 -48.86
CA ALA H 39 11.75 28.52 -49.24
C ALA H 39 11.45 27.53 -50.37
N ILE H 40 12.38 27.44 -51.32
CA ILE H 40 12.20 26.53 -52.45
C ILE H 40 12.33 25.07 -52.03
N GLN H 41 13.33 24.76 -51.20
CA GLN H 41 13.55 23.38 -50.76
C GLN H 41 12.36 22.87 -49.96
N MET H 42 11.81 23.73 -49.10
CA MET H 42 10.64 23.35 -48.33
C MET H 42 9.43 23.14 -49.24
N ALA H 43 9.25 24.03 -50.22
CA ALA H 43 8.14 23.91 -51.16
C ALA H 43 8.24 22.62 -51.94
N LEU H 44 9.45 22.28 -52.36
CA LEU H 44 9.70 21.07 -53.13
C LEU H 44 9.57 19.81 -52.28
N SER H 45 10.00 19.89 -51.04
CA SER H 45 9.95 18.73 -50.16
C SER H 45 8.52 18.47 -49.69
N GLN H 46 7.73 19.53 -49.61
CA GLN H 46 6.36 19.42 -49.12
C GLN H 46 5.37 20.08 -50.07
N PRO H 47 5.08 19.42 -51.20
CA PRO H 47 4.24 19.95 -52.27
C PRO H 47 2.83 20.30 -51.83
N ASN H 48 2.35 19.64 -50.79
CA ASN H 48 0.97 19.81 -50.35
C ASN H 48 0.79 21.01 -49.42
N LYS H 49 1.89 21.63 -49.02
CA LYS H 49 1.81 22.75 -48.09
C LYS H 49 2.15 24.05 -48.80
N GLN H 50 1.50 25.13 -48.40
CA GLN H 50 1.76 26.44 -48.98
C GLN H 50 2.78 27.22 -48.17
N PHE H 51 3.72 27.87 -48.87
CA PHE H 51 4.77 28.64 -48.22
C PHE H 51 4.80 30.10 -48.68
N LEU H 52 4.93 31.02 -47.73
CA LEU H 52 5.05 32.45 -48.02
C LEU H 52 6.43 32.97 -47.64
N LEU H 53 7.04 33.73 -48.54
CA LEU H 53 8.35 34.31 -48.30
C LEU H 53 8.24 35.84 -48.24
N ILE H 54 8.26 36.38 -47.03
CA ILE H 54 8.12 37.82 -46.83
C ILE H 54 9.48 38.49 -46.63
N SER H 55 9.65 39.63 -47.28
CA SER H 55 10.85 40.43 -47.10
C SER H 55 10.56 41.58 -46.14
N THR H 56 11.25 41.57 -45.00
CA THR H 56 11.09 42.61 -44.01
C THR H 56 12.17 43.69 -44.18
N ASN H 57 13.04 43.50 -45.15
CA ASN H 57 14.06 44.48 -45.48
C ASN H 57 13.49 45.56 -46.40
N PRO H 58 13.57 46.83 -45.97
CA PRO H 58 13.01 47.94 -46.73
C PRO H 58 13.54 47.98 -48.16
N ALA H 59 14.84 47.70 -48.32
CA ALA H 59 15.42 47.51 -49.64
C ALA H 59 15.22 46.07 -50.10
N HIS H 60 14.10 45.82 -50.77
CA HIS H 60 13.72 44.45 -51.15
C HIS H 60 14.56 43.88 -52.31
N ASN H 61 14.80 42.57 -52.28
CA ASN H 61 15.54 41.89 -53.34
C ASN H 61 14.87 40.63 -53.83
N LEU H 62 13.67 40.34 -53.33
CA LEU H 62 12.95 39.16 -53.77
C LEU H 62 12.57 39.25 -55.24
N SER H 63 12.04 40.40 -55.64
CA SER H 63 11.64 40.59 -57.04
C SER H 63 12.85 40.51 -57.97
N ASP H 64 13.97 41.08 -57.52
CA ASP H 64 15.20 41.08 -58.28
C ASP H 64 15.79 39.69 -58.41
N ALA H 65 15.57 38.88 -57.38
CA ALA H 65 16.16 37.54 -57.30
C ALA H 65 15.43 36.56 -58.21
N PHE H 66 14.11 36.66 -58.23
CA PHE H 66 13.29 35.79 -59.06
C PHE H 66 13.05 36.33 -60.47
N GLY H 67 13.06 37.66 -60.63
CA GLY H 67 12.85 38.25 -61.94
C GLY H 67 11.39 38.50 -62.26
N GLU H 68 10.57 38.62 -61.22
CA GLU H 68 9.17 39.00 -61.39
C GLU H 68 8.77 39.95 -60.27
N LYS H 69 7.85 40.86 -60.56
CA LYS H 69 7.50 41.91 -59.61
C LYS H 69 6.56 41.43 -58.51
N PHE H 70 6.99 41.64 -57.26
CA PHE H 70 6.16 41.34 -56.10
C PHE H 70 5.73 42.63 -55.43
N GLY H 71 4.70 42.54 -54.59
CA GLY H 71 4.16 43.69 -53.92
C GLY H 71 3.60 43.36 -52.55
N LYS H 72 2.74 44.23 -52.05
CA LYS H 72 2.14 44.04 -50.75
C LYS H 72 1.25 42.80 -50.74
N ASP H 73 0.72 42.47 -51.91
CA ASP H 73 -0.15 41.31 -52.07
C ASP H 73 0.64 40.08 -52.50
N ALA H 74 0.45 38.97 -51.79
CA ALA H 74 1.21 37.75 -52.05
C ALA H 74 0.89 37.18 -53.43
N ARG H 75 1.93 36.92 -54.21
CA ARG H 75 1.76 36.33 -55.53
C ARG H 75 2.52 35.02 -55.61
N LYS H 76 2.00 34.05 -56.36
CA LYS H 76 2.69 32.80 -56.55
C LYS H 76 3.98 33.05 -57.32
N VAL H 77 5.02 32.31 -57.00
CA VAL H 77 6.27 32.39 -57.76
C VAL H 77 6.11 31.60 -59.05
N THR H 78 6.33 32.25 -60.18
CA THR H 78 6.14 31.62 -61.49
C THR H 78 7.06 30.41 -61.64
N GLY H 79 6.46 29.25 -61.86
CA GLY H 79 7.18 28.00 -61.96
C GLY H 79 6.99 27.11 -60.74
N MET H 80 6.39 27.67 -59.70
CA MET H 80 6.05 26.89 -58.51
C MET H 80 4.61 27.12 -58.09
N ASN H 81 3.96 26.07 -57.60
CA ASN H 81 2.54 26.15 -57.28
C ASN H 81 2.24 26.39 -55.80
N ASN H 82 3.25 26.24 -54.94
CA ASN H 82 3.01 26.37 -53.50
C ASN H 82 3.98 27.34 -52.80
N LEU H 83 4.63 28.21 -53.57
CA LEU H 83 5.50 29.22 -53.01
C LEU H 83 5.11 30.63 -53.45
N SER H 84 4.89 31.50 -52.48
CA SER H 84 4.48 32.87 -52.77
C SER H 84 5.41 33.86 -52.09
N CYS H 85 5.66 34.98 -52.75
CA CYS H 85 6.49 36.04 -52.17
C CYS H 85 5.68 37.29 -51.85
N MET H 86 6.26 38.13 -51.00
CA MET H 86 5.62 39.38 -50.61
C MET H 86 6.66 40.44 -50.25
N GLU H 87 6.59 41.57 -50.94
CA GLU H 87 7.45 42.71 -50.62
C GLU H 87 6.57 43.89 -50.23
N ILE H 88 6.52 44.17 -48.93
CA ILE H 88 5.64 45.20 -48.41
C ILE H 88 6.14 46.60 -48.76
N ASP H 89 5.27 47.42 -49.36
CA ASP H 89 5.62 48.80 -49.71
C ASP H 89 4.99 49.76 -48.71
N PRO H 90 5.84 50.34 -47.83
CA PRO H 90 5.41 51.21 -46.73
C PRO H 90 4.55 52.40 -47.18
N SER H 91 4.94 53.06 -48.26
CA SER H 91 4.24 54.24 -48.74
C SER H 91 2.84 53.86 -49.25
N ALA H 92 2.79 52.86 -50.13
CA ALA H 92 1.53 52.41 -50.70
C ALA H 92 0.62 51.84 -49.62
N ALA H 93 1.20 51.11 -48.67
CA ALA H 93 0.43 50.49 -47.60
C ALA H 93 -0.31 51.54 -46.77
N LEU H 94 0.39 52.62 -46.46
CA LEU H 94 -0.19 53.72 -45.68
C LEU H 94 -1.25 54.44 -46.52
N LYS H 95 -1.01 54.48 -47.83
CA LYS H 95 -1.96 55.06 -48.78
C LYS H 95 -3.29 54.30 -48.76
N ASP H 96 -3.20 52.98 -48.64
CA ASP H 96 -4.37 52.12 -48.60
C ASP H 96 -5.20 52.34 -47.33
N MET H 97 -4.54 52.38 -46.18
CA MET H 97 -5.24 52.55 -44.91
C MET H 97 -5.87 53.94 -44.76
N ASN H 98 -5.19 54.96 -45.29
CA ASN H 98 -5.74 56.32 -45.28
C ASN H 98 -6.93 56.45 -46.22
N ASP H 99 -6.85 55.79 -47.38
CA ASP H 99 -7.92 55.85 -48.39
C ASP H 99 -8.39 54.45 -48.76
N LEU H 126 -1.06 63.10 -44.50
CA LEU H 126 -0.62 62.23 -43.41
C LEU H 126 0.08 60.97 -43.92
N ALA H 127 -0.28 60.54 -45.12
CA ALA H 127 0.29 59.33 -45.69
C ALA H 127 1.76 59.47 -46.04
N ASP H 128 2.14 60.63 -46.56
CA ASP H 128 3.54 60.87 -46.90
C ASP H 128 4.39 61.01 -45.64
N LEU H 129 3.83 61.67 -44.63
CA LEU H 129 4.52 61.93 -43.38
C LEU H 129 4.75 60.68 -42.54
N THR H 130 3.70 59.89 -42.36
CA THR H 130 3.79 58.64 -41.60
C THR H 130 4.65 57.59 -42.29
N GLY H 131 4.68 57.65 -43.62
CA GLY H 131 5.44 56.71 -44.42
C GLY H 131 6.93 56.95 -44.39
N SER H 132 7.32 58.12 -43.90
CA SER H 132 8.73 58.50 -43.85
C SER H 132 9.31 58.36 -42.44
N ILE H 133 8.46 58.05 -41.46
CA ILE H 133 8.93 57.88 -40.10
C ILE H 133 9.70 56.59 -39.93
N PRO H 134 10.87 56.66 -39.29
CA PRO H 134 11.71 55.48 -39.02
C PRO H 134 11.00 54.48 -38.13
N GLY H 135 11.03 53.21 -38.51
CA GLY H 135 10.37 52.16 -37.75
C GLY H 135 9.10 51.67 -38.41
N ILE H 136 8.54 52.49 -39.30
CA ILE H 136 7.29 52.17 -39.96
C ILE H 136 7.36 50.86 -40.74
N ASP H 137 8.55 50.53 -41.22
CA ASP H 137 8.77 49.30 -41.97
C ASP H 137 8.59 48.08 -41.07
N GLU H 138 9.16 48.15 -39.88
CA GLU H 138 9.08 47.04 -38.94
C GLU H 138 7.65 46.89 -38.43
N ALA H 139 6.95 48.01 -38.33
CA ALA H 139 5.57 48.02 -37.86
C ALA H 139 4.67 47.34 -38.87
N LEU H 140 4.86 47.65 -40.14
CA LEU H 140 4.05 47.06 -41.18
C LEU H 140 4.40 45.59 -41.39
N SER H 141 5.61 45.21 -40.98
CA SER H 141 6.02 43.82 -41.06
C SER H 141 5.31 43.06 -39.96
N PHE H 142 5.27 43.65 -38.77
CA PHE H 142 4.62 43.02 -37.64
C PHE H 142 3.12 42.86 -37.90
N MET H 143 2.55 43.84 -38.58
CA MET H 143 1.12 43.81 -38.91
C MET H 143 0.81 42.69 -39.87
N GLU H 144 1.76 42.39 -40.75
CA GLU H 144 1.59 41.31 -41.71
C GLU H 144 1.59 39.98 -40.94
N VAL H 145 2.52 39.85 -40.01
CA VAL H 145 2.60 38.68 -39.12
C VAL H 145 1.36 38.56 -38.23
N MET H 146 0.95 39.67 -37.66
CA MET H 146 -0.16 39.69 -36.71
C MET H 146 -1.46 39.29 -37.37
N LYS H 147 -1.66 39.76 -38.60
CA LYS H 147 -2.87 39.50 -39.36
C LYS H 147 -2.83 38.10 -39.99
N HIS H 148 -1.63 37.55 -40.12
CA HIS H 148 -1.46 36.19 -40.61
C HIS H 148 -1.98 35.18 -39.59
N ILE H 149 -1.81 35.50 -38.31
CA ILE H 149 -2.29 34.65 -37.22
C ILE H 149 -3.82 34.64 -37.21
N LYS H 150 -4.40 35.79 -37.52
CA LYS H 150 -5.85 35.97 -37.60
C LYS H 150 -6.41 35.02 -38.66
N ARG H 151 -5.60 34.75 -39.67
CA ARG H 151 -5.95 33.85 -40.76
C ARG H 151 -5.96 32.41 -40.25
N GLN H 152 -5.00 32.09 -39.39
CA GLN H 152 -4.87 30.76 -38.80
C GLN H 152 -6.07 30.45 -37.90
N GLU H 153 -6.54 31.47 -37.19
CA GLU H 153 -7.65 31.32 -36.27
C GLU H 153 -8.99 31.32 -37.01
N THR H 159 -4.39 29.68 -44.81
CA THR H 159 -3.65 30.23 -45.94
C THR H 159 -2.28 29.59 -46.10
N PHE H 160 -1.31 30.02 -45.30
CA PHE H 160 0.04 29.48 -45.42
C PHE H 160 0.43 28.69 -44.20
N ASP H 161 1.16 27.60 -44.44
CA ASP H 161 1.62 26.72 -43.37
C ASP H 161 2.89 27.25 -42.68
N THR H 162 3.82 27.76 -43.47
CA THR H 162 5.08 28.30 -42.96
C THR H 162 5.43 29.63 -43.63
N VAL H 163 6.02 30.55 -42.87
CA VAL H 163 6.40 31.86 -43.39
C VAL H 163 7.90 32.08 -43.25
N ILE H 164 8.58 32.29 -44.36
CA ILE H 164 10.01 32.57 -44.31
C ILE H 164 10.27 34.08 -44.42
N PHE H 165 11.10 34.61 -43.53
CA PHE H 165 11.38 36.04 -43.53
C PHE H 165 12.76 36.33 -44.09
N ASP H 166 12.80 37.02 -45.23
CA ASP H 166 14.06 37.58 -45.71
C ASP H 166 14.25 38.90 -45.00
N THR H 167 14.87 38.83 -43.83
CA THR H 167 14.94 39.97 -42.92
C THR H 167 15.96 41.01 -43.35
N ALA H 168 15.86 42.20 -42.75
CA ALA H 168 16.88 43.21 -42.93
C ALA H 168 18.11 42.79 -42.12
N PRO H 169 19.23 43.48 -42.33
CA PRO H 169 20.48 43.17 -41.61
C PRO H 169 20.33 43.17 -40.09
N THR H 170 21.33 42.60 -39.42
CA THR H 170 21.31 42.31 -37.98
C THR H 170 20.66 43.37 -37.09
N GLY H 171 21.08 44.62 -37.27
CA GLY H 171 20.67 45.70 -36.40
C GLY H 171 19.17 45.88 -36.25
N HIS H 172 18.45 45.87 -37.38
CA HIS H 172 17.04 46.21 -37.34
C HIS H 172 16.16 44.98 -37.23
N THR H 173 16.70 43.82 -37.57
CA THR H 173 15.95 42.58 -37.41
C THR H 173 15.72 42.31 -35.93
N LEU H 174 16.72 42.62 -35.10
CA LEU H 174 16.62 42.42 -33.66
C LEU H 174 15.50 43.26 -33.06
N ARG H 175 15.44 44.51 -33.48
CA ARG H 175 14.38 45.43 -33.06
C ARG H 175 13.01 44.90 -33.49
N PHE H 176 12.95 44.31 -34.67
CA PHE H 176 11.71 43.73 -35.16
C PHE H 176 11.26 42.57 -34.27
N LEU H 177 12.21 41.72 -33.90
CA LEU H 177 11.90 40.54 -33.10
C LEU H 177 11.60 40.89 -31.65
N GLN H 178 12.01 42.09 -31.24
CA GLN H 178 11.71 42.58 -29.90
C GLN H 178 10.33 43.19 -29.82
N LEU H 179 9.71 43.40 -30.98
CA LEU H 179 8.44 44.11 -31.08
C LEU H 179 7.30 43.47 -30.28
N PRO H 180 7.20 42.12 -30.31
CA PRO H 180 6.20 41.44 -29.48
C PRO H 180 6.38 41.76 -28.01
N ASN H 181 7.60 41.59 -27.52
CA ASN H 181 7.94 41.91 -26.14
C ASN H 181 7.82 43.41 -25.85
N THR H 182 8.21 44.23 -26.83
CA THR H 182 8.14 45.68 -26.70
C THR H 182 6.69 46.14 -26.65
N LEU H 183 5.88 45.61 -27.56
CA LEU H 183 4.46 45.93 -27.63
C LEU H 183 3.73 45.51 -26.36
N SER H 184 4.11 44.36 -25.82
CA SER H 184 3.49 43.83 -24.62
C SER H 184 3.62 44.79 -23.44
N LYS H 185 4.84 45.23 -23.14
CA LYS H 185 5.07 46.15 -22.04
C LYS H 185 4.36 47.47 -22.29
N LEU H 186 4.55 47.98 -23.50
CA LEU H 186 3.97 49.23 -23.93
C LEU H 186 2.44 49.19 -23.89
N LEU H 187 1.88 48.06 -24.33
CA LEU H 187 0.43 47.94 -24.49
C LEU H 187 -0.33 47.98 -23.18
N GLU H 188 0.12 47.21 -22.20
CA GLU H 188 -0.58 47.15 -20.92
C GLU H 188 -0.50 48.46 -20.13
N LYS H 189 0.68 49.05 -20.07
CA LYS H 189 0.87 50.29 -19.32
C LYS H 189 0.20 51.48 -20.00
N PHE H 190 0.17 51.48 -21.33
CA PHE H 190 -0.52 52.54 -22.04
C PHE H 190 -2.01 52.29 -21.78
N GLY H 191 -2.47 51.11 -22.20
CA GLY H 191 -3.76 50.54 -21.86
C GLY H 191 -4.40 51.05 -20.58
N GLU H 192 -3.58 51.09 -19.53
CA GLU H 192 -4.00 51.52 -18.19
C GLU H 192 -4.21 53.03 -18.18
N ILE H 193 -3.26 53.75 -18.75
CA ILE H 193 -3.26 55.21 -18.81
C ILE H 193 -4.45 55.73 -19.62
N THR H 194 -5.04 54.85 -20.43
CA THR H 194 -6.17 55.17 -21.30
C THR H 194 -7.23 56.04 -20.63
N ASP H 211 -16.21 49.40 -27.06
CA ASP H 211 -15.36 49.13 -25.93
C ASP H 211 -13.89 49.31 -26.28
N ILE H 212 -13.27 50.32 -25.71
CA ILE H 212 -11.87 50.62 -25.99
C ILE H 212 -10.97 49.58 -25.32
N SER H 213 -11.27 49.26 -24.07
CA SER H 213 -10.47 48.31 -23.31
C SER H 213 -10.53 46.90 -23.90
N GLY H 214 -11.69 46.53 -24.44
CA GLY H 214 -11.82 45.19 -25.02
C GLY H 214 -11.00 44.99 -26.27
N LYS H 215 -11.11 45.89 -27.24
CA LYS H 215 -10.29 45.80 -28.44
C LYS H 215 -8.81 46.03 -28.16
N LEU H 216 -8.53 46.87 -27.16
CA LEU H 216 -7.15 47.13 -26.77
C LEU H 216 -6.59 45.87 -26.14
N ASN H 217 -7.48 45.12 -25.49
CA ASN H 217 -7.12 43.84 -24.89
C ASN H 217 -6.93 42.76 -25.94
N GLU H 218 -7.72 42.82 -27.00
CA GLU H 218 -7.62 41.87 -28.11
C GLU H 218 -6.30 42.05 -28.83
N LEU H 219 -5.86 43.30 -28.93
CA LEU H 219 -4.55 43.60 -29.50
C LEU H 219 -3.49 42.94 -28.63
N LYS H 220 -3.71 43.00 -27.31
CA LYS H 220 -2.78 42.41 -26.36
C LYS H 220 -2.76 40.89 -26.47
N ALA H 221 -3.89 40.30 -26.85
CA ALA H 221 -3.97 38.85 -27.03
C ALA H 221 -3.19 38.44 -28.26
N ASN H 222 -3.25 39.25 -29.30
CA ASN H 222 -2.53 38.98 -30.53
C ASN H 222 -1.02 39.03 -30.33
N VAL H 223 -0.58 40.06 -29.61
CA VAL H 223 0.84 40.24 -29.33
C VAL H 223 1.37 39.10 -28.47
N GLU H 224 0.59 38.70 -27.48
CA GLU H 224 0.98 37.62 -26.59
C GLU H 224 1.09 36.31 -27.37
N THR H 225 0.22 36.13 -28.36
CA THR H 225 0.25 34.94 -29.20
C THR H 225 1.53 34.85 -30.02
N ILE H 226 1.94 35.99 -30.58
CA ILE H 226 3.18 36.03 -31.35
C ILE H 226 4.36 35.88 -30.42
N ARG H 227 4.27 36.50 -29.25
CA ARG H 227 5.34 36.49 -28.28
C ARG H 227 5.67 35.08 -27.84
N GLN H 228 4.63 34.26 -27.65
CA GLN H 228 4.81 32.90 -27.17
C GLN H 228 5.21 31.96 -28.30
N GLN H 229 4.79 32.27 -29.52
CA GLN H 229 5.12 31.43 -30.65
C GLN H 229 6.57 31.65 -31.10
N PHE H 230 7.08 32.86 -30.90
CA PHE H 230 8.44 33.16 -31.32
C PHE H 230 9.48 32.58 -30.36
N THR H 231 9.05 32.23 -29.16
CA THR H 231 9.95 31.62 -28.18
C THR H 231 9.79 30.09 -28.17
N ASP H 232 8.99 29.58 -29.09
CA ASP H 232 8.75 28.15 -29.24
C ASP H 232 9.66 27.57 -30.31
N PRO H 233 10.64 26.75 -29.89
CA PRO H 233 11.67 26.18 -30.77
C PRO H 233 11.10 25.35 -31.91
N ASP H 234 9.91 24.79 -31.71
CA ASP H 234 9.26 23.96 -32.71
C ASP H 234 8.50 24.79 -33.73
N LEU H 235 8.15 26.02 -33.36
CA LEU H 235 7.36 26.89 -34.23
C LEU H 235 8.22 27.92 -34.94
N THR H 236 9.12 28.55 -34.21
CA THR H 236 9.94 29.63 -34.75
C THR H 236 11.43 29.33 -34.65
N THR H 237 12.17 29.61 -35.72
CA THR H 237 13.61 29.50 -35.65
C THR H 237 14.31 30.57 -36.46
N PHE H 238 15.56 30.85 -36.12
CA PHE H 238 16.34 31.85 -36.80
C PHE H 238 17.51 31.16 -37.47
N VAL H 239 17.64 31.33 -38.78
CA VAL H 239 18.76 30.75 -39.50
C VAL H 239 19.79 31.83 -39.77
N CYS H 240 20.96 31.72 -39.17
CA CYS H 240 21.99 32.72 -39.36
C CYS H 240 22.82 32.45 -40.59
N VAL H 241 22.97 33.48 -41.42
CA VAL H 241 23.85 33.38 -42.57
C VAL H 241 25.08 34.21 -42.31
N CYS H 242 26.22 33.74 -42.78
CA CYS H 242 27.46 34.47 -42.59
C CYS H 242 28.48 34.05 -43.61
N ILE H 243 29.58 34.78 -43.67
CA ILE H 243 30.72 34.38 -44.47
C ILE H 243 31.93 34.13 -43.58
N SER H 244 32.89 33.37 -44.06
CA SER H 244 34.06 33.04 -43.28
C SER H 244 35.10 34.15 -43.41
N GLU H 245 34.72 35.34 -42.95
CA GLU H 245 35.63 36.47 -42.95
C GLU H 245 35.65 37.07 -41.56
N PHE H 246 36.72 37.79 -41.25
CA PHE H 246 36.96 38.26 -39.90
C PHE H 246 35.81 39.10 -39.34
N LEU H 247 35.41 40.15 -40.06
CA LEU H 247 34.36 41.05 -39.58
C LEU H 247 32.98 40.38 -39.42
N SER H 248 32.79 39.24 -40.07
CA SER H 248 31.52 38.53 -39.98
C SER H 248 31.46 37.64 -38.75
N LEU H 249 32.63 37.21 -38.30
CA LEU H 249 32.73 36.30 -37.17
C LEU H 249 32.17 36.92 -35.90
N TYR H 250 32.60 38.15 -35.64
CA TYR H 250 32.29 38.83 -34.38
C TYR H 250 30.88 39.41 -34.36
N GLU H 251 30.35 39.75 -35.53
CA GLU H 251 28.98 40.27 -35.59
C GLU H 251 27.97 39.15 -35.51
N THR H 252 28.29 38.01 -36.13
CA THR H 252 27.41 36.85 -36.10
C THR H 252 27.28 36.31 -34.69
N GLU H 253 28.41 36.16 -34.01
CA GLU H 253 28.43 35.71 -32.63
C GLU H 253 27.62 36.66 -31.76
N ARG H 254 27.85 37.94 -31.96
CA ARG H 254 27.19 38.98 -31.21
C ARG H 254 25.67 38.96 -31.45
N LEU H 255 25.29 38.62 -32.68
CA LEU H 255 23.87 38.54 -33.05
C LEU H 255 23.20 37.31 -32.47
N ILE H 256 23.86 36.16 -32.57
CA ILE H 256 23.33 34.91 -32.09
C ILE H 256 23.09 34.93 -30.58
N GLN H 257 24.03 35.53 -29.85
CA GLN H 257 23.90 35.66 -28.40
C GLN H 257 22.70 36.52 -28.04
N GLU H 258 22.49 37.60 -28.79
CA GLU H 258 21.39 38.51 -28.51
C GLU H 258 20.05 37.85 -28.87
N LEU H 259 20.05 37.00 -29.88
CA LEU H 259 18.83 36.30 -30.26
C LEU H 259 18.49 35.29 -29.17
N ILE H 260 19.52 34.62 -28.66
CA ILE H 260 19.35 33.64 -27.60
C ILE H 260 18.83 34.29 -26.32
N SER H 261 19.24 35.53 -26.08
CA SER H 261 18.80 36.24 -24.88
C SER H 261 17.33 36.62 -24.98
N TYR H 262 16.79 36.58 -26.20
CA TYR H 262 15.37 36.85 -26.44
C TYR H 262 14.57 35.56 -26.51
N ASP H 263 15.24 34.43 -26.25
CA ASP H 263 14.61 33.12 -26.34
C ASP H 263 14.23 32.73 -27.77
N MET H 264 14.97 33.26 -28.74
CA MET H 264 14.82 32.83 -30.13
C MET H 264 15.63 31.58 -30.39
N ASP H 265 15.00 30.57 -30.98
CA ASP H 265 15.72 29.35 -31.28
C ASP H 265 16.66 29.57 -32.45
N VAL H 266 17.92 29.23 -32.25
CA VAL H 266 18.90 29.26 -33.34
C VAL H 266 19.78 28.03 -33.29
N ASN H 267 19.71 27.21 -34.34
CA ASN H 267 20.48 25.98 -34.41
C ASN H 267 21.03 25.74 -35.80
N SER H 268 20.91 26.74 -36.67
CA SER H 268 21.36 26.63 -38.04
C SER H 268 22.24 27.82 -38.40
N ILE H 269 23.41 27.55 -38.95
CA ILE H 269 24.30 28.61 -39.43
C ILE H 269 24.78 28.29 -40.84
N ILE H 270 24.49 29.19 -41.78
CA ILE H 270 25.01 29.02 -43.13
C ILE H 270 26.28 29.84 -43.31
N VAL H 271 27.38 29.16 -43.61
CA VAL H 271 28.63 29.82 -43.97
C VAL H 271 28.70 29.85 -45.48
N ASN H 272 28.53 31.05 -46.04
CA ASN H 272 28.32 31.22 -47.46
C ASN H 272 29.57 31.74 -48.17
N GLN H 273 29.57 31.63 -49.50
CA GLN H 273 30.63 32.21 -50.34
C GLN H 273 32.02 31.65 -50.07
N LEU H 274 32.09 30.38 -49.71
CA LEU H 274 33.35 29.69 -49.46
C LEU H 274 34.04 29.31 -50.77
N LEU H 275 35.36 29.49 -50.82
CA LEU H 275 36.14 29.21 -52.02
C LEU H 275 36.41 27.73 -52.26
N PHE H 276 36.80 27.01 -51.21
CA PHE H 276 37.19 25.61 -51.33
C PHE H 276 38.30 25.49 -52.37
N ALA H 277 39.22 26.45 -52.32
CA ALA H 277 40.21 26.70 -53.38
C ALA H 277 41.13 25.54 -53.70
N GLU H 278 41.51 24.78 -52.67
CA GLU H 278 42.47 23.70 -52.82
C GLU H 278 42.06 22.62 -53.83
N ASN H 279 40.76 22.43 -54.02
CA ASN H 279 40.25 21.43 -54.96
C ASN H 279 40.12 21.80 -56.45
N ASP H 280 40.05 23.10 -56.78
CA ASP H 280 39.78 23.49 -58.16
C ASP H 280 40.91 23.20 -59.15
N GLN H 281 42.14 23.58 -58.78
CA GLN H 281 43.33 23.35 -59.59
C GLN H 281 43.19 24.01 -60.96
N HIS H 283 47.77 24.59 -59.14
CA HIS H 283 46.90 25.76 -59.00
C HIS H 283 47.71 27.04 -59.20
N ASN H 284 48.26 27.55 -58.11
CA ASN H 284 49.05 28.77 -58.08
C ASN H 284 48.26 30.02 -58.46
N CYS H 285 47.07 30.16 -57.88
CA CYS H 285 46.27 31.37 -58.04
C CYS H 285 46.45 32.11 -56.71
N LYS H 286 47.26 33.16 -56.75
CA LYS H 286 47.72 33.80 -55.53
C LYS H 286 46.60 34.37 -54.66
N ARG H 287 45.62 35.03 -55.27
CA ARG H 287 44.57 35.67 -54.48
C ARG H 287 43.60 34.65 -53.86
N CYS H 288 43.16 33.67 -54.63
CA CYS H 288 42.22 32.66 -54.14
C CYS H 288 42.82 31.76 -53.07
N GLN H 289 44.08 31.38 -53.26
CA GLN H 289 44.78 30.53 -52.32
C GLN H 289 45.01 31.28 -51.02
N ALA H 290 45.33 32.57 -51.15
CA ALA H 290 45.51 33.43 -49.99
C ALA H 290 44.19 33.60 -49.24
N ARG H 291 43.11 33.85 -49.97
CA ARG H 291 41.82 34.08 -49.34
C ARG H 291 41.20 32.79 -48.79
N TRP H 292 41.46 31.67 -49.44
CA TRP H 292 40.97 30.38 -48.94
C TRP H 292 41.69 29.95 -47.67
N LYS H 293 43.00 30.21 -47.62
CA LYS H 293 43.78 29.89 -46.44
C LYS H 293 43.21 30.62 -45.24
N MET H 294 42.80 31.87 -45.47
CA MET H 294 42.19 32.69 -44.44
C MET H 294 40.80 32.15 -44.09
N GLN H 295 40.03 31.78 -45.11
CA GLN H 295 38.66 31.32 -44.91
C GLN H 295 38.60 29.99 -44.17
N LYS H 296 39.53 29.09 -44.47
CA LYS H 296 39.53 27.79 -43.84
C LYS H 296 39.87 27.92 -42.35
N LYS H 297 40.76 28.87 -42.05
CA LYS H 297 41.17 29.12 -40.67
C LYS H 297 39.99 29.47 -39.77
N TYR H 298 39.19 30.43 -40.22
CA TYR H 298 38.04 30.89 -39.45
C TYR H 298 36.96 29.83 -39.46
N LEU H 299 36.93 29.05 -40.53
CA LEU H 299 35.91 28.01 -40.67
C LEU H 299 36.13 26.95 -39.60
N ASP H 300 37.38 26.63 -39.31
CA ASP H 300 37.68 25.70 -38.23
C ASP H 300 37.23 26.27 -36.88
N GLN H 301 37.36 27.58 -36.74
CA GLN H 301 37.00 28.25 -35.50
C GLN H 301 35.49 28.29 -35.34
N ILE H 302 34.79 28.42 -36.46
CA ILE H 302 33.33 28.41 -36.46
C ILE H 302 32.80 27.02 -36.14
N ASP H 303 33.43 26.00 -36.72
CA ASP H 303 33.04 24.62 -36.47
C ASP H 303 33.22 24.29 -35.00
N GLU H 304 34.25 24.86 -34.39
CA GLU H 304 34.59 24.55 -33.01
C GLU H 304 33.60 25.19 -32.03
N LEU H 305 33.26 26.45 -32.28
CA LEU H 305 32.37 27.17 -31.38
C LEU H 305 30.94 26.64 -31.48
N TYR H 306 30.51 26.35 -32.70
CA TYR H 306 29.13 25.95 -32.92
C TYR H 306 29.02 24.45 -33.17
N GLU H 307 29.48 23.64 -32.21
CA GLU H 307 29.45 22.20 -32.38
C GLU H 307 28.05 21.66 -32.16
N ASP H 308 27.20 22.47 -31.55
CA ASP H 308 25.81 22.06 -31.33
C ASP H 308 24.88 22.57 -32.42
N PHE H 309 25.43 23.33 -33.37
CA PHE H 309 24.64 23.95 -34.43
C PHE H 309 24.75 23.20 -35.75
N HIS H 310 23.73 23.31 -36.59
CA HIS H 310 23.84 22.89 -37.97
C HIS H 310 24.66 23.91 -38.73
N VAL H 311 25.93 23.59 -38.99
CA VAL H 311 26.80 24.48 -39.76
C VAL H 311 26.84 24.06 -41.22
N VAL H 312 26.07 24.77 -42.07
CA VAL H 312 25.95 24.41 -43.47
C VAL H 312 26.91 25.22 -44.32
N LYS H 313 27.76 24.55 -45.08
CA LYS H 313 28.77 25.26 -45.86
C LYS H 313 28.39 25.30 -47.33
N MET H 314 28.40 26.51 -47.89
CA MET H 314 27.99 26.77 -49.26
C MET H 314 29.12 27.38 -50.07
N PRO H 315 29.27 26.94 -51.33
CA PRO H 315 30.34 27.38 -52.22
C PRO H 315 30.07 28.74 -52.85
N LEU H 316 31.13 29.44 -53.20
CA LEU H 316 31.03 30.64 -54.02
C LEU H 316 30.92 30.21 -55.49
N CYS H 317 29.75 30.44 -56.09
CA CYS H 317 29.52 30.02 -57.47
C CYS H 317 30.16 30.96 -58.50
N ALA H 318 30.53 30.38 -59.64
CA ALA H 318 31.17 31.12 -60.73
C ALA H 318 30.14 31.92 -61.54
N GLY H 319 28.89 31.50 -61.49
CA GLY H 319 27.82 32.20 -62.18
C GLY H 319 27.03 33.05 -61.21
N GLU H 320 25.89 33.57 -61.66
CA GLU H 320 25.05 34.35 -60.75
C GLU H 320 23.76 33.62 -60.42
N ILE H 321 23.45 33.55 -59.13
CA ILE H 321 22.28 32.84 -58.66
C ILE H 321 21.02 33.70 -58.75
N ARG H 322 20.37 33.70 -59.91
CA ARG H 322 19.14 34.45 -60.11
C ARG H 322 18.17 33.63 -60.95
N GLY H 323 16.89 33.74 -60.63
CA GLY H 323 15.86 32.95 -61.29
C GLY H 323 15.60 31.65 -60.55
N LEU H 324 14.42 31.09 -60.76
CA LEU H 324 14.00 29.90 -60.06
C LEU H 324 14.98 28.74 -60.26
N ASN H 325 15.47 28.58 -61.49
CA ASN H 325 16.36 27.46 -61.78
C ASN H 325 17.66 27.50 -61.01
N ASN H 326 18.42 28.59 -61.14
CA ASN H 326 19.72 28.63 -60.50
C ASN H 326 19.61 28.63 -58.98
N LEU H 327 18.52 29.20 -58.47
CA LEU H 327 18.26 29.21 -57.03
C LEU H 327 17.96 27.79 -56.56
N THR H 328 17.18 27.07 -57.35
CA THR H 328 16.86 25.68 -57.05
C THR H 328 18.13 24.84 -57.02
N LYS H 329 18.97 25.02 -58.04
CA LYS H 329 20.21 24.27 -58.19
C LYS H 329 21.21 24.57 -57.07
N PHE H 330 21.10 25.76 -56.49
CA PHE H 330 21.98 26.17 -55.41
C PHE H 330 21.42 25.71 -54.07
N SER H 331 20.09 25.72 -53.96
CA SER H 331 19.41 25.40 -52.71
C SER H 331 19.56 23.93 -52.35
N GLN H 332 19.88 23.10 -53.33
CA GLN H 332 19.99 21.66 -53.10
C GLN H 332 21.11 21.35 -52.12
N PHE H 333 22.06 22.26 -52.00
CA PHE H 333 23.20 22.05 -51.12
C PHE H 333 22.86 22.47 -49.70
N LEU H 334 21.61 22.84 -49.48
CA LEU H 334 21.10 23.11 -48.14
C LEU H 334 20.47 21.86 -47.54
N ASN H 335 20.13 20.90 -48.40
CA ASN H 335 19.49 19.65 -47.98
C ASN H 335 20.52 18.52 -47.82
N LYS H 336 21.31 18.31 -48.87
CA LYS H 336 22.41 17.37 -48.85
C LYS H 336 23.70 18.18 -48.94
N GLU H 337 24.60 18.00 -47.97
CA GLU H 337 25.76 18.88 -47.87
C GLU H 337 26.58 18.92 -49.17
N TYR H 338 27.21 20.07 -49.40
CA TYR H 338 27.99 20.27 -50.62
C TYR H 338 29.34 19.57 -50.53
N ASN H 339 29.65 18.78 -51.54
CA ASN H 339 30.92 18.09 -51.60
C ASN H 339 31.80 18.69 -52.69
N PRO H 340 32.83 19.44 -52.30
CA PRO H 340 33.70 20.16 -53.24
C PRO H 340 34.40 19.23 -54.24
N ILE H 341 34.64 17.99 -53.85
CA ILE H 341 35.30 17.02 -54.74
C ILE H 341 34.35 16.45 -55.79
N THR H 342 33.08 16.31 -55.44
CA THR H 342 32.09 15.68 -56.31
C THR H 342 31.23 16.70 -57.05
N ASP H 343 30.61 17.59 -56.28
CA ASP H 343 29.65 18.54 -56.81
C ASP H 343 30.29 19.87 -57.23
N GLY H 344 31.60 19.84 -57.46
CA GLY H 344 32.33 21.06 -57.80
C GLY H 344 32.00 21.59 -59.17
N LYS H 345 31.33 20.76 -59.97
CA LYS H 345 30.95 21.14 -61.32
C LYS H 345 29.69 21.99 -61.30
N VAL H 346 28.89 21.82 -60.25
CA VAL H 346 27.60 22.47 -60.15
C VAL H 346 27.76 23.99 -60.04
N ILE H 347 28.95 24.44 -59.65
CA ILE H 347 29.18 25.88 -59.50
C ILE H 347 29.39 26.55 -60.85
N TYR H 348 29.54 25.73 -61.89
CA TYR H 348 29.70 26.25 -63.24
C TYR H 348 28.50 25.88 -64.11
N GLU H 349 27.56 25.16 -63.53
CA GLU H 349 26.40 24.67 -64.28
C GLU H 349 25.25 25.66 -64.20
N LEU H 350 25.49 26.79 -63.56
CA LEU H 350 24.47 27.82 -63.44
C LEU H 350 24.12 28.40 -64.80
N GLU H 351 22.82 28.45 -65.07
CA GLU H 351 22.30 28.98 -66.32
C GLU H 351 22.52 30.49 -66.42
N ASP H 352 22.94 30.97 -67.58
CA ASP H 352 23.14 32.40 -67.80
C ASP H 352 22.22 32.91 -68.91
N GLU I 1 23.99 35.74 -74.60
CA GLU I 1 24.10 34.40 -75.17
C GLU I 1 23.67 34.40 -76.64
N ILE I 2 23.64 35.59 -77.24
CA ILE I 2 23.26 35.76 -78.63
C ILE I 2 21.83 35.28 -78.87
N SER I 3 20.86 35.98 -78.28
CA SER I 3 19.47 35.61 -78.43
C SER I 3 18.75 36.54 -79.38
N GLU I 4 17.47 36.29 -79.60
CA GLU I 4 16.68 37.02 -80.58
C GLU I 4 15.52 37.79 -79.97
N VAL I 5 15.80 39.03 -79.60
CA VAL I 5 14.85 39.93 -78.96
C VAL I 5 13.82 40.49 -79.94
N GLN I 6 12.55 40.43 -79.57
CA GLN I 6 11.52 41.11 -80.37
C GLN I 6 10.29 41.51 -79.54
N LEU I 7 9.64 42.58 -79.97
CA LEU I 7 8.42 43.07 -79.32
C LEU I 7 7.23 43.05 -80.28
N VAL I 8 6.06 42.71 -79.79
CA VAL I 8 4.89 42.70 -80.67
C VAL I 8 3.68 43.42 -80.09
N GLU I 9 3.33 44.55 -80.70
CA GLU I 9 2.15 45.32 -80.28
C GLU I 9 0.86 44.70 -80.83
N SER I 10 -0.23 44.95 -80.11
CA SER I 10 -1.56 44.56 -80.55
C SER I 10 -2.59 45.41 -79.82
N GLY I 11 -3.82 45.44 -80.32
CA GLY I 11 -4.87 46.18 -79.65
C GLY I 11 -5.33 47.38 -80.44
N GLY I 12 -4.50 47.82 -81.38
CA GLY I 12 -4.82 48.98 -82.20
C GLY I 12 -6.08 48.80 -83.02
N GLY I 13 -6.84 49.88 -83.17
CA GLY I 13 -8.06 49.81 -83.93
C GLY I 13 -8.80 51.13 -83.92
N LEU I 14 -10.08 51.07 -84.28
CA LEU I 14 -10.91 52.26 -84.35
C LEU I 14 -11.71 52.41 -83.05
N VAL I 15 -11.61 53.59 -82.44
CA VAL I 15 -12.34 53.86 -81.21
C VAL I 15 -12.95 55.26 -81.28
N GLN I 16 -14.03 55.46 -80.52
CA GLN I 16 -14.75 56.74 -80.54
C GLN I 16 -14.12 57.75 -79.60
N PRO I 17 -14.25 59.04 -79.91
CA PRO I 17 -13.79 60.09 -78.99
C PRO I 17 -14.42 59.92 -77.61
N GLY I 18 -13.58 59.91 -76.58
CA GLY I 18 -14.07 59.73 -75.22
C GLY I 18 -14.01 58.29 -74.77
N GLY I 19 -13.66 57.40 -75.70
CA GLY I 19 -13.62 55.98 -75.42
C GLY I 19 -12.29 55.49 -74.88
N SER I 20 -12.26 54.21 -74.50
CA SER I 20 -11.06 53.60 -73.95
C SER I 20 -10.46 52.56 -74.89
N LEU I 21 -9.16 52.30 -74.74
CA LEU I 21 -8.49 51.28 -75.54
C LEU I 21 -7.22 50.80 -74.87
N ARG I 22 -7.02 49.48 -74.89
CA ARG I 22 -5.87 48.87 -74.22
C ARG I 22 -4.94 48.23 -75.24
N LEU I 23 -3.72 48.73 -75.31
CA LEU I 23 -2.70 48.20 -76.21
C LEU I 23 -1.82 47.20 -75.45
N SER I 24 -1.33 46.20 -76.15
CA SER I 24 -0.43 45.22 -75.55
C SER I 24 0.90 45.16 -76.27
N CYS I 25 1.97 44.93 -75.52
CA CYS I 25 3.30 44.78 -76.10
C CYS I 25 3.93 43.51 -75.55
N ALA I 26 3.90 42.45 -76.35
CA ALA I 26 4.43 41.16 -75.92
C ALA I 26 5.91 41.04 -76.22
N ALA I 27 6.69 40.69 -75.20
CA ALA I 27 8.13 40.61 -75.35
C ALA I 27 8.58 39.16 -75.43
N SER I 28 9.66 38.93 -76.17
CA SER I 28 10.32 37.63 -76.20
C SER I 28 11.83 37.81 -76.38
N GLY I 29 12.60 36.87 -75.82
CA GLY I 29 14.04 36.93 -75.92
C GLY I 29 14.68 37.64 -74.75
N PHE I 30 13.86 38.22 -73.89
CA PHE I 30 14.38 38.90 -72.72
C PHE I 30 13.35 39.03 -71.60
N ASN I 31 13.83 39.13 -70.37
CA ASN I 31 12.95 39.25 -69.22
C ASN I 31 12.61 40.71 -68.96
N LEU I 32 11.31 41.01 -69.07
CA LEU I 32 10.81 42.38 -69.06
C LEU I 32 11.00 43.11 -67.73
N TYR I 33 11.21 42.36 -66.65
CA TYR I 33 11.37 42.94 -65.33
C TYR I 33 12.64 43.79 -65.22
N TYR I 34 13.73 43.28 -65.79
CA TYR I 34 15.04 43.92 -65.66
C TYR I 34 15.28 45.02 -66.67
N TYR I 35 14.25 45.33 -67.47
CA TYR I 35 14.36 46.35 -68.50
C TYR I 35 13.28 47.41 -68.35
N SER I 36 13.34 48.44 -69.19
CA SER I 36 12.26 49.42 -69.23
C SER I 36 11.53 49.29 -70.56
N ILE I 37 10.23 49.54 -70.53
CA ILE I 37 9.43 49.46 -71.74
C ILE I 37 8.82 50.83 -71.98
N HIS I 38 8.82 51.24 -73.24
CA HIS I 38 8.41 52.59 -73.58
C HIS I 38 7.39 52.58 -74.69
N TRP I 39 6.43 53.49 -74.59
CA TRP I 39 5.50 53.70 -75.67
C TRP I 39 5.84 54.99 -76.41
N VAL I 40 6.02 54.87 -77.72
CA VAL I 40 6.28 56.00 -78.60
C VAL I 40 5.28 55.99 -79.75
N ARG I 41 4.59 57.11 -79.95
CA ARG I 41 3.58 57.18 -81.00
C ARG I 41 3.97 58.18 -82.10
N GLN I 42 3.31 58.06 -83.24
CA GLN I 42 3.60 58.92 -84.38
C GLN I 42 2.32 59.22 -85.15
N ALA I 43 1.79 60.42 -84.95
CA ALA I 43 0.60 60.83 -85.67
C ALA I 43 0.93 60.97 -87.14
N PRO I 44 -0.09 60.83 -88.00
CA PRO I 44 0.09 60.91 -89.46
C PRO I 44 0.78 62.20 -89.87
N GLY I 45 1.94 62.07 -90.53
CA GLY I 45 2.67 63.20 -91.02
C GLY I 45 3.46 63.96 -89.97
N LYS I 46 3.49 63.43 -88.76
CA LYS I 46 4.19 64.08 -87.67
C LYS I 46 5.42 63.29 -87.28
N GLY I 47 6.17 63.79 -86.30
CA GLY I 47 7.38 63.12 -85.84
C GLY I 47 7.07 62.17 -84.71
N LEU I 48 8.13 61.70 -84.05
CA LEU I 48 8.02 60.77 -82.95
C LEU I 48 7.68 61.47 -81.63
N GLU I 49 6.76 60.88 -80.87
CA GLU I 49 6.41 61.45 -79.57
C GLU I 49 6.35 60.37 -78.50
N TRP I 50 7.32 60.42 -77.59
CA TRP I 50 7.33 59.54 -76.43
C TRP I 50 6.09 59.81 -75.60
N VAL I 51 5.43 58.76 -75.12
CA VAL I 51 4.19 58.96 -74.36
C VAL I 51 4.31 58.43 -72.93
N ALA I 52 4.95 57.28 -72.76
CA ALA I 52 5.04 56.64 -71.46
C ALA I 52 6.14 55.60 -71.38
N SER I 53 6.66 55.39 -70.17
CA SER I 53 7.68 54.38 -69.93
C SER I 53 7.38 53.65 -68.63
N ILE I 54 7.87 52.41 -68.52
CA ILE I 54 7.75 51.67 -67.26
C ILE I 54 9.06 50.91 -66.94
N SER I 55 9.47 51.00 -65.69
CA SER I 55 10.61 50.22 -65.18
C SER I 55 10.14 49.32 -64.04
N PRO I 56 9.86 48.05 -64.33
CA PRO I 56 9.36 47.16 -63.28
C PRO I 56 10.35 47.00 -62.15
N TYR I 57 11.65 47.10 -62.44
CA TYR I 57 12.66 46.88 -61.42
C TYR I 57 12.72 48.00 -60.37
N SER I 58 12.34 49.21 -60.77
CA SER I 58 12.34 50.35 -59.85
C SER I 58 10.95 50.93 -59.65
N SER I 59 9.96 50.05 -59.50
CA SER I 59 8.54 50.40 -59.42
C SER I 59 8.11 51.78 -60.00
N SER I 60 8.89 52.30 -60.95
CA SER I 60 8.62 53.63 -61.52
C SER I 60 7.89 53.60 -62.88
N THR I 61 7.01 54.58 -63.08
CA THR I 61 6.37 54.82 -64.36
C THR I 61 6.48 56.31 -64.69
N SER I 62 6.42 56.63 -65.98
CA SER I 62 6.59 58.01 -66.40
C SER I 62 5.73 58.32 -67.60
N TYR I 63 5.21 59.54 -67.68
CA TYR I 63 4.32 59.91 -68.77
C TYR I 63 4.68 61.25 -69.38
N ALA I 64 4.43 61.36 -70.69
CA ALA I 64 4.53 62.64 -71.36
C ALA I 64 3.40 63.51 -70.86
N ASP I 65 3.65 64.80 -70.74
CA ASP I 65 2.65 65.69 -70.18
C ASP I 65 1.37 65.69 -71.02
N SER I 66 1.50 65.39 -72.31
CA SER I 66 0.34 65.40 -73.22
C SER I 66 -0.66 64.31 -72.89
N VAL I 67 -0.25 63.28 -72.17
CA VAL I 67 -1.16 62.17 -71.88
C VAL I 67 -1.34 61.89 -70.40
N LYS I 68 -0.67 62.66 -69.54
CA LYS I 68 -0.72 62.42 -68.10
C LYS I 68 -2.16 62.46 -67.59
N GLY I 69 -2.55 61.43 -66.84
CA GLY I 69 -3.89 61.35 -66.28
C GLY I 69 -4.89 60.69 -67.20
N ARG I 70 -4.54 60.49 -68.46
CA ARG I 70 -5.46 59.86 -69.41
C ARG I 70 -4.97 58.45 -69.70
N PHE I 71 -3.65 58.31 -69.78
CA PHE I 71 -3.03 57.03 -70.06
C PHE I 71 -2.43 56.42 -68.80
N THR I 72 -2.37 55.09 -68.80
CA THR I 72 -1.77 54.33 -67.70
C THR I 72 -0.91 53.22 -68.29
N ILE I 73 0.36 53.20 -67.93
CA ILE I 73 1.25 52.15 -68.41
C ILE I 73 1.44 51.13 -67.31
N SER I 74 1.52 49.86 -67.70
CA SER I 74 1.68 48.78 -66.73
C SER I 74 2.37 47.59 -67.35
N ALA I 75 2.71 46.62 -66.53
CA ALA I 75 3.39 45.42 -67.01
C ALA I 75 2.99 44.21 -66.21
N ASP I 76 2.89 43.09 -66.90
CA ASP I 76 2.62 41.79 -66.28
C ASP I 76 3.81 40.87 -66.50
N THR I 77 4.62 40.69 -65.46
CA THR I 77 5.87 39.94 -65.58
C THR I 77 5.66 38.44 -65.85
N SER I 78 4.55 37.89 -65.37
CA SER I 78 4.28 36.46 -65.57
C SER I 78 4.14 36.12 -67.05
N LYS I 79 3.50 37.01 -67.81
CA LYS I 79 3.33 36.77 -69.24
C LYS I 79 4.28 37.63 -70.10
N ASN I 80 5.18 38.35 -69.44
CA ASN I 80 6.19 39.13 -70.14
C ASN I 80 5.54 40.09 -71.15
N THR I 81 4.58 40.88 -70.68
CA THR I 81 3.83 41.76 -71.55
C THR I 81 3.59 43.12 -70.88
N ALA I 82 3.74 44.20 -71.65
CA ALA I 82 3.42 45.53 -71.15
C ALA I 82 2.12 46.02 -71.77
N TYR I 83 1.47 46.96 -71.10
CA TYR I 83 0.18 47.44 -71.55
C TYR I 83 0.09 48.95 -71.49
N LEU I 84 -0.73 49.53 -72.37
CA LEU I 84 -1.02 50.95 -72.32
C LEU I 84 -2.53 51.19 -72.33
N GLN I 85 -3.04 51.61 -71.17
CA GLN I 85 -4.46 51.89 -71.02
C GLN I 85 -4.73 53.34 -71.42
N MET I 86 -5.48 53.52 -72.49
CA MET I 86 -5.79 54.84 -73.00
C MET I 86 -7.25 55.18 -72.70
N ASN I 87 -7.47 56.24 -71.93
CA ASN I 87 -8.81 56.71 -71.61
C ASN I 87 -9.01 58.13 -72.10
N SER I 88 -10.27 58.53 -72.21
CA SER I 88 -10.61 59.88 -72.65
C SER I 88 -9.90 60.20 -73.97
N LEU I 89 -9.95 59.26 -74.90
CA LEU I 89 -9.24 59.44 -76.16
C LEU I 89 -9.81 60.60 -76.95
N ARG I 90 -8.94 61.24 -77.71
CA ARG I 90 -9.33 62.34 -78.56
C ARG I 90 -8.82 62.05 -79.96
N ALA I 91 -9.34 62.79 -80.94
CA ALA I 91 -8.91 62.60 -82.33
C ALA I 91 -7.39 62.81 -82.45
N GLU I 92 -6.87 63.71 -81.63
CA GLU I 92 -5.45 64.04 -81.62
C GLU I 92 -4.57 62.84 -81.27
N ASP I 93 -5.16 61.84 -80.63
CA ASP I 93 -4.42 60.65 -80.18
C ASP I 93 -4.27 59.62 -81.30
N THR I 94 -4.90 59.89 -82.43
CA THR I 94 -4.81 59.01 -83.59
C THR I 94 -3.39 58.95 -84.11
N ALA I 95 -2.80 57.76 -84.12
CA ALA I 95 -1.41 57.60 -84.52
C ALA I 95 -0.97 56.14 -84.49
N VAL I 96 0.22 55.88 -85.04
CA VAL I 96 0.85 54.58 -84.88
C VAL I 96 1.56 54.53 -83.54
N TYR I 97 1.25 53.50 -82.75
CA TYR I 97 1.83 53.35 -81.43
C TYR I 97 2.88 52.26 -81.43
N TYR I 98 4.12 52.63 -81.15
CA TYR I 98 5.21 51.68 -81.02
C TYR I 98 5.54 51.39 -79.54
N CYS I 99 6.01 50.18 -79.25
CA CYS I 99 6.62 49.91 -77.95
C CYS I 99 8.10 49.56 -78.14
N ALA I 100 8.93 49.96 -77.18
CA ALA I 100 10.36 49.71 -77.26
C ALA I 100 11.00 49.58 -75.89
N ARG I 101 12.18 48.93 -75.85
CA ARG I 101 13.03 48.85 -74.65
C ARG I 101 14.31 49.66 -74.91
N GLY I 102 14.97 50.23 -73.89
CA GLY I 102 14.64 50.05 -72.50
C GLY I 102 15.66 49.30 -71.63
N ARG I 103 16.87 49.84 -71.48
CA ARG I 103 17.86 49.23 -70.57
C ARG I 103 18.11 50.06 -69.29
N TRP I 104 18.41 49.39 -68.17
CA TRP I 104 18.55 50.09 -66.89
C TRP I 104 19.71 51.07 -66.92
N TYR I 105 20.74 50.73 -67.68
CA TYR I 105 21.90 51.61 -67.83
C TYR I 105 21.87 52.44 -69.10
N ARG I 106 20.83 52.32 -69.90
CA ARG I 106 20.80 53.05 -71.15
C ARG I 106 19.40 53.22 -71.69
N ARG I 107 18.84 54.41 -71.49
CA ARG I 107 17.47 54.68 -71.87
C ARG I 107 17.39 55.05 -73.35
N ALA I 108 18.24 54.44 -74.17
CA ALA I 108 18.06 54.53 -75.61
C ALA I 108 17.25 53.32 -76.02
N LEU I 109 16.46 53.47 -77.08
CA LEU I 109 15.51 52.44 -77.47
C LEU I 109 16.10 51.58 -78.57
N ASP I 110 16.50 50.35 -78.23
CA ASP I 110 17.25 49.51 -79.15
C ASP I 110 16.37 48.54 -79.96
N TYR I 111 15.26 48.11 -79.37
CA TYR I 111 14.34 47.22 -80.06
C TYR I 111 12.96 47.84 -80.11
N TRP I 112 12.37 47.84 -81.31
CA TRP I 112 11.04 48.39 -81.50
C TRP I 112 10.11 47.35 -82.06
N GLY I 113 8.82 47.48 -81.75
CA GLY I 113 7.81 46.66 -82.39
C GLY I 113 7.47 47.18 -83.77
N GLN I 114 6.56 46.49 -84.46
CA GLN I 114 6.21 46.86 -85.82
C GLN I 114 5.24 48.03 -85.81
N GLY I 115 4.62 48.28 -84.66
CA GLY I 115 3.69 49.37 -84.51
C GLY I 115 2.25 48.91 -84.64
N THR I 116 1.34 49.61 -83.94
CA THR I 116 -0.07 49.33 -84.08
C THR I 116 -0.83 50.63 -84.28
N LEU I 117 -1.76 50.63 -85.23
CA LEU I 117 -2.45 51.86 -85.59
C LEU I 117 -3.68 52.09 -84.71
N VAL I 118 -3.77 53.28 -84.14
CA VAL I 118 -4.92 53.65 -83.34
C VAL I 118 -5.63 54.81 -84.00
N THR I 119 -6.90 54.61 -84.33
CA THR I 119 -7.70 55.62 -84.98
C THR I 119 -8.85 56.03 -84.09
N VAL I 120 -8.89 57.30 -83.73
CA VAL I 120 -9.97 57.80 -82.89
C VAL I 120 -10.85 58.76 -83.67
N SER I 121 -12.06 58.32 -84.00
CA SER I 121 -13.02 59.16 -84.70
C SER I 121 -14.43 58.59 -84.60
N SER I 122 -15.40 59.50 -84.56
CA SER I 122 -16.81 59.15 -84.50
C SER I 122 -17.41 58.85 -85.88
N ALA I 123 -16.60 59.01 -86.93
CA ALA I 123 -17.09 58.79 -88.30
C ALA I 123 -17.46 57.33 -88.56
N SER I 124 -18.56 57.15 -89.29
CA SER I 124 -19.03 55.82 -89.69
C SER I 124 -18.58 55.47 -91.12
N THR I 125 -18.57 54.17 -91.42
CA THR I 125 -18.15 53.69 -92.74
C THR I 125 -18.99 54.23 -93.89
N LYS I 126 -18.30 54.79 -94.88
CA LYS I 126 -18.96 55.38 -96.04
C LYS I 126 -18.06 55.32 -97.27
N GLY I 127 -18.65 54.99 -98.42
CA GLY I 127 -17.91 54.94 -99.67
C GLY I 127 -17.72 56.33 -100.25
N PRO I 128 -16.69 56.51 -101.09
CA PRO I 128 -16.37 57.83 -101.64
C PRO I 128 -17.23 58.21 -102.83
N SER I 129 -17.27 59.52 -103.11
CA SER I 129 -17.79 60.02 -104.37
C SER I 129 -16.62 60.38 -105.26
N VAL I 130 -16.71 60.01 -106.53
CA VAL I 130 -15.62 60.28 -107.46
C VAL I 130 -15.99 61.41 -108.43
N PHE I 131 -15.22 62.48 -108.41
CA PHE I 131 -15.45 63.60 -109.31
C PHE I 131 -14.27 63.78 -110.26
N PRO I 132 -14.57 64.14 -111.50
CA PRO I 132 -13.51 64.29 -112.50
C PRO I 132 -12.72 65.57 -112.34
N LEU I 133 -11.41 65.50 -112.52
CA LEU I 133 -10.60 66.69 -112.67
C LEU I 133 -10.30 66.87 -114.17
N ALA I 134 -11.24 67.49 -114.87
CA ALA I 134 -11.20 67.61 -116.32
C ALA I 134 -10.10 68.54 -116.81
N PRO I 135 -9.41 68.15 -117.88
CA PRO I 135 -8.33 68.97 -118.45
C PRO I 135 -8.86 70.27 -119.07
N SER I 136 -8.15 71.37 -118.86
CA SER I 136 -8.57 72.67 -119.39
C SER I 136 -8.44 72.77 -120.90
N SER I 137 -9.36 73.53 -121.51
CA SER I 137 -9.34 73.74 -122.95
C SER I 137 -8.21 74.68 -123.35
N GLY I 143 2.37 71.74 -125.45
CA GLY I 143 2.94 71.10 -124.27
C GLY I 143 2.12 69.91 -123.79
N THR I 144 2.16 69.66 -122.48
CA THR I 144 1.41 68.58 -121.86
C THR I 144 0.07 69.06 -121.26
N ALA I 145 -0.82 68.11 -120.96
CA ALA I 145 -2.10 68.40 -120.33
C ALA I 145 -2.27 67.57 -119.06
N ALA I 146 -2.95 68.13 -118.07
CA ALA I 146 -3.15 67.43 -116.80
C ALA I 146 -4.62 67.08 -116.58
N LEU I 147 -4.88 65.88 -116.09
CA LEU I 147 -6.23 65.48 -115.69
C LEU I 147 -6.17 64.47 -114.56
N GLY I 148 -7.31 64.24 -113.89
CA GLY I 148 -7.35 63.29 -112.79
C GLY I 148 -8.72 63.10 -112.17
N CYS I 149 -8.73 62.44 -111.00
CA CYS I 149 -9.97 62.16 -110.27
C CYS I 149 -9.89 62.60 -108.81
N LEU I 150 -10.95 63.24 -108.34
CA LEU I 150 -11.07 63.59 -106.94
C LEU I 150 -11.89 62.54 -106.18
N VAL I 151 -11.24 61.83 -105.25
CA VAL I 151 -11.94 60.84 -104.43
C VAL I 151 -12.25 61.40 -103.05
N LYS I 152 -13.51 61.79 -102.85
CA LYS I 152 -13.87 62.60 -101.69
C LYS I 152 -14.83 61.89 -100.73
N ASP I 153 -14.63 62.16 -99.44
CA ASP I 153 -15.56 61.74 -98.39
C ASP I 153 -15.75 60.23 -98.26
N TYR I 154 -14.66 59.54 -97.91
CA TYR I 154 -14.75 58.12 -97.63
C TYR I 154 -14.15 57.81 -96.25
N PHE I 155 -14.49 56.65 -95.72
CA PHE I 155 -14.01 56.21 -94.42
C PHE I 155 -14.39 54.75 -94.21
N PRO I 156 -13.47 53.97 -93.64
CA PRO I 156 -12.14 54.47 -93.29
C PRO I 156 -11.15 54.32 -94.44
N GLU I 157 -9.88 54.52 -94.14
CA GLU I 157 -8.81 54.27 -95.09
C GLU I 157 -8.83 52.76 -95.39
N PRO I 158 -8.26 52.34 -96.53
CA PRO I 158 -7.66 53.13 -97.58
C PRO I 158 -8.50 53.18 -98.85
N VAL I 159 -8.00 53.88 -99.85
CA VAL I 159 -8.56 53.89 -101.19
C VAL I 159 -7.45 53.68 -102.20
N THR I 160 -7.71 52.81 -103.17
CA THR I 160 -6.75 52.58 -104.24
C THR I 160 -7.30 53.09 -105.58
N VAL I 161 -6.47 53.78 -106.33
CA VAL I 161 -6.89 54.30 -107.62
C VAL I 161 -5.98 53.79 -108.73
N SER I 162 -6.58 53.51 -109.88
CA SER I 162 -5.84 53.07 -111.06
C SER I 162 -6.22 53.93 -112.26
N TRP I 163 -5.56 53.68 -113.38
CA TRP I 163 -5.87 54.41 -114.60
C TRP I 163 -5.91 53.46 -115.80
N ASN I 164 -7.05 53.42 -116.47
CA ASN I 164 -7.29 52.50 -117.56
C ASN I 164 -7.04 51.05 -117.17
N SER I 165 -7.54 50.67 -115.99
CA SER I 165 -7.38 49.31 -115.48
C SER I 165 -5.93 48.86 -115.36
N GLY I 166 -5.03 49.81 -115.09
CA GLY I 166 -3.65 49.51 -114.82
C GLY I 166 -2.71 49.71 -116.00
N ALA I 167 -3.30 50.01 -117.15
CA ALA I 167 -2.53 50.19 -118.38
C ALA I 167 -1.74 51.48 -118.35
N LEU I 168 -2.29 52.50 -117.69
CA LEU I 168 -1.66 53.80 -117.62
C LEU I 168 -1.02 54.04 -116.26
N THR I 169 0.31 54.01 -116.21
CA THR I 169 1.03 54.23 -114.96
C THR I 169 2.01 55.39 -115.09
N SER I 170 2.48 55.61 -116.31
CA SER I 170 3.44 56.67 -116.57
C SER I 170 2.79 58.04 -116.45
N GLY I 171 3.39 58.91 -115.64
CA GLY I 171 2.88 60.25 -115.48
C GLY I 171 1.84 60.37 -114.38
N VAL I 172 1.52 59.25 -113.75
CA VAL I 172 0.52 59.25 -112.69
C VAL I 172 1.07 59.69 -111.34
N HIS I 173 0.33 60.55 -110.66
CA HIS I 173 0.69 60.94 -109.31
C HIS I 173 -0.57 60.82 -108.47
N THR I 174 -0.60 59.78 -107.64
CA THR I 174 -1.69 59.56 -106.71
C THR I 174 -1.25 60.03 -105.33
N PHE I 175 -1.92 61.08 -104.86
CA PHE I 175 -1.51 61.78 -103.64
C PHE I 175 -1.88 61.07 -102.35
N PRO I 176 -1.12 61.33 -101.29
CA PRO I 176 -1.49 60.84 -99.96
C PRO I 176 -2.87 61.34 -99.59
N ALA I 177 -3.68 60.49 -98.98
CA ALA I 177 -5.01 60.88 -98.57
C ALA I 177 -4.96 61.97 -97.50
N VAL I 178 -6.03 62.74 -97.41
CA VAL I 178 -6.14 63.80 -96.42
C VAL I 178 -7.34 63.58 -95.50
N LEU I 179 -7.14 63.78 -94.21
CA LEU I 179 -8.23 63.76 -93.25
C LEU I 179 -8.91 65.11 -93.22
N GLN I 180 -10.19 65.15 -93.61
CA GLN I 180 -10.94 66.38 -93.63
C GLN I 180 -11.50 66.69 -92.25
N SER I 181 -11.94 67.93 -92.06
CA SER I 181 -12.46 68.37 -90.77
C SER I 181 -13.74 67.63 -90.38
N SER I 182 -14.41 67.07 -91.38
CA SER I 182 -15.64 66.31 -91.14
C SER I 182 -15.32 64.93 -90.54
N GLY I 183 -14.07 64.52 -90.64
CA GLY I 183 -13.65 63.22 -90.18
C GLY I 183 -13.58 62.22 -91.33
N LEU I 184 -13.89 62.69 -92.53
CA LEU I 184 -13.85 61.85 -93.72
C LEU I 184 -12.59 62.13 -94.53
N TYR I 185 -12.17 61.14 -95.30
CA TYR I 185 -10.94 61.25 -96.09
C TYR I 185 -11.17 61.66 -97.54
N SER I 186 -10.12 62.18 -98.16
CA SER I 186 -10.12 62.53 -99.57
C SER I 186 -8.72 62.42 -100.16
N LEU I 187 -8.64 62.05 -101.44
CA LEU I 187 -7.37 62.07 -102.14
C LEU I 187 -7.61 62.39 -103.60
N SER I 188 -6.57 62.89 -104.25
CA SER I 188 -6.66 63.18 -105.67
C SER I 188 -5.65 62.33 -106.41
N SER I 189 -6.07 61.82 -107.56
CA SER I 189 -5.14 61.14 -108.45
C SER I 189 -5.11 61.89 -109.78
N VAL I 190 -3.93 62.35 -110.19
CA VAL I 190 -3.83 63.10 -111.43
C VAL I 190 -2.86 62.41 -112.37
N VAL I 191 -2.90 62.81 -113.64
CA VAL I 191 -1.99 62.28 -114.63
C VAL I 191 -1.80 63.29 -115.75
N THR I 192 -0.59 63.36 -116.28
CA THR I 192 -0.31 64.25 -117.40
C THR I 192 -0.11 63.45 -118.66
N VAL I 193 -0.76 63.88 -119.73
CA VAL I 193 -0.66 63.18 -121.01
C VAL I 193 -0.51 64.21 -122.13
N PRO I 194 -0.12 63.77 -123.32
CA PRO I 194 -0.01 64.66 -124.49
C PRO I 194 -1.36 65.31 -124.82
N SER I 195 -1.33 66.59 -125.15
CA SER I 195 -2.56 67.32 -125.48
C SER I 195 -3.21 66.77 -126.75
N SER I 196 -2.41 66.20 -127.65
CA SER I 196 -2.92 65.68 -128.90
C SER I 196 -3.79 64.44 -128.67
N SER I 197 -3.48 63.69 -127.63
CA SER I 197 -4.20 62.45 -127.33
C SER I 197 -5.50 62.69 -126.56
N LEU I 198 -5.85 63.96 -126.34
CA LEU I 198 -6.99 64.29 -125.50
C LEU I 198 -8.31 63.72 -126.01
N GLY I 199 -8.61 63.94 -127.29
CA GLY I 199 -9.89 63.52 -127.84
C GLY I 199 -9.91 62.10 -128.38
N THR I 200 -8.75 61.58 -128.73
CA THR I 200 -8.68 60.24 -129.31
C THR I 200 -8.54 59.16 -128.24
N GLN I 201 -7.96 59.49 -127.10
CA GLN I 201 -7.70 58.50 -126.06
C GLN I 201 -8.62 58.66 -124.85
N THR I 202 -9.04 57.52 -124.29
CA THR I 202 -9.93 57.53 -123.14
C THR I 202 -9.16 57.39 -121.84
N TYR I 203 -9.55 58.16 -120.84
CA TYR I 203 -8.90 58.07 -119.53
C TYR I 203 -9.92 57.82 -118.43
N ILE I 204 -9.77 56.66 -117.78
CA ILE I 204 -10.67 56.25 -116.72
C ILE I 204 -9.88 55.93 -115.46
N CYS I 205 -10.19 56.62 -114.36
CA CYS I 205 -9.61 56.25 -113.07
C CYS I 205 -10.51 55.22 -112.38
N ASN I 206 -9.88 54.21 -111.79
CA ASN I 206 -10.62 53.16 -111.12
C ASN I 206 -10.37 53.24 -109.62
N VAL I 207 -11.37 53.66 -108.86
CA VAL I 207 -11.22 53.85 -107.43
C VAL I 207 -11.98 52.75 -106.68
N ASN I 208 -11.25 51.98 -105.88
CA ASN I 208 -11.83 50.85 -105.17
C ASN I 208 -11.76 51.04 -103.66
N HIS I 209 -12.90 51.33 -103.05
CA HIS I 209 -13.01 51.42 -101.59
C HIS I 209 -13.56 50.12 -101.01
N LYS I 210 -12.66 49.22 -100.57
CA LYS I 210 -13.07 47.88 -100.13
C LYS I 210 -14.00 47.85 -98.91
N PRO I 211 -13.67 48.60 -97.85
CA PRO I 211 -14.48 48.56 -96.62
C PRO I 211 -15.94 48.98 -96.82
N SER I 212 -16.29 49.46 -98.01
CA SER I 212 -17.68 49.86 -98.29
C SER I 212 -18.19 49.09 -99.49
N ASN I 213 -17.31 48.31 -100.10
CA ASN I 213 -17.65 47.49 -101.26
C ASN I 213 -18.11 48.34 -102.43
N THR I 214 -17.65 49.58 -102.49
CA THR I 214 -17.99 50.45 -103.60
C THR I 214 -16.82 50.56 -104.57
N LYS I 215 -17.07 50.18 -105.81
CA LYS I 215 -16.07 50.22 -106.86
C LYS I 215 -16.57 51.16 -107.95
N VAL I 216 -15.78 52.16 -108.29
CA VAL I 216 -16.20 53.14 -109.29
C VAL I 216 -15.21 53.28 -110.44
N ASP I 217 -15.75 53.36 -111.65
CA ASP I 217 -14.95 53.64 -112.84
C ASP I 217 -15.45 54.95 -113.46
N LYS I 218 -14.62 55.98 -113.45
CA LYS I 218 -15.03 57.30 -113.92
C LYS I 218 -14.23 57.78 -115.13
N LYS I 219 -14.92 58.00 -116.23
CA LYS I 219 -14.30 58.51 -117.44
C LYS I 219 -14.03 60.00 -117.29
N VAL I 220 -12.91 60.47 -117.83
CA VAL I 220 -12.51 61.85 -117.63
C VAL I 220 -12.26 62.56 -118.97
N GLU I 221 -13.28 63.26 -119.44
CA GLU I 221 -13.16 64.02 -120.69
C GLU I 221 -13.27 65.51 -120.41
N PRO I 222 -12.87 66.34 -121.38
CA PRO I 222 -12.98 67.80 -121.24
C PRO I 222 -14.41 68.29 -121.17
N LYS I 223 -14.58 69.60 -121.02
CA LYS I 223 -15.91 70.19 -120.96
C LYS I 223 -16.41 70.53 -122.36
N SER I 224 -17.59 70.04 -122.72
CA SER I 224 -18.21 70.39 -123.98
C SER I 224 -18.87 71.76 -123.88
N CYS I 225 -18.24 72.76 -124.49
CA CYS I 225 -18.76 74.13 -124.44
C CYS I 225 -19.96 74.28 -125.37
N ILE J 3 12.28 71.60 -70.85
CA ILE J 3 13.31 70.95 -71.65
C ILE J 3 12.91 70.87 -73.12
N GLN J 4 13.84 71.21 -74.01
CA GLN J 4 13.58 71.15 -75.44
C GLN J 4 14.75 70.58 -76.23
N MET J 5 14.43 69.92 -77.34
CA MET J 5 15.47 69.47 -78.27
C MET J 5 15.21 70.11 -79.62
N THR J 6 16.03 71.09 -80.00
CA THR J 6 15.84 71.79 -81.27
C THR J 6 16.70 71.15 -82.34
N GLN J 7 16.06 70.41 -83.22
CA GLN J 7 16.78 69.72 -84.29
C GLN J 7 16.83 70.58 -85.54
N SER J 8 17.94 70.49 -86.28
CA SER J 8 18.16 71.31 -87.46
C SER J 8 19.06 70.60 -88.45
N PRO J 9 18.74 70.72 -89.74
CA PRO J 9 17.55 71.43 -90.20
C PRO J 9 16.33 70.52 -90.25
N SER J 10 15.16 71.09 -90.47
CA SER J 10 13.94 70.31 -90.58
C SER J 10 13.99 69.46 -91.84
N SER J 11 14.82 69.87 -92.79
CA SER J 11 15.01 69.17 -94.04
C SER J 11 16.35 69.58 -94.66
N LEU J 12 16.98 68.66 -95.37
CA LEU J 12 18.20 69.01 -96.08
C LEU J 12 18.42 68.09 -97.29
N SER J 13 18.92 68.69 -98.37
CA SER J 13 19.15 67.96 -99.60
C SER J 13 20.61 67.55 -99.74
N ALA J 14 20.83 66.33 -100.20
CA ALA J 14 22.18 65.81 -100.34
C ALA J 14 22.26 64.82 -101.50
N SER J 15 23.46 64.56 -101.97
CA SER J 15 23.67 63.59 -103.04
C SER J 15 24.51 62.44 -102.52
N VAL J 16 24.51 61.33 -103.25
CA VAL J 16 25.32 60.19 -102.86
C VAL J 16 26.79 60.58 -102.82
N GLY J 17 27.45 60.22 -101.72
CA GLY J 17 28.85 60.54 -101.48
C GLY J 17 29.04 61.79 -100.65
N ASP J 18 27.97 62.56 -100.48
CA ASP J 18 28.04 63.80 -99.70
C ASP J 18 28.23 63.53 -98.21
N ARG J 19 28.86 64.47 -97.53
CA ARG J 19 28.95 64.45 -96.08
C ARG J 19 27.74 65.19 -95.52
N VAL J 20 26.92 64.50 -94.75
CA VAL J 20 25.71 65.08 -94.19
C VAL J 20 25.86 65.33 -92.69
N THR J 21 25.38 66.49 -92.24
CA THR J 21 25.45 66.87 -90.84
C THR J 21 24.09 67.30 -90.30
N ILE J 22 23.67 66.65 -89.22
CA ILE J 22 22.40 66.96 -88.58
C ILE J 22 22.69 67.31 -87.12
N THR J 23 22.14 68.42 -86.65
CA THR J 23 22.45 68.88 -85.31
C THR J 23 21.21 68.89 -84.44
N CYS J 24 21.41 68.72 -83.15
CA CYS J 24 20.33 68.78 -82.19
C CYS J 24 20.86 69.51 -80.96
N ARG J 25 20.18 70.60 -80.56
CA ARG J 25 20.61 71.41 -79.43
C ARG J 25 19.70 71.23 -78.22
N ALA J 26 20.28 70.78 -77.11
CA ALA J 26 19.51 70.60 -75.87
C ALA J 26 19.34 71.92 -75.12
N SER J 27 18.14 72.13 -74.59
CA SER J 27 17.80 73.36 -73.89
C SER J 27 18.59 73.50 -72.58
N GLN J 28 18.85 72.37 -71.95
CA GLN J 28 19.69 72.30 -70.77
C GLN J 28 20.80 71.32 -71.06
N SER J 29 21.79 71.24 -70.18
CA SER J 29 22.80 70.20 -70.31
C SER J 29 22.18 68.85 -70.03
N VAL J 30 22.40 67.90 -70.93
CA VAL J 30 21.93 66.54 -70.75
C VAL J 30 23.10 65.57 -70.74
N SER J 31 24.30 66.12 -70.53
CA SER J 31 25.53 65.34 -70.61
C SER J 31 25.63 64.66 -71.97
N SER J 32 25.94 63.37 -71.96
CA SER J 32 26.09 62.61 -73.20
C SER J 32 24.86 61.76 -73.50
N ALA J 33 23.77 62.01 -72.78
CA ALA J 33 22.58 61.16 -72.88
C ALA J 33 21.74 61.49 -74.10
N VAL J 34 22.30 61.22 -75.28
CA VAL J 34 21.60 61.53 -76.52
C VAL J 34 21.68 60.37 -77.50
N ALA J 35 20.58 60.09 -78.17
CA ALA J 35 20.56 59.02 -79.17
C ALA J 35 20.02 59.50 -80.52
N TRP J 36 20.44 58.82 -81.58
CA TRP J 36 19.96 59.15 -82.92
C TRP J 36 19.27 57.96 -83.54
N TYR J 37 18.15 58.21 -84.20
CA TYR J 37 17.41 57.15 -84.85
C TYR J 37 17.18 57.46 -86.34
N GLN J 38 17.07 56.40 -87.12
CA GLN J 38 16.69 56.49 -88.52
C GLN J 38 15.35 55.82 -88.70
N GLN J 39 14.45 56.50 -89.39
CA GLN J 39 13.14 55.96 -89.69
C GLN J 39 12.81 56.13 -91.17
N LYS J 40 12.39 55.04 -91.80
CA LYS J 40 11.87 55.10 -93.17
C LYS J 40 10.35 55.06 -93.12
N PRO J 41 9.70 55.65 -94.13
CA PRO J 41 8.24 55.79 -94.05
C PRO J 41 7.53 54.45 -93.91
N GLY J 42 6.62 54.37 -92.93
CA GLY J 42 5.85 53.17 -92.69
C GLY J 42 6.53 52.13 -91.82
N LYS J 43 7.78 52.39 -91.45
CA LYS J 43 8.52 51.43 -90.63
C LYS J 43 8.95 52.01 -89.29
N ALA J 44 9.24 51.14 -88.33
CA ALA J 44 9.71 51.58 -87.03
C ALA J 44 11.13 52.11 -87.13
N PRO J 45 11.45 53.10 -86.30
CA PRO J 45 12.81 53.68 -86.22
C PRO J 45 13.88 52.66 -85.88
N LYS J 46 15.10 52.90 -86.35
CA LYS J 46 16.24 52.08 -85.99
C LYS J 46 17.25 52.92 -85.24
N LEU J 47 17.81 52.35 -84.17
CA LEU J 47 18.79 53.04 -83.35
C LEU J 47 20.13 53.08 -84.08
N LEU J 48 20.72 54.27 -84.19
CA LEU J 48 22.02 54.43 -84.84
C LEU J 48 23.14 54.67 -83.84
N ILE J 49 22.92 55.65 -82.95
CA ILE J 49 23.93 56.07 -82.00
C ILE J 49 23.31 56.31 -80.63
N TYR J 50 24.01 55.88 -79.58
CA TYR J 50 23.57 56.13 -78.22
C TYR J 50 24.69 56.80 -77.43
N SER J 51 24.32 57.47 -76.35
CA SER J 51 25.30 58.15 -75.51
C SER J 51 26.10 59.16 -76.34
N ALA J 52 25.39 59.86 -77.23
CA ALA J 52 25.95 60.96 -78.04
C ALA J 52 26.86 60.50 -79.19
N SER J 53 27.76 59.56 -78.92
CA SER J 53 28.78 59.23 -79.91
C SER J 53 29.08 57.74 -80.06
N SER J 54 28.35 56.90 -79.35
CA SER J 54 28.58 55.45 -79.42
C SER J 54 27.75 54.80 -80.53
N LEU J 55 28.43 54.08 -81.41
CA LEU J 55 27.77 53.42 -82.54
C LEU J 55 27.08 52.11 -82.13
N TYR J 56 25.77 52.06 -82.31
CA TYR J 56 24.98 50.88 -81.98
C TYR J 56 25.31 49.71 -82.91
N SER J 57 25.06 48.49 -82.43
CA SER J 57 25.40 47.27 -83.15
C SER J 57 24.77 47.17 -84.53
N GLY J 58 25.60 46.86 -85.53
CA GLY J 58 25.12 46.61 -86.87
C GLY J 58 25.02 47.85 -87.72
N VAL J 59 25.14 49.01 -87.09
CA VAL J 59 25.07 50.26 -87.84
C VAL J 59 26.39 50.52 -88.55
N PRO J 60 26.31 50.88 -89.85
CA PRO J 60 27.49 51.18 -90.67
C PRO J 60 28.36 52.27 -90.05
N SER J 61 29.66 52.20 -90.30
CA SER J 61 30.62 53.09 -89.65
C SER J 61 30.58 54.50 -90.21
N ARG J 62 29.89 54.68 -91.33
CA ARG J 62 29.77 56.00 -91.93
C ARG J 62 28.91 56.89 -91.06
N PHE J 63 28.16 56.27 -90.16
CA PHE J 63 27.36 57.01 -89.19
C PHE J 63 28.21 57.38 -87.98
N SER J 64 28.06 58.62 -87.55
CA SER J 64 28.91 59.20 -86.51
C SER J 64 28.15 60.16 -85.61
N GLY J 65 28.52 60.17 -84.34
CA GLY J 65 27.92 61.10 -83.39
C GLY J 65 28.98 61.86 -82.62
N SER J 66 28.68 63.12 -82.28
CA SER J 66 29.62 63.92 -81.50
C SER J 66 28.88 64.94 -80.65
N ARG J 67 29.57 65.45 -79.64
CA ARG J 67 28.97 66.41 -78.73
C ARG J 67 29.88 67.59 -78.43
N SER J 68 29.28 68.76 -78.31
CA SER J 68 29.98 69.94 -77.83
C SER J 68 29.03 70.73 -76.95
N GLY J 69 29.17 70.56 -75.64
CA GLY J 69 28.26 71.22 -74.72
C GLY J 69 26.88 70.64 -74.88
N THR J 70 25.91 71.49 -75.23
CA THR J 70 24.54 71.05 -75.42
C THR J 70 24.18 70.82 -76.88
N ASP J 71 25.17 70.88 -77.76
CA ASP J 71 24.93 70.68 -79.19
C ASP J 71 25.33 69.27 -79.62
N PHE J 72 24.41 68.55 -80.25
CA PHE J 72 24.68 67.18 -80.69
C PHE J 72 24.55 67.06 -82.20
N THR J 73 25.48 66.33 -82.78
CA THR J 73 25.59 66.22 -84.22
C THR J 73 25.69 64.79 -84.71
N LEU J 74 24.84 64.44 -85.66
CA LEU J 74 24.96 63.17 -86.38
C LEU J 74 25.63 63.43 -87.73
N THR J 75 26.65 62.65 -88.04
CA THR J 75 27.37 62.81 -89.29
C THR J 75 27.35 61.53 -90.12
N ILE J 76 27.05 61.68 -91.41
CA ILE J 76 27.19 60.58 -92.36
C ILE J 76 28.35 60.89 -93.30
N SER J 77 29.41 60.09 -93.23
CA SER J 77 30.65 60.38 -93.95
C SER J 77 30.46 60.45 -95.45
N SER J 78 29.85 59.41 -96.01
CA SER J 78 29.63 59.33 -97.45
C SER J 78 28.26 58.73 -97.68
N LEU J 79 27.28 59.61 -97.91
CA LEU J 79 25.88 59.23 -97.99
C LEU J 79 25.62 58.12 -99.01
N GLN J 80 24.81 57.13 -98.60
CA GLN J 80 24.41 56.03 -99.47
C GLN J 80 22.93 56.14 -99.82
N PRO J 81 22.52 55.44 -100.89
CA PRO J 81 21.12 55.50 -101.33
C PRO J 81 20.12 55.05 -100.25
N GLU J 82 20.52 54.10 -99.41
CA GLU J 82 19.64 53.58 -98.37
C GLU J 82 19.58 54.51 -97.16
N ASP J 83 20.36 55.59 -97.19
CA ASP J 83 20.41 56.52 -96.08
C ASP J 83 19.43 57.69 -96.21
N PHE J 84 18.79 57.81 -97.37
CA PHE J 84 17.77 58.84 -97.54
C PHE J 84 16.56 58.48 -96.72
N ALA J 85 16.28 59.32 -95.73
CA ALA J 85 15.27 59.00 -94.72
C ALA J 85 15.13 60.13 -93.72
N THR J 86 14.35 59.89 -92.68
CA THR J 86 14.19 60.88 -91.63
C THR J 86 14.97 60.47 -90.39
N TYR J 87 15.67 61.42 -89.79
CA TYR J 87 16.49 61.14 -88.62
C TYR J 87 15.99 61.94 -87.43
N TYR J 88 16.04 61.33 -86.23
CA TYR J 88 15.52 61.95 -85.02
C TYR J 88 16.57 61.89 -83.92
N CYS J 89 16.81 63.01 -83.24
CA CYS J 89 17.67 63.01 -82.07
C CYS J 89 16.76 62.70 -80.88
N GLN J 90 17.33 62.19 -79.80
CA GLN J 90 16.55 61.84 -78.62
C GLN J 90 17.40 61.97 -77.37
N GLN J 91 16.86 62.61 -76.35
CA GLN J 91 17.57 62.77 -75.09
C GLN J 91 16.98 61.94 -73.94
N TYR J 92 17.85 61.42 -73.07
CA TYR J 92 17.44 60.66 -71.90
C TYR J 92 18.33 60.98 -70.70
N PRO J 93 18.30 62.24 -70.24
CA PRO J 93 19.20 62.70 -69.18
C PRO J 93 18.93 61.98 -67.86
N TYR J 94 19.94 61.82 -67.02
CA TYR J 94 19.78 61.10 -65.76
C TYR J 94 18.74 61.72 -64.86
N TYR J 95 18.88 63.02 -64.67
CA TYR J 95 18.02 63.83 -63.81
C TYR J 95 16.53 63.80 -64.17
N SER J 96 16.20 63.34 -65.37
CA SER J 96 14.80 63.35 -65.82
C SER J 96 14.25 61.95 -66.10
N SER J 97 12.99 61.74 -65.72
CA SER J 97 12.28 60.53 -66.07
C SER J 97 11.76 60.59 -67.52
N LEU J 98 11.66 61.81 -68.05
CA LEU J 98 11.08 62.06 -69.38
C LEU J 98 12.03 61.81 -70.55
N ILE J 99 11.46 61.34 -71.65
CA ILE J 99 12.17 61.22 -72.91
C ILE J 99 11.60 62.19 -73.96
N THR J 100 12.47 62.97 -74.59
CA THR J 100 12.03 63.97 -75.57
C THR J 100 12.73 63.82 -76.93
N PHE J 101 11.94 63.83 -78.00
CA PHE J 101 12.48 63.70 -79.35
C PHE J 101 12.62 65.03 -80.07
N GLY J 102 13.60 65.12 -80.96
CA GLY J 102 13.71 66.27 -81.83
C GLY J 102 12.63 66.27 -82.91
N GLN J 103 12.51 67.37 -83.64
CA GLN J 103 11.47 67.52 -84.63
C GLN J 103 11.68 66.60 -85.83
N GLY J 104 12.91 66.12 -85.97
CA GLY J 104 13.26 65.24 -87.06
C GLY J 104 13.93 65.99 -88.19
N THR J 105 14.75 65.28 -88.96
CA THR J 105 15.41 65.83 -90.13
C THR J 105 15.25 64.90 -91.32
N LYS J 106 14.54 65.37 -92.34
CA LYS J 106 14.33 64.59 -93.55
C LYS J 106 15.50 64.77 -94.52
N VAL J 107 16.18 63.67 -94.84
CA VAL J 107 17.28 63.74 -95.79
C VAL J 107 16.80 63.32 -97.18
N GLU J 108 16.64 64.30 -98.06
CA GLU J 108 16.15 64.09 -99.41
C GLU J 108 17.26 64.15 -100.48
N ILE J 109 16.94 63.73 -101.69
CA ILE J 109 17.90 63.70 -102.79
C ILE J 109 18.01 65.04 -103.50
N LYS J 110 19.24 65.55 -103.60
CA LYS J 110 19.48 66.82 -104.24
C LYS J 110 19.50 66.68 -105.76
N ARG J 111 18.83 67.62 -106.42
CA ARG J 111 18.82 67.72 -107.87
C ARG J 111 18.72 69.21 -108.20
N THR J 112 18.76 69.57 -109.49
CA THR J 112 18.67 70.99 -109.83
C THR J 112 17.24 71.50 -109.72
N VAL J 113 17.11 72.80 -109.48
CA VAL J 113 15.81 73.43 -109.33
C VAL J 113 14.95 73.23 -110.57
N ALA J 114 13.67 72.94 -110.38
CA ALA J 114 12.76 72.73 -111.49
C ALA J 114 11.42 73.37 -111.22
N ALA J 115 11.01 74.28 -112.10
CA ALA J 115 9.76 75.01 -111.92
C ALA J 115 8.58 74.06 -112.06
N PRO J 116 7.57 74.23 -111.19
CA PRO J 116 6.33 73.45 -111.22
C PRO J 116 5.40 73.88 -112.35
N SER J 117 4.91 72.94 -113.14
CA SER J 117 3.83 73.27 -114.07
C SER J 117 2.53 73.19 -113.28
N VAL J 118 1.76 74.26 -113.33
CA VAL J 118 0.58 74.42 -112.47
C VAL J 118 -0.71 74.25 -113.26
N PHE J 119 -1.68 73.61 -112.62
CA PHE J 119 -2.98 73.38 -113.24
C PHE J 119 -4.08 73.66 -112.23
N ILE J 120 -5.13 74.34 -112.66
CA ILE J 120 -6.28 74.55 -111.81
C ILE J 120 -7.49 73.80 -112.35
N PHE J 121 -8.30 73.27 -111.44
CA PHE J 121 -9.46 72.48 -111.81
C PHE J 121 -10.71 73.00 -111.14
N PRO J 122 -11.67 73.49 -111.94
CA PRO J 122 -12.93 73.91 -111.33
C PRO J 122 -13.67 72.70 -110.79
N PRO J 123 -14.60 72.91 -109.86
CA PRO J 123 -15.43 71.82 -109.36
C PRO J 123 -16.36 71.31 -110.47
N SER J 124 -16.48 69.99 -110.57
CA SER J 124 -17.32 69.40 -111.61
C SER J 124 -18.78 69.69 -111.34
N ASP J 125 -19.60 69.58 -112.39
CA ASP J 125 -21.03 69.75 -112.22
C ASP J 125 -21.58 68.64 -111.33
N SER J 126 -20.94 67.47 -111.41
CA SER J 126 -21.34 66.31 -110.62
C SER J 126 -21.34 66.65 -109.13
N GLN J 127 -20.25 67.27 -108.68
CA GLN J 127 -20.08 67.61 -107.28
C GLN J 127 -21.04 68.70 -106.82
N LEU J 128 -21.21 69.73 -107.65
CA LEU J 128 -22.06 70.86 -107.28
C LEU J 128 -23.49 70.41 -107.02
N LYS J 129 -23.93 69.39 -107.74
CA LYS J 129 -25.25 68.81 -107.51
C LYS J 129 -25.34 68.14 -106.15
N SER J 130 -24.20 67.68 -105.64
CA SER J 130 -24.16 66.95 -104.37
C SER J 130 -24.13 67.88 -103.17
N GLY J 131 -23.83 69.16 -103.39
CA GLY J 131 -23.96 70.16 -102.35
C GLY J 131 -22.68 70.88 -101.93
N THR J 132 -21.54 70.40 -102.43
CA THR J 132 -20.27 70.97 -102.03
C THR J 132 -19.47 71.38 -103.26
N ALA J 133 -18.38 72.11 -103.03
CA ALA J 133 -17.55 72.59 -104.13
C ALA J 133 -16.07 72.47 -103.78
N SER J 134 -15.37 71.63 -104.51
CA SER J 134 -13.94 71.44 -104.33
C SER J 134 -13.18 71.95 -105.53
N VAL J 135 -12.19 72.79 -105.27
CA VAL J 135 -11.37 73.37 -106.32
C VAL J 135 -9.95 72.84 -106.14
N VAL J 136 -9.36 72.31 -107.21
CA VAL J 136 -8.05 71.68 -107.07
C VAL J 136 -6.97 72.40 -107.84
N CYS J 137 -5.87 72.68 -107.16
CA CYS J 137 -4.69 73.26 -107.78
C CYS J 137 -3.53 72.27 -107.78
N LEU J 138 -2.99 71.96 -108.94
CA LEU J 138 -1.94 70.96 -109.07
C LEU J 138 -0.57 71.59 -109.38
N LEU J 139 0.40 71.37 -108.50
CA LEU J 139 1.79 71.70 -108.76
C LEU J 139 2.52 70.42 -109.13
N ASN J 140 2.95 70.34 -110.39
CA ASN J 140 3.47 69.08 -110.93
C ASN J 140 4.96 69.06 -111.22
N ASN J 141 5.63 68.02 -110.72
CA ASN J 141 7.05 67.76 -111.00
C ASN J 141 7.95 68.98 -110.76
N PHE J 142 8.14 69.33 -109.49
CA PHE J 142 8.95 70.49 -109.12
C PHE J 142 10.02 70.13 -108.08
N TYR J 143 11.02 71.00 -107.97
CA TYR J 143 12.08 70.86 -106.98
C TYR J 143 12.73 72.22 -106.72
N PRO J 144 13.08 72.53 -105.46
CA PRO J 144 12.97 71.70 -104.25
C PRO J 144 11.54 71.59 -103.74
N ARG J 145 11.34 70.94 -102.59
CA ARG J 145 9.99 70.68 -102.12
C ARG J 145 9.25 71.94 -101.68
N GLU J 146 9.99 72.91 -101.15
CA GLU J 146 9.34 74.09 -100.60
C GLU J 146 8.58 74.84 -101.68
N ALA J 147 7.30 75.08 -101.41
CA ALA J 147 6.44 75.81 -102.34
C ALA J 147 5.24 76.33 -101.60
N LYS J 148 4.68 77.42 -102.12
CA LYS J 148 3.57 78.11 -101.51
C LYS J 148 2.40 78.21 -102.45
N VAL J 149 1.25 77.75 -101.99
CA VAL J 149 0.03 77.84 -102.76
C VAL J 149 -0.88 78.82 -102.04
N GLN J 150 -1.44 79.76 -102.79
CA GLN J 150 -2.33 80.75 -102.21
C GLN J 150 -3.62 80.79 -103.01
N TRP J 151 -4.73 80.62 -102.30
CA TRP J 151 -6.04 80.67 -102.94
C TRP J 151 -6.59 82.09 -102.85
N LYS J 152 -7.03 82.60 -103.98
CA LYS J 152 -7.66 83.91 -104.04
C LYS J 152 -9.08 83.82 -104.61
N VAL J 153 -10.08 84.12 -103.80
CA VAL J 153 -11.46 84.18 -104.28
C VAL J 153 -11.90 85.62 -104.47
N ASP J 154 -12.05 86.01 -105.72
CA ASP J 154 -12.33 87.40 -106.06
C ASP J 154 -11.26 88.30 -105.45
N ASN J 155 -10.03 87.83 -105.57
CA ASN J 155 -8.85 88.57 -105.13
C ASN J 155 -8.72 88.65 -103.61
N ALA J 156 -9.58 87.93 -102.89
CA ALA J 156 -9.48 87.88 -101.43
C ALA J 156 -8.66 86.67 -101.04
N LEU J 157 -7.76 86.84 -100.09
CA LEU J 157 -6.86 85.76 -99.73
C LEU J 157 -7.60 84.76 -98.87
N GLN J 158 -7.30 83.48 -99.06
CA GLN J 158 -7.98 82.42 -98.34
C GLN J 158 -7.02 81.73 -97.37
N SER J 159 -7.57 81.26 -96.26
CA SER J 159 -6.77 80.53 -95.28
C SER J 159 -7.63 79.58 -94.45
N GLY J 160 -7.20 78.33 -94.35
CA GLY J 160 -7.85 77.37 -93.47
C GLY J 160 -8.94 76.55 -94.12
N ASN J 161 -9.21 76.80 -95.39
CA ASN J 161 -10.23 76.05 -96.11
C ASN J 161 -9.61 75.30 -97.28
N SER J 162 -8.32 75.01 -97.15
CA SER J 162 -7.57 74.27 -98.15
C SER J 162 -6.69 73.20 -97.49
N GLN J 163 -6.45 72.11 -98.19
CA GLN J 163 -5.56 71.07 -97.68
C GLN J 163 -4.59 70.59 -98.75
N GLU J 164 -3.33 70.44 -98.36
CA GLU J 164 -2.28 70.05 -99.28
C GLU J 164 -1.83 68.61 -99.08
N SER J 165 -1.41 67.98 -100.17
CA SER J 165 -0.82 66.66 -100.10
C SER J 165 0.26 66.54 -101.17
N VAL J 166 1.41 66.01 -100.78
CA VAL J 166 2.57 65.93 -101.67
C VAL J 166 3.10 64.51 -101.80
N THR J 167 3.59 64.17 -102.98
CA THR J 167 4.13 62.85 -103.22
C THR J 167 5.56 62.76 -102.73
N GLU J 168 6.05 61.53 -102.60
CA GLU J 168 7.46 61.29 -102.31
C GLU J 168 8.28 61.60 -103.55
N GLN J 169 9.58 61.76 -103.38
CA GLN J 169 10.46 62.07 -104.50
C GLN J 169 10.34 60.98 -105.56
N ASP J 170 10.16 61.40 -106.81
CA ASP J 170 10.03 60.44 -107.91
C ASP J 170 11.30 59.64 -108.07
N SER J 171 11.17 58.33 -108.26
CA SER J 171 12.33 57.46 -108.34
C SER J 171 13.12 57.66 -109.64
N LYS J 172 12.50 58.31 -110.62
CA LYS J 172 13.16 58.51 -111.91
C LYS J 172 13.88 59.84 -111.98
N ASP J 173 13.23 60.90 -111.49
CA ASP J 173 13.79 62.26 -111.64
C ASP J 173 13.82 63.06 -110.35
N SER J 174 13.42 62.44 -109.24
CA SER J 174 13.56 63.04 -107.91
C SER J 174 12.79 64.34 -107.71
N THR J 175 11.71 64.54 -108.44
CA THR J 175 10.88 65.74 -108.27
C THR J 175 9.67 65.43 -107.39
N TYR J 176 9.01 66.47 -106.89
CA TYR J 176 7.77 66.31 -106.14
C TYR J 176 6.54 66.71 -106.96
N SER J 177 5.38 66.25 -106.52
CA SER J 177 4.10 66.78 -106.98
C SER J 177 3.23 67.12 -105.79
N LEU J 178 2.38 68.12 -105.95
CA LEU J 178 1.56 68.62 -104.86
C LEU J 178 0.15 68.95 -105.34
N SER J 179 -0.85 68.57 -104.54
CA SER J 179 -2.23 68.91 -104.82
C SER J 179 -2.82 69.74 -103.69
N SER J 180 -3.43 70.86 -104.04
CA SER J 180 -4.14 71.67 -103.07
C SER J 180 -5.63 71.71 -103.36
N THR J 181 -6.45 71.45 -102.34
CA THR J 181 -7.90 71.42 -102.49
C THR J 181 -8.56 72.50 -101.64
N LEU J 182 -9.16 73.47 -102.31
CA LEU J 182 -9.92 74.53 -101.64
C LEU J 182 -11.37 74.08 -101.48
N THR J 183 -11.84 74.03 -100.24
CA THR J 183 -13.19 73.55 -99.98
C THR J 183 -14.10 74.69 -99.55
N LEU J 184 -15.14 74.94 -100.34
CA LEU J 184 -16.12 75.97 -100.03
C LEU J 184 -17.52 75.38 -100.05
N SER J 185 -18.48 76.01 -99.36
CA SER J 185 -19.86 75.59 -99.50
C SER J 185 -20.32 75.98 -100.89
N LYS J 186 -21.32 75.27 -101.41
CA LYS J 186 -21.81 75.56 -102.75
C LYS J 186 -22.33 76.98 -102.79
N ALA J 187 -22.80 77.47 -101.64
CA ALA J 187 -23.32 78.83 -101.54
C ALA J 187 -22.22 79.87 -101.71
N ASP J 188 -21.16 79.77 -100.91
CA ASP J 188 -20.04 80.70 -101.01
C ASP J 188 -19.37 80.59 -102.37
N TYR J 189 -19.40 79.39 -102.95
CA TYR J 189 -18.80 79.18 -104.25
C TYR J 189 -19.54 79.96 -105.33
N GLU J 190 -20.86 79.99 -105.24
CA GLU J 190 -21.70 80.64 -106.24
C GLU J 190 -21.90 82.13 -105.96
N LYS J 191 -21.26 82.62 -104.90
CA LYS J 191 -21.28 84.05 -104.59
C LYS J 191 -20.23 84.79 -105.38
N HIS J 192 -19.05 84.20 -105.49
CA HIS J 192 -17.91 84.85 -106.14
C HIS J 192 -17.62 84.33 -107.54
N LYS J 193 -16.79 85.07 -108.27
CA LYS J 193 -16.54 84.76 -109.68
C LYS J 193 -15.12 84.23 -109.95
N VAL J 194 -14.11 84.99 -109.55
CA VAL J 194 -12.74 84.65 -109.91
C VAL J 194 -12.06 83.75 -108.86
N TYR J 195 -11.58 82.60 -109.31
CA TYR J 195 -10.87 81.67 -108.45
C TYR J 195 -9.47 81.48 -108.99
N ALA J 196 -8.47 81.85 -108.21
CA ALA J 196 -7.10 81.82 -108.68
C ALA J 196 -6.22 81.09 -107.70
N CYS J 197 -5.27 80.32 -108.22
CA CYS J 197 -4.30 79.66 -107.38
C CYS J 197 -2.92 80.24 -107.66
N GLU J 198 -2.32 80.85 -106.65
CA GLU J 198 -1.03 81.50 -106.82
C GLU J 198 0.10 80.66 -106.25
N VAL J 199 1.05 80.30 -107.10
CA VAL J 199 2.14 79.42 -106.70
C VAL J 199 3.48 80.14 -106.60
N THR J 200 4.07 80.11 -105.41
CA THR J 200 5.39 80.69 -105.21
C THR J 200 6.40 79.57 -105.02
N HIS J 201 7.40 79.53 -105.89
CA HIS J 201 8.41 78.51 -105.85
C HIS J 201 9.76 79.10 -106.26
N GLN J 202 10.83 78.52 -105.76
CA GLN J 202 12.18 79.03 -106.03
C GLN J 202 12.48 78.91 -107.52
N GLY J 203 11.86 77.94 -108.17
CA GLY J 203 12.05 77.72 -109.59
C GLY J 203 11.30 78.74 -110.43
N LEU J 204 10.45 79.53 -109.77
CA LEU J 204 9.70 80.55 -110.49
C LEU J 204 10.18 81.96 -110.20
N SER J 205 10.45 82.72 -111.26
CA SER J 205 10.74 84.13 -111.14
C SER J 205 9.39 84.83 -111.02
N SER J 206 9.04 85.23 -109.80
CA SER J 206 7.74 85.83 -109.49
C SER J 206 6.64 84.76 -109.59
N PRO J 207 5.58 84.91 -108.79
CA PRO J 207 4.54 83.90 -108.63
C PRO J 207 3.72 83.63 -109.89
N VAL J 208 3.42 82.36 -110.14
CA VAL J 208 2.56 81.97 -111.24
C VAL J 208 1.15 81.82 -110.72
N THR J 209 0.18 82.28 -111.50
CA THR J 209 -1.22 82.25 -111.08
C THR J 209 -2.10 81.63 -112.15
N LYS J 210 -2.68 80.48 -111.85
CA LYS J 210 -3.70 79.91 -112.72
C LYS J 210 -5.08 80.24 -112.16
N SER J 211 -6.02 80.56 -113.03
CA SER J 211 -7.33 80.97 -112.56
C SER J 211 -8.43 80.69 -113.58
N PHE J 212 -9.66 80.83 -113.14
CA PHE J 212 -10.83 80.60 -113.97
C PHE J 212 -12.03 81.37 -113.42
N ASN J 213 -13.01 81.66 -114.26
CA ASN J 213 -14.23 82.29 -113.79
C ASN J 213 -15.32 81.24 -113.65
N ARG J 214 -16.16 81.38 -112.63
CA ARG J 214 -17.17 80.38 -112.30
C ARG J 214 -18.17 80.12 -113.43
N GLY J 215 -18.22 78.87 -113.88
CA GLY J 215 -19.18 78.46 -114.90
C GLY J 215 -18.99 79.06 -116.29
N GLU J 216 -17.73 79.17 -116.74
CA GLU J 216 -17.44 79.72 -118.05
C GLU J 216 -16.85 78.65 -118.98
N CYS J 217 -17.23 77.40 -118.72
CA CYS J 217 -16.78 76.24 -119.47
C CYS J 217 -15.26 76.13 -119.44
N VAL K 5 54.00 36.47 -27.40
CA VAL K 5 52.77 36.66 -26.65
C VAL K 5 52.93 36.39 -25.16
N GLN K 6 52.57 37.38 -24.34
CA GLN K 6 52.60 37.22 -22.91
C GLN K 6 51.65 38.18 -22.21
N LEU K 7 51.21 37.79 -21.01
CA LEU K 7 50.38 38.63 -20.16
C LEU K 7 51.14 38.92 -18.86
N VAL K 8 51.03 40.14 -18.36
CA VAL K 8 51.70 40.48 -17.11
C VAL K 8 50.77 41.22 -16.14
N GLU K 9 50.45 40.57 -15.01
CA GLU K 9 49.64 41.20 -13.98
C GLU K 9 50.49 42.13 -13.12
N SER K 10 49.87 43.16 -12.58
CA SER K 10 50.52 44.05 -11.63
C SER K 10 49.48 44.78 -10.80
N GLY K 11 49.88 45.36 -9.68
CA GLY K 11 48.96 46.12 -8.86
C GLY K 11 48.71 45.46 -7.52
N GLY K 12 49.02 44.18 -7.43
CA GLY K 12 48.81 43.43 -6.22
C GLY K 12 49.57 44.02 -5.05
N GLY K 13 48.98 43.95 -3.87
CA GLY K 13 49.60 44.50 -2.69
C GLY K 13 48.75 44.32 -1.45
N LEU K 14 49.09 45.05 -0.39
CA LEU K 14 48.38 44.93 0.86
C LEU K 14 47.30 46.00 1.00
N VAL K 15 46.08 45.58 1.30
CA VAL K 15 45.00 46.53 1.52
C VAL K 15 44.18 46.16 2.76
N GLN K 16 43.50 47.16 3.33
CA GLN K 16 42.70 46.98 4.52
C GLN K 16 41.33 46.46 4.13
N PRO K 17 40.69 45.67 5.00
CA PRO K 17 39.33 45.16 4.78
C PRO K 17 38.34 46.28 4.48
N GLY K 18 37.59 46.13 3.38
CA GLY K 18 36.62 47.13 2.99
C GLY K 18 37.22 48.13 2.02
N GLY K 19 38.53 48.01 1.82
CA GLY K 19 39.28 48.93 0.99
C GLY K 19 39.30 48.54 -0.46
N SER K 20 39.88 49.40 -1.28
CA SER K 20 39.93 49.16 -2.71
C SER K 20 41.35 48.90 -3.20
N LEU K 21 41.45 48.21 -4.34
CA LEU K 21 42.72 47.91 -4.97
C LEU K 21 42.47 47.61 -6.46
N ARG K 22 43.34 48.13 -7.32
CA ARG K 22 43.16 47.99 -8.77
C ARG K 22 44.26 47.17 -9.44
N LEU K 23 43.88 46.06 -10.07
CA LEU K 23 44.84 45.21 -10.77
C LEU K 23 44.92 45.52 -12.27
N SER K 24 46.09 45.34 -12.85
CA SER K 24 46.30 45.53 -14.29
C SER K 24 46.82 44.26 -14.95
N CYS K 25 46.41 44.02 -16.19
CA CYS K 25 46.88 42.88 -16.96
C CYS K 25 47.31 43.39 -18.33
N ALA K 26 48.62 43.55 -18.51
CA ALA K 26 49.16 44.08 -19.76
C ALA K 26 49.45 42.96 -20.75
N ALA K 27 48.88 43.07 -21.94
CA ALA K 27 49.05 42.05 -22.95
C ALA K 27 50.01 42.55 -24.03
N SER K 28 50.76 41.63 -24.62
CA SER K 28 51.61 41.95 -25.76
C SER K 28 51.67 40.78 -26.73
N GLY K 29 51.87 41.08 -28.00
CA GLY K 29 51.95 40.07 -29.03
C GLY K 29 50.60 39.81 -29.68
N PHE K 30 49.56 40.44 -29.13
CA PHE K 30 48.22 40.30 -29.69
C PHE K 30 47.33 41.46 -29.26
N ASN K 31 46.31 41.76 -30.07
CA ASN K 31 45.38 42.82 -29.73
C ASN K 31 44.22 42.27 -28.91
N LEU K 32 44.14 42.68 -27.65
CA LEU K 32 43.19 42.09 -26.70
C LEU K 32 41.74 42.38 -27.09
N TYR K 33 41.53 43.29 -28.04
CA TYR K 33 40.17 43.62 -28.45
C TYR K 33 39.47 42.39 -29.02
N TYR K 34 40.19 41.62 -29.81
CA TYR K 34 39.60 40.48 -30.52
C TYR K 34 39.61 39.22 -29.66
N TYR K 35 40.00 39.38 -28.40
CA TYR K 35 40.09 38.25 -27.49
C TYR K 35 39.29 38.48 -26.21
N SER K 36 39.23 37.45 -25.36
CA SER K 36 38.60 37.60 -24.07
C SER K 36 39.66 37.49 -22.98
N ILE K 37 39.52 38.29 -21.93
CA ILE K 37 40.48 38.22 -20.84
C ILE K 37 39.76 37.89 -19.53
N HIS K 38 40.38 37.04 -18.73
CA HIS K 38 39.76 36.48 -17.55
C HIS K 38 40.66 36.62 -16.34
N TRP K 39 40.06 36.86 -15.20
CA TRP K 39 40.77 36.83 -13.93
C TRP K 39 40.43 35.55 -13.18
N VAL K 40 41.46 34.81 -12.78
CA VAL K 40 41.28 33.61 -12.00
C VAL K 40 42.18 33.74 -10.79
N ARG K 41 41.61 33.56 -9.60
CA ARG K 41 42.37 33.71 -8.36
C ARG K 41 42.52 32.38 -7.65
N GLN K 42 43.44 32.34 -6.69
CA GLN K 42 43.69 31.13 -5.95
C GLN K 42 44.03 31.49 -4.51
N ALA K 43 43.07 31.27 -3.62
CA ALA K 43 43.30 31.51 -2.20
C ALA K 43 44.31 30.50 -1.68
N PRO K 44 45.00 30.85 -0.59
CA PRO K 44 45.98 29.96 0.03
C PRO K 44 45.36 28.60 0.34
N GLY K 45 45.93 27.55 -0.22
CA GLY K 45 45.50 26.18 0.03
C GLY K 45 44.21 25.79 -0.69
N LYS K 46 43.71 26.67 -1.55
CA LYS K 46 42.47 26.39 -2.27
C LYS K 46 42.70 26.14 -3.77
N GLY K 47 41.61 25.86 -4.49
CA GLY K 47 41.71 25.59 -5.91
C GLY K 47 41.58 26.86 -6.75
N LEU K 48 41.39 26.69 -8.05
CA LEU K 48 41.28 27.82 -8.95
C LEU K 48 39.86 28.36 -8.92
N GLU K 49 39.72 29.68 -8.91
CA GLU K 49 38.40 30.29 -8.92
C GLU K 49 38.30 31.43 -9.94
N TRP K 50 37.54 31.20 -11.00
CA TRP K 50 37.23 32.25 -11.97
C TRP K 50 36.43 33.36 -11.29
N VAL K 51 36.80 34.60 -11.54
CA VAL K 51 36.14 35.72 -10.88
C VAL K 51 35.46 36.66 -11.86
N ALA K 52 36.08 36.88 -13.01
CA ALA K 52 35.53 37.81 -13.99
C ALA K 52 36.07 37.59 -15.41
N SER K 53 35.26 37.95 -16.41
CA SER K 53 35.67 37.86 -17.81
C SER K 53 35.19 39.08 -18.56
N ILE K 54 35.93 39.47 -19.58
CA ILE K 54 35.50 40.56 -20.44
C ILE K 54 35.79 40.29 -21.91
N SER K 55 34.78 40.56 -22.74
CA SER K 55 34.94 40.47 -24.19
C SER K 55 34.67 41.84 -24.79
N PRO K 56 35.73 42.61 -25.05
CA PRO K 56 35.57 43.97 -25.59
C PRO K 56 34.87 43.96 -26.94
N TYR K 57 35.05 42.88 -27.70
CA TYR K 57 34.48 42.78 -29.04
C TYR K 57 32.95 42.69 -29.01
N SER K 58 32.41 42.19 -27.89
CA SER K 58 30.96 42.06 -27.73
C SER K 58 30.44 42.92 -26.59
N SER K 59 31.32 43.74 -26.01
CA SER K 59 30.96 44.62 -24.90
C SER K 59 30.35 43.89 -23.70
N SER K 60 30.59 42.59 -23.63
CA SER K 60 29.99 41.80 -22.57
C SER K 60 30.98 41.53 -21.43
N THR K 61 30.48 41.54 -20.20
CA THR K 61 31.26 41.16 -19.04
C THR K 61 30.45 40.22 -18.16
N SER K 62 31.13 39.39 -17.38
CA SER K 62 30.48 38.43 -16.51
C SER K 62 31.29 38.23 -15.24
N TYR K 63 30.60 38.01 -14.13
CA TYR K 63 31.23 37.92 -12.83
C TYR K 63 30.75 36.72 -12.04
N ALA K 64 31.63 36.17 -11.21
CA ALA K 64 31.25 35.15 -10.23
C ALA K 64 30.43 35.80 -9.13
N ASP K 65 29.44 35.09 -8.61
CA ASP K 65 28.53 35.64 -7.61
C ASP K 65 29.25 36.13 -6.35
N SER K 66 30.41 35.56 -6.07
CA SER K 66 31.17 35.93 -4.87
C SER K 66 31.71 37.35 -4.93
N VAL K 67 31.88 37.89 -6.13
CA VAL K 67 32.48 39.20 -6.30
C VAL K 67 31.62 40.16 -7.11
N LYS K 68 30.42 39.73 -7.49
CA LYS K 68 29.62 40.47 -8.46
C LYS K 68 29.39 41.94 -8.10
N GLY K 69 28.72 42.21 -6.99
CA GLY K 69 28.47 43.59 -6.62
C GLY K 69 29.72 44.36 -6.23
N ARG K 70 30.82 43.65 -6.07
CA ARG K 70 32.06 44.23 -5.57
C ARG K 70 33.15 44.45 -6.62
N PHE K 71 33.24 43.54 -7.59
CA PHE K 71 34.29 43.66 -8.61
C PHE K 71 33.77 44.21 -9.93
N THR K 72 34.64 44.89 -10.66
CA THR K 72 34.34 45.40 -11.99
C THR K 72 35.52 45.19 -12.92
N ILE K 73 35.28 44.50 -14.04
CA ILE K 73 36.34 44.24 -15.01
C ILE K 73 36.19 45.17 -16.22
N SER K 74 37.33 45.62 -16.75
CA SER K 74 37.34 46.55 -17.87
C SER K 74 38.58 46.39 -18.72
N ALA K 75 38.63 47.13 -19.83
CA ALA K 75 39.77 47.05 -20.73
C ALA K 75 40.08 48.38 -21.37
N ASP K 76 41.36 48.65 -21.59
CA ASP K 76 41.78 49.82 -22.35
C ASP K 76 42.51 49.35 -23.60
N THR K 77 41.82 49.38 -24.73
CA THR K 77 42.36 48.83 -25.97
C THR K 77 43.55 49.64 -26.49
N SER K 78 43.56 50.94 -26.19
CA SER K 78 44.64 51.81 -26.67
C SER K 78 46.00 51.36 -26.13
N LYS K 79 46.02 50.92 -24.88
CA LYS K 79 47.26 50.43 -24.28
C LYS K 79 47.31 48.90 -24.20
N ASN K 80 46.30 48.24 -24.76
CA ASN K 80 46.26 46.79 -24.78
C ASN K 80 46.39 46.19 -23.37
N THR K 81 45.55 46.68 -22.47
CA THR K 81 45.62 46.27 -21.08
C THR K 81 44.22 46.11 -20.48
N ALA K 82 44.04 45.08 -19.66
CA ALA K 82 42.79 44.88 -18.95
C ALA K 82 42.95 45.18 -17.46
N TYR K 83 41.84 45.49 -16.79
CA TYR K 83 41.89 45.88 -15.39
C TYR K 83 40.84 45.17 -14.54
N LEU K 84 41.14 45.01 -13.26
CA LEU K 84 40.18 44.50 -12.28
C LEU K 84 40.07 45.44 -11.10
N GLN K 85 38.97 46.20 -11.04
CA GLN K 85 38.74 47.12 -9.93
C GLN K 85 38.02 46.39 -8.81
N MET K 86 38.71 46.25 -7.67
CA MET K 86 38.15 45.54 -6.53
C MET K 86 37.76 46.48 -5.39
N ASN K 87 36.47 46.49 -5.04
CA ASN K 87 35.98 47.28 -3.92
C ASN K 87 35.36 46.39 -2.85
N SER K 88 35.20 46.96 -1.66
CA SER K 88 34.61 46.24 -0.55
C SER K 88 35.33 44.91 -0.31
N LEU K 89 36.65 44.93 -0.33
CA LEU K 89 37.43 43.70 -0.19
C LEU K 89 37.25 43.07 1.18
N ARG K 90 37.33 41.75 1.21
CA ARG K 90 37.21 40.99 2.44
C ARG K 90 38.43 40.10 2.60
N ALA K 91 38.63 39.57 3.81
CA ALA K 91 39.75 38.68 4.07
C ALA K 91 39.71 37.47 3.14
N GLU K 92 38.49 37.05 2.82
CA GLU K 92 38.26 35.91 1.94
C GLU K 92 38.85 36.11 0.56
N ASP K 93 39.05 37.36 0.18
CA ASP K 93 39.55 37.72 -1.15
C ASP K 93 41.06 37.63 -1.25
N THR K 94 41.73 37.38 -0.13
CA THR K 94 43.18 37.24 -0.14
C THR K 94 43.57 36.03 -0.99
N ALA K 95 44.36 36.27 -2.03
CA ALA K 95 44.71 35.21 -2.97
C ALA K 95 45.68 35.72 -4.03
N VAL K 96 46.25 34.80 -4.79
CA VAL K 96 47.00 35.17 -5.99
C VAL K 96 46.03 35.39 -7.14
N TYR K 97 46.13 36.55 -7.80
CA TYR K 97 45.24 36.82 -8.91
C TYR K 97 45.96 36.70 -10.25
N TYR K 98 45.52 35.73 -11.06
CA TYR K 98 46.06 35.55 -12.40
C TYR K 98 45.12 36.16 -13.43
N CYS K 99 45.68 36.65 -14.53
CA CYS K 99 44.87 37.00 -15.68
C CYS K 99 45.26 36.03 -16.78
N ALA K 100 44.29 35.70 -17.63
CA ALA K 100 44.49 34.73 -18.68
C ALA K 100 43.70 35.15 -19.88
N ARG K 101 44.07 34.62 -21.05
CA ARG K 101 43.40 34.98 -22.28
C ARG K 101 42.53 33.87 -22.83
N GLY K 102 41.42 34.28 -23.44
CA GLY K 102 40.48 33.36 -24.07
C GLY K 102 40.26 33.82 -25.49
N ARG K 103 39.77 32.91 -26.32
CA ARG K 103 39.49 33.22 -27.72
C ARG K 103 38.00 33.27 -27.94
N TRP K 104 37.56 34.04 -28.93
CA TRP K 104 36.14 34.24 -29.17
C TRP K 104 35.45 32.91 -29.47
N TYR K 105 36.17 32.01 -30.12
CA TYR K 105 35.63 30.69 -30.47
C TYR K 105 36.02 29.59 -29.49
N ARG K 106 36.79 29.94 -28.47
CA ARG K 106 37.29 28.91 -27.56
C ARG K 106 37.68 29.54 -26.22
N ARG K 107 36.78 29.41 -25.25
CA ARG K 107 36.95 30.05 -23.95
C ARG K 107 37.83 29.22 -23.00
N ALA K 108 38.83 28.55 -23.54
CA ALA K 108 39.85 27.93 -22.72
C ALA K 108 40.99 28.94 -22.55
N LEU K 109 41.69 28.86 -21.42
CA LEU K 109 42.70 29.85 -21.10
C LEU K 109 44.10 29.37 -21.46
N ASP K 110 44.64 29.89 -22.55
CA ASP K 110 45.88 29.39 -23.14
C ASP K 110 47.13 30.12 -22.67
N TYR K 111 46.95 31.39 -22.33
CA TYR K 111 48.05 32.20 -21.83
C TYR K 111 47.74 32.74 -20.45
N TRP K 112 48.68 32.56 -19.52
CA TRP K 112 48.51 33.05 -18.16
C TRP K 112 49.64 33.99 -17.80
N GLY K 113 49.34 34.95 -16.94
CA GLY K 113 50.38 35.79 -16.37
C GLY K 113 51.09 35.04 -15.25
N GLN K 114 52.07 35.68 -14.65
CA GLN K 114 52.84 35.02 -13.60
C GLN K 114 52.07 35.04 -12.29
N GLY K 115 51.06 35.90 -12.22
CA GLY K 115 50.26 36.03 -11.03
C GLY K 115 50.65 37.22 -10.17
N THR K 116 49.67 37.81 -9.49
CA THR K 116 49.92 38.92 -8.58
C THR K 116 49.21 38.67 -7.26
N LEU K 117 49.92 38.93 -6.16
CA LEU K 117 49.40 38.62 -4.83
C LEU K 117 48.59 39.77 -4.25
N VAL K 118 47.39 39.46 -3.77
CA VAL K 118 46.55 40.44 -3.11
C VAL K 118 46.32 40.02 -1.67
N THR K 119 46.73 40.87 -0.74
CA THR K 119 46.62 40.57 0.68
C THR K 119 45.67 41.52 1.38
N VAL K 120 44.60 40.98 1.96
CA VAL K 120 43.62 41.80 2.65
C VAL K 120 43.62 41.54 4.15
N SER K 121 44.14 42.49 4.92
CA SER K 121 44.18 42.35 6.36
C SER K 121 44.48 43.70 7.01
N SER K 122 43.95 43.92 8.20
CA SER K 122 44.22 45.13 8.95
C SER K 122 45.55 45.04 9.70
N ALA K 123 46.20 43.88 9.62
CA ALA K 123 47.44 43.64 10.35
C ALA K 123 48.58 44.53 9.87
N SER K 124 49.37 45.01 10.83
CA SER K 124 50.53 45.86 10.55
C SER K 124 51.81 45.04 10.45
N THR K 125 52.79 45.59 9.74
CA THR K 125 54.08 44.92 9.56
C THR K 125 54.77 44.68 10.89
N LYS K 126 55.17 43.44 11.14
CA LYS K 126 55.79 43.08 12.40
C LYS K 126 56.75 41.90 12.24
N GLY K 127 57.90 41.99 12.91
CA GLY K 127 58.88 40.91 12.88
C GLY K 127 58.50 39.80 13.84
N PRO K 128 58.98 38.57 13.57
CA PRO K 128 58.62 37.40 14.36
C PRO K 128 59.41 37.25 15.66
N SER K 129 58.89 36.46 16.58
CA SER K 129 59.67 35.99 17.72
C SER K 129 60.07 34.56 17.43
N VAL K 130 61.32 34.22 17.71
CA VAL K 130 61.81 32.87 17.46
C VAL K 130 62.00 32.13 18.77
N PHE K 131 61.30 31.02 18.93
CA PHE K 131 61.39 30.21 20.15
C PHE K 131 61.94 28.81 19.85
N PRO K 132 62.71 28.26 20.79
CA PRO K 132 63.29 26.94 20.59
C PRO K 132 62.28 25.81 20.81
N LEU K 133 62.32 24.80 19.95
CA LEU K 133 61.63 23.55 20.22
C LEU K 133 62.67 22.54 20.71
N ALA K 134 62.93 22.56 22.01
CA ALA K 134 64.01 21.78 22.62
C ALA K 134 63.76 20.26 22.60
N PRO K 135 64.82 19.49 22.29
CA PRO K 135 64.86 18.03 22.23
C PRO K 135 64.75 17.34 23.59
N SER K 136 64.05 16.22 23.63
CA SER K 136 63.90 15.44 24.87
C SER K 136 65.24 14.80 25.25
N SER K 137 65.46 14.62 26.55
CA SER K 137 66.70 14.03 27.01
C SER K 137 66.70 12.53 26.63
N LYS K 138 65.53 11.89 26.62
CA LYS K 138 65.44 10.50 26.18
C LYS K 138 64.36 10.38 25.09
N THR K 144 65.96 8.06 17.32
CA THR K 144 66.39 9.37 16.86
C THR K 144 65.73 10.47 17.70
N ALA K 145 66.24 11.70 17.60
CA ALA K 145 65.68 12.83 18.36
C ALA K 145 65.31 14.01 17.46
N ALA K 146 64.22 14.70 17.82
CA ALA K 146 63.76 15.87 17.06
C ALA K 146 63.90 17.18 17.83
N LEU K 147 64.37 18.23 17.15
CA LEU K 147 64.44 19.57 17.72
C LEU K 147 64.22 20.61 16.62
N GLY K 148 63.95 21.86 16.99
CA GLY K 148 63.67 22.88 15.99
C GLY K 148 63.42 24.27 16.53
N CYS K 149 62.88 25.13 15.67
CA CYS K 149 62.55 26.51 16.02
C CYS K 149 61.11 26.89 15.68
N LEU K 150 60.44 27.51 16.63
CA LEU K 150 59.11 28.08 16.41
C LEU K 150 59.22 29.57 16.07
N VAL K 151 58.88 29.94 14.85
CA VAL K 151 58.89 31.34 14.43
C VAL K 151 57.47 31.89 14.43
N LYS K 152 57.14 32.68 15.45
CA LYS K 152 55.76 33.05 15.72
C LYS K 152 55.45 34.55 15.58
N ASP K 153 54.25 34.85 15.09
CA ASP K 153 53.71 36.21 15.07
C ASP K 153 54.50 37.19 14.21
N TYR K 154 54.52 36.94 12.90
CA TYR K 154 55.13 37.87 11.96
C TYR K 154 54.17 38.22 10.82
N PHE K 155 54.48 39.30 10.12
CA PHE K 155 53.67 39.76 9.00
C PHE K 155 54.40 40.88 8.26
N PRO K 156 54.34 40.86 6.92
CA PRO K 156 53.68 39.80 6.16
C PRO K 156 54.61 38.65 5.84
N GLU K 157 54.17 37.78 4.94
CA GLU K 157 55.01 36.72 4.40
C GLU K 157 56.12 37.36 3.56
N PRO K 158 57.24 36.65 3.35
CA PRO K 158 57.57 35.32 3.85
C PRO K 158 58.64 35.34 4.94
N VAL K 159 59.00 34.15 5.41
CA VAL K 159 60.12 33.96 6.33
C VAL K 159 61.00 32.81 5.83
N THR K 160 62.30 33.01 5.85
CA THR K 160 63.23 31.95 5.46
C THR K 160 64.00 31.48 6.68
N VAL K 161 64.14 30.18 6.82
CA VAL K 161 64.87 29.62 7.97
C VAL K 161 66.03 28.73 7.53
N SER K 162 67.13 28.79 8.27
CA SER K 162 68.30 27.97 8.01
C SER K 162 68.77 27.26 9.29
N TRP K 163 69.75 26.39 9.14
CA TRP K 163 70.33 25.69 10.28
C TRP K 163 71.86 25.61 10.14
N ASN K 164 72.55 26.18 11.13
CA ASN K 164 74.01 26.33 11.11
C ASN K 164 74.47 27.05 9.84
N SER K 165 73.76 28.12 9.49
CA SER K 165 74.09 28.93 8.32
C SER K 165 74.13 28.13 7.03
N GLY K 166 73.32 27.07 6.96
CA GLY K 166 73.20 26.30 5.74
C GLY K 166 74.02 25.02 5.79
N ALA K 167 74.79 24.85 6.85
CA ALA K 167 75.63 23.67 7.00
C ALA K 167 74.78 22.44 7.30
N LEU K 168 73.68 22.65 8.01
CA LEU K 168 72.76 21.56 8.33
C LEU K 168 71.51 21.67 7.46
N THR K 169 71.40 20.78 6.47
CA THR K 169 70.26 20.79 5.55
C THR K 169 69.54 19.45 5.56
N SER K 170 70.30 18.39 5.84
CA SER K 170 69.75 17.04 5.85
C SER K 170 68.85 16.81 7.05
N GLY K 171 67.63 16.34 6.78
CA GLY K 171 66.68 16.03 7.84
C GLY K 171 65.82 17.22 8.20
N VAL K 172 66.09 18.36 7.56
CA VAL K 172 65.37 19.60 7.85
C VAL K 172 64.01 19.68 7.18
N HIS K 173 63.01 20.12 7.94
CA HIS K 173 61.68 20.33 7.41
C HIS K 173 61.12 21.68 7.84
N THR K 174 61.03 22.61 6.89
CA THR K 174 60.43 23.92 7.17
C THR K 174 58.98 23.93 6.68
N PHE K 175 58.04 24.02 7.62
CA PHE K 175 56.63 23.90 7.29
C PHE K 175 56.07 25.16 6.62
N PRO K 176 55.05 24.99 5.77
CA PRO K 176 54.33 26.13 5.21
C PRO K 176 53.76 26.97 6.33
N ALA K 177 53.83 28.29 6.19
CA ALA K 177 53.31 29.19 7.22
C ALA K 177 51.82 29.01 7.40
N VAL K 178 51.34 29.33 8.59
CA VAL K 178 49.92 29.29 8.92
C VAL K 178 49.45 30.67 9.34
N LEU K 179 48.29 31.09 8.82
CA LEU K 179 47.71 32.36 9.23
C LEU K 179 46.90 32.16 10.52
N GLN K 180 47.33 32.83 11.58
CA GLN K 180 46.68 32.73 12.88
C GLN K 180 45.46 33.64 12.97
N SER K 181 44.60 33.40 13.96
CA SER K 181 43.38 34.18 14.14
C SER K 181 43.67 35.65 14.44
N SER K 182 44.89 35.93 14.91
CA SER K 182 45.27 37.30 15.20
C SER K 182 45.52 38.07 13.91
N GLY K 183 45.71 37.33 12.82
CA GLY K 183 46.06 37.95 11.56
C GLY K 183 47.55 37.88 11.29
N LEU K 184 48.28 37.26 12.20
CA LEU K 184 49.74 37.13 12.06
C LEU K 184 50.10 35.71 11.61
N TYR K 185 51.25 35.57 10.97
CA TYR K 185 51.66 34.26 10.46
C TYR K 185 52.57 33.53 11.43
N SER K 186 52.66 32.21 11.29
CA SER K 186 53.57 31.39 12.06
C SER K 186 53.97 30.14 11.28
N LEU K 187 55.20 29.70 11.49
CA LEU K 187 55.68 28.45 10.93
C LEU K 187 56.72 27.85 11.87
N SER K 188 56.93 26.54 11.77
CA SER K 188 57.95 25.88 12.57
C SER K 188 59.02 25.27 11.67
N SER K 189 60.27 25.35 12.12
CA SER K 189 61.34 24.66 11.43
C SER K 189 61.92 23.62 12.39
N VAL K 190 61.86 22.35 11.97
CA VAL K 190 62.35 21.27 12.81
C VAL K 190 63.42 20.47 12.09
N VAL K 191 64.15 19.66 12.84
CA VAL K 191 65.17 18.79 12.28
C VAL K 191 65.41 17.62 13.23
N THR K 192 65.71 16.45 12.67
CA THR K 192 65.98 15.29 13.48
C THR K 192 67.47 14.97 13.41
N VAL K 193 68.06 14.75 14.58
CA VAL K 193 69.49 14.46 14.66
C VAL K 193 69.75 13.32 15.64
N PRO K 194 70.96 12.74 15.58
CA PRO K 194 71.38 11.68 16.50
C PRO K 194 71.33 12.13 17.96
N SER K 195 70.85 11.26 18.83
CA SER K 195 70.78 11.58 20.27
C SER K 195 72.18 11.75 20.87
N SER K 196 73.16 11.06 20.30
CA SER K 196 74.53 11.13 20.79
C SER K 196 75.16 12.49 20.51
N SER K 197 74.74 13.12 19.41
CA SER K 197 75.29 14.41 19.01
C SER K 197 74.67 15.61 19.74
N LEU K 198 73.77 15.33 20.68
CA LEU K 198 73.01 16.39 21.36
C LEU K 198 73.92 17.39 22.09
N GLY K 199 74.83 16.87 22.92
CA GLY K 199 75.67 17.72 23.75
C GLY K 199 76.94 18.18 23.08
N THR K 200 77.39 17.44 22.07
CA THR K 200 78.64 17.77 21.37
C THR K 200 78.45 18.75 20.22
N GLN K 201 77.25 18.73 19.62
CA GLN K 201 76.99 19.57 18.45
C GLN K 201 76.08 20.75 18.76
N THR K 202 76.39 21.90 18.17
CA THR K 202 75.59 23.11 18.36
C THR K 202 74.61 23.27 17.19
N TYR K 203 73.38 23.67 17.51
CA TYR K 203 72.37 23.87 16.49
C TYR K 203 71.77 25.27 16.56
N ILE K 204 71.95 26.03 15.49
CA ILE K 204 71.42 27.39 15.44
C ILE K 204 70.53 27.54 14.22
N CYS K 205 69.25 27.85 14.43
CA CYS K 205 68.37 28.16 13.31
C CYS K 205 68.44 29.64 12.99
N ASN K 206 68.49 29.94 11.69
CA ASN K 206 68.56 31.31 11.23
C ASN K 206 67.31 31.71 10.46
N VAL K 207 66.52 32.58 11.07
CA VAL K 207 65.22 32.99 10.52
C VAL K 207 65.31 34.40 9.95
N ASN K 208 65.10 34.53 8.65
CA ASN K 208 65.27 35.81 7.97
C ASN K 208 63.95 36.35 7.43
N HIS K 209 63.40 37.34 8.12
CA HIS K 209 62.20 38.05 7.68
C HIS K 209 62.54 39.37 7.00
N LYS K 210 62.66 39.36 5.68
CA LYS K 210 63.13 40.53 4.94
C LYS K 210 62.24 41.76 5.07
N PRO K 211 60.92 41.60 4.92
CA PRO K 211 60.01 42.76 4.96
C PRO K 211 60.08 43.59 6.24
N SER K 212 60.82 43.14 7.24
CA SER K 212 60.99 43.90 8.46
C SER K 212 62.46 44.15 8.76
N ASN K 213 63.34 43.54 7.95
CA ASN K 213 64.78 43.69 8.12
C ASN K 213 65.30 43.17 9.46
N THR K 214 64.59 42.20 10.03
CA THR K 214 64.98 41.57 11.29
C THR K 214 65.56 40.20 11.04
N LYS K 215 66.77 40.01 11.55
CA LYS K 215 67.44 38.73 11.34
C LYS K 215 67.76 38.14 12.72
N VAL K 216 67.27 36.93 13.01
CA VAL K 216 67.53 36.31 14.31
C VAL K 216 68.14 34.92 14.22
N ASP K 217 69.11 34.66 15.09
CA ASP K 217 69.70 33.33 15.21
C ASP K 217 69.51 32.78 16.63
N LYS K 218 68.77 31.68 16.74
CA LYS K 218 68.48 31.14 18.06
C LYS K 218 69.05 29.75 18.23
N LYS K 219 69.92 29.61 19.23
CA LYS K 219 70.54 28.33 19.57
C LYS K 219 69.52 27.43 20.27
N VAL K 220 69.60 26.14 19.99
CA VAL K 220 68.62 25.19 20.49
C VAL K 220 69.25 24.03 21.24
N GLU K 221 69.25 24.14 22.56
CA GLU K 221 69.76 23.07 23.40
C GLU K 221 68.61 22.48 24.21
N PRO K 222 68.84 21.30 24.82
CA PRO K 222 67.86 20.60 25.66
C PRO K 222 67.50 21.35 26.94
N LYS K 223 66.67 20.73 27.77
CA LYS K 223 66.22 21.35 29.02
C LYS K 223 67.22 21.09 30.15
N SER K 224 67.66 22.16 30.79
CA SER K 224 68.53 22.05 31.97
C SER K 224 67.72 21.75 33.23
N CYS K 225 67.79 20.53 33.72
CA CYS K 225 67.02 20.13 34.89
C CYS K 225 67.60 20.77 36.15
N ILE L 3 25.09 25.38 -12.08
CA ILE L 3 26.08 24.53 -12.72
C ILE L 3 27.21 24.15 -11.76
N GLN L 4 27.60 22.88 -11.79
CA GLN L 4 28.69 22.40 -10.94
C GLN L 4 29.62 21.45 -11.70
N MET L 5 30.90 21.47 -11.32
CA MET L 5 31.88 20.51 -11.85
C MET L 5 32.47 19.67 -10.73
N THR L 6 32.09 18.39 -10.65
CA THR L 6 32.60 17.52 -9.59
C THR L 6 33.81 16.70 -10.04
N GLN L 7 34.99 17.11 -9.60
CA GLN L 7 36.23 16.43 -10.00
C GLN L 7 36.60 15.35 -8.99
N SER L 8 37.19 14.27 -9.49
CA SER L 8 37.54 13.12 -8.65
C SER L 8 38.72 12.36 -9.23
N PRO L 9 39.65 11.92 -8.36
CA PRO L 9 39.65 12.17 -6.91
C PRO L 9 40.36 13.46 -6.51
N SER L 10 40.24 13.83 -5.25
CA SER L 10 40.90 15.03 -4.73
C SER L 10 42.40 14.81 -4.72
N SER L 11 42.79 13.55 -4.68
CA SER L 11 44.19 13.15 -4.67
C SER L 11 44.34 11.70 -5.13
N LEU L 12 45.46 11.40 -5.77
CA LEU L 12 45.76 10.02 -6.15
C LEU L 12 47.27 9.83 -6.19
N SER L 13 47.71 8.68 -5.70
CA SER L 13 49.13 8.37 -5.65
C SER L 13 49.51 7.45 -6.80
N ALA L 14 50.63 7.76 -7.45
CA ALA L 14 51.06 6.99 -8.62
C ALA L 14 52.58 6.94 -8.78
N SER L 15 53.05 6.03 -9.63
CA SER L 15 54.47 5.87 -9.91
C SER L 15 54.79 6.20 -11.36
N VAL L 16 56.08 6.41 -11.63
CA VAL L 16 56.54 6.70 -12.99
C VAL L 16 56.21 5.57 -13.96
N GLY L 17 55.64 5.94 -15.10
CA GLY L 17 55.25 4.95 -16.11
C GLY L 17 53.80 4.51 -15.99
N ASP L 18 53.16 4.87 -14.88
CA ASP L 18 51.77 4.49 -14.61
C ASP L 18 50.76 5.18 -15.51
N ARG L 19 49.63 4.52 -15.71
CA ARG L 19 48.49 5.13 -16.37
C ARG L 19 47.64 5.87 -15.34
N VAL L 20 47.52 7.18 -15.50
CA VAL L 20 46.77 7.99 -14.56
C VAL L 20 45.48 8.47 -15.18
N THR L 21 44.39 8.37 -14.43
CA THR L 21 43.09 8.77 -14.94
C THR L 21 42.39 9.72 -13.97
N ILE L 22 42.01 10.88 -14.48
CA ILE L 22 41.31 11.87 -13.68
C ILE L 22 39.99 12.23 -14.36
N THR L 23 38.90 12.18 -13.60
CA THR L 23 37.59 12.43 -14.18
C THR L 23 36.93 13.67 -13.62
N CYS L 24 36.08 14.29 -14.42
CA CYS L 24 35.34 15.47 -14.01
C CYS L 24 33.91 15.35 -14.56
N ARG L 25 32.92 15.42 -13.67
CA ARG L 25 31.52 15.30 -14.07
C ARG L 25 30.75 16.62 -13.99
N ALA L 26 30.18 17.04 -15.12
CA ALA L 26 29.35 18.23 -15.18
C ALA L 26 27.91 17.95 -14.74
N SER L 27 27.32 18.88 -13.99
CA SER L 27 25.96 18.71 -13.50
C SER L 27 24.93 18.74 -14.64
N GLN L 28 25.22 19.52 -15.68
CA GLN L 28 24.41 19.56 -16.88
C GLN L 28 25.26 19.25 -18.10
N SER L 29 24.60 19.11 -19.24
CA SER L 29 25.35 18.96 -20.49
C SER L 29 26.07 20.25 -20.81
N VAL L 30 27.36 20.14 -21.08
CA VAL L 30 28.16 21.29 -21.49
C VAL L 30 28.76 21.02 -22.85
N SER L 31 28.21 20.02 -23.55
CA SER L 31 28.76 19.56 -24.80
C SER L 31 30.23 19.16 -24.60
N SER L 32 31.10 19.64 -25.48
CA SER L 32 32.53 19.34 -25.40
C SER L 32 33.33 20.52 -24.86
N ALA L 33 32.65 21.50 -24.28
CA ALA L 33 33.31 22.73 -23.84
C ALA L 33 34.02 22.50 -22.51
N VAL L 34 35.05 21.66 -22.54
CA VAL L 34 35.80 21.33 -21.34
C VAL L 34 37.29 21.38 -21.62
N ALA L 35 38.04 21.94 -20.68
CA ALA L 35 39.48 22.03 -20.79
C ALA L 35 40.18 21.46 -19.56
N TRP L 36 41.43 21.04 -19.72
CA TRP L 36 42.21 20.52 -18.62
C TRP L 36 43.47 21.34 -18.42
N TYR L 37 43.81 21.59 -17.15
CA TYR L 37 45.00 22.35 -16.81
C TYR L 37 45.93 21.64 -15.83
N GLN L 38 47.22 21.97 -15.94
CA GLN L 38 48.23 21.52 -14.99
C GLN L 38 48.81 22.69 -14.23
N GLN L 39 48.90 22.55 -12.91
CA GLN L 39 49.51 23.58 -12.09
C GLN L 39 50.50 23.00 -11.11
N LYS L 40 51.70 23.55 -11.08
CA LYS L 40 52.67 23.19 -10.05
C LYS L 40 52.59 24.30 -9.02
N PRO L 41 52.90 23.99 -7.75
CA PRO L 41 52.64 24.98 -6.69
C PRO L 41 53.38 26.29 -6.92
N GLY L 42 52.65 27.41 -6.82
CA GLY L 42 53.26 28.72 -6.98
C GLY L 42 53.38 29.18 -8.41
N LYS L 43 53.01 28.33 -9.35
CA LYS L 43 53.12 28.68 -10.77
C LYS L 43 51.74 28.77 -11.42
N ALA L 44 51.69 29.47 -12.55
CA ALA L 44 50.46 29.62 -13.29
C ALA L 44 50.10 28.31 -13.97
N PRO L 45 48.80 28.05 -14.11
CA PRO L 45 48.30 26.85 -14.81
C PRO L 45 48.77 26.79 -16.25
N LYS L 46 48.89 25.58 -16.79
CA LYS L 46 49.24 25.38 -18.19
C LYS L 46 48.09 24.66 -18.87
N LEU L 47 47.71 25.10 -20.06
CA LEU L 47 46.63 24.45 -20.80
C LEU L 47 47.14 23.15 -21.39
N LEU L 48 46.40 22.07 -21.14
CA LEU L 48 46.76 20.76 -21.67
C LEU L 48 45.83 20.37 -22.82
N ILE L 49 44.53 20.47 -22.57
CA ILE L 49 43.52 20.00 -23.52
C ILE L 49 42.34 20.97 -23.61
N TYR L 50 41.84 21.18 -24.82
CA TYR L 50 40.65 22.00 -25.02
C TYR L 50 39.61 21.21 -25.79
N SER L 51 38.34 21.61 -25.68
CA SER L 51 37.26 20.91 -26.36
C SER L 51 37.20 19.42 -26.01
N ALA L 52 37.42 19.12 -24.74
CA ALA L 52 37.28 17.77 -24.20
C ALA L 52 38.42 16.82 -24.58
N SER L 53 38.82 16.82 -25.85
CA SER L 53 39.75 15.80 -26.34
C SER L 53 40.84 16.31 -27.28
N SER L 54 40.89 17.62 -27.49
CA SER L 54 41.91 18.20 -28.37
C SER L 54 43.20 18.56 -27.63
N LEU L 55 44.31 18.06 -28.15
CA LEU L 55 45.62 18.31 -27.55
C LEU L 55 46.12 19.71 -27.92
N TYR L 56 46.36 20.53 -26.90
CA TYR L 56 46.83 21.89 -27.13
C TYR L 56 48.25 21.90 -27.69
N SER L 57 48.59 22.95 -28.43
CA SER L 57 49.89 23.06 -29.07
C SER L 57 51.03 23.00 -28.06
N GLY L 58 52.00 22.13 -28.32
CA GLY L 58 53.18 22.06 -27.49
C GLY L 58 53.04 21.10 -26.32
N VAL L 59 51.83 20.62 -26.08
CA VAL L 59 51.60 19.65 -25.01
C VAL L 59 52.02 18.24 -25.43
N PRO L 60 52.74 17.54 -24.53
CA PRO L 60 53.16 16.16 -24.82
C PRO L 60 51.97 15.24 -25.12
N SER L 61 52.19 14.24 -25.97
CA SER L 61 51.13 13.38 -26.46
C SER L 61 50.64 12.40 -25.40
N ARG L 62 51.38 12.27 -24.30
CA ARG L 62 50.97 11.38 -23.22
C ARG L 62 49.74 11.90 -22.50
N PHE L 63 49.44 13.19 -22.65
CA PHE L 63 48.23 13.78 -22.08
C PHE L 63 47.03 13.59 -23.00
N SER L 64 45.89 13.20 -22.42
CA SER L 64 44.71 12.85 -23.20
C SER L 64 43.37 13.20 -22.57
N GLY L 65 42.41 13.59 -23.40
CA GLY L 65 41.07 13.89 -22.94
C GLY L 65 40.01 13.13 -23.73
N SER L 66 38.93 12.77 -23.06
CA SER L 66 37.81 12.07 -23.69
C SER L 66 36.50 12.44 -23.01
N ARG L 67 35.39 12.22 -23.70
CA ARG L 67 34.08 12.60 -23.18
C ARG L 67 33.04 11.50 -23.37
N SER L 68 32.18 11.34 -22.37
CA SER L 68 31.05 10.45 -22.45
C SER L 68 29.87 11.07 -21.72
N GLY L 69 28.98 11.70 -22.47
CA GLY L 69 27.86 12.41 -21.87
C GLY L 69 28.39 13.60 -21.10
N THR L 70 28.10 13.63 -19.81
CA THR L 70 28.56 14.72 -18.94
C THR L 70 29.84 14.33 -18.21
N ASP L 71 30.40 13.18 -18.57
CA ASP L 71 31.61 12.69 -17.92
C ASP L 71 32.86 12.91 -18.77
N PHE L 72 33.84 13.60 -18.21
CA PHE L 72 35.09 13.90 -18.92
C PHE L 72 36.28 13.29 -18.19
N THR L 73 37.23 12.77 -18.96
CA THR L 73 38.37 12.06 -18.39
C THR L 73 39.71 12.53 -18.95
N LEU L 74 40.62 12.86 -18.04
CA LEU L 74 42.01 13.14 -18.39
C LEU L 74 42.88 11.92 -18.13
N THR L 75 43.66 11.51 -19.13
CA THR L 75 44.54 10.36 -18.98
C THR L 75 45.98 10.70 -19.34
N ILE L 76 46.91 10.26 -18.51
CA ILE L 76 48.34 10.35 -18.82
C ILE L 76 48.88 8.96 -19.11
N SER L 77 49.31 8.74 -20.35
CA SER L 77 49.70 7.42 -20.83
C SER L 77 50.84 6.81 -20.04
N SER L 78 51.92 7.57 -19.87
CA SER L 78 53.09 7.08 -19.17
C SER L 78 53.64 8.19 -18.30
N LEU L 79 53.24 8.20 -17.03
CA LEU L 79 53.57 9.28 -16.13
C LEU L 79 55.07 9.54 -16.04
N GLN L 80 55.44 10.81 -16.10
CA GLN L 80 56.83 11.21 -15.99
C GLN L 80 57.06 11.95 -14.67
N PRO L 81 58.31 12.04 -14.23
CA PRO L 81 58.67 12.70 -12.98
C PRO L 81 58.22 14.16 -12.93
N GLU L 82 58.20 14.82 -14.08
CA GLU L 82 57.81 16.22 -14.16
C GLU L 82 56.30 16.36 -14.17
N ASP L 83 55.59 15.24 -14.18
CA ASP L 83 54.13 15.25 -14.29
C ASP L 83 53.44 15.29 -12.93
N PHE L 84 54.21 15.16 -11.87
CA PHE L 84 53.63 15.24 -10.54
C PHE L 84 53.25 16.69 -10.22
N ALA L 85 51.95 16.90 -10.03
CA ALA L 85 51.38 18.23 -9.87
C ALA L 85 49.86 18.15 -9.67
N THR L 86 49.20 19.30 -9.61
CA THR L 86 47.74 19.32 -9.45
C THR L 86 47.05 19.66 -10.77
N TYR L 87 46.00 18.92 -11.09
CA TYR L 87 45.29 19.09 -12.35
C TYR L 87 43.86 19.58 -12.12
N TYR L 88 43.38 20.42 -13.03
CA TYR L 88 42.06 21.03 -12.89
C TYR L 88 41.24 20.89 -14.16
N CYS L 89 39.99 20.45 -14.03
CA CYS L 89 39.06 20.44 -15.15
C CYS L 89 38.39 21.81 -15.14
N GLN L 90 37.90 22.26 -16.30
CA GLN L 90 37.24 23.55 -16.41
C GLN L 90 36.22 23.52 -17.52
N GLN L 91 35.02 24.02 -17.26
CA GLN L 91 33.97 24.03 -18.28
C GLN L 91 33.69 25.44 -18.81
N TYR L 92 33.33 25.52 -20.09
CA TYR L 92 32.96 26.79 -20.69
C TYR L 92 31.82 26.64 -21.69
N PRO L 93 30.63 26.27 -21.20
CA PRO L 93 29.47 26.02 -22.06
C PRO L 93 29.02 27.26 -22.80
N TYR L 94 28.42 27.07 -23.97
CA TYR L 94 27.94 28.19 -24.80
C TYR L 94 26.94 29.02 -24.03
N TYR L 95 25.77 28.44 -23.82
CA TYR L 95 24.65 29.05 -23.09
C TYR L 95 24.96 29.86 -21.83
N SER L 96 26.14 29.67 -21.23
CA SER L 96 26.48 30.40 -20.00
C SER L 96 27.74 31.25 -20.12
N SER L 97 27.73 32.42 -19.47
CA SER L 97 28.91 33.27 -19.35
C SER L 97 29.91 32.80 -18.26
N LEU L 98 29.47 31.92 -17.37
CA LEU L 98 30.31 31.51 -16.26
C LEU L 98 31.37 30.48 -16.61
N ILE L 99 32.52 30.59 -15.97
CA ILE L 99 33.55 29.58 -16.04
C ILE L 99 33.70 28.96 -14.66
N THR L 100 33.61 27.65 -14.57
CA THR L 100 33.72 26.96 -13.29
C THR L 100 34.81 25.88 -13.35
N PHE L 101 35.67 25.88 -12.34
CA PHE L 101 36.74 24.90 -12.23
C PHE L 101 36.35 23.75 -11.31
N GLY L 102 36.91 22.57 -11.56
CA GLY L 102 36.77 21.45 -10.65
C GLY L 102 37.62 21.66 -9.40
N GLN L 103 37.46 20.80 -8.40
CA GLN L 103 38.16 20.97 -7.14
C GLN L 103 39.65 20.71 -7.28
N GLY L 104 40.04 20.02 -8.34
CA GLY L 104 41.45 19.72 -8.58
C GLY L 104 41.84 18.31 -8.15
N THR L 105 42.88 17.80 -8.78
CA THR L 105 43.42 16.49 -8.44
C THR L 105 44.93 16.57 -8.24
N LYS L 106 45.40 16.32 -7.02
CA LYS L 106 46.83 16.35 -6.75
C LYS L 106 47.45 14.99 -7.03
N VAL L 107 48.38 14.93 -7.98
CA VAL L 107 49.04 13.67 -8.30
C VAL L 107 50.39 13.59 -7.60
N GLU L 108 50.46 12.76 -6.55
CA GLU L 108 51.66 12.59 -5.74
C GLU L 108 52.40 11.29 -6.03
N ILE L 109 53.63 11.20 -5.52
CA ILE L 109 54.48 10.03 -5.72
C ILE L 109 54.19 8.97 -4.67
N LYS L 110 53.89 7.74 -5.11
CA LYS L 110 53.61 6.65 -4.19
C LYS L 110 54.88 6.00 -3.66
N ARG L 111 54.86 5.64 -2.39
CA ARG L 111 55.95 4.94 -1.75
C ARG L 111 55.35 3.94 -0.77
N THR L 112 56.20 3.21 -0.07
CA THR L 112 55.72 2.22 0.88
C THR L 112 55.20 2.91 2.13
N VAL L 113 54.25 2.29 2.81
CA VAL L 113 53.67 2.87 4.02
C VAL L 113 54.75 3.07 5.07
N ALA L 114 54.72 4.23 5.73
CA ALA L 114 55.71 4.54 6.75
C ALA L 114 55.07 5.23 7.94
N ALA L 115 55.23 4.65 9.13
CA ALA L 115 54.65 5.20 10.35
C ALA L 115 55.33 6.50 10.76
N PRO L 116 54.55 7.48 11.23
CA PRO L 116 55.13 8.73 11.73
C PRO L 116 55.76 8.56 13.11
N SER L 117 57.00 9.02 13.25
CA SER L 117 57.62 9.16 14.56
C SER L 117 57.17 10.49 15.16
N VAL L 118 56.65 10.44 16.38
CA VAL L 118 56.00 11.59 16.99
C VAL L 118 56.83 12.26 18.09
N PHE L 119 56.79 13.59 18.11
CA PHE L 119 57.52 14.38 19.08
C PHE L 119 56.64 15.52 19.58
N ILE L 120 56.64 15.72 20.89
CA ILE L 120 55.92 16.83 21.50
C ILE L 120 56.89 17.86 22.09
N PHE L 121 56.54 19.13 21.97
CA PHE L 121 57.41 20.20 22.44
C PHE L 121 56.64 21.17 23.34
N PRO L 122 57.02 21.25 24.62
CA PRO L 122 56.41 22.20 25.56
C PRO L 122 56.74 23.66 25.20
N PRO L 123 55.93 24.61 25.67
CA PRO L 123 56.24 26.03 25.43
C PRO L 123 57.48 26.45 26.19
N SER L 124 58.39 27.15 25.53
CA SER L 124 59.63 27.57 26.18
C SER L 124 59.37 28.62 27.24
N ASP L 125 60.32 28.79 28.15
CA ASP L 125 60.21 29.82 29.18
C ASP L 125 60.22 31.22 28.56
N SER L 126 60.93 31.35 27.46
CA SER L 126 61.03 32.63 26.74
C SER L 126 59.66 33.15 26.32
N GLN L 127 58.86 32.27 25.72
CA GLN L 127 57.55 32.66 25.23
C GLN L 127 56.55 32.95 26.36
N LEU L 128 56.58 32.14 27.41
CA LEU L 128 55.64 32.30 28.52
C LEU L 128 55.75 33.68 29.17
N LYS L 129 56.95 34.24 29.17
CA LYS L 129 57.17 35.58 29.70
C LYS L 129 56.42 36.64 28.88
N SER L 130 56.16 36.32 27.62
CA SER L 130 55.50 37.24 26.71
C SER L 130 53.98 37.19 26.84
N GLY L 131 53.45 36.14 27.46
CA GLY L 131 52.04 36.10 27.79
C GLY L 131 51.25 34.99 27.13
N THR L 132 51.88 34.28 26.19
CA THR L 132 51.18 33.24 25.44
C THR L 132 51.93 31.90 25.49
N ALA L 133 51.26 30.85 25.06
CA ALA L 133 51.82 29.50 25.13
C ALA L 133 51.50 28.67 23.91
N SER L 134 52.54 28.24 23.19
CA SER L 134 52.36 27.35 22.06
C SER L 134 52.95 25.98 22.36
N VAL L 135 52.16 24.95 22.10
CA VAL L 135 52.62 23.58 22.28
C VAL L 135 52.62 22.90 20.91
N VAL L 136 53.73 22.29 20.55
CA VAL L 136 53.90 21.75 19.20
C VAL L 136 53.98 20.23 19.18
N CYS L 137 53.17 19.61 18.31
CA CYS L 137 53.23 18.18 18.10
C CYS L 137 53.78 17.90 16.70
N LEU L 138 54.88 17.16 16.64
CA LEU L 138 55.57 16.91 15.37
C LEU L 138 55.42 15.48 14.88
N LEU L 139 54.80 15.32 13.71
CA LEU L 139 54.77 14.04 12.99
C LEU L 139 55.79 14.05 11.86
N ASN L 140 56.82 13.24 11.98
CA ASN L 140 57.96 13.34 11.05
C ASN L 140 58.10 12.17 10.08
N ASN L 141 58.28 12.50 8.80
CA ASN L 141 58.53 11.51 7.74
C ASN L 141 57.55 10.34 7.72
N PHE L 142 56.31 10.60 7.30
CA PHE L 142 55.28 9.58 7.23
C PHE L 142 54.60 9.51 5.87
N TYR L 143 53.95 8.38 5.58
CA TYR L 143 53.20 8.19 4.34
C TYR L 143 52.20 7.04 4.54
N PRO L 144 50.97 7.17 4.00
CA PRO L 144 50.45 8.26 3.18
C PRO L 144 50.15 9.54 3.96
N ARG L 145 49.58 10.52 3.27
CA ARG L 145 49.36 11.85 3.83
C ARG L 145 48.30 11.88 4.94
N GLU L 146 47.31 10.99 4.87
CA GLU L 146 46.21 10.99 5.83
C GLU L 146 46.71 10.75 7.25
N ALA L 147 46.32 11.61 8.18
CA ALA L 147 46.70 11.45 9.58
C ALA L 147 45.80 12.27 10.49
N LYS L 148 45.68 11.85 11.74
CA LYS L 148 44.80 12.52 12.69
C LYS L 148 45.55 12.93 13.95
N VAL L 149 45.47 14.23 14.28
CA VAL L 149 46.06 14.73 15.51
C VAL L 149 44.97 15.24 16.45
N GLN L 150 45.05 14.83 17.71
CA GLN L 150 44.10 15.29 18.71
C GLN L 150 44.83 15.78 19.96
N TRP L 151 44.51 17.00 20.41
CA TRP L 151 45.11 17.54 21.63
C TRP L 151 44.27 17.27 22.86
N LYS L 152 44.93 16.72 23.88
CA LYS L 152 44.27 16.45 25.16
C LYS L 152 44.99 17.18 26.30
N VAL L 153 44.29 18.14 26.91
CA VAL L 153 44.83 18.85 28.08
C VAL L 153 44.20 18.35 29.38
N ASP L 154 45.00 17.68 30.21
CA ASP L 154 44.49 16.98 31.39
C ASP L 154 43.39 16.01 30.98
N ASN L 155 43.64 15.32 29.87
CA ASN L 155 42.72 14.31 29.36
C ASN L 155 41.45 14.91 28.78
N ALA L 156 41.40 16.24 28.71
CA ALA L 156 40.26 16.91 28.11
C ALA L 156 40.58 17.25 26.66
N LEU L 157 39.62 17.02 25.77
CA LEU L 157 39.84 17.24 24.35
C LEU L 157 39.71 18.71 23.97
N GLN L 158 40.54 19.11 23.01
CA GLN L 158 40.60 20.50 22.56
C GLN L 158 40.03 20.60 21.16
N SER L 159 39.42 21.73 20.85
CA SER L 159 38.90 21.97 19.51
C SER L 159 38.88 23.46 19.21
N GLY L 160 39.44 23.82 18.06
CA GLY L 160 39.37 25.18 17.59
C GLY L 160 40.55 26.03 18.03
N ASN L 161 41.46 25.42 18.81
CA ASN L 161 42.64 26.15 19.26
C ASN L 161 43.93 25.47 18.78
N SER L 162 43.83 24.75 17.68
CA SER L 162 45.00 24.10 17.08
C SER L 162 45.00 24.32 15.56
N GLN L 163 46.20 24.38 15.00
CA GLN L 163 46.38 24.53 13.55
C GLN L 163 47.43 23.58 13.01
N GLU L 164 47.15 22.97 11.86
CA GLU L 164 48.06 22.02 11.24
C GLU L 164 48.76 22.62 10.03
N SER L 165 49.96 22.14 9.75
CA SER L 165 50.71 22.51 8.57
C SER L 165 51.49 21.28 8.05
N VAL L 166 51.42 21.03 6.75
CA VAL L 166 52.06 19.85 6.17
C VAL L 166 53.05 20.22 5.06
N THR L 167 54.16 19.50 5.00
CA THR L 167 55.16 19.77 3.97
C THR L 167 54.79 19.08 2.66
N GLU L 168 55.41 19.52 1.58
CA GLU L 168 55.30 18.82 0.31
C GLU L 168 56.11 17.54 0.42
N GLN L 169 55.88 16.60 -0.49
CA GLN L 169 56.62 15.34 -0.46
C GLN L 169 58.13 15.59 -0.53
N ASP L 170 58.87 14.92 0.34
CA ASP L 170 60.32 15.06 0.38
C ASP L 170 60.92 14.53 -0.92
N SER L 171 61.87 15.27 -1.50
CA SER L 171 62.44 14.90 -2.79
C SER L 171 63.31 13.65 -2.68
N LYS L 172 63.66 13.27 -1.46
CA LYS L 172 64.52 12.11 -1.21
C LYS L 172 63.76 10.83 -0.91
N ASP L 173 62.71 10.94 -0.10
CA ASP L 173 62.01 9.75 0.38
C ASP L 173 60.51 9.86 0.20
N SER L 174 60.05 10.95 -0.39
CA SER L 174 58.65 11.09 -0.79
C SER L 174 57.69 11.02 0.39
N THR L 175 58.17 11.38 1.58
CA THR L 175 57.33 11.38 2.77
C THR L 175 56.81 12.77 3.11
N TYR L 176 55.84 12.81 4.01
CA TYR L 176 55.34 14.09 4.52
C TYR L 176 55.84 14.33 5.95
N SER L 177 55.78 15.58 6.37
CA SER L 177 55.95 15.92 7.77
C SER L 177 54.81 16.84 8.18
N LEU L 178 54.39 16.76 9.44
CA LEU L 178 53.23 17.53 9.88
C LEU L 178 53.49 18.13 11.25
N SER L 179 53.11 19.39 11.42
CA SER L 179 53.20 20.05 12.71
C SER L 179 51.82 20.51 13.17
N SER L 180 51.46 20.16 14.40
CA SER L 180 50.24 20.66 15.00
C SER L 180 50.58 21.57 16.19
N THR L 181 50.04 22.78 16.18
CA THR L 181 50.38 23.76 17.22
C THR L 181 49.15 24.19 18.03
N LEU L 182 49.18 23.88 19.33
CA LEU L 182 48.15 24.27 20.27
C LEU L 182 48.49 25.62 20.92
N THR L 183 47.59 26.58 20.81
CA THR L 183 47.82 27.93 21.34
C THR L 183 46.94 28.20 22.55
N LEU L 184 47.56 28.42 23.70
CA LEU L 184 46.85 28.78 24.93
C LEU L 184 47.46 30.02 25.58
N SER L 185 46.66 30.75 26.35
CA SER L 185 47.19 31.85 27.15
C SER L 185 48.04 31.27 28.28
N LYS L 186 48.99 32.05 28.80
CA LYS L 186 49.84 31.57 29.87
C LYS L 186 49.02 31.19 31.10
N ALA L 187 47.88 31.84 31.28
CA ALA L 187 47.00 31.56 32.40
C ALA L 187 46.39 30.17 32.30
N ASP L 188 45.73 29.89 31.18
CA ASP L 188 45.12 28.58 30.96
C ASP L 188 46.18 27.49 30.93
N TYR L 189 47.37 27.84 30.44
CA TYR L 189 48.47 26.88 30.35
C TYR L 189 48.91 26.43 31.74
N GLU L 190 48.95 27.37 32.68
CA GLU L 190 49.41 27.09 34.04
C GLU L 190 48.26 26.61 34.91
N LYS L 191 47.08 26.45 34.31
CA LYS L 191 45.91 25.93 35.01
C LYS L 191 45.98 24.41 35.07
N HIS L 192 46.36 23.80 33.95
CA HIS L 192 46.38 22.35 33.81
C HIS L 192 47.80 21.78 33.88
N LYS L 193 47.90 20.47 34.05
CA LYS L 193 49.19 19.81 34.23
C LYS L 193 49.59 18.93 33.03
N VAL L 194 48.72 18.02 32.64
CA VAL L 194 49.04 17.04 31.59
C VAL L 194 48.69 17.52 30.18
N TYR L 195 49.68 17.51 29.30
CA TYR L 195 49.49 17.89 27.91
C TYR L 195 49.84 16.75 26.97
N ALA L 196 48.86 16.28 26.20
CA ALA L 196 49.06 15.10 25.36
C ALA L 196 48.60 15.30 23.92
N CYS L 197 49.38 14.75 22.99
CA CYS L 197 49.04 14.76 21.58
C CYS L 197 48.83 13.32 21.07
N GLU L 198 47.63 13.04 20.54
CA GLU L 198 47.29 11.68 20.08
C GLU L 198 47.32 11.55 18.55
N VAL L 199 48.14 10.62 18.05
CA VAL L 199 48.31 10.44 16.62
C VAL L 199 47.71 9.15 16.06
N THR L 200 46.76 9.30 15.14
CA THR L 200 46.17 8.15 14.43
C THR L 200 46.63 8.11 12.97
N HIS L 201 47.29 7.02 12.60
CA HIS L 201 47.81 6.86 11.24
C HIS L 201 47.73 5.41 10.79
N GLN L 202 47.62 5.20 9.47
CA GLN L 202 47.51 3.86 8.91
C GLN L 202 48.76 3.02 9.15
N GLY L 203 49.91 3.69 9.20
CA GLY L 203 51.18 3.02 9.44
C GLY L 203 51.41 2.65 10.89
N LEU L 204 50.54 3.13 11.77
CA LEU L 204 50.67 2.87 13.19
C LEU L 204 49.66 1.82 13.63
N SER L 205 50.14 0.83 14.40
CA SER L 205 49.28 -0.22 14.93
C SER L 205 48.51 0.22 16.17
N SER L 206 47.71 1.28 15.99
CA SER L 206 46.86 1.89 17.03
C SER L 206 47.49 3.24 17.38
N PRO L 207 46.68 4.18 17.88
CA PRO L 207 47.18 5.54 18.08
C PRO L 207 48.33 5.66 19.09
N VAL L 208 49.32 6.46 18.72
CA VAL L 208 50.46 6.75 19.57
C VAL L 208 50.28 8.08 20.29
N THR L 209 50.70 8.13 21.56
CA THR L 209 50.53 9.34 22.36
C THR L 209 51.81 9.78 23.05
N LYS L 210 52.32 10.93 22.61
CA LYS L 210 53.41 11.60 23.31
C LYS L 210 52.85 12.72 24.16
N SER L 211 53.42 12.88 25.35
CA SER L 211 52.89 13.83 26.32
C SER L 211 53.99 14.30 27.27
N PHE L 212 53.66 15.29 28.08
CA PHE L 212 54.59 15.85 29.06
C PHE L 212 53.82 16.51 30.20
N ASN L 213 54.47 16.62 31.35
CA ASN L 213 53.85 17.33 32.47
C ASN L 213 54.46 18.72 32.55
N ARG L 214 53.63 19.70 32.88
CA ARG L 214 54.07 21.08 32.88
C ARG L 214 55.21 21.31 33.86
N GLY L 215 56.36 21.75 33.34
CA GLY L 215 57.50 22.09 34.16
C GLY L 215 58.15 20.95 34.93
N GLU L 216 58.26 19.78 34.31
CA GLU L 216 58.91 18.65 34.97
C GLU L 216 60.21 18.29 34.26
N CYS L 217 60.80 19.30 33.61
CA CYS L 217 62.05 19.18 32.86
C CYS L 217 61.95 18.11 31.79
N THR M 4 20.97 -46.83 -37.10
CA THR M 4 20.12 -46.86 -35.92
C THR M 4 20.90 -46.55 -34.64
N VAL M 5 20.22 -46.68 -33.50
CA VAL M 5 20.79 -46.36 -32.20
C VAL M 5 21.43 -47.58 -31.55
N GLU M 6 22.74 -47.73 -31.75
CA GLU M 6 23.45 -48.94 -31.33
C GLU M 6 23.18 -49.30 -29.87
N PRO M 7 23.06 -50.61 -29.60
CA PRO M 7 22.70 -51.21 -28.31
C PRO M 7 23.90 -51.26 -27.37
N ASN M 8 24.48 -50.10 -27.07
CA ASN M 8 25.59 -50.04 -26.12
C ASN M 8 25.69 -48.66 -25.48
N LEU M 9 26.52 -48.53 -24.46
CA LEU M 9 26.69 -47.24 -23.79
C LEU M 9 28.04 -46.60 -24.12
N HIS M 10 28.62 -46.96 -25.26
CA HIS M 10 29.93 -46.44 -25.63
C HIS M 10 29.95 -44.92 -25.62
N SER M 11 28.88 -44.31 -26.11
CA SER M 11 28.79 -42.85 -26.15
C SER M 11 28.81 -42.24 -24.75
N LEU M 12 28.19 -42.91 -23.79
CA LEU M 12 28.13 -42.41 -22.42
C LEU M 12 29.41 -42.71 -21.65
N ILE M 13 29.95 -43.91 -21.84
CA ILE M 13 31.15 -44.33 -21.14
C ILE M 13 32.32 -43.45 -21.52
N THR M 14 32.32 -42.96 -22.76
CA THR M 14 33.41 -42.11 -23.24
C THR M 14 33.02 -40.63 -23.28
N SER M 15 31.90 -40.30 -22.65
CA SER M 15 31.42 -38.92 -22.62
C SER M 15 32.37 -38.02 -21.85
N THR M 16 32.59 -36.80 -22.36
CA THR M 16 33.50 -35.87 -21.72
C THR M 16 32.75 -34.64 -21.19
N THR M 17 31.42 -34.69 -21.25
CA THR M 17 30.60 -33.56 -20.82
C THR M 17 29.72 -33.90 -19.63
N HIS M 18 29.31 -35.17 -19.53
CA HIS M 18 28.41 -35.58 -18.47
C HIS M 18 29.04 -35.51 -17.09
N LYS M 19 28.33 -34.89 -16.15
CA LYS M 19 28.81 -34.75 -14.77
C LYS M 19 27.91 -35.50 -13.79
N TRP M 20 26.65 -35.70 -14.15
CA TRP M 20 25.71 -36.41 -13.29
C TRP M 20 25.04 -37.55 -14.05
N ILE M 21 25.35 -38.78 -13.67
CA ILE M 21 24.75 -39.95 -14.29
C ILE M 21 23.97 -40.76 -13.28
N PHE M 22 22.65 -40.79 -13.45
CA PHE M 22 21.76 -41.53 -12.56
C PHE M 22 21.45 -42.91 -13.09
N VAL M 23 21.51 -43.92 -12.22
CA VAL M 23 21.11 -45.26 -12.58
C VAL M 23 19.96 -45.68 -11.67
N GLY M 24 18.82 -46.03 -12.28
CA GLY M 24 17.63 -46.35 -11.51
C GLY M 24 16.72 -47.37 -12.16
N GLY M 25 15.55 -47.57 -11.57
CA GLY M 25 14.60 -48.54 -12.06
C GLY M 25 13.95 -49.34 -10.96
N LYS M 26 13.08 -50.28 -11.33
CA LYS M 26 12.40 -51.12 -10.36
C LYS M 26 13.41 -51.89 -9.52
N GLY M 27 12.98 -52.35 -8.34
CA GLY M 27 13.86 -53.07 -7.44
C GLY M 27 14.28 -54.42 -7.98
N GLY M 28 15.54 -54.78 -7.76
CA GLY M 28 16.00 -56.12 -8.09
C GLY M 28 16.36 -56.34 -9.55
N VAL M 29 16.17 -55.32 -10.37
CA VAL M 29 16.44 -55.44 -11.80
C VAL M 29 17.94 -55.40 -12.09
N GLY M 30 18.71 -54.79 -11.19
CA GLY M 30 20.15 -54.73 -11.31
C GLY M 30 20.76 -53.35 -11.36
N LYS M 31 20.19 -52.42 -10.59
CA LYS M 31 20.70 -51.05 -10.49
C LYS M 31 22.13 -51.02 -9.98
N THR M 32 22.39 -51.73 -8.89
CA THR M 32 23.71 -51.71 -8.27
C THR M 32 24.76 -52.35 -9.18
N THR M 33 24.43 -53.49 -9.76
CA THR M 33 25.35 -54.19 -10.66
C THR M 33 25.69 -53.33 -11.88
N SER M 34 24.67 -52.64 -12.40
CA SER M 34 24.87 -51.81 -13.58
C SER M 34 25.60 -50.51 -13.27
N SER M 35 25.29 -49.89 -12.13
CA SER M 35 25.91 -48.63 -11.76
C SER M 35 27.39 -48.83 -11.40
N CYS M 36 27.74 -50.01 -10.91
CA CYS M 36 29.14 -50.32 -10.66
C CYS M 36 29.84 -50.55 -11.99
N SER M 37 29.13 -51.20 -12.91
CA SER M 37 29.67 -51.53 -14.23
C SER M 37 29.87 -50.30 -15.09
N ILE M 38 28.91 -49.37 -15.05
CA ILE M 38 29.01 -48.13 -15.79
C ILE M 38 30.18 -47.29 -15.28
N ALA M 39 30.29 -47.20 -13.96
CA ALA M 39 31.34 -46.43 -13.30
C ALA M 39 32.73 -46.99 -13.59
N ILE M 40 32.83 -48.31 -13.63
CA ILE M 40 34.10 -48.97 -13.88
C ILE M 40 34.53 -48.72 -15.33
N GLN M 41 33.56 -48.82 -16.24
CA GLN M 41 33.80 -48.62 -17.66
C GLN M 41 34.25 -47.20 -17.97
N MET M 42 33.62 -46.23 -17.33
CA MET M 42 34.01 -44.84 -17.51
C MET M 42 35.40 -44.62 -16.96
N ALA M 43 35.65 -45.21 -15.80
CA ALA M 43 36.94 -45.10 -15.13
C ALA M 43 38.04 -45.69 -16.00
N LEU M 44 37.76 -46.82 -16.64
CA LEU M 44 38.74 -47.47 -17.51
C LEU M 44 38.91 -46.67 -18.79
N SER M 45 37.82 -46.09 -19.26
CA SER M 45 37.84 -45.34 -20.50
C SER M 45 38.50 -43.97 -20.33
N GLN M 46 38.45 -43.41 -19.12
CA GLN M 46 38.98 -42.06 -18.90
C GLN M 46 39.96 -41.93 -17.73
N PRO M 47 41.21 -42.37 -17.93
CA PRO M 47 42.23 -42.41 -16.87
C PRO M 47 42.54 -41.06 -16.23
N ASN M 48 42.29 -39.96 -16.95
CA ASN M 48 42.63 -38.63 -16.44
C ASN M 48 41.56 -38.02 -15.54
N LYS M 49 40.40 -38.65 -15.48
CA LYS M 49 39.32 -38.12 -14.67
C LYS M 49 38.98 -39.02 -13.49
N GLN M 50 38.60 -38.38 -12.37
CA GLN M 50 38.20 -39.10 -11.18
C GLN M 50 36.69 -39.29 -11.15
N PHE M 51 36.23 -40.47 -10.79
CA PHE M 51 34.79 -40.74 -10.78
C PHE M 51 34.28 -41.15 -9.41
N LEU M 52 33.15 -40.58 -9.02
CA LEU M 52 32.52 -40.92 -7.76
C LEU M 52 31.19 -41.63 -8.00
N LEU M 53 31.01 -42.76 -7.33
CA LEU M 53 29.78 -43.53 -7.45
C LEU M 53 29.04 -43.51 -6.11
N ILE M 54 28.00 -42.68 -6.03
CA ILE M 54 27.29 -42.49 -4.78
C ILE M 54 26.02 -43.34 -4.70
N SER M 55 25.77 -43.92 -3.54
CA SER M 55 24.54 -44.68 -3.34
C SER M 55 23.51 -43.84 -2.59
N THR M 56 22.40 -43.56 -3.27
CA THR M 56 21.32 -42.81 -2.65
C THR M 56 20.26 -43.75 -2.13
N ASN M 57 20.49 -45.05 -2.28
CA ASN M 57 19.61 -46.06 -1.72
C ASN M 57 19.97 -46.28 -0.25
N PRO M 58 19.01 -46.05 0.66
CA PRO M 58 19.26 -46.17 2.10
C PRO M 58 19.82 -47.54 2.49
N ALA M 59 19.27 -48.58 1.90
CA ALA M 59 19.83 -49.92 2.04
C ALA M 59 20.93 -50.12 1.00
N HIS M 60 22.16 -49.76 1.36
CA HIS M 60 23.27 -49.74 0.41
C HIS M 60 23.79 -51.12 0.00
N ASN M 61 24.23 -51.25 -1.25
CA ASN M 61 24.76 -52.52 -1.75
C ASN M 61 26.11 -52.37 -2.45
N LEU M 62 26.64 -51.15 -2.51
CA LEU M 62 27.92 -50.92 -3.15
C LEU M 62 29.03 -51.67 -2.39
N SER M 63 28.99 -51.58 -1.07
CA SER M 63 29.96 -52.25 -0.22
C SER M 63 29.87 -53.76 -0.38
N ASP M 64 28.64 -54.26 -0.47
CA ASP M 64 28.43 -55.69 -0.62
C ASP M 64 28.90 -56.15 -2.00
N ALA M 65 28.78 -55.26 -2.98
CA ALA M 65 29.08 -55.59 -4.36
C ALA M 65 30.58 -55.67 -4.61
N PHE M 66 31.33 -54.75 -4.01
CA PHE M 66 32.78 -54.71 -4.18
C PHE M 66 33.50 -55.58 -3.15
N GLY M 67 32.87 -55.75 -2.00
CA GLY M 67 33.43 -56.54 -0.92
C GLY M 67 34.31 -55.74 0.01
N GLU M 68 34.12 -54.42 0.02
CA GLU M 68 34.81 -53.55 0.94
C GLU M 68 33.86 -52.50 1.49
N LYS M 69 34.07 -52.09 2.74
CA LYS M 69 33.14 -51.18 3.38
C LYS M 69 33.38 -49.73 2.97
N PHE M 70 32.33 -49.07 2.47
CA PHE M 70 32.39 -47.65 2.13
C PHE M 70 31.56 -46.85 3.14
N GLY M 71 31.76 -45.54 3.16
CA GLY M 71 31.06 -44.68 4.11
C GLY M 71 30.76 -43.30 3.58
N LYS M 72 30.49 -42.35 4.47
CA LYS M 72 30.15 -40.99 4.07
C LYS M 72 31.31 -40.30 3.36
N ASP M 73 32.53 -40.72 3.69
CA ASP M 73 33.73 -40.18 3.06
C ASP M 73 34.14 -41.06 1.88
N ALA M 74 34.40 -40.43 0.75
CA ALA M 74 34.73 -41.17 -0.47
C ALA M 74 36.03 -41.93 -0.30
N ARG M 75 36.00 -43.22 -0.61
CA ARG M 75 37.21 -44.04 -0.60
C ARG M 75 37.42 -44.62 -1.99
N LYS M 76 38.68 -44.77 -2.37
CA LYS M 76 39.02 -45.36 -3.65
C LYS M 76 38.62 -46.83 -3.66
N VAL M 77 38.20 -47.33 -4.82
CA VAL M 77 37.93 -48.74 -4.96
C VAL M 77 39.26 -49.47 -5.07
N THR M 78 39.49 -50.45 -4.21
CA THR M 78 40.79 -51.12 -4.15
C THR M 78 41.15 -51.77 -5.49
N GLY M 79 42.28 -51.36 -6.05
CA GLY M 79 42.70 -51.87 -7.34
C GLY M 79 42.52 -50.87 -8.48
N MET M 80 41.89 -49.74 -8.18
CA MET M 80 41.65 -48.71 -9.17
C MET M 80 42.15 -47.34 -8.70
N ASN M 81 42.60 -46.52 -9.64
CA ASN M 81 43.16 -45.22 -9.32
C ASN M 81 42.17 -44.06 -9.45
N ASN M 82 41.05 -44.28 -10.14
CA ASN M 82 40.13 -43.17 -10.38
C ASN M 82 38.65 -43.46 -10.13
N LEU M 83 38.34 -44.51 -9.38
CA LEU M 83 36.94 -44.79 -9.04
C LEU M 83 36.76 -44.86 -7.53
N SER M 84 35.82 -44.06 -7.03
CA SER M 84 35.56 -44.01 -5.60
C SER M 84 34.07 -44.20 -5.31
N CYS M 85 33.77 -44.88 -4.21
CA CYS M 85 32.39 -45.09 -3.81
C CYS M 85 32.07 -44.31 -2.54
N MET M 86 30.78 -44.11 -2.29
CA MET M 86 30.33 -43.39 -1.11
C MET M 86 28.94 -43.87 -0.69
N GLU M 87 28.82 -44.33 0.54
CA GLU M 87 27.53 -44.74 1.09
C GLU M 87 27.19 -43.85 2.26
N ILE M 88 26.28 -42.92 2.06
CA ILE M 88 25.96 -41.94 3.07
C ILE M 88 25.21 -42.54 4.26
N ASP M 89 25.75 -42.36 5.46
CA ASP M 89 25.12 -42.84 6.68
C ASP M 89 24.49 -41.67 7.44
N PRO M 90 23.16 -41.59 7.42
CA PRO M 90 22.43 -40.49 8.05
C PRO M 90 22.75 -40.31 9.53
N SER M 91 22.85 -41.42 10.27
CA SER M 91 23.14 -41.35 11.69
C SER M 91 24.57 -40.83 11.89
N ALA M 92 25.50 -41.47 11.19
CA ALA M 92 26.92 -41.11 11.28
C ALA M 92 27.17 -39.70 10.77
N ALA M 93 26.50 -39.33 9.69
CA ALA M 93 26.70 -38.02 9.09
C ALA M 93 26.31 -36.94 10.08
N LEU M 94 25.20 -37.15 10.77
CA LEU M 94 24.72 -36.19 11.76
C LEU M 94 25.63 -36.12 12.99
N LYS M 95 26.16 -37.27 13.40
CA LYS M 95 27.08 -37.34 14.56
C LYS M 95 28.42 -36.64 14.33
N ASP M 96 29.00 -36.80 13.15
CA ASP M 96 30.24 -36.12 12.82
C ASP M 96 29.97 -34.63 12.74
N MET M 97 28.87 -34.27 12.09
CA MET M 97 28.45 -32.89 11.96
C MET M 97 28.06 -32.37 13.35
N ASN M 98 27.60 -33.30 14.18
CA ASN M 98 27.25 -33.03 15.59
C ASN M 98 28.49 -32.64 16.40
N ASP M 99 29.64 -33.21 16.04
CA ASP M 99 30.90 -32.97 16.75
C ASP M 99 31.67 -31.82 16.13
N LEU M 126 19.15 -34.73 19.67
CA LEU M 126 18.38 -34.12 18.58
C LEU M 126 18.81 -34.69 17.23
N ALA M 127 20.06 -35.11 17.13
CA ALA M 127 20.60 -35.70 15.91
C ALA M 127 19.99 -37.07 15.64
N ASP M 128 19.77 -37.84 16.70
CA ASP M 128 19.21 -39.19 16.57
C ASP M 128 17.78 -39.14 16.08
N LEU M 129 17.02 -38.18 16.58
CA LEU M 129 15.62 -38.04 16.21
C LEU M 129 15.42 -37.59 14.76
N THR M 130 16.15 -36.54 14.37
CA THR M 130 16.07 -36.04 13.00
C THR M 130 16.68 -37.03 12.02
N GLY M 131 17.61 -37.85 12.51
CA GLY M 131 18.29 -38.83 11.69
C GLY M 131 17.42 -40.01 11.36
N SER M 132 16.29 -40.13 12.05
CA SER M 132 15.35 -41.22 11.80
C SER M 132 14.14 -40.73 11.01
N ILE M 133 14.09 -39.44 10.72
CA ILE M 133 12.97 -38.88 9.98
C ILE M 133 12.99 -39.32 8.53
N PRO M 134 11.84 -39.72 8.00
CA PRO M 134 11.72 -40.18 6.61
C PRO M 134 12.10 -39.07 5.63
N GLY M 135 12.94 -39.38 4.65
CA GLY M 135 13.35 -38.39 3.68
C GLY M 135 14.75 -37.88 3.94
N ILE M 136 15.22 -38.07 5.17
CA ILE M 136 16.53 -37.58 5.59
C ILE M 136 17.62 -38.11 4.67
N ASP M 137 17.39 -39.30 4.11
CA ASP M 137 18.34 -39.93 3.21
C ASP M 137 18.45 -39.15 1.91
N GLU M 138 17.30 -38.75 1.36
CA GLU M 138 17.30 -37.98 0.11
C GLU M 138 17.87 -36.59 0.38
N ALA M 139 17.66 -36.09 1.59
CA ALA M 139 18.15 -34.77 1.97
C ALA M 139 19.67 -34.78 2.09
N LEU M 140 20.21 -35.81 2.72
CA LEU M 140 21.66 -35.92 2.91
C LEU M 140 22.34 -36.26 1.58
N SER M 141 21.57 -36.82 0.66
CA SER M 141 22.11 -37.12 -0.67
C SER M 141 22.25 -35.85 -1.49
N PHE M 142 21.21 -35.02 -1.45
CA PHE M 142 21.19 -33.74 -2.16
C PHE M 142 22.26 -32.80 -1.62
N MET M 143 22.55 -32.89 -0.32
CA MET M 143 23.58 -32.05 0.28
C MET M 143 24.94 -32.46 -0.26
N GLU M 144 25.10 -33.75 -0.53
CA GLU M 144 26.32 -34.25 -1.13
C GLU M 144 26.46 -33.72 -2.54
N VAL M 145 25.35 -33.74 -3.28
CA VAL M 145 25.31 -33.16 -4.61
C VAL M 145 25.61 -31.68 -4.56
N MET M 146 24.97 -31.01 -3.60
CA MET M 146 25.05 -29.58 -3.48
C MET M 146 26.44 -29.09 -3.10
N LYS M 147 27.09 -29.82 -2.19
CA LYS M 147 28.42 -29.41 -1.72
C LYS M 147 29.49 -29.78 -2.71
N HIS M 148 29.21 -30.76 -3.55
CA HIS M 148 30.13 -31.13 -4.60
C HIS M 148 30.22 -30.04 -5.65
N ILE M 149 29.09 -29.36 -5.89
CA ILE M 149 29.05 -28.27 -6.87
C ILE M 149 29.85 -27.04 -6.45
N LYS M 150 29.77 -26.65 -5.19
CA LYS M 150 30.54 -25.51 -4.68
C LYS M 150 32.03 -25.79 -4.81
N ARG M 151 32.40 -27.05 -4.68
CA ARG M 151 33.78 -27.46 -4.76
C ARG M 151 34.32 -27.36 -6.18
N GLN M 152 33.50 -27.74 -7.16
CA GLN M 152 33.90 -27.66 -8.57
C GLN M 152 34.07 -26.25 -9.12
N GLU M 153 33.19 -25.34 -8.71
CA GLU M 153 33.22 -23.96 -9.22
C GLU M 153 34.26 -23.05 -8.57
N GLN M 154 34.26 -23.03 -7.24
CA GLN M 154 35.08 -22.08 -6.48
C GLN M 154 36.57 -22.42 -6.50
N GLY M 155 36.91 -23.67 -6.76
CA GLY M 155 38.30 -24.08 -6.68
C GLY M 155 38.57 -25.22 -5.73
N GLU M 156 39.06 -24.88 -4.52
CA GLU M 156 39.43 -25.81 -3.45
C GLU M 156 39.11 -27.29 -3.69
N GLU M 158 39.09 -31.45 -2.91
CA GLU M 158 39.15 -32.63 -3.76
C GLU M 158 37.86 -32.80 -4.54
N THR M 159 37.99 -32.92 -5.86
CA THR M 159 36.81 -32.95 -6.72
C THR M 159 36.81 -34.14 -7.69
N PHE M 160 35.62 -34.47 -8.15
CA PHE M 160 35.44 -35.55 -9.12
C PHE M 160 34.87 -34.97 -10.40
N ASP M 161 35.26 -35.51 -11.53
CA ASP M 161 34.80 -35.02 -12.82
C ASP M 161 33.38 -35.45 -13.11
N THR M 162 33.06 -36.70 -12.78
CA THR M 162 31.73 -37.24 -13.00
C THR M 162 31.24 -37.99 -11.77
N VAL M 163 29.95 -37.88 -11.48
CA VAL M 163 29.36 -38.55 -10.34
C VAL M 163 28.24 -39.48 -10.79
N ILE M 164 28.40 -40.77 -10.52
CA ILE M 164 27.37 -41.74 -10.86
C ILE M 164 26.51 -42.07 -9.64
N PHE M 165 25.19 -42.09 -9.81
CA PHE M 165 24.29 -42.38 -8.70
C PHE M 165 23.69 -43.77 -8.76
N ASP M 166 24.01 -44.59 -7.77
CA ASP M 166 23.29 -45.84 -7.58
C ASP M 166 22.03 -45.53 -6.80
N THR M 167 20.97 -45.18 -7.53
CA THR M 167 19.75 -44.66 -6.91
C THR M 167 18.88 -45.76 -6.30
N ALA M 168 17.96 -45.36 -5.45
CA ALA M 168 16.95 -46.25 -4.90
C ALA M 168 15.91 -46.59 -5.95
N PRO M 169 15.04 -47.57 -5.67
CA PRO M 169 13.97 -47.93 -6.60
C PRO M 169 13.10 -46.74 -7.02
N THR M 170 12.34 -46.92 -8.08
CA THR M 170 11.59 -45.86 -8.76
C THR M 170 10.91 -44.83 -7.86
N GLY M 171 10.15 -45.32 -6.87
CA GLY M 171 9.34 -44.45 -6.04
C GLY M 171 10.11 -43.32 -5.39
N HIS M 172 11.26 -43.65 -4.80
CA HIS M 172 11.98 -42.68 -4.00
C HIS M 172 13.07 -41.93 -4.76
N THR M 173 13.53 -42.47 -5.87
CA THR M 173 14.46 -41.73 -6.72
C THR M 173 13.73 -40.53 -7.35
N LEU M 174 12.47 -40.72 -7.70
CA LEU M 174 11.67 -39.65 -8.27
C LEU M 174 11.55 -38.49 -7.29
N ARG M 175 11.32 -38.80 -6.02
CA ARG M 175 11.25 -37.77 -4.98
C ARG M 175 12.56 -36.99 -4.92
N PHE M 176 13.66 -37.72 -5.04
CA PHE M 176 15.00 -37.12 -4.98
C PHE M 176 15.25 -36.16 -6.15
N LEU M 177 14.84 -36.56 -7.36
CA LEU M 177 15.10 -35.76 -8.55
C LEU M 177 14.20 -34.52 -8.63
N GLN M 178 13.09 -34.55 -7.89
CA GLN M 178 12.21 -33.39 -7.81
C GLN M 178 12.69 -32.40 -6.76
N LEU M 179 13.64 -32.84 -5.94
CA LEU M 179 14.08 -32.07 -4.78
C LEU M 179 14.60 -30.67 -5.12
N PRO M 180 15.40 -30.55 -6.18
CA PRO M 180 15.84 -29.22 -6.62
C PRO M 180 14.63 -28.33 -6.94
N ASN M 181 13.72 -28.83 -7.76
CA ASN M 181 12.54 -28.08 -8.12
C ASN M 181 11.69 -27.79 -6.88
N THR M 182 11.65 -28.74 -5.96
CA THR M 182 10.88 -28.58 -4.72
C THR M 182 11.50 -27.53 -3.81
N LEU M 183 12.82 -27.63 -3.62
CA LEU M 183 13.53 -26.69 -2.77
C LEU M 183 13.47 -25.27 -3.31
N SER M 184 13.56 -25.11 -4.63
CA SER M 184 13.50 -23.78 -5.24
C SER M 184 12.19 -23.09 -4.87
N LYS M 185 11.08 -23.79 -5.14
CA LYS M 185 9.76 -23.25 -4.86
C LYS M 185 9.54 -23.05 -3.37
N LEU M 186 9.91 -24.06 -2.58
CA LEU M 186 9.77 -23.99 -1.13
C LEU M 186 10.61 -22.87 -0.53
N LEU M 187 11.83 -22.73 -1.02
CA LEU M 187 12.79 -21.82 -0.43
C LEU M 187 12.40 -20.36 -0.61
N GLU M 188 12.01 -20.00 -1.82
CA GLU M 188 11.63 -18.61 -2.12
C GLU M 188 10.36 -18.18 -1.39
N LYS M 189 9.35 -19.04 -1.44
CA LYS M 189 8.04 -18.73 -0.87
C LYS M 189 8.01 -18.74 0.66
N PHE M 190 8.66 -19.72 1.27
CA PHE M 190 8.79 -19.73 2.73
C PHE M 190 9.77 -18.70 3.25
N GLY M 191 11.03 -18.83 2.84
CA GLY M 191 12.06 -17.83 3.09
C GLY M 191 11.53 -16.43 3.25
N GLU M 192 10.68 -16.05 2.29
CA GLU M 192 10.10 -14.73 2.23
C GLU M 192 8.98 -14.50 3.25
N ILE M 193 8.04 -15.44 3.36
CA ILE M 193 6.91 -15.23 4.27
C ILE M 193 7.36 -15.18 5.73
N THR M 194 8.40 -15.93 6.05
CA THR M 194 9.00 -15.85 7.38
C THR M 194 9.55 -14.45 7.61
N ASN M 195 10.23 -13.95 6.58
CA ASN M 195 10.89 -12.66 6.62
C ASN M 195 9.92 -11.48 6.47
N ILE M 212 21.69 -13.85 7.55
CA ILE M 212 20.70 -14.87 7.22
C ILE M 212 20.32 -14.83 5.74
N SER M 213 20.09 -13.63 5.22
CA SER M 213 19.66 -13.45 3.83
C SER M 213 20.72 -13.89 2.83
N GLY M 214 21.98 -13.67 3.16
CA GLY M 214 23.09 -14.09 2.32
C GLY M 214 23.20 -15.60 2.23
N LYS M 215 23.13 -16.24 3.38
CA LYS M 215 23.22 -17.70 3.47
C LYS M 215 22.07 -18.37 2.72
N LEU M 216 20.90 -17.75 2.78
CA LEU M 216 19.73 -18.22 2.05
C LEU M 216 19.84 -17.93 0.56
N ASN M 217 20.49 -16.83 0.24
CA ASN M 217 20.66 -16.41 -1.14
C ASN M 217 21.67 -17.27 -1.88
N GLU M 218 22.74 -17.66 -1.20
CA GLU M 218 23.73 -18.55 -1.80
C GLU M 218 23.21 -19.97 -1.93
N LEU M 219 22.48 -20.43 -0.93
CA LEU M 219 21.89 -21.77 -0.97
C LEU M 219 20.85 -21.84 -2.09
N LYS M 220 20.07 -20.78 -2.27
CA LYS M 220 19.09 -20.73 -3.34
C LYS M 220 19.77 -20.78 -4.69
N ALA M 221 20.95 -20.16 -4.74
CA ALA M 221 21.77 -20.14 -5.95
C ALA M 221 22.33 -21.53 -6.16
N ASN M 222 22.66 -22.19 -5.06
CA ASN M 222 23.19 -23.54 -5.10
C ASN M 222 22.13 -24.50 -5.63
N VAL M 223 20.90 -24.35 -5.14
CA VAL M 223 19.79 -25.19 -5.60
C VAL M 223 19.46 -24.92 -7.06
N GLU M 224 19.45 -23.66 -7.45
CA GLU M 224 19.13 -23.29 -8.81
C GLU M 224 20.15 -23.81 -9.80
N THR M 225 21.41 -23.84 -9.39
CA THR M 225 22.47 -24.34 -10.24
C THR M 225 22.30 -25.83 -10.52
N ILE M 226 21.90 -26.58 -9.49
CA ILE M 226 21.67 -28.01 -9.63
C ILE M 226 20.47 -28.25 -10.54
N ARG M 227 19.46 -27.39 -10.39
CA ARG M 227 18.24 -27.50 -11.17
C ARG M 227 18.52 -27.38 -12.66
N GLN M 228 19.41 -26.48 -13.02
CA GLN M 228 19.70 -26.24 -14.43
C GLN M 228 20.64 -27.30 -14.98
N GLN M 229 21.48 -27.85 -14.12
CA GLN M 229 22.41 -28.88 -14.56
C GLN M 229 21.72 -30.22 -14.74
N PHE M 230 20.66 -30.49 -13.97
CA PHE M 230 19.98 -31.77 -14.08
C PHE M 230 19.06 -31.79 -15.32
N THR M 231 18.73 -30.61 -15.83
CA THR M 231 17.88 -30.51 -17.02
C THR M 231 18.71 -30.32 -18.28
N ASP M 232 20.03 -30.39 -18.13
CA ASP M 232 20.95 -30.29 -19.25
C ASP M 232 21.31 -31.67 -19.75
N PRO M 233 20.84 -32.03 -20.96
CA PRO M 233 21.04 -33.37 -21.50
C PRO M 233 22.51 -33.72 -21.64
N ASP M 234 23.34 -32.69 -21.78
CA ASP M 234 24.77 -32.88 -21.98
C ASP M 234 25.51 -33.10 -20.66
N LEU M 235 24.90 -32.64 -19.57
CA LEU M 235 25.49 -32.75 -18.24
C LEU M 235 24.90 -33.90 -17.44
N THR M 236 23.57 -34.01 -17.49
CA THR M 236 22.86 -35.00 -16.69
C THR M 236 22.07 -35.97 -17.56
N THR M 237 22.17 -37.26 -17.26
CA THR M 237 21.38 -38.27 -17.95
C THR M 237 20.98 -39.40 -17.00
N PHE M 238 19.90 -40.09 -17.34
CA PHE M 238 19.38 -41.17 -16.51
C PHE M 238 19.42 -42.48 -17.30
N VAL M 239 20.11 -43.47 -16.76
CA VAL M 239 20.18 -44.79 -17.39
C VAL M 239 19.21 -45.70 -16.68
N CYS M 240 18.17 -46.10 -17.40
CA CYS M 240 17.12 -46.92 -16.83
C CYS M 240 17.43 -48.41 -16.93
N VAL M 241 17.28 -49.11 -15.80
CA VAL M 241 17.50 -50.55 -15.78
C VAL M 241 16.20 -51.33 -15.62
N CYS M 242 16.10 -52.48 -16.28
CA CYS M 242 14.90 -53.30 -16.17
C CYS M 242 15.17 -54.73 -16.57
N ILE M 243 14.19 -55.59 -16.32
CA ILE M 243 14.23 -56.97 -16.78
C ILE M 243 13.08 -57.20 -17.75
N SER M 244 13.20 -58.21 -18.59
CA SER M 244 12.18 -58.48 -19.58
C SER M 244 11.08 -59.32 -18.95
N GLU M 245 10.39 -58.74 -17.98
CA GLU M 245 9.25 -59.39 -17.34
C GLU M 245 8.06 -58.45 -17.35
N PHE M 246 6.86 -59.01 -17.23
CA PHE M 246 5.61 -58.26 -17.36
C PHE M 246 5.51 -57.08 -16.40
N LEU M 247 5.65 -57.34 -15.10
CA LEU M 247 5.50 -56.28 -14.10
C LEU M 247 6.55 -55.18 -14.20
N SER M 248 7.68 -55.50 -14.82
CA SER M 248 8.76 -54.53 -14.98
C SER M 248 8.52 -53.62 -16.16
N LEU M 249 7.78 -54.13 -17.14
CA LEU M 249 7.51 -53.39 -18.36
C LEU M 249 6.74 -52.12 -18.06
N TYR M 250 5.71 -52.26 -17.21
CA TYR M 250 4.81 -51.17 -16.93
C TYR M 250 5.39 -50.15 -15.95
N GLU M 251 6.28 -50.59 -15.06
CA GLU M 251 6.90 -49.66 -14.12
C GLU M 251 8.01 -48.86 -14.78
N THR M 252 8.78 -49.51 -15.65
CA THR M 252 9.86 -48.84 -16.36
C THR M 252 9.32 -47.74 -17.24
N GLU M 253 8.29 -48.07 -18.02
CA GLU M 253 7.61 -47.10 -18.86
C GLU M 253 7.01 -45.98 -18.02
N ARG M 254 6.39 -46.34 -16.90
CA ARG M 254 5.76 -45.36 -16.03
C ARG M 254 6.80 -44.38 -15.49
N LEU M 255 7.99 -44.92 -15.22
CA LEU M 255 9.12 -44.15 -14.70
C LEU M 255 9.77 -43.23 -15.73
N ILE M 256 9.99 -43.77 -16.93
CA ILE M 256 10.64 -43.00 -17.99
C ILE M 256 9.79 -41.79 -18.35
N GLN M 257 8.48 -41.98 -18.39
CA GLN M 257 7.56 -40.89 -18.69
C GLN M 257 7.64 -39.82 -17.61
N GLU M 258 7.77 -40.24 -16.36
CA GLU M 258 7.86 -39.31 -15.24
C GLU M 258 9.15 -38.53 -15.28
N LEU M 259 10.20 -39.18 -15.78
CA LEU M 259 11.51 -38.55 -15.87
C LEU M 259 11.50 -37.47 -16.95
N ILE M 260 10.85 -37.76 -18.06
CA ILE M 260 10.75 -36.81 -19.15
C ILE M 260 9.98 -35.56 -18.75
N SER M 261 8.97 -35.74 -17.89
CA SER M 261 8.18 -34.60 -17.43
C SER M 261 8.99 -33.74 -16.46
N TYR M 262 10.08 -34.28 -15.95
CA TYR M 262 10.97 -33.51 -15.08
C TYR M 262 12.10 -32.91 -15.91
N ASP M 263 12.02 -33.13 -17.21
CA ASP M 263 13.04 -32.65 -18.15
C ASP M 263 14.38 -33.32 -17.87
N MET M 264 14.33 -34.51 -17.31
CA MET M 264 15.51 -35.35 -17.16
C MET M 264 15.75 -36.13 -18.43
N ASP M 265 16.97 -36.06 -18.94
CA ASP M 265 17.33 -36.77 -20.15
C ASP M 265 17.46 -38.26 -19.88
N VAL M 266 16.74 -39.06 -20.66
CA VAL M 266 16.89 -40.50 -20.60
C VAL M 266 16.87 -41.09 -22.00
N ASN M 267 17.95 -41.75 -22.40
CA ASN M 267 18.04 -42.35 -23.73
C ASN M 267 18.77 -43.71 -23.68
N SER M 268 18.97 -44.22 -22.47
CA SER M 268 19.66 -45.48 -22.28
C SER M 268 18.84 -46.45 -21.44
N ILE M 269 18.67 -47.67 -21.93
CA ILE M 269 17.95 -48.71 -21.20
C ILE M 269 18.72 -50.02 -21.18
N ILE M 270 19.03 -50.51 -19.98
CA ILE M 270 19.68 -51.80 -19.82
C ILE M 270 18.65 -52.89 -19.55
N VAL M 271 18.56 -53.86 -20.45
CA VAL M 271 17.68 -55.00 -20.25
C VAL M 271 18.54 -56.11 -19.69
N ASN M 272 18.34 -56.41 -18.40
CA ASN M 272 19.24 -57.26 -17.67
C ASN M 272 18.68 -58.66 -17.48
N GLN M 273 19.54 -59.60 -17.08
CA GLN M 273 19.14 -60.95 -16.69
C GLN M 273 18.46 -61.74 -17.81
N LEU M 274 18.89 -61.49 -19.03
CA LEU M 274 18.37 -62.19 -20.19
C LEU M 274 18.96 -63.59 -20.27
N LEU M 275 18.11 -64.56 -20.59
CA LEU M 275 18.54 -65.95 -20.64
C LEU M 275 19.29 -66.27 -21.95
N PHE M 276 18.75 -65.79 -23.07
CA PHE M 276 19.30 -66.12 -24.39
C PHE M 276 19.34 -67.63 -24.56
N ALA M 277 18.26 -68.29 -24.12
CA ALA M 277 18.21 -69.75 -23.98
C ALA M 277 18.43 -70.53 -25.27
N GLU M 278 17.92 -69.99 -26.38
CA GLU M 278 18.05 -70.66 -27.67
C GLU M 278 19.52 -70.87 -28.08
N ASN M 279 20.39 -70.03 -27.56
CA ASN M 279 21.83 -70.10 -27.82
C ASN M 279 22.55 -71.16 -26.99
N ASP M 280 21.89 -71.64 -25.93
CA ASP M 280 22.48 -72.62 -25.02
C ASP M 280 22.70 -73.96 -25.69
N GLN M 281 23.93 -74.48 -25.61
CA GLN M 281 24.31 -75.82 -26.07
C GLN M 281 23.19 -76.85 -25.91
N GLU M 282 22.53 -76.81 -24.75
CA GLU M 282 21.41 -77.71 -24.47
C GLU M 282 20.08 -77.05 -24.81
N HIS M 283 19.17 -77.82 -25.39
CA HIS M 283 17.94 -77.27 -25.96
C HIS M 283 16.69 -77.75 -25.26
N ASN M 284 16.85 -78.62 -24.27
CA ASN M 284 15.72 -79.22 -23.58
C ASN M 284 15.43 -78.84 -22.13
N CYS M 285 15.99 -77.74 -21.63
CA CYS M 285 15.61 -77.31 -20.28
C CYS M 285 14.25 -76.65 -20.36
N LYS M 286 13.25 -77.22 -19.69
CA LYS M 286 11.89 -76.70 -19.83
C LYS M 286 11.68 -75.31 -19.25
N ARG M 287 12.20 -75.07 -18.05
CA ARG M 287 11.95 -73.79 -17.39
C ARG M 287 12.72 -72.67 -18.05
N CYS M 288 13.99 -72.91 -18.34
CA CYS M 288 14.83 -71.91 -18.95
C CYS M 288 14.28 -71.61 -20.36
N GLN M 289 13.82 -72.66 -21.05
CA GLN M 289 13.28 -72.51 -22.39
C GLN M 289 11.93 -71.77 -22.43
N ALA M 290 11.07 -72.08 -21.48
CA ALA M 290 9.77 -71.43 -21.34
C ALA M 290 9.92 -69.95 -21.00
N ARG M 291 10.83 -69.66 -20.08
CA ARG M 291 11.06 -68.29 -19.62
C ARG M 291 11.74 -67.42 -20.67
N TRP M 292 12.58 -68.00 -21.50
CA TRP M 292 13.21 -67.24 -22.57
C TRP M 292 12.20 -66.86 -23.64
N LYS M 293 11.28 -67.77 -23.93
CA LYS M 293 10.24 -67.50 -24.90
C LYS M 293 9.42 -66.30 -24.44
N MET M 294 9.17 -66.23 -23.14
CA MET M 294 8.45 -65.10 -22.57
C MET M 294 9.31 -63.86 -22.65
N GLN M 295 10.60 -64.01 -22.33
CA GLN M 295 11.53 -62.89 -22.30
C GLN M 295 11.75 -62.32 -23.70
N LYS M 296 11.83 -63.19 -24.69
CA LYS M 296 12.06 -62.74 -26.06
C LYS M 296 10.86 -61.95 -26.54
N LYS M 297 9.67 -62.38 -26.16
CA LYS M 297 8.45 -61.70 -26.55
C LYS M 297 8.45 -60.26 -26.04
N TYR M 298 8.73 -60.08 -24.76
CA TYR M 298 8.73 -58.75 -24.17
C TYR M 298 9.93 -57.95 -24.67
N LEU M 299 11.02 -58.63 -24.98
CA LEU M 299 12.22 -57.96 -25.47
C LEU M 299 11.93 -57.32 -26.82
N ASP M 300 11.15 -58.00 -27.63
CA ASP M 300 10.74 -57.46 -28.94
C ASP M 300 9.88 -56.22 -28.77
N GLN M 301 9.06 -56.22 -27.72
CA GLN M 301 8.17 -55.10 -27.46
C GLN M 301 8.98 -53.91 -26.96
N ILE M 302 10.04 -54.20 -26.21
CA ILE M 302 10.91 -53.14 -25.72
C ILE M 302 11.66 -52.50 -26.89
N ASP M 303 12.15 -53.33 -27.79
CA ASP M 303 12.88 -52.86 -28.96
C ASP M 303 11.99 -51.99 -29.83
N GLU M 304 10.70 -52.34 -29.88
CA GLU M 304 9.79 -51.62 -30.75
C GLU M 304 9.45 -50.24 -30.21
N LEU M 305 9.15 -50.16 -28.91
CA LEU M 305 8.77 -48.90 -28.30
C LEU M 305 9.95 -47.93 -28.16
N TYR M 306 11.11 -48.44 -27.76
CA TYR M 306 12.27 -47.59 -27.48
C TYR M 306 13.29 -47.60 -28.62
N GLU M 307 12.83 -47.23 -29.81
CA GLU M 307 13.68 -47.24 -30.98
C GLU M 307 14.61 -46.04 -30.98
N ASP M 308 14.30 -45.07 -30.12
CA ASP M 308 15.13 -43.88 -29.98
C ASP M 308 16.12 -44.05 -28.84
N PHE M 309 16.06 -45.18 -28.17
CA PHE M 309 16.90 -45.42 -27.00
C PHE M 309 18.07 -46.36 -27.31
N HIS M 310 19.14 -46.23 -26.55
CA HIS M 310 20.17 -47.27 -26.51
C HIS M 310 19.62 -48.41 -25.66
N VAL M 311 19.18 -49.48 -26.31
CA VAL M 311 18.67 -50.65 -25.60
C VAL M 311 19.79 -51.69 -25.45
N VAL M 312 20.42 -51.72 -24.28
CA VAL M 312 21.55 -52.60 -24.05
C VAL M 312 21.11 -53.88 -23.35
N LYS M 313 21.42 -55.02 -23.96
CA LYS M 313 20.94 -56.29 -23.42
C LYS M 313 22.04 -56.98 -22.66
N MET M 314 21.75 -57.31 -21.41
CA MET M 314 22.72 -57.91 -20.51
C MET M 314 22.23 -59.25 -20.01
N PRO M 315 23.14 -60.23 -19.92
CA PRO M 315 22.83 -61.59 -19.46
C PRO M 315 22.73 -61.90 -17.94
N LEU M 316 21.96 -62.96 -17.79
CA LEU M 316 21.89 -63.71 -16.55
C LEU M 316 23.07 -64.65 -16.57
N CYS M 317 24.07 -64.34 -15.75
CA CYS M 317 25.28 -65.13 -15.61
C CYS M 317 25.02 -66.31 -14.67
N ALA M 318 25.79 -67.38 -14.80
CA ALA M 318 25.57 -68.55 -13.96
C ALA M 318 26.03 -68.28 -12.53
N GLY M 319 26.89 -67.29 -12.36
CA GLY M 319 27.35 -66.88 -11.05
C GLY M 319 26.68 -65.58 -10.61
N GLU M 320 27.22 -64.97 -9.56
CA GLU M 320 26.73 -63.67 -9.12
C GLU M 320 27.79 -62.61 -9.40
N ILE M 321 27.37 -61.50 -9.99
CA ILE M 321 28.29 -60.44 -10.36
C ILE M 321 28.66 -59.56 -9.16
N ARG M 322 29.73 -59.95 -8.47
CA ARG M 322 30.21 -59.17 -7.33
C ARG M 322 31.74 -59.22 -7.29
N GLY M 323 32.36 -58.13 -6.84
CA GLY M 323 33.81 -57.97 -6.80
C GLY M 323 34.34 -57.30 -8.05
N LEU M 324 35.52 -56.69 -7.94
CA LEU M 324 36.10 -55.92 -9.04
C LEU M 324 36.29 -56.74 -10.31
N ASN M 325 36.72 -57.98 -10.14
CA ASN M 325 37.00 -58.83 -11.29
C ASN M 325 35.75 -59.08 -12.12
N ASN M 326 34.74 -59.67 -11.49
CA ASN M 326 33.52 -60.03 -12.19
C ASN M 326 32.69 -58.82 -12.65
N LEU M 327 32.77 -57.74 -11.89
CA LEU M 327 32.08 -56.52 -12.27
C LEU M 327 32.70 -55.95 -13.54
N THR M 328 34.03 -55.93 -13.57
CA THR M 328 34.76 -55.48 -14.74
C THR M 328 34.47 -56.36 -15.95
N LYS M 329 34.53 -57.66 -15.75
CA LYS M 329 34.32 -58.62 -16.83
C LYS M 329 32.90 -58.57 -17.38
N PHE M 330 31.96 -58.14 -16.56
CA PHE M 330 30.57 -58.05 -16.95
C PHE M 330 30.31 -56.69 -17.61
N SER M 331 30.98 -55.67 -17.11
CA SER M 331 30.76 -54.29 -17.56
C SER M 331 31.23 -54.08 -19.00
N GLN M 332 32.08 -54.96 -19.50
CA GLN M 332 32.61 -54.81 -20.85
C GLN M 332 31.48 -54.89 -21.87
N PHE M 333 30.38 -55.52 -21.46
CA PHE M 333 29.23 -55.72 -22.32
C PHE M 333 28.30 -54.51 -22.29
N LEU M 334 28.71 -53.47 -21.58
CA LEU M 334 28.01 -52.19 -21.65
C LEU M 334 28.68 -51.32 -22.72
N ASN M 335 29.91 -51.68 -23.06
CA ASN M 335 30.70 -50.94 -24.05
C ASN M 335 30.58 -51.55 -25.44
N LYS M 336 30.88 -52.83 -25.54
CA LYS M 336 30.66 -53.57 -26.78
C LYS M 336 29.58 -54.60 -26.50
N GLU M 337 28.49 -54.56 -27.26
CA GLU M 337 27.31 -55.35 -26.94
C GLU M 337 27.62 -56.84 -26.83
N TYR M 338 26.83 -57.52 -26.02
CA TYR M 338 27.02 -58.95 -25.78
C TYR M 338 26.48 -59.75 -26.95
N ASN M 339 27.30 -60.65 -27.48
CA ASN M 339 26.88 -61.53 -28.56
C ASN M 339 26.72 -62.95 -28.04
N PRO M 340 25.47 -63.41 -27.90
CA PRO M 340 25.19 -64.73 -27.33
C PRO M 340 25.87 -65.86 -28.09
N ILE M 341 26.11 -65.66 -29.39
CA ILE M 341 26.76 -66.66 -30.21
C ILE M 341 28.27 -66.72 -29.95
N THR M 342 28.86 -65.57 -29.64
CA THR M 342 30.31 -65.47 -29.47
C THR M 342 30.73 -65.49 -28.00
N ASP M 343 30.15 -64.57 -27.22
CA ASP M 343 30.55 -64.35 -25.85
C ASP M 343 29.78 -65.21 -24.86
N GLY M 344 29.21 -66.32 -25.34
CA GLY M 344 28.37 -67.15 -24.50
C GLY M 344 29.13 -67.88 -23.42
N LYS M 345 30.46 -67.89 -23.54
CA LYS M 345 31.30 -68.57 -22.56
C LYS M 345 31.53 -67.72 -21.31
N VAL M 346 31.41 -66.40 -21.46
CA VAL M 346 31.72 -65.48 -20.38
C VAL M 346 30.80 -65.61 -19.16
N ILE M 347 29.61 -66.17 -19.35
CA ILE M 347 28.66 -66.26 -18.25
C ILE M 347 29.03 -67.36 -17.24
N TYR M 348 30.03 -68.17 -17.58
CA TYR M 348 30.50 -69.22 -16.69
C TYR M 348 31.91 -68.92 -16.19
N GLU M 349 32.47 -67.81 -16.65
CA GLU M 349 33.84 -67.45 -16.30
C GLU M 349 33.91 -66.54 -15.07
N LEU M 350 32.86 -66.57 -14.27
CA LEU M 350 32.79 -65.78 -13.04
C LEU M 350 33.29 -66.57 -11.83
N ASP N 2 13.52 -81.77 19.96
CA ASP N 2 12.71 -82.19 18.83
C ASP N 2 11.95 -81.03 18.19
N LEU N 3 11.28 -81.33 17.08
CA LEU N 3 10.48 -80.36 16.34
C LEU N 3 11.32 -79.32 15.60
N THR N 4 11.19 -79.29 14.28
CA THR N 4 11.76 -78.22 13.49
C THR N 4 10.62 -77.24 13.27
N VAL N 5 10.92 -76.02 12.84
CA VAL N 5 9.86 -75.03 12.68
C VAL N 5 9.34 -75.13 11.24
N GLU N 6 8.05 -75.43 11.11
CA GLU N 6 7.47 -75.74 9.80
C GLU N 6 7.71 -74.68 8.74
N PRO N 7 8.04 -75.13 7.52
CA PRO N 7 8.36 -74.26 6.40
C PRO N 7 7.09 -73.73 5.74
N ASN N 8 6.24 -73.10 6.52
CA ASN N 8 5.02 -72.52 5.98
C ASN N 8 4.51 -71.40 6.87
N LEU N 9 3.53 -70.66 6.36
CA LEU N 9 2.93 -69.57 7.11
C LEU N 9 1.51 -69.91 7.57
N HIS N 10 1.21 -71.21 7.70
CA HIS N 10 -0.13 -71.66 8.07
C HIS N 10 -0.64 -71.05 9.37
N SER N 11 0.22 -70.97 10.37
CA SER N 11 -0.17 -70.39 11.66
C SER N 11 -0.53 -68.92 11.50
N LEU N 12 0.14 -68.22 10.59
CA LEU N 12 -0.10 -66.80 10.38
C LEU N 12 -1.34 -66.61 9.51
N ILE N 13 -1.48 -67.45 8.50
CA ILE N 13 -2.62 -67.37 7.61
C ILE N 13 -3.90 -67.63 8.39
N THR N 14 -3.82 -68.48 9.40
CA THR N 14 -5.01 -68.81 10.18
C THR N 14 -5.05 -68.07 11.52
N SER N 15 -4.17 -67.08 11.68
CA SER N 15 -4.14 -66.30 12.91
C SER N 15 -5.39 -65.46 13.06
N THR N 16 -5.91 -65.39 14.28
CA THR N 16 -7.10 -64.62 14.56
C THR N 16 -6.78 -63.43 15.45
N THR N 17 -5.50 -63.19 15.68
CA THR N 17 -5.09 -62.13 16.60
C THR N 17 -4.35 -61.00 15.90
N HIS N 18 -3.64 -61.33 14.82
CA HIS N 18 -2.82 -60.34 14.11
C HIS N 18 -3.66 -59.27 13.43
N LYS N 19 -3.27 -58.02 13.63
CA LYS N 19 -3.97 -56.91 12.99
C LYS N 19 -3.06 -56.21 11.97
N TRP N 20 -1.75 -56.31 12.17
CA TRP N 20 -0.80 -55.69 11.26
C TRP N 20 0.26 -56.68 10.80
N ILE N 21 0.23 -57.02 9.52
CA ILE N 21 1.20 -57.94 8.95
C ILE N 21 2.03 -57.26 7.88
N PHE N 22 3.31 -57.08 8.15
CA PHE N 22 4.22 -56.41 7.22
C PHE N 22 4.97 -57.42 6.37
N VAL N 23 5.01 -57.14 5.07
CA VAL N 23 5.78 -57.94 4.14
C VAL N 23 6.83 -57.05 3.49
N GLY N 24 8.10 -57.42 3.66
CA GLY N 24 9.19 -56.60 3.16
C GLY N 24 10.44 -57.36 2.74
N GLY N 25 11.50 -56.61 2.45
CA GLY N 25 12.74 -57.20 2.01
C GLY N 25 13.40 -56.42 0.88
N LYS N 26 14.53 -56.92 0.40
CA LYS N 26 15.24 -56.31 -0.70
C LYS N 26 14.36 -56.25 -1.94
N GLY N 27 14.65 -55.34 -2.86
CA GLY N 27 13.85 -55.18 -4.05
C GLY N 27 13.97 -56.36 -5.00
N GLY N 28 12.85 -56.73 -5.61
CA GLY N 28 12.87 -57.76 -6.62
C GLY N 28 12.84 -59.19 -6.10
N VAL N 29 12.85 -59.34 -4.78
CA VAL N 29 12.85 -60.68 -4.21
C VAL N 29 11.44 -61.28 -4.25
N GLY N 30 10.43 -60.42 -4.31
CA GLY N 30 9.05 -60.87 -4.42
C GLY N 30 8.12 -60.45 -3.29
N LYS N 31 8.31 -59.23 -2.78
CA LYS N 31 7.43 -58.67 -1.74
C LYS N 31 5.98 -58.56 -2.20
N THR N 32 5.78 -58.00 -3.39
CA THR N 32 4.43 -57.81 -3.90
C THR N 32 3.76 -59.15 -4.15
N THR N 33 4.50 -60.05 -4.77
CA THR N 33 3.99 -61.39 -5.04
C THR N 33 3.63 -62.12 -3.75
N SER N 34 4.50 -61.97 -2.74
CA SER N 34 4.30 -62.65 -1.47
C SER N 34 3.18 -62.01 -0.64
N SER N 35 3.13 -60.68 -0.65
CA SER N 35 2.12 -59.97 0.13
C SER N 35 0.72 -60.16 -0.45
N CYS N 36 0.63 -60.35 -1.76
CA CYS N 36 -0.64 -60.65 -2.38
C CYS N 36 -1.05 -62.08 -2.04
N SER N 37 -0.05 -62.96 -2.01
CA SER N 37 -0.30 -64.36 -1.76
C SER N 37 -0.77 -64.55 -0.32
N ILE N 38 -0.13 -63.86 0.62
CA ILE N 38 -0.52 -63.94 2.02
C ILE N 38 -1.92 -63.39 2.24
N ALA N 39 -2.21 -62.26 1.62
CA ALA N 39 -3.52 -61.62 1.76
C ALA N 39 -4.63 -62.52 1.22
N ILE N 40 -4.34 -63.21 0.13
CA ILE N 40 -5.32 -64.10 -0.48
C ILE N 40 -5.58 -65.30 0.41
N GLN N 41 -4.50 -65.86 0.97
CA GLN N 41 -4.60 -67.03 1.82
C GLN N 41 -5.44 -66.77 3.07
N MET N 42 -5.21 -65.62 3.71
CA MET N 42 -5.95 -65.24 4.90
C MET N 42 -7.43 -65.04 4.60
N ALA N 43 -7.71 -64.39 3.48
CA ALA N 43 -9.09 -64.13 3.07
C ALA N 43 -9.84 -65.44 2.83
N LEU N 44 -9.17 -66.40 2.23
CA LEU N 44 -9.78 -67.70 1.95
C LEU N 44 -9.95 -68.55 3.20
N SER N 45 -8.97 -68.51 4.09
CA SER N 45 -8.99 -69.31 5.32
C SER N 45 -9.94 -68.74 6.36
N GLN N 46 -10.19 -67.43 6.29
CA GLN N 46 -11.05 -66.78 7.27
C GLN N 46 -12.15 -65.94 6.58
N PRO N 47 -13.17 -66.62 6.05
CA PRO N 47 -14.24 -65.97 5.26
C PRO N 47 -15.02 -64.91 6.04
N ASN N 48 -15.06 -65.02 7.36
CA ASN N 48 -15.84 -64.09 8.18
C ASN N 48 -15.11 -62.79 8.53
N LYS N 49 -13.83 -62.70 8.17
CA LYS N 49 -13.04 -61.51 8.45
C LYS N 49 -12.68 -60.74 7.19
N GLN N 50 -12.64 -59.42 7.30
CA GLN N 50 -12.27 -58.53 6.20
C GLN N 50 -10.79 -58.21 6.20
N PHE N 51 -10.17 -58.25 5.03
CA PHE N 51 -8.74 -57.99 4.91
C PHE N 51 -8.41 -56.84 3.98
N LEU N 52 -7.51 -55.98 4.41
CA LEU N 52 -7.03 -54.86 3.60
C LEU N 52 -5.57 -55.03 3.25
N LEU N 53 -5.23 -54.84 1.97
CA LEU N 53 -3.86 -54.95 1.49
C LEU N 53 -3.36 -53.59 1.04
N ILE N 54 -2.53 -52.95 1.85
CA ILE N 54 -2.01 -51.63 1.54
C ILE N 54 -0.62 -51.70 0.95
N SER N 55 -0.36 -50.92 -0.09
CA SER N 55 0.98 -50.81 -0.64
C SER N 55 1.61 -49.50 -0.17
N THR N 56 2.68 -49.58 0.61
CA THR N 56 3.34 -48.38 1.09
C THR N 56 4.51 -47.99 0.18
N ASN N 57 4.71 -48.78 -0.87
CA ASN N 57 5.72 -48.49 -1.87
C ASN N 57 5.18 -47.47 -2.87
N PRO N 58 5.87 -46.33 -3.00
CA PRO N 58 5.46 -45.20 -3.85
C PRO N 58 5.22 -45.60 -5.30
N ALA N 59 6.09 -46.44 -5.84
CA ALA N 59 5.87 -47.03 -7.16
C ALA N 59 5.00 -48.26 -7.01
N HIS N 60 3.68 -48.07 -7.04
CA HIS N 60 2.77 -49.15 -6.70
C HIS N 60 2.69 -50.25 -7.76
N ASN N 61 2.54 -51.49 -7.29
CA ASN N 61 2.46 -52.66 -8.16
C ASN N 61 1.29 -53.58 -7.86
N LEU N 62 0.46 -53.22 -6.88
CA LEU N 62 -0.71 -54.02 -6.55
C LEU N 62 -1.66 -54.06 -7.73
N SER N 63 -1.89 -52.90 -8.34
CA SER N 63 -2.77 -52.82 -9.49
C SER N 63 -2.25 -53.68 -10.64
N ASP N 64 -0.94 -53.69 -10.85
CA ASP N 64 -0.35 -54.49 -11.90
C ASP N 64 -0.50 -55.97 -11.58
N ALA N 65 -0.54 -56.32 -10.30
CA ALA N 65 -0.57 -57.71 -9.89
C ALA N 65 -1.94 -58.35 -10.11
N PHE N 66 -3.00 -57.62 -9.79
CA PHE N 66 -4.35 -58.15 -9.94
C PHE N 66 -4.91 -57.83 -11.32
N GLY N 67 -4.42 -56.75 -11.92
CA GLY N 67 -4.88 -56.36 -13.23
C GLY N 67 -6.09 -55.45 -13.17
N GLU N 68 -6.27 -54.78 -12.04
CA GLU N 68 -7.33 -53.79 -11.90
C GLU N 68 -6.83 -52.58 -11.13
N LYS N 69 -7.38 -51.41 -11.46
CA LYS N 69 -6.89 -50.17 -10.86
C LYS N 69 -7.41 -49.90 -9.44
N PHE N 70 -6.46 -49.72 -8.52
CA PHE N 70 -6.78 -49.34 -7.16
C PHE N 70 -6.32 -47.89 -6.90
N GLY N 71 -6.81 -47.30 -5.82
CA GLY N 71 -6.48 -45.91 -5.51
C GLY N 71 -6.37 -45.67 -4.01
N LYS N 72 -6.48 -44.41 -3.60
CA LYS N 72 -6.36 -44.06 -2.19
C LYS N 72 -7.49 -44.65 -1.37
N ASP N 73 -8.62 -44.87 -2.03
CA ASP N 73 -9.80 -45.44 -1.40
C ASP N 73 -9.82 -46.94 -1.58
N ALA N 74 -10.05 -47.68 -0.51
CA ALA N 74 -10.00 -49.13 -0.53
C ALA N 74 -11.07 -49.73 -1.45
N ARG N 75 -10.64 -50.62 -2.34
CA ARG N 75 -11.58 -51.35 -3.19
C ARG N 75 -11.47 -52.86 -3.01
N LYS N 76 -12.60 -53.53 -3.10
CA LYS N 76 -12.61 -54.98 -3.01
C LYS N 76 -11.89 -55.56 -4.22
N VAL N 77 -11.15 -56.64 -4.02
CA VAL N 77 -10.49 -57.30 -5.15
C VAL N 77 -11.51 -58.12 -5.92
N THR N 78 -11.60 -57.88 -7.22
CA THR N 78 -12.57 -58.59 -8.04
C THR N 78 -12.31 -60.08 -7.98
N GLY N 79 -13.32 -60.82 -7.56
CA GLY N 79 -13.22 -62.26 -7.39
C GLY N 79 -13.17 -62.67 -5.93
N MET N 80 -13.02 -61.69 -5.04
CA MET N 80 -13.05 -61.97 -3.60
C MET N 80 -13.96 -61.01 -2.83
N ASN N 81 -14.65 -61.51 -1.80
CA ASN N 81 -15.61 -60.67 -1.09
C ASN N 81 -15.03 -60.05 0.18
N ASN N 82 -13.87 -60.52 0.64
CA ASN N 82 -13.31 -60.02 1.89
C ASN N 82 -11.86 -59.55 1.79
N LEU N 83 -11.38 -59.29 0.58
CA LEU N 83 -10.03 -58.75 0.41
C LEU N 83 -10.07 -57.45 -0.39
N SER N 84 -9.50 -56.39 0.17
CA SER N 84 -9.48 -55.08 -0.47
C SER N 84 -8.07 -54.54 -0.57
N CYS N 85 -7.78 -53.84 -1.67
CA CYS N 85 -6.47 -53.21 -1.84
C CYS N 85 -6.54 -51.69 -1.80
N MET N 86 -5.39 -51.08 -1.54
CA MET N 86 -5.26 -49.64 -1.46
C MET N 86 -3.86 -49.21 -1.87
N GLU N 87 -3.78 -48.34 -2.86
CA GLU N 87 -2.53 -47.75 -3.30
C GLU N 87 -2.60 -46.25 -3.10
N ILE N 88 -1.93 -45.76 -2.06
CA ILE N 88 -2.03 -44.36 -1.68
C ILE N 88 -1.33 -43.45 -2.69
N ASP N 89 -2.08 -42.48 -3.22
CA ASP N 89 -1.54 -41.52 -4.18
C ASP N 89 -1.32 -40.16 -3.52
N PRO N 90 -0.05 -39.83 -3.25
CA PRO N 90 0.34 -38.60 -2.58
C PRO N 90 -0.15 -37.32 -3.27
N SER N 91 -0.05 -37.27 -4.59
CA SER N 91 -0.45 -36.09 -5.34
C SER N 91 -1.95 -35.86 -5.27
N ALA N 92 -2.72 -36.89 -5.65
CA ALA N 92 -4.18 -36.79 -5.63
C ALA N 92 -4.70 -36.62 -4.20
N ALA N 93 -4.11 -37.36 -3.27
CA ALA N 93 -4.52 -37.30 -1.87
C ALA N 93 -4.30 -35.92 -1.28
N LEU N 94 -3.16 -35.31 -1.59
CA LEU N 94 -2.85 -33.99 -1.08
C LEU N 94 -3.71 -32.89 -1.70
N LYS N 95 -4.00 -33.02 -2.99
CA LYS N 95 -4.81 -32.02 -3.66
C LYS N 95 -6.27 -32.03 -3.19
N ASP N 96 -6.85 -33.22 -3.04
CA ASP N 96 -8.22 -33.34 -2.55
C ASP N 96 -8.32 -33.01 -1.06
N MET N 97 -7.58 -33.77 -0.26
CA MET N 97 -7.59 -33.60 1.18
C MET N 97 -6.87 -32.32 1.58
N ASP N 128 1.20 -29.52 -4.59
CA ASP N 128 2.29 -29.97 -5.44
C ASP N 128 3.62 -29.98 -4.71
N LEU N 129 3.85 -28.96 -3.89
CA LEU N 129 5.11 -28.85 -3.15
C LEU N 129 5.26 -29.91 -2.07
N THR N 130 4.21 -30.12 -1.28
CA THR N 130 4.23 -31.13 -0.23
C THR N 130 4.26 -32.55 -0.80
N GLY N 131 3.70 -32.71 -1.99
CA GLY N 131 3.64 -34.03 -2.62
C GLY N 131 4.95 -34.52 -3.21
N SER N 132 5.91 -33.62 -3.36
CA SER N 132 7.19 -33.98 -3.92
C SER N 132 8.30 -34.11 -2.88
N ILE N 133 8.00 -33.75 -1.64
CA ILE N 133 8.98 -33.85 -0.56
C ILE N 133 9.25 -35.29 -0.14
N PRO N 134 10.53 -35.67 0.00
CA PRO N 134 10.91 -37.01 0.41
C PRO N 134 10.39 -37.34 1.80
N GLY N 135 9.78 -38.51 1.96
CA GLY N 135 9.23 -38.92 3.23
C GLY N 135 7.72 -38.84 3.25
N ILE N 136 7.16 -38.04 2.35
CA ILE N 136 5.72 -37.83 2.28
C ILE N 136 4.98 -39.15 2.10
N ASP N 137 5.61 -40.09 1.41
CA ASP N 137 5.01 -41.39 1.17
C ASP N 137 4.86 -42.16 2.47
N GLU N 138 5.93 -42.14 3.27
CA GLU N 138 5.94 -42.82 4.54
C GLU N 138 5.00 -42.12 5.53
N ALA N 139 4.88 -40.80 5.37
CA ALA N 139 3.99 -40.02 6.22
C ALA N 139 2.53 -40.32 5.92
N LEU N 140 2.19 -40.42 4.63
CA LEU N 140 0.80 -40.68 4.25
C LEU N 140 0.39 -42.14 4.50
N SER N 141 1.37 -43.03 4.56
CA SER N 141 1.08 -44.42 4.89
C SER N 141 0.81 -44.54 6.38
N PHE N 142 1.66 -43.89 7.18
CA PHE N 142 1.54 -43.91 8.63
C PHE N 142 0.23 -43.23 9.02
N MET N 143 -0.12 -42.21 8.24
CA MET N 143 -1.32 -41.44 8.45
C MET N 143 -2.54 -42.34 8.21
N GLU N 144 -2.38 -43.27 7.27
CA GLU N 144 -3.43 -44.24 6.97
C GLU N 144 -3.65 -45.18 8.14
N VAL N 145 -2.54 -45.61 8.74
CA VAL N 145 -2.57 -46.43 9.94
C VAL N 145 -3.29 -45.71 11.06
N MET N 146 -3.01 -44.42 11.20
CA MET N 146 -3.58 -43.61 12.26
C MET N 146 -5.10 -43.49 12.14
N LYS N 147 -5.59 -43.42 10.91
CA LYS N 147 -7.02 -43.24 10.72
C LYS N 147 -7.76 -44.54 10.98
N HIS N 148 -7.09 -45.66 10.77
CA HIS N 148 -7.70 -46.95 11.06
C HIS N 148 -7.83 -47.16 12.56
N ILE N 149 -6.83 -46.72 13.32
CA ILE N 149 -6.87 -46.89 14.76
C ILE N 149 -7.94 -46.03 15.43
N LYS N 150 -8.06 -44.77 15.03
CA LYS N 150 -9.14 -43.94 15.57
C LYS N 150 -10.50 -44.45 15.12
N ARG N 151 -10.55 -44.97 13.90
CA ARG N 151 -11.80 -45.45 13.32
C ARG N 151 -12.25 -46.75 13.98
N GLN N 152 -11.30 -47.65 14.21
CA GLN N 152 -11.58 -48.91 14.87
C GLN N 152 -11.96 -48.70 16.35
N GLU N 153 -11.34 -47.70 16.97
CA GLU N 153 -11.54 -47.45 18.39
C GLU N 153 -12.83 -46.74 18.79
N GLN N 154 -13.12 -45.60 18.17
CA GLN N 154 -14.25 -44.78 18.62
C GLN N 154 -15.58 -45.41 18.23
N GLY N 155 -15.56 -46.23 17.18
CA GLY N 155 -16.76 -46.81 16.64
C GLY N 155 -16.43 -47.90 15.64
N GLU N 156 -17.40 -48.19 14.77
CA GLU N 156 -17.32 -49.18 13.68
C GLU N 156 -15.94 -49.80 13.45
N THR N 159 -13.12 -51.32 10.96
CA THR N 159 -13.18 -51.31 9.51
C THR N 159 -12.70 -52.66 8.93
N PHE N 160 -11.41 -52.95 9.04
CA PHE N 160 -10.87 -54.22 8.59
C PHE N 160 -10.28 -54.94 9.79
N ASP N 161 -10.39 -56.27 9.79
CA ASP N 161 -9.88 -57.07 10.89
C ASP N 161 -8.36 -57.20 10.85
N THR N 162 -7.82 -57.39 9.66
CA THR N 162 -6.37 -57.52 9.48
C THR N 162 -5.89 -56.69 8.30
N VAL N 163 -4.72 -56.08 8.44
CA VAL N 163 -4.13 -55.27 7.37
C VAL N 163 -2.76 -55.78 7.00
N ILE N 164 -2.58 -56.12 5.72
CA ILE N 164 -1.28 -56.56 5.21
C ILE N 164 -0.58 -55.42 4.45
N PHE N 165 0.71 -55.20 4.75
CA PHE N 165 1.47 -54.13 4.10
C PHE N 165 2.44 -54.63 3.05
N ASP N 166 2.21 -54.23 1.79
CA ASP N 166 3.18 -54.43 0.73
C ASP N 166 4.20 -53.29 0.77
N THR N 167 5.25 -53.46 1.57
CA THR N 167 6.17 -52.38 1.89
C THR N 167 7.16 -52.07 0.77
N ALA N 168 7.78 -50.90 0.86
CA ALA N 168 8.87 -50.53 -0.03
C ALA N 168 10.11 -51.30 0.37
N PRO N 169 11.14 -51.27 -0.48
CA PRO N 169 12.39 -51.98 -0.15
C PRO N 169 12.96 -51.56 1.21
N THR N 170 13.85 -52.40 1.74
CA THR N 170 14.37 -52.29 3.10
C THR N 170 14.62 -50.87 3.59
N GLY N 171 15.30 -50.07 2.76
CA GLY N 171 15.73 -48.75 3.17
C GLY N 171 14.63 -47.85 3.71
N HIS N 172 13.51 -47.76 3.00
CA HIS N 172 12.49 -46.79 3.36
C HIS N 172 11.42 -47.37 4.28
N THR N 173 11.27 -48.69 4.29
CA THR N 173 10.36 -49.31 5.24
C THR N 173 10.89 -49.14 6.67
N LEU N 174 12.21 -49.20 6.84
CA LEU N 174 12.77 -49.01 8.17
C LEU N 174 12.45 -47.62 8.71
N ARG N 175 12.60 -46.60 7.87
CA ARG N 175 12.27 -45.24 8.26
C ARG N 175 10.80 -45.16 8.67
N PHE N 176 9.95 -45.88 7.93
CA PHE N 176 8.53 -45.91 8.22
C PHE N 176 8.20 -46.53 9.59
N LEU N 177 8.85 -47.64 9.93
CA LEU N 177 8.59 -48.32 11.19
C LEU N 177 9.20 -47.59 12.39
N GLN N 178 10.16 -46.71 12.10
CA GLN N 178 10.80 -45.89 13.13
C GLN N 178 9.92 -44.70 13.47
N LEU N 179 8.91 -44.50 12.63
CA LEU N 179 8.07 -43.31 12.69
C LEU N 179 7.32 -43.13 14.02
N PRO N 180 6.81 -44.23 14.60
CA PRO N 180 6.19 -44.12 15.92
C PRO N 180 7.18 -43.59 16.97
N ASN N 181 8.36 -44.19 17.04
CA ASN N 181 9.39 -43.75 17.97
C ASN N 181 9.88 -42.34 17.64
N THR N 182 9.99 -42.04 16.35
CA THR N 182 10.44 -40.73 15.90
C THR N 182 9.40 -39.65 16.19
N LEU N 183 8.14 -39.92 15.85
CA LEU N 183 7.05 -38.99 16.12
C LEU N 183 6.90 -38.77 17.61
N SER N 184 7.09 -39.84 18.37
CA SER N 184 6.98 -39.81 19.82
C SER N 184 7.94 -38.78 20.43
N LYS N 185 9.22 -38.89 20.09
CA LYS N 185 10.26 -37.99 20.60
C LYS N 185 10.05 -36.54 20.16
N LEU N 186 9.74 -36.33 18.89
CA LEU N 186 9.51 -34.99 18.35
C LEU N 186 8.37 -34.26 19.07
N LEU N 187 7.29 -34.98 19.33
CA LEU N 187 6.09 -34.41 19.93
C LEU N 187 6.39 -33.95 21.34
N GLU N 188 7.20 -34.74 22.04
CA GLU N 188 7.53 -34.52 23.43
C GLU N 188 8.23 -33.19 23.57
N LYS N 189 9.25 -33.00 22.73
CA LYS N 189 10.05 -31.79 22.70
C LYS N 189 9.28 -30.62 22.10
N PHE N 190 8.41 -30.92 21.15
CA PHE N 190 7.55 -29.89 20.58
C PHE N 190 6.58 -29.40 21.62
N GLY N 191 5.76 -30.33 22.12
CA GLY N 191 4.89 -30.11 23.28
C GLY N 191 5.36 -29.03 24.24
N GLU N 192 6.63 -29.11 24.60
CA GLU N 192 7.23 -28.18 25.54
C GLU N 192 7.55 -26.81 24.94
N ILE N 193 8.25 -26.79 23.81
CA ILE N 193 8.65 -25.51 23.22
C ILE N 193 7.46 -24.73 22.70
N THR N 194 6.46 -25.46 22.19
CA THR N 194 5.21 -24.85 21.75
C THR N 194 4.58 -24.10 22.92
N ASN N 195 4.63 -24.72 24.10
CA ASN N 195 4.02 -24.19 25.30
C ASN N 195 4.84 -23.04 25.87
N ILE N 212 -5.10 -26.68 22.03
CA ILE N 212 -3.90 -26.96 21.23
C ILE N 212 -3.06 -28.04 21.90
N SER N 213 -2.88 -27.93 23.21
CA SER N 213 -2.09 -28.90 23.97
C SER N 213 -2.79 -30.26 23.94
N GLY N 214 -4.11 -30.23 23.93
CA GLY N 214 -4.92 -31.43 23.87
C GLY N 214 -4.75 -32.14 22.54
N LYS N 215 -4.82 -31.39 21.45
CA LYS N 215 -4.64 -31.95 20.11
C LYS N 215 -3.26 -32.57 19.93
N LEU N 216 -2.26 -31.96 20.57
CA LEU N 216 -0.90 -32.48 20.52
C LEU N 216 -0.78 -33.76 21.33
N ASN N 217 -1.53 -33.81 22.43
CA ASN N 217 -1.60 -34.99 23.29
C ASN N 217 -2.44 -36.06 22.60
N GLU N 218 -3.44 -35.61 21.85
CA GLU N 218 -4.32 -36.48 21.11
C GLU N 218 -3.53 -37.23 20.05
N LEU N 219 -2.62 -36.50 19.41
CA LEU N 219 -1.71 -37.09 18.44
C LEU N 219 -0.72 -38.04 19.10
N LYS N 220 -0.17 -37.63 20.24
CA LYS N 220 0.84 -38.42 20.92
C LYS N 220 0.26 -39.71 21.48
N ALA N 221 -1.01 -39.68 21.85
CA ALA N 221 -1.70 -40.88 22.32
C ALA N 221 -1.97 -41.83 21.16
N ASN N 222 -2.32 -41.25 20.01
CA ASN N 222 -2.58 -42.06 18.83
C ASN N 222 -1.31 -42.75 18.38
N VAL N 223 -0.21 -42.02 18.41
CA VAL N 223 1.10 -42.58 18.06
C VAL N 223 1.51 -43.69 19.03
N GLU N 224 1.28 -43.45 20.32
CA GLU N 224 1.67 -44.41 21.35
C GLU N 224 0.86 -45.71 21.24
N THR N 225 -0.39 -45.61 20.83
CA THR N 225 -1.21 -46.80 20.63
C THR N 225 -0.63 -47.65 19.52
N ILE N 226 -0.16 -47.00 18.46
CA ILE N 226 0.42 -47.70 17.33
C ILE N 226 1.72 -48.39 17.71
N ARG N 227 2.52 -47.69 18.51
CA ARG N 227 3.81 -48.21 18.93
C ARG N 227 3.67 -49.48 19.75
N GLN N 228 2.64 -49.53 20.58
CA GLN N 228 2.43 -50.67 21.46
C GLN N 228 1.81 -51.85 20.71
N GLN N 229 1.03 -51.59 19.68
CA GLN N 229 0.48 -52.66 18.86
C GLN N 229 1.53 -53.23 17.92
N PHE N 230 2.47 -52.38 17.49
CA PHE N 230 3.51 -52.84 16.57
C PHE N 230 4.57 -53.67 17.30
N THR N 231 4.64 -53.50 18.61
CA THR N 231 5.60 -54.24 19.42
C THR N 231 4.98 -55.47 20.07
N ASP N 232 3.72 -55.74 19.71
CA ASP N 232 3.01 -56.93 20.19
C ASP N 232 3.09 -58.07 19.16
N PRO N 233 3.82 -59.14 19.51
CA PRO N 233 4.05 -60.28 18.60
C PRO N 233 2.75 -60.93 18.14
N ASP N 234 1.70 -60.81 18.95
CA ASP N 234 0.42 -61.42 18.64
C ASP N 234 -0.39 -60.55 17.68
N LEU N 235 -0.09 -59.25 17.66
CA LEU N 235 -0.81 -58.31 16.82
C LEU N 235 -0.05 -57.98 15.53
N THR N 236 1.24 -57.74 15.68
CA THR N 236 2.07 -57.32 14.55
C THR N 236 3.22 -58.29 14.31
N THR N 237 3.44 -58.65 13.06
CA THR N 237 4.60 -59.44 12.69
C THR N 237 5.11 -59.00 11.33
N PHE N 238 6.39 -59.28 11.06
CA PHE N 238 7.03 -58.87 9.83
C PHE N 238 7.46 -60.09 9.04
N VAL N 239 7.01 -60.19 7.80
CA VAL N 239 7.41 -61.30 6.95
C VAL N 239 8.48 -60.87 5.95
N CYS N 240 9.68 -61.43 6.10
CA CYS N 240 10.80 -61.08 5.23
C CYS N 240 10.77 -61.91 3.96
N VAL N 241 10.89 -61.26 2.81
CA VAL N 241 11.00 -61.98 1.55
C VAL N 241 12.43 -61.81 1.06
N CYS N 242 12.99 -62.83 0.44
CA CYS N 242 14.37 -62.74 -0.04
C CYS N 242 14.68 -63.76 -1.11
N ILE N 243 15.85 -63.63 -1.72
CA ILE N 243 16.35 -64.64 -2.65
C ILE N 243 17.63 -65.24 -2.09
N SER N 244 18.00 -66.42 -2.57
CA SER N 244 19.20 -67.07 -2.07
C SER N 244 20.44 -66.58 -2.83
N GLU N 245 20.74 -65.30 -2.70
CA GLU N 245 21.93 -64.69 -3.30
C GLU N 245 22.70 -63.91 -2.25
N PHE N 246 23.96 -63.64 -2.51
CA PHE N 246 24.81 -62.91 -1.58
C PHE N 246 24.23 -61.57 -1.17
N LEU N 247 23.96 -60.72 -2.15
CA LEU N 247 23.52 -59.37 -1.87
C LEU N 247 22.19 -59.34 -1.14
N SER N 248 21.43 -60.43 -1.26
CA SER N 248 20.14 -60.51 -0.59
C SER N 248 20.27 -61.02 0.85
N LEU N 249 21.28 -61.86 1.11
CA LEU N 249 21.47 -62.44 2.44
C LEU N 249 21.78 -61.40 3.50
N TYR N 250 22.72 -60.51 3.20
CA TYR N 250 23.19 -59.58 4.22
C TYR N 250 22.21 -58.45 4.47
N GLU N 251 21.40 -58.13 3.47
CA GLU N 251 20.42 -57.07 3.64
C GLU N 251 19.25 -57.59 4.48
N THR N 252 18.89 -58.85 4.29
CA THR N 252 17.83 -59.47 5.06
C THR N 252 18.23 -59.58 6.53
N GLU N 253 19.42 -60.10 6.76
CA GLU N 253 19.95 -60.26 8.11
C GLU N 253 20.00 -58.90 8.78
N ARG N 254 20.48 -57.91 8.04
CA ARG N 254 20.60 -56.54 8.51
C ARG N 254 19.21 -55.96 8.82
N LEU N 255 18.23 -56.34 8.01
CA LEU N 255 16.85 -55.89 8.19
C LEU N 255 16.19 -56.54 9.40
N ILE N 256 16.38 -57.85 9.53
CA ILE N 256 15.79 -58.58 10.65
C ILE N 256 16.35 -58.09 11.98
N GLN N 257 17.66 -57.88 12.01
CA GLN N 257 18.32 -57.40 13.21
C GLN N 257 17.81 -56.02 13.56
N GLU N 258 17.59 -55.19 12.54
CA GLU N 258 17.12 -53.84 12.79
C GLU N 258 15.66 -53.90 13.23
N LEU N 259 14.92 -54.89 12.76
CA LEU N 259 13.54 -55.04 13.19
C LEU N 259 13.52 -55.47 14.66
N ILE N 260 14.44 -56.36 15.04
CA ILE N 260 14.52 -56.82 16.42
C ILE N 260 14.82 -55.66 17.36
N SER N 261 15.61 -54.70 16.89
CA SER N 261 15.93 -53.54 17.70
C SER N 261 14.71 -52.63 17.87
N TYR N 262 13.70 -52.79 17.01
CA TYR N 262 12.49 -51.97 17.13
C TYR N 262 11.41 -52.67 17.96
N ASP N 263 11.75 -53.84 18.49
CA ASP N 263 10.79 -54.66 19.24
C ASP N 263 9.69 -55.12 18.30
N MET N 264 10.06 -55.20 17.02
CA MET N 264 9.21 -55.74 15.97
C MET N 264 9.34 -57.26 15.91
N ASP N 265 8.22 -57.96 15.91
CA ASP N 265 8.29 -59.40 15.78
C ASP N 265 8.57 -59.82 14.35
N VAL N 266 9.61 -60.62 14.17
CA VAL N 266 9.90 -61.22 12.87
C VAL N 266 10.32 -62.67 13.07
N ASN N 267 9.54 -63.60 12.52
CA ASN N 267 9.86 -65.02 12.69
C ASN N 267 9.61 -65.83 11.43
N SER N 268 9.34 -65.14 10.33
CA SER N 268 9.04 -65.80 9.07
C SER N 268 9.91 -65.27 7.93
N ILE N 269 10.49 -66.18 7.16
CA ILE N 269 11.30 -65.79 6.01
C ILE N 269 10.87 -66.53 4.75
N ILE N 270 10.52 -65.79 3.72
CA ILE N 270 10.23 -66.41 2.43
C ILE N 270 11.46 -66.34 1.54
N VAL N 271 11.98 -67.51 1.18
CA VAL N 271 13.09 -67.62 0.24
C VAL N 271 12.50 -67.89 -1.14
N ASN N 272 12.55 -66.88 -2.00
CA ASN N 272 11.80 -66.91 -3.24
C ASN N 272 12.68 -67.19 -4.46
N GLN N 273 12.04 -67.53 -5.58
CA GLN N 273 12.73 -67.71 -6.86
C GLN N 273 13.79 -68.79 -6.85
N LEU N 274 13.54 -69.85 -6.09
CA LEU N 274 14.45 -71.00 -6.03
C LEU N 274 14.27 -71.93 -7.23
N LEU N 275 15.38 -72.40 -7.78
CA LEU N 275 15.36 -73.28 -8.95
C LEU N 275 15.03 -74.75 -8.61
N PHE N 276 15.59 -75.28 -7.53
CA PHE N 276 15.37 -76.68 -7.18
C PHE N 276 15.81 -77.65 -8.28
N ALA N 277 16.96 -77.41 -8.89
CA ALA N 277 17.35 -78.15 -10.08
C ALA N 277 17.48 -79.65 -9.82
N GLU N 278 18.06 -80.03 -8.68
CA GLU N 278 18.20 -81.44 -8.32
C GLU N 278 16.84 -82.11 -8.12
N GLU N 282 13.99 -84.39 -16.70
CA GLU N 282 14.90 -83.46 -16.03
C GLU N 282 15.66 -82.60 -17.04
N HIS N 283 16.97 -82.86 -17.10
CA HIS N 283 17.96 -82.04 -17.80
C HIS N 283 17.86 -80.55 -17.47
N ASN N 284 18.98 -79.99 -17.04
CA ASN N 284 19.09 -78.57 -16.72
C ASN N 284 20.37 -78.05 -17.37
N CYS N 285 20.27 -76.93 -18.07
CA CYS N 285 21.48 -76.27 -18.59
C CYS N 285 22.61 -76.10 -17.56
N LYS N 286 23.75 -75.65 -18.06
CA LYS N 286 24.94 -75.41 -17.26
C LYS N 286 24.57 -74.29 -16.29
N ARG N 287 23.82 -73.32 -16.82
CA ARG N 287 23.47 -72.14 -16.07
C ARG N 287 22.50 -72.44 -14.93
N CYS N 288 21.47 -73.23 -15.21
CA CYS N 288 20.46 -73.52 -14.20
C CYS N 288 21.10 -74.31 -13.04
N GLN N 289 21.96 -75.28 -13.35
CA GLN N 289 22.63 -76.05 -12.30
C GLN N 289 23.68 -75.25 -11.53
N ALA N 290 24.42 -74.40 -12.24
CA ALA N 290 25.41 -73.54 -11.60
C ALA N 290 24.74 -72.62 -10.61
N ARG N 291 23.61 -72.06 -11.01
CA ARG N 291 22.89 -71.12 -10.17
C ARG N 291 22.25 -71.85 -8.98
N TRP N 292 21.86 -73.11 -9.21
CA TRP N 292 21.31 -73.92 -8.12
C TRP N 292 22.39 -74.30 -7.11
N LYS N 293 23.58 -74.61 -7.62
CA LYS N 293 24.71 -74.93 -6.76
C LYS N 293 24.99 -73.73 -5.85
N MET N 294 24.84 -72.54 -6.41
CA MET N 294 24.99 -71.31 -5.66
C MET N 294 23.87 -71.12 -4.66
N GLN N 295 22.64 -71.35 -5.11
CA GLN N 295 21.45 -71.14 -4.29
C GLN N 295 21.38 -72.14 -3.15
N LYS N 296 21.81 -73.37 -3.43
CA LYS N 296 21.82 -74.40 -2.40
C LYS N 296 22.86 -74.04 -1.33
N LYS N 297 23.97 -73.46 -1.76
CA LYS N 297 25.04 -73.06 -0.85
C LYS N 297 24.52 -72.07 0.17
N TYR N 298 23.87 -71.01 -0.31
CA TYR N 298 23.34 -69.98 0.56
C TYR N 298 22.11 -70.50 1.31
N LEU N 299 21.38 -71.41 0.68
CA LEU N 299 20.17 -71.95 1.29
C LEU N 299 20.53 -72.75 2.53
N ASP N 300 21.64 -73.48 2.48
CA ASP N 300 22.10 -74.23 3.62
C ASP N 300 22.46 -73.31 4.79
N GLN N 301 22.98 -72.13 4.47
CA GLN N 301 23.36 -71.16 5.49
C GLN N 301 22.14 -70.53 6.13
N ILE N 302 21.11 -70.34 5.32
CA ILE N 302 19.87 -69.76 5.79
C ILE N 302 19.19 -70.73 6.75
N ASP N 303 19.19 -72.01 6.39
CA ASP N 303 18.56 -73.03 7.22
C ASP N 303 19.19 -73.08 8.59
N GLU N 304 20.51 -72.89 8.62
CA GLU N 304 21.25 -73.01 9.87
C GLU N 304 21.00 -71.82 10.78
N LEU N 305 21.07 -70.62 10.20
CA LEU N 305 20.92 -69.41 10.96
C LEU N 305 19.50 -69.22 11.47
N TYR N 306 18.53 -69.51 10.61
CA TYR N 306 17.13 -69.25 10.93
C TYR N 306 16.35 -70.49 11.31
N GLU N 307 16.84 -71.23 12.29
CA GLU N 307 16.16 -72.44 12.73
C GLU N 307 15.00 -72.09 13.66
N ASP N 308 14.98 -70.85 14.12
CA ASP N 308 13.91 -70.39 15.00
C ASP N 308 12.81 -69.76 14.17
N PHE N 309 13.05 -69.67 12.87
CA PHE N 309 12.12 -69.04 11.94
C PHE N 309 11.36 -70.06 11.10
N HIS N 310 10.19 -69.66 10.63
CA HIS N 310 9.51 -70.35 9.54
C HIS N 310 10.23 -69.96 8.24
N VAL N 311 11.03 -70.87 7.71
CA VAL N 311 11.71 -70.61 6.45
C VAL N 311 10.91 -71.21 5.29
N VAL N 312 10.16 -70.38 4.58
CA VAL N 312 9.28 -70.90 3.53
C VAL N 312 9.93 -70.79 2.16
N LYS N 313 10.05 -71.91 1.47
CA LYS N 313 10.76 -71.93 0.19
C LYS N 313 9.80 -72.02 -1.00
N MET N 314 9.96 -71.09 -1.93
CA MET N 314 9.07 -70.98 -3.09
C MET N 314 9.86 -71.17 -4.37
N PRO N 315 9.28 -71.92 -5.31
CA PRO N 315 9.94 -72.25 -6.58
C PRO N 315 9.88 -71.10 -7.58
N LEU N 316 10.87 -71.05 -8.48
CA LEU N 316 10.84 -70.12 -9.58
C LEU N 316 9.93 -70.67 -10.66
N CYS N 317 8.79 -70.03 -10.85
CA CYS N 317 7.80 -70.54 -11.79
C CYS N 317 8.18 -70.21 -13.23
N ALA N 318 7.77 -71.09 -14.14
CA ALA N 318 8.07 -70.94 -15.56
C ALA N 318 7.14 -69.92 -16.20
N GLY N 319 6.00 -69.67 -15.55
CA GLY N 319 5.07 -68.69 -16.06
C GLY N 319 5.18 -67.41 -15.27
N GLU N 320 4.22 -66.50 -15.48
CA GLU N 320 4.22 -65.26 -14.73
C GLU N 320 3.06 -65.23 -13.75
N ILE N 321 3.37 -64.92 -12.49
CA ILE N 321 2.40 -64.90 -11.43
C ILE N 321 1.59 -63.61 -11.44
N ARG N 322 0.48 -63.62 -12.18
CA ARG N 322 -0.38 -62.44 -12.33
C ARG N 322 -1.86 -62.80 -12.30
N GLY N 323 -2.66 -61.93 -11.71
CA GLY N 323 -4.10 -62.15 -11.63
C GLY N 323 -4.48 -62.95 -10.42
N LEU N 324 -5.74 -62.84 -10.02
CA LEU N 324 -6.23 -63.53 -8.82
C LEU N 324 -6.00 -65.02 -8.92
N ASN N 325 -6.19 -65.56 -10.12
CA ASN N 325 -6.09 -67.00 -10.35
C ASN N 325 -4.68 -67.54 -10.07
N ASN N 326 -3.68 -67.02 -10.78
CA ASN N 326 -2.31 -67.50 -10.63
C ASN N 326 -1.70 -67.17 -9.28
N LEU N 327 -2.11 -66.04 -8.71
CA LEU N 327 -1.65 -65.67 -7.38
C LEU N 327 -2.16 -66.65 -6.36
N THR N 328 -3.44 -67.01 -6.47
CA THR N 328 -4.04 -67.99 -5.59
C THR N 328 -3.29 -69.32 -5.74
N LYS N 329 -3.03 -69.71 -6.99
CA LYS N 329 -2.36 -70.96 -7.31
C LYS N 329 -0.92 -71.01 -6.78
N PHE N 330 -0.32 -69.83 -6.63
CA PHE N 330 1.04 -69.72 -6.13
C PHE N 330 1.04 -69.67 -4.59
N SER N 331 0.01 -69.03 -4.04
CA SER N 331 -0.07 -68.78 -2.60
C SER N 331 -0.26 -70.03 -1.75
N GLN N 332 -0.73 -71.12 -2.36
CA GLN N 332 -1.01 -72.33 -1.59
C GLN N 332 0.28 -72.90 -1.00
N PHE N 333 1.42 -72.56 -1.61
CA PHE N 333 2.69 -73.09 -1.14
C PHE N 333 3.23 -72.21 -0.01
N LEU N 334 2.43 -71.21 0.37
CA LEU N 334 2.72 -70.43 1.55
C LEU N 334 1.97 -71.08 2.70
N ASN N 335 0.98 -71.90 2.33
CA ASN N 335 0.13 -72.60 3.29
C ASN N 335 0.60 -74.02 3.58
N LYS N 336 0.74 -74.81 2.52
CA LYS N 336 1.36 -76.13 2.61
C LYS N 336 2.65 -76.11 1.81
N GLU N 337 3.76 -76.43 2.48
CA GLU N 337 5.10 -76.25 1.90
C GLU N 337 5.26 -76.94 0.54
N TYR N 338 6.11 -76.37 -0.29
CA TYR N 338 6.30 -76.85 -1.65
C TYR N 338 7.21 -78.06 -1.71
N ASN N 339 6.73 -79.11 -2.38
CA ASN N 339 7.51 -80.32 -2.58
C ASN N 339 7.88 -80.42 -4.06
N PRO N 340 9.15 -80.14 -4.38
CA PRO N 340 9.65 -80.13 -5.76
C PRO N 340 9.44 -81.46 -6.49
N ILE N 341 9.41 -82.56 -5.75
CA ILE N 341 9.19 -83.87 -6.35
C ILE N 341 7.73 -84.09 -6.73
N THR N 342 6.82 -83.53 -5.94
CA THR N 342 5.38 -83.75 -6.14
C THR N 342 4.71 -82.61 -6.90
N ASP N 343 4.90 -81.40 -6.38
CA ASP N 343 4.20 -80.23 -6.89
C ASP N 343 4.95 -79.54 -8.02
N GLY N 344 5.86 -80.26 -8.67
CA GLY N 344 6.69 -79.68 -9.71
C GLY N 344 5.95 -79.34 -10.98
N LYS N 345 4.72 -79.83 -11.09
CA LYS N 345 3.90 -79.60 -12.28
C LYS N 345 3.26 -78.22 -12.23
N VAL N 346 3.07 -77.71 -11.02
CA VAL N 346 2.37 -76.45 -10.81
C VAL N 346 3.13 -75.25 -11.37
N ILE N 347 4.43 -75.40 -11.59
CA ILE N 347 5.22 -74.27 -12.08
C ILE N 347 4.99 -74.04 -13.57
N TYR N 348 4.28 -74.95 -14.22
CA TYR N 348 3.96 -74.80 -15.63
C TYR N 348 2.45 -74.62 -15.82
N GLU N 349 1.71 -74.68 -14.72
CA GLU N 349 0.25 -74.60 -14.79
C GLU N 349 -0.26 -73.18 -14.66
N LEU N 350 0.65 -72.22 -14.55
CA LEU N 350 0.24 -70.83 -14.44
C LEU N 350 -0.42 -70.37 -15.75
N GLU N 351 -1.60 -69.78 -15.62
CA GLU N 351 -2.37 -69.31 -16.75
C GLU N 351 -1.73 -68.15 -17.51
N ASP N 352 -1.75 -68.23 -18.84
CA ASP N 352 -1.20 -67.19 -19.70
C ASP N 352 -2.26 -66.61 -20.65
N SER O 3 -7.81 -66.05 -28.49
CA SER O 3 -8.86 -65.41 -27.71
C SER O 3 -9.86 -64.69 -28.61
N GLU O 4 -10.93 -64.17 -28.02
CA GLU O 4 -11.97 -63.49 -28.77
C GLU O 4 -12.01 -62.00 -28.44
N VAL O 5 -11.10 -61.24 -29.05
CA VAL O 5 -11.02 -59.81 -28.77
C VAL O 5 -12.09 -59.01 -29.52
N GLN O 6 -12.87 -58.23 -28.78
CA GLN O 6 -13.81 -57.33 -29.42
C GLN O 6 -14.13 -56.13 -28.54
N LEU O 7 -14.47 -55.03 -29.19
CA LEU O 7 -14.90 -53.81 -28.52
C LEU O 7 -16.30 -53.46 -29.00
N VAL O 8 -17.17 -53.01 -28.10
CA VAL O 8 -18.54 -52.66 -28.46
C VAL O 8 -18.93 -51.30 -27.91
N GLU O 9 -19.11 -50.33 -28.79
CA GLU O 9 -19.55 -49.00 -28.36
C GLU O 9 -21.06 -48.99 -28.13
N SER O 10 -21.50 -48.09 -27.24
CA SER O 10 -22.92 -47.86 -27.02
C SER O 10 -23.10 -46.48 -26.39
N GLY O 11 -24.32 -45.95 -26.46
CA GLY O 11 -24.62 -44.67 -25.86
C GLY O 11 -24.96 -43.58 -26.87
N GLY O 12 -24.57 -43.81 -28.12
CA GLY O 12 -24.81 -42.85 -29.18
C GLY O 12 -26.29 -42.58 -29.35
N GLY O 13 -26.63 -41.34 -29.68
CA GLY O 13 -28.02 -40.96 -29.87
C GLY O 13 -28.21 -39.50 -30.24
N LEU O 14 -29.42 -39.00 -30.08
CA LEU O 14 -29.73 -37.61 -30.42
C LEU O 14 -29.65 -36.75 -29.17
N VAL O 15 -28.86 -35.68 -29.23
CA VAL O 15 -28.72 -34.77 -28.09
C VAL O 15 -28.77 -33.32 -28.55
N GLN O 16 -29.14 -32.42 -27.66
CA GLN O 16 -29.27 -31.00 -27.99
C GLN O 16 -27.94 -30.30 -27.83
N PRO O 17 -27.71 -29.25 -28.64
CA PRO O 17 -26.49 -28.44 -28.53
C PRO O 17 -26.30 -27.89 -27.11
N GLY O 18 -25.14 -28.11 -26.54
CA GLY O 18 -24.84 -27.66 -25.19
C GLY O 18 -25.14 -28.75 -24.17
N GLY O 19 -25.72 -29.85 -24.64
CA GLY O 19 -26.10 -30.95 -23.78
C GLY O 19 -24.98 -31.97 -23.60
N SER O 20 -25.20 -32.94 -22.73
CA SER O 20 -24.21 -33.97 -22.46
C SER O 20 -24.64 -35.34 -22.98
N LEU O 21 -23.64 -36.20 -23.18
CA LEU O 21 -23.87 -37.56 -23.60
C LEU O 21 -22.68 -38.41 -23.20
N ARG O 22 -22.95 -39.61 -22.67
CA ARG O 22 -21.89 -40.49 -22.19
C ARG O 22 -21.82 -41.77 -23.01
N LEU O 23 -20.68 -41.99 -23.65
CA LEU O 23 -20.47 -43.18 -24.46
C LEU O 23 -19.80 -44.29 -23.67
N SER O 24 -20.12 -45.53 -23.99
CA SER O 24 -19.50 -46.68 -23.33
C SER O 24 -18.78 -47.55 -24.35
N CYS O 25 -17.65 -48.13 -23.93
CA CYS O 25 -16.91 -49.04 -24.78
C CYS O 25 -16.57 -50.29 -23.98
N ALA O 26 -17.33 -51.36 -24.20
CA ALA O 26 -17.14 -52.60 -23.46
C ALA O 26 -16.15 -53.53 -24.16
N ALA O 27 -15.14 -53.97 -23.42
CA ALA O 27 -14.11 -54.81 -23.99
C ALA O 27 -14.30 -56.26 -23.56
N SER O 28 -13.90 -57.17 -24.43
CA SER O 28 -13.87 -58.59 -24.09
C SER O 28 -12.71 -59.26 -24.81
N GLY O 29 -12.20 -60.34 -24.22
CA GLY O 29 -11.11 -61.09 -24.80
C GLY O 29 -9.76 -60.60 -24.34
N PHE O 30 -9.74 -59.52 -23.57
CA PHE O 30 -8.49 -58.96 -23.07
C PHE O 30 -8.74 -58.09 -21.85
N ASN O 31 -7.71 -57.93 -21.02
CA ASN O 31 -7.82 -57.11 -19.81
C ASN O 31 -7.49 -55.64 -20.07
N LEU O 32 -8.49 -54.79 -19.86
CA LEU O 32 -8.40 -53.39 -20.25
C LEU O 32 -7.35 -52.60 -19.46
N TYR O 33 -6.96 -53.13 -18.31
CA TYR O 33 -6.00 -52.43 -17.46
C TYR O 33 -4.65 -52.31 -18.13
N TYR O 34 -4.21 -53.39 -18.78
CA TYR O 34 -2.87 -53.47 -19.34
C TYR O 34 -2.73 -52.88 -20.74
N TYR O 35 -3.80 -52.28 -21.25
CA TYR O 35 -3.78 -51.72 -22.60
C TYR O 35 -4.20 -50.26 -22.60
N SER O 36 -4.18 -49.63 -23.77
CA SER O 36 -4.69 -48.28 -23.89
C SER O 36 -5.96 -48.31 -24.74
N ILE O 37 -6.91 -47.45 -24.40
CA ILE O 37 -8.16 -47.38 -25.15
C ILE O 37 -8.29 -45.97 -25.71
N HIS O 38 -8.74 -45.89 -26.96
CA HIS O 38 -8.75 -44.63 -27.67
C HIS O 38 -10.11 -44.40 -28.31
N TRP O 39 -10.57 -43.16 -28.28
CA TRP O 39 -11.77 -42.77 -28.99
C TRP O 39 -11.39 -42.01 -30.26
N VAL O 40 -11.94 -42.47 -31.38
CA VAL O 40 -11.71 -41.85 -32.67
C VAL O 40 -13.05 -41.60 -33.33
N ARG O 41 -13.31 -40.36 -33.74
CA ARG O 41 -14.58 -40.02 -34.34
C ARG O 41 -14.43 -39.66 -35.82
N GLN O 42 -15.54 -39.69 -36.54
CA GLN O 42 -15.55 -39.40 -37.96
C GLN O 42 -16.82 -38.67 -38.34
N ALA O 43 -16.71 -37.36 -38.55
CA ALA O 43 -17.84 -36.54 -38.97
C ALA O 43 -18.28 -36.91 -40.38
N PRO O 44 -19.56 -36.66 -40.70
CA PRO O 44 -20.11 -37.02 -42.02
C PRO O 44 -19.30 -36.44 -43.17
N GLY O 45 -18.74 -37.32 -44.01
CA GLY O 45 -18.00 -36.87 -45.16
C GLY O 45 -16.60 -36.37 -44.78
N LYS O 46 -16.23 -36.57 -43.52
CA LYS O 46 -14.93 -36.13 -43.04
C LYS O 46 -14.03 -37.33 -42.77
N GLY O 47 -12.80 -37.04 -42.35
CA GLY O 47 -11.81 -38.08 -42.07
C GLY O 47 -11.79 -38.56 -40.63
N LEU O 48 -10.74 -39.29 -40.28
CA LEU O 48 -10.60 -39.81 -38.93
C LEU O 48 -10.04 -38.72 -38.03
N GLU O 49 -10.60 -38.58 -36.83
CA GLU O 49 -10.09 -37.61 -35.88
C GLU O 49 -9.98 -38.25 -34.50
N TRP O 50 -8.75 -38.47 -34.05
CA TRP O 50 -8.50 -38.95 -32.70
C TRP O 50 -9.02 -37.89 -31.72
N VAL O 51 -9.70 -38.30 -30.66
CA VAL O 51 -10.23 -37.31 -29.72
C VAL O 51 -9.70 -37.47 -28.30
N ALA O 52 -9.53 -38.72 -27.85
CA ALA O 52 -9.10 -38.97 -26.48
C ALA O 52 -8.53 -40.37 -26.33
N SER O 53 -7.63 -40.52 -25.38
CA SER O 53 -7.03 -41.80 -25.08
C SER O 53 -6.87 -42.00 -23.57
N ILE O 54 -6.92 -43.26 -23.13
CA ILE O 54 -6.66 -43.57 -21.73
C ILE O 54 -5.81 -44.81 -21.56
N SER O 55 -4.81 -44.69 -20.69
CA SER O 55 -3.96 -45.81 -20.32
C SER O 55 -4.09 -46.04 -18.82
N PRO O 56 -4.96 -46.98 -18.42
CA PRO O 56 -5.21 -47.21 -17.00
C PRO O 56 -3.98 -47.65 -16.23
N TYR O 57 -3.07 -48.34 -16.90
CA TYR O 57 -1.88 -48.88 -16.25
C TYR O 57 -0.90 -47.79 -15.84
N SER O 58 -0.96 -46.64 -16.51
CA SER O 58 -0.07 -45.52 -16.19
C SER O 58 -0.82 -44.30 -15.64
N SER O 59 -2.12 -44.46 -15.41
CA SER O 59 -2.95 -43.38 -14.90
C SER O 59 -2.95 -42.16 -15.82
N SER O 60 -2.63 -42.40 -17.08
CA SER O 60 -2.50 -41.32 -18.05
C SER O 60 -3.76 -41.13 -18.88
N THR O 61 -4.07 -39.87 -19.15
CA THR O 61 -5.17 -39.51 -20.02
C THR O 61 -4.71 -38.45 -21.01
N SER O 62 -5.34 -38.40 -22.18
CA SER O 62 -4.94 -37.47 -23.22
C SER O 62 -6.11 -37.03 -24.09
N TYR O 63 -6.11 -35.78 -24.53
CA TYR O 63 -7.21 -35.25 -25.33
C TYR O 63 -6.73 -34.43 -26.51
N ALA O 64 -7.50 -34.49 -27.60
CA ALA O 64 -7.32 -33.59 -28.73
C ALA O 64 -7.75 -32.20 -28.32
N ASP O 65 -7.06 -31.18 -28.79
CA ASP O 65 -7.35 -29.81 -28.37
C ASP O 65 -8.78 -29.42 -28.69
N SER O 66 -9.33 -30.02 -29.74
CA SER O 66 -10.68 -29.71 -30.18
C SER O 66 -11.74 -30.09 -29.15
N VAL O 67 -11.41 -31.02 -28.25
CA VAL O 67 -12.39 -31.48 -27.27
C VAL O 67 -11.90 -31.32 -25.84
N LYS O 68 -10.69 -30.78 -25.67
CA LYS O 68 -10.07 -30.70 -24.35
C LYS O 68 -10.93 -29.86 -23.39
N GLY O 69 -11.12 -30.35 -22.17
CA GLY O 69 -11.92 -29.67 -21.19
C GLY O 69 -13.41 -29.87 -21.40
N ARG O 70 -13.77 -30.45 -22.55
CA ARG O 70 -15.16 -30.66 -22.91
C ARG O 70 -15.49 -32.13 -22.78
N PHE O 71 -14.53 -32.97 -23.16
CA PHE O 71 -14.66 -34.41 -23.07
C PHE O 71 -13.86 -34.94 -21.89
N THR O 72 -14.32 -36.04 -21.33
CA THR O 72 -13.60 -36.69 -20.24
C THR O 72 -13.61 -38.19 -20.48
N ILE O 73 -12.42 -38.76 -20.54
CA ILE O 73 -12.28 -40.19 -20.78
C ILE O 73 -11.96 -40.94 -19.50
N SER O 74 -12.55 -42.12 -19.34
CA SER O 74 -12.34 -42.92 -18.13
C SER O 74 -12.49 -44.40 -18.41
N ALA O 75 -12.15 -45.22 -17.41
CA ALA O 75 -12.26 -46.66 -17.57
C ALA O 75 -12.63 -47.31 -16.25
N ASP O 76 -13.44 -48.35 -16.33
CA ASP O 76 -13.80 -49.12 -15.15
C ASP O 76 -13.28 -50.54 -15.34
N THR O 77 -12.17 -50.83 -14.69
CA THR O 77 -11.50 -52.12 -14.87
C THR O 77 -12.33 -53.27 -14.32
N SER O 78 -13.13 -52.98 -13.30
CA SER O 78 -13.97 -54.01 -12.68
C SER O 78 -14.98 -54.59 -13.67
N LYS O 79 -15.54 -53.74 -14.53
CA LYS O 79 -16.47 -54.20 -15.56
C LYS O 79 -15.83 -54.22 -16.95
N ASN O 80 -14.53 -53.93 -17.01
CA ASN O 80 -13.78 -53.96 -18.27
C ASN O 80 -14.41 -53.07 -19.35
N THR O 81 -14.65 -51.81 -19.00
CA THR O 81 -15.29 -50.87 -19.91
C THR O 81 -14.68 -49.47 -19.81
N ALA O 82 -14.53 -48.82 -20.95
CA ALA O 82 -14.07 -47.43 -20.96
C ALA O 82 -15.23 -46.52 -21.33
N TYR O 83 -15.13 -45.25 -20.94
CA TYR O 83 -16.21 -44.31 -21.16
C TYR O 83 -15.68 -43.00 -21.72
N LEU O 84 -16.55 -42.31 -22.45
CA LEU O 84 -16.26 -40.96 -22.91
C LEU O 84 -17.41 -40.04 -22.52
N GLN O 85 -17.16 -39.18 -21.55
CA GLN O 85 -18.15 -38.22 -21.09
C GLN O 85 -18.08 -36.95 -21.94
N MET O 86 -19.14 -36.67 -22.67
CA MET O 86 -19.19 -35.49 -23.54
C MET O 86 -20.11 -34.41 -22.98
N ASN O 87 -19.54 -33.24 -22.71
CA ASN O 87 -20.31 -32.10 -22.26
C ASN O 87 -20.15 -30.93 -23.22
N SER O 88 -21.05 -29.96 -23.13
CA SER O 88 -20.99 -28.79 -23.98
C SER O 88 -20.89 -29.17 -25.46
N LEU O 89 -21.73 -30.11 -25.89
CA LEU O 89 -21.68 -30.60 -27.26
C LEU O 89 -22.09 -29.53 -28.27
N ARG O 90 -21.52 -29.62 -29.47
CA ARG O 90 -21.83 -28.71 -30.56
C ARG O 90 -22.21 -29.51 -31.81
N ALA O 91 -22.79 -28.83 -32.80
CA ALA O 91 -23.18 -29.48 -34.05
C ALA O 91 -21.96 -30.12 -34.73
N GLU O 92 -20.82 -29.48 -34.55
CA GLU O 92 -19.55 -29.92 -35.11
C GLU O 92 -19.16 -31.31 -34.60
N ASP O 93 -19.69 -31.69 -33.45
CA ASP O 93 -19.36 -32.95 -32.81
C ASP O 93 -20.20 -34.11 -33.34
N THR O 94 -21.16 -33.82 -34.20
CA THR O 94 -21.99 -34.87 -34.81
C THR O 94 -21.10 -35.79 -35.64
N ALA O 95 -21.10 -37.08 -35.31
CA ALA O 95 -20.20 -38.02 -35.97
C ALA O 95 -20.39 -39.44 -35.47
N VAL O 96 -19.75 -40.38 -36.17
CA VAL O 96 -19.61 -41.74 -35.68
C VAL O 96 -18.43 -41.82 -34.74
N TYR O 97 -18.65 -42.33 -33.53
CA TYR O 97 -17.57 -42.44 -32.55
C TYR O 97 -17.10 -43.87 -32.40
N TYR O 98 -15.84 -44.13 -32.76
CA TYR O 98 -15.26 -45.45 -32.56
C TYR O 98 -14.41 -45.48 -31.28
N CYS O 99 -14.35 -46.64 -30.64
CA CYS O 99 -13.35 -46.85 -29.61
C CYS O 99 -12.42 -47.91 -30.16
N ALA O 100 -11.14 -47.79 -29.83
CA ALA O 100 -10.15 -48.68 -30.38
C ALA O 100 -9.08 -48.96 -29.35
N ARG O 101 -8.36 -50.05 -29.56
CA ARG O 101 -7.37 -50.49 -28.59
C ARG O 101 -5.95 -50.24 -29.05
N GLY O 102 -5.10 -49.92 -28.09
CA GLY O 102 -3.70 -49.69 -28.33
C GLY O 102 -2.92 -50.56 -27.37
N ARG O 103 -1.64 -50.73 -27.64
CA ARG O 103 -0.76 -51.50 -26.76
C ARG O 103 0.20 -50.56 -26.06
N TRP O 104 0.69 -50.95 -24.88
CA TRP O 104 1.57 -50.09 -24.11
C TRP O 104 2.86 -49.81 -24.88
N TYR O 105 3.30 -50.78 -25.69
CA TYR O 105 4.52 -50.63 -26.47
C TYR O 105 4.29 -50.18 -27.92
N ARG O 106 3.04 -49.97 -28.29
CA ARG O 106 2.72 -49.59 -29.66
C ARG O 106 1.35 -48.93 -29.71
N ARG O 107 1.36 -47.62 -29.87
CA ARG O 107 0.15 -46.83 -29.85
C ARG O 107 -0.57 -46.77 -31.21
N ALA O 108 -0.51 -47.88 -31.96
CA ALA O 108 -1.34 -48.06 -33.15
C ALA O 108 -2.61 -48.81 -32.75
N LEU O 109 -3.71 -48.56 -33.46
CA LEU O 109 -5.01 -49.11 -33.06
C LEU O 109 -5.37 -50.39 -33.84
N ASP O 110 -5.29 -51.53 -33.17
CA ASP O 110 -5.43 -52.84 -33.82
C ASP O 110 -6.84 -53.44 -33.78
N TYR O 111 -7.59 -53.12 -32.73
CA TYR O 111 -8.97 -53.59 -32.62
C TYR O 111 -9.90 -52.39 -32.47
N TRP O 112 -10.95 -52.37 -33.30
CA TRP O 112 -11.91 -51.27 -33.28
C TRP O 112 -13.31 -51.80 -33.02
N GLY O 113 -14.15 -50.98 -32.40
CA GLY O 113 -15.55 -51.29 -32.27
C GLY O 113 -16.26 -50.97 -33.57
N GLN O 114 -17.57 -51.22 -33.63
CA GLN O 114 -18.31 -50.98 -34.87
C GLN O 114 -18.65 -49.50 -34.99
N GLY O 115 -18.56 -48.78 -33.88
CA GLY O 115 -18.84 -47.36 -33.88
C GLY O 115 -20.24 -47.05 -33.39
N THR O 116 -20.42 -45.87 -32.79
CA THR O 116 -21.75 -45.44 -32.36
C THR O 116 -21.99 -44.00 -32.79
N LEU O 117 -23.17 -43.73 -33.33
CA LEU O 117 -23.49 -42.43 -33.92
C LEU O 117 -24.00 -41.42 -32.89
N VAL O 118 -23.42 -40.23 -32.91
CA VAL O 118 -23.86 -39.14 -32.06
C VAL O 118 -24.35 -37.97 -32.93
N THR O 119 -25.59 -37.56 -32.71
CA THR O 119 -26.17 -36.49 -33.50
C THR O 119 -26.48 -35.27 -32.61
N VAL O 120 -25.85 -34.15 -32.92
CA VAL O 120 -26.08 -32.92 -32.15
C VAL O 120 -26.78 -31.86 -32.98
N SER O 121 -28.04 -31.61 -32.66
CA SER O 121 -28.82 -30.59 -33.36
C SER O 121 -30.08 -30.25 -32.56
N SER O 122 -30.54 -29.00 -32.67
CA SER O 122 -31.75 -28.57 -31.99
C SER O 122 -33.02 -28.94 -32.76
N ALA O 123 -32.85 -29.55 -33.94
CA ALA O 123 -33.98 -29.92 -34.79
C ALA O 123 -34.84 -31.00 -34.12
N SER O 124 -36.15 -30.90 -34.28
CA SER O 124 -37.07 -31.87 -33.70
C SER O 124 -37.40 -32.99 -34.69
N THR O 125 -37.74 -34.16 -34.16
CA THR O 125 -38.07 -35.32 -34.97
C THR O 125 -39.30 -35.11 -35.87
N LYS O 126 -39.14 -35.37 -37.15
CA LYS O 126 -40.20 -35.16 -38.13
C LYS O 126 -40.08 -36.10 -39.33
N GLY O 127 -41.23 -36.60 -39.79
CA GLY O 127 -41.29 -37.46 -40.96
C GLY O 127 -41.20 -36.66 -42.25
N PRO O 128 -40.81 -37.31 -43.34
CA PRO O 128 -40.60 -36.63 -44.62
C PRO O 128 -41.88 -36.35 -45.40
N SER O 129 -41.82 -35.40 -46.33
CA SER O 129 -42.85 -35.26 -47.33
C SER O 129 -42.29 -35.87 -48.60
N VAL O 130 -43.07 -36.71 -49.26
CA VAL O 130 -42.60 -37.35 -50.48
C VAL O 130 -43.31 -36.80 -51.70
N PHE O 131 -42.53 -36.24 -52.62
CA PHE O 131 -43.09 -35.69 -53.86
C PHE O 131 -42.58 -36.46 -55.07
N PRO O 132 -43.44 -36.63 -56.08
CA PRO O 132 -43.03 -37.38 -57.27
C PRO O 132 -42.12 -36.57 -58.19
N LEU O 133 -41.09 -37.23 -58.73
CA LEU O 133 -40.28 -36.67 -59.79
C LEU O 133 -40.70 -37.26 -61.14
N ALA O 134 -41.72 -36.67 -61.76
CA ALA O 134 -42.33 -37.25 -62.96
C ALA O 134 -41.39 -37.19 -64.15
N PRO O 135 -41.33 -38.29 -64.93
CA PRO O 135 -40.50 -38.40 -66.13
C PRO O 135 -40.96 -37.49 -67.27
N SER O 141 -35.31 -40.17 -71.12
CA SER O 141 -35.97 -39.24 -72.04
C SER O 141 -35.84 -39.77 -73.46
N GLY O 142 -34.60 -39.73 -73.97
CA GLY O 142 -34.32 -40.15 -75.32
C GLY O 142 -34.76 -41.59 -75.58
N GLY O 143 -34.04 -42.52 -74.97
CA GLY O 143 -34.32 -43.94 -75.07
C GLY O 143 -35.05 -44.46 -73.82
N THR O 144 -34.31 -44.52 -72.72
CA THR O 144 -34.87 -44.97 -71.45
C THR O 144 -35.43 -43.77 -70.71
N ALA O 145 -36.21 -44.01 -69.65
CA ALA O 145 -36.80 -42.89 -68.92
C ALA O 145 -36.41 -42.92 -67.44
N ALA O 146 -36.21 -41.73 -66.89
CA ALA O 146 -35.84 -41.60 -65.49
C ALA O 146 -36.98 -40.97 -64.70
N LEU O 147 -37.26 -41.54 -63.54
CA LEU O 147 -38.24 -41.01 -62.62
C LEU O 147 -37.79 -41.35 -61.21
N GLY O 148 -38.41 -40.73 -60.22
CA GLY O 148 -38.01 -40.97 -58.85
C GLY O 148 -38.86 -40.24 -57.82
N CYS O 149 -38.37 -40.24 -56.58
CA CYS O 149 -39.07 -39.60 -55.48
C CYS O 149 -38.16 -38.64 -54.71
N LEU O 150 -38.69 -37.46 -54.42
CA LEU O 150 -37.99 -36.51 -53.57
C LEU O 150 -38.47 -36.66 -52.13
N VAL O 151 -37.57 -37.10 -51.24
CA VAL O 151 -37.90 -37.25 -49.84
C VAL O 151 -37.35 -36.06 -49.06
N LYS O 152 -38.23 -35.12 -48.71
CA LYS O 152 -37.81 -33.82 -48.22
C LYS O 152 -38.17 -33.54 -46.77
N ASP O 153 -37.26 -32.86 -46.07
CA ASP O 153 -37.52 -32.31 -44.75
C ASP O 153 -37.91 -33.37 -43.72
N TYR O 154 -36.96 -34.26 -43.42
CA TYR O 154 -37.16 -35.25 -42.36
C TYR O 154 -36.02 -35.21 -41.35
N PHE O 155 -36.24 -35.79 -40.18
CA PHE O 155 -35.23 -35.81 -39.15
C PHE O 155 -35.62 -36.74 -38.00
N PRO O 156 -34.64 -37.49 -37.48
CA PRO O 156 -33.29 -37.47 -38.05
C PRO O 156 -33.11 -38.54 -39.12
N GLU O 157 -31.88 -38.76 -39.58
CA GLU O 157 -31.62 -39.94 -40.39
C GLU O 157 -31.81 -41.21 -39.59
N PRO O 158 -32.01 -42.33 -40.30
CA PRO O 158 -32.02 -42.38 -41.76
C PRO O 158 -33.41 -42.55 -42.37
N VAL O 159 -33.42 -42.65 -43.69
CA VAL O 159 -34.63 -42.99 -44.42
C VAL O 159 -34.29 -44.09 -45.42
N THR O 160 -35.14 -45.09 -45.50
CA THR O 160 -34.95 -46.16 -46.47
C THR O 160 -36.03 -46.08 -47.54
N VAL O 161 -35.62 -46.19 -48.80
CA VAL O 161 -36.58 -46.11 -49.89
C VAL O 161 -36.55 -47.36 -50.77
N SER O 162 -37.73 -47.78 -51.21
CA SER O 162 -37.87 -48.96 -52.06
C SER O 162 -38.66 -48.62 -53.31
N TRP O 163 -38.78 -49.59 -54.22
CA TRP O 163 -39.56 -49.40 -55.43
C TRP O 163 -40.39 -50.64 -55.74
N ASN O 164 -41.70 -50.44 -55.80
CA ASN O 164 -42.64 -51.53 -56.03
C ASN O 164 -42.48 -52.65 -55.00
N SER O 165 -42.36 -52.26 -53.74
CA SER O 165 -42.22 -53.21 -52.63
C SER O 165 -41.04 -54.17 -52.78
N GLY O 166 -39.98 -53.72 -53.43
CA GLY O 166 -38.75 -54.49 -53.53
C GLY O 166 -38.56 -55.23 -54.85
N ALA O 167 -39.56 -55.17 -55.72
CA ALA O 167 -39.49 -55.86 -56.99
C ALA O 167 -38.54 -55.17 -57.97
N LEU O 168 -38.47 -53.85 -57.89
CA LEU O 168 -37.60 -53.06 -58.77
C LEU O 168 -36.33 -52.59 -58.07
N THR O 169 -35.20 -53.18 -58.43
CA THR O 169 -33.94 -52.83 -57.80
C THR O 169 -32.86 -52.37 -58.80
N SER O 170 -32.92 -52.89 -60.02
CA SER O 170 -31.94 -52.56 -61.05
C SER O 170 -32.15 -51.16 -61.64
N GLY O 171 -31.08 -50.37 -61.66
CA GLY O 171 -31.12 -49.04 -62.25
C GLY O 171 -31.47 -47.95 -61.26
N VAL O 172 -31.74 -48.37 -60.02
CA VAL O 172 -32.13 -47.45 -58.95
C VAL O 172 -30.92 -46.76 -58.32
N HIS O 173 -31.06 -45.45 -58.08
CA HIS O 173 -30.01 -44.70 -57.40
C HIS O 173 -30.60 -43.85 -56.29
N THR O 174 -30.37 -44.25 -55.05
CA THR O 174 -30.80 -43.47 -53.89
C THR O 174 -29.61 -42.68 -53.37
N PHE O 175 -29.70 -41.35 -53.49
CA PHE O 175 -28.59 -40.46 -53.16
C PHE O 175 -28.43 -40.30 -51.65
N PRO O 176 -27.20 -40.01 -51.22
CA PRO O 176 -26.91 -39.69 -49.82
C PRO O 176 -27.74 -38.50 -49.36
N ALA O 177 -28.26 -38.55 -48.14
CA ALA O 177 -29.05 -37.44 -47.61
C ALA O 177 -28.17 -36.21 -47.46
N VAL O 178 -28.79 -35.04 -47.55
CA VAL O 178 -28.10 -33.77 -47.35
C VAL O 178 -28.72 -33.02 -46.19
N LEU O 179 -27.88 -32.45 -45.33
CA LEU O 179 -28.37 -31.64 -44.22
C LEU O 179 -28.70 -30.24 -44.71
N GLN O 180 -29.97 -29.86 -44.67
CA GLN O 180 -30.37 -28.55 -45.16
C GLN O 180 -30.15 -27.51 -44.07
N SER O 181 -30.13 -26.24 -44.47
CA SER O 181 -29.89 -25.14 -43.54
C SER O 181 -30.99 -25.04 -42.50
N SER O 182 -32.14 -25.63 -42.79
CA SER O 182 -33.27 -25.63 -41.88
C SER O 182 -33.01 -26.58 -40.71
N GLY O 183 -32.04 -27.46 -40.88
CA GLY O 183 -31.71 -28.46 -39.90
C GLY O 183 -32.31 -29.82 -40.21
N LEU O 184 -33.05 -29.88 -41.31
CA LEU O 184 -33.69 -31.12 -41.75
C LEU O 184 -32.95 -31.72 -42.94
N TYR O 185 -33.12 -33.03 -43.13
CA TYR O 185 -32.45 -33.77 -44.20
C TYR O 185 -33.31 -33.92 -45.44
N SER O 186 -32.67 -34.18 -46.58
CA SER O 186 -33.37 -34.49 -47.83
C SER O 186 -32.52 -35.36 -48.74
N LEU O 187 -33.17 -36.25 -49.48
CA LEU O 187 -32.49 -37.03 -50.50
C LEU O 187 -33.46 -37.34 -51.63
N SER O 188 -32.92 -37.65 -52.80
CA SER O 188 -33.73 -38.06 -53.92
C SER O 188 -33.36 -39.49 -54.32
N SER O 189 -34.37 -40.29 -54.66
CA SER O 189 -34.12 -41.62 -55.19
C SER O 189 -34.68 -41.73 -56.62
N VAL O 190 -33.81 -42.05 -57.57
CA VAL O 190 -34.24 -42.14 -58.96
C VAL O 190 -33.98 -43.52 -59.53
N VAL O 191 -34.60 -43.82 -60.67
CA VAL O 191 -34.41 -45.08 -61.37
C VAL O 191 -34.74 -44.90 -62.85
N THR O 192 -34.00 -45.60 -63.71
CA THR O 192 -34.24 -45.51 -65.15
C THR O 192 -34.86 -46.79 -65.68
N VAL O 193 -35.89 -46.63 -66.50
CA VAL O 193 -36.60 -47.74 -67.11
C VAL O 193 -36.89 -47.44 -68.58
N PRO O 194 -37.29 -48.47 -69.34
CA PRO O 194 -37.65 -48.30 -70.75
C PRO O 194 -38.78 -47.29 -70.94
N SER O 195 -38.66 -46.44 -71.95
CA SER O 195 -39.68 -45.42 -72.23
C SER O 195 -41.00 -46.07 -72.64
N SER O 196 -40.93 -47.26 -73.21
CA SER O 196 -42.12 -47.98 -73.66
C SER O 196 -42.96 -48.43 -72.47
N SER O 197 -42.31 -48.69 -71.35
CA SER O 197 -42.98 -49.17 -70.14
C SER O 197 -43.61 -48.03 -69.35
N LEU O 198 -43.55 -46.82 -69.88
CA LEU O 198 -44.01 -45.63 -69.16
C LEU O 198 -45.50 -45.67 -68.79
N GLY O 199 -46.36 -45.91 -69.78
CA GLY O 199 -47.79 -45.85 -69.55
C GLY O 199 -48.45 -47.13 -69.09
N THR O 200 -47.82 -48.26 -69.38
CA THR O 200 -48.40 -49.56 -69.04
C THR O 200 -48.05 -50.05 -67.63
N GLN O 201 -46.88 -49.67 -67.14
CA GLN O 201 -46.40 -50.18 -65.85
C GLN O 201 -46.43 -49.13 -64.74
N THR O 202 -46.78 -49.57 -63.54
CA THR O 202 -46.87 -48.69 -62.38
C THR O 202 -45.60 -48.73 -61.52
N TYR O 203 -45.16 -47.55 -61.07
CA TYR O 203 -43.98 -47.43 -60.21
C TYR O 203 -44.29 -46.72 -58.91
N ILE O 204 -44.08 -47.40 -57.79
CA ILE O 204 -44.33 -46.84 -56.47
C ILE O 204 -43.07 -46.89 -55.59
N CYS O 205 -42.63 -45.72 -55.12
CA CYS O 205 -41.53 -45.68 -54.16
C CYS O 205 -42.05 -45.77 -52.74
N ASN O 206 -41.39 -46.57 -51.90
CA ASN O 206 -41.80 -46.74 -50.51
C ASN O 206 -40.77 -46.21 -49.54
N VAL O 207 -41.12 -45.12 -48.86
CA VAL O 207 -40.20 -44.45 -47.95
C VAL O 207 -40.63 -44.66 -46.49
N ASN O 208 -39.76 -45.26 -45.70
CA ASN O 208 -40.05 -45.59 -44.31
C ASN O 208 -39.15 -44.83 -43.35
N HIS O 209 -39.71 -43.82 -42.68
CA HIS O 209 -38.99 -43.08 -41.66
C HIS O 209 -39.32 -43.57 -40.25
N LYS O 210 -38.52 -44.50 -39.73
CA LYS O 210 -38.82 -45.18 -38.47
C LYS O 210 -38.91 -44.25 -37.25
N PRO O 211 -37.93 -43.34 -37.10
CA PRO O 211 -37.94 -42.48 -35.90
C PRO O 211 -39.19 -41.63 -35.74
N SER O 212 -40.05 -41.61 -36.75
CA SER O 212 -41.30 -40.88 -36.66
C SER O 212 -42.50 -41.77 -36.96
N ASN O 213 -42.24 -43.02 -37.34
CA ASN O 213 -43.30 -43.96 -37.66
C ASN O 213 -44.19 -43.52 -38.82
N THR O 214 -43.61 -42.76 -39.75
CA THR O 214 -44.35 -42.34 -40.94
C THR O 214 -43.93 -43.19 -42.13
N LYS O 215 -44.90 -43.86 -42.76
CA LYS O 215 -44.64 -44.67 -43.93
C LYS O 215 -45.46 -44.16 -45.11
N VAL O 216 -44.77 -43.87 -46.20
CA VAL O 216 -45.43 -43.35 -47.39
C VAL O 216 -45.15 -44.18 -48.64
N ASP O 217 -46.21 -44.42 -49.40
CA ASP O 217 -46.10 -45.06 -50.70
C ASP O 217 -46.66 -44.09 -51.72
N LYS O 218 -45.79 -43.61 -52.61
CA LYS O 218 -46.17 -42.58 -53.55
C LYS O 218 -46.07 -43.10 -54.98
N LYS O 219 -47.19 -43.09 -55.70
CA LYS O 219 -47.23 -43.53 -57.09
C LYS O 219 -46.63 -42.46 -58.00
N VAL O 220 -45.93 -42.89 -59.03
CA VAL O 220 -45.23 -41.95 -59.91
C VAL O 220 -45.54 -42.15 -61.40
N GLU O 221 -46.48 -41.38 -61.95
CA GLU O 221 -46.77 -41.45 -63.37
C GLU O 221 -46.40 -40.12 -64.04
N PRO O 222 -46.29 -40.12 -65.38
CA PRO O 222 -45.97 -38.88 -66.10
C PRO O 222 -47.11 -37.86 -66.03
N LYS O 223 -46.91 -36.70 -66.65
CA LYS O 223 -47.95 -35.67 -66.68
C LYS O 223 -48.83 -35.84 -67.91
N SER O 224 -50.14 -35.95 -67.71
CA SER O 224 -51.07 -35.99 -68.84
C SER O 224 -51.29 -34.54 -69.30
N CYS O 225 -50.63 -34.17 -70.38
CA CYS O 225 -50.72 -32.79 -70.85
C CYS O 225 -51.98 -32.52 -71.68
N ASP P 2 5.04 -28.92 -32.80
CA ASP P 2 3.89 -28.60 -33.62
C ASP P 2 3.75 -29.57 -34.79
N ILE P 3 3.47 -30.83 -34.46
CA ILE P 3 3.34 -31.89 -35.46
C ILE P 3 2.11 -31.81 -36.37
N GLN P 4 2.34 -32.06 -37.65
CA GLN P 4 1.27 -32.17 -38.62
C GLN P 4 1.57 -33.36 -39.53
N MET P 5 0.54 -34.01 -40.03
CA MET P 5 0.71 -35.10 -41.00
C MET P 5 0.04 -34.79 -42.34
N THR P 6 0.87 -34.52 -43.35
CA THR P 6 0.39 -34.20 -44.69
C THR P 6 0.37 -35.41 -45.61
N GLN P 7 -0.83 -35.93 -45.89
CA GLN P 7 -0.99 -37.11 -46.73
C GLN P 7 -1.19 -36.73 -48.20
N SER P 8 -0.72 -37.58 -49.10
CA SER P 8 -0.79 -37.31 -50.54
C SER P 8 -0.85 -38.60 -51.35
N PRO P 9 -1.70 -38.64 -52.40
CA PRO P 9 -2.62 -37.56 -52.78
C PRO P 9 -3.96 -37.67 -52.05
N SER P 10 -4.81 -36.66 -52.19
CA SER P 10 -6.12 -36.67 -51.55
C SER P 10 -7.03 -37.71 -52.19
N SER P 11 -6.73 -38.03 -53.45
CA SER P 11 -7.49 -39.04 -54.18
C SER P 11 -6.67 -39.52 -55.37
N LEU P 12 -6.87 -40.78 -55.75
CA LEU P 12 -6.18 -41.31 -56.93
C LEU P 12 -7.00 -42.41 -57.59
N SER P 13 -6.97 -42.41 -58.92
CA SER P 13 -7.70 -43.39 -59.70
C SER P 13 -6.76 -44.51 -60.13
N ALA P 14 -7.19 -45.75 -59.98
CA ALA P 14 -6.36 -46.90 -60.33
C ALA P 14 -7.20 -48.10 -60.75
N SER P 15 -6.53 -49.07 -61.39
CA SER P 15 -7.19 -50.29 -61.83
C SER P 15 -6.60 -51.51 -61.11
N VAL P 16 -7.31 -52.63 -61.18
CA VAL P 16 -6.82 -53.87 -60.58
C VAL P 16 -5.47 -54.28 -61.15
N GLY P 17 -4.54 -54.62 -60.26
CA GLY P 17 -3.19 -55.00 -60.66
C GLY P 17 -2.22 -53.85 -60.62
N ASP P 18 -2.73 -52.63 -60.44
CA ASP P 18 -1.87 -51.45 -60.40
C ASP P 18 -1.00 -51.40 -59.16
N ARG P 19 0.17 -50.79 -59.29
CA ARG P 19 0.99 -50.48 -58.14
C ARG P 19 0.56 -49.11 -57.62
N VAL P 20 0.07 -49.09 -56.39
CA VAL P 20 -0.44 -47.87 -55.79
C VAL P 20 0.50 -47.36 -54.73
N THR P 21 0.75 -46.05 -54.75
CA THR P 21 1.65 -45.42 -53.78
C THR P 21 1.01 -44.22 -53.11
N ILE P 22 0.96 -44.26 -51.79
CA ILE P 22 0.41 -43.18 -50.99
C ILE P 22 1.48 -42.71 -50.01
N THR P 23 1.71 -41.41 -49.95
CA THR P 23 2.77 -40.89 -49.09
C THR P 23 2.19 -40.04 -47.97
N CYS P 24 2.89 -39.99 -46.84
CA CYS P 24 2.47 -39.14 -45.74
C CYS P 24 3.74 -38.53 -45.12
N ARG P 25 3.78 -37.20 -45.07
CA ARG P 25 4.95 -36.47 -44.57
C ARG P 25 4.72 -35.85 -43.19
N ALA P 26 5.56 -36.22 -42.22
CA ALA P 26 5.50 -35.63 -40.88
C ALA P 26 6.22 -34.28 -40.84
N SER P 27 5.64 -33.32 -40.13
CA SER P 27 6.22 -31.99 -40.04
C SER P 27 7.56 -32.00 -39.28
N GLN P 28 7.67 -32.91 -38.32
CA GLN P 28 8.92 -33.17 -37.61
C GLN P 28 9.27 -34.65 -37.70
N SER P 29 10.46 -35.02 -37.25
CA SER P 29 10.83 -36.42 -37.17
C SER P 29 9.99 -37.12 -36.12
N VAL P 30 9.40 -38.26 -36.50
CA VAL P 30 8.61 -39.06 -35.58
C VAL P 30 9.20 -40.45 -35.44
N SER P 31 10.47 -40.60 -35.82
CA SER P 31 11.09 -41.92 -35.90
C SER P 31 10.28 -42.79 -36.84
N SER P 32 10.00 -44.01 -36.40
CA SER P 32 9.23 -44.95 -37.21
C SER P 32 7.79 -45.07 -36.71
N ALA P 33 7.38 -44.14 -35.84
CA ALA P 33 6.09 -44.25 -35.18
C ALA P 33 4.94 -43.85 -36.09
N VAL P 34 4.74 -44.64 -37.15
CA VAL P 34 3.70 -44.34 -38.12
C VAL P 34 2.92 -45.60 -38.46
N ALA P 35 1.59 -45.48 -38.56
CA ALA P 35 0.74 -46.61 -38.90
C ALA P 35 -0.18 -46.26 -40.07
N TRP P 36 -0.60 -47.29 -40.81
CA TRP P 36 -1.51 -47.09 -41.94
C TRP P 36 -2.82 -47.83 -41.75
N TYR P 37 -3.93 -47.19 -42.09
CA TYR P 37 -5.23 -47.83 -41.94
C TYR P 37 -6.02 -47.85 -43.23
N GLN P 38 -6.87 -48.87 -43.36
CA GLN P 38 -7.84 -48.96 -44.44
C GLN P 38 -9.25 -48.89 -43.90
N GLN P 39 -10.07 -48.05 -44.52
CA GLN P 39 -11.47 -47.95 -44.13
C GLN P 39 -12.39 -47.97 -45.34
N LYS P 40 -13.40 -48.84 -45.28
CA LYS P 40 -14.45 -48.82 -46.30
C LYS P 40 -15.64 -48.08 -45.71
N PRO P 41 -16.46 -47.47 -46.57
CA PRO P 41 -17.53 -46.59 -46.09
C PRO P 41 -18.51 -47.29 -45.16
N GLY P 42 -18.77 -46.69 -44.01
CA GLY P 42 -19.70 -47.23 -43.03
C GLY P 42 -19.09 -48.23 -42.06
N LYS P 43 -17.83 -48.58 -42.26
CA LYS P 43 -17.16 -49.55 -41.41
C LYS P 43 -15.95 -48.97 -40.66
N ALA P 44 -15.55 -49.64 -39.58
CA ALA P 44 -14.38 -49.22 -38.84
C ALA P 44 -13.11 -49.51 -39.64
N PRO P 45 -12.08 -48.69 -39.44
CA PRO P 45 -10.75 -48.86 -40.06
C PRO P 45 -10.10 -50.18 -39.67
N LYS P 46 -9.23 -50.70 -40.54
CA LYS P 46 -8.42 -51.87 -40.24
C LYS P 46 -6.95 -51.49 -40.27
N LEU P 47 -6.21 -51.98 -39.29
CA LEU P 47 -4.78 -51.69 -39.21
C LEU P 47 -4.01 -52.50 -40.27
N LEU P 48 -3.22 -51.80 -41.08
CA LEU P 48 -2.43 -52.46 -42.11
C LEU P 48 -0.98 -52.54 -41.70
N ILE P 49 -0.42 -51.40 -41.30
CA ILE P 49 1.00 -51.31 -41.00
C ILE P 49 1.26 -50.50 -39.74
N TYR P 50 2.22 -50.97 -38.95
CA TYR P 50 2.68 -50.24 -37.77
C TYR P 50 4.20 -50.14 -37.82
N SER P 51 4.75 -49.18 -37.08
CA SER P 51 6.19 -48.93 -37.06
C SER P 51 6.70 -48.67 -38.47
N ALA P 52 5.89 -47.94 -39.22
CA ALA P 52 6.24 -47.47 -40.56
C ALA P 52 6.20 -48.57 -41.61
N SER P 53 6.77 -49.73 -41.29
CA SER P 53 6.98 -50.75 -42.31
C SER P 53 6.65 -52.16 -41.87
N SER P 54 6.18 -52.33 -40.63
CA SER P 54 5.84 -53.66 -40.15
C SER P 54 4.40 -54.01 -40.50
N LEU P 55 4.25 -55.15 -41.18
CA LEU P 55 2.94 -55.62 -41.62
C LEU P 55 2.18 -56.29 -40.48
N TYR P 56 1.01 -55.75 -40.17
CA TYR P 56 0.17 -56.29 -39.10
C TYR P 56 -0.33 -57.70 -39.44
N SER P 57 -0.61 -58.48 -38.40
CA SER P 57 -1.02 -59.86 -38.54
C SER P 57 -2.29 -60.03 -39.37
N GLY P 58 -2.24 -60.95 -40.33
CA GLY P 58 -3.40 -61.30 -41.13
C GLY P 58 -3.55 -60.46 -42.39
N VAL P 59 -2.76 -59.41 -42.50
CA VAL P 59 -2.77 -58.53 -43.65
C VAL P 59 -2.04 -59.14 -44.84
N PRO P 60 -2.64 -59.04 -46.04
CA PRO P 60 -2.05 -59.55 -47.28
C PRO P 60 -0.66 -58.95 -47.55
N SER P 61 0.21 -59.72 -48.19
CA SER P 61 1.61 -59.34 -48.38
C SER P 61 1.80 -58.23 -49.42
N ARG P 62 0.75 -57.97 -50.19
CA ARG P 62 0.80 -56.92 -51.21
C ARG P 62 0.87 -55.53 -50.58
N PHE P 63 0.50 -55.44 -49.31
CA PHE P 63 0.61 -54.18 -48.59
C PHE P 63 2.04 -54.03 -48.05
N SER P 64 2.60 -52.83 -48.21
CA SER P 64 3.99 -52.59 -47.87
C SER P 64 4.20 -51.18 -47.32
N GLY P 65 5.11 -51.06 -46.35
CA GLY P 65 5.44 -49.78 -45.76
C GLY P 65 6.94 -49.52 -45.76
N SER P 66 7.32 -48.26 -45.91
CA SER P 66 8.73 -47.87 -45.91
C SER P 66 8.89 -46.44 -45.37
N ARG P 67 10.10 -46.10 -44.94
CA ARG P 67 10.35 -44.78 -44.38
C ARG P 67 11.64 -44.17 -44.92
N SER P 68 11.61 -42.86 -45.14
CA SER P 68 12.80 -42.10 -45.47
C SER P 68 12.73 -40.73 -44.82
N GLY P 69 13.38 -40.57 -43.67
CA GLY P 69 13.31 -39.34 -42.91
C GLY P 69 11.92 -39.12 -42.34
N THR P 70 11.29 -38.01 -42.72
CA THR P 70 9.94 -37.70 -42.25
C THR P 70 8.89 -38.11 -43.29
N ASP P 71 9.33 -38.81 -44.32
CA ASP P 71 8.43 -39.25 -45.39
C ASP P 71 8.07 -40.72 -45.26
N PHE P 72 6.78 -41.03 -45.24
CA PHE P 72 6.32 -42.41 -45.13
C PHE P 72 5.47 -42.81 -46.32
N THR P 73 5.67 -44.02 -46.82
CA THR P 73 4.99 -44.47 -48.02
C THR P 73 4.32 -45.82 -47.83
N LEU P 74 3.03 -45.86 -48.17
CA LEU P 74 2.27 -47.11 -48.24
C LEU P 74 2.15 -47.57 -49.69
N THR P 75 2.54 -48.82 -49.94
CA THR P 75 2.50 -49.37 -51.29
C THR P 75 1.67 -50.64 -51.39
N ILE P 76 0.84 -50.70 -52.42
CA ILE P 76 0.12 -51.92 -52.76
C ILE P 76 0.71 -52.50 -54.03
N SER P 77 1.34 -53.68 -53.92
CA SER P 77 2.07 -54.28 -55.03
C SER P 77 1.17 -54.57 -56.22
N SER P 78 0.04 -55.23 -55.94
CA SER P 78 -0.91 -55.60 -56.99
C SER P 78 -2.33 -55.37 -56.49
N LEU P 79 -2.88 -54.22 -56.81
CA LEU P 79 -4.17 -53.79 -56.27
C LEU P 79 -5.26 -54.83 -56.53
N GLN P 80 -6.04 -55.12 -55.50
CA GLN P 80 -7.14 -56.06 -55.60
C GLN P 80 -8.47 -55.36 -55.47
N PRO P 81 -9.56 -56.01 -55.91
CA PRO P 81 -10.91 -55.42 -55.87
C PRO P 81 -11.36 -55.02 -54.46
N GLU P 82 -10.94 -55.76 -53.44
CA GLU P 82 -11.33 -55.44 -52.06
C GLU P 82 -10.46 -54.33 -51.50
N ASP P 83 -9.51 -53.85 -52.31
CA ASP P 83 -8.56 -52.84 -51.87
C ASP P 83 -9.03 -51.41 -52.19
N PHE P 84 -10.12 -51.28 -52.94
CA PHE P 84 -10.66 -49.96 -53.22
C PHE P 84 -11.33 -49.40 -51.98
N ALA P 85 -10.80 -48.30 -51.45
CA ALA P 85 -11.24 -47.76 -50.18
C ALA P 85 -10.45 -46.51 -49.84
N THR P 86 -10.66 -45.98 -48.63
CA THR P 86 -9.93 -44.80 -48.20
C THR P 86 -8.83 -45.17 -47.21
N TYR P 87 -7.64 -44.59 -47.39
CA TYR P 87 -6.51 -44.93 -46.54
C TYR P 87 -6.03 -43.75 -45.70
N TYR P 88 -5.58 -44.05 -44.49
CA TYR P 88 -5.15 -43.02 -43.55
C TYR P 88 -3.78 -43.36 -42.96
N CYS P 89 -2.89 -42.37 -42.95
CA CYS P 89 -1.61 -42.50 -42.26
C CYS P 89 -1.87 -42.02 -40.83
N GLN P 90 -1.08 -42.48 -39.87
CA GLN P 90 -1.29 -42.09 -38.47
C GLN P 90 0.02 -42.15 -37.72
N GLN P 91 0.31 -41.10 -36.96
CA GLN P 91 1.54 -41.05 -36.17
C GLN P 91 1.31 -41.20 -34.67
N TYR P 92 2.25 -41.86 -34.00
CA TYR P 92 2.20 -42.01 -32.55
C TYR P 92 3.59 -41.93 -31.94
N PRO P 93 4.25 -40.77 -32.08
CA PRO P 93 5.62 -40.60 -31.61
C PRO P 93 5.70 -40.69 -30.08
N TYR P 94 6.83 -41.13 -29.57
CA TYR P 94 7.03 -41.30 -28.13
C TYR P 94 6.79 -39.96 -27.43
N TYR P 95 7.74 -39.05 -27.60
CA TYR P 95 7.70 -37.70 -27.04
C TYR P 95 6.32 -36.99 -26.98
N SER P 96 5.33 -37.44 -27.74
CA SER P 96 4.03 -36.78 -27.70
C SER P 96 2.90 -37.71 -27.24
N SER P 97 1.99 -37.15 -26.44
CA SER P 97 0.79 -37.86 -26.02
C SER P 97 -0.29 -37.86 -27.10
N LEU P 98 -0.17 -36.95 -28.06
CA LEU P 98 -1.19 -36.75 -29.11
C LEU P 98 -1.09 -37.77 -30.25
N ILE P 99 -2.24 -38.16 -30.78
CA ILE P 99 -2.32 -38.98 -31.99
C ILE P 99 -2.99 -38.19 -33.11
N THR P 100 -2.35 -38.11 -34.28
CA THR P 100 -2.94 -37.37 -35.41
C THR P 100 -3.03 -38.23 -36.68
N PHE P 101 -4.17 -38.16 -37.34
CA PHE P 101 -4.40 -38.88 -38.59
C PHE P 101 -4.15 -37.96 -39.79
N GLY P 102 -3.75 -38.55 -40.91
CA GLY P 102 -3.68 -37.80 -42.14
C GLY P 102 -5.08 -37.55 -42.68
N GLN P 103 -5.20 -36.71 -43.69
CA GLN P 103 -6.51 -36.33 -44.23
C GLN P 103 -7.17 -37.48 -44.98
N GLY P 104 -6.37 -38.48 -45.33
CA GLY P 104 -6.88 -39.65 -46.03
C GLY P 104 -6.62 -39.62 -47.53
N THR P 105 -6.57 -40.82 -48.12
CA THR P 105 -6.44 -40.96 -49.57
C THR P 105 -7.49 -41.92 -50.09
N LYS P 106 -8.44 -41.42 -50.88
CA LYS P 106 -9.48 -42.27 -51.44
C LYS P 106 -9.01 -42.93 -52.73
N VAL P 107 -8.92 -44.26 -52.70
CA VAL P 107 -8.51 -45.01 -53.87
C VAL P 107 -9.75 -45.55 -54.58
N GLU P 108 -10.07 -44.93 -55.71
CA GLU P 108 -11.25 -45.30 -56.47
C GLU P 108 -10.89 -46.14 -57.69
N ILE P 109 -11.90 -46.78 -58.28
CA ILE P 109 -11.67 -47.64 -59.44
C ILE P 109 -11.70 -46.86 -60.74
N LYS P 110 -10.63 -47.01 -61.53
CA LYS P 110 -10.49 -46.35 -62.82
C LYS P 110 -11.27 -47.05 -63.92
N ARG P 111 -11.92 -46.25 -64.77
CA ARG P 111 -12.64 -46.75 -65.93
C ARG P 111 -12.55 -45.71 -67.05
N THR P 112 -13.09 -46.02 -68.24
CA THR P 112 -13.02 -45.07 -69.35
C THR P 112 -14.07 -43.96 -69.21
N VAL P 113 -13.78 -42.79 -69.77
CA VAL P 113 -14.68 -41.65 -69.68
C VAL P 113 -16.03 -41.96 -70.32
N ALA P 114 -17.10 -41.56 -69.65
CA ALA P 114 -18.46 -41.81 -70.12
C ALA P 114 -19.35 -40.60 -69.85
N ALA P 115 -19.99 -40.09 -70.90
CA ALA P 115 -20.82 -38.89 -70.78
C ALA P 115 -22.04 -39.15 -69.91
N PRO P 116 -22.38 -38.18 -69.05
CA PRO P 116 -23.56 -38.21 -68.18
C PRO P 116 -24.85 -37.94 -68.93
N SER P 117 -25.84 -38.81 -68.77
CA SER P 117 -27.18 -38.53 -69.26
C SER P 117 -27.90 -37.63 -68.26
N VAL P 118 -28.40 -36.49 -68.74
CA VAL P 118 -28.95 -35.47 -67.86
C VAL P 118 -30.48 -35.40 -67.92
N PHE P 119 -31.09 -35.18 -66.76
CA PHE P 119 -32.54 -35.10 -66.64
C PHE P 119 -32.93 -33.95 -65.72
N ILE P 120 -33.97 -33.21 -66.10
CA ILE P 120 -34.49 -32.16 -65.23
C ILE P 120 -35.90 -32.52 -64.78
N PHE P 121 -36.22 -32.19 -63.52
CA PHE P 121 -37.51 -32.51 -62.95
C PHE P 121 -38.14 -31.27 -62.35
N PRO P 122 -39.27 -30.83 -62.92
CA PRO P 122 -39.98 -29.70 -62.33
C PRO P 122 -40.59 -30.10 -60.99
N PRO P 123 -40.87 -29.11 -60.13
CA PRO P 123 -41.54 -29.42 -58.86
C PRO P 123 -42.95 -29.92 -59.13
N SER P 124 -43.34 -30.98 -58.44
CA SER P 124 -44.65 -31.61 -58.67
C SER P 124 -45.78 -30.70 -58.23
N ASP P 125 -46.98 -30.98 -58.73
CA ASP P 125 -48.17 -30.25 -58.33
C ASP P 125 -48.39 -30.50 -56.85
N SER P 126 -48.06 -31.71 -56.42
CA SER P 126 -48.17 -32.11 -55.03
C SER P 126 -47.36 -31.20 -54.11
N GLN P 127 -46.10 -30.96 -54.50
CA GLN P 127 -45.19 -30.15 -53.70
C GLN P 127 -45.59 -28.68 -53.64
N LEU P 128 -45.99 -28.12 -54.77
CA LEU P 128 -46.34 -26.70 -54.83
C LEU P 128 -47.50 -26.35 -53.89
N LYS P 129 -48.42 -27.29 -53.70
CA LYS P 129 -49.53 -27.09 -52.79
C LYS P 129 -49.08 -26.98 -51.34
N SER P 130 -47.93 -27.57 -51.03
CA SER P 130 -47.43 -27.60 -49.65
C SER P 130 -46.68 -26.33 -49.27
N GLY P 131 -46.27 -25.53 -50.26
CA GLY P 131 -45.69 -24.23 -49.98
C GLY P 131 -44.27 -24.02 -50.46
N THR P 132 -43.63 -25.07 -50.96
CA THR P 132 -42.24 -24.98 -51.40
C THR P 132 -42.05 -25.46 -52.83
N ALA P 133 -40.87 -25.22 -53.38
CA ALA P 133 -40.59 -25.63 -54.75
C ALA P 133 -39.15 -26.14 -54.87
N SER P 134 -39.01 -27.43 -55.17
CA SER P 134 -37.69 -28.01 -55.41
C SER P 134 -37.55 -28.50 -56.85
N VAL P 135 -36.48 -28.09 -57.51
CA VAL P 135 -36.22 -28.51 -58.90
C VAL P 135 -34.95 -29.34 -58.94
N VAL P 136 -35.04 -30.52 -59.54
CA VAL P 136 -33.94 -31.47 -59.50
C VAL P 136 -33.28 -31.71 -60.85
N CYS P 137 -31.95 -31.64 -60.85
CA CYS P 137 -31.18 -31.94 -62.03
C CYS P 137 -30.40 -33.25 -61.82
N LEU P 138 -30.64 -34.23 -62.68
CA LEU P 138 -30.02 -35.55 -62.52
C LEU P 138 -28.92 -35.82 -63.55
N LEU P 139 -27.70 -36.04 -63.06
CA LEU P 139 -26.61 -36.52 -63.89
C LEU P 139 -26.41 -38.01 -63.64
N ASN P 140 -26.68 -38.84 -64.64
CA ASN P 140 -26.70 -40.28 -64.42
C ASN P 140 -25.55 -41.02 -65.07
N ASN P 141 -24.88 -41.88 -64.29
CA ASN P 141 -23.83 -42.76 -64.78
C ASN P 141 -22.74 -42.06 -65.59
N PHE P 142 -21.91 -41.29 -64.90
CA PHE P 142 -20.84 -40.54 -65.55
C PHE P 142 -19.48 -40.79 -64.92
N TYR P 143 -18.43 -40.47 -65.68
CA TYR P 143 -17.07 -40.60 -65.21
C TYR P 143 -16.16 -39.69 -66.02
N PRO P 144 -15.19 -39.03 -65.36
CA PRO P 144 -14.92 -39.14 -63.92
C PRO P 144 -15.94 -38.41 -63.07
N ARG P 145 -15.71 -38.39 -61.76
CA ARG P 145 -16.65 -37.81 -60.82
C ARG P 145 -16.72 -36.29 -60.94
N GLU P 146 -15.60 -35.66 -61.29
CA GLU P 146 -15.54 -34.20 -61.38
C GLU P 146 -16.49 -33.66 -62.43
N ALA P 147 -17.32 -32.72 -62.02
CA ALA P 147 -18.30 -32.10 -62.89
C ALA P 147 -18.83 -30.81 -62.27
N LYS P 148 -19.35 -29.92 -63.11
CA LYS P 148 -19.88 -28.65 -62.63
C LYS P 148 -21.32 -28.46 -63.08
N VAL P 149 -22.21 -28.25 -62.11
CA VAL P 149 -23.61 -27.97 -62.40
C VAL P 149 -23.94 -26.56 -61.94
N GLN P 150 -24.59 -25.79 -62.82
CA GLN P 150 -24.97 -24.42 -62.48
C GLN P 150 -26.44 -24.14 -62.79
N TRP P 151 -27.15 -23.58 -61.83
CA TRP P 151 -28.55 -23.23 -62.02
C TRP P 151 -28.70 -21.80 -62.52
N LYS P 152 -29.48 -21.63 -63.58
CA LYS P 152 -29.77 -20.31 -64.13
C LYS P 152 -31.28 -20.06 -64.12
N VAL P 153 -31.70 -19.09 -63.30
CA VAL P 153 -33.10 -18.71 -63.22
C VAL P 153 -33.38 -17.43 -64.01
N ASP P 154 -34.14 -17.57 -65.09
CA ASP P 154 -34.36 -16.48 -66.03
C ASP P 154 -33.02 -15.98 -66.58
N ASN P 155 -32.13 -16.92 -66.88
CA ASN P 155 -30.82 -16.64 -67.45
C ASN P 155 -29.91 -15.95 -66.43
N ALA P 156 -30.37 -15.86 -65.20
CA ALA P 156 -29.59 -15.29 -64.12
C ALA P 156 -28.86 -16.40 -63.35
N LEU P 157 -27.61 -16.14 -63.00
CA LEU P 157 -26.80 -17.14 -62.31
C LEU P 157 -27.22 -17.20 -60.85
N GLN P 158 -27.23 -18.40 -60.28
CA GLN P 158 -27.66 -18.58 -58.90
C GLN P 158 -26.49 -19.00 -58.04
N SER P 159 -26.53 -18.61 -56.76
CA SER P 159 -25.50 -19.00 -55.81
C SER P 159 -26.04 -19.06 -54.39
N GLY P 160 -25.81 -20.19 -53.73
CA GLY P 160 -26.16 -20.33 -52.32
C GLY P 160 -27.54 -20.92 -52.10
N ASN P 161 -28.27 -21.20 -53.17
CA ASN P 161 -29.60 -21.78 -53.05
C ASN P 161 -29.71 -23.13 -53.75
N SER P 162 -28.59 -23.81 -53.91
CA SER P 162 -28.56 -25.13 -54.53
C SER P 162 -27.68 -26.08 -53.72
N GLN P 163 -28.04 -27.36 -53.75
CA GLN P 163 -27.28 -28.40 -53.06
C GLN P 163 -27.06 -29.60 -53.96
N GLU P 164 -25.85 -30.15 -53.93
CA GLU P 164 -25.51 -31.31 -54.74
C GLU P 164 -25.35 -32.54 -53.86
N SER P 165 -25.65 -33.71 -54.43
CA SER P 165 -25.41 -34.97 -53.74
C SER P 165 -24.97 -36.03 -54.75
N VAL P 166 -23.92 -36.77 -54.41
CA VAL P 166 -23.37 -37.78 -55.32
C VAL P 166 -23.29 -39.16 -54.68
N THR P 167 -23.57 -40.18 -55.48
CA THR P 167 -23.50 -41.56 -55.00
C THR P 167 -22.07 -42.08 -55.07
N GLU P 168 -21.81 -43.19 -54.38
CA GLU P 168 -20.54 -43.87 -54.49
C GLU P 168 -20.45 -44.54 -55.85
N GLN P 169 -19.25 -44.92 -56.26
CA GLN P 169 -19.09 -45.59 -57.54
C GLN P 169 -19.94 -46.84 -57.61
N ASP P 170 -20.68 -46.99 -58.71
CA ASP P 170 -21.53 -48.15 -58.91
C ASP P 170 -20.71 -49.42 -59.00
N SER P 171 -21.16 -50.46 -58.30
CA SER P 171 -20.43 -51.71 -58.22
C SER P 171 -20.44 -52.49 -59.54
N LYS P 172 -21.36 -52.12 -60.43
CA LYS P 172 -21.49 -52.82 -61.71
C LYS P 172 -20.72 -52.15 -62.85
N ASP P 173 -20.73 -50.82 -62.90
CA ASP P 173 -20.13 -50.12 -64.02
C ASP P 173 -19.17 -49.00 -63.58
N SER P 174 -19.00 -48.86 -62.28
CA SER P 174 -17.99 -47.94 -61.73
C SER P 174 -18.24 -46.48 -62.11
N THR P 175 -19.48 -46.14 -62.39
CA THR P 175 -19.85 -44.77 -62.75
C THR P 175 -20.42 -44.01 -61.57
N TYR P 176 -20.51 -42.69 -61.68
CA TYR P 176 -21.15 -41.91 -60.63
C TYR P 176 -22.53 -41.45 -61.07
N SER P 177 -23.36 -41.10 -60.08
CA SER P 177 -24.58 -40.36 -60.34
C SER P 177 -24.64 -39.17 -59.38
N LEU P 178 -25.22 -38.08 -59.83
CA LEU P 178 -25.26 -36.85 -59.03
C LEU P 178 -26.60 -36.15 -59.17
N SER P 179 -27.14 -35.67 -58.05
CA SER P 179 -28.37 -34.90 -58.09
C SER P 179 -28.13 -33.49 -57.56
N SER P 180 -28.55 -32.50 -58.33
CA SER P 180 -28.48 -31.11 -57.89
C SER P 180 -29.89 -30.59 -57.68
N THR P 181 -30.12 -30.01 -56.50
CA THR P 181 -31.45 -29.55 -56.12
C THR P 181 -31.48 -28.04 -55.88
N LEU P 182 -32.23 -27.34 -56.73
CA LEU P 182 -32.44 -25.91 -56.56
C LEU P 182 -33.69 -25.67 -55.72
N THR P 183 -33.53 -25.01 -54.58
CA THR P 183 -34.64 -24.80 -53.67
C THR P 183 -35.07 -23.34 -53.60
N LEU P 184 -36.30 -23.08 -54.03
CA LEU P 184 -36.89 -21.75 -53.94
C LEU P 184 -38.25 -21.84 -53.26
N SER P 185 -38.70 -20.75 -52.66
CA SER P 185 -40.06 -20.69 -52.13
C SER P 185 -41.03 -20.65 -53.31
N LYS P 186 -42.27 -21.07 -53.08
CA LYS P 186 -43.27 -21.11 -54.15
C LYS P 186 -43.49 -19.71 -54.71
N ALA P 187 -43.27 -18.70 -53.87
CA ALA P 187 -43.40 -17.31 -54.27
C ALA P 187 -42.33 -16.98 -55.30
N ASP P 188 -41.07 -17.24 -54.96
CA ASP P 188 -39.95 -16.99 -55.86
C ASP P 188 -40.08 -17.84 -57.12
N TYR P 189 -40.67 -19.01 -56.97
CA TYR P 189 -40.85 -19.93 -58.08
C TYR P 189 -41.80 -19.37 -59.14
N GLU P 190 -42.88 -18.75 -58.70
CA GLU P 190 -43.89 -18.24 -59.63
C GLU P 190 -43.59 -16.82 -60.11
N LYS P 191 -42.48 -16.25 -59.64
CA LYS P 191 -42.04 -14.94 -60.11
C LYS P 191 -41.24 -15.02 -61.39
N HIS P 192 -40.36 -16.01 -61.49
CA HIS P 192 -39.45 -16.13 -62.63
C HIS P 192 -39.95 -17.14 -63.67
N LYS P 193 -39.33 -17.11 -64.84
CA LYS P 193 -39.78 -17.88 -65.99
C LYS P 193 -38.89 -19.06 -66.37
N VAL P 194 -37.61 -18.77 -66.62
CA VAL P 194 -36.69 -19.77 -67.14
C VAL P 194 -35.96 -20.55 -66.05
N TYR P 195 -36.06 -21.88 -66.11
CA TYR P 195 -35.35 -22.72 -65.16
C TYR P 195 -34.41 -23.65 -65.95
N ALA P 196 -33.11 -23.48 -65.74
CA ALA P 196 -32.12 -24.22 -66.52
C ALA P 196 -31.04 -24.84 -65.64
N CYS P 197 -30.63 -26.06 -65.98
CA CYS P 197 -29.52 -26.71 -65.31
C CYS P 197 -28.36 -26.88 -66.28
N GLU P 198 -27.21 -26.31 -65.95
CA GLU P 198 -26.05 -26.37 -66.84
C GLU P 198 -25.03 -27.41 -66.40
N VAL P 199 -24.74 -28.36 -67.27
CA VAL P 199 -23.83 -29.46 -66.93
C VAL P 199 -22.50 -29.36 -67.68
N THR P 200 -21.42 -29.23 -66.93
CA THR P 200 -20.07 -29.24 -67.50
C THR P 200 -19.34 -30.52 -67.10
N HIS P 201 -18.97 -31.32 -68.09
CA HIS P 201 -18.28 -32.57 -67.84
C HIS P 201 -17.28 -32.89 -68.94
N GLN P 202 -16.22 -33.63 -68.59
CA GLN P 202 -15.16 -33.95 -69.54
C GLN P 202 -15.69 -34.84 -70.68
N GLY P 203 -16.73 -35.60 -70.38
CA GLY P 203 -17.34 -36.51 -71.35
C GLY P 203 -18.17 -35.77 -72.37
N LEU P 204 -18.34 -34.47 -72.14
CA LEU P 204 -19.13 -33.62 -73.02
C LEU P 204 -18.23 -32.76 -73.88
N SER P 205 -18.57 -32.64 -75.17
CA SER P 205 -17.81 -31.80 -76.08
C SER P 205 -18.12 -30.35 -75.74
N SER P 206 -19.40 -30.07 -75.57
CA SER P 206 -19.86 -28.75 -75.16
C SER P 206 -20.86 -29.01 -74.06
N PRO P 207 -21.02 -28.04 -73.13
CA PRO P 207 -21.88 -28.35 -71.99
C PRO P 207 -23.32 -28.58 -72.44
N VAL P 208 -23.97 -29.59 -71.85
CA VAL P 208 -25.35 -29.89 -72.19
C VAL P 208 -26.29 -29.23 -71.19
N THR P 209 -27.38 -28.69 -71.72
CA THR P 209 -28.35 -27.97 -70.89
C THR P 209 -29.77 -28.48 -71.13
N LYS P 210 -30.32 -29.12 -70.10
CA LYS P 210 -31.73 -29.48 -70.11
C LYS P 210 -32.46 -28.45 -69.27
N SER P 211 -33.66 -28.04 -69.70
CA SER P 211 -34.37 -26.98 -69.00
C SER P 211 -35.88 -27.06 -69.21
N PHE P 212 -36.61 -26.25 -68.45
CA PHE P 212 -38.05 -26.12 -68.59
C PHE P 212 -38.54 -24.77 -68.06
N ASN P 213 -39.66 -24.30 -68.60
CA ASN P 213 -40.31 -23.08 -68.11
C ASN P 213 -41.55 -23.39 -67.28
N ARG P 214 -41.80 -22.55 -66.28
CA ARG P 214 -42.87 -22.76 -65.31
C ARG P 214 -44.23 -22.88 -65.98
N GLY P 215 -44.90 -23.99 -65.72
CA GLY P 215 -46.21 -24.26 -66.27
C GLY P 215 -46.18 -24.52 -67.77
N GLU P 216 -45.18 -25.28 -68.21
CA GLU P 216 -45.06 -25.65 -69.61
C GLU P 216 -45.33 -27.13 -69.83
N CYS P 217 -46.16 -27.70 -68.98
CA CYS P 217 -46.51 -29.13 -69.07
C CYS P 217 -45.28 -30.01 -68.96
N VAL Q 5 45.04 -67.98 7.71
CA VAL Q 5 44.04 -67.32 8.56
C VAL Q 5 44.49 -67.18 10.00
N GLN Q 6 44.51 -65.95 10.49
CA GLN Q 6 44.86 -65.72 11.88
C GLN Q 6 44.33 -64.41 12.44
N LEU Q 7 44.16 -64.38 13.75
CA LEU Q 7 43.83 -63.16 14.46
C LEU Q 7 44.96 -62.90 15.46
N VAL Q 8 45.37 -61.64 15.58
CA VAL Q 8 46.43 -61.29 16.53
C VAL Q 8 46.02 -60.09 17.36
N GLU Q 9 45.81 -60.30 18.66
CA GLU Q 9 45.45 -59.21 19.56
C GLU Q 9 46.69 -58.40 19.97
N SER Q 10 46.46 -57.15 20.33
CA SER Q 10 47.49 -56.29 20.90
C SER Q 10 46.86 -55.17 21.71
N GLY Q 11 47.63 -54.56 22.59
CA GLY Q 11 47.14 -53.44 23.38
C GLY Q 11 47.05 -53.70 24.87
N GLY Q 12 47.07 -54.97 25.25
CA GLY Q 12 46.97 -55.36 26.64
C GLY Q 12 48.09 -54.79 27.49
N GLY Q 13 47.79 -54.45 28.74
CA GLY Q 13 48.78 -53.91 29.64
C GLY Q 13 48.23 -53.56 31.00
N LEU Q 14 48.97 -52.76 31.75
CA LEU Q 14 48.56 -52.36 33.09
C LEU Q 14 47.90 -50.99 33.08
N VAL Q 15 46.70 -50.90 33.65
CA VAL Q 15 46.00 -49.62 33.78
C VAL Q 15 45.36 -49.46 35.15
N GLN Q 16 45.15 -48.21 35.56
CA GLN Q 16 44.55 -47.92 36.86
C GLN Q 16 43.03 -47.95 36.78
N PRO Q 17 42.38 -48.26 37.91
CA PRO Q 17 40.92 -48.27 38.04
C PRO Q 17 40.30 -46.96 37.58
N GLY Q 18 39.32 -47.03 36.67
CA GLY Q 18 38.67 -45.83 36.17
C GLY Q 18 39.34 -45.33 34.91
N GLY Q 19 40.44 -45.98 34.53
CA GLY Q 19 41.22 -45.60 33.37
C GLY Q 19 40.76 -46.29 32.09
N SER Q 20 41.35 -45.88 30.97
CA SER Q 20 41.00 -46.45 29.68
C SER Q 20 42.12 -47.27 29.06
N LEU Q 21 41.74 -48.19 28.17
CA LEU Q 21 42.69 -49.00 27.43
C LEU Q 21 42.01 -49.53 26.16
N ARG Q 22 42.74 -49.49 25.06
CA ARG Q 22 42.21 -49.89 23.75
C ARG Q 22 42.87 -51.13 23.20
N LEU Q 23 42.10 -52.19 22.98
CA LEU Q 23 42.64 -53.41 22.41
C LEU Q 23 42.41 -53.45 20.91
N SER Q 24 43.34 -54.05 20.17
CA SER Q 24 43.19 -54.23 18.73
C SER Q 24 43.25 -55.70 18.37
N CYS Q 25 42.51 -56.08 17.34
CA CYS Q 25 42.52 -57.45 16.83
C CYS Q 25 42.70 -57.43 15.31
N ALA Q 26 43.92 -57.70 14.85
CA ALA Q 26 44.23 -57.65 13.43
C ALA Q 26 43.97 -58.99 12.74
N ALA Q 27 43.19 -58.95 11.66
CA ALA Q 27 42.83 -60.18 10.96
C ALA Q 27 43.62 -60.30 9.68
N SER Q 28 43.93 -61.53 9.30
CA SER Q 28 44.55 -61.81 8.01
C SER Q 28 44.08 -63.14 7.47
N GLY Q 29 44.07 -63.27 6.14
CA GLY Q 29 43.66 -64.50 5.50
C GLY Q 29 42.17 -64.55 5.16
N PHE Q 30 41.44 -63.52 5.57
CA PHE Q 30 40.02 -63.45 5.28
C PHE Q 30 39.51 -62.01 5.36
N ASN Q 31 38.40 -61.74 4.69
CA ASN Q 31 37.82 -60.40 4.68
C ASN Q 31 36.91 -60.16 5.87
N LEU Q 32 37.31 -59.22 6.73
CA LEU Q 32 36.66 -59.02 8.01
C LEU Q 32 35.23 -58.53 7.86
N TYR Q 33 34.91 -58.03 6.68
CA TYR Q 33 33.59 -57.49 6.39
C TYR Q 33 32.52 -58.57 6.44
N TYR Q 34 32.82 -59.75 5.87
CA TYR Q 34 31.83 -60.82 5.72
C TYR Q 34 31.68 -61.67 6.97
N TYR Q 35 32.38 -61.29 8.04
CA TYR Q 35 32.38 -62.08 9.26
C TYR Q 35 32.02 -61.27 10.49
N SER Q 36 31.86 -61.95 11.62
CA SER Q 36 31.63 -61.28 12.89
C SER Q 36 32.80 -61.50 13.84
N ILE Q 37 33.12 -60.51 14.64
CA ILE Q 37 34.20 -60.65 15.61
C ILE Q 37 33.72 -60.45 17.04
N HIS Q 38 34.23 -61.29 17.92
CA HIS Q 38 33.79 -61.32 19.31
C HIS Q 38 34.98 -61.26 20.25
N TRP Q 39 34.81 -60.57 21.36
CA TRP Q 39 35.83 -60.57 22.41
C TRP Q 39 35.41 -61.45 23.58
N VAL Q 40 36.29 -62.38 23.95
CA VAL Q 40 36.04 -63.28 25.07
C VAL Q 40 37.21 -63.20 26.04
N ARG Q 41 36.91 -62.92 27.30
CA ARG Q 41 37.97 -62.74 28.28
C ARG Q 41 37.97 -63.86 29.31
N GLN Q 42 39.09 -64.02 29.99
CA GLN Q 42 39.24 -65.11 30.95
C GLN Q 42 40.08 -64.64 32.13
N ALA Q 43 39.42 -64.36 33.25
CA ALA Q 43 40.12 -63.91 34.44
C ALA Q 43 41.02 -65.00 34.97
N PRO Q 44 42.07 -64.62 35.71
CA PRO Q 44 43.03 -65.58 36.24
C PRO Q 44 42.33 -66.65 37.05
N GLY Q 45 42.46 -67.91 36.63
CA GLY Q 45 41.86 -69.01 37.33
C GLY Q 45 40.36 -69.16 37.11
N LYS Q 46 39.81 -68.36 36.19
CA LYS Q 46 38.38 -68.40 35.89
C LYS Q 46 38.08 -68.98 34.51
N GLY Q 47 36.80 -69.06 34.17
CA GLY Q 47 36.37 -69.60 32.88
C GLY Q 47 36.19 -68.55 31.79
N LEU Q 48 35.57 -68.94 30.68
CA LEU Q 48 35.41 -68.01 29.55
C LEU Q 48 34.22 -67.09 29.76
N GLU Q 49 34.40 -65.82 29.44
CA GLU Q 49 33.33 -64.84 29.54
C GLU Q 49 33.30 -63.97 28.28
N TRP Q 50 32.27 -64.16 27.45
CA TRP Q 50 32.04 -63.28 26.30
C TRP Q 50 31.70 -61.88 26.78
N VAL Q 51 32.26 -60.86 26.15
CA VAL Q 51 32.02 -59.49 26.59
C VAL Q 51 31.37 -58.60 25.53
N ALA Q 52 31.75 -58.79 24.26
CA ALA Q 52 31.26 -57.92 23.20
C ALA Q 52 31.36 -58.57 21.82
N SER Q 53 30.46 -58.15 20.93
CA SER Q 53 30.44 -58.66 19.56
C SER Q 53 30.17 -57.56 18.55
N ILE Q 54 30.71 -57.72 17.34
CA ILE Q 54 30.43 -56.79 16.24
C ILE Q 54 30.28 -57.49 14.90
N SER Q 55 29.27 -57.07 14.14
CA SER Q 55 29.09 -57.55 12.78
C SER Q 55 29.20 -56.37 11.82
N PRO Q 56 30.38 -56.19 11.20
CA PRO Q 56 30.58 -55.05 10.31
C PRO Q 56 29.62 -55.06 9.11
N TYR Q 57 29.19 -56.23 8.67
CA TYR Q 57 28.30 -56.32 7.51
C TYR Q 57 26.91 -55.77 7.82
N SER Q 58 26.51 -55.84 9.09
CA SER Q 58 25.19 -55.35 9.49
C SER Q 58 25.26 -54.19 10.46
N SER Q 59 26.47 -53.71 10.74
CA SER Q 59 26.66 -52.60 11.65
C SER Q 59 26.04 -52.83 13.03
N SER Q 60 25.83 -54.08 13.38
CA SER Q 60 25.19 -54.41 14.64
C SER Q 60 26.26 -54.75 15.68
N THR Q 61 26.06 -54.29 16.91
CA THR Q 61 26.96 -54.63 18.01
C THR Q 61 26.16 -55.01 19.25
N SER Q 62 26.78 -55.80 20.11
CA SER Q 62 26.15 -56.30 21.33
C SER Q 62 27.19 -56.46 22.45
N TYR Q 63 26.76 -56.27 23.68
CA TYR Q 63 27.67 -56.31 24.83
C TYR Q 63 27.11 -57.17 25.97
N ALA Q 64 28.00 -57.78 26.74
CA ALA Q 64 27.59 -58.43 27.97
C ALA Q 64 27.20 -57.34 28.96
N ASP Q 65 26.18 -57.61 29.75
CA ASP Q 65 25.64 -56.60 30.67
C ASP Q 65 26.68 -56.08 31.66
N SER Q 66 27.68 -56.91 31.95
CA SER Q 66 28.73 -56.52 32.91
C SER Q 66 29.61 -55.38 32.40
N VAL Q 67 29.69 -55.22 31.08
CA VAL Q 67 30.58 -54.22 30.48
C VAL Q 67 29.88 -53.25 29.53
N LYS Q 68 28.56 -53.38 29.41
CA LYS Q 68 27.82 -52.67 28.37
C LYS Q 68 28.04 -51.15 28.33
N GLY Q 69 27.65 -50.46 29.38
CA GLY Q 69 27.82 -49.02 29.43
C GLY Q 69 29.27 -48.57 29.43
N ARG Q 70 30.19 -49.51 29.59
CA ARG Q 70 31.61 -49.18 29.74
C ARG Q 70 32.46 -49.50 28.51
N PHE Q 71 32.13 -50.59 27.81
CA PHE Q 71 32.92 -51.02 26.65
C PHE Q 71 32.29 -50.63 25.34
N THR Q 72 33.15 -50.41 24.34
CA THR Q 72 32.71 -50.08 23.00
C THR Q 72 33.53 -50.83 21.96
N ILE Q 73 32.84 -51.61 21.14
CA ILE Q 73 33.48 -52.38 20.09
C ILE Q 73 33.28 -51.76 18.71
N SER Q 74 34.31 -51.83 17.87
CA SER Q 74 34.27 -51.23 16.54
C SER Q 74 35.18 -51.98 15.58
N ALA Q 75 35.12 -51.60 14.30
CA ALA Q 75 35.95 -52.27 13.29
C ALA Q 75 36.40 -51.30 12.20
N ASP Q 76 37.62 -51.49 11.74
CA ASP Q 76 38.12 -50.71 10.61
C ASP Q 76 38.43 -51.69 9.48
N THR Q 77 37.53 -51.75 8.51
CA THR Q 77 37.65 -52.73 7.43
C THR Q 77 38.82 -52.43 6.50
N SER Q 78 39.17 -51.16 6.35
CA SER Q 78 40.28 -50.79 5.48
C SER Q 78 41.58 -51.43 5.96
N LYS Q 79 41.78 -51.47 7.27
CA LYS Q 79 42.99 -52.06 7.84
C LYS Q 79 42.72 -53.48 8.34
N ASN Q 80 41.50 -53.95 8.11
CA ASN Q 80 41.12 -55.32 8.45
C ASN Q 80 41.38 -55.63 9.92
N THR Q 81 40.89 -54.76 10.79
CA THR Q 81 41.14 -54.86 12.22
C THR Q 81 39.92 -54.48 13.04
N ALA Q 82 39.68 -55.20 14.14
CA ALA Q 82 38.63 -54.84 15.08
C ALA Q 82 39.24 -54.27 16.35
N TYR Q 83 38.47 -53.47 17.09
CA TYR Q 83 38.98 -52.81 18.28
C TYR Q 83 38.04 -52.95 19.48
N LEU Q 84 38.60 -52.92 20.68
CA LEU Q 84 37.80 -52.87 21.90
C LEU Q 84 38.22 -51.71 22.77
N GLN Q 85 37.40 -50.67 22.81
CA GLN Q 85 37.68 -49.51 23.64
C GLN Q 85 37.10 -49.76 25.04
N MET Q 86 37.96 -49.86 26.04
CA MET Q 86 37.52 -50.11 27.41
C MET Q 86 37.67 -48.87 28.28
N ASN Q 87 36.56 -48.39 28.82
CA ASN Q 87 36.57 -47.27 29.74
C ASN Q 87 35.99 -47.65 31.09
N SER Q 88 36.28 -46.84 32.12
CA SER Q 88 35.81 -47.11 33.48
C SER Q 88 36.19 -48.53 33.91
N LEU Q 89 37.45 -48.88 33.68
CA LEU Q 89 37.93 -50.23 33.98
C LEU Q 89 37.89 -50.52 35.48
N ARG Q 90 37.65 -51.78 35.82
CA ARG Q 90 37.63 -52.21 37.22
C ARG Q 90 38.56 -53.41 37.36
N ALA Q 91 38.89 -53.76 38.60
CA ALA Q 91 39.74 -54.92 38.85
C ALA Q 91 39.10 -56.17 38.26
N GLU Q 92 37.78 -56.21 38.29
CA GLU Q 92 37.01 -57.34 37.78
C GLU Q 92 37.26 -57.56 36.29
N ASP Q 93 37.72 -56.52 35.61
CA ASP Q 93 37.95 -56.60 34.17
C ASP Q 93 39.32 -57.21 33.89
N THR Q 94 40.09 -57.45 34.95
CA THR Q 94 41.40 -58.05 34.82
C THR Q 94 41.27 -59.45 34.23
N ALA Q 95 41.92 -59.68 33.09
CA ALA Q 95 41.79 -60.96 32.40
C ALA Q 95 42.62 -60.99 31.14
N VAL Q 96 42.77 -62.19 30.57
CA VAL Q 96 43.32 -62.33 29.22
C VAL Q 96 42.21 -62.10 28.21
N TYR Q 97 42.43 -61.20 27.26
CA TYR Q 97 41.40 -60.89 26.27
C TYR Q 97 41.67 -61.52 24.91
N TYR Q 98 40.77 -62.42 24.52
CA TYR Q 98 40.82 -63.04 23.19
C TYR Q 98 39.85 -62.37 22.23
N CYS Q 99 40.21 -62.35 20.95
CA CYS Q 99 39.28 -62.02 19.88
C CYS Q 99 39.12 -63.27 19.02
N ALA Q 100 37.93 -63.48 18.47
CA ALA Q 100 37.65 -64.71 17.73
C ALA Q 100 36.68 -64.53 16.57
N ARG Q 101 36.70 -65.44 15.60
CA ARG Q 101 35.75 -65.43 14.48
C ARG Q 101 34.80 -66.63 14.65
N GLY Q 102 33.54 -66.54 14.21
CA GLY Q 102 32.95 -65.34 13.68
C GLY Q 102 32.32 -65.44 12.30
N ARG Q 103 31.31 -66.29 12.11
CA ARG Q 103 30.62 -66.33 10.81
C ARG Q 103 29.24 -65.70 10.88
N TRP Q 104 28.80 -65.12 9.76
CA TRP Q 104 27.55 -64.37 9.76
C TRP Q 104 26.37 -65.29 10.02
N TYR Q 105 26.48 -66.51 9.51
CA TYR Q 105 25.39 -67.48 9.66
C TYR Q 105 25.62 -68.46 10.79
N ARG Q 106 26.73 -68.30 11.51
CA ARG Q 106 27.07 -69.22 12.59
C ARG Q 106 28.01 -68.57 13.59
N ARG Q 107 27.43 -68.19 14.72
CA ARG Q 107 28.12 -67.46 15.77
C ARG Q 107 28.88 -68.40 16.71
N ALA Q 108 29.43 -69.46 16.14
CA ALA Q 108 30.40 -70.29 16.85
C ALA Q 108 31.76 -69.73 16.52
N LEU Q 109 32.71 -69.84 17.46
CA LEU Q 109 34.01 -69.23 17.29
C LEU Q 109 35.06 -70.22 16.81
N ASP Q 110 35.42 -70.14 15.54
CA ASP Q 110 36.28 -71.15 14.93
C ASP Q 110 37.77 -70.76 14.94
N TYR Q 111 38.04 -69.46 14.91
CA TYR Q 111 39.42 -68.95 14.97
C TYR Q 111 39.63 -68.00 16.14
N TRP Q 112 40.65 -68.25 16.96
CA TRP Q 112 40.94 -67.42 18.12
C TRP Q 112 42.35 -66.84 18.08
N GLY Q 113 42.54 -65.68 18.69
CA GLY Q 113 43.87 -65.13 18.88
C GLY Q 113 44.57 -65.78 20.07
N GLN Q 114 45.82 -65.38 20.32
CA GLN Q 114 46.61 -65.96 21.39
C GLN Q 114 46.23 -65.38 22.75
N GLY Q 115 45.54 -64.24 22.71
CA GLY Q 115 45.10 -63.58 23.93
C GLY Q 115 46.03 -62.44 24.29
N THR Q 116 45.48 -61.39 24.91
CA THR Q 116 46.30 -60.29 25.39
C THR Q 116 45.87 -59.98 26.82
N LEU Q 117 46.85 -59.79 27.70
CA LEU Q 117 46.61 -59.63 29.13
C LEU Q 117 46.31 -58.19 29.55
N VAL Q 118 45.22 -58.01 30.29
CA VAL Q 118 44.87 -56.70 30.84
C VAL Q 118 44.85 -56.77 32.37
N THR Q 119 45.66 -55.93 33.02
CA THR Q 119 45.73 -55.93 34.47
C THR Q 119 45.23 -54.59 34.99
N VAL Q 120 44.17 -54.62 35.79
CA VAL Q 120 43.59 -53.40 36.34
C VAL Q 120 43.80 -53.27 37.85
N SER Q 121 44.65 -52.34 38.26
CA SER Q 121 44.89 -52.12 39.68
C SER Q 121 45.60 -50.80 39.94
N SER Q 122 45.29 -50.22 41.10
CA SER Q 122 45.91 -48.98 41.56
C SER Q 122 47.26 -49.22 42.22
N ALA Q 123 47.68 -50.48 42.28
CA ALA Q 123 48.93 -50.87 42.94
C ALA Q 123 50.16 -50.26 42.27
N SER Q 124 51.14 -49.87 43.09
CA SER Q 124 52.39 -49.30 42.58
C SER Q 124 53.47 -50.38 42.41
N THR Q 125 54.39 -50.13 41.49
CA THR Q 125 55.48 -51.07 41.24
C THR Q 125 56.37 -51.23 42.47
N LYS Q 126 56.56 -52.47 42.89
CA LYS Q 126 57.38 -52.73 44.07
C LYS Q 126 57.99 -54.14 43.97
N GLY Q 127 59.25 -54.26 44.33
CA GLY Q 127 59.93 -55.54 44.31
C GLY Q 127 59.55 -56.37 45.52
N PRO Q 128 59.71 -57.69 45.42
CA PRO Q 128 59.27 -58.56 46.52
C PRO Q 128 60.26 -58.61 47.67
N SER Q 129 59.79 -59.03 48.84
CA SER Q 129 60.66 -59.41 49.94
C SER Q 129 60.73 -60.92 49.97
N VAL Q 130 61.92 -61.47 50.11
CA VAL Q 130 62.06 -62.93 50.13
C VAL Q 130 62.42 -63.42 51.54
N PHE Q 131 61.56 -64.27 52.08
CA PHE Q 131 61.80 -64.84 53.40
C PHE Q 131 61.98 -66.34 53.27
N PRO Q 132 62.85 -66.91 54.10
CA PRO Q 132 63.12 -68.35 54.03
C PRO Q 132 62.02 -69.20 54.66
N LEU Q 133 61.70 -70.32 54.03
CA LEU Q 133 60.90 -71.35 54.67
C LEU Q 133 61.84 -72.45 55.14
N ALA Q 134 62.41 -72.28 56.32
CA ALA Q 134 63.47 -73.15 56.80
C ALA Q 134 62.98 -74.57 57.09
N PRO Q 135 63.81 -75.57 56.70
CA PRO Q 135 63.49 -76.98 56.94
C PRO Q 135 63.49 -77.28 58.43
N SER Q 136 62.53 -78.07 58.88
CA SER Q 136 62.41 -78.37 60.30
C SER Q 136 63.56 -79.25 60.82
N SER Q 137 63.97 -78.98 62.06
CA SER Q 137 64.98 -79.79 62.75
C SER Q 137 64.29 -81.06 63.17
N LYS Q 138 62.96 -80.92 63.32
CA LYS Q 138 62.07 -81.97 63.75
C LYS Q 138 61.12 -82.17 62.59
N SER Q 139 61.55 -82.95 61.62
CA SER Q 139 60.83 -83.03 60.34
C SER Q 139 60.59 -84.47 59.94
N THR Q 140 59.98 -84.64 58.78
CA THR Q 140 59.77 -85.97 58.20
C THR Q 140 61.12 -86.63 57.90
N SER Q 141 61.43 -87.78 58.51
CA SER Q 141 62.71 -88.42 58.13
C SER Q 141 62.45 -89.40 57.00
N GLY Q 142 63.56 -89.93 56.49
CA GLY Q 142 63.59 -90.74 55.28
C GLY Q 142 62.66 -90.22 54.18
N GLY Q 143 61.42 -89.93 54.56
CA GLY Q 143 60.44 -89.35 53.66
C GLY Q 143 61.08 -88.25 52.85
N THR Q 144 61.34 -87.12 53.52
CA THR Q 144 62.01 -85.93 52.98
C THR Q 144 61.89 -84.76 53.94
N ALA Q 145 62.65 -83.71 53.66
CA ALA Q 145 62.57 -82.48 54.44
C ALA Q 145 62.18 -81.39 53.46
N ALA Q 146 61.36 -80.46 53.92
CA ALA Q 146 60.88 -79.42 53.04
C ALA Q 146 61.46 -78.07 53.38
N LEU Q 147 61.84 -77.34 52.34
CA LEU Q 147 62.31 -75.98 52.48
C LEU Q 147 61.91 -75.18 51.25
N GLY Q 148 61.94 -73.86 51.36
CA GLY Q 148 61.56 -73.02 50.24
C GLY Q 148 61.70 -71.55 50.54
N CYS Q 149 61.13 -70.75 49.64
CA CYS Q 149 61.15 -69.30 49.78
C CYS Q 149 59.76 -68.71 49.68
N LEU Q 150 59.48 -67.81 50.60
CA LEU Q 150 58.26 -67.02 50.56
C LEU Q 150 58.60 -65.72 49.84
N VAL Q 151 58.03 -65.53 48.66
CA VAL Q 151 58.25 -64.33 47.89
C VAL Q 151 57.05 -63.41 48.08
N LYS Q 152 57.22 -62.37 48.89
CA LYS Q 152 56.08 -61.61 49.38
C LYS Q 152 56.05 -60.15 48.91
N ASP Q 153 54.84 -59.65 48.65
CA ASP Q 153 54.60 -58.23 48.38
C ASP Q 153 55.32 -57.70 47.14
N TYR Q 154 54.95 -58.20 45.97
CA TYR Q 154 55.51 -57.67 44.73
C TYR Q 154 54.44 -57.27 43.73
N PHE Q 155 54.84 -56.47 42.76
CA PHE Q 155 53.94 -56.00 41.70
C PHE Q 155 54.72 -55.28 40.61
N PRO Q 156 54.34 -55.52 39.35
CA PRO Q 156 53.28 -56.48 39.03
C PRO Q 156 53.82 -57.90 38.81
N GLU Q 157 52.97 -58.78 38.30
CA GLU Q 157 53.39 -60.10 37.85
C GLU Q 157 54.33 -59.92 36.67
N PRO Q 158 55.16 -60.93 36.37
CA PRO Q 158 55.26 -62.17 37.12
C PRO Q 158 56.53 -62.25 37.95
N VAL Q 159 56.72 -63.37 38.63
CA VAL Q 159 57.97 -63.65 39.32
C VAL Q 159 58.43 -65.06 38.97
N THR Q 160 59.71 -65.20 38.66
CA THR Q 160 60.28 -66.50 38.37
C THR Q 160 61.27 -66.86 39.46
N VAL Q 161 61.20 -68.09 39.93
CA VAL Q 161 62.07 -68.55 41.00
C VAL Q 161 62.88 -69.74 40.55
N SER Q 162 64.14 -69.79 40.98
CA SER Q 162 65.02 -70.89 40.66
C SER Q 162 65.63 -71.45 41.93
N TRP Q 163 66.37 -72.53 41.82
CA TRP Q 163 67.04 -73.11 42.98
C TRP Q 163 68.45 -73.50 42.62
N ASN Q 164 69.40 -72.93 43.35
CA ASN Q 164 70.82 -73.12 43.07
C ASN Q 164 71.13 -72.76 41.62
N SER Q 165 70.54 -71.64 41.18
CA SER Q 165 70.71 -71.12 39.84
C SER Q 165 70.33 -72.12 38.75
N GLY Q 166 69.37 -73.00 39.04
CA GLY Q 166 68.87 -73.92 38.05
C GLY Q 166 69.43 -75.33 38.17
N ALA Q 167 70.37 -75.52 39.09
CA ALA Q 167 70.99 -76.82 39.31
C ALA Q 167 70.01 -77.77 39.99
N LEU Q 168 69.15 -77.21 40.83
CA LEU Q 168 68.18 -78.00 41.58
C LEU Q 168 66.78 -77.88 40.97
N THR Q 169 66.32 -78.95 40.33
CA THR Q 169 65.03 -78.94 39.67
C THR Q 169 64.08 -80.01 40.19
N SER Q 170 64.63 -81.13 40.64
CA SER Q 170 63.82 -82.24 41.12
C SER Q 170 63.19 -81.96 42.47
N GLY Q 171 61.87 -82.10 42.56
CA GLY Q 171 61.16 -81.90 43.81
C GLY Q 171 60.69 -80.48 44.02
N VAL Q 172 60.99 -79.60 43.07
CA VAL Q 172 60.64 -78.19 43.23
C VAL Q 172 59.19 -77.92 42.88
N HIS Q 173 58.53 -77.12 43.72
CA HIS Q 173 57.16 -76.72 43.47
C HIS Q 173 56.99 -75.22 43.67
N THR Q 174 56.84 -74.49 42.57
CA THR Q 174 56.55 -73.06 42.65
C THR Q 174 55.05 -72.84 42.43
N PHE Q 175 54.37 -72.39 43.48
CA PHE Q 175 52.92 -72.26 43.45
C PHE Q 175 52.48 -71.03 42.67
N PRO Q 176 51.27 -71.09 42.09
CA PRO Q 176 50.71 -69.89 41.45
C PRO Q 176 50.63 -68.76 42.45
N ALA Q 177 50.97 -67.54 42.03
CA ALA Q 177 50.92 -66.38 42.91
C ALA Q 177 49.49 -66.12 43.35
N VAL Q 178 49.34 -65.45 44.50
CA VAL Q 178 48.06 -65.09 45.05
C VAL Q 178 47.94 -63.56 45.13
N LEU Q 179 46.79 -63.03 44.75
CA LEU Q 179 46.57 -61.59 44.85
C LEU Q 179 46.10 -61.24 46.27
N GLN Q 180 46.91 -60.50 47.00
CA GLN Q 180 46.57 -60.13 48.37
C GLN Q 180 45.64 -58.92 48.40
N SER Q 181 45.01 -58.70 49.56
CA SER Q 181 44.07 -57.60 49.70
C SER Q 181 44.76 -56.24 49.56
N SER Q 182 46.07 -56.21 49.75
CA SER Q 182 46.84 -54.98 49.64
C SER Q 182 47.01 -54.54 48.19
N GLY Q 183 46.78 -55.47 47.28
CA GLY Q 183 47.00 -55.21 45.86
C GLY Q 183 48.33 -55.77 45.41
N LEU Q 184 49.07 -56.37 46.32
CA LEU Q 184 50.36 -56.95 45.97
C LEU Q 184 50.23 -58.47 45.85
N TYR Q 185 51.12 -59.08 45.08
CA TYR Q 185 51.08 -60.52 44.88
C TYR Q 185 52.06 -61.22 45.81
N SER Q 186 51.84 -62.52 46.04
CA SER Q 186 52.78 -63.33 46.82
C SER Q 186 52.72 -64.79 46.38
N LEU Q 187 53.87 -65.44 46.38
CA LEU Q 187 53.92 -66.87 46.10
C LEU Q 187 55.07 -67.53 46.86
N SER Q 188 54.95 -68.85 47.03
CA SER Q 188 56.00 -69.61 47.68
C SER Q 188 56.57 -70.65 46.73
N SER Q 189 57.88 -70.85 46.77
CA SER Q 189 58.51 -71.93 46.03
C SER Q 189 59.17 -72.89 47.00
N VAL Q 190 58.78 -74.16 46.93
CA VAL Q 190 59.31 -75.15 47.86
C VAL Q 190 60.04 -76.26 47.12
N VAL Q 191 60.81 -77.04 47.86
CA VAL Q 191 61.54 -78.17 47.31
C VAL Q 191 61.79 -79.18 48.42
N THR Q 192 61.75 -80.45 48.06
CA THR Q 192 61.99 -81.51 49.03
C THR Q 192 63.33 -82.18 48.77
N VAL Q 193 64.12 -82.31 49.82
CA VAL Q 193 65.44 -82.93 49.73
C VAL Q 193 65.69 -83.84 50.92
N PRO Q 194 66.73 -84.69 50.84
CA PRO Q 194 67.11 -85.60 51.92
C PRO Q 194 67.42 -84.86 53.22
N SER Q 195 66.95 -85.41 54.34
CA SER Q 195 67.18 -84.80 55.66
C SER Q 195 68.66 -84.77 56.03
N SER Q 196 69.41 -85.73 55.51
CA SER Q 196 70.84 -85.83 55.80
C SER Q 196 71.64 -84.68 55.16
N SER Q 197 71.15 -84.19 54.03
CA SER Q 197 71.84 -83.13 53.29
C SER Q 197 71.55 -81.73 53.83
N LEU Q 198 70.83 -81.65 54.94
CA LEU Q 198 70.41 -80.37 55.50
C LEU Q 198 71.58 -79.46 55.86
N GLY Q 199 72.53 -79.99 56.64
CA GLY Q 199 73.64 -79.20 57.13
C GLY Q 199 74.84 -79.18 56.18
N THR Q 200 74.92 -80.19 55.32
CA THR Q 200 76.04 -80.32 54.38
C THR Q 200 75.80 -79.57 53.08
N GLN Q 201 74.54 -79.41 52.69
CA GLN Q 201 74.21 -78.79 51.39
C GLN Q 201 73.64 -77.38 51.52
N THR Q 202 74.04 -76.52 50.61
CA THR Q 202 73.57 -75.13 50.60
C THR Q 202 72.41 -74.97 49.62
N TYR Q 203 71.38 -74.24 50.04
CA TYR Q 203 70.23 -74.00 49.18
C TYR Q 203 69.92 -72.52 49.02
N ILE Q 204 69.98 -72.03 47.78
CA ILE Q 204 69.73 -70.63 47.50
C ILE Q 204 68.63 -70.48 46.46
N CYS Q 205 67.53 -69.81 46.80
CA CYS Q 205 66.51 -69.50 45.80
C CYS Q 205 66.78 -68.18 45.07
N ASN Q 206 66.59 -68.19 43.76
CA ASN Q 206 66.82 -67.01 42.92
C ASN Q 206 65.51 -66.52 42.35
N VAL Q 207 65.03 -65.39 42.83
CA VAL Q 207 63.73 -64.90 42.40
C VAL Q 207 63.91 -63.72 41.45
N ASN Q 208 63.28 -63.80 40.28
CA ASN Q 208 63.45 -62.77 39.26
C ASN Q 208 62.20 -61.98 38.96
N HIS Q 209 62.14 -60.78 39.52
CA HIS Q 209 61.07 -59.83 39.25
C HIS Q 209 61.54 -58.77 38.25
N LYS Q 210 61.29 -58.99 36.97
CA LYS Q 210 61.80 -58.10 35.92
C LYS Q 210 61.27 -56.67 36.02
N PRO Q 211 59.95 -56.50 36.22
CA PRO Q 211 59.32 -55.18 36.24
C PRO Q 211 59.87 -54.22 37.31
N SER Q 212 60.74 -54.69 38.19
CA SER Q 212 61.33 -53.83 39.19
C SER Q 212 62.86 -53.88 39.16
N ASN Q 213 63.40 -54.78 38.34
CA ASN Q 213 64.85 -54.95 38.20
C ASN Q 213 65.50 -55.31 39.53
N THR Q 214 64.73 -55.94 40.41
CA THR Q 214 65.26 -56.35 41.70
C THR Q 214 65.52 -57.85 41.67
N LYS Q 215 66.76 -58.23 41.97
CA LYS Q 215 67.16 -59.63 41.98
C LYS Q 215 67.66 -60.02 43.36
N VAL Q 216 67.07 -61.06 43.94
CA VAL Q 216 67.49 -61.53 45.26
C VAL Q 216 67.85 -63.01 45.27
N ASP Q 217 68.94 -63.32 45.96
CA ASP Q 217 69.35 -64.69 46.21
C ASP Q 217 69.40 -64.87 47.73
N LYS Q 218 68.50 -65.68 48.27
CA LYS Q 218 68.38 -65.84 49.72
C LYS Q 218 68.67 -67.28 50.13
N LYS Q 219 69.69 -67.47 50.94
CA LYS Q 219 70.04 -68.80 51.41
C LYS Q 219 69.06 -69.25 52.50
N VAL Q 220 68.76 -70.54 52.49
CA VAL Q 220 67.77 -71.10 53.39
C VAL Q 220 68.37 -72.25 54.18
N GLU Q 221 68.76 -71.94 55.42
CA GLU Q 221 69.32 -72.94 56.31
C GLU Q 221 68.38 -73.22 57.48
N PRO Q 222 68.65 -74.28 58.23
CA PRO Q 222 67.83 -74.65 59.39
C PRO Q 222 67.88 -73.60 60.50
N LYS Q 223 67.20 -73.87 61.61
CA LYS Q 223 67.13 -72.91 62.71
C LYS Q 223 68.34 -72.99 63.64
N SER Q 224 69.00 -71.86 63.87
CA SER Q 224 70.10 -71.80 64.81
C SER Q 224 69.55 -71.74 66.23
N CYS Q 225 69.62 -72.88 66.93
CA CYS Q 225 69.07 -72.99 68.28
C CYS Q 225 70.00 -72.36 69.31
N ASP R 2 17.40 -63.85 33.27
CA ASP R 2 18.56 -63.78 32.39
C ASP R 2 18.96 -65.19 31.94
N ILE R 3 19.40 -65.30 30.68
CA ILE R 3 19.78 -66.58 30.12
C ILE R 3 21.02 -67.16 30.81
N GLN R 4 20.97 -68.46 31.10
CA GLN R 4 22.08 -69.14 31.76
C GLN R 4 22.39 -70.51 31.15
N MET R 5 23.67 -70.89 31.21
CA MET R 5 24.13 -72.21 30.77
C MET R 5 24.77 -72.99 31.92
N THR R 6 24.08 -74.04 32.37
CA THR R 6 24.56 -74.86 33.48
C THR R 6 25.31 -76.08 32.96
N GLN R 7 26.63 -76.05 33.08
CA GLN R 7 27.48 -77.14 32.62
C GLN R 7 27.77 -78.15 33.73
N SER R 8 27.98 -79.40 33.36
CA SER R 8 28.20 -80.45 34.35
C SER R 8 29.03 -81.59 33.78
N PRO R 9 29.97 -82.11 34.58
CA PRO R 9 30.31 -81.66 35.93
C PRO R 9 31.36 -80.55 35.88
N SER R 10 31.63 -79.92 37.02
CA SER R 10 32.65 -78.87 37.06
C SER R 10 34.03 -79.48 36.87
N SER R 11 34.15 -80.76 37.19
CA SER R 11 35.40 -81.49 37.04
C SER R 11 35.17 -83.00 37.06
N LEU R 12 35.99 -83.75 36.33
CA LEU R 12 35.90 -85.20 36.37
C LEU R 12 37.24 -85.84 36.03
N SER R 13 37.54 -86.93 36.71
CA SER R 13 38.79 -87.64 36.50
C SER R 13 38.56 -88.86 35.61
N ALA R 14 39.46 -89.05 34.65
CA ALA R 14 39.34 -90.15 33.70
C ALA R 14 40.72 -90.62 33.26
N SER R 15 40.79 -91.82 32.70
CA SER R 15 42.04 -92.37 32.22
C SER R 15 41.96 -92.60 30.71
N VAL R 16 43.11 -92.83 30.08
CA VAL R 16 43.15 -93.09 28.65
C VAL R 16 42.29 -94.28 28.24
N GLY R 17 41.48 -94.09 27.20
CA GLY R 17 40.57 -95.13 26.72
C GLY R 17 39.16 -95.01 27.27
N ASP R 18 39.00 -94.16 28.28
CA ASP R 18 37.71 -93.96 28.95
C ASP R 18 36.67 -93.24 28.11
N ARG R 19 35.40 -93.53 28.38
CA ARG R 19 34.28 -92.77 27.81
C ARG R 19 33.92 -91.59 28.69
N VAL R 20 34.08 -90.39 28.16
CA VAL R 20 33.80 -89.18 28.93
C VAL R 20 32.53 -88.48 28.43
N THR R 21 31.69 -88.07 29.38
CA THR R 21 30.43 -87.42 29.05
C THR R 21 30.29 -86.10 29.79
N ILE R 22 30.12 -85.03 29.03
CA ILE R 22 29.97 -83.70 29.60
C ILE R 22 28.66 -83.11 29.11
N THR R 23 27.84 -82.61 30.02
CA THR R 23 26.53 -82.09 29.64
C THR R 23 26.40 -80.60 29.93
N CYS R 24 25.55 -79.93 29.16
CA CYS R 24 25.28 -78.51 29.36
C CYS R 24 23.80 -78.24 29.13
N ARG R 25 23.11 -77.69 30.14
CA ARG R 25 21.68 -77.38 30.05
C ARG R 25 21.36 -75.88 29.95
N ALA R 26 20.68 -75.48 28.89
CA ALA R 26 20.26 -74.09 28.72
C ALA R 26 18.98 -73.78 29.52
N SER R 27 18.94 -72.59 30.11
CA SER R 27 17.79 -72.18 30.92
C SER R 27 16.53 -72.02 30.08
N GLN R 28 16.72 -71.63 28.82
CA GLN R 28 15.63 -71.54 27.86
C GLN R 28 15.95 -72.41 26.66
N SER R 29 14.99 -72.58 25.76
CA SER R 29 15.24 -73.28 24.52
C SER R 29 16.19 -72.45 23.67
N VAL R 30 17.23 -73.08 23.15
CA VAL R 30 18.16 -72.37 22.28
C VAL R 30 18.23 -73.04 20.91
N SER R 31 17.24 -73.87 20.61
CA SER R 31 17.29 -74.68 19.40
C SER R 31 18.59 -75.48 19.39
N SER R 32 19.31 -75.45 18.28
CA SER R 32 20.55 -76.19 18.16
C SER R 32 21.77 -75.28 18.27
N ALA R 33 21.56 -74.05 18.71
CA ALA R 33 22.62 -73.05 18.69
C ALA R 33 23.60 -73.23 19.83
N VAL R 34 24.35 -74.33 19.79
CA VAL R 34 25.32 -74.63 20.83
C VAL R 34 26.64 -75.14 20.26
N ALA R 35 27.74 -74.67 20.83
CA ALA R 35 29.06 -75.13 20.42
C ALA R 35 29.88 -75.60 21.61
N TRP R 36 30.84 -76.49 21.37
CA TRP R 36 31.73 -76.98 22.41
C TRP R 36 33.18 -76.63 22.08
N TYR R 37 33.93 -76.22 23.10
CA TYR R 37 35.33 -75.87 22.91
C TYR R 37 36.26 -76.64 23.84
N GLN R 38 37.49 -76.82 23.38
CA GLN R 38 38.55 -77.39 24.19
C GLN R 38 39.64 -76.35 24.42
N GLN R 39 40.03 -76.18 25.67
CA GLN R 39 41.11 -75.25 25.98
C GLN R 39 42.13 -75.88 26.92
N LYS R 40 43.39 -75.81 26.53
CA LYS R 40 44.49 -76.23 27.37
C LYS R 40 45.09 -75.01 28.04
N PRO R 41 45.73 -75.21 29.20
CA PRO R 41 46.21 -74.08 29.99
C PRO R 41 47.18 -73.20 29.20
N GLY R 42 46.95 -71.89 29.23
CA GLY R 42 47.82 -70.94 28.57
C GLY R 42 47.54 -70.76 27.09
N LYS R 43 46.63 -71.57 26.55
CA LYS R 43 46.33 -71.50 25.13
C LYS R 43 44.88 -71.10 24.88
N ALA R 44 44.61 -70.59 23.69
CA ALA R 44 43.27 -70.21 23.31
C ALA R 44 42.42 -71.46 23.06
N PRO R 45 41.11 -71.37 23.31
CA PRO R 45 40.19 -72.47 23.05
C PRO R 45 40.19 -72.91 21.59
N LYS R 46 39.87 -74.18 21.36
CA LYS R 46 39.69 -74.72 20.01
C LYS R 46 38.26 -75.19 19.83
N LEU R 47 37.67 -74.86 18.68
CA LEU R 47 36.30 -75.26 18.38
C LEU R 47 36.24 -76.74 18.02
N LEU R 48 35.36 -77.48 18.69
CA LEU R 48 35.17 -78.91 18.40
C LEU R 48 33.88 -79.16 17.64
N ILE R 49 32.79 -78.62 18.15
CA ILE R 49 31.46 -78.87 17.60
C ILE R 49 30.62 -77.61 17.55
N TYR R 50 29.86 -77.47 16.47
CA TYR R 50 28.95 -76.35 16.33
C TYR R 50 27.55 -76.87 16.02
N SER R 51 26.55 -76.04 16.29
CA SER R 51 25.16 -76.40 16.03
C SER R 51 24.77 -77.69 16.75
N ALA R 52 25.24 -77.82 17.99
CA ALA R 52 24.88 -78.93 18.87
C ALA R 52 25.55 -80.24 18.52
N SER R 53 25.58 -80.61 17.24
CA SER R 53 26.03 -81.96 16.89
C SER R 53 26.93 -82.04 15.66
N SER R 54 27.26 -80.91 15.05
CA SER R 54 28.11 -80.92 13.86
C SER R 54 29.60 -80.86 14.24
N LEU R 55 30.35 -81.82 13.72
CA LEU R 55 31.79 -81.90 14.02
C LEU R 55 32.56 -80.90 13.17
N TYR R 56 33.25 -79.98 13.82
CA TYR R 56 34.04 -78.98 13.11
C TYR R 56 35.20 -79.62 12.36
N SER R 57 35.64 -78.95 11.29
CA SER R 57 36.70 -79.47 10.42
C SER R 57 38.00 -79.72 11.17
N GLY R 58 38.57 -80.91 10.98
CA GLY R 58 39.86 -81.22 11.54
C GLY R 58 39.80 -81.83 12.93
N VAL R 59 38.61 -81.77 13.54
CA VAL R 59 38.42 -82.38 14.86
C VAL R 59 38.27 -83.89 14.73
N PRO R 60 38.96 -84.65 15.59
CA PRO R 60 38.91 -86.12 15.56
C PRO R 60 37.47 -86.65 15.69
N SER R 61 37.21 -87.79 15.06
CA SER R 61 35.86 -88.33 14.99
C SER R 61 35.41 -88.90 16.32
N ARG R 62 36.35 -89.05 17.24
CA ARG R 62 36.03 -89.56 18.56
C ARG R 62 35.23 -88.54 19.35
N PHE R 63 35.28 -87.28 18.93
CA PHE R 63 34.45 -86.24 19.51
C PHE R 63 33.07 -86.19 18.85
N SER R 64 32.03 -86.10 19.66
CA SER R 64 30.67 -86.14 19.16
C SER R 64 29.79 -85.25 20.03
N GLY R 65 28.80 -84.62 19.41
CA GLY R 65 27.87 -83.76 20.13
C GLY R 65 26.45 -84.18 19.87
N SER R 66 25.58 -83.99 20.87
CA SER R 66 24.19 -84.35 20.71
C SER R 66 23.29 -83.42 21.53
N ARG R 67 22.02 -83.38 21.17
CA ARG R 67 21.04 -82.51 21.80
C ARG R 67 19.75 -83.24 22.10
N SER R 68 19.17 -82.93 23.26
CA SER R 68 17.83 -83.39 23.59
C SER R 68 17.12 -82.30 24.36
N GLY R 69 16.32 -81.52 23.64
CA GLY R 69 15.65 -80.38 24.23
C GLY R 69 16.69 -79.34 24.59
N THR R 70 16.75 -78.99 25.87
CA THR R 70 17.71 -77.99 26.33
C THR R 70 18.96 -78.66 26.88
N ASP R 71 19.04 -79.98 26.72
CA ASP R 71 20.21 -80.72 27.21
C ASP R 71 21.15 -81.06 26.07
N PHE R 72 22.41 -80.66 26.24
CA PHE R 72 23.44 -80.89 25.23
C PHE R 72 24.56 -81.72 25.83
N THR R 73 25.09 -82.65 25.05
CA THR R 73 26.10 -83.55 25.57
C THR R 73 27.32 -83.62 24.66
N LEU R 74 28.48 -83.46 25.25
CA LEU R 74 29.73 -83.72 24.55
C LEU R 74 30.21 -85.11 24.95
N THR R 75 30.50 -85.94 23.97
CA THR R 75 30.97 -87.29 24.26
C THR R 75 32.32 -87.56 23.61
N ILE R 76 33.24 -88.11 24.39
CA ILE R 76 34.51 -88.59 23.85
C ILE R 76 34.56 -90.12 23.88
N SER R 77 34.60 -90.71 22.70
CA SER R 77 34.52 -92.16 22.55
C SER R 77 35.68 -92.87 23.23
N SER R 78 36.90 -92.44 22.92
CA SER R 78 38.09 -93.06 23.46
C SER R 78 39.14 -92.00 23.78
N LEU R 79 39.16 -91.59 25.04
CA LEU R 79 40.00 -90.50 25.50
C LEU R 79 41.47 -90.72 25.15
N GLN R 80 42.13 -89.67 24.68
CA GLN R 80 43.55 -89.72 24.36
C GLN R 80 44.34 -88.88 25.34
N PRO R 81 45.67 -89.12 25.42
CA PRO R 81 46.53 -88.38 26.35
C PRO R 81 46.49 -86.88 26.10
N GLU R 82 46.30 -86.49 24.83
CA GLU R 82 46.24 -85.08 24.47
C GLU R 82 44.86 -84.47 24.71
N ASP R 83 43.91 -85.29 25.17
CA ASP R 83 42.55 -84.82 25.37
C ASP R 83 42.28 -84.31 26.78
N PHE R 84 43.23 -84.49 27.68
CA PHE R 84 43.07 -83.98 29.04
C PHE R 84 43.19 -82.45 29.03
N ALA R 85 42.10 -81.80 29.42
CA ALA R 85 41.99 -80.35 29.31
C ALA R 85 40.65 -79.88 29.84
N THR R 86 40.38 -78.59 29.70
CA THR R 86 39.12 -78.02 30.14
C THR R 86 38.19 -77.76 28.95
N TYR R 87 36.93 -78.14 29.07
CA TYR R 87 35.98 -78.00 27.98
C TYR R 87 34.85 -77.03 28.34
N TYR R 88 34.37 -76.30 27.34
CA TYR R 88 33.34 -75.29 27.56
C TYR R 88 32.19 -75.44 26.57
N CYS R 89 30.96 -75.46 27.05
CA CYS R 89 29.79 -75.46 26.17
C CYS R 89 29.46 -74.00 25.87
N GLN R 90 28.78 -73.73 24.76
CA GLN R 90 28.45 -72.35 24.43
C GLN R 90 27.18 -72.29 23.59
N GLN R 91 26.27 -71.41 24.00
CA GLN R 91 25.03 -71.20 23.28
C GLN R 91 25.11 -69.88 22.56
N TYR R 92 24.54 -69.83 21.36
CA TYR R 92 24.49 -68.59 20.59
C TYR R 92 23.16 -68.50 19.86
N PRO R 93 22.06 -68.51 20.63
CA PRO R 93 20.74 -68.50 19.99
C PRO R 93 20.47 -67.19 19.27
N TYR R 94 19.70 -67.25 18.18
CA TYR R 94 19.30 -66.06 17.45
C TYR R 94 18.42 -65.24 18.39
N TYR R 95 18.05 -64.02 17.99
CA TYR R 95 17.17 -63.20 18.82
C TYR R 95 17.85 -62.64 20.06
N SER R 96 18.98 -63.24 20.44
CA SER R 96 19.67 -62.77 21.63
C SER R 96 21.01 -62.21 21.19
N SER R 97 21.36 -61.06 21.74
CA SER R 97 22.65 -60.46 21.45
C SER R 97 23.74 -61.14 22.24
N LEU R 98 23.34 -61.79 23.33
CA LEU R 98 24.29 -62.37 24.26
C LEU R 98 24.84 -63.74 23.85
N ILE R 99 26.12 -63.93 24.14
CA ILE R 99 26.77 -65.23 24.05
C ILE R 99 27.13 -65.64 25.47
N THR R 100 26.71 -66.83 25.87
CA THR R 100 26.97 -67.29 27.23
C THR R 100 27.66 -68.67 27.23
N PHE R 101 28.72 -68.78 28.02
CA PHE R 101 29.48 -70.01 28.18
C PHE R 101 29.09 -70.76 29.47
N GLY R 102 29.24 -72.07 29.47
CA GLY R 102 29.11 -72.85 30.68
C GLY R 102 30.33 -72.62 31.56
N GLN R 103 30.29 -73.12 32.80
CA GLN R 103 31.38 -72.89 33.74
C GLN R 103 32.65 -73.66 33.36
N GLY R 104 32.52 -74.67 32.51
CA GLY R 104 33.66 -75.47 32.10
C GLY R 104 33.77 -76.79 32.85
N THR R 105 34.43 -77.76 32.23
CA THR R 105 34.69 -79.06 32.85
C THR R 105 36.17 -79.39 32.72
N LYS R 106 36.85 -79.47 33.87
CA LYS R 106 38.28 -79.78 33.88
C LYS R 106 38.48 -81.29 33.89
N VAL R 107 39.12 -81.81 32.84
CA VAL R 107 39.38 -83.24 32.74
C VAL R 107 40.80 -83.57 33.18
N GLU R 108 40.91 -84.19 34.35
CA GLU R 108 42.19 -84.53 34.94
C GLU R 108 42.53 -86.01 34.78
N ILE R 109 43.79 -86.35 35.05
CA ILE R 109 44.29 -87.72 34.92
C ILE R 109 44.05 -88.53 36.19
N LYS R 110 43.45 -89.71 36.07
CA LYS R 110 43.18 -90.54 37.23
C LYS R 110 44.44 -91.25 37.70
N ARG R 111 44.62 -91.30 39.02
CA ARG R 111 45.74 -92.03 39.59
C ARG R 111 45.28 -92.62 40.94
N THR R 112 46.11 -93.44 41.58
CA THR R 112 45.73 -94.05 42.86
C THR R 112 45.86 -93.04 43.99
N VAL R 113 45.10 -93.25 45.06
CA VAL R 113 45.11 -92.33 46.19
C VAL R 113 46.51 -92.22 46.79
N ALA R 114 46.92 -90.99 47.10
CA ALA R 114 48.23 -90.73 47.67
C ALA R 114 48.14 -89.67 48.75
N ALA R 115 48.59 -90.02 49.95
CA ALA R 115 48.52 -89.11 51.08
C ALA R 115 49.50 -87.95 50.92
N PRO R 116 49.04 -86.75 51.28
CA PRO R 116 49.95 -85.59 51.27
C PRO R 116 50.93 -85.64 52.44
N SER R 117 52.21 -85.48 52.16
CA SER R 117 53.18 -85.27 53.23
C SER R 117 53.09 -83.80 53.61
N VAL R 118 52.89 -83.53 54.90
CA VAL R 118 52.58 -82.19 55.35
C VAL R 118 53.78 -81.55 56.07
N PHE R 119 53.99 -80.27 55.83
CA PHE R 119 55.08 -79.52 56.45
C PHE R 119 54.59 -78.17 56.94
N ILE R 120 55.00 -77.77 58.14
CA ILE R 120 54.69 -76.43 58.63
C ILE R 120 55.94 -75.58 58.78
N PHE R 121 55.81 -74.30 58.47
CA PHE R 121 56.92 -73.35 58.46
C PHE R 121 56.63 -72.10 59.28
N PRO R 122 57.39 -71.88 60.36
CA PRO R 122 57.24 -70.64 61.12
C PRO R 122 57.74 -69.42 60.33
N PRO R 123 57.26 -68.21 60.67
CA PRO R 123 57.75 -66.98 60.06
C PRO R 123 59.20 -66.69 60.49
N SER R 124 60.05 -66.30 59.54
CA SER R 124 61.46 -66.05 59.84
C SER R 124 61.64 -64.80 60.69
N ASP R 125 62.79 -64.69 61.34
CA ASP R 125 63.12 -63.49 62.09
C ASP R 125 63.24 -62.34 61.10
N SER R 126 63.68 -62.67 59.89
CA SER R 126 63.85 -61.70 58.82
C SER R 126 62.53 -60.99 58.55
N GLN R 127 61.46 -61.77 58.43
CA GLN R 127 60.14 -61.19 58.13
C GLN R 127 59.61 -60.37 59.30
N LEU R 128 59.79 -60.87 60.51
CA LEU R 128 59.27 -60.21 61.72
C LEU R 128 59.79 -58.79 61.91
N LYS R 129 61.01 -58.51 61.48
CA LYS R 129 61.54 -57.16 61.58
C LYS R 129 60.77 -56.19 60.70
N SER R 130 60.17 -56.70 59.63
CA SER R 130 59.46 -55.86 58.68
C SER R 130 58.05 -55.53 59.14
N GLY R 131 57.55 -56.28 60.12
CA GLY R 131 56.29 -55.93 60.74
C GLY R 131 55.17 -56.95 60.62
N THR R 132 55.39 -57.98 59.82
CA THR R 132 54.35 -58.97 59.57
C THR R 132 54.84 -60.39 59.85
N ALA R 133 53.91 -61.35 59.90
CA ALA R 133 54.25 -62.73 60.21
C ALA R 133 53.46 -63.70 59.33
N SER R 134 54.16 -64.45 58.49
CA SER R 134 53.52 -65.44 57.64
C SER R 134 53.96 -66.84 58.03
N VAL R 135 52.98 -67.71 58.22
CA VAL R 135 53.23 -69.11 58.54
C VAL R 135 52.67 -69.96 57.41
N VAL R 136 53.49 -70.87 56.89
CA VAL R 136 53.13 -71.65 55.70
C VAL R 136 52.94 -73.14 55.98
N CYS R 137 51.82 -73.68 55.52
CA CYS R 137 51.55 -75.12 55.62
C CYS R 137 51.59 -75.78 54.24
N LEU R 138 52.43 -76.81 54.10
CA LEU R 138 52.66 -77.45 52.81
C LEU R 138 52.06 -78.85 52.69
N LEU R 139 51.16 -79.04 51.73
CA LEU R 139 50.67 -80.37 51.37
C LEU R 139 51.38 -80.81 50.09
N ASN R 140 52.22 -81.83 50.18
CA ASN R 140 53.10 -82.17 49.06
C ASN R 140 52.74 -83.47 48.34
N ASN R 141 52.59 -83.39 47.02
CA ASN R 141 52.39 -84.55 46.15
C ASN R 141 51.29 -85.52 46.62
N PHE R 142 50.04 -85.10 46.51
CA PHE R 142 48.90 -85.90 46.95
C PHE R 142 47.84 -86.05 45.86
N TYR R 143 46.95 -87.03 46.03
CA TYR R 143 45.83 -87.26 45.12
C TYR R 143 44.73 -88.05 45.82
N PRO R 144 43.47 -87.70 45.56
CA PRO R 144 43.00 -86.67 44.63
C PRO R 144 43.21 -85.24 45.12
N ARG R 145 42.72 -84.28 44.34
CA ARG R 145 42.95 -82.87 44.62
C ARG R 145 42.21 -82.38 45.86
N GLU R 146 41.05 -82.96 46.14
CA GLU R 146 40.26 -82.52 47.28
C GLU R 146 41.06 -82.72 48.56
N ALA R 147 41.16 -81.66 49.37
CA ALA R 147 41.86 -81.72 50.64
C ALA R 147 41.47 -80.55 51.52
N LYS R 148 41.60 -80.73 52.82
CA LYS R 148 41.20 -79.70 53.76
C LYS R 148 42.35 -79.30 54.67
N VAL R 149 42.65 -78.01 54.68
CA VAL R 149 43.66 -77.48 55.58
C VAL R 149 42.97 -76.56 56.56
N GLN R 150 43.26 -76.74 57.84
CA GLN R 150 42.66 -75.91 58.88
C GLN R 150 43.72 -75.37 59.83
N TRP R 151 43.69 -74.06 60.06
CA TRP R 151 44.63 -73.43 60.98
C TRP R 151 44.10 -73.34 62.40
N LYS R 152 44.91 -73.80 63.34
CA LYS R 152 44.57 -73.72 64.76
C LYS R 152 45.64 -72.94 65.51
N VAL R 153 45.26 -71.76 66.01
CA VAL R 153 46.14 -70.96 66.84
C VAL R 153 45.77 -71.09 68.31
N ASP R 154 46.64 -71.74 69.08
CA ASP R 154 46.33 -72.07 70.47
C ASP R 154 45.03 -72.88 70.52
N ASN R 155 44.90 -73.79 69.57
CA ASN R 155 43.73 -74.67 69.49
C ASN R 155 42.47 -73.94 69.07
N ALA R 156 42.61 -72.67 68.70
CA ALA R 156 41.48 -71.89 68.19
C ALA R 156 41.49 -71.91 66.66
N LEU R 157 40.31 -72.07 66.06
CA LEU R 157 40.22 -72.17 64.62
C LEU R 157 40.31 -70.80 63.96
N GLN R 158 40.93 -70.75 62.79
CA GLN R 158 41.14 -69.49 62.08
C GLN R 158 40.29 -69.44 60.83
N SER R 159 39.83 -68.25 60.47
CA SER R 159 39.06 -68.07 59.24
C SER R 159 39.19 -66.65 58.69
N GLY R 160 39.51 -66.56 57.40
CA GLY R 160 39.54 -65.27 56.73
C GLY R 160 40.91 -64.65 56.73
N ASN R 161 41.87 -65.33 57.36
CA ASN R 161 43.23 -64.83 57.41
C ASN R 161 44.22 -65.80 56.76
N SER R 162 43.71 -66.65 55.86
CA SER R 162 44.57 -67.60 55.15
C SER R 162 44.23 -67.66 53.66
N GLN R 163 45.24 -67.95 52.85
CA GLN R 163 45.05 -68.12 51.41
C GLN R 163 45.78 -69.35 50.91
N GLU R 164 45.11 -70.11 50.03
CA GLU R 164 45.67 -71.33 49.48
C GLU R 164 46.09 -71.15 48.03
N SER R 165 47.08 -71.92 47.62
CA SER R 165 47.47 -71.98 46.22
C SER R 165 47.87 -73.41 45.88
N VAL R 166 47.36 -73.90 44.75
CA VAL R 166 47.59 -75.28 44.36
C VAL R 166 48.19 -75.36 42.97
N THR R 167 49.08 -76.33 42.78
CA THR R 167 49.74 -76.51 41.51
C THR R 167 48.86 -77.27 40.52
N GLU R 168 49.23 -77.22 39.24
CA GLU R 168 48.60 -78.07 38.25
C GLU R 168 49.07 -79.50 38.47
N GLN R 169 48.36 -80.47 37.90
CA GLN R 169 48.74 -81.86 38.03
C GLN R 169 50.17 -82.05 37.51
N ASP R 170 51.00 -82.73 38.29
CA ASP R 170 52.38 -82.98 37.89
C ASP R 170 52.48 -83.90 36.68
N SER R 171 53.33 -83.52 35.73
CA SER R 171 53.48 -84.26 34.48
C SER R 171 54.19 -85.60 34.65
N LYS R 172 54.87 -85.79 35.79
CA LYS R 172 55.63 -87.01 36.03
C LYS R 172 54.85 -88.05 36.84
N ASP R 173 54.13 -87.59 37.85
CA ASP R 173 53.45 -88.50 38.76
C ASP R 173 51.98 -88.13 38.99
N SER R 174 51.51 -87.09 38.30
CA SER R 174 50.10 -86.73 38.29
C SER R 174 49.54 -86.36 39.66
N THR R 175 50.39 -85.91 40.57
CA THR R 175 49.94 -85.49 41.90
C THR R 175 49.80 -83.98 42.00
N TYR R 176 49.10 -83.50 43.04
CA TYR R 176 49.02 -82.06 43.27
C TYR R 176 49.87 -81.67 44.47
N SER R 177 50.16 -80.37 44.55
CA SER R 177 50.74 -79.78 45.76
C SER R 177 49.95 -78.55 46.14
N LEU R 178 49.89 -78.26 47.43
CA LEU R 178 49.09 -77.14 47.93
C LEU R 178 49.81 -76.39 49.04
N SER R 179 49.76 -75.07 49.00
CA SER R 179 50.32 -74.26 50.07
C SER R 179 49.24 -73.39 50.71
N SER R 180 49.17 -73.45 52.04
CA SER R 180 48.28 -72.58 52.79
C SER R 180 49.12 -71.63 53.65
N THR R 181 48.82 -70.35 53.52
CA THR R 181 49.59 -69.31 54.21
C THR R 181 48.72 -68.52 55.20
N LEU R 182 49.07 -68.61 56.47
CA LEU R 182 48.39 -67.82 57.51
C LEU R 182 49.13 -66.50 57.69
N THR R 183 48.43 -65.39 57.47
CA THR R 183 49.03 -64.07 57.57
C THR R 183 48.49 -63.30 58.76
N LEU R 184 49.39 -62.98 59.71
CA LEU R 184 49.05 -62.19 60.88
C LEU R 184 50.02 -61.04 61.06
N SER R 185 49.61 -60.01 61.80
CA SER R 185 50.53 -58.96 62.19
C SER R 185 51.49 -59.53 63.22
N LYS R 186 52.66 -58.90 63.34
CA LYS R 186 53.66 -59.37 64.31
C LYS R 186 53.09 -59.31 65.72
N ALA R 187 52.15 -58.39 65.95
CA ALA R 187 51.51 -58.25 67.24
C ALA R 187 50.64 -59.46 67.57
N ASP R 188 49.73 -59.80 66.66
CA ASP R 188 48.85 -60.95 66.86
C ASP R 188 49.64 -62.25 66.93
N TYR R 189 50.73 -62.32 66.18
CA TYR R 189 51.58 -63.51 66.17
C TYR R 189 52.27 -63.73 67.52
N GLU R 190 52.72 -62.65 68.14
CA GLU R 190 53.47 -62.77 69.40
C GLU R 190 52.56 -62.81 70.63
N LYS R 191 51.26 -62.79 70.41
CA LYS R 191 50.30 -62.92 71.49
C LYS R 191 50.06 -64.39 71.83
N HIS R 192 49.95 -65.22 70.80
CA HIS R 192 49.65 -66.63 70.99
C HIS R 192 50.88 -67.51 70.87
N LYS R 193 50.76 -68.76 71.31
CA LYS R 193 51.89 -69.68 71.42
C LYS R 193 51.88 -70.80 70.39
N VAL R 194 50.78 -71.55 70.36
CA VAL R 194 50.71 -72.74 69.52
C VAL R 194 50.17 -72.45 68.12
N TYR R 195 50.93 -72.82 67.11
CA TYR R 195 50.49 -72.70 65.73
C TYR R 195 50.50 -74.07 65.08
N ALA R 196 49.31 -74.52 64.67
CA ALA R 196 49.16 -75.87 64.13
C ALA R 196 48.34 -75.84 62.85
N CYS R 197 48.74 -76.67 61.90
CA CYS R 197 48.00 -76.83 60.66
C CYS R 197 47.46 -78.26 60.56
N GLU R 198 46.13 -78.40 60.49
CA GLU R 198 45.52 -79.72 60.42
C GLU R 198 45.05 -80.06 59.01
N VAL R 199 45.56 -81.17 58.49
CA VAL R 199 45.27 -81.58 57.12
C VAL R 199 44.38 -82.81 57.06
N THR R 200 43.22 -82.64 56.43
CA THR R 200 42.28 -83.74 56.22
C THR R 200 42.26 -84.17 54.76
N HIS R 201 42.61 -85.42 54.51
CA HIS R 201 42.65 -85.95 53.14
C HIS R 201 42.23 -87.41 53.08
N GLN R 202 41.70 -87.81 51.93
CA GLN R 202 41.21 -89.16 51.74
C GLN R 202 42.31 -90.21 51.84
N GLY R 203 43.54 -89.84 51.49
CA GLY R 203 44.63 -90.80 51.55
C GLY R 203 45.16 -91.03 52.96
N LEU R 204 44.74 -90.18 53.89
CA LEU R 204 45.15 -90.31 55.28
C LEU R 204 43.97 -90.77 56.16
N SER R 205 44.23 -91.74 57.02
CA SER R 205 43.22 -92.15 58.00
C SER R 205 43.22 -91.13 59.13
N SER R 206 42.23 -90.24 59.10
CA SER R 206 42.10 -89.15 60.07
C SER R 206 43.12 -88.04 59.78
N PRO R 207 42.78 -86.81 60.14
CA PRO R 207 43.59 -85.63 59.83
C PRO R 207 44.96 -85.62 60.51
N VAL R 208 45.98 -85.20 59.77
CA VAL R 208 47.33 -85.06 60.29
C VAL R 208 47.57 -83.61 60.72
N THR R 209 48.29 -83.44 61.82
CA THR R 209 48.54 -82.11 62.37
C THR R 209 50.02 -81.83 62.61
N LYS R 210 50.56 -80.91 61.84
CA LYS R 210 51.92 -80.43 62.09
C LYS R 210 51.79 -79.11 62.83
N SER R 211 52.68 -78.87 63.78
CA SER R 211 52.58 -77.67 64.60
C SER R 211 53.93 -77.25 65.17
N PHE R 212 53.97 -76.04 65.73
CA PHE R 212 55.18 -75.53 66.36
C PHE R 212 54.83 -74.48 67.40
N ASN R 213 55.71 -74.32 68.38
CA ASN R 213 55.55 -73.28 69.39
C ASN R 213 56.48 -72.11 69.07
N ARG R 214 55.99 -70.90 69.28
CA ARG R 214 56.72 -69.70 68.88
C ARG R 214 58.08 -69.56 69.57
N GLY R 215 59.14 -69.52 68.76
CA GLY R 215 60.48 -69.33 69.28
C GLY R 215 61.00 -70.47 70.13
N GLU R 216 60.71 -71.71 69.73
CA GLU R 216 61.18 -72.86 70.50
C GLU R 216 62.25 -73.69 69.77
N CYS R 217 63.03 -73.06 68.90
CA CYS R 217 64.10 -73.74 68.20
C CYS R 217 63.61 -74.92 67.37
N THR S 4 16.42 28.97 -4.32
CA THR S 4 16.05 28.14 -3.18
C THR S 4 16.92 28.46 -1.96
N VAL S 5 16.31 28.31 -0.78
CA VAL S 5 16.95 28.62 0.51
C VAL S 5 17.60 27.41 1.17
N GLU S 6 18.89 27.22 0.90
CA GLU S 6 19.61 26.02 1.33
C GLU S 6 19.41 25.72 2.82
N PRO S 7 19.30 24.43 3.15
CA PRO S 7 18.98 23.85 4.46
C PRO S 7 20.15 23.83 5.45
N ASN S 8 20.71 24.99 5.76
CA ASN S 8 21.78 25.06 6.74
C ASN S 8 21.86 26.45 7.38
N LEU S 9 22.65 26.57 8.44
CA LEU S 9 22.80 27.83 9.15
C LEU S 9 24.15 28.47 8.86
N HIS S 10 24.74 28.12 7.72
CA HIS S 10 26.05 28.63 7.34
C HIS S 10 26.07 30.15 7.34
N SER S 11 25.00 30.75 6.85
CA SER S 11 24.87 32.21 6.80
C SER S 11 24.85 32.84 8.20
N LEU S 12 24.23 32.14 9.15
CA LEU S 12 24.14 32.63 10.53
C LEU S 12 25.43 32.38 11.30
N ILE S 13 26.00 31.20 11.07
CA ILE S 13 27.21 30.79 11.75
C ILE S 13 28.37 31.71 11.43
N THR S 14 28.37 32.28 10.22
CA THR S 14 29.43 33.18 9.79
C THR S 14 29.00 34.65 9.87
N SER S 15 27.87 34.90 10.52
CA SER S 15 27.37 36.26 10.67
C SER S 15 28.29 37.09 11.55
N THR S 16 28.52 38.34 11.16
CA THR S 16 29.38 39.23 11.91
C THR S 16 28.59 40.41 12.46
N THR S 17 27.27 40.36 12.30
CA THR S 17 26.42 41.47 12.71
C THR S 17 25.49 41.06 13.84
N HIS S 18 25.12 39.78 13.89
CA HIS S 18 24.21 39.29 14.93
C HIS S 18 24.83 39.36 16.32
N LYS S 19 24.08 39.94 17.26
CA LYS S 19 24.56 40.04 18.64
C LYS S 19 23.68 39.21 19.57
N TRP S 20 22.44 38.98 19.16
CA TRP S 20 21.50 38.18 19.95
C TRP S 20 20.88 37.09 19.10
N ILE S 21 21.20 35.84 19.43
CA ILE S 21 20.66 34.70 18.74
C ILE S 21 19.84 33.85 19.69
N PHE S 22 18.53 33.80 19.46
CA PHE S 22 17.63 33.02 20.32
C PHE S 22 17.38 31.64 19.73
N VAL S 23 17.49 30.62 20.58
CA VAL S 23 17.17 29.27 20.17
C VAL S 23 16.00 28.79 21.02
N GLY S 24 14.88 28.46 20.37
CA GLY S 24 13.68 28.08 21.08
C GLY S 24 12.81 27.09 20.34
N GLY S 25 11.61 26.86 20.87
CA GLY S 25 10.69 25.91 20.29
C GLY S 25 10.00 25.11 21.38
N LYS S 26 9.17 24.15 20.97
CA LYS S 26 8.45 23.28 21.90
C LYS S 26 9.42 22.53 22.81
N GLY S 27 8.92 22.06 23.95
CA GLY S 27 9.76 21.35 24.89
C GLY S 27 10.21 20.01 24.35
N GLY S 28 11.48 19.67 24.61
CA GLY S 28 12.02 18.37 24.26
C GLY S 28 12.47 18.20 22.82
N VAL S 29 12.25 19.22 22.00
CA VAL S 29 12.58 19.12 20.57
C VAL S 29 14.08 19.22 20.35
N GLY S 30 14.77 19.84 21.31
CA GLY S 30 16.22 19.96 21.26
C GLY S 30 16.77 21.37 21.27
N LYS S 31 16.14 22.26 22.03
CA LYS S 31 16.62 23.64 22.16
C LYS S 31 18.04 23.67 22.71
N THR S 32 18.26 22.93 23.79
CA THR S 32 19.56 22.93 24.46
C THR S 32 20.64 22.32 23.59
N THR S 33 20.34 21.19 22.97
CA THR S 33 21.31 20.52 22.10
C THR S 33 21.66 21.38 20.88
N SER S 34 20.67 22.04 20.30
CA SER S 34 20.90 22.88 19.12
C SER S 34 21.59 24.19 19.46
N SER S 35 21.21 24.78 20.60
CA SER S 35 21.78 26.05 21.01
C SER S 35 23.25 25.89 21.37
N CYS S 36 23.63 24.70 21.81
CA CYS S 36 25.03 24.40 22.08
C CYS S 36 25.80 24.22 20.78
N SER S 37 25.14 23.59 19.80
CA SER S 37 25.76 23.33 18.51
C SER S 37 25.94 24.62 17.71
N ILE S 38 24.95 25.50 17.75
CA ILE S 38 25.04 26.78 17.07
C ILE S 38 26.16 27.60 17.66
N ALA S 39 26.25 27.60 18.99
CA ALA S 39 27.26 28.35 19.70
C ALA S 39 28.66 27.84 19.37
N ILE S 40 28.78 26.52 19.23
CA ILE S 40 30.06 25.91 18.93
C ILE S 40 30.52 26.24 17.52
N GLN S 41 29.60 26.15 16.57
CA GLN S 41 29.91 26.40 15.18
C GLN S 41 30.39 27.82 14.95
N MET S 42 29.73 28.78 15.58
CA MET S 42 30.11 30.18 15.46
C MET S 42 31.49 30.41 16.06
N ALA S 43 31.72 29.80 17.22
CA ALA S 43 32.99 29.93 17.91
C ALA S 43 34.10 29.35 17.05
N LEU S 44 33.83 28.24 16.39
CA LEU S 44 34.83 27.60 15.55
C LEU S 44 35.02 28.40 14.27
N SER S 45 33.92 28.91 13.73
CA SER S 45 33.97 29.65 12.48
C SER S 45 34.53 31.07 12.67
N GLN S 46 34.34 31.64 13.85
CA GLN S 46 34.77 33.02 14.10
C GLN S 46 35.65 33.17 15.34
N PRO S 47 36.93 32.75 15.23
CA PRO S 47 37.90 32.73 16.34
C PRO S 47 38.19 34.10 16.96
N ASN S 48 37.98 35.17 16.21
CA ASN S 48 38.32 36.51 16.68
C ASN S 48 37.26 37.12 17.57
N LYS S 49 36.12 36.45 17.66
CA LYS S 49 35.01 36.95 18.45
C LYS S 49 34.76 36.06 19.66
N GLN S 50 34.32 36.66 20.77
CA GLN S 50 33.95 35.91 21.96
C GLN S 50 32.44 35.65 21.99
N PHE S 51 32.05 34.42 22.38
CA PHE S 51 30.63 34.06 22.39
C PHE S 51 30.16 33.63 23.78
N LEU S 52 28.99 34.13 24.17
CA LEU S 52 28.38 33.75 25.45
C LEU S 52 27.08 33.01 25.22
N LEU S 53 26.92 31.87 25.89
CA LEU S 53 25.70 31.06 25.76
C LEU S 53 24.92 31.07 27.07
N ILE S 54 23.85 31.86 27.11
CA ILE S 54 23.05 32.05 28.32
C ILE S 54 21.83 31.15 28.37
N SER S 55 21.58 30.59 29.55
CA SER S 55 20.39 29.79 29.78
C SER S 55 19.31 30.57 30.52
N THR S 56 18.18 30.80 29.86
CA THR S 56 17.06 31.49 30.48
C THR S 56 16.03 30.50 31.03
N ASN S 57 16.30 29.21 30.84
CA ASN S 57 15.43 28.16 31.35
C ASN S 57 15.74 27.89 32.82
N PRO S 58 14.73 28.00 33.69
CA PRO S 58 14.88 27.81 35.14
C PRO S 58 15.46 26.44 35.48
N ALA S 59 14.98 25.42 34.79
CA ALA S 59 15.57 24.10 34.87
C ALA S 59 16.74 24.00 33.90
N HIS S 60 17.92 24.39 34.36
CA HIS S 60 19.08 24.49 33.47
C HIS S 60 19.60 23.13 33.03
N ASN S 61 20.05 23.06 31.78
CA ASN S 61 20.60 21.83 31.23
C ASN S 61 21.91 22.05 30.51
N LEU S 62 22.39 23.29 30.49
CA LEU S 62 23.66 23.59 29.82
C LEU S 62 24.80 22.86 30.50
N SER S 63 24.80 22.90 31.83
CA SER S 63 25.81 22.21 32.61
C SER S 63 25.69 20.71 32.38
N ASP S 64 24.46 20.23 32.30
CA ASP S 64 24.20 18.82 32.07
C ASP S 64 24.64 18.40 30.68
N ALA S 65 24.60 19.33 29.73
CA ALA S 65 24.91 19.03 28.34
C ALA S 65 26.41 18.89 28.09
N PHE S 66 27.21 19.77 28.71
CA PHE S 66 28.67 19.73 28.54
C PHE S 66 29.33 18.85 29.59
N GLY S 67 28.70 18.72 30.75
CA GLY S 67 29.22 17.93 31.84
C GLY S 67 30.13 18.69 32.79
N GLU S 68 29.97 20.01 32.83
CA GLU S 68 30.67 20.85 33.80
C GLU S 68 29.71 21.89 34.35
N LYS S 69 29.89 22.27 35.61
CA LYS S 69 28.98 23.19 36.27
C LYS S 69 29.21 24.66 35.91
N PHE S 70 28.17 25.31 35.42
CA PHE S 70 28.20 26.74 35.16
C PHE S 70 27.30 27.46 36.15
N GLY S 71 27.47 28.78 36.27
CA GLY S 71 26.71 29.55 37.23
C GLY S 71 26.36 30.95 36.78
N LYS S 72 26.05 31.81 37.74
CA LYS S 72 25.65 33.18 37.42
C LYS S 72 26.80 33.93 36.76
N ASP S 73 28.02 33.51 37.07
CA ASP S 73 29.21 34.10 36.48
C ASP S 73 29.62 33.31 35.23
N ALA S 74 29.84 34.01 34.13
CA ALA S 74 30.17 33.36 32.87
C ALA S 74 31.49 32.62 32.99
N ARG S 75 31.51 31.34 32.63
CA ARG S 75 32.74 30.58 32.66
C ARG S 75 33.02 29.99 31.28
N LYS S 76 34.28 29.90 30.90
CA LYS S 76 34.66 29.33 29.61
C LYS S 76 34.35 27.85 29.52
N VAL S 77 34.00 27.40 28.32
CA VAL S 77 33.78 25.98 28.09
C VAL S 77 35.14 25.30 27.98
N THR S 78 35.36 24.28 28.80
CA THR S 78 36.65 23.60 28.81
C THR S 78 36.96 22.96 27.46
N GLY S 79 38.08 23.36 26.88
CA GLY S 79 38.51 22.90 25.57
C GLY S 79 38.33 23.94 24.49
N MET S 80 37.65 25.03 24.84
CA MET S 80 37.44 26.14 23.91
C MET S 80 37.86 27.45 24.56
N ASN S 81 38.44 28.35 23.78
CA ASN S 81 38.96 29.61 24.31
C ASN S 81 38.02 30.80 24.09
N ASN S 82 37.03 30.63 23.23
CA ASN S 82 36.15 31.75 22.88
C ASN S 82 34.66 31.43 22.99
N LEU S 83 34.33 30.37 23.73
CA LEU S 83 32.94 30.02 23.98
C LEU S 83 32.70 29.91 25.49
N SER S 84 31.71 30.66 25.99
CA SER S 84 31.38 30.66 27.41
C SER S 84 29.90 30.44 27.68
N CYS S 85 29.58 29.71 28.75
CA CYS S 85 28.19 29.47 29.15
C CYS S 85 27.83 30.21 30.44
N MET S 86 26.52 30.39 30.67
CA MET S 86 26.02 31.07 31.87
C MET S 86 24.64 30.56 32.26
N GLU S 87 24.50 30.08 33.49
CA GLU S 87 23.20 29.64 34.00
C GLU S 87 22.77 30.47 35.20
N ILE S 88 21.81 31.37 34.99
CA ILE S 88 21.40 32.29 36.04
C ILE S 88 20.62 31.60 37.15
N ASP S 89 21.07 31.78 38.39
CA ASP S 89 20.41 31.20 39.57
C ASP S 89 19.63 32.30 40.28
N PRO S 90 18.30 32.26 40.18
CA PRO S 90 17.43 33.32 40.71
C PRO S 90 17.62 33.60 42.20
N SER S 91 17.70 32.56 43.01
CA SER S 91 17.86 32.73 44.45
C SER S 91 19.23 33.30 44.79
N ALA S 92 20.27 32.65 44.28
CA ALA S 92 21.65 33.05 44.56
C ALA S 92 21.96 34.44 44.02
N ALA S 93 21.49 34.74 42.82
CA ALA S 93 21.76 36.04 42.20
C ALA S 93 21.15 37.17 43.01
N LEU S 94 19.91 36.99 43.45
CA LEU S 94 19.20 38.01 44.23
C LEU S 94 19.76 38.16 45.64
N LYS S 95 20.15 37.05 46.25
CA LYS S 95 20.72 37.07 47.60
C LYS S 95 22.06 37.79 47.64
N ASP S 96 22.86 37.58 46.60
CA ASP S 96 24.16 38.25 46.49
C ASP S 96 23.93 39.75 46.33
N MET S 97 22.97 40.10 45.48
CA MET S 97 22.62 41.50 45.23
C MET S 97 22.04 42.09 46.50
N ASN S 98 21.42 41.22 47.29
CA ASN S 98 20.85 41.58 48.59
C ASN S 98 21.95 41.98 49.57
N ASP S 99 23.12 41.35 49.45
CA ASP S 99 24.23 41.63 50.35
C ASP S 99 25.16 42.68 49.76
N GLY S 124 17.61 38.89 53.84
CA GLY S 124 17.37 38.06 52.69
C GLY S 124 15.91 37.73 52.43
N ALA S 125 15.24 37.13 53.43
CA ALA S 125 13.82 36.73 53.38
C ALA S 125 12.95 37.41 52.31
N LEU S 126 13.04 38.74 52.20
CA LEU S 126 12.29 39.45 51.16
C LEU S 126 12.90 39.19 49.78
N ALA S 127 14.21 38.98 49.74
CA ALA S 127 14.90 38.67 48.50
C ALA S 127 14.53 37.26 48.07
N ASP S 128 14.39 36.38 49.06
CA ASP S 128 14.05 34.99 48.82
C ASP S 128 12.62 34.84 48.31
N LEU S 129 11.71 35.65 48.84
CA LEU S 129 10.32 35.60 48.41
C LEU S 129 10.17 36.10 46.98
N THR S 130 10.82 37.22 46.67
CA THR S 130 10.78 37.75 45.32
C THR S 130 11.49 36.83 44.33
N GLY S 131 12.45 36.06 44.84
CA GLY S 131 13.20 35.12 44.02
C GLY S 131 12.40 33.88 43.71
N SER S 132 11.31 33.69 44.45
CA SER S 132 10.44 32.55 44.25
C SER S 132 9.14 32.93 43.55
N ILE S 133 8.93 34.23 43.35
CA ILE S 133 7.72 34.71 42.69
C ILE S 133 7.79 34.39 41.20
N PRO S 134 6.70 33.87 40.64
CA PRO S 134 6.65 33.50 39.23
C PRO S 134 6.91 34.70 38.32
N GLY S 135 7.78 34.51 37.33
CA GLY S 135 8.13 35.56 36.39
C GLY S 135 9.54 36.08 36.66
N ILE S 136 10.04 35.84 37.87
CA ILE S 136 11.36 36.33 38.27
C ILE S 136 12.47 35.81 37.36
N ASP S 137 12.27 34.63 36.78
CA ASP S 137 13.27 34.07 35.89
C ASP S 137 13.40 34.88 34.62
N GLU S 138 12.27 35.24 34.01
CA GLU S 138 12.28 36.06 32.81
C GLU S 138 12.75 37.46 33.17
N ALA S 139 12.45 37.87 34.40
CA ALA S 139 12.83 39.18 34.88
C ALA S 139 14.35 39.27 35.05
N LEU S 140 14.96 38.24 35.62
CA LEU S 140 16.40 38.25 35.85
C LEU S 140 17.17 38.04 34.55
N SER S 141 16.52 37.46 33.55
CA SER S 141 17.15 37.30 32.25
C SER S 141 17.19 38.64 31.53
N PHE S 142 16.08 39.35 31.58
CA PHE S 142 15.98 40.66 30.96
C PHE S 142 16.94 41.62 31.66
N MET S 143 17.16 41.45 32.96
CA MET S 143 18.14 42.28 33.66
C MET S 143 19.56 41.94 33.22
N GLU S 144 19.80 40.67 32.92
CA GLU S 144 21.12 40.24 32.47
C GLU S 144 21.44 40.83 31.10
N VAL S 145 20.47 40.79 30.19
CA VAL S 145 20.63 41.41 28.89
C VAL S 145 20.82 42.91 29.06
N MET S 146 20.02 43.49 29.94
CA MET S 146 20.01 44.92 30.15
C MET S 146 21.33 45.44 30.69
N LYS S 147 21.92 44.70 31.63
CA LYS S 147 23.18 45.11 32.23
C LYS S 147 24.33 44.73 31.31
N HIS S 148 24.08 43.75 30.43
CA HIS S 148 25.07 43.34 29.45
C HIS S 148 25.29 44.45 28.44
N ILE S 149 24.22 45.17 28.13
CA ILE S 149 24.29 46.29 27.19
C ILE S 149 25.08 47.45 27.77
N LYS S 150 24.86 47.74 29.05
CA LYS S 150 25.58 48.81 29.73
C LYS S 150 27.09 48.55 29.76
N ARG S 151 27.48 47.29 29.86
CA ARG S 151 28.89 46.93 29.91
C ARG S 151 29.57 47.14 28.56
N GLN S 152 28.86 46.82 27.48
CA GLN S 152 29.39 47.00 26.14
C GLN S 152 29.58 48.48 25.83
N GLU S 153 28.73 49.33 26.41
CA GLU S 153 28.79 50.76 26.13
C GLU S 153 29.96 51.43 26.85
N GLN S 154 30.04 51.20 28.17
CA GLN S 154 31.06 51.84 29.00
C GLN S 154 32.42 51.17 28.84
N GLY S 155 32.41 49.93 28.39
CA GLY S 155 33.63 49.15 28.29
C GLY S 155 33.94 48.46 29.62
N GLU S 156 32.92 48.31 30.45
CA GLU S 156 33.08 47.66 31.74
C GLU S 156 33.12 46.16 31.55
N GLY S 157 33.59 45.43 32.56
CA GLY S 157 33.53 43.99 32.53
C GLY S 157 34.24 43.42 31.32
N GLU S 158 33.94 42.16 31.03
CA GLU S 158 34.33 41.54 29.78
C GLU S 158 33.05 41.22 29.04
N THR S 159 32.95 41.63 27.78
CA THR S 159 31.71 41.43 27.06
C THR S 159 31.99 40.56 25.85
N PHE S 160 30.91 40.08 25.25
CA PHE S 160 30.98 39.13 24.16
C PHE S 160 30.43 39.73 22.90
N ASP S 161 30.95 39.30 21.75
CA ASP S 161 30.51 39.87 20.48
C ASP S 161 29.12 39.36 20.14
N THR S 162 28.86 38.08 20.40
CA THR S 162 27.56 37.51 20.12
C THR S 162 27.07 36.68 21.32
N VAL S 163 25.78 36.75 21.60
CA VAL S 163 25.18 36.02 22.71
C VAL S 163 24.07 35.08 22.25
N ILE S 164 24.21 33.79 22.49
CA ILE S 164 23.18 32.81 22.14
C ILE S 164 22.33 32.44 23.35
N PHE S 165 21.01 32.41 23.17
CA PHE S 165 20.09 32.12 24.27
C PHE S 165 19.49 30.72 24.18
N ASP S 166 19.76 29.89 25.19
CA ASP S 166 19.05 28.63 25.37
C ASP S 166 17.75 28.91 26.12
N THR S 167 16.71 29.26 25.39
CA THR S 167 15.48 29.75 26.00
C THR S 167 14.66 28.64 26.63
N ALA S 168 13.71 29.03 27.49
CA ALA S 168 12.74 28.09 28.02
C ALA S 168 11.70 27.81 26.94
N PRO S 169 10.84 26.80 27.16
CA PRO S 169 9.79 26.43 26.19
C PRO S 169 8.89 27.61 25.79
N THR S 170 8.15 27.43 24.70
CA THR S 170 7.37 28.48 24.05
C THR S 170 6.62 29.44 24.98
N GLY S 171 5.87 28.89 25.94
CA GLY S 171 4.99 29.70 26.77
C GLY S 171 5.65 30.87 27.48
N HIS S 172 6.77 30.63 28.14
CA HIS S 172 7.40 31.64 28.99
C HIS S 172 8.46 32.44 28.27
N THR S 173 8.99 31.88 27.19
CA THR S 173 9.95 32.60 26.36
C THR S 173 9.26 33.78 25.68
N LEU S 174 8.01 33.60 25.27
CA LEU S 174 7.25 34.68 24.67
C LEU S 174 7.07 35.82 25.68
N ARG S 175 6.77 35.48 26.93
CA ARG S 175 6.65 36.48 27.98
C ARG S 175 7.95 37.26 28.11
N PHE S 176 9.06 36.54 28.00
CA PHE S 176 10.39 37.14 28.07
C PHE S 176 10.59 38.14 26.94
N LEU S 177 10.20 37.75 25.74
CA LEU S 177 10.40 38.58 24.56
C LEU S 177 9.42 39.77 24.49
N GLN S 178 8.32 39.68 25.22
CA GLN S 178 7.35 40.78 25.28
C GLN S 178 7.77 41.84 26.30
N LEU S 179 8.76 41.52 27.12
CA LEU S 179 9.15 42.39 28.24
C LEU S 179 9.54 43.80 27.78
N PRO S 180 10.30 43.90 26.68
CA PRO S 180 10.60 45.23 26.15
C PRO S 180 9.33 46.01 25.82
N ASN S 181 8.46 45.38 25.04
CA ASN S 181 7.19 46.00 24.68
C ASN S 181 6.28 46.15 25.89
N THR S 182 6.29 45.16 26.78
CA THR S 182 5.45 45.17 27.97
C THR S 182 5.89 46.23 28.98
N LEU S 183 7.19 46.28 29.26
CA LEU S 183 7.74 47.27 30.18
C LEU S 183 7.59 48.69 29.65
N SER S 184 7.75 48.86 28.35
CA SER S 184 7.72 50.20 27.75
C SER S 184 6.42 50.96 28.05
N LYS S 185 5.27 50.37 27.71
CA LYS S 185 4.00 51.05 27.99
C LYS S 185 3.76 51.15 29.49
N LEU S 186 4.00 50.07 30.20
CA LEU S 186 3.79 50.03 31.64
C LEU S 186 4.67 51.08 32.32
N LEU S 187 5.90 51.23 31.85
CA LEU S 187 6.86 52.13 32.49
C LEU S 187 6.41 53.59 32.37
N GLU S 188 5.98 53.98 31.18
CA GLU S 188 5.55 55.36 30.92
C GLU S 188 4.27 55.77 31.66
N LYS S 189 3.29 54.87 31.73
CA LYS S 189 2.03 55.20 32.38
C LYS S 189 2.26 55.49 33.86
N PHE S 190 3.36 54.97 34.41
CA PHE S 190 3.73 55.31 35.78
C PHE S 190 4.05 56.79 35.90
N SER S 213 12.80 58.70 40.03
CA SER S 213 12.06 59.11 38.85
C SER S 213 13.01 59.53 37.73
N GLY S 214 14.12 60.13 38.12
CA GLY S 214 15.17 60.50 37.17
C GLY S 214 15.72 59.21 36.63
N LYS S 215 15.94 58.27 37.54
CA LYS S 215 16.41 56.93 37.21
C LYS S 215 15.40 56.23 36.30
N LEU S 216 14.14 56.57 36.47
CA LEU S 216 13.05 55.96 35.73
C LEU S 216 13.06 56.31 34.24
N ASN S 217 13.48 57.52 33.90
CA ASN S 217 13.60 57.92 32.50
C ASN S 217 14.81 57.25 31.85
N GLU S 218 15.87 57.09 32.65
CA GLU S 218 17.09 56.43 32.20
C GLU S 218 16.84 54.95 31.96
N LEU S 219 16.03 54.35 32.83
CA LEU S 219 15.65 52.96 32.70
C LEU S 219 14.83 52.76 31.43
N LYS S 220 13.96 53.72 31.15
CA LYS S 220 13.09 53.67 29.97
C LYS S 220 13.90 53.72 28.68
N ALA S 221 15.04 54.40 28.72
CA ALA S 221 15.91 54.48 27.55
C ALA S 221 16.59 53.13 27.29
N ASN S 222 16.97 52.45 28.36
CA ASN S 222 17.61 51.15 28.25
C ASN S 222 16.66 50.11 27.67
N VAL S 223 15.42 50.14 28.11
CA VAL S 223 14.39 49.22 27.61
C VAL S 223 14.13 49.44 26.13
N GLU S 224 14.08 50.71 25.73
CA GLU S 224 13.83 51.05 24.34
C GLU S 224 14.98 50.59 23.45
N THR S 225 16.20 50.65 23.98
CA THR S 225 17.37 50.19 23.24
C THR S 225 17.27 48.69 22.97
N ILE S 226 16.79 47.95 23.97
CA ILE S 226 16.61 46.52 23.83
C ILE S 226 15.49 46.23 22.84
N ARG S 227 14.45 47.04 22.92
CA ARG S 227 13.29 46.90 22.05
C ARG S 227 13.69 47.07 20.59
N GLN S 228 14.56 48.02 20.32
CA GLN S 228 14.97 48.32 18.96
C GLN S 228 16.04 47.36 18.45
N GLN S 229 16.87 46.83 19.35
CA GLN S 229 17.90 45.90 18.92
C GLN S 229 17.32 44.53 18.62
N PHE S 230 16.24 44.17 19.30
CA PHE S 230 15.60 42.87 19.11
C PHE S 230 14.77 42.82 17.84
N THR S 231 14.38 43.99 17.33
CA THR S 231 13.56 44.04 16.12
C THR S 231 14.41 44.28 14.87
N ASP S 232 15.72 44.32 15.03
CA ASP S 232 16.64 44.50 13.91
C ASP S 232 17.12 43.14 13.41
N PRO S 233 16.70 42.75 12.19
CA PRO S 233 17.00 41.42 11.63
C PRO S 233 18.50 41.15 11.53
N ASP S 234 19.30 42.21 11.45
CA ASP S 234 20.75 42.05 11.34
C ASP S 234 21.40 41.84 12.71
N LEU S 235 20.73 42.28 13.77
CA LEU S 235 21.29 42.14 15.12
C LEU S 235 20.70 40.95 15.86
N THR S 236 19.37 40.80 15.79
CA THR S 236 18.68 39.75 16.52
C THR S 236 17.89 38.82 15.62
N THR S 237 18.01 37.52 15.87
CA THR S 237 17.20 36.54 15.15
C THR S 237 16.81 35.39 16.07
N PHE S 238 15.75 34.70 15.70
CA PHE S 238 15.23 33.58 16.47
C PHE S 238 15.32 32.30 15.65
N VAL S 239 16.02 31.29 16.18
CA VAL S 239 16.11 30.01 15.49
C VAL S 239 15.17 29.02 16.17
N CYS S 240 14.14 28.62 15.44
CA CYS S 240 13.13 27.72 15.96
C CYS S 240 13.54 26.26 15.78
N VAL S 241 13.46 25.49 16.86
CA VAL S 241 13.75 24.07 16.81
C VAL S 241 12.46 23.26 16.94
N CYS S 242 12.39 22.14 16.25
CA CYS S 242 11.21 21.29 16.33
C CYS S 242 11.50 19.86 15.88
N ILE S 243 10.52 18.98 16.10
CA ILE S 243 10.58 17.62 15.59
C ILE S 243 9.44 17.45 14.60
N SER S 244 9.55 16.47 13.71
CA SER S 244 8.53 16.26 12.69
C SER S 244 7.40 15.39 13.23
N GLU S 245 6.68 15.91 14.22
CA GLU S 245 5.54 15.21 14.80
C GLU S 245 4.30 16.12 14.83
N PHE S 246 3.13 15.51 14.92
CA PHE S 246 1.85 16.22 14.82
C PHE S 246 1.73 17.36 15.85
N LEU S 247 1.88 17.03 17.14
CA LEU S 247 1.70 18.03 18.19
C LEU S 247 2.75 19.15 18.16
N SER S 248 3.87 18.89 17.50
CA SER S 248 4.94 19.87 17.41
C SER S 248 4.72 20.86 16.28
N LEU S 249 4.01 20.42 15.25
CA LEU S 249 3.76 21.24 14.06
C LEU S 249 2.96 22.49 14.37
N TYR S 250 1.89 22.32 15.15
CA TYR S 250 0.96 23.42 15.40
C TYR S 250 1.46 24.40 16.45
N GLU S 251 2.28 23.93 17.38
CA GLU S 251 2.85 24.82 18.40
C GLU S 251 4.01 25.60 17.81
N THR S 252 4.77 24.96 16.93
CA THR S 252 5.87 25.63 16.25
C THR S 252 5.33 26.74 15.37
N GLU S 253 4.31 26.42 14.59
CA GLU S 253 3.64 27.40 13.74
C GLU S 253 3.06 28.54 14.57
N ARG S 254 2.40 28.19 15.67
CA ARG S 254 1.75 29.17 16.53
C ARG S 254 2.79 30.13 17.09
N LEU S 255 3.97 29.60 17.40
CA LEU S 255 5.05 30.38 17.98
C LEU S 255 5.68 31.33 16.95
N ILE S 256 5.94 30.82 15.75
CA ILE S 256 6.58 31.61 14.71
C ILE S 256 5.72 32.82 14.34
N GLN S 257 4.42 32.61 14.26
CA GLN S 257 3.50 33.70 13.93
C GLN S 257 3.53 34.78 15.01
N GLU S 258 3.58 34.34 16.27
CA GLU S 258 3.56 35.26 17.39
C GLU S 258 4.88 36.04 17.51
N LEU S 259 5.98 35.41 17.08
CA LEU S 259 7.26 36.10 17.09
C LEU S 259 7.26 37.20 16.03
N ILE S 260 6.66 36.92 14.89
CA ILE S 260 6.56 37.89 13.81
C ILE S 260 5.75 39.10 14.23
N SER S 261 4.74 38.89 15.07
CA SER S 261 3.89 39.98 15.53
C SER S 261 4.66 40.89 16.49
N TYR S 262 5.78 40.40 16.99
CA TYR S 262 6.63 41.19 17.87
C TYR S 262 7.74 41.86 17.08
N ASP S 263 7.70 41.68 15.75
CA ASP S 263 8.75 42.19 14.86
C ASP S 263 10.07 41.47 15.13
N MET S 264 9.95 40.23 15.63
CA MET S 264 11.10 39.34 15.80
C MET S 264 11.43 38.63 14.51
N ASP S 265 12.70 38.69 14.10
CA ASP S 265 13.13 38.03 12.88
C ASP S 265 13.24 36.52 13.10
N VAL S 266 12.56 35.75 12.26
CA VAL S 266 12.68 34.30 12.29
C VAL S 266 12.77 33.75 10.87
N ASN S 267 13.87 33.10 10.55
CA ASN S 267 14.10 32.56 9.21
C ASN S 267 14.78 31.21 9.24
N SER S 268 14.91 30.65 10.44
CA SER S 268 15.57 29.37 10.60
C SER S 268 14.73 28.38 11.38
N ILE S 269 14.57 27.19 10.81
CA ILE S 269 13.85 26.11 11.47
C ILE S 269 14.70 24.84 11.44
N ILE S 270 15.03 24.34 12.63
CA ILE S 270 15.75 23.09 12.76
C ILE S 270 14.78 21.95 12.99
N VAL S 271 14.73 21.00 12.06
CA VAL S 271 13.92 19.81 12.27
C VAL S 271 14.82 18.71 12.79
N ASN S 272 14.65 18.38 14.07
CA ASN S 272 15.56 17.52 14.80
C ASN S 272 15.00 16.12 14.95
N GLN S 273 15.87 15.18 15.33
CA GLN S 273 15.45 13.82 15.65
C GLN S 273 14.81 13.09 14.48
N LEU S 274 15.28 13.39 13.27
CA LEU S 274 14.74 12.71 12.09
C LEU S 274 15.33 11.31 11.97
N LEU S 275 14.49 10.34 11.61
CA LEU S 275 14.93 8.96 11.51
C LEU S 275 15.70 8.65 10.23
N PHE S 276 15.18 9.13 9.10
CA PHE S 276 15.75 8.81 7.79
C PHE S 276 15.78 7.29 7.64
N ALA S 277 14.70 6.65 8.07
CA ALA S 277 14.64 5.20 8.25
C ALA S 277 14.96 4.43 6.97
N GLU S 278 14.60 5.01 5.83
CA GLU S 278 14.82 4.38 4.54
C GLU S 278 16.30 4.06 4.34
N ASN S 279 17.14 4.89 4.94
CA ASN S 279 18.59 4.71 4.89
C ASN S 279 19.09 3.71 5.94
N CYS S 285 13.30 -2.48 10.47
CA CYS S 285 12.53 -2.35 11.70
C CYS S 285 11.12 -1.83 11.42
N LYS S 286 10.12 -2.51 11.98
CA LYS S 286 8.73 -2.17 11.71
C LYS S 286 8.36 -0.79 12.29
N ARG S 287 8.83 -0.53 13.50
CA ARG S 287 8.48 0.70 14.19
C ARG S 287 9.14 1.93 13.56
N CYS S 288 10.41 1.80 13.19
CA CYS S 288 11.13 2.91 12.57
C CYS S 288 10.52 3.29 11.22
N GLN S 289 10.14 2.27 10.44
CA GLN S 289 9.55 2.48 9.13
C GLN S 289 8.18 3.13 9.22
N ALA S 290 7.40 2.71 10.21
CA ALA S 290 6.09 3.31 10.46
C ALA S 290 6.24 4.76 10.90
N ARG S 291 7.17 5.02 11.82
CA ARG S 291 7.38 6.37 12.34
C ARG S 291 8.07 7.30 11.34
N TRP S 292 8.96 6.73 10.53
CA TRP S 292 9.62 7.52 9.49
C TRP S 292 8.61 7.91 8.43
N LYS S 293 7.73 6.97 8.09
CA LYS S 293 6.68 7.23 7.12
C LYS S 293 5.81 8.38 7.62
N MET S 294 5.56 8.38 8.93
CA MET S 294 4.79 9.46 9.55
C MET S 294 5.58 10.77 9.53
N GLN S 295 6.87 10.70 9.89
CA GLN S 295 7.69 11.89 9.97
C GLN S 295 7.92 12.51 8.60
N LYS S 296 8.05 11.66 7.59
CA LYS S 296 8.32 12.11 6.23
C LYS S 296 7.13 12.89 5.68
N LYS S 297 5.93 12.46 6.03
CA LYS S 297 4.72 13.15 5.60
C LYS S 297 4.72 14.58 6.12
N TYR S 298 4.99 14.74 7.42
CA TYR S 298 5.00 16.05 8.04
C TYR S 298 6.20 16.89 7.62
N LEU S 299 7.30 16.23 7.29
CA LEU S 299 8.51 16.93 6.87
C LEU S 299 8.29 17.65 5.52
N ASP S 300 7.57 17.01 4.61
CA ASP S 300 7.21 17.61 3.32
C ASP S 300 6.32 18.83 3.51
N GLN S 301 5.46 18.78 4.52
CA GLN S 301 4.54 19.88 4.79
C GLN S 301 5.32 21.07 5.37
N ILE S 302 6.34 20.76 6.15
CA ILE S 302 7.19 21.79 6.73
C ILE S 302 8.01 22.46 5.63
N ASP S 303 8.53 21.64 4.71
CA ASP S 303 9.34 22.14 3.60
C ASP S 303 8.52 23.07 2.70
N GLU S 304 7.25 22.74 2.52
CA GLU S 304 6.37 23.50 1.64
C GLU S 304 5.94 24.83 2.23
N LEU S 305 5.56 24.80 3.51
CA LEU S 305 5.08 26.01 4.17
C LEU S 305 6.21 26.99 4.42
N TYR S 306 7.36 26.47 4.82
CA TYR S 306 8.48 27.34 5.17
C TYR S 306 9.55 27.32 4.09
N GLU S 307 9.16 27.68 2.87
CA GLU S 307 10.08 27.67 1.74
C GLU S 307 10.98 28.89 1.75
N ASP S 308 10.62 29.88 2.56
CA ASP S 308 11.44 31.10 2.68
C ASP S 308 12.40 30.96 3.85
N PHE S 309 12.34 29.82 4.52
CA PHE S 309 13.15 29.57 5.71
C PHE S 309 14.32 28.64 5.44
N HIS S 310 15.36 28.76 6.26
CA HIS S 310 16.40 27.74 6.31
C HIS S 310 15.86 26.56 7.08
N VAL S 311 15.47 25.52 6.36
CA VAL S 311 14.97 24.30 6.99
C VAL S 311 16.10 23.29 7.13
N VAL S 312 16.68 23.21 8.32
CA VAL S 312 17.82 22.33 8.57
C VAL S 312 17.40 21.03 9.22
N LYS S 313 17.78 19.91 8.60
CA LYS S 313 17.37 18.60 9.06
C LYS S 313 18.48 17.88 9.80
N MET S 314 18.17 17.39 11.00
CA MET S 314 19.15 16.72 11.84
C MET S 314 18.72 15.28 12.13
N PRO S 315 19.65 14.31 12.05
CA PRO S 315 19.31 12.91 12.27
C PRO S 315 19.15 12.54 13.75
N LEU S 316 18.36 11.51 14.03
CA LEU S 316 18.27 10.97 15.38
C LEU S 316 19.46 10.04 15.63
N CYS S 317 20.35 10.46 16.53
CA CYS S 317 21.57 9.73 16.84
C CYS S 317 21.30 8.53 17.76
N ALA S 318 22.13 7.50 17.64
CA ALA S 318 21.92 6.28 18.43
C ALA S 318 22.31 6.50 19.88
N GLY S 319 23.17 7.49 20.09
CA GLY S 319 23.60 7.86 21.43
C GLY S 319 22.92 9.13 21.87
N GLU S 320 23.41 9.71 22.95
CA GLU S 320 22.91 10.99 23.42
C GLU S 320 23.98 12.05 23.19
N ILE S 321 23.58 13.18 22.61
CA ILE S 321 24.55 14.22 22.28
C ILE S 321 24.90 15.00 23.53
N ARG S 322 25.97 14.56 24.18
CA ARG S 322 26.43 15.16 25.43
C ARG S 322 27.95 15.26 25.43
N GLY S 323 28.46 16.35 26.00
CA GLY S 323 29.90 16.59 26.02
C GLY S 323 30.39 17.38 24.81
N LEU S 324 31.55 18.00 24.94
CA LEU S 324 32.09 18.82 23.85
C LEU S 324 32.26 18.01 22.57
N ASN S 325 32.67 16.74 22.69
CA ASN S 325 32.92 15.89 21.53
C ASN S 325 31.68 15.64 20.69
N ASN S 326 30.67 15.06 21.31
CA ASN S 326 29.47 14.65 20.61
C ASN S 326 28.70 15.86 20.10
N LEU S 327 28.77 16.95 20.85
CA LEU S 327 28.11 18.18 20.47
C LEU S 327 28.77 18.77 19.24
N THR S 328 30.10 18.81 19.22
CA THR S 328 30.85 19.31 18.08
C THR S 328 30.61 18.45 16.84
N LYS S 329 30.70 17.14 17.00
CA LYS S 329 30.54 16.21 15.90
C LYS S 329 29.13 16.26 15.31
N PHE S 330 28.19 16.68 16.14
CA PHE S 330 26.80 16.80 15.74
C PHE S 330 26.52 18.18 15.12
N SER S 331 27.18 19.20 15.64
CA SER S 331 26.90 20.58 15.25
C SER S 331 27.31 20.91 13.81
N GLN S 332 28.21 20.11 13.25
CA GLN S 332 28.74 20.40 11.92
C GLN S 332 27.65 20.33 10.85
N PHE S 333 26.54 19.65 11.15
CA PHE S 333 25.47 19.49 10.18
C PHE S 333 24.51 20.67 10.20
N LEU S 334 24.84 21.68 11.00
CA LEU S 334 24.12 22.94 11.00
C LEU S 334 24.82 23.90 10.04
N ASN S 335 26.08 23.57 9.72
CA ASN S 335 26.89 24.36 8.81
C ASN S 335 26.80 23.80 7.39
N LYS S 336 27.10 22.51 7.26
CA LYS S 336 26.90 21.79 6.01
C LYS S 336 25.83 20.72 6.23
N GLU S 337 24.77 20.75 5.44
CA GLU S 337 23.59 19.90 5.69
C GLU S 337 23.93 18.42 5.74
N TYR S 338 23.14 17.69 6.53
CA TYR S 338 23.34 16.25 6.74
C TYR S 338 22.83 15.42 5.57
N ASN S 339 23.68 14.55 5.06
CA ASN S 339 23.31 13.67 3.97
C ASN S 339 23.21 12.23 4.48
N PRO S 340 21.97 11.73 4.62
CA PRO S 340 21.66 10.40 5.18
C PRO S 340 22.33 9.27 4.42
N ILE S 341 22.57 9.46 3.13
CA ILE S 341 23.19 8.44 2.30
C ILE S 341 24.69 8.33 2.60
N THR S 342 25.30 9.47 2.89
CA THR S 342 26.75 9.54 3.10
C THR S 342 27.12 9.53 4.58
N ASP S 343 26.52 10.46 5.33
CA ASP S 343 26.89 10.68 6.72
C ASP S 343 26.12 9.79 7.69
N GLY S 344 25.60 8.68 7.19
CA GLY S 344 24.77 7.80 8.01
C GLY S 344 25.54 7.09 9.10
N LYS S 345 26.86 7.13 9.01
CA LYS S 345 27.73 6.49 9.99
C LYS S 345 27.92 7.35 11.24
N VAL S 346 27.77 8.66 11.08
CA VAL S 346 28.05 9.62 12.15
C VAL S 346 27.13 9.48 13.36
N ILE S 347 25.98 8.86 13.16
CA ILE S 347 25.00 8.70 14.24
C ILE S 347 25.40 7.61 15.22
N TYR S 348 26.45 6.86 14.89
CA TYR S 348 26.93 5.78 15.76
C TYR S 348 28.30 6.11 16.34
N GLU S 349 28.84 7.26 15.96
CA GLU S 349 30.19 7.63 16.36
C GLU S 349 30.22 8.44 17.66
N LEU S 350 29.18 8.30 18.46
CA LEU S 350 29.11 8.97 19.75
C LEU S 350 29.63 8.09 20.88
N ASP T 2 8.67 -9.72 49.67
CA ASP T 2 8.29 -8.49 50.36
C ASP T 2 7.29 -7.70 49.52
N LEU T 3 6.74 -6.63 50.10
CA LEU T 3 5.79 -5.78 49.39
C LEU T 3 6.43 -5.03 48.24
N THR T 4 5.93 -5.27 47.02
CA THR T 4 6.35 -4.50 45.85
C THR T 4 5.35 -3.38 45.50
N VAL T 5 5.88 -2.29 44.97
CA VAL T 5 5.07 -1.15 44.57
C VAL T 5 4.74 -1.29 43.09
N GLU T 6 3.61 -1.92 42.79
CA GLU T 6 3.29 -2.29 41.41
C GLU T 6 3.38 -1.13 40.42
N PRO T 7 3.87 -1.43 39.22
CA PRO T 7 4.18 -0.49 38.14
C PRO T 7 2.95 -0.02 37.37
N ASN T 8 2.00 0.57 38.08
CA ASN T 8 0.82 1.15 37.46
C ASN T 8 0.20 2.22 38.34
N LEU T 9 -0.75 2.96 37.78
CA LEU T 9 -1.43 4.01 38.51
C LEU T 9 -2.86 3.61 38.90
N HIS T 10 -3.12 2.32 38.99
CA HIS T 10 -4.47 1.84 39.32
C HIS T 10 -4.98 2.38 40.65
N SER T 11 -4.11 2.43 41.66
CA SER T 11 -4.51 2.92 42.97
C SER T 11 -4.94 4.37 42.90
N LEU T 12 -4.29 5.14 42.03
CA LEU T 12 -4.60 6.57 41.86
C LEU T 12 -5.84 6.76 41.00
N ILE T 13 -5.95 5.96 39.95
CA ILE T 13 -7.06 6.06 39.01
C ILE T 13 -8.37 5.79 39.72
N THR T 14 -8.33 4.95 40.74
CA THR T 14 -9.54 4.59 41.48
C THR T 14 -9.63 5.31 42.82
N SER T 15 -8.81 6.32 43.01
CA SER T 15 -8.81 7.09 44.25
C SER T 15 -10.11 7.85 44.43
N THR T 16 -10.62 7.89 45.65
CA THR T 16 -11.87 8.59 45.92
C THR T 16 -11.64 9.78 46.84
N THR T 17 -10.39 10.09 47.11
CA THR T 17 -10.06 11.17 48.03
C THR T 17 -9.31 12.31 47.35
N HIS T 18 -8.55 11.99 46.30
CA HIS T 18 -7.72 12.97 45.60
C HIS T 18 -8.52 14.06 44.89
N LYS T 19 -8.14 15.32 45.12
CA LYS T 19 -8.79 16.47 44.49
C LYS T 19 -7.84 17.22 43.56
N TRP T 20 -6.55 17.12 43.84
CA TRP T 20 -5.54 17.81 43.05
C TRP T 20 -4.47 16.86 42.58
N ILE T 21 -4.41 16.59 41.28
CA ILE T 21 -3.38 15.72 40.73
C ILE T 21 -2.50 16.48 39.73
N PHE T 22 -1.23 16.65 40.06
CA PHE T 22 -0.29 17.37 39.21
C PHE T 22 0.50 16.44 38.30
N VAL T 23 0.59 16.78 37.03
CA VAL T 23 1.43 16.02 36.11
C VAL T 23 2.53 16.93 35.57
N GLY T 24 3.78 16.57 35.83
CA GLY T 24 4.89 17.44 35.45
C GLY T 24 6.14 16.67 35.09
N GLY T 25 7.24 17.40 34.88
CA GLY T 25 8.50 16.79 34.50
C GLY T 25 9.20 17.61 33.44
N LYS T 26 10.36 17.13 32.98
CA LYS T 26 11.11 17.80 31.93
C LYS T 26 10.29 17.91 30.64
N GLY T 27 10.64 18.87 29.79
CA GLY T 27 9.92 19.09 28.54
C GLY T 27 10.08 18.01 27.48
N GLY T 28 8.99 17.70 26.79
CA GLY T 28 9.03 16.77 25.69
C GLY T 28 8.97 15.30 26.10
N VAL T 29 8.95 15.05 27.40
CA VAL T 29 8.92 13.68 27.91
C VAL T 29 7.53 13.12 27.76
N GLY T 30 6.54 14.01 27.69
CA GLY T 30 5.17 13.59 27.49
C GLY T 30 4.26 14.02 28.62
N LYS T 31 4.45 15.22 29.15
CA LYS T 31 3.59 15.67 30.24
C LYS T 31 2.12 15.68 29.81
N THR T 32 1.86 16.26 28.64
CA THR T 32 0.49 16.41 28.15
C THR T 32 -0.19 15.10 27.83
N THR T 33 0.54 14.19 27.17
CA THR T 33 -0.01 12.89 26.81
C THR T 33 -0.42 12.10 28.05
N SER T 34 0.41 12.16 29.08
CA SER T 34 0.17 11.40 30.32
C SER T 34 -0.96 12.01 31.14
N SER T 35 -1.02 13.34 31.16
CA SER T 35 -2.05 14.02 31.93
C SER T 35 -3.42 13.81 31.27
N CYS T 36 -3.43 13.63 29.96
CA CYS T 36 -4.66 13.31 29.25
C CYS T 36 -5.09 11.87 29.53
N SER T 37 -4.11 10.98 29.60
CA SER T 37 -4.40 9.57 29.84
C SER T 37 -4.90 9.36 31.26
N ILE T 38 -4.28 10.04 32.23
CA ILE T 38 -4.72 9.91 33.61
C ILE T 38 -6.13 10.44 33.78
N ALA T 39 -6.40 11.59 33.16
CA ALA T 39 -7.71 12.20 33.25
C ALA T 39 -8.79 11.31 32.64
N ILE T 40 -8.46 10.64 31.54
CA ILE T 40 -9.41 9.76 30.85
C ILE T 40 -9.69 8.51 31.69
N GLN T 41 -8.65 7.92 32.26
CA GLN T 41 -8.82 6.72 33.08
C GLN T 41 -9.68 6.97 34.32
N MET T 42 -9.46 8.11 34.97
CA MET T 42 -10.23 8.46 36.15
C MET T 42 -11.68 8.69 35.82
N ALA T 43 -11.91 9.39 34.70
CA ALA T 43 -13.25 9.68 34.24
C ALA T 43 -14.03 8.41 33.92
N LEU T 44 -13.38 7.44 33.29
CA LEU T 44 -14.03 6.18 32.94
C LEU T 44 -14.25 5.30 34.17
N SER T 45 -13.27 5.29 35.06
CA SER T 45 -13.32 4.45 36.25
C SER T 45 -14.30 4.96 37.30
N GLN T 46 -14.54 6.27 37.31
CA GLN T 46 -15.43 6.87 38.30
C GLN T 46 -16.48 7.76 37.63
N PRO T 47 -17.48 7.12 37.02
CA PRO T 47 -18.51 7.80 36.24
C PRO T 47 -19.32 8.82 37.05
N ASN T 48 -19.39 8.64 38.36
CA ASN T 48 -20.22 9.50 39.20
C ASN T 48 -19.54 10.78 39.59
N LYS T 49 -18.25 10.91 39.29
CA LYS T 49 -17.52 12.10 39.66
C LYS T 49 -17.15 12.90 38.41
N GLN T 50 -17.14 14.22 38.55
CA GLN T 50 -16.76 15.10 37.45
C GLN T 50 -15.28 15.45 37.52
N PHE T 51 -14.63 15.44 36.36
CA PHE T 51 -13.20 15.70 36.29
C PHE T 51 -12.86 16.90 35.43
N LEU T 52 -11.98 17.75 35.95
CA LEU T 52 -11.46 18.90 35.21
C LEU T 52 -9.96 18.74 34.98
N LEU T 53 -9.56 18.94 33.73
CA LEU T 53 -8.15 18.86 33.37
C LEU T 53 -7.67 20.25 32.94
N ILE T 54 -6.92 20.91 33.83
CA ILE T 54 -6.44 22.26 33.58
C ILE T 54 -5.01 22.27 33.06
N SER T 55 -4.75 23.12 32.07
CA SER T 55 -3.40 23.31 31.57
C SER T 55 -2.82 24.63 32.10
N THR T 56 -1.76 24.51 32.89
CA THR T 56 -1.11 25.69 33.46
C THR T 56 0.09 26.11 32.61
N ASN T 57 0.30 25.36 31.52
CA ASN T 57 1.36 25.68 30.58
C ASN T 57 0.87 26.73 29.58
N PRO T 58 1.58 27.86 29.49
CA PRO T 58 1.20 28.98 28.62
C PRO T 58 1.04 28.55 27.17
N ALA T 59 1.96 27.70 26.70
CA ALA T 59 1.82 27.07 25.40
C ALA T 59 0.98 25.80 25.55
N HIS T 60 -0.33 25.95 25.44
CA HIS T 60 -1.26 24.86 25.71
C HIS T 60 -1.25 23.77 24.63
N ASN T 61 -1.44 22.52 25.04
CA ASN T 61 -1.46 21.40 24.09
C ASN T 61 -2.67 20.48 24.27
N LEU T 62 -3.57 20.83 25.17
CA LEU T 62 -4.78 20.04 25.39
C LEU T 62 -5.70 20.07 24.16
N SER T 63 -5.89 21.25 23.58
CA SER T 63 -6.70 21.37 22.38
C SER T 63 -6.08 20.58 21.24
N ASP T 64 -4.75 20.63 21.14
CA ASP T 64 -4.07 19.90 20.07
C ASP T 64 -4.20 18.39 20.26
N ALA T 65 -4.28 17.95 21.51
CA ALA T 65 -4.32 16.53 21.82
C ALA T 65 -5.69 15.93 21.54
N PHE T 66 -6.75 16.64 21.91
CA PHE T 66 -8.12 16.17 21.69
C PHE T 66 -8.71 16.58 20.35
N GLY T 67 -8.26 17.71 19.82
CA GLY T 67 -8.78 18.21 18.56
C GLY T 67 -9.99 19.11 18.73
N GLU T 68 -10.10 19.74 19.89
CA GLU T 68 -11.18 20.69 20.14
C GLU T 68 -10.65 21.95 20.84
N LYS T 69 -11.24 23.09 20.56
CA LYS T 69 -10.75 24.32 21.14
C LYS T 69 -11.27 24.50 22.55
N PHE T 70 -10.36 24.66 23.51
CA PHE T 70 -10.72 24.95 24.89
C PHE T 70 -10.34 26.37 25.28
N GLY T 71 -10.89 26.87 26.38
CA GLY T 71 -10.64 28.22 26.82
C GLY T 71 -10.64 28.35 28.33
N LYS T 72 -10.83 29.58 28.83
CA LYS T 72 -10.85 29.84 30.26
C LYS T 72 -12.05 29.14 30.89
N ASP T 73 -13.09 28.93 30.08
CA ASP T 73 -14.29 28.25 30.52
C ASP T 73 -14.22 26.76 30.21
N ALA T 74 -14.49 25.93 31.21
CA ALA T 74 -14.40 24.48 31.08
C ALA T 74 -15.41 23.94 30.08
N ARG T 75 -14.95 23.11 29.16
CA ARG T 75 -15.82 22.47 28.18
C ARG T 75 -15.74 20.96 28.31
N LYS T 76 -16.87 20.28 28.07
CA LYS T 76 -16.88 18.83 28.09
C LYS T 76 -16.05 18.26 26.94
N VAL T 77 -15.34 17.17 27.19
CA VAL T 77 -14.63 16.49 26.12
C VAL T 77 -15.62 15.65 25.32
N THR T 78 -15.68 15.89 24.02
CA THR T 78 -16.63 15.20 23.16
C THR T 78 -16.39 13.70 23.20
N GLY T 79 -17.40 12.94 23.62
CA GLY T 79 -17.27 11.50 23.75
C GLY T 79 -17.16 11.10 25.20
N MET T 80 -17.00 12.09 26.08
CA MET T 80 -16.90 11.84 27.51
C MET T 80 -17.97 12.65 28.22
N ASN T 81 -18.56 12.06 29.26
CA ASN T 81 -19.65 12.71 29.96
C ASN T 81 -19.22 13.41 31.24
N ASN T 82 -18.03 13.08 31.73
CA ASN T 82 -17.59 13.59 33.02
C ASN T 82 -16.16 14.14 33.02
N LEU T 83 -15.64 14.46 31.84
CA LEU T 83 -14.31 15.05 31.72
C LEU T 83 -14.38 16.37 30.98
N SER T 84 -13.82 17.41 31.59
CA SER T 84 -13.78 18.74 31.00
C SER T 84 -12.35 19.30 31.01
N CYS T 85 -11.99 20.03 29.96
CA CYS T 85 -10.68 20.65 29.88
C CYS T 85 -10.77 22.16 30.00
N MET T 86 -9.65 22.80 30.30
CA MET T 86 -9.61 24.25 30.45
C MET T 86 -8.22 24.79 30.10
N GLU T 87 -8.19 25.69 29.12
CA GLU T 87 -6.95 26.36 28.73
C GLU T 87 -7.07 27.85 28.99
N ILE T 88 -6.44 28.31 30.06
CA ILE T 88 -6.58 29.68 30.53
C ILE T 88 -5.88 30.69 29.61
N ASP T 89 -6.65 31.67 29.16
CA ASP T 89 -6.09 32.73 28.32
C ASP T 89 -5.93 34.00 29.15
N PRO T 90 -4.67 34.35 29.48
CA PRO T 90 -4.40 35.50 30.33
C PRO T 90 -5.01 36.78 29.78
N SER T 91 -4.88 36.98 28.48
CA SER T 91 -5.40 38.17 27.82
C SER T 91 -6.92 38.21 27.89
N ALA T 92 -7.56 37.12 27.48
CA ALA T 92 -9.02 37.05 27.48
C ALA T 92 -9.56 37.14 28.89
N ALA T 93 -8.90 36.46 29.83
CA ALA T 93 -9.32 36.45 31.22
C ALA T 93 -9.29 37.83 31.86
N LEU T 94 -8.20 38.56 31.62
CA LEU T 94 -8.01 39.90 32.19
C LEU T 94 -8.95 40.95 31.60
N LYS T 95 -9.23 40.84 30.31
CA LYS T 95 -10.15 41.78 29.67
C LYS T 95 -11.55 41.63 30.26
N ASP T 96 -11.96 40.39 30.48
CA ASP T 96 -13.24 40.11 31.11
C ASP T 96 -13.22 40.56 32.56
N MET T 97 -12.12 40.25 33.25
CA MET T 97 -11.97 40.60 34.67
C MET T 97 -11.88 42.11 34.88
N ASN T 98 -11.30 42.81 33.92
CA ASN T 98 -11.23 44.27 33.94
C ASN T 98 -12.60 44.91 33.79
N LEU T 126 -4.48 48.93 30.18
CA LEU T 126 -3.87 48.41 31.40
C LEU T 126 -4.09 46.90 31.50
N ALA T 127 -5.19 46.44 30.91
CA ALA T 127 -5.50 45.02 30.87
C ALA T 127 -4.52 44.30 29.95
N ASP T 128 -4.15 44.98 28.87
CA ASP T 128 -3.24 44.45 27.86
C ASP T 128 -1.82 44.25 28.36
N LEU T 129 -1.34 45.18 29.17
CA LEU T 129 0.02 45.12 29.71
C LEU T 129 0.22 44.01 30.75
N THR T 130 -0.73 43.87 31.68
CA THR T 130 -0.65 42.83 32.70
C THR T 130 -0.80 41.44 32.11
N GLY T 131 -1.47 41.34 30.96
CA GLY T 131 -1.68 40.07 30.30
C GLY T 131 -0.41 39.58 29.66
N SER T 132 0.56 40.48 29.56
CA SER T 132 1.87 40.16 29.00
C SER T 132 2.95 40.04 30.09
N ILE T 133 2.58 40.35 31.34
CA ILE T 133 3.54 40.28 32.45
C ILE T 133 3.90 38.86 32.83
N PRO T 134 5.21 38.59 32.99
CA PRO T 134 5.67 37.26 33.39
C PRO T 134 5.12 36.88 34.76
N GLY T 135 4.57 35.67 34.87
CA GLY T 135 4.00 35.21 36.11
C GLY T 135 2.48 35.23 36.10
N ILE T 136 1.91 36.03 35.20
CA ILE T 136 0.47 36.15 35.10
C ILE T 136 -0.18 34.80 34.83
N ASP T 137 0.57 33.95 34.13
CA ASP T 137 0.08 32.61 33.80
C ASP T 137 -0.07 31.77 35.06
N GLU T 138 0.96 31.79 35.90
CA GLU T 138 0.93 31.05 37.16
C GLU T 138 -0.05 31.67 38.14
N ALA T 139 -0.19 32.98 38.06
CA ALA T 139 -1.09 33.70 38.96
C ALA T 139 -2.55 33.38 38.66
N LEU T 140 -2.91 33.34 37.37
CA LEU T 140 -4.29 33.05 36.99
C LEU T 140 -4.63 31.58 37.22
N SER T 141 -3.61 30.73 37.25
CA SER T 141 -3.82 29.32 37.51
C SER T 141 -4.12 29.11 38.98
N PHE T 142 -3.34 29.78 39.83
CA PHE T 142 -3.52 29.73 41.27
C PHE T 142 -4.87 30.34 41.64
N MET T 143 -5.31 31.34 40.85
CA MET T 143 -6.59 31.99 41.07
C MET T 143 -7.74 31.04 40.74
N GLU T 144 -7.53 30.20 39.74
CA GLU T 144 -8.50 29.20 39.33
C GLU T 144 -8.67 28.13 40.42
N VAL T 145 -7.55 27.70 40.99
CA VAL T 145 -7.59 26.76 42.11
C VAL T 145 -8.35 27.39 43.26
N MET T 146 -8.09 28.66 43.49
CA MET T 146 -8.65 29.39 44.62
C MET T 146 -10.18 29.45 44.55
N LYS T 147 -10.73 29.64 43.35
CA LYS T 147 -12.18 29.77 43.22
C LYS T 147 -12.86 28.41 43.23
N HIS T 148 -12.15 27.38 42.80
CA HIS T 148 -12.70 26.02 42.85
C HIS T 148 -12.78 25.55 44.29
N ILE T 149 -11.81 25.95 45.10
CA ILE T 149 -11.80 25.60 46.51
C ILE T 149 -12.97 26.26 47.24
N LYS T 150 -13.22 27.53 46.95
CA LYS T 150 -14.35 28.22 47.56
C LYS T 150 -15.67 27.59 47.12
N ARG T 151 -15.73 27.14 45.88
CA ARG T 151 -16.95 26.50 45.38
C ARG T 151 -17.14 25.11 45.96
N GLN T 152 -16.05 24.38 46.15
CA GLN T 152 -16.12 23.05 46.74
C GLN T 152 -16.57 23.13 48.21
N GLU T 153 -16.15 24.18 48.90
CA GLU T 153 -16.49 24.35 50.32
C GLU T 153 -17.94 24.74 50.47
N GLN T 154 -18.36 25.73 49.68
CA GLN T 154 -19.70 26.28 49.78
C GLN T 154 -20.70 25.27 49.25
N GLY T 155 -20.23 24.38 48.39
CA GLY T 155 -21.11 23.51 47.65
C GLY T 155 -21.64 24.46 46.61
N GLU T 156 -22.68 24.09 45.87
CA GLU T 156 -23.24 25.04 44.90
C GLU T 156 -22.24 25.43 43.80
N GLY T 157 -22.72 26.25 42.87
CA GLY T 157 -21.89 26.79 41.81
C GLY T 157 -21.43 25.68 40.88
N GLU T 158 -20.43 25.95 40.05
CA GLU T 158 -19.91 24.86 39.22
C GLU T 158 -18.49 24.49 39.56
N THR T 159 -18.33 23.25 40.02
CA THR T 159 -17.03 22.74 40.43
C THR T 159 -16.84 21.32 39.91
N PHE T 160 -15.63 20.83 40.07
CA PHE T 160 -15.28 19.47 39.67
C PHE T 160 -14.80 18.71 40.90
N ASP T 161 -15.02 17.40 40.93
CA ASP T 161 -14.65 16.62 42.11
C ASP T 161 -13.13 16.47 42.18
N THR T 162 -12.50 16.27 41.03
CA THR T 162 -11.05 16.13 40.98
C THR T 162 -10.49 16.97 39.84
N VAL T 163 -9.32 17.58 40.08
CA VAL T 163 -8.69 18.39 39.05
C VAL T 163 -7.28 17.90 38.74
N ILE T 164 -7.06 17.56 37.47
CA ILE T 164 -5.74 17.12 37.00
C ILE T 164 -5.01 18.28 36.31
N PHE T 165 -3.73 18.44 36.61
CA PHE T 165 -2.94 19.55 36.07
C PHE T 165 -1.96 19.11 34.96
N ASP T 166 -2.16 19.61 33.75
CA ASP T 166 -1.15 19.50 32.71
C ASP T 166 -0.21 20.69 32.88
N THR T 167 0.78 20.50 33.75
CA THR T 167 1.64 21.59 34.20
C THR T 167 2.70 21.98 33.18
N ALA T 168 3.30 23.16 33.37
CA ALA T 168 4.41 23.59 32.55
C ALA T 168 5.65 22.81 32.95
N PRO T 169 6.73 22.91 32.16
CA PRO T 169 7.96 22.19 32.49
C PRO T 169 8.44 22.47 33.91
N THR T 170 9.32 21.61 34.41
CA THR T 170 9.75 21.61 35.81
C THR T 170 9.98 23.01 36.39
N GLY T 171 10.76 23.82 35.66
CA GLY T 171 11.17 25.11 36.14
C GLY T 171 10.03 26.03 36.58
N HIS T 172 8.99 26.14 35.75
CA HIS T 172 7.97 27.14 36.04
C HIS T 172 6.85 26.54 36.87
N THR T 173 6.73 25.21 36.82
CA THR T 173 5.76 24.51 37.64
C THR T 173 6.12 24.61 39.12
N LEU T 174 7.42 24.55 39.41
CA LEU T 174 7.89 24.67 40.79
C LEU T 174 7.54 26.01 41.43
N ARG T 175 7.72 27.09 40.67
CA ARG T 175 7.34 28.42 41.15
C ARG T 175 5.85 28.46 41.49
N PHE T 176 5.05 27.75 40.69
CA PHE T 176 3.61 27.70 40.92
C PHE T 176 3.30 27.08 42.27
N LEU T 177 3.99 26.00 42.59
CA LEU T 177 3.76 25.26 43.83
C LEU T 177 4.33 25.95 45.09
N GLN T 178 5.27 26.87 44.89
CA GLN T 178 5.83 27.64 46.01
C GLN T 178 4.94 28.82 46.33
N LEU T 179 3.96 29.06 45.46
CA LEU T 179 3.10 30.24 45.53
C LEU T 179 2.34 30.34 46.85
N PRO T 180 1.85 29.21 47.39
CA PRO T 180 1.20 29.29 48.71
C PRO T 180 2.12 29.84 49.79
N ASN T 181 3.31 29.25 49.96
CA ASN T 181 4.27 29.73 50.93
C ASN T 181 4.78 31.12 50.60
N THR T 182 4.98 31.39 49.31
CA THR T 182 5.46 32.68 48.86
C THR T 182 4.44 33.76 49.11
N LEU T 183 3.20 33.48 48.75
CA LEU T 183 2.12 34.43 48.96
C LEU T 183 1.88 34.71 50.44
N SER T 184 1.97 33.67 51.26
CA SER T 184 1.78 33.80 52.71
C SER T 184 2.81 34.77 53.29
N LYS T 185 4.08 34.52 52.95
CA LYS T 185 5.19 35.33 53.44
C LYS T 185 5.07 36.77 52.95
N LEU T 186 4.74 36.94 51.67
CA LEU T 186 4.56 38.28 51.11
C LEU T 186 3.48 39.04 51.87
N LEU T 187 2.41 38.32 52.22
CA LEU T 187 1.25 38.92 52.87
C LEU T 187 1.56 39.43 54.28
N GLU T 188 2.28 38.62 55.06
CA GLU T 188 2.60 39.01 56.43
C GLU T 188 3.53 40.22 56.45
N LYS T 189 4.54 40.24 55.58
CA LYS T 189 5.44 41.39 55.51
C LYS T 189 4.69 42.58 54.93
N PHE T 190 3.71 42.31 54.08
CA PHE T 190 2.86 43.37 53.58
C PHE T 190 2.11 43.88 54.80
N GLY T 191 1.37 42.98 55.45
CA GLY T 191 0.74 43.20 56.74
C GLY T 191 1.37 44.26 57.62
N GLU T 192 2.68 44.19 57.71
CA GLU T 192 3.46 45.09 58.55
C GLU T 192 3.53 46.47 57.92
N ILE T 193 3.91 46.51 56.65
CA ILE T 193 4.07 47.77 55.93
C ILE T 193 2.72 48.46 55.78
N THR T 194 1.66 47.67 55.67
CA THR T 194 0.31 48.22 55.60
C THR T 194 -0.03 49.04 56.84
N ASN T 195 0.33 48.50 58.00
CA ASN T 195 0.01 49.12 59.28
C ASN T 195 0.88 50.34 59.56
N LYS T 196 2.15 50.27 59.12
CA LYS T 196 3.09 51.37 59.29
C LYS T 196 2.79 52.50 58.32
N ASP T 211 -12.84 47.36 53.18
CA ASP T 211 -12.07 46.98 54.36
C ASP T 211 -10.68 46.48 54.00
N ILE T 212 -9.66 47.26 54.35
CA ILE T 212 -8.29 46.90 54.05
C ILE T 212 -7.79 45.75 54.92
N SER T 213 -8.10 45.80 56.22
CA SER T 213 -7.68 44.76 57.16
C SER T 213 -8.34 43.42 56.86
N GLY T 214 -9.60 43.47 56.43
CA GLY T 214 -10.36 42.28 56.11
C GLY T 214 -9.87 41.53 54.88
N LYS T 215 -9.62 42.26 53.81
CA LYS T 215 -9.16 41.67 52.57
C LYS T 215 -7.80 40.97 52.72
N LEU T 216 -6.96 41.52 53.58
CA LEU T 216 -5.65 40.93 53.84
C LEU T 216 -5.75 39.62 54.64
N ASN T 217 -6.74 39.55 55.53
CA ASN T 217 -6.95 38.35 56.33
C ASN T 217 -7.55 37.20 55.54
N GLU T 218 -8.48 37.53 54.64
CA GLU T 218 -9.14 36.52 53.81
C GLU T 218 -8.23 35.91 52.78
N LEU T 219 -7.40 36.73 52.15
CA LEU T 219 -6.45 36.21 51.16
C LEU T 219 -5.45 35.29 51.85
N LYS T 220 -5.03 35.69 53.04
CA LYS T 220 -4.08 34.91 53.82
C LYS T 220 -4.73 33.60 54.27
N ALA T 221 -6.04 33.64 54.53
CA ALA T 221 -6.77 32.44 54.93
C ALA T 221 -6.97 31.46 53.77
N ASN T 222 -7.22 31.99 52.59
CA ASN T 222 -7.41 31.15 51.40
C ASN T 222 -6.13 30.42 51.01
N VAL T 223 -5.00 31.11 51.06
CA VAL T 223 -3.71 30.50 50.74
C VAL T 223 -3.40 29.36 51.69
N GLU T 224 -3.72 29.55 52.97
CA GLU T 224 -3.49 28.49 53.95
C GLU T 224 -4.31 27.24 53.64
N THR T 225 -5.54 27.44 53.16
CA THR T 225 -6.39 26.34 52.80
C THR T 225 -5.79 25.54 51.65
N ILE T 226 -5.22 26.25 50.68
CA ILE T 226 -4.58 25.61 49.54
C ILE T 226 -3.32 24.86 49.94
N ARG T 227 -2.55 25.46 50.85
CA ARG T 227 -1.31 24.84 51.32
C ARG T 227 -1.59 23.53 52.04
N GLN T 228 -2.65 23.50 52.83
CA GLN T 228 -2.94 22.32 53.63
C GLN T 228 -3.51 21.21 52.78
N GLN T 229 -4.22 21.60 51.71
CA GLN T 229 -4.74 20.60 50.80
C GLN T 229 -3.65 20.07 49.87
N PHE T 230 -2.68 20.92 49.54
CA PHE T 230 -1.60 20.51 48.64
C PHE T 230 -0.58 19.66 49.37
N THR T 231 -0.55 19.77 50.70
CA THR T 231 0.38 19.00 51.51
C THR T 231 -0.25 17.75 52.10
N ASP T 232 -1.50 17.49 51.72
CA ASP T 232 -2.23 16.31 52.17
C ASP T 232 -2.11 15.20 51.12
N PRO T 233 -1.40 14.11 51.46
CA PRO T 233 -1.08 13.02 50.53
C PRO T 233 -2.32 12.34 49.96
N ASP T 234 -3.42 12.40 50.70
CA ASP T 234 -4.67 11.79 50.27
C ASP T 234 -5.45 12.72 49.35
N LEU T 235 -5.12 14.01 49.40
CA LEU T 235 -5.79 15.03 48.60
C LEU T 235 -5.00 15.40 47.35
N THR T 236 -3.70 15.60 47.53
CA THR T 236 -2.84 16.05 46.44
C THR T 236 -1.66 15.15 46.13
N THR T 237 -1.42 14.88 44.85
CA THR T 237 -0.23 14.14 44.48
C THR T 237 0.38 14.63 43.17
N PHE T 238 1.66 14.35 43.00
CA PHE T 238 2.38 14.76 41.82
C PHE T 238 2.88 13.54 41.05
N VAL T 239 2.49 13.43 39.79
CA VAL T 239 2.93 12.34 38.95
C VAL T 239 4.03 12.80 38.01
N CYS T 240 5.24 12.26 38.21
CA CYS T 240 6.39 12.66 37.42
C CYS T 240 6.46 11.87 36.12
N VAL T 241 6.64 12.58 35.02
CA VAL T 241 6.82 11.94 33.72
C VAL T 241 8.27 12.13 33.29
N CYS T 242 8.84 11.15 32.62
CA CYS T 242 10.22 11.30 32.14
C CYS T 242 10.55 10.34 31.01
N ILE T 243 11.72 10.54 30.41
CA ILE T 243 12.24 9.60 29.44
C ILE T 243 13.53 9.01 29.98
N SER T 244 13.93 7.86 29.48
CA SER T 244 15.14 7.21 30.00
C SER T 244 16.40 7.76 29.32
N GLU T 245 16.65 9.05 29.56
CA GLU T 245 17.85 9.72 29.08
C GLU T 245 18.54 10.46 30.23
N PHE T 246 19.81 10.78 30.04
CA PHE T 246 20.63 11.41 31.07
C PHE T 246 20.01 12.70 31.60
N LEU T 247 19.70 13.63 30.71
CA LEU T 247 19.17 14.92 31.12
C LEU T 247 17.84 14.84 31.84
N SER T 248 17.10 13.75 31.62
CA SER T 248 15.81 13.59 32.27
C SER T 248 15.97 12.98 33.64
N LEU T 249 17.01 12.17 33.80
CA LEU T 249 17.25 11.46 35.05
C LEU T 249 17.53 12.43 36.19
N TYR T 250 18.43 13.37 35.95
CA TYR T 250 18.87 14.28 37.00
C TYR T 250 17.88 15.40 37.23
N GLU T 251 17.12 15.76 36.21
CA GLU T 251 16.13 16.80 36.38
C GLU T 251 14.92 16.23 37.12
N THR T 252 14.61 14.96 36.83
CA THR T 252 13.51 14.29 37.51
C THR T 252 13.80 14.13 39.00
N GLU T 253 14.98 13.62 39.31
CA GLU T 253 15.41 13.43 40.69
C GLU T 253 15.41 14.78 41.39
N ARG T 254 15.95 15.77 40.69
CA ARG T 254 16.03 17.14 41.20
C ARG T 254 14.62 17.70 41.43
N LEU T 255 13.68 17.34 40.56
CA LEU T 255 12.30 17.81 40.68
C LEU T 255 11.60 17.16 41.85
N ILE T 256 11.74 15.84 41.96
CA ILE T 256 11.08 15.09 43.02
C ILE T 256 11.57 15.53 44.39
N GLN T 257 12.88 15.75 44.49
CA GLN T 257 13.47 16.21 45.74
C GLN T 257 12.93 17.57 46.12
N GLU T 258 12.71 18.42 45.11
CA GLU T 258 12.23 19.76 45.37
C GLU T 258 10.80 19.72 45.86
N LEU T 259 10.05 18.75 45.35
CA LEU T 259 8.66 18.57 45.73
C LEU T 259 8.53 18.04 47.14
N ILE T 260 9.41 17.11 47.52
CA ILE T 260 9.37 16.55 48.87
C ILE T 260 9.62 17.64 49.92
N SER T 261 10.48 18.59 49.59
CA SER T 261 10.78 19.69 50.50
C SER T 261 9.61 20.67 50.64
N TYR T 262 8.67 20.59 49.72
CA TYR T 262 7.47 21.44 49.77
C TYR T 262 6.33 20.71 50.45
N ASP T 263 6.61 19.52 50.96
CA ASP T 263 5.60 18.67 51.59
C ASP T 263 4.57 18.23 50.56
N MET T 264 5.00 18.20 49.30
CA MET T 264 4.20 17.64 48.21
C MET T 264 4.39 16.13 48.14
N ASP T 265 3.29 15.40 48.10
CA ASP T 265 3.40 13.95 47.95
C ASP T 265 3.78 13.58 46.53
N VAL T 266 4.83 12.80 46.38
CA VAL T 266 5.18 12.26 45.07
C VAL T 266 5.57 10.78 45.21
N ASN T 267 4.80 9.92 44.55
CA ASN T 267 5.01 8.47 44.64
C ASN T 267 4.78 7.74 43.31
N SER T 268 4.63 8.51 42.23
CA SER T 268 4.40 7.90 40.92
C SER T 268 5.35 8.45 39.86
N ILE T 269 5.99 7.56 39.13
CA ILE T 269 6.89 7.97 38.06
C ILE T 269 6.57 7.22 36.77
N ILE T 270 6.22 7.97 35.73
CA ILE T 270 6.00 7.39 34.41
C ILE T 270 7.26 7.50 33.56
N VAL T 271 7.80 6.35 33.16
CA VAL T 271 8.92 6.30 32.24
C VAL T 271 8.38 6.09 30.83
N ASN T 272 8.45 7.15 30.03
CA ASN T 272 7.76 7.15 28.74
C ASN T 272 8.71 6.96 27.55
N GLN T 273 8.12 6.66 26.40
CA GLN T 273 8.84 6.58 25.13
C GLN T 273 9.92 5.50 25.12
N LEU T 274 9.68 4.41 25.86
CA LEU T 274 10.59 3.28 25.91
C LEU T 274 10.46 2.41 24.66
N LEU T 275 11.59 1.97 24.12
CA LEU T 275 11.58 1.18 22.89
C LEU T 275 11.21 -0.30 23.11
N PHE T 276 11.75 -0.90 24.16
CA PHE T 276 11.54 -2.33 24.40
C PHE T 276 12.00 -3.17 23.21
N ALA T 277 13.16 -2.81 22.65
CA ALA T 277 13.64 -3.40 21.41
C ALA T 277 13.84 -4.90 21.52
N GLU T 278 14.32 -5.35 22.68
CA GLU T 278 14.56 -6.78 22.91
C GLU T 278 13.27 -7.59 22.77
N GLU T 282 9.86 -9.02 16.73
CA GLU T 282 10.50 -8.47 15.54
C GLU T 282 11.92 -8.01 15.85
N HIS T 283 12.84 -8.24 14.91
CA HIS T 283 14.23 -7.84 15.07
C HIS T 283 14.41 -6.35 14.78
N ASN T 284 14.78 -5.60 15.81
CA ASN T 284 14.97 -4.15 15.68
C ASN T 284 16.21 -3.81 14.87
N CYS T 285 16.39 -2.52 14.60
CA CYS T 285 17.53 -2.06 13.79
C CYS T 285 18.71 -1.68 14.67
N LYS T 286 19.78 -1.21 14.02
CA LYS T 286 21.01 -0.87 14.72
C LYS T 286 20.75 0.27 15.67
N ARG T 287 19.96 1.24 15.22
CA ARG T 287 19.68 2.44 16.00
C ARG T 287 18.78 2.11 17.18
N CYS T 288 17.75 1.31 16.95
CA CYS T 288 16.82 0.94 18.01
C CYS T 288 17.49 0.09 19.09
N GLN T 289 18.36 -0.83 18.67
CA GLN T 289 19.07 -1.67 19.63
C GLN T 289 20.09 -0.88 20.44
N ALA T 290 20.76 0.05 19.78
CA ALA T 290 21.73 0.94 20.42
C ALA T 290 21.06 1.86 21.45
N ARG T 291 19.93 2.44 21.04
CA ARG T 291 19.21 3.38 21.89
C ARG T 291 18.52 2.65 23.04
N TRP T 292 18.09 1.41 22.79
CA TRP T 292 17.49 0.60 23.83
C TRP T 292 18.53 0.20 24.86
N LYS T 293 19.73 -0.09 24.39
CA LYS T 293 20.85 -0.44 25.26
C LYS T 293 21.11 0.71 26.23
N MET T 294 20.97 1.93 25.72
CA MET T 294 21.12 3.13 26.55
C MET T 294 19.96 3.25 27.54
N GLN T 295 18.76 3.03 27.05
CA GLN T 295 17.55 3.21 27.86
C GLN T 295 17.48 2.19 28.99
N LYS T 296 17.89 0.97 28.69
CA LYS T 296 17.85 -0.10 29.66
C LYS T 296 18.83 0.15 30.80
N LYS T 297 19.98 0.74 30.48
CA LYS T 297 20.99 1.03 31.49
C LYS T 297 20.44 1.97 32.56
N TYR T 298 19.87 3.09 32.13
CA TYR T 298 19.31 4.06 33.05
C TYR T 298 18.02 3.52 33.68
N LEU T 299 17.33 2.66 32.95
CA LEU T 299 16.07 2.09 33.43
C LEU T 299 16.30 1.21 34.66
N ASP T 300 17.40 0.47 34.65
CA ASP T 300 17.76 -0.34 35.81
C ASP T 300 18.06 0.55 37.01
N GLN T 301 18.62 1.73 36.73
CA GLN T 301 18.95 2.68 37.78
C GLN T 301 17.69 3.32 38.33
N ILE T 302 16.71 3.57 37.45
CA ILE T 302 15.45 4.15 37.87
C ILE T 302 14.69 3.17 38.74
N ASP T 303 14.69 1.91 38.34
CA ASP T 303 14.01 0.87 39.09
C ASP T 303 14.60 0.75 40.49
N GLU T 304 15.91 0.92 40.57
CA GLU T 304 16.63 0.73 41.83
C GLU T 304 16.42 1.88 42.80
N LEU T 305 16.54 3.10 42.31
CA LEU T 305 16.41 4.27 43.17
C LEU T 305 14.97 4.48 43.62
N TYR T 306 14.03 4.29 42.69
CA TYR T 306 12.65 4.58 42.97
C TYR T 306 11.84 3.32 43.22
N GLU T 307 12.28 2.52 44.19
CA GLU T 307 11.61 1.27 44.52
C GLU T 307 10.40 1.49 45.43
N ASP T 308 10.28 2.68 45.99
CA ASP T 308 9.14 3.01 46.84
C ASP T 308 8.06 3.70 46.00
N PHE T 309 8.36 3.90 44.73
CA PHE T 309 7.47 4.63 43.82
C PHE T 309 6.71 3.68 42.89
N HIS T 310 5.54 4.12 42.43
CA HIS T 310 4.87 3.42 41.35
C HIS T 310 5.61 3.80 40.06
N VAL T 311 6.46 2.90 39.58
CA VAL T 311 7.20 3.16 38.34
C VAL T 311 6.48 2.54 37.13
N VAL T 312 5.75 3.38 36.40
CA VAL T 312 4.99 2.90 35.25
C VAL T 312 5.74 3.13 33.96
N LYS T 313 5.95 2.06 33.20
CA LYS T 313 6.71 2.12 31.97
C LYS T 313 5.80 2.07 30.76
N MET T 314 6.00 3.02 29.86
CA MET T 314 5.17 3.17 28.67
C MET T 314 5.98 3.01 27.40
N PRO T 315 5.45 2.28 26.42
CA PRO T 315 6.16 2.03 25.17
C PRO T 315 6.09 3.23 24.24
N LEU T 316 7.08 3.38 23.38
CA LEU T 316 7.01 4.36 22.31
C LEU T 316 6.14 3.78 21.19
N CYS T 317 4.97 4.35 20.99
CA CYS T 317 4.04 3.82 19.99
C CYS T 317 4.46 4.21 18.58
N ALA T 318 4.11 3.35 17.62
CA ALA T 318 4.47 3.55 16.21
C ALA T 318 3.58 4.60 15.55
N GLY T 319 2.41 4.82 16.13
CA GLY T 319 1.49 5.82 15.60
C GLY T 319 1.55 7.07 16.45
N GLU T 320 0.60 7.97 16.25
CA GLU T 320 0.55 9.18 17.06
C GLU T 320 -0.65 9.15 18.00
N ILE T 321 -0.37 9.44 19.27
CA ILE T 321 -1.40 9.42 20.32
C ILE T 321 -2.22 10.71 20.30
N ARG T 322 -3.28 10.70 19.50
CA ARG T 322 -4.13 11.87 19.32
C ARG T 322 -5.59 11.47 19.26
N GLY T 323 -6.45 12.29 19.84
CA GLY T 323 -7.88 11.99 19.86
C GLY T 323 -8.26 11.15 21.07
N LEU T 324 -9.53 11.18 21.42
CA LEU T 324 -10.03 10.45 22.58
C LEU T 324 -9.74 8.95 22.46
N ASN T 325 -9.90 8.42 21.25
CA ASN T 325 -9.72 6.99 21.02
C ASN T 325 -8.30 6.52 21.28
N ASN T 326 -7.34 7.11 20.60
CA ASN T 326 -5.94 6.70 20.72
C ASN T 326 -5.39 7.05 22.11
N LEU T 327 -5.91 8.12 22.70
CA LEU T 327 -5.53 8.51 24.05
C LEU T 327 -6.06 7.50 25.06
N THR T 328 -7.31 7.07 24.88
CA THR T 328 -7.89 6.04 25.72
C THR T 328 -7.12 4.75 25.58
N LYS T 329 -6.83 4.38 24.33
CA LYS T 329 -6.14 3.14 23.99
C LYS T 329 -4.72 3.10 24.56
N PHE T 330 -4.15 4.29 24.77
CA PHE T 330 -2.81 4.41 25.31
C PHE T 330 -2.88 4.44 26.84
N SER T 331 -3.95 5.04 27.36
CA SER T 331 -4.13 5.25 28.79
C SER T 331 -4.35 3.95 29.55
N GLN T 332 -4.76 2.90 28.84
CA GLN T 332 -5.06 1.64 29.48
C GLN T 332 -3.82 1.03 30.14
N PHE T 333 -2.64 1.42 29.67
CA PHE T 333 -1.40 0.87 30.22
C PHE T 333 -0.92 1.66 31.43
N LEU T 334 -1.73 2.62 31.85
CA LEU T 334 -1.49 3.32 33.09
C LEU T 334 -2.26 2.62 34.20
N ASN T 335 -3.25 1.82 33.79
CA ASN T 335 -4.10 1.08 34.72
C ASN T 335 -3.60 -0.35 34.89
N LYS T 336 -3.45 -1.04 33.77
CA LYS T 336 -2.86 -2.38 33.73
C LYS T 336 -1.53 -2.30 32.99
N GLU T 337 -0.47 -2.78 33.63
CA GLU T 337 0.88 -2.58 33.11
C GLU T 337 1.06 -3.08 31.69
N TYR T 338 1.95 -2.42 30.95
CA TYR T 338 2.24 -2.79 29.58
C TYR T 338 3.17 -3.98 29.51
N ASN T 339 2.78 -5.00 28.76
CA ASN T 339 3.60 -6.19 28.57
C ASN T 339 4.12 -6.25 27.14
N PRO T 340 5.42 -6.00 26.95
CA PRO T 340 6.04 -5.96 25.62
C PRO T 340 5.87 -7.28 24.87
N ILE T 341 5.79 -8.38 25.61
CA ILE T 341 5.61 -9.69 25.01
C ILE T 341 4.17 -9.93 24.58
N THR T 342 3.23 -9.36 25.33
CA THR T 342 1.81 -9.60 25.10
C THR T 342 1.13 -8.46 24.34
N ASP T 343 1.24 -7.25 24.87
CA ASP T 343 0.51 -6.09 24.33
C ASP T 343 1.32 -5.32 23.28
N GLY T 344 2.32 -5.98 22.70
CA GLY T 344 3.22 -5.33 21.77
C GLY T 344 2.56 -4.96 20.46
N LYS T 345 1.38 -5.50 20.23
CA LYS T 345 0.65 -5.23 19.00
C LYS T 345 -0.08 -3.89 19.08
N VAL T 346 -0.37 -3.46 20.31
CA VAL T 346 -1.16 -2.24 20.52
C VAL T 346 -0.45 -0.97 20.07
N ILE T 347 0.87 -1.02 19.94
CA ILE T 347 1.61 0.18 19.55
C ILE T 347 1.50 0.43 18.04
N TYR T 348 0.90 -0.52 17.33
CA TYR T 348 0.68 -0.36 15.90
C TYR T 348 -0.82 -0.26 15.63
N GLU T 349 -1.62 -0.43 16.68
CA GLU T 349 -3.07 -0.43 16.58
C GLU T 349 -3.67 0.96 16.84
N LEU T 350 -2.88 1.99 16.58
CA LEU T 350 -3.35 3.36 16.78
C LEU T 350 -4.02 3.91 15.53
N GLU T 351 -5.19 4.50 15.71
CA GLU T 351 -5.99 5.05 14.63
C GLU T 351 -5.30 6.22 13.95
N GLU U 4 -15.94 11.10 2.06
CA GLU U 4 -16.23 11.58 3.41
C GLU U 4 -16.13 13.10 3.50
N VAL U 5 -15.15 13.67 2.81
CA VAL U 5 -14.90 15.12 2.91
C VAL U 5 -15.93 15.92 2.13
N GLN U 6 -16.62 16.81 2.84
CA GLN U 6 -17.56 17.74 2.19
C GLN U 6 -17.81 18.98 3.05
N LEU U 7 -18.17 20.07 2.40
CA LEU U 7 -18.59 21.29 3.08
C LEU U 7 -20.02 21.64 2.69
N VAL U 8 -20.82 22.09 3.64
CA VAL U 8 -22.20 22.47 3.34
C VAL U 8 -22.59 23.82 3.94
N GLU U 9 -22.82 24.80 3.07
CA GLU U 9 -23.28 26.09 3.53
C GLU U 9 -24.80 26.06 3.77
N SER U 10 -25.25 26.91 4.68
CA SER U 10 -26.67 27.12 4.93
C SER U 10 -26.84 28.48 5.57
N GLY U 11 -28.05 29.04 5.53
CA GLY U 11 -28.27 30.31 6.18
C GLY U 11 -28.57 31.42 5.19
N GLY U 12 -28.21 31.19 3.92
CA GLY U 12 -28.44 32.16 2.88
C GLY U 12 -29.91 32.48 2.73
N GLY U 13 -30.22 33.74 2.43
CA GLY U 13 -31.60 34.15 2.25
C GLY U 13 -31.76 35.63 1.96
N LEU U 14 -32.97 36.12 2.12
CA LEU U 14 -33.28 37.52 1.85
C LEU U 14 -33.24 38.34 3.13
N VAL U 15 -32.47 39.43 3.11
CA VAL U 15 -32.41 40.32 4.26
C VAL U 15 -32.46 41.78 3.81
N GLN U 16 -32.90 42.65 4.70
CA GLN U 16 -33.05 44.07 4.38
C GLN U 16 -31.73 44.80 4.58
N PRO U 17 -31.50 45.89 3.83
CA PRO U 17 -30.30 46.71 3.99
C PRO U 17 -30.11 47.18 5.43
N GLY U 18 -28.95 46.94 6.00
CA GLY U 18 -28.66 47.31 7.37
C GLY U 18 -28.92 46.18 8.35
N GLY U 19 -29.47 45.08 7.85
CA GLY U 19 -29.81 43.95 8.69
C GLY U 19 -28.66 42.96 8.88
N SER U 20 -28.89 41.97 9.73
CA SER U 20 -27.87 40.95 9.99
C SER U 20 -28.30 39.60 9.44
N LEU U 21 -27.32 38.73 9.19
CA LEU U 21 -27.58 37.38 8.71
C LEU U 21 -26.41 36.48 9.06
N ARG U 22 -26.71 35.28 9.53
CA ARG U 22 -25.67 34.35 9.98
C ARG U 22 -25.60 33.09 9.12
N LEU U 23 -24.45 32.91 8.45
CA LEU U 23 -24.23 31.74 7.61
C LEU U 23 -23.49 30.64 8.37
N SER U 24 -23.78 29.39 8.02
CA SER U 24 -23.12 28.25 8.64
C SER U 24 -22.39 27.41 7.59
N CYS U 25 -21.26 26.83 7.97
CA CYS U 25 -20.52 25.95 7.09
C CYS U 25 -20.21 24.65 7.82
N ALA U 26 -20.99 23.62 7.53
CA ALA U 26 -20.85 22.33 8.21
C ALA U 26 -19.86 21.42 7.50
N ALA U 27 -18.90 20.92 8.26
CA ALA U 27 -17.84 20.08 7.71
C ALA U 27 -18.05 18.61 8.08
N SER U 28 -17.63 17.72 7.18
CA SER U 28 -17.62 16.29 7.46
C SER U 28 -16.45 15.63 6.74
N GLY U 29 -15.96 14.53 7.30
CA GLY U 29 -14.84 13.82 6.70
C GLY U 29 -13.50 14.27 7.23
N PHE U 30 -13.51 15.33 8.03
CA PHE U 30 -12.29 15.85 8.64
C PHE U 30 -12.61 16.69 9.87
N ASN U 31 -11.62 16.80 10.76
CA ASN U 31 -11.78 17.57 11.98
C ASN U 31 -11.47 19.04 11.74
N LEU U 32 -12.46 19.89 11.95
CA LEU U 32 -12.38 21.30 11.55
C LEU U 32 -11.32 22.06 12.35
N TYR U 33 -10.92 21.52 13.49
CA TYR U 33 -9.92 22.16 14.35
C TYR U 33 -8.52 22.23 13.73
N TYR U 34 -8.10 21.15 13.09
CA TYR U 34 -6.72 21.06 12.58
C TYR U 34 -6.58 21.71 11.21
N TYR U 35 -7.65 22.32 10.73
CA TYR U 35 -7.64 22.98 9.43
C TYR U 35 -8.08 24.42 9.55
N SER U 36 -8.02 25.15 8.44
CA SER U 36 -8.54 26.51 8.39
C SER U 36 -9.75 26.55 7.48
N ILE U 37 -10.72 27.40 7.78
CA ILE U 37 -11.89 27.51 6.93
C ILE U 37 -12.00 28.92 6.42
N HIS U 38 -12.35 29.04 5.14
CA HIS U 38 -12.33 30.33 4.47
C HIS U 38 -13.66 30.58 3.78
N TRP U 39 -14.11 31.82 3.83
CA TRP U 39 -15.28 32.24 3.08
C TRP U 39 -14.86 33.05 1.87
N VAL U 40 -15.33 32.61 0.71
CA VAL U 40 -15.07 33.30 -0.53
C VAL U 40 -16.41 33.56 -1.19
N ARG U 41 -16.68 34.80 -1.54
CA ARG U 41 -17.97 35.14 -2.11
C ARG U 41 -17.84 35.53 -3.57
N GLN U 42 -18.96 35.49 -4.29
CA GLN U 42 -18.96 35.80 -5.71
C GLN U 42 -20.27 36.48 -6.13
N ALA U 43 -20.22 37.79 -6.33
CA ALA U 43 -21.38 38.54 -6.79
C ALA U 43 -21.72 38.14 -8.22
N PRO U 44 -22.98 38.33 -8.63
CA PRO U 44 -23.46 37.97 -9.96
C PRO U 44 -22.61 38.57 -11.08
N GLY U 45 -22.01 37.72 -11.90
CA GLY U 45 -21.24 38.18 -13.04
C GLY U 45 -19.89 38.76 -12.69
N LYS U 46 -19.50 38.67 -11.43
CA LYS U 46 -18.21 39.18 -10.96
C LYS U 46 -17.29 38.03 -10.62
N GLY U 47 -16.07 38.35 -10.19
CA GLY U 47 -15.11 37.31 -9.86
C GLY U 47 -15.15 36.92 -8.40
N LEU U 48 -14.16 36.14 -7.97
CA LEU U 48 -14.09 35.64 -6.61
C LEU U 48 -13.47 36.67 -5.67
N GLU U 49 -14.03 36.79 -4.48
CA GLU U 49 -13.49 37.67 -3.46
C GLU U 49 -13.45 36.98 -2.10
N TRP U 50 -12.25 36.67 -1.62
CA TRP U 50 -12.07 36.13 -0.28
C TRP U 50 -12.53 37.18 0.74
N VAL U 51 -13.27 36.75 1.75
CA VAL U 51 -13.80 37.69 2.73
C VAL U 51 -13.30 37.42 4.13
N ALA U 52 -13.17 36.16 4.50
CA ALA U 52 -12.77 35.81 5.85
C ALA U 52 -12.20 34.39 5.96
N SER U 53 -11.30 34.22 6.92
CA SER U 53 -10.71 32.91 7.19
C SER U 53 -10.57 32.70 8.70
N ILE U 54 -10.63 31.44 9.13
CA ILE U 54 -10.42 31.13 10.54
C ILE U 54 -9.57 29.87 10.72
N SER U 55 -8.61 29.94 11.64
CA SER U 55 -7.81 28.78 12.01
C SER U 55 -8.00 28.48 13.50
N PRO U 56 -8.89 27.53 13.81
CA PRO U 56 -9.21 27.20 15.20
C PRO U 56 -7.99 26.70 15.98
N TYR U 57 -7.07 26.03 15.29
CA TYR U 57 -5.92 25.44 15.97
C TYR U 57 -4.96 26.53 16.43
N SER U 58 -4.98 27.64 15.70
CA SER U 58 -4.11 28.77 15.99
C SER U 58 -4.90 30.03 16.37
N SER U 59 -5.92 29.86 17.22
CA SER U 59 -6.84 30.93 17.66
C SER U 59 -6.85 32.20 16.80
N SER U 60 -6.51 32.05 15.52
CA SER U 60 -6.38 33.16 14.60
C SER U 60 -7.59 33.39 13.71
N THR U 61 -7.90 34.65 13.44
CA THR U 61 -8.95 35.03 12.52
C THR U 61 -8.45 36.10 11.55
N SER U 62 -9.06 36.16 10.37
CA SER U 62 -8.64 37.12 9.36
C SER U 62 -9.83 37.59 8.52
N TYR U 63 -9.79 38.86 8.12
CA TYR U 63 -10.88 39.47 7.36
C TYR U 63 -10.35 40.31 6.21
N ALA U 64 -11.11 40.36 5.11
CA ALA U 64 -10.82 41.30 4.04
C ALA U 64 -11.16 42.71 4.49
N ASP U 65 -10.38 43.68 4.03
CA ASP U 65 -10.58 45.07 4.44
C ASP U 65 -11.98 45.54 4.05
N SER U 66 -12.54 44.92 3.02
CA SER U 66 -13.86 45.28 2.52
C SER U 66 -14.97 44.95 3.53
N VAL U 67 -14.69 44.02 4.43
CA VAL U 67 -15.72 43.59 5.39
C VAL U 67 -15.26 43.72 6.84
N LYS U 68 -14.04 44.19 7.05
CA LYS U 68 -13.48 44.25 8.39
C LYS U 68 -14.36 45.10 9.31
N GLY U 69 -14.61 44.60 10.51
CA GLY U 69 -15.42 45.30 11.49
C GLY U 69 -16.91 45.10 11.28
N ARG U 70 -17.29 44.54 10.13
CA ARG U 70 -18.69 44.33 9.80
C ARG U 70 -19.02 42.86 9.90
N PHE U 71 -18.06 42.02 9.51
CA PHE U 71 -18.24 40.58 9.53
C PHE U 71 -17.51 39.97 10.72
N THR U 72 -18.05 38.85 11.21
CA THR U 72 -17.40 38.12 12.29
C THR U 72 -17.43 36.63 12.00
N ILE U 73 -16.25 36.03 11.94
CA ILE U 73 -16.13 34.60 11.66
C ILE U 73 -15.83 33.83 12.94
N SER U 74 -16.39 32.64 13.07
CA SER U 74 -16.18 31.83 14.27
C SER U 74 -16.27 30.35 13.97
N ALA U 75 -15.98 29.52 14.97
CA ALA U 75 -16.03 28.09 14.79
C ALA U 75 -16.49 27.37 16.05
N ASP U 76 -17.28 26.32 15.86
CA ASP U 76 -17.68 25.47 16.96
C ASP U 76 -17.16 24.06 16.69
N THR U 77 -16.06 23.71 17.36
CA THR U 77 -15.38 22.45 17.09
C THR U 77 -16.20 21.23 17.52
N SER U 78 -17.05 21.40 18.53
CA SER U 78 -17.88 20.32 19.03
C SER U 78 -18.87 19.80 17.98
N LYS U 79 -19.44 20.71 17.20
CA LYS U 79 -20.38 20.33 16.15
C LYS U 79 -19.75 20.40 14.76
N ASN U 80 -18.45 20.70 14.73
CA ASN U 80 -17.68 20.71 13.48
C ASN U 80 -18.28 21.64 12.41
N THR U 81 -18.55 22.87 12.80
CA THR U 81 -19.20 23.84 11.91
C THR U 81 -18.59 25.24 12.06
N ALA U 82 -18.43 25.93 10.94
CA ALA U 82 -17.95 27.31 10.96
C ALA U 82 -19.09 28.29 10.66
N TYR U 83 -18.92 29.54 11.08
CA TYR U 83 -19.96 30.54 10.90
C TYR U 83 -19.41 31.86 10.39
N LEU U 84 -20.24 32.60 9.66
CA LEU U 84 -19.91 33.94 9.25
C LEU U 84 -21.04 34.90 9.63
N GLN U 85 -20.80 35.73 10.64
CA GLN U 85 -21.79 36.70 11.09
C GLN U 85 -21.68 38.00 10.29
N MET U 86 -22.72 38.30 9.51
CA MET U 86 -22.70 39.49 8.67
C MET U 86 -23.61 40.56 9.25
N ASN U 87 -23.01 41.70 9.60
CA ASN U 87 -23.76 42.83 10.11
C ASN U 87 -23.57 44.05 9.22
N SER U 88 -24.47 45.02 9.36
CA SER U 88 -24.42 46.24 8.56
C SER U 88 -24.31 45.94 7.08
N LEU U 89 -25.12 45.00 6.61
CA LEU U 89 -25.06 44.55 5.22
C LEU U 89 -25.48 45.63 4.22
N ARG U 90 -24.89 45.56 3.04
CA ARG U 90 -25.20 46.49 1.96
C ARG U 90 -25.53 45.72 0.68
N ALA U 91 -26.10 46.42 -0.30
CA ALA U 91 -26.44 45.83 -1.58
C ALA U 91 -25.20 45.24 -2.25
N GLU U 92 -24.07 45.89 -2.02
CA GLU U 92 -22.79 45.46 -2.58
C GLU U 92 -22.36 44.07 -2.11
N ASP U 93 -22.88 43.64 -0.97
CA ASP U 93 -22.50 42.35 -0.40
C ASP U 93 -23.30 41.18 -0.98
N THR U 94 -24.29 41.48 -1.83
CA THR U 94 -25.08 40.45 -2.47
C THR U 94 -24.22 39.54 -3.36
N ALA U 95 -24.23 38.24 -3.07
CA ALA U 95 -23.39 37.30 -3.80
C ALA U 95 -23.60 35.86 -3.30
N VAL U 96 -23.07 34.91 -4.05
CA VAL U 96 -23.00 33.53 -3.59
C VAL U 96 -21.83 33.35 -2.65
N TYR U 97 -22.08 32.80 -1.47
CA TYR U 97 -21.04 32.63 -0.47
C TYR U 97 -20.58 31.18 -0.34
N TYR U 98 -19.32 30.92 -0.69
CA TYR U 98 -18.74 29.61 -0.53
C TYR U 98 -17.89 29.55 0.74
N CYS U 99 -17.82 28.38 1.35
CA CYS U 99 -16.83 28.13 2.39
C CYS U 99 -15.88 27.04 1.89
N ALA U 100 -14.59 27.17 2.22
CA ALA U 100 -13.58 26.23 1.75
C ALA U 100 -12.42 26.08 2.73
N ARG U 101 -11.73 24.94 2.66
CA ARG U 101 -10.56 24.69 3.47
C ARG U 101 -9.33 24.62 2.55
N GLY U 102 -8.13 24.95 3.03
CA GLY U 102 -7.90 25.35 4.40
C GLY U 102 -6.92 24.46 5.17
N ARG U 103 -5.67 24.37 4.71
CA ARG U 103 -4.65 23.58 5.43
C ARG U 103 -3.62 24.46 6.12
N TRP U 104 -3.07 23.97 7.24
CA TRP U 104 -2.11 24.74 8.02
C TRP U 104 -0.80 25.00 7.30
N TYR U 105 -0.37 24.07 6.45
CA TYR U 105 0.88 24.22 5.70
C TYR U 105 0.68 24.73 4.27
N ARG U 106 -0.57 24.99 3.89
CA ARG U 106 -0.89 25.42 2.53
C ARG U 106 -2.26 26.08 2.50
N ARG U 107 -2.27 27.41 2.44
CA ARG U 107 -3.50 28.17 2.52
C ARG U 107 -4.21 28.26 1.15
N ALA U 108 -4.13 27.19 0.38
CA ALA U 108 -4.92 27.02 -0.84
C ALA U 108 -6.22 26.28 -0.54
N LEU U 109 -7.27 26.55 -1.33
CA LEU U 109 -8.59 26.00 -1.06
C LEU U 109 -8.89 24.73 -1.89
N ASP U 110 -8.83 23.57 -1.26
CA ASP U 110 -8.93 22.29 -1.96
C ASP U 110 -10.33 21.72 -1.98
N TYR U 111 -11.11 22.01 -0.94
CA TYR U 111 -12.50 21.57 -0.86
C TYR U 111 -13.43 22.75 -0.67
N TRP U 112 -14.47 22.82 -1.49
CA TRP U 112 -15.44 23.90 -1.43
C TRP U 112 -16.83 23.34 -1.18
N GLY U 113 -17.67 24.13 -0.51
CA GLY U 113 -19.09 23.80 -0.39
C GLY U 113 -19.77 24.17 -1.69
N GLN U 114 -21.07 23.92 -1.79
CA GLN U 114 -21.79 24.20 -3.04
C GLN U 114 -22.13 25.69 -3.17
N GLY U 115 -22.10 26.42 -2.07
CA GLY U 115 -22.41 27.84 -2.08
C GLY U 115 -23.82 28.14 -1.64
N THR U 116 -24.00 29.30 -1.02
CA THR U 116 -25.32 29.75 -0.57
C THR U 116 -25.56 31.20 -0.99
N LEU U 117 -26.75 31.49 -1.52
CA LEU U 117 -27.03 32.81 -2.07
C LEU U 117 -27.54 33.79 -1.03
N VAL U 118 -26.92 34.97 -0.99
CA VAL U 118 -27.31 36.05 -0.10
C VAL U 118 -27.77 37.28 -0.90
N THR U 119 -29.00 37.72 -0.67
CA THR U 119 -29.54 38.88 -1.38
C THR U 119 -29.86 40.03 -0.43
N VAL U 120 -29.21 41.16 -0.66
CA VAL U 120 -29.40 42.34 0.17
C VAL U 120 -30.10 43.45 -0.62
N SER U 121 -31.35 43.72 -0.27
CA SER U 121 -32.11 44.77 -0.93
C SER U 121 -33.33 45.14 -0.10
N SER U 122 -33.74 46.40 -0.17
CA SER U 122 -34.91 46.89 0.55
C SER U 122 -36.21 46.53 -0.16
N ALA U 123 -36.08 45.92 -1.33
CA ALA U 123 -37.25 45.54 -2.13
C ALA U 123 -38.07 44.48 -1.39
N SER U 124 -39.39 44.60 -1.49
CA SER U 124 -40.28 43.64 -0.85
C SER U 124 -40.71 42.53 -1.81
N THR U 125 -41.05 41.38 -1.25
CA THR U 125 -41.50 40.22 -2.03
C THR U 125 -42.77 40.51 -2.80
N LYS U 126 -42.74 40.20 -4.10
CA LYS U 126 -43.88 40.47 -4.99
C LYS U 126 -43.92 39.45 -6.13
N GLY U 127 -45.11 38.97 -6.47
CA GLY U 127 -45.28 38.03 -7.56
C GLY U 127 -45.27 38.70 -8.92
N PRO U 128 -44.90 37.95 -9.96
CA PRO U 128 -44.79 38.47 -11.33
C PRO U 128 -46.11 38.53 -12.09
N SER U 129 -46.16 39.35 -13.13
CA SER U 129 -47.23 39.32 -14.11
C SER U 129 -46.74 38.62 -15.37
N VAL U 130 -47.55 37.72 -15.93
CA VAL U 130 -47.13 36.99 -17.12
C VAL U 130 -47.86 37.49 -18.36
N PHE U 131 -47.10 37.99 -19.33
CA PHE U 131 -47.64 38.48 -20.58
C PHE U 131 -47.15 37.67 -21.76
N PRO U 132 -48.01 37.48 -22.76
CA PRO U 132 -47.64 36.69 -23.95
C PRO U 132 -46.75 37.48 -24.90
N LEU U 133 -45.74 36.81 -25.45
CA LEU U 133 -44.96 37.39 -26.56
C LEU U 133 -45.42 36.80 -27.88
N ALA U 134 -46.47 37.40 -28.45
CA ALA U 134 -47.13 36.87 -29.63
C ALA U 134 -46.24 36.93 -30.87
N PRO U 135 -46.26 35.86 -31.67
CA PRO U 135 -45.48 35.75 -32.91
C PRO U 135 -45.95 36.73 -33.99
N THR U 144 -38.66 29.41 -39.60
CA THR U 144 -39.17 29.06 -38.28
C THR U 144 -39.79 30.28 -37.61
N ALA U 145 -40.55 30.06 -36.54
CA ALA U 145 -41.18 31.15 -35.81
C ALA U 145 -40.83 31.12 -34.32
N ALA U 146 -40.69 32.30 -33.73
CA ALA U 146 -40.36 32.42 -32.31
C ALA U 146 -41.51 33.03 -31.50
N LEU U 147 -41.78 32.46 -30.33
CA LEU U 147 -42.75 33.03 -29.40
C LEU U 147 -42.33 32.71 -27.96
N GLY U 148 -42.95 33.38 -26.99
CA GLY U 148 -42.57 33.19 -25.60
C GLY U 148 -43.43 33.98 -24.61
N CYS U 149 -42.95 34.03 -23.37
CA CYS U 149 -43.64 34.76 -22.30
C CYS U 149 -42.71 35.76 -21.64
N LEU U 150 -43.21 36.96 -21.40
CA LEU U 150 -42.48 37.98 -20.64
C LEU U 150 -42.86 37.95 -19.17
N VAL U 151 -41.90 37.61 -18.33
CA VAL U 151 -42.12 37.55 -16.89
C VAL U 151 -41.57 38.81 -16.21
N LYS U 152 -42.47 39.71 -15.84
CA LYS U 152 -42.09 41.05 -15.39
C LYS U 152 -42.46 41.31 -13.93
N ASP U 153 -41.59 42.04 -13.24
CA ASP U 153 -41.88 42.54 -11.89
C ASP U 153 -42.10 41.42 -10.86
N TYR U 154 -41.07 40.63 -10.61
CA TYR U 154 -41.13 39.62 -9.56
C TYR U 154 -39.93 39.77 -8.63
N PHE U 155 -40.01 39.19 -7.44
CA PHE U 155 -38.95 39.27 -6.46
C PHE U 155 -39.22 38.35 -5.26
N PRO U 156 -38.17 37.71 -4.73
CA PRO U 156 -36.80 37.74 -5.25
C PRO U 156 -36.51 36.62 -6.24
N GLU U 157 -35.23 36.44 -6.56
CA GLU U 157 -34.77 35.30 -7.35
C GLU U 157 -34.96 34.01 -6.56
N PRO U 158 -35.06 32.87 -7.25
CA PRO U 158 -35.01 32.74 -8.71
C PRO U 158 -36.39 32.42 -9.29
N VAL U 159 -36.46 32.23 -10.61
CA VAL U 159 -37.70 31.78 -11.26
C VAL U 159 -37.44 30.64 -12.24
N THR U 160 -38.27 29.60 -12.19
CA THR U 160 -38.19 28.49 -13.13
C THR U 160 -39.42 28.47 -14.03
N VAL U 161 -39.21 28.29 -15.33
CA VAL U 161 -40.30 28.30 -16.30
C VAL U 161 -40.40 27.02 -17.13
N SER U 162 -41.63 26.63 -17.46
CA SER U 162 -41.87 25.44 -18.26
C SER U 162 -42.74 25.78 -19.48
N TRP U 163 -42.92 24.79 -20.35
CA TRP U 163 -43.77 24.94 -21.52
C TRP U 163 -44.61 23.69 -21.72
N ASN U 164 -45.93 23.87 -21.72
CA ASN U 164 -46.85 22.74 -21.81
C ASN U 164 -46.64 21.71 -20.71
N SER U 165 -46.47 22.20 -19.48
CA SER U 165 -46.25 21.33 -18.34
C SER U 165 -45.04 20.44 -18.52
N GLY U 166 -44.04 20.93 -19.26
CA GLY U 166 -42.78 20.23 -19.42
C GLY U 166 -42.64 19.48 -20.72
N ALA U 167 -43.69 19.47 -21.53
CA ALA U 167 -43.69 18.75 -22.79
C ALA U 167 -42.83 19.43 -23.84
N LEU U 168 -42.75 20.76 -23.80
CA LEU U 168 -41.96 21.51 -24.76
C LEU U 168 -40.64 21.97 -24.15
N THR U 169 -39.54 21.34 -24.57
CA THR U 169 -38.22 21.67 -24.04
C THR U 169 -37.20 22.05 -25.13
N SER U 170 -37.36 21.47 -26.32
CA SER U 170 -36.43 21.71 -27.42
C SER U 170 -36.59 23.09 -28.05
N GLY U 171 -35.48 23.82 -28.17
CA GLY U 171 -35.49 25.13 -28.80
C GLY U 171 -35.76 26.25 -27.82
N VAL U 172 -36.00 25.88 -26.56
CA VAL U 172 -36.32 26.85 -25.52
C VAL U 172 -35.07 27.52 -24.96
N HIS U 173 -35.14 28.83 -24.78
CA HIS U 173 -34.06 29.60 -24.17
C HIS U 173 -34.59 30.52 -23.07
N THR U 174 -34.27 30.17 -21.83
CA THR U 174 -34.63 31.01 -20.70
C THR U 174 -33.44 31.88 -20.32
N PHE U 175 -33.59 33.18 -20.54
CA PHE U 175 -32.49 34.12 -20.36
C PHE U 175 -32.22 34.40 -18.89
N PRO U 176 -30.97 34.72 -18.55
CA PRO U 176 -30.62 35.16 -17.20
C PRO U 176 -31.46 36.35 -16.79
N ALA U 177 -31.92 36.39 -15.55
CA ALA U 177 -32.74 37.49 -15.09
C ALA U 177 -31.97 38.81 -15.13
N VAL U 178 -32.72 39.91 -15.26
CA VAL U 178 -32.13 41.24 -15.26
C VAL U 178 -32.69 42.07 -14.11
N LEU U 179 -31.81 42.78 -13.42
CA LEU U 179 -32.25 43.68 -12.36
C LEU U 179 -32.68 45.02 -12.96
N GLN U 180 -33.96 45.34 -12.83
CA GLN U 180 -34.49 46.58 -13.39
C GLN U 180 -34.23 47.75 -12.44
N SER U 181 -34.38 48.97 -12.96
CA SER U 181 -34.14 50.16 -12.16
C SER U 181 -35.14 50.28 -11.01
N SER U 182 -36.27 49.59 -11.12
CA SER U 182 -37.28 49.59 -10.09
C SER U 182 -36.85 48.74 -8.89
N GLY U 183 -35.86 47.89 -9.10
CA GLY U 183 -35.38 46.98 -8.06
C GLY U 183 -35.95 45.58 -8.17
N LEU U 184 -36.79 45.36 -9.19
CA LEU U 184 -37.40 44.05 -9.42
C LEU U 184 -36.71 43.33 -10.56
N TYR U 185 -36.82 42.00 -10.61
CA TYR U 185 -36.19 41.23 -11.66
C TYR U 185 -37.16 40.91 -12.80
N SER U 186 -36.61 40.63 -13.98
CA SER U 186 -37.40 40.22 -15.14
C SER U 186 -36.58 39.33 -16.06
N LEU U 187 -37.24 38.38 -16.72
CA LEU U 187 -36.59 37.53 -17.70
C LEU U 187 -37.55 37.10 -18.80
N SER U 188 -37.01 36.71 -19.94
CA SER U 188 -37.82 36.21 -21.04
C SER U 188 -37.51 34.76 -21.35
N SER U 189 -38.54 33.98 -21.64
CA SER U 189 -38.37 32.61 -22.10
C SER U 189 -38.93 32.47 -23.51
N VAL U 190 -38.07 32.09 -24.44
CA VAL U 190 -38.45 32.00 -25.83
C VAL U 190 -38.25 30.59 -26.39
N VAL U 191 -38.88 30.34 -27.55
CA VAL U 191 -38.76 29.07 -28.23
C VAL U 191 -39.07 29.21 -29.72
N THR U 192 -38.37 28.45 -30.55
CA THR U 192 -38.61 28.50 -31.99
C THR U 192 -39.31 27.23 -32.45
N VAL U 193 -40.38 27.41 -33.22
CA VAL U 193 -41.17 26.29 -33.72
C VAL U 193 -41.57 26.50 -35.18
N PRO U 194 -42.06 25.43 -35.83
CA PRO U 194 -42.54 25.50 -37.22
C PRO U 194 -43.65 26.52 -37.38
N SER U 195 -43.59 27.29 -38.46
CA SER U 195 -44.58 28.34 -38.74
C SER U 195 -45.98 27.78 -38.98
N SER U 196 -46.06 26.55 -39.47
CA SER U 196 -47.35 25.92 -39.75
C SER U 196 -48.15 25.59 -38.49
N SER U 197 -47.45 25.31 -37.39
CA SER U 197 -48.10 24.92 -36.16
C SER U 197 -48.65 26.10 -35.34
N LEU U 198 -48.56 27.30 -35.91
CA LEU U 198 -48.95 28.52 -35.20
C LEU U 198 -50.41 28.53 -34.76
N GLY U 199 -51.32 28.30 -35.70
CA GLY U 199 -52.74 28.38 -35.41
C GLY U 199 -53.40 27.09 -34.95
N THR U 200 -52.79 25.96 -35.29
CA THR U 200 -53.35 24.65 -34.94
C THR U 200 -52.92 24.17 -33.56
N GLN U 201 -51.74 24.60 -33.12
CA GLN U 201 -51.19 24.12 -31.86
C GLN U 201 -51.25 25.16 -30.75
N THR U 202 -51.55 24.69 -29.53
CA THR U 202 -51.65 25.56 -28.36
C THR U 202 -50.35 25.57 -27.55
N TYR U 203 -49.96 26.76 -27.08
CA TYR U 203 -48.76 26.90 -26.27
C TYR U 203 -49.04 27.62 -24.95
N ILE U 204 -48.78 26.94 -23.84
CA ILE U 204 -49.00 27.50 -22.51
C ILE U 204 -47.71 27.49 -21.70
N CYS U 205 -47.26 28.67 -21.29
CA CYS U 205 -46.09 28.79 -20.41
C CYS U 205 -46.43 28.77 -18.91
N ASN U 206 -45.63 28.02 -18.15
CA ASN U 206 -45.76 27.89 -16.70
C ASN U 206 -44.52 28.49 -16.01
N VAL U 207 -44.71 29.59 -15.29
CA VAL U 207 -43.57 30.31 -14.73
C VAL U 207 -43.36 30.15 -13.22
N ASN U 208 -44.33 29.55 -12.53
CA ASN U 208 -44.34 29.34 -11.07
C ASN U 208 -43.28 30.08 -10.25
N HIS U 209 -43.70 31.15 -9.57
CA HIS U 209 -42.82 31.90 -8.68
C HIS U 209 -43.02 31.47 -7.22
N LYS U 210 -42.18 30.55 -6.75
CA LYS U 210 -42.35 29.95 -5.44
C LYS U 210 -42.26 30.93 -4.27
N PRO U 211 -41.24 31.80 -4.26
CA PRO U 211 -41.05 32.74 -3.14
C PRO U 211 -42.22 33.70 -2.95
N SER U 212 -43.17 33.71 -3.87
CA SER U 212 -44.36 34.54 -3.75
C SER U 212 -45.63 33.69 -3.86
N ASN U 213 -45.43 32.41 -4.16
CA ASN U 213 -46.53 31.46 -4.30
C ASN U 213 -47.53 31.82 -5.40
N THR U 214 -47.06 32.53 -6.43
CA THR U 214 -47.93 32.86 -7.55
C THR U 214 -47.60 32.00 -8.78
N LYS U 215 -48.60 31.27 -9.28
CA LYS U 215 -48.42 30.43 -10.47
C LYS U 215 -49.41 30.86 -11.55
N VAL U 216 -48.90 31.20 -12.72
CA VAL U 216 -49.74 31.66 -13.82
C VAL U 216 -49.51 30.84 -15.09
N ASP U 217 -50.60 30.50 -15.78
CA ASP U 217 -50.52 29.86 -17.08
C ASP U 217 -51.18 30.74 -18.14
N LYS U 218 -50.37 31.24 -19.07
CA LYS U 218 -50.86 32.17 -20.09
C LYS U 218 -50.68 31.62 -21.51
N LYS U 219 -51.79 31.50 -22.22
CA LYS U 219 -51.78 31.04 -23.60
C LYS U 219 -51.22 32.14 -24.51
N VAL U 220 -50.47 31.75 -25.53
CA VAL U 220 -49.81 32.72 -26.40
C VAL U 220 -50.11 32.49 -27.88
N GLU U 221 -51.08 33.24 -28.39
CA GLU U 221 -51.45 33.18 -29.80
C GLU U 221 -51.12 34.51 -30.49
N PRO U 222 -51.16 34.51 -31.84
CA PRO U 222 -50.95 35.73 -32.63
C PRO U 222 -52.06 36.74 -32.40
N LYS U 223 -52.04 37.86 -33.11
CA LYS U 223 -53.07 38.87 -32.90
C LYS U 223 -54.32 38.54 -33.71
N SER U 224 -55.45 38.48 -33.01
CA SER U 224 -56.75 38.21 -33.62
C SER U 224 -57.39 39.43 -34.29
N CYS U 225 -57.40 39.43 -35.62
CA CYS U 225 -57.95 40.54 -36.38
C CYS U 225 -59.48 40.52 -36.36
N ILE V 3 -1.69 45.20 -1.41
CA ILE V 3 -1.47 44.05 -2.27
C ILE V 3 -2.52 43.96 -3.38
N GLN V 4 -2.05 43.69 -4.60
CA GLN V 4 -2.93 43.53 -5.74
C GLN V 4 -2.51 42.35 -6.60
N MET V 5 -3.48 41.71 -7.24
CA MET V 5 -3.20 40.64 -8.20
C MET V 5 -3.78 40.99 -9.57
N THR V 6 -2.90 41.33 -10.51
CA THR V 6 -3.32 41.72 -11.85
C THR V 6 -3.27 40.52 -12.80
N GLN V 7 -4.44 40.00 -13.12
CA GLN V 7 -4.56 38.83 -14.00
C GLN V 7 -4.76 39.24 -15.47
N SER V 8 -4.25 38.42 -16.39
CA SER V 8 -4.32 38.72 -17.82
C SER V 8 -4.29 37.44 -18.67
N PRO V 9 -5.09 37.40 -19.74
CA PRO V 9 -6.01 38.48 -20.13
C PRO V 9 -7.38 38.31 -19.48
N SER V 10 -8.24 39.31 -19.61
CA SER V 10 -9.58 39.25 -19.03
C SER V 10 -10.43 38.22 -19.77
N SER V 11 -10.08 37.95 -21.02
CA SER V 11 -10.82 36.99 -21.83
C SER V 11 -9.99 36.50 -23.01
N LEU V 12 -10.24 35.27 -23.44
CA LEU V 12 -9.58 34.72 -24.62
C LEU V 12 -10.41 33.65 -25.33
N SER V 13 -10.36 33.65 -26.66
CA SER V 13 -11.07 32.67 -27.46
C SER V 13 -10.10 31.58 -27.91
N ALA V 14 -10.51 30.32 -27.81
CA ALA V 14 -9.64 29.20 -28.17
C ALA V 14 -10.41 28.00 -28.69
N SER V 15 -9.70 27.09 -29.35
CA SER V 15 -10.29 25.86 -29.87
C SER V 15 -9.65 24.65 -29.20
N VAL V 16 -10.29 23.49 -29.33
CA VAL V 16 -9.75 22.26 -28.78
C VAL V 16 -8.37 21.95 -29.35
N GLY V 17 -7.42 21.66 -28.46
CA GLY V 17 -6.05 21.38 -28.88
C GLY V 17 -5.14 22.59 -28.83
N ASP V 18 -5.75 23.77 -28.65
CA ASP V 18 -5.02 25.03 -28.61
C ASP V 18 -4.19 25.20 -27.33
N ARG V 19 -3.11 25.96 -27.45
CA ARG V 19 -2.31 26.36 -26.28
C ARG V 19 -2.85 27.64 -25.65
N VAL V 20 -3.27 27.54 -24.39
CA VAL V 20 -3.82 28.68 -23.67
C VAL V 20 -2.85 29.15 -22.59
N THR V 21 -2.67 30.46 -22.49
CA THR V 21 -1.74 31.03 -21.52
C THR V 21 -2.39 32.13 -20.68
N ILE V 22 -2.35 31.96 -19.36
CA ILE V 22 -2.92 32.94 -18.45
C ILE V 22 -1.86 33.41 -17.47
N THR V 23 -1.72 34.72 -17.31
CA THR V 23 -0.69 35.27 -16.46
C THR V 23 -1.27 36.02 -15.25
N CYS V 24 -0.52 36.05 -14.16
CA CYS V 24 -0.91 36.72 -12.92
C CYS V 24 0.29 37.41 -12.28
N ARG V 25 0.19 38.73 -12.09
CA ARG V 25 1.28 39.52 -11.49
C ARG V 25 0.95 40.00 -10.09
N ALA V 26 1.79 39.62 -9.12
CA ALA V 26 1.61 40.06 -7.74
C ALA V 26 2.18 41.46 -7.52
N SER V 27 1.46 42.27 -6.74
CA SER V 27 1.87 43.65 -6.48
C SER V 27 3.15 43.68 -5.67
N GLN V 28 3.32 42.67 -4.81
CA GLN V 28 4.57 42.47 -4.09
C GLN V 28 5.03 41.06 -4.40
N SER V 29 6.25 40.72 -4.01
CA SER V 29 6.70 39.33 -4.12
C SER V 29 5.93 38.50 -3.11
N VAL V 30 5.39 37.37 -3.54
CA VAL V 30 4.64 36.50 -2.65
C VAL V 30 5.31 35.14 -2.53
N SER V 31 6.59 35.10 -2.88
CA SER V 31 7.32 33.84 -2.95
C SER V 31 6.66 32.89 -3.93
N SER V 32 6.50 31.64 -3.51
CA SER V 32 5.90 30.64 -4.37
C SER V 32 4.45 30.36 -3.97
N ALA V 33 3.91 31.23 -3.12
CA ALA V 33 2.59 31.02 -2.53
C ALA V 33 1.44 31.41 -3.46
N VAL V 34 1.26 30.64 -4.55
CA VAL V 34 0.22 30.93 -5.51
C VAL V 34 -0.56 29.68 -5.95
N ALA V 35 -1.88 29.83 -6.08
CA ALA V 35 -2.72 28.73 -6.52
C ALA V 35 -3.60 29.13 -7.70
N TRP V 36 -4.00 28.14 -8.50
CA TRP V 36 -4.87 28.35 -9.64
C TRP V 36 -6.15 27.53 -9.52
N TYR V 37 -7.28 28.13 -9.89
CA TYR V 37 -8.57 27.45 -9.84
C TYR V 37 -9.33 27.48 -11.18
N GLN V 38 -10.16 26.47 -11.40
CA GLN V 38 -11.08 26.45 -12.55
C GLN V 38 -12.53 26.49 -12.08
N GLN V 39 -13.34 27.36 -12.68
CA GLN V 39 -14.74 27.45 -12.30
C GLN V 39 -15.69 27.46 -13.51
N LYS V 40 -16.67 26.57 -13.47
CA LYS V 40 -17.74 26.56 -14.46
C LYS V 40 -18.99 27.21 -13.87
N PRO V 41 -19.84 27.78 -14.74
CA PRO V 41 -20.98 28.58 -14.26
C PRO V 41 -21.92 27.79 -13.34
N GLY V 42 -22.26 28.38 -12.19
CA GLY V 42 -23.17 27.76 -11.25
C GLY V 42 -22.54 26.75 -10.30
N LYS V 43 -21.25 26.45 -10.51
CA LYS V 43 -20.55 25.49 -9.67
C LYS V 43 -19.38 26.10 -8.91
N ALA V 44 -18.97 25.43 -7.84
CA ALA V 44 -17.84 25.86 -7.05
C ALA V 44 -16.53 25.62 -7.81
N PRO V 45 -15.53 26.48 -7.57
CA PRO V 45 -14.20 26.34 -8.17
C PRO V 45 -13.53 25.01 -7.82
N LYS V 46 -12.66 24.53 -8.70
CA LYS V 46 -11.88 23.33 -8.45
C LYS V 46 -10.41 23.69 -8.40
N LEU V 47 -9.68 23.15 -7.43
CA LEU V 47 -8.26 23.45 -7.32
C LEU V 47 -7.50 22.71 -8.40
N LEU V 48 -6.69 23.43 -9.16
CA LEU V 48 -5.87 22.84 -10.21
C LEU V 48 -4.41 22.76 -9.80
N ILE V 49 -3.87 23.88 -9.34
CA ILE V 49 -2.45 23.97 -9.02
C ILE V 49 -2.23 24.73 -7.72
N TYR V 50 -1.31 24.23 -6.90
CA TYR V 50 -0.93 24.90 -5.67
C TYR V 50 0.58 25.07 -5.61
N SER V 51 1.02 26.01 -4.78
CA SER V 51 2.45 26.30 -4.64
C SER V 51 3.09 26.70 -5.96
N ALA V 52 2.37 27.47 -6.76
CA ALA V 52 2.87 28.03 -8.01
C ALA V 52 2.98 27.00 -9.13
N SER V 53 3.50 25.82 -8.83
CA SER V 53 3.83 24.84 -9.86
C SER V 53 3.46 23.40 -9.52
N SER V 54 2.86 23.18 -8.36
CA SER V 54 2.48 21.83 -7.95
C SER V 54 1.10 21.44 -8.46
N LEU V 55 1.05 20.32 -9.18
CA LEU V 55 -0.20 19.80 -9.75
C LEU V 55 -1.03 19.08 -8.68
N TYR V 56 -2.22 19.58 -8.41
CA TYR V 56 -3.12 18.97 -7.43
C TYR V 56 -3.63 17.61 -7.88
N SER V 57 -4.00 16.76 -6.92
CA SER V 57 -4.44 15.39 -7.20
C SER V 57 -5.66 15.34 -8.13
N GLY V 58 -5.57 14.51 -9.16
CA GLY V 58 -6.68 14.26 -10.06
C GLY V 58 -6.75 15.19 -11.25
N VAL V 59 -5.95 16.26 -11.20
CA VAL V 59 -5.89 17.22 -12.30
C VAL V 59 -5.05 16.70 -13.47
N PRO V 60 -5.56 16.85 -14.70
CA PRO V 60 -4.85 16.44 -15.92
C PRO V 60 -3.48 17.09 -16.05
N SER V 61 -2.53 16.39 -16.67
CA SER V 61 -1.15 16.83 -16.74
C SER V 61 -0.93 17.98 -17.74
N ARG V 62 -1.95 18.26 -18.56
CA ARG V 62 -1.86 19.34 -19.53
C ARG V 62 -1.85 20.72 -18.84
N PHE V 63 -2.27 20.77 -17.59
CA PHE V 63 -2.19 21.99 -16.80
C PHE V 63 -0.80 22.12 -16.16
N SER V 64 -0.23 23.32 -16.24
CA SER V 64 1.14 23.54 -15.81
C SER V 64 1.32 24.93 -15.19
N GLY V 65 2.18 25.02 -14.19
CA GLY V 65 2.48 26.28 -13.52
C GLY V 65 3.96 26.58 -13.48
N SER V 66 4.30 27.87 -13.53
CA SER V 66 5.69 28.29 -13.45
C SER V 66 5.77 29.66 -12.80
N ARG V 67 6.95 30.01 -12.29
CA ARG V 67 7.14 31.28 -11.62
C ARG V 67 8.41 32.00 -12.05
N SER V 68 8.32 33.32 -12.17
CA SER V 68 9.49 34.17 -12.35
C SER V 68 9.26 35.48 -11.62
N GLY V 69 9.80 35.57 -10.40
CA GLY V 69 9.58 36.74 -9.57
C GLY V 69 8.13 36.82 -9.14
N THR V 70 7.47 37.92 -9.50
CA THR V 70 6.07 38.11 -9.16
C THR V 70 5.14 37.72 -10.31
N ASP V 71 5.70 37.14 -11.36
CA ASP V 71 4.90 36.75 -12.52
C ASP V 71 4.62 35.24 -12.54
N PHE V 72 3.34 34.89 -12.60
CA PHE V 72 2.92 33.50 -12.62
C PHE V 72 2.09 33.17 -13.86
N THR V 73 2.33 31.99 -14.43
CA THR V 73 1.67 31.61 -15.68
C THR V 73 1.04 30.21 -15.62
N LEU V 74 -0.24 30.13 -15.97
CA LEU V 74 -0.91 28.84 -16.16
C LEU V 74 -1.01 28.53 -17.66
N THR V 75 -0.54 27.36 -18.06
CA THR V 75 -0.55 26.96 -19.46
C THR V 75 -1.29 25.64 -19.71
N ILE V 76 -2.14 25.62 -20.74
CA ILE V 76 -2.76 24.38 -21.17
C ILE V 76 -2.19 23.92 -22.52
N SER V 77 -1.49 22.79 -22.51
CA SER V 77 -0.80 22.29 -23.70
C SER V 77 -1.79 21.98 -24.83
N SER V 78 -2.83 21.23 -24.52
CA SER V 78 -3.82 20.84 -25.50
C SER V 78 -5.22 20.88 -24.91
N LEU V 79 -5.92 21.99 -25.14
CA LEU V 79 -7.22 22.27 -24.54
C LEU V 79 -8.25 21.18 -24.81
N GLN V 80 -8.99 20.79 -23.78
CA GLN V 80 -10.04 19.80 -23.91
C GLN V 80 -11.41 20.44 -23.72
N PRO V 81 -12.47 19.77 -24.17
CA PRO V 81 -13.85 20.27 -24.11
C PRO V 81 -14.32 20.61 -22.69
N GLU V 82 -13.86 19.88 -21.69
CA GLU V 82 -14.26 20.10 -20.31
C GLU V 82 -13.48 21.27 -19.68
N ASP V 83 -12.55 21.83 -20.44
CA ASP V 83 -11.67 22.88 -19.93
C ASP V 83 -12.23 24.29 -20.14
N PHE V 84 -13.34 24.38 -20.87
CA PHE V 84 -13.97 25.67 -21.09
C PHE V 84 -14.65 26.18 -19.82
N ALA V 85 -14.15 27.29 -19.30
CA ALA V 85 -14.60 27.82 -18.01
C ALA V 85 -13.83 29.09 -17.67
N THR V 86 -14.06 29.61 -16.47
CA THR V 86 -13.34 30.80 -16.01
C THR V 86 -12.26 30.40 -15.02
N TYR V 87 -11.07 30.97 -15.17
CA TYR V 87 -9.94 30.60 -14.33
C TYR V 87 -9.48 31.74 -13.43
N TYR V 88 -9.05 31.37 -12.22
CA TYR V 88 -8.63 32.33 -11.21
C TYR V 88 -7.28 31.98 -10.59
N CYS V 89 -6.40 32.98 -10.52
CA CYS V 89 -5.16 32.88 -9.76
C CYS V 89 -5.42 33.37 -8.33
N GLN V 90 -4.61 32.90 -7.40
CA GLN V 90 -4.77 33.21 -5.99
C GLN V 90 -3.45 33.15 -5.27
N GLN V 91 -3.18 34.16 -4.45
CA GLN V 91 -1.95 34.20 -3.68
C GLN V 91 -2.24 33.92 -2.20
N TYR V 92 -1.32 33.23 -1.53
CA TYR V 92 -1.45 32.99 -0.10
C TYR V 92 -0.07 33.07 0.55
N PRO V 93 0.56 34.25 0.47
CA PRO V 93 1.92 34.43 0.99
C PRO V 93 1.96 34.26 2.50
N TYR V 94 3.11 33.81 3.00
CA TYR V 94 3.28 33.59 4.43
C TYR V 94 3.04 34.89 5.17
N TYR V 95 4.00 35.80 5.06
CA TYR V 95 3.96 37.13 5.68
C TYR V 95 2.59 37.85 5.78
N SER V 96 1.59 37.45 4.99
CA SER V 96 0.28 38.11 5.07
C SER V 96 -0.83 37.12 5.42
N SER V 97 -1.76 37.56 6.26
CA SER V 97 -2.95 36.77 6.59
C SER V 97 -4.00 36.79 5.49
N LEU V 98 -3.91 37.79 4.61
CA LEU V 98 -4.92 38.02 3.59
C LEU V 98 -4.79 37.11 2.35
N ILE V 99 -5.93 36.73 1.78
CA ILE V 99 -5.99 36.03 0.50
C ILE V 99 -6.66 36.90 -0.57
N THR V 100 -5.99 37.09 -1.71
CA THR V 100 -6.53 37.93 -2.78
C THR V 100 -6.58 37.16 -4.11
N PHE V 101 -7.71 37.26 -4.78
CA PHE V 101 -7.91 36.61 -6.07
C PHE V 101 -7.66 37.57 -7.23
N GLY V 102 -7.24 37.02 -8.36
CA GLY V 102 -7.14 37.78 -9.58
C GLY V 102 -8.52 38.07 -10.14
N GLN V 103 -8.59 38.93 -11.15
CA GLN V 103 -9.87 39.33 -11.71
C GLN V 103 -10.51 38.19 -12.50
N GLY V 104 -9.70 37.19 -12.86
CA GLY V 104 -10.19 36.03 -13.60
C GLY V 104 -9.94 36.06 -15.10
N THR V 105 -9.88 34.87 -15.70
CA THR V 105 -9.73 34.74 -17.15
C THR V 105 -10.76 33.78 -17.75
N LYS V 106 -11.68 34.32 -18.54
CA LYS V 106 -12.70 33.51 -19.20
C LYS V 106 -12.22 32.95 -20.54
N VAL V 107 -12.15 31.63 -20.63
CA VAL V 107 -11.73 30.95 -21.85
C VAL V 107 -12.92 30.44 -22.66
N GLU V 108 -13.20 31.07 -23.80
CA GLU V 108 -14.35 30.67 -24.59
C GLU V 108 -13.97 29.79 -25.78
N ILE V 109 -14.99 29.15 -26.37
CA ILE V 109 -14.80 28.21 -27.49
C ILE V 109 -14.80 28.88 -28.85
N LYS V 110 -13.80 28.56 -29.67
CA LYS V 110 -13.73 29.11 -31.02
C LYS V 110 -14.68 28.38 -31.96
N ARG V 111 -15.38 29.16 -32.78
CA ARG V 111 -16.27 28.58 -33.79
C ARG V 111 -16.27 29.47 -35.04
N THR V 112 -16.94 29.02 -36.09
CA THR V 112 -17.06 29.80 -37.31
C THR V 112 -18.15 30.86 -37.15
N VAL V 113 -18.03 31.96 -37.88
CA VAL V 113 -19.02 33.05 -37.78
C VAL V 113 -20.41 32.56 -38.18
N ALA V 114 -21.43 32.97 -37.43
CA ALA V 114 -22.80 32.57 -37.70
C ALA V 114 -23.76 33.73 -37.50
N ALA V 115 -24.53 34.04 -38.54
CA ALA V 115 -25.46 35.16 -38.50
C ALA V 115 -26.61 34.90 -37.53
N PRO V 116 -26.98 35.93 -36.75
CA PRO V 116 -28.12 35.90 -35.82
C PRO V 116 -29.46 35.98 -36.53
N SER V 117 -30.37 35.06 -36.22
CA SER V 117 -31.76 35.20 -36.67
C SER V 117 -32.49 36.13 -35.72
N VAL V 118 -33.10 37.18 -36.26
CA VAL V 118 -33.68 38.24 -35.43
C VAL V 118 -35.20 38.22 -35.42
N PHE V 119 -35.78 38.48 -34.25
CA PHE V 119 -37.23 38.52 -34.08
C PHE V 119 -37.61 39.70 -33.20
N ILE V 120 -38.66 40.42 -33.58
CA ILE V 120 -39.17 41.50 -32.74
C ILE V 120 -40.55 41.14 -32.20
N PHE V 121 -40.83 41.52 -30.96
CA PHE V 121 -42.10 41.17 -30.33
C PHE V 121 -42.79 42.39 -29.74
N PRO V 122 -43.94 42.77 -30.32
CA PRO V 122 -44.75 43.86 -29.80
C PRO V 122 -45.38 43.50 -28.46
N PRO V 123 -45.75 44.50 -27.64
CA PRO V 123 -46.46 44.22 -26.39
C PRO V 123 -47.85 43.66 -26.65
N SER V 124 -48.22 42.60 -25.94
CA SER V 124 -49.51 41.95 -26.12
C SER V 124 -50.66 42.84 -25.64
N ASP V 125 -51.87 42.52 -26.10
CA ASP V 125 -53.06 43.24 -25.64
C ASP V 125 -53.25 43.03 -24.15
N SER V 126 -52.86 41.85 -23.68
CA SER V 126 -52.93 41.50 -22.28
C SER V 126 -52.11 42.47 -21.43
N GLN V 127 -50.89 42.74 -21.88
CA GLN V 127 -49.96 43.61 -21.15
C GLN V 127 -50.42 45.07 -21.09
N LEU V 128 -50.92 45.58 -22.22
CA LEU V 128 -51.35 46.98 -22.28
C LEU V 128 -52.46 47.26 -21.28
N LYS V 129 -53.28 46.25 -21.02
CA LYS V 129 -54.35 46.37 -20.04
C LYS V 129 -53.80 46.57 -18.63
N SER V 130 -52.58 46.08 -18.40
CA SER V 130 -51.97 46.16 -17.07
C SER V 130 -51.31 47.51 -16.81
N GLY V 131 -51.05 48.27 -17.88
CA GLY V 131 -50.58 49.64 -17.72
C GLY V 131 -49.21 49.93 -18.31
N THR V 132 -48.51 48.89 -18.76
CA THR V 132 -47.15 49.06 -19.29
C THR V 132 -46.99 48.44 -20.68
N ALA V 133 -45.86 48.72 -21.31
CA ALA V 133 -45.60 48.21 -22.65
C ALA V 133 -44.13 47.77 -22.78
N SER V 134 -43.94 46.47 -23.02
CA SER V 134 -42.60 45.92 -23.21
C SER V 134 -42.41 45.38 -24.62
N VAL V 135 -41.32 45.78 -25.27
CA VAL V 135 -41.00 45.32 -26.61
C VAL V 135 -39.70 44.54 -26.61
N VAL V 136 -39.73 43.33 -27.19
CA VAL V 136 -38.60 42.41 -27.14
C VAL V 136 -37.98 42.16 -28.50
N CYS V 137 -36.66 42.34 -28.60
CA CYS V 137 -35.94 42.00 -29.82
C CYS V 137 -35.03 40.81 -29.54
N LEU V 138 -35.23 39.73 -30.28
CA LEU V 138 -34.51 38.48 -30.02
C LEU V 138 -33.44 38.16 -31.06
N LEU V 139 -32.19 38.06 -30.61
CA LEU V 139 -31.11 37.57 -31.46
C LEU V 139 -30.81 36.11 -31.11
N ASN V 140 -31.10 35.21 -32.03
CA ASN V 140 -31.05 33.77 -31.74
C ASN V 140 -29.91 33.03 -32.43
N ASN V 141 -29.17 32.25 -31.65
CA ASN V 141 -28.11 31.38 -32.17
C ASN V 141 -27.10 32.09 -33.07
N PHE V 142 -26.28 32.94 -32.47
CA PHE V 142 -25.27 33.68 -33.23
C PHE V 142 -23.88 33.55 -32.61
N TYR V 143 -22.87 33.85 -33.41
CA TYR V 143 -21.48 33.84 -32.96
C TYR V 143 -20.65 34.71 -33.88
N PRO V 144 -19.68 35.47 -33.32
CA PRO V 144 -19.29 35.52 -31.90
C PRO V 144 -20.27 36.28 -31.01
N ARG V 145 -19.90 36.43 -29.74
CA ARG V 145 -20.76 37.05 -28.73
C ARG V 145 -20.93 38.55 -28.96
N GLU V 146 -19.91 39.21 -29.50
CA GLU V 146 -19.98 40.65 -29.76
C GLU V 146 -21.07 40.96 -30.78
N ALA V 147 -21.96 41.88 -30.43
CA ALA V 147 -23.04 42.30 -31.32
C ALA V 147 -23.65 43.62 -30.85
N LYS V 148 -24.26 44.36 -31.75
CA LYS V 148 -24.85 45.65 -31.39
C LYS V 148 -26.32 45.72 -31.78
N VAL V 149 -27.16 45.99 -30.78
CA VAL V 149 -28.59 46.19 -31.01
C VAL V 149 -28.97 47.61 -30.64
N GLN V 150 -29.71 48.29 -31.51
CA GLN V 150 -30.12 49.66 -31.26
C GLN V 150 -31.62 49.83 -31.49
N TRP V 151 -32.29 50.43 -30.52
CA TRP V 151 -33.74 50.65 -30.60
C TRP V 151 -34.05 52.01 -31.22
N LYS V 152 -34.92 52.00 -32.22
CA LYS V 152 -35.37 53.22 -32.87
C LYS V 152 -36.88 53.33 -32.75
N VAL V 153 -37.34 54.32 -31.98
CA VAL V 153 -38.77 54.57 -31.84
C VAL V 153 -39.14 55.76 -32.72
N ASP V 154 -39.89 55.48 -33.78
CA ASP V 154 -40.18 56.49 -34.80
C ASP V 154 -38.89 57.05 -35.36
N ASN V 155 -37.91 56.17 -35.57
CA ASN V 155 -36.63 56.53 -36.15
C ASN V 155 -35.76 57.36 -35.20
N ALA V 156 -36.23 57.50 -33.97
CA ALA V 156 -35.48 58.19 -32.92
C ALA V 156 -34.69 57.20 -32.06
N LEU V 157 -33.47 57.56 -31.69
CA LEU V 157 -32.60 56.66 -30.93
C LEU V 157 -32.99 56.61 -29.45
N GLN V 158 -32.88 55.43 -28.87
CA GLN V 158 -33.24 55.22 -27.47
C GLN V 158 -32.02 54.90 -26.62
N SER V 159 -32.06 55.30 -25.35
CA SER V 159 -31.00 54.97 -24.40
C SER V 159 -31.54 54.97 -22.97
N GLY V 160 -31.31 53.88 -22.25
CA GLY V 160 -31.65 53.80 -20.84
C GLY V 160 -33.03 53.23 -20.57
N ASN V 161 -33.75 52.91 -21.64
CA ASN V 161 -35.09 52.34 -21.52
C ASN V 161 -35.16 50.97 -22.18
N SER V 162 -34.01 50.33 -22.29
CA SER V 162 -33.90 49.00 -22.86
C SER V 162 -32.99 48.16 -21.99
N GLN V 163 -33.24 46.84 -21.95
CA GLN V 163 -32.41 45.95 -21.18
C GLN V 163 -32.01 44.72 -21.99
N GLU V 164 -30.74 44.35 -21.88
CA GLU V 164 -30.22 43.21 -22.62
C GLU V 164 -29.96 42.03 -21.70
N SER V 165 -30.09 40.82 -22.23
CA SER V 165 -29.75 39.61 -21.53
C SER V 165 -29.19 38.60 -22.51
N VAL V 166 -28.08 37.95 -22.16
CA VAL V 166 -27.42 37.03 -23.06
C VAL V 166 -27.29 35.64 -22.43
N THR V 167 -27.46 34.62 -23.26
CA THR V 167 -27.37 33.24 -22.79
C THR V 167 -25.93 32.76 -22.70
N GLU V 168 -25.72 31.68 -21.97
CA GLU V 168 -24.44 31.00 -21.97
C GLU V 168 -24.28 30.25 -23.28
N GLN V 169 -23.05 29.87 -23.59
CA GLN V 169 -22.76 29.13 -24.81
C GLN V 169 -23.57 27.84 -24.86
N ASP V 170 -24.24 27.61 -25.98
CA ASP V 170 -25.04 26.40 -26.15
C ASP V 170 -24.17 25.17 -26.18
N SER V 171 -24.56 24.14 -25.45
CA SER V 171 -23.78 22.92 -25.33
C SER V 171 -23.81 22.08 -26.62
N LYS V 172 -24.76 22.38 -27.49
CA LYS V 172 -24.93 21.60 -28.71
C LYS V 172 -24.22 22.21 -29.92
N ASP V 173 -24.28 23.53 -30.05
CA ASP V 173 -23.73 24.19 -31.24
C ASP V 173 -22.82 25.38 -30.89
N SER V 174 -22.62 25.61 -29.60
CA SER V 174 -21.64 26.59 -29.12
C SER V 174 -21.95 28.03 -29.57
N THR V 175 -23.21 28.33 -29.81
CA THR V 175 -23.63 29.67 -30.19
C THR V 175 -24.22 30.43 -29.00
N TYR V 176 -24.35 31.74 -29.12
CA TYR V 176 -25.04 32.51 -28.08
C TYR V 176 -26.42 32.93 -28.57
N SER V 177 -27.29 33.27 -27.63
CA SER V 177 -28.56 33.92 -27.94
C SER V 177 -28.72 35.17 -27.08
N LEU V 178 -29.41 36.18 -27.61
CA LEU V 178 -29.53 37.45 -26.91
C LEU V 178 -30.94 38.04 -27.02
N SER V 179 -31.43 38.57 -25.91
CA SER V 179 -32.72 39.25 -25.90
C SER V 179 -32.57 40.71 -25.46
N SER V 180 -33.10 41.63 -26.26
CA SER V 180 -33.13 43.03 -25.89
C SER V 180 -34.59 43.46 -25.67
N THR V 181 -34.84 44.04 -24.51
CA THR V 181 -36.20 44.40 -24.13
C THR V 181 -36.38 45.90 -23.91
N LEU V 182 -37.21 46.52 -24.74
CA LEU V 182 -37.55 47.93 -24.58
C LEU V 182 -38.78 48.09 -23.69
N THR V 183 -38.61 48.76 -22.56
CA THR V 183 -39.71 48.91 -21.60
C THR V 183 -40.18 50.36 -21.51
N LEU V 184 -41.43 50.59 -21.91
CA LEU V 184 -42.02 51.91 -21.79
C LEU V 184 -43.39 51.84 -21.13
N SER V 185 -43.84 52.95 -20.55
CA SER V 185 -45.19 53.04 -20.02
C SER V 185 -46.20 53.03 -21.16
N LYS V 186 -47.42 52.60 -20.88
CA LYS V 186 -48.46 52.52 -21.89
C LYS V 186 -48.75 53.88 -22.50
N ALA V 187 -48.53 54.93 -21.72
CA ALA V 187 -48.73 56.30 -22.18
C ALA V 187 -47.72 56.66 -23.26
N ASP V 188 -46.43 56.49 -22.94
CA ASP V 188 -45.36 56.78 -23.89
C ASP V 188 -45.45 55.85 -25.10
N TYR V 189 -45.93 54.62 -24.87
CA TYR V 189 -46.06 53.63 -25.93
C TYR V 189 -47.09 54.04 -26.97
N GLU V 190 -48.18 54.64 -26.51
CA GLU V 190 -49.28 55.01 -27.40
C GLU V 190 -49.06 56.39 -28.03
N LYS V 191 -47.91 56.99 -27.73
CA LYS V 191 -47.56 58.28 -28.32
C LYS V 191 -46.93 58.14 -29.70
N HIS V 192 -46.03 57.17 -29.84
CA HIS V 192 -45.31 56.97 -31.10
C HIS V 192 -45.88 55.81 -31.91
N LYS V 193 -45.49 55.72 -33.18
CA LYS V 193 -46.06 54.74 -34.10
C LYS V 193 -45.06 53.65 -34.50
N VAL V 194 -43.89 54.07 -35.00
CA VAL V 194 -42.91 53.13 -35.56
C VAL V 194 -41.92 52.62 -34.52
N TYR V 195 -41.83 51.30 -34.40
CA TYR V 195 -40.87 50.66 -33.50
C TYR V 195 -39.94 49.73 -34.26
N ALA V 196 -38.64 50.02 -34.24
CA ALA V 196 -37.68 49.23 -35.00
C ALA V 196 -36.46 48.84 -34.16
N CYS V 197 -36.00 47.61 -34.35
CA CYS V 197 -34.79 47.11 -33.70
C CYS V 197 -33.70 46.83 -34.74
N GLU V 198 -32.56 47.48 -34.59
CA GLU V 198 -31.46 47.33 -35.55
C GLU V 198 -30.35 46.44 -35.00
N VAL V 199 -30.02 45.38 -35.75
CA VAL V 199 -29.03 44.41 -35.32
C VAL V 199 -27.74 44.52 -36.12
N THR V 200 -26.64 44.83 -35.44
CA THR V 200 -25.33 44.87 -36.07
C THR V 200 -24.43 43.72 -35.63
N HIS V 201 -24.02 42.90 -36.60
CA HIS V 201 -23.16 41.75 -36.31
C HIS V 201 -22.21 41.48 -37.48
N GLN V 202 -21.05 40.91 -37.17
CA GLN V 202 -20.03 40.65 -38.19
C GLN V 202 -20.50 39.64 -39.24
N GLY V 203 -21.40 38.75 -38.83
CA GLY V 203 -21.91 37.72 -39.73
C GLY V 203 -22.92 38.24 -40.74
N LEU V 204 -23.36 39.49 -40.57
CA LEU V 204 -24.34 40.07 -41.46
C LEU V 204 -23.73 41.09 -42.42
N SER V 205 -24.13 41.01 -43.69
CA SER V 205 -23.68 41.94 -44.71
C SER V 205 -24.38 43.29 -44.62
N SER V 206 -24.24 43.93 -43.45
CA SER V 206 -24.82 45.24 -43.11
C SER V 206 -25.90 44.97 -42.08
N PRO V 207 -26.22 45.97 -41.25
CA PRO V 207 -27.15 45.71 -40.15
C PRO V 207 -28.54 45.30 -40.64
N VAL V 208 -29.11 44.30 -39.98
CA VAL V 208 -30.46 43.82 -40.29
C VAL V 208 -31.46 44.47 -39.34
N THR V 209 -32.62 44.82 -39.88
CA THR V 209 -33.63 45.52 -39.08
C THR V 209 -35.01 44.88 -39.15
N LYS V 210 -35.47 44.34 -38.02
CA LYS V 210 -36.84 43.88 -37.89
C LYS V 210 -37.63 44.95 -37.14
N SER V 211 -38.87 45.19 -37.55
CA SER V 211 -39.64 46.28 -36.97
C SER V 211 -41.15 46.05 -37.06
N PHE V 212 -41.92 46.91 -36.37
CA PHE V 212 -43.37 46.85 -36.39
C PHE V 212 -44.00 48.20 -36.04
N ASN V 213 -45.23 48.42 -36.50
CA ASN V 213 -45.98 49.62 -36.16
C ASN V 213 -47.05 49.33 -35.11
N ARG V 214 -47.27 50.27 -34.20
CA ARG V 214 -48.17 50.06 -33.06
C ARG V 214 -49.60 49.74 -33.49
N GLY V 215 -50.09 48.57 -33.06
CA GLY V 215 -51.45 48.14 -33.37
C GLY V 215 -51.66 47.87 -34.84
N GLU V 216 -50.66 47.25 -35.48
CA GLU V 216 -50.74 46.92 -36.90
C GLU V 216 -50.80 45.41 -37.12
N CYS V 217 -51.35 44.70 -36.13
CA CYS V 217 -51.43 43.24 -36.20
C CYS V 217 -50.04 42.60 -36.28
N VAL W 5 39.35 5.62 39.81
CA VAL W 5 38.58 6.32 40.84
C VAL W 5 39.25 6.24 42.20
N GLN W 6 39.50 7.39 42.80
CA GLN W 6 40.02 7.43 44.16
C GLN W 6 39.68 8.74 44.87
N LEU W 7 39.61 8.69 46.19
CA LEU W 7 39.40 9.89 47.00
C LEU W 7 40.57 10.09 47.96
N VAL W 8 40.98 11.34 48.13
CA VAL W 8 42.08 11.65 49.05
C VAL W 8 41.71 12.79 49.99
N GLU W 9 41.56 12.46 51.27
CA GLU W 9 41.27 13.47 52.27
C GLU W 9 42.53 14.21 52.69
N SER W 10 42.34 15.45 53.13
CA SER W 10 43.44 16.23 53.69
C SER W 10 42.85 17.34 54.55
N GLY W 11 43.67 17.91 55.42
CA GLY W 11 43.24 19.01 56.26
C GLY W 11 43.22 18.64 57.73
N GLY W 12 43.18 17.34 58.00
CA GLY W 12 43.16 16.85 59.36
C GLY W 12 44.39 17.29 60.13
N GLY W 13 44.20 17.57 61.42
CA GLY W 13 45.29 18.03 62.25
C GLY W 13 44.82 18.30 63.67
N LEU W 14 45.63 19.03 64.42
CA LEU W 14 45.31 19.32 65.81
C LEU W 14 44.63 20.68 65.91
N VAL W 15 43.47 20.72 66.58
CA VAL W 15 42.75 21.97 66.76
C VAL W 15 42.25 22.12 68.20
N GLN W 16 42.07 23.37 68.64
CA GLN W 16 41.62 23.66 69.99
C GLN W 16 40.10 23.65 70.08
N PRO W 17 39.57 23.32 71.26
CA PRO W 17 38.13 23.36 71.50
C PRO W 17 37.51 24.73 71.18
N GLY W 18 36.48 24.72 70.36
CA GLY W 18 35.79 25.95 69.95
C GLY W 18 36.33 26.48 68.64
N GLY W 19 37.42 25.87 68.17
CA GLY W 19 38.06 26.32 66.95
C GLY W 19 37.49 25.64 65.72
N SER W 20 37.93 26.10 64.55
CA SER W 20 37.45 25.56 63.29
C SER W 20 38.53 24.81 62.52
N LEU W 21 38.09 23.96 61.59
CA LEU W 21 38.97 23.18 60.74
C LEU W 21 38.25 22.79 59.45
N ARG W 22 38.98 22.88 58.34
CA ARG W 22 38.41 22.61 57.03
C ARG W 22 39.06 21.39 56.37
N LEU W 23 38.27 20.36 56.10
CA LEU W 23 38.76 19.16 55.43
C LEU W 23 38.52 19.18 53.92
N SER W 24 39.41 18.53 53.18
CA SER W 24 39.27 18.42 51.73
C SER W 24 39.15 16.97 51.28
N CYS W 25 38.36 16.74 50.23
CA CYS W 25 38.23 15.43 49.64
C CYS W 25 38.38 15.57 48.12
N ALA W 26 39.57 15.28 47.62
CA ALA W 26 39.88 15.44 46.20
C ALA W 26 39.53 14.19 45.41
N ALA W 27 38.75 14.35 44.36
CA ALA W 27 38.30 13.23 43.54
C ALA W 27 39.02 13.17 42.19
N SER W 28 39.18 11.96 41.68
CA SER W 28 39.69 11.74 40.32
C SER W 28 39.04 10.52 39.69
N GLY W 29 38.94 10.52 38.36
CA GLY W 29 38.37 9.39 37.65
C GLY W 29 36.88 9.48 37.42
N PHE W 30 36.27 10.52 37.97
CA PHE W 30 34.83 10.74 37.82
C PHE W 30 34.45 12.20 38.08
N ASN W 31 33.31 12.61 37.52
CA ASN W 31 32.83 13.97 37.71
C ASN W 31 31.97 14.07 38.97
N LEU W 32 32.44 14.87 39.91
CA LEU W 32 31.86 14.93 41.25
C LEU W 32 30.44 15.49 41.28
N TYR W 33 30.07 16.23 40.25
CA TYR W 33 28.76 16.88 40.19
C TYR W 33 27.66 15.82 40.09
N TYR W 34 27.89 14.80 39.27
CA TYR W 34 26.89 13.78 38.97
C TYR W 34 26.85 12.65 39.99
N TYR W 35 27.65 12.78 41.05
CA TYR W 35 27.71 11.79 42.11
C TYR W 35 27.44 12.47 43.45
N SER W 36 27.33 11.68 44.50
CA SER W 36 27.18 12.24 45.84
C SER W 36 28.41 11.94 46.69
N ILE W 37 28.76 12.88 47.56
CA ILE W 37 29.92 12.71 48.43
C ILE W 37 29.49 12.79 49.89
N HIS W 38 30.07 11.91 50.70
CA HIS W 38 29.63 11.79 52.09
C HIS W 38 30.82 11.81 53.05
N TRP W 39 30.64 12.46 54.19
CA TRP W 39 31.64 12.41 55.24
C TRP W 39 31.19 11.47 56.34
N VAL W 40 32.04 10.50 56.65
CA VAL W 40 31.76 9.53 57.69
C VAL W 40 32.95 9.51 58.64
N ARG W 41 32.68 9.73 59.93
CA ARG W 41 33.76 9.81 60.89
C ARG W 41 33.74 8.61 61.83
N GLN W 42 34.87 8.37 62.48
CA GLN W 42 34.99 7.23 63.36
C GLN W 42 35.90 7.58 64.54
N ALA W 43 35.29 7.85 65.69
CA ALA W 43 36.05 8.17 66.90
C ALA W 43 36.85 6.96 67.34
N PRO W 44 37.91 7.19 68.13
CA PRO W 44 38.77 6.12 68.63
C PRO W 44 37.97 5.04 69.35
N GLY W 45 38.03 3.81 68.84
CA GLY W 45 37.36 2.69 69.46
C GLY W 45 35.86 2.63 69.28
N LYS W 46 35.33 3.52 68.44
CA LYS W 46 33.89 3.57 68.18
C LYS W 46 33.60 3.09 66.77
N GLY W 47 32.31 3.10 66.40
CA GLY W 47 31.87 2.67 65.09
C GLY W 47 31.77 3.80 64.09
N LEU W 48 31.13 3.55 62.95
CA LEU W 48 31.00 4.55 61.90
C LEU W 48 29.83 5.50 62.16
N GLU W 49 30.05 6.80 61.94
CA GLU W 49 29.00 7.80 62.09
C GLU W 49 29.00 8.77 60.92
N TRP W 50 27.97 8.68 60.09
CA TRP W 50 27.73 9.63 59.01
C TRP W 50 27.49 11.02 59.58
N VAL W 51 28.12 12.03 58.99
CA VAL W 51 28.00 13.40 59.49
C VAL W 51 27.39 14.33 58.46
N ALA W 52 27.70 14.11 57.18
CA ALA W 52 27.22 15.00 56.12
C ALA W 52 27.25 14.35 54.74
N SER W 53 26.34 14.80 53.89
CA SER W 53 26.24 14.35 52.51
C SER W 53 26.00 15.55 51.60
N ILE W 54 26.47 15.48 50.36
CA ILE W 54 26.20 16.54 49.40
C ILE W 54 25.88 15.98 48.02
N SER W 55 24.85 16.51 47.39
CA SER W 55 24.54 16.11 46.03
C SER W 55 24.64 17.34 45.14
N PRO W 56 25.79 17.51 44.49
CA PRO W 56 26.04 18.66 43.63
C PRO W 56 25.06 18.73 42.45
N TYR W 57 24.57 17.57 41.99
CA TYR W 57 23.70 17.54 40.82
C TYR W 57 22.37 18.21 41.12
N SER W 58 21.99 18.22 42.39
CA SER W 58 20.82 18.95 42.85
C SER W 58 21.36 20.04 43.79
N SER W 59 20.51 20.58 44.65
CA SER W 59 20.95 21.63 45.55
C SER W 59 20.84 21.18 46.99
N SER W 60 20.85 19.86 47.19
CA SER W 60 20.64 19.31 48.51
C SER W 60 21.91 18.91 49.26
N THR W 61 21.90 19.20 50.55
CA THR W 61 22.92 18.77 51.49
C THR W 61 22.23 18.29 52.77
N SER W 62 22.88 17.41 53.52
CA SER W 62 22.27 16.87 54.74
C SER W 62 23.30 16.60 55.84
N TYR W 63 22.88 16.79 57.09
CA TYR W 63 23.78 16.68 58.23
C TYR W 63 23.16 15.88 59.38
N ALA W 64 24.00 15.20 60.14
CA ALA W 64 23.57 14.60 61.40
C ALA W 64 23.34 15.69 62.43
N ASP W 65 22.35 15.51 63.32
CA ASP W 65 22.01 16.54 64.29
C ASP W 65 23.17 16.93 65.21
N SER W 66 24.11 16.02 65.41
CA SER W 66 25.25 16.27 66.29
C SER W 66 26.17 17.36 65.73
N VAL W 67 26.10 17.59 64.42
CA VAL W 67 26.99 18.54 63.78
C VAL W 67 26.26 19.64 62.98
N LYS W 68 24.93 19.64 63.06
CA LYS W 68 24.10 20.50 62.19
C LYS W 68 24.47 21.99 62.22
N GLY W 69 24.27 22.63 63.35
CA GLY W 69 24.59 24.05 63.47
C GLY W 69 26.08 24.34 63.38
N ARG W 70 26.88 23.29 63.40
CA ARG W 70 28.34 23.44 63.45
C ARG W 70 29.08 23.10 62.15
N PHE W 71 28.61 22.10 61.42
CA PHE W 71 29.29 21.68 60.20
C PHE W 71 28.59 22.18 58.92
N THR W 72 29.40 22.39 57.89
CA THR W 72 28.90 22.79 56.58
C THR W 72 29.63 22.05 55.47
N ILE W 73 28.88 21.36 54.63
CA ILE W 73 29.46 20.61 53.53
C ILE W 73 29.27 21.34 52.21
N SER W 74 30.28 21.30 51.34
CA SER W 74 30.22 21.99 50.06
C SER W 74 31.08 21.30 49.01
N ALA W 75 30.96 21.75 47.77
CA ALA W 75 31.75 21.17 46.69
C ALA W 75 32.11 22.21 45.63
N ASP W 76 33.32 22.10 45.11
CA ASP W 76 33.80 22.95 44.02
C ASP W 76 34.10 22.09 42.80
N THR W 77 33.17 22.10 41.84
CA THR W 77 33.26 21.21 40.69
C THR W 77 34.44 21.53 39.77
N SER W 78 34.88 22.78 39.75
CA SER W 78 36.00 23.19 38.91
C SER W 78 37.28 22.44 39.29
N LYS W 79 37.48 22.22 40.58
CA LYS W 79 38.66 21.51 41.06
C LYS W 79 38.32 20.06 41.47
N ASN W 80 37.07 19.67 41.23
CA ASN W 80 36.60 18.31 41.50
C ASN W 80 36.88 17.89 42.95
N THR W 81 36.46 18.75 43.87
CA THR W 81 36.77 18.56 45.28
C THR W 81 35.57 18.91 46.15
N ALA W 82 35.37 18.12 47.21
CA ALA W 82 34.36 18.41 48.21
C ALA W 82 35.04 18.87 49.49
N TYR W 83 34.32 19.62 50.32
CA TYR W 83 34.89 20.19 51.55
C TYR W 83 33.98 19.99 52.75
N LEU W 84 34.58 19.92 53.93
CA LEU W 84 33.82 19.90 55.17
C LEU W 84 34.33 20.99 56.11
N GLN W 85 33.56 22.07 56.21
CA GLN W 85 33.94 23.16 57.10
C GLN W 85 33.37 22.92 58.48
N MET W 86 34.27 22.72 59.44
CA MET W 86 33.87 22.44 60.80
C MET W 86 34.14 23.62 61.73
N ASN W 87 33.08 24.12 62.35
CA ASN W 87 33.20 25.18 63.34
C ASN W 87 32.67 24.70 64.68
N SER W 88 33.02 25.41 65.75
CA SER W 88 32.61 25.04 67.10
C SER W 88 32.95 23.60 67.43
N LEU W 89 34.18 23.20 67.09
CA LEU W 89 34.61 21.82 67.31
C LEU W 89 34.66 21.50 68.79
N ARG W 90 34.40 20.24 69.12
CA ARG W 90 34.45 19.79 70.50
C ARG W 90 35.34 18.55 70.58
N ALA W 91 35.73 18.19 71.80
CA ALA W 91 36.55 17.00 72.00
C ALA W 91 35.83 15.78 71.43
N GLU W 92 34.51 15.81 71.52
CA GLU W 92 33.66 14.72 71.06
C GLU W 92 33.83 14.46 69.56
N ASP W 93 34.30 15.47 68.84
CA ASP W 93 34.45 15.38 67.40
C ASP W 93 35.76 14.70 66.99
N THR W 94 36.59 14.37 67.97
CA THR W 94 37.84 13.68 67.71
C THR W 94 37.56 12.34 67.04
N ALA W 95 38.08 12.15 65.83
CA ALA W 95 37.83 10.95 65.06
C ALA W 95 38.57 10.97 63.74
N VAL W 96 38.62 9.83 63.06
CA VAL W 96 39.08 9.76 61.69
C VAL W 96 37.97 10.15 60.73
N TYR W 97 38.22 11.11 59.85
CA TYR W 97 37.19 11.56 58.92
C TYR W 97 37.41 11.03 57.49
N TYR W 98 36.48 10.17 57.05
CA TYR W 98 36.51 9.65 55.69
C TYR W 98 35.53 10.40 54.78
N CYS W 99 35.85 10.49 53.50
CA CYS W 99 34.86 10.91 52.51
C CYS W 99 34.59 9.74 51.57
N ALA W 100 33.34 9.62 51.11
CA ALA W 100 32.97 8.53 50.22
C ALA W 100 31.83 8.91 49.26
N ARG W 101 31.78 8.19 48.13
CA ARG W 101 30.70 8.31 47.15
C ARG W 101 29.91 6.98 47.14
N GLY W 102 28.62 7.01 46.82
CA GLY W 102 27.89 8.20 46.48
C GLY W 102 27.35 8.25 45.05
N ARG W 103 26.39 7.39 44.73
CA ARG W 103 25.73 7.44 43.42
C ARG W 103 24.30 7.96 43.55
N TRP W 104 23.81 8.64 42.51
CA TRP W 104 22.50 9.27 42.58
C TRP W 104 21.37 8.25 42.71
N TYR W 105 21.53 7.09 42.07
CA TYR W 105 20.53 6.03 42.15
C TYR W 105 20.88 4.98 43.20
N ARG W 106 21.95 5.25 43.94
CA ARG W 106 22.44 4.31 44.94
C ARG W 106 23.27 4.98 46.02
N ARG W 107 22.66 5.24 47.16
CA ARG W 107 23.37 5.95 48.23
C ARG W 107 24.19 4.96 49.06
N ALA W 108 24.73 3.94 48.39
CA ALA W 108 25.71 3.07 49.00
C ALA W 108 27.09 3.64 48.71
N LEU W 109 28.03 3.43 49.62
CA LEU W 109 29.34 4.03 49.52
C LEU W 109 30.38 3.07 48.93
N ASP W 110 30.70 3.24 47.66
CA ASP W 110 31.53 2.27 46.94
C ASP W 110 33.03 2.63 46.91
N TYR W 111 33.33 3.92 46.99
CA TYR W 111 34.70 4.40 47.02
C TYR W 111 34.96 5.24 48.27
N TRP W 112 36.03 4.94 48.99
CA TRP W 112 36.40 5.67 50.21
C TRP W 112 37.80 6.26 50.12
N GLY W 113 38.03 7.36 50.82
CA GLY W 113 39.38 7.90 50.96
C GLY W 113 40.16 7.17 52.05
N GLN W 114 41.40 7.55 52.27
CA GLN W 114 42.22 6.86 53.27
C GLN W 114 41.92 7.36 54.68
N GLY W 115 41.27 8.51 54.79
CA GLY W 115 40.92 9.08 56.08
C GLY W 115 41.91 10.14 56.53
N THR W 116 41.43 11.11 57.29
CA THR W 116 42.30 12.12 57.88
C THR W 116 41.93 12.29 59.35
N LEU W 117 42.95 12.34 60.21
CA LEU W 117 42.72 12.36 61.65
C LEU W 117 42.49 13.78 62.16
N VAL W 118 41.41 13.95 62.92
CA VAL W 118 41.10 15.24 63.53
C VAL W 118 41.14 15.11 65.05
N THR W 119 42.01 15.89 65.68
CA THR W 119 42.17 15.85 67.14
C THR W 119 41.78 17.17 67.77
N VAL W 120 40.80 17.13 68.67
CA VAL W 120 40.35 18.33 69.36
C VAL W 120 40.69 18.26 70.85
N SER W 121 41.66 19.08 71.27
CA SER W 121 42.05 19.13 72.67
C SER W 121 42.86 20.38 72.97
N SER W 122 42.72 20.87 74.20
CA SER W 122 43.46 22.04 74.67
C SER W 122 44.86 21.67 75.17
N ALA W 123 45.19 20.38 75.17
CA ALA W 123 46.48 19.91 75.68
C ALA W 123 47.67 20.42 74.87
N SER W 124 48.75 20.77 75.57
CA SER W 124 49.98 21.22 74.92
C SER W 124 50.96 20.06 74.73
N THR W 125 51.82 20.17 73.72
CA THR W 125 52.81 19.13 73.44
C THR W 125 53.74 18.94 74.63
N LYS W 126 53.87 17.70 75.08
CA LYS W 126 54.66 17.37 76.24
C LYS W 126 55.22 15.95 76.12
N GLY W 127 56.47 15.77 76.53
CA GLY W 127 57.09 14.45 76.51
C GLY W 127 56.66 13.63 77.71
N PRO W 128 56.72 12.29 77.58
CA PRO W 128 56.27 11.35 78.62
C PRO W 128 57.28 11.12 79.74
N SER W 129 56.80 10.62 80.87
CA SER W 129 57.68 10.07 81.90
C SER W 129 57.66 8.56 81.79
N VAL W 130 58.82 7.93 81.85
CA VAL W 130 58.90 6.47 81.74
C VAL W 130 59.23 5.86 83.09
N PHE W 131 58.33 5.01 83.58
CA PHE W 131 58.54 4.34 84.86
C PHE W 131 58.62 2.83 84.68
N PRO W 132 59.49 2.17 85.45
CA PRO W 132 59.70 0.73 85.33
C PRO W 132 58.61 -0.10 85.99
N LEU W 133 58.22 -1.19 85.32
CA LEU W 133 57.36 -2.20 85.91
C LEU W 133 58.23 -3.38 86.34
N ALA W 134 58.78 -3.29 87.56
CA ALA W 134 59.75 -4.25 88.05
C ALA W 134 59.14 -5.63 88.28
N PRO W 135 59.86 -6.69 87.89
CA PRO W 135 59.39 -8.07 88.02
C PRO W 135 59.24 -8.53 89.47
N SER W 136 58.18 -9.30 89.71
CA SER W 136 57.86 -9.79 91.05
C SER W 136 58.86 -10.80 91.58
N SER W 137 59.00 -10.82 92.90
CA SER W 137 59.90 -11.71 93.61
C SER W 137 59.35 -13.13 93.48
N LYS W 138 58.04 -13.23 93.30
CA LYS W 138 57.36 -14.52 93.16
C LYS W 138 56.69 -14.68 91.81
N SER W 139 57.43 -15.25 90.86
CA SER W 139 56.99 -15.34 89.48
C SER W 139 56.50 -16.78 89.25
N THR W 140 57.10 -17.48 88.29
CA THR W 140 56.77 -18.87 87.99
C THR W 140 55.27 -19.06 87.69
N SER W 141 54.83 -20.29 87.42
CA SER W 141 55.68 -21.47 87.41
C SER W 141 56.22 -21.77 86.02
N GLY W 142 57.20 -22.69 85.98
CA GLY W 142 57.93 -22.99 84.78
C GLY W 142 59.09 -22.01 84.68
N GLY W 143 59.05 -20.98 85.53
CA GLY W 143 60.10 -19.97 85.58
C GLY W 143 59.90 -18.71 84.75
N THR W 144 58.65 -18.38 84.44
CA THR W 144 58.37 -17.17 83.64
C THR W 144 58.03 -15.95 84.50
N ALA W 145 58.62 -14.82 84.15
CA ALA W 145 58.42 -13.55 84.85
C ALA W 145 57.98 -12.44 83.89
N ALA W 146 57.14 -11.54 84.37
CA ALA W 146 56.66 -10.43 83.56
C ALA W 146 57.22 -9.10 84.06
N LEU W 147 57.64 -8.26 83.12
CA LEU W 147 58.14 -6.92 83.43
C LEU W 147 57.83 -5.96 82.29
N GLY W 148 57.97 -4.66 82.53
CA GLY W 148 57.67 -3.70 81.50
C GLY W 148 57.95 -2.24 81.82
N CYS W 149 57.44 -1.35 80.97
CA CYS W 149 57.62 0.09 81.13
C CYS W 149 56.30 0.84 81.07
N LEU W 150 56.12 1.76 82.03
CA LEU W 150 54.97 2.66 82.02
C LEU W 150 55.33 4.00 81.38
N VAL W 151 54.72 4.29 80.24
CA VAL W 151 54.91 5.54 79.53
C VAL W 151 53.74 6.47 79.82
N LYS W 152 53.97 7.45 80.70
CA LYS W 152 52.88 8.23 81.28
C LYS W 152 52.92 9.70 80.88
N ASP W 153 51.73 10.27 80.67
CA ASP W 153 51.56 11.71 80.51
C ASP W 153 52.34 12.30 79.32
N TYR W 154 51.96 11.89 78.11
CA TYR W 154 52.55 12.48 76.90
C TYR W 154 51.48 12.99 75.93
N PHE W 155 51.89 13.84 75.00
CA PHE W 155 50.98 14.38 74.00
C PHE W 155 51.75 15.15 72.92
N PRO W 156 51.32 14.99 71.66
CA PRO W 156 50.21 14.10 71.31
C PRO W 156 50.67 12.69 70.98
N GLU W 157 49.77 11.90 70.42
CA GLU W 157 50.13 10.60 69.87
C GLU W 157 51.03 10.81 68.67
N PRO W 158 51.84 9.79 68.31
CA PRO W 158 51.97 8.51 69.00
C PRO W 158 53.28 8.40 69.79
N VAL W 159 53.49 7.26 70.42
CA VAL W 159 54.76 6.92 71.09
C VAL W 159 55.20 5.53 70.69
N THR W 160 56.47 5.35 70.38
CA THR W 160 56.99 4.03 70.05
C THR W 160 57.94 3.50 71.11
N VAL W 161 57.76 2.23 71.48
CA VAL W 161 58.60 1.61 72.49
C VAL W 161 59.28 0.36 71.94
N SER W 162 60.52 0.13 72.33
CA SER W 162 61.28 -1.03 71.90
C SER W 162 61.87 -1.75 73.11
N TRP W 163 62.51 -2.88 72.88
CA TRP W 163 63.17 -3.61 73.96
C TRP W 163 64.53 -4.15 73.48
N ASN W 164 65.60 -3.71 74.15
CA ASN W 164 66.96 -4.06 73.75
C ASN W 164 67.26 -3.72 72.29
N SER W 165 66.82 -2.54 71.86
CA SER W 165 67.04 -2.07 70.50
C SER W 165 66.49 -3.01 69.43
N GLY W 166 65.43 -3.74 69.76
CA GLY W 166 64.77 -4.60 68.80
C GLY W 166 65.18 -6.05 68.93
N ALA W 167 66.13 -6.31 69.83
CA ALA W 167 66.64 -7.66 70.06
C ALA W 167 65.62 -8.52 70.81
N LEU W 168 64.85 -7.88 71.68
CA LEU W 168 63.84 -8.60 72.46
C LEU W 168 62.46 -8.31 71.87
N THR W 169 61.90 -9.30 71.18
CA THR W 169 60.61 -9.12 70.53
C THR W 169 59.59 -10.17 70.98
N SER W 170 60.07 -11.35 71.33
CA SER W 170 59.20 -12.44 71.75
C SER W 170 58.67 -12.20 73.16
N GLY W 171 57.35 -12.28 73.31
CA GLY W 171 56.72 -12.11 74.61
C GLY W 171 56.34 -10.68 74.90
N VAL W 172 56.66 -9.77 73.98
CA VAL W 172 56.39 -8.36 74.16
C VAL W 172 54.94 -7.98 73.80
N HIS W 173 54.31 -7.19 74.66
CA HIS W 173 52.98 -6.63 74.41
C HIS W 173 52.94 -5.15 74.73
N THR W 174 52.88 -4.33 73.68
CA THR W 174 52.76 -2.89 73.86
C THR W 174 51.29 -2.53 73.71
N PHE W 175 50.69 -2.06 74.79
CA PHE W 175 49.25 -1.80 74.83
C PHE W 175 48.88 -0.50 74.12
N PRO W 176 47.66 -0.46 73.55
CA PRO W 176 47.13 0.79 72.98
C PRO W 176 47.04 1.89 74.03
N ALA W 177 47.39 3.10 73.65
CA ALA W 177 47.37 4.24 74.56
C ALA W 177 45.96 4.53 75.05
N VAL W 178 45.87 5.15 76.22
CA VAL W 178 44.57 5.55 76.77
C VAL W 178 44.53 7.06 76.99
N LEU W 179 43.42 7.68 76.60
CA LEU W 179 43.26 9.11 76.84
C LEU W 179 42.77 9.39 78.26
N GLN W 180 43.60 10.09 79.01
CA GLN W 180 43.30 10.41 80.41
C GLN W 180 42.40 11.64 80.52
N SER W 181 41.82 11.83 81.70
CA SER W 181 40.93 12.97 81.93
C SER W 181 41.70 14.29 81.88
N SER W 182 43.02 14.20 82.08
CA SER W 182 43.89 15.37 82.02
C SER W 182 44.09 15.84 80.58
N GLY W 183 43.80 14.96 79.63
CA GLY W 183 44.00 15.26 78.23
C GLY W 183 45.31 14.69 77.70
N LEU W 184 46.06 14.02 78.57
CA LEU W 184 47.33 13.42 78.19
C LEU W 184 47.17 11.91 78.01
N TYR W 185 48.05 11.32 77.20
CA TYR W 185 47.97 9.89 76.93
C TYR W 185 48.92 9.08 77.81
N SER W 186 48.63 7.79 77.95
CA SER W 186 49.48 6.86 78.69
C SER W 186 49.34 5.45 78.12
N LEU W 187 50.42 4.70 78.13
CA LEU W 187 50.37 3.29 77.75
C LEU W 187 51.43 2.50 78.48
N SER W 188 51.24 1.19 78.57
CA SER W 188 52.22 0.31 79.16
C SER W 188 52.75 -0.68 78.14
N SER W 189 54.05 -0.94 78.19
CA SER W 189 54.64 -1.98 77.37
C SER W 189 55.23 -3.07 78.25
N VAL W 190 54.76 -4.30 78.07
CA VAL W 190 55.22 -5.39 78.92
C VAL W 190 55.85 -6.51 78.09
N VAL W 191 56.60 -7.37 78.76
CA VAL W 191 57.25 -8.51 78.13
C VAL W 191 57.51 -9.60 79.16
N THR W 192 57.42 -10.85 78.73
CA THR W 192 57.66 -11.97 79.64
C THR W 192 58.99 -12.65 79.34
N VAL W 193 59.75 -12.89 80.40
CA VAL W 193 61.06 -13.53 80.31
C VAL W 193 61.24 -14.53 81.44
N PRO W 194 62.26 -15.40 81.33
CA PRO W 194 62.58 -16.40 82.37
C PRO W 194 62.88 -15.78 83.73
N SER W 195 62.35 -16.40 84.78
CA SER W 195 62.55 -15.92 86.15
C SER W 195 64.00 -16.02 86.59
N SER W 196 64.73 -16.99 86.05
CA SER W 196 66.12 -17.19 86.37
C SER W 196 66.98 -16.06 85.81
N SER W 197 66.55 -15.50 84.68
CA SER W 197 67.28 -14.44 84.00
C SER W 197 67.03 -13.06 84.60
N LEU W 198 66.27 -13.01 85.68
CA LEU W 198 65.87 -11.73 86.26
C LEU W 198 67.03 -10.85 86.69
N GLY W 199 67.94 -11.40 87.50
CA GLY W 199 69.04 -10.62 88.03
C GLY W 199 70.28 -10.62 87.16
N THR W 200 70.40 -11.63 86.30
CA THR W 200 71.57 -11.78 85.45
C THR W 200 71.48 -11.04 84.11
N GLN W 201 70.27 -10.85 83.60
CA GLN W 201 70.08 -10.27 82.27
C GLN W 201 69.53 -8.84 82.29
N THR W 202 70.00 -8.03 81.35
CA THR W 202 69.57 -6.63 81.26
C THR W 202 68.42 -6.47 80.28
N TYR W 203 67.43 -5.68 80.68
CA TYR W 203 66.29 -5.38 79.84
C TYR W 203 66.07 -3.87 79.72
N ILE W 204 66.14 -3.37 78.50
CA ILE W 204 65.99 -1.94 78.24
C ILE W 204 64.85 -1.65 77.29
N CYS W 205 63.85 -0.91 77.75
CA CYS W 205 62.80 -0.45 76.84
C CYS W 205 63.22 0.88 76.23
N ASN W 206 63.02 1.02 74.93
CA ASN W 206 63.37 2.25 74.24
C ASN W 206 62.11 2.95 73.72
N VAL W 207 61.78 4.07 74.37
CA VAL W 207 60.56 4.82 74.09
C VAL W 207 60.84 6.15 73.36
N ASN W 208 60.23 6.28 72.18
CA ASN W 208 60.48 7.41 71.29
C ASN W 208 59.26 8.31 71.09
N HIS W 209 59.29 9.49 71.70
CA HIS W 209 58.26 10.50 71.51
C HIS W 209 58.68 11.53 70.48
N LYS W 210 58.24 11.34 69.24
CA LYS W 210 58.68 12.16 68.11
C LYS W 210 58.35 13.65 68.24
N PRO W 211 57.09 13.97 68.59
CA PRO W 211 56.66 15.37 68.70
C PRO W 211 57.43 16.22 69.72
N SER W 212 58.31 15.61 70.51
CA SER W 212 59.09 16.38 71.47
C SER W 212 60.61 16.18 71.32
N ASN W 213 61.01 15.29 70.41
CA ASN W 213 62.41 14.98 70.18
C ASN W 213 63.03 14.37 71.44
N THR W 214 62.19 13.72 72.24
CA THR W 214 62.63 13.09 73.47
C THR W 214 62.73 11.55 73.43
N LYS W 215 63.90 11.02 73.73
CA LYS W 215 64.09 9.57 73.82
C LYS W 215 64.60 9.20 75.20
N VAL W 216 63.87 8.28 75.84
CA VAL W 216 64.27 7.81 77.16
C VAL W 216 64.45 6.30 77.07
N ASP W 217 65.54 5.82 77.65
CA ASP W 217 65.81 4.39 77.75
C ASP W 217 65.90 4.03 79.22
N LYS W 218 64.97 3.22 79.67
CA LYS W 218 64.90 2.88 81.08
C LYS W 218 65.12 1.39 81.29
N LYS W 219 66.16 1.09 82.07
CA LYS W 219 66.48 -0.27 82.44
C LYS W 219 65.50 -0.77 83.47
N VAL W 220 65.17 -2.05 83.41
CA VAL W 220 64.18 -2.64 84.30
C VAL W 220 64.74 -3.83 85.04
N GLU W 221 65.14 -3.59 86.28
CA GLU W 221 65.65 -4.63 87.16
C GLU W 221 64.69 -4.84 88.33
N PRO W 222 64.88 -5.94 89.07
CA PRO W 222 64.02 -6.24 90.22
C PRO W 222 64.18 -5.21 91.34
N LYS W 223 63.48 -5.41 92.45
CA LYS W 223 63.53 -4.48 93.56
C LYS W 223 64.73 -4.75 94.45
N SER W 224 65.53 -3.73 94.70
CA SER W 224 66.66 -3.85 95.62
C SER W 224 66.20 -3.74 97.07
N CYS W 225 66.16 -4.87 97.77
CA CYS W 225 65.72 -4.89 99.14
C CYS W 225 66.79 -4.33 100.06
N ASP X 2 12.34 8.67 64.44
CA ASP X 2 13.75 8.56 64.81
C ASP X 2 14.31 7.22 64.33
N ILE X 3 14.95 7.24 63.16
CA ILE X 3 15.49 6.03 62.54
C ILE X 3 16.64 5.39 63.32
N GLN X 4 16.60 4.07 63.42
CA GLN X 4 17.62 3.30 64.13
C GLN X 4 18.01 2.04 63.36
N MET X 5 19.29 1.66 63.44
CA MET X 5 19.74 0.38 62.88
C MET X 5 20.38 -0.47 63.97
N THR X 6 19.69 -1.51 64.41
CA THR X 6 20.23 -2.37 65.46
C THR X 6 20.89 -3.62 64.86
N GLN X 7 22.22 -3.63 64.92
CA GLN X 7 23.02 -4.73 64.36
C GLN X 7 23.31 -5.78 65.43
N SER X 8 23.41 -7.03 65.01
CA SER X 8 23.61 -8.13 65.95
C SER X 8 24.33 -9.31 65.31
N PRO X 9 25.28 -9.91 66.05
CA PRO X 9 25.70 -9.50 67.40
C PRO X 9 26.83 -8.46 67.36
N SER X 10 27.17 -7.88 68.52
CA SER X 10 28.24 -6.89 68.60
C SER X 10 29.61 -7.52 68.37
N SER X 11 29.69 -8.82 68.65
CA SER X 11 30.90 -9.59 68.45
C SER X 11 30.56 -11.08 68.40
N LEU X 12 31.33 -11.84 67.64
CA LEU X 12 31.15 -13.28 67.57
C LEU X 12 32.46 -13.96 67.23
N SER X 13 32.67 -15.13 67.83
CA SER X 13 33.88 -15.90 67.65
C SER X 13 33.68 -17.02 66.62
N ALA X 14 34.64 -17.20 65.72
CA ALA X 14 34.51 -18.20 64.67
C ALA X 14 35.84 -18.79 64.20
N SER X 15 35.76 -19.90 63.47
CA SER X 15 36.94 -20.54 62.90
C SER X 15 36.86 -20.49 61.38
N VAL X 16 38.00 -20.72 60.73
CA VAL X 16 38.04 -20.74 59.27
C VAL X 16 37.11 -21.83 58.72
N GLY X 17 36.31 -21.47 57.73
CA GLY X 17 35.38 -22.43 57.15
C GLY X 17 33.99 -22.36 57.75
N ASP X 18 33.86 -21.62 58.85
CA ASP X 18 32.57 -21.50 59.54
C ASP X 18 31.56 -20.73 58.68
N ARG X 19 30.29 -21.05 58.87
CA ARG X 19 29.22 -20.27 58.27
C ARG X 19 28.85 -19.13 59.20
N VAL X 20 29.02 -17.90 58.73
CA VAL X 20 28.75 -16.72 59.55
C VAL X 20 27.50 -16.00 59.09
N THR X 21 26.67 -15.62 60.06
CA THR X 21 25.43 -14.93 59.77
C THR X 21 25.34 -13.68 60.64
N ILE X 22 25.16 -12.54 59.98
CA ILE X 22 25.04 -11.25 60.66
C ILE X 22 23.74 -10.59 60.28
N THR X 23 23.01 -10.11 61.29
CA THR X 23 21.70 -9.52 61.04
C THR X 23 21.68 -8.04 61.41
N CYS X 24 20.81 -7.30 60.73
CA CYS X 24 20.61 -5.89 61.03
C CYS X 24 19.13 -5.55 60.90
N ARG X 25 18.55 -5.03 61.98
CA ARG X 25 17.13 -4.68 61.99
C ARG X 25 16.87 -3.18 61.96
N ALA X 26 16.13 -2.73 60.96
CA ALA X 26 15.74 -1.33 60.87
C ALA X 26 14.53 -1.03 61.75
N SER X 27 14.54 0.11 62.42
CA SER X 27 13.46 0.49 63.32
C SER X 27 12.17 0.74 62.54
N GLN X 28 12.32 1.25 61.32
CA GLN X 28 11.21 1.43 60.39
C GLN X 28 11.52 0.67 59.11
N SER X 29 10.54 0.59 58.22
CA SER X 29 10.77 -0.01 56.91
C SER X 29 11.70 0.86 56.09
N VAL X 30 12.72 0.24 55.50
CA VAL X 30 13.63 0.96 54.63
C VAL X 30 13.64 0.35 53.23
N SER X 31 12.59 -0.41 52.92
CA SER X 31 12.54 -1.16 51.66
C SER X 31 13.77 -2.05 51.56
N SER X 32 14.44 -2.01 50.41
CA SER X 32 15.65 -2.81 50.21
C SER X 32 16.92 -1.97 50.30
N ALA X 33 16.80 -0.76 50.81
CA ALA X 33 17.91 0.20 50.81
C ALA X 33 18.93 -0.06 51.91
N VAL X 34 19.64 -1.19 51.81
CA VAL X 34 20.62 -1.55 52.82
C VAL X 34 21.92 -2.05 52.19
N ALA X 35 23.04 -1.63 52.77
CA ALA X 35 24.36 -2.05 52.31
C ALA X 35 25.20 -2.63 53.45
N TRP X 36 26.15 -3.47 53.10
CA TRP X 36 27.04 -4.06 54.07
C TRP X 36 28.48 -3.69 53.76
N TYR X 37 29.25 -3.39 54.79
CA TYR X 37 30.65 -3.04 54.62
C TYR X 37 31.56 -3.91 55.47
N GLN X 38 32.78 -4.12 54.99
CA GLN X 38 33.83 -4.77 55.76
C GLN X 38 34.94 -3.77 56.02
N GLN X 39 35.38 -3.70 57.26
CA GLN X 39 36.47 -2.82 57.63
C GLN X 39 37.49 -3.54 58.50
N LYS X 40 38.75 -3.43 58.11
CA LYS X 40 39.84 -3.93 58.94
C LYS X 40 40.47 -2.76 59.67
N PRO X 41 41.10 -3.04 60.82
CA PRO X 41 41.59 -1.97 61.70
C PRO X 41 42.59 -1.06 60.98
N GLY X 42 42.37 0.25 61.10
CA GLY X 42 43.27 1.23 60.52
C GLY X 42 43.00 1.52 59.06
N LYS X 43 42.06 0.79 58.46
CA LYS X 43 41.73 0.96 57.05
C LYS X 43 40.29 1.40 56.83
N ALA X 44 40.03 1.98 55.66
CA ALA X 44 38.69 2.39 55.30
C ALA X 44 37.84 1.17 55.01
N PRO X 45 36.54 1.25 55.31
CA PRO X 45 35.59 0.17 55.03
C PRO X 45 35.54 -0.17 53.55
N LYS X 46 35.14 -1.40 53.24
CA LYS X 46 34.97 -1.84 51.86
C LYS X 46 33.51 -2.23 51.60
N LEU X 47 32.96 -1.81 50.47
CA LEU X 47 31.58 -2.14 50.14
C LEU X 47 31.44 -3.60 49.70
N LEU X 48 30.55 -4.36 50.35
CA LEU X 48 30.33 -5.77 50.00
C LEU X 48 29.02 -6.01 49.25
N ILE X 49 27.92 -5.55 49.82
CA ILE X 49 26.60 -5.77 49.25
C ILE X 49 25.77 -4.50 49.33
N TYR X 50 25.04 -4.21 48.26
CA TYR X 50 24.14 -3.06 48.21
C TYR X 50 22.75 -3.53 47.81
N SER X 51 21.73 -2.72 48.12
CA SER X 51 20.36 -3.10 47.82
C SER X 51 19.98 -4.42 48.48
N ALA X 52 20.46 -4.60 49.71
CA ALA X 52 20.12 -5.74 50.55
C ALA X 52 20.81 -7.05 50.11
N SER X 53 20.82 -7.34 48.82
CA SER X 53 21.27 -8.66 48.37
C SER X 53 22.15 -8.66 47.13
N SER X 54 22.47 -7.49 46.60
CA SER X 54 23.30 -7.43 45.40
C SER X 54 24.78 -7.39 45.75
N LEU X 55 25.53 -8.31 45.16
CA LEU X 55 26.96 -8.43 45.41
C LEU X 55 27.73 -7.35 44.65
N TYR X 56 28.45 -6.51 45.37
CA TYR X 56 29.22 -5.45 44.72
C TYR X 56 30.33 -6.05 43.88
N SER X 57 30.73 -5.35 42.83
CA SER X 57 31.73 -5.83 41.88
C SER X 57 33.05 -6.18 42.55
N GLY X 58 33.57 -7.37 42.27
CA GLY X 58 34.88 -7.76 42.76
C GLY X 58 34.81 -8.45 44.11
N VAL X 59 33.64 -8.43 44.72
CA VAL X 59 33.44 -9.08 46.02
C VAL X 59 33.29 -10.60 45.85
N PRO X 60 33.98 -11.38 46.70
CA PRO X 60 33.93 -12.85 46.68
C PRO X 60 32.50 -13.39 46.83
N SER X 61 32.24 -14.53 46.20
CA SER X 61 30.89 -15.08 46.14
C SER X 61 30.45 -15.70 47.46
N ARG X 62 31.38 -15.89 48.38
CA ARG X 62 31.05 -16.46 49.68
C ARG X 62 30.25 -15.45 50.52
N PHE X 63 30.34 -14.18 50.14
CA PHE X 63 29.55 -13.14 50.79
C PHE X 63 28.17 -13.03 50.15
N SER X 64 27.14 -12.94 50.99
CA SER X 64 25.76 -12.94 50.51
C SER X 64 24.86 -12.10 51.41
N GLY X 65 23.87 -11.44 50.80
CA GLY X 65 22.90 -10.63 51.53
C GLY X 65 21.47 -11.02 51.20
N SER X 66 20.59 -10.88 52.18
CA SER X 66 19.17 -11.17 51.99
C SER X 66 18.32 -10.28 52.90
N ARG X 67 17.05 -10.16 52.57
CA ARG X 67 16.13 -9.30 53.30
C ARG X 67 14.81 -9.99 53.62
N SER X 68 14.31 -9.75 54.83
CA SER X 68 12.98 -10.19 55.21
C SER X 68 12.34 -9.13 56.10
N GLY X 69 11.49 -8.31 55.49
CA GLY X 69 10.88 -7.19 56.20
C GLY X 69 11.91 -6.15 56.56
N THR X 70 12.03 -5.88 57.86
CA THR X 70 12.99 -4.92 58.35
C THR X 70 14.27 -5.61 58.81
N ASP X 71 14.33 -6.93 58.59
CA ASP X 71 15.48 -7.72 58.99
C ASP X 71 16.39 -8.04 57.81
N PHE X 72 17.68 -7.71 57.97
CA PHE X 72 18.65 -7.93 56.90
C PHE X 72 19.77 -8.85 57.36
N THR X 73 20.21 -9.73 56.46
CA THR X 73 21.20 -10.74 56.81
C THR X 73 22.39 -10.78 55.87
N LEU X 74 23.57 -10.67 56.47
CA LEU X 74 24.84 -10.91 55.77
C LEU X 74 25.35 -12.28 56.16
N THR X 75 25.67 -13.11 55.17
CA THR X 75 26.18 -14.45 55.45
C THR X 75 27.51 -14.68 54.74
N ILE X 76 28.46 -15.25 55.47
CA ILE X 76 29.70 -15.71 54.87
C ILE X 76 29.67 -17.23 54.81
N SER X 77 29.65 -17.76 53.59
CA SER X 77 29.46 -19.18 53.35
C SER X 77 30.54 -20.03 54.01
N SER X 78 31.78 -19.65 53.76
CA SER X 78 32.94 -20.37 54.29
C SER X 78 34.00 -19.36 54.70
N LEU X 79 34.01 -19.03 55.99
CA LEU X 79 34.88 -17.97 56.50
C LEU X 79 36.34 -18.22 56.16
N GLN X 80 37.01 -17.16 55.68
CA GLN X 80 38.43 -17.23 55.36
C GLN X 80 39.24 -16.39 56.33
N PRO X 81 40.56 -16.64 56.40
CA PRO X 81 41.46 -15.93 57.31
C PRO X 81 41.44 -14.42 57.09
N GLU X 82 41.25 -14.02 55.83
CA GLU X 82 41.19 -12.61 55.47
C GLU X 82 39.81 -12.02 55.74
N ASP X 83 38.87 -12.84 56.20
CA ASP X 83 37.51 -12.39 56.45
C ASP X 83 37.31 -11.95 57.90
N PHE X 84 38.31 -12.21 58.75
CA PHE X 84 38.23 -11.79 60.15
C PHE X 84 38.38 -10.27 60.24
N ALA X 85 37.32 -9.62 60.71
CA ALA X 85 37.24 -8.16 60.69
C ALA X 85 35.93 -7.68 61.30
N THR X 86 35.68 -6.38 61.23
CA THR X 86 34.44 -5.79 61.74
C THR X 86 33.51 -5.43 60.58
N TYR X 87 32.23 -5.76 60.72
CA TYR X 87 31.27 -5.56 59.64
C TYR X 87 30.15 -4.58 60.03
N TYR X 88 29.71 -3.77 59.06
CA TYR X 88 28.69 -2.75 59.31
C TYR X 88 27.53 -2.83 58.32
N CYS X 89 26.31 -2.81 58.84
CA CYS X 89 25.11 -2.69 57.99
C CYS X 89 24.88 -1.19 57.84
N GLN X 90 24.19 -0.78 56.77
CA GLN X 90 23.93 0.65 56.55
C GLN X 90 22.65 0.82 55.76
N GLN X 91 21.79 1.73 56.21
CA GLN X 91 20.55 1.98 55.48
C GLN X 91 20.58 3.33 54.78
N TYR X 92 19.95 3.41 53.62
CA TYR X 92 19.84 4.67 52.89
C TYR X 92 18.47 4.79 52.22
N PRO X 93 17.40 4.83 53.03
CA PRO X 93 16.04 4.88 52.48
C PRO X 93 15.81 6.20 51.75
N TYR X 94 14.94 6.19 50.73
CA TYR X 94 14.70 7.40 49.95
C TYR X 94 14.10 8.56 50.74
N TYR X 95 13.07 8.26 51.53
CA TYR X 95 12.36 9.26 52.33
C TYR X 95 13.22 10.07 53.30
N SER X 96 14.43 9.61 53.61
CA SER X 96 15.28 10.32 54.56
C SER X 96 16.60 10.79 53.96
N SER X 97 17.03 11.99 54.37
CA SER X 97 18.35 12.51 53.99
C SER X 97 19.44 11.88 54.85
N LEU X 98 19.04 11.27 55.95
CA LEU X 98 19.96 10.74 56.95
C LEU X 98 20.54 9.39 56.54
N ILE X 99 21.81 9.16 56.89
CA ILE X 99 22.43 7.84 56.77
C ILE X 99 22.76 7.30 58.15
N THR X 100 22.30 6.09 58.44
CA THR X 100 22.53 5.49 59.74
C THR X 100 23.20 4.12 59.59
N PHE X 101 24.24 3.90 60.38
CA PHE X 101 25.01 2.66 60.40
C PHE X 101 24.60 1.73 61.54
N GLY X 102 24.82 0.43 61.37
CA GLY X 102 24.67 -0.49 62.49
C GLY X 102 25.81 -0.30 63.47
N GLN X 103 25.69 -0.91 64.65
CA GLN X 103 26.70 -0.75 65.69
C GLN X 103 28.00 -1.47 65.34
N GLY X 104 27.90 -2.41 64.40
CA GLY X 104 29.03 -3.19 63.95
C GLY X 104 29.10 -4.57 64.54
N THR X 105 29.75 -5.49 63.82
CA THR X 105 29.98 -6.84 64.30
C THR X 105 31.44 -7.23 64.11
N LYS X 106 32.17 -7.42 65.22
CA LYS X 106 33.57 -7.81 65.15
C LYS X 106 33.69 -9.33 65.08
N VAL X 107 34.28 -9.82 63.99
CA VAL X 107 34.48 -11.26 63.81
C VAL X 107 35.91 -11.67 64.15
N GLU X 108 36.08 -12.34 65.29
CA GLU X 108 37.41 -12.75 65.73
C GLU X 108 37.63 -14.26 65.54
N ILE X 109 38.89 -14.69 65.66
CA ILE X 109 39.22 -16.09 65.50
C ILE X 109 39.04 -16.84 66.82
N LYS X 110 38.23 -17.90 66.80
CA LYS X 110 38.01 -18.67 68.02
C LYS X 110 39.14 -19.66 68.22
N ARG X 111 39.53 -19.81 69.48
CA ARG X 111 40.56 -20.76 69.87
C ARG X 111 40.15 -21.37 71.21
N THR X 112 40.94 -22.31 71.73
CA THR X 112 40.57 -22.93 72.99
C THR X 112 40.86 -21.97 74.14
N VAL X 113 40.11 -22.12 75.24
CA VAL X 113 40.24 -21.25 76.39
C VAL X 113 41.64 -21.26 76.99
N ALA X 114 42.12 -20.08 77.37
CA ALA X 114 43.45 -19.92 77.94
C ALA X 114 43.40 -18.96 79.12
N ALA X 115 43.86 -19.44 80.26
CA ALA X 115 43.84 -18.65 81.49
C ALA X 115 44.80 -17.48 81.40
N PRO X 116 44.35 -16.31 81.91
CA PRO X 116 45.18 -15.10 81.99
C PRO X 116 46.22 -15.22 83.11
N SER X 117 47.48 -14.97 82.79
CA SER X 117 48.50 -14.85 83.83
C SER X 117 48.41 -13.45 84.42
N VAL X 118 48.26 -13.34 85.73
CA VAL X 118 48.02 -12.04 86.32
C VAL X 118 49.28 -11.57 87.02
N PHE X 119 49.59 -10.29 86.84
CA PHE X 119 50.78 -9.69 87.43
C PHE X 119 50.43 -8.30 87.96
N ILE X 120 50.89 -7.99 89.15
CA ILE X 120 50.70 -6.64 89.66
C ILE X 120 52.03 -5.93 89.80
N PHE X 121 52.03 -4.64 89.49
CA PHE X 121 53.24 -3.83 89.51
C PHE X 121 52.99 -2.57 90.33
N PRO X 122 53.71 -2.43 91.46
CA PRO X 122 53.60 -1.23 92.29
C PRO X 122 54.14 0.00 91.59
N PRO X 123 53.70 1.19 92.01
CA PRO X 123 54.24 2.45 91.47
C PRO X 123 55.70 2.63 91.86
N SER X 124 56.54 3.02 90.90
CA SER X 124 57.97 3.18 91.15
C SER X 124 58.27 4.38 92.04
N ASP X 125 59.46 4.36 92.65
CA ASP X 125 59.93 5.49 93.47
C ASP X 125 60.15 6.72 92.59
N SER X 126 60.54 6.49 91.35
CA SER X 126 60.75 7.56 90.38
C SER X 126 59.46 8.35 90.21
N GLN X 127 58.36 7.63 90.06
CA GLN X 127 57.05 8.23 89.86
C GLN X 127 56.55 8.94 91.11
N LEU X 128 56.74 8.32 92.27
CA LEU X 128 56.27 8.88 93.53
C LEU X 128 56.91 10.23 93.82
N LYS X 129 58.15 10.40 93.39
CA LYS X 129 58.86 11.67 93.55
C LYS X 129 58.19 12.77 92.74
N SER X 130 57.51 12.40 91.66
CA SER X 130 56.88 13.37 90.78
C SER X 130 55.51 13.78 91.28
N GLY X 131 54.93 12.99 92.18
CA GLY X 131 53.69 13.37 92.83
C GLY X 131 52.50 12.46 92.62
N THR X 132 52.64 11.46 91.74
CA THR X 132 51.53 10.56 91.43
C THR X 132 51.91 9.09 91.60
N ALA X 133 50.92 8.22 91.58
CA ALA X 133 51.14 6.78 91.79
C ALA X 133 50.28 5.91 90.88
N SER X 134 50.94 5.14 90.00
CA SER X 134 50.22 4.23 89.11
C SER X 134 50.51 2.75 89.41
N VAL X 135 49.44 1.98 89.54
CA VAL X 135 49.55 0.54 89.77
C VAL X 135 48.91 -0.22 88.60
N VAL X 136 49.67 -1.15 88.04
CA VAL X 136 49.26 -1.84 86.81
C VAL X 136 48.94 -3.31 87.05
N CYS X 137 47.79 -3.75 86.56
CA CYS X 137 47.42 -5.15 86.64
C CYS X 137 47.46 -5.75 85.24
N LEU X 138 48.27 -6.80 85.06
CA LEU X 138 48.50 -7.39 83.75
C LEU X 138 47.83 -8.75 83.56
N LEU X 139 46.93 -8.83 82.60
CA LEU X 139 46.37 -10.11 82.15
C LEU X 139 47.05 -10.49 80.84
N ASN X 140 47.83 -11.57 80.85
CA ASN X 140 48.67 -11.86 79.70
C ASN X 140 48.21 -13.08 78.90
N ASN X 141 48.06 -12.89 77.59
CA ASN X 141 47.76 -13.97 76.64
C ASN X 141 46.60 -14.85 77.10
N PHE X 142 45.39 -14.32 77.04
CA PHE X 142 44.20 -15.07 77.46
C PHE X 142 43.11 -15.07 76.39
N TYR X 143 42.16 -15.99 76.55
CA TYR X 143 41.00 -16.10 75.65
C TYR X 143 39.86 -16.81 76.37
N PRO X 144 38.62 -16.33 76.18
CA PRO X 144 38.23 -15.22 75.30
C PRO X 144 38.58 -13.85 75.85
N ARG X 145 38.17 -12.81 75.12
CA ARG X 145 38.49 -11.42 75.44
C ARG X 145 37.79 -10.92 76.69
N GLU X 146 36.59 -11.43 76.95
CA GLU X 146 35.79 -10.98 78.08
C GLU X 146 36.46 -11.28 79.42
N ALA X 147 36.58 -10.24 80.25
CA ALA X 147 37.14 -10.39 81.59
C ALA X 147 36.80 -9.16 82.43
N LYS X 148 36.78 -9.34 83.75
CA LYS X 148 36.44 -8.25 84.65
C LYS X 148 37.55 -8.06 85.69
N VAL X 149 38.09 -6.86 85.76
CA VAL X 149 39.11 -6.53 86.75
C VAL X 149 38.65 -5.48 87.75
N GLN X 150 38.87 -5.75 89.03
CA GLN X 150 38.54 -4.80 90.09
C GLN X 150 39.69 -4.64 91.06
N TRP X 151 40.04 -3.38 91.34
CA TRP X 151 41.10 -3.05 92.26
C TRP X 151 40.54 -2.92 93.67
N LYS X 152 41.21 -3.54 94.64
CA LYS X 152 40.78 -3.43 96.02
C LYS X 152 41.83 -2.76 96.88
N VAL X 153 41.48 -1.56 97.35
CA VAL X 153 42.31 -0.80 98.28
C VAL X 153 41.70 -0.88 99.68
N ASP X 154 42.40 -1.52 100.59
CA ASP X 154 41.87 -1.82 101.91
C ASP X 154 40.59 -2.64 101.79
N ASN X 155 40.60 -3.57 100.83
CA ASN X 155 39.50 -4.50 100.62
C ASN X 155 38.25 -3.82 100.08
N ALA X 156 38.35 -2.53 99.77
CA ALA X 156 37.24 -1.78 99.21
C ALA X 156 37.32 -1.71 97.68
N LEU X 157 36.18 -1.85 97.02
CA LEU X 157 36.13 -1.85 95.57
C LEU X 157 36.24 -0.44 95.03
N GLN X 158 36.91 -0.31 93.90
CA GLN X 158 37.15 0.99 93.29
C GLN X 158 36.40 1.13 91.97
N SER X 159 36.01 2.36 91.65
CA SER X 159 35.35 2.65 90.38
C SER X 159 35.62 4.08 89.94
N GLY X 160 36.05 4.24 88.69
CA GLY X 160 36.25 5.56 88.12
C GLY X 160 37.67 6.07 88.25
N ASN X 161 38.53 5.27 88.87
CA ASN X 161 39.93 5.66 89.00
C ASN X 161 40.83 4.62 88.34
N SER X 162 40.27 3.87 87.41
CA SER X 162 41.04 2.89 86.66
C SER X 162 40.68 2.95 85.18
N GLN X 163 41.66 2.65 84.33
CA GLN X 163 41.44 2.62 82.90
C GLN X 163 42.08 1.36 82.33
N GLU X 164 41.37 0.69 81.44
CA GLU X 164 41.84 -0.53 80.83
C GLU X 164 42.22 -0.33 79.37
N SER X 165 43.14 -1.16 78.89
CA SER X 165 43.51 -1.17 77.49
C SER X 165 43.78 -2.61 77.07
N VAL X 166 43.22 -3.01 75.93
CA VAL X 166 43.35 -4.40 75.51
C VAL X 166 43.97 -4.47 74.12
N THR X 167 44.80 -5.47 73.91
CA THR X 167 45.46 -5.64 72.63
C THR X 167 44.55 -6.34 71.65
N GLU X 168 44.89 -6.25 70.37
CA GLU X 168 44.22 -7.03 69.35
C GLU X 168 44.66 -8.48 69.48
N GLN X 169 43.95 -9.40 68.85
CA GLN X 169 44.34 -10.80 68.90
C GLN X 169 45.76 -10.99 68.40
N ASP X 170 46.56 -11.74 69.15
CA ASP X 170 47.93 -12.01 68.73
C ASP X 170 47.93 -12.83 67.46
N SER X 171 48.77 -12.46 66.51
CA SER X 171 48.81 -13.12 65.20
C SER X 171 49.38 -14.54 65.24
N LYS X 172 50.04 -14.88 66.35
CA LYS X 172 50.67 -16.19 66.47
C LYS X 172 49.77 -17.20 67.20
N ASP X 173 49.09 -16.77 68.25
CA ASP X 173 48.32 -17.69 69.08
C ASP X 173 46.89 -17.23 69.33
N SER X 174 46.50 -16.10 68.73
CA SER X 174 45.12 -15.62 68.78
C SER X 174 44.62 -15.28 70.19
N THR X 175 45.53 -14.93 71.10
CA THR X 175 45.12 -14.55 72.45
C THR X 175 45.07 -13.05 72.67
N TYR X 176 44.39 -12.61 73.74
CA TYR X 176 44.44 -11.21 74.10
C TYR X 176 45.33 -11.00 75.32
N SER X 177 45.79 -9.75 75.48
CA SER X 177 46.41 -9.30 76.72
C SER X 177 45.74 -8.01 77.14
N LEU X 178 45.68 -7.78 78.45
CA LEU X 178 44.95 -6.64 78.99
C LEU X 178 45.70 -5.99 80.14
N SER X 179 45.70 -4.65 80.14
CA SER X 179 46.29 -3.89 81.22
C SER X 179 45.25 -3.01 81.90
N SER X 180 45.17 -3.12 83.22
CA SER X 180 44.31 -2.24 84.00
C SER X 180 45.18 -1.36 84.89
N THR X 181 44.93 -0.04 84.83
CA THR X 181 45.76 0.92 85.54
C THR X 181 44.98 1.67 86.62
N LEU X 182 45.38 1.47 87.87
CA LEU X 182 44.79 2.20 89.00
C LEU X 182 45.58 3.47 89.29
N THR X 183 44.91 4.62 89.18
CA THR X 183 45.59 5.90 89.36
C THR X 183 45.12 6.66 90.61
N LEU X 184 46.05 6.87 91.54
CA LEU X 184 45.77 7.65 92.73
C LEU X 184 46.83 8.72 92.93
N SER X 185 46.50 9.78 93.65
CA SER X 185 47.50 10.79 94.02
C SER X 185 48.45 10.16 95.05
N LYS X 186 49.66 10.70 95.14
CA LYS X 186 50.67 10.14 96.02
C LYS X 186 50.23 10.14 97.49
N ALA X 187 49.34 11.06 97.83
CA ALA X 187 48.80 11.14 99.19
C ALA X 187 47.93 9.94 99.55
N ASP X 188 46.93 9.68 98.72
CA ASP X 188 46.01 8.56 98.94
C ASP X 188 46.69 7.20 98.90
N TYR X 189 47.75 7.10 98.10
CA TYR X 189 48.50 5.86 97.96
C TYR X 189 49.18 5.50 99.29
N GLU X 190 49.67 6.51 99.99
CA GLU X 190 50.41 6.30 101.23
C GLU X 190 49.52 6.18 102.46
N LYS X 191 48.19 6.21 102.27
CA LYS X 191 47.28 6.01 103.39
C LYS X 191 47.07 4.53 103.69
N HIS X 192 46.86 3.74 102.64
CA HIS X 192 46.59 2.32 102.80
C HIS X 192 47.80 1.47 102.47
N LYS X 193 47.74 0.21 102.86
CA LYS X 193 48.89 -0.69 102.76
C LYS X 193 48.66 -1.78 101.70
N VAL X 194 47.53 -2.48 101.80
CA VAL X 194 47.27 -3.62 100.93
C VAL X 194 46.58 -3.24 99.62
N TYR X 195 47.21 -3.63 98.51
CA TYR X 195 46.67 -3.41 97.18
C TYR X 195 46.50 -4.71 96.41
N ALA X 196 45.28 -5.02 95.99
CA ALA X 196 45.01 -6.29 95.32
C ALA X 196 44.20 -6.09 94.04
N CYS X 197 44.54 -6.86 93.00
CA CYS X 197 43.79 -6.84 91.74
C CYS X 197 43.11 -8.19 91.54
N GLU X 198 41.78 -8.16 91.40
CA GLU X 198 41.01 -9.39 91.28
C GLU X 198 40.61 -9.69 89.83
N VAL X 199 41.02 -10.85 89.33
CA VAL X 199 40.77 -11.26 87.95
C VAL X 199 39.76 -12.39 87.85
N THR X 200 38.63 -12.12 87.20
CA THR X 200 37.64 -13.15 86.93
C THR X 200 37.60 -13.47 85.45
N HIS X 201 37.85 -14.73 85.11
CA HIS X 201 37.83 -15.14 83.70
C HIS X 201 37.29 -16.56 83.60
N GLN X 202 36.67 -16.88 82.47
CA GLN X 202 36.05 -18.18 82.29
C GLN X 202 37.09 -19.30 82.34
N GLY X 203 38.32 -18.98 81.94
CA GLY X 203 39.38 -19.98 81.94
C GLY X 203 39.93 -20.29 83.33
N LEU X 204 39.55 -19.49 84.33
CA LEU X 204 40.03 -19.69 85.69
C LEU X 204 38.96 -20.27 86.62
N SER X 205 39.37 -21.25 87.43
CA SER X 205 38.48 -21.87 88.41
C SER X 205 38.27 -21.00 89.65
N SER X 206 37.74 -19.79 89.41
CA SER X 206 37.42 -18.78 90.44
C SER X 206 38.42 -17.64 90.29
N PRO X 207 38.05 -16.43 90.74
CA PRO X 207 38.89 -15.27 90.50
C PRO X 207 40.25 -15.38 91.18
N VAL X 208 41.29 -14.94 90.46
CA VAL X 208 42.65 -14.91 90.97
C VAL X 208 42.97 -13.52 91.49
N THR X 209 43.68 -13.45 92.61
CA THR X 209 44.00 -12.15 93.22
C THR X 209 45.49 -12.04 93.51
N LYS X 210 46.15 -11.16 92.77
CA LYS X 210 47.54 -10.81 93.04
C LYS X 210 47.58 -9.49 93.81
N SER X 211 48.52 -9.39 94.74
CA SER X 211 48.59 -8.23 95.62
C SER X 211 50.00 -7.94 96.13
N PHE X 212 50.15 -6.78 96.76
CA PHE X 212 51.43 -6.36 97.35
C PHE X 212 51.19 -5.35 98.46
N ASN X 213 52.14 -5.27 99.39
CA ASN X 213 52.09 -4.31 100.48
C ASN X 213 53.02 -3.12 100.25
N ARG X 214 52.57 -1.93 100.66
CA ARG X 214 53.32 -0.70 100.43
C ARG X 214 54.69 -0.73 101.10
N GLY X 215 55.74 -0.60 100.29
CA GLY X 215 57.11 -0.55 100.79
C GLY X 215 57.60 -1.85 101.40
N GLU X 216 57.25 -2.98 100.79
CA GLU X 216 57.69 -4.29 101.28
C GLU X 216 58.66 -4.93 100.28
N CYS X 217 59.34 -4.08 99.52
CA CYS X 217 60.31 -4.49 98.51
C CYS X 217 59.68 -5.41 97.47
N UNK Y 1 -53.54 13.87 42.65
CA UNK Y 1 -54.69 13.02 42.37
C UNK Y 1 -54.94 12.90 40.87
N UNK Y 2 -54.09 13.53 40.07
CA UNK Y 2 -54.12 13.41 38.62
C UNK Y 2 -54.18 11.95 38.20
N UNK Y 3 -53.29 11.15 38.79
CA UNK Y 3 -53.21 9.73 38.52
C UNK Y 3 -54.53 9.01 38.81
N UNK Y 4 -55.19 9.40 39.89
CA UNK Y 4 -56.48 8.83 40.24
C UNK Y 4 -57.54 9.14 39.19
N UNK Y 5 -57.51 10.36 38.68
CA UNK Y 5 -58.47 10.83 37.68
C UNK Y 5 -58.38 10.08 36.34
N UNK Y 6 -57.16 9.88 35.84
CA UNK Y 6 -56.96 9.17 34.58
C UNK Y 6 -57.42 7.72 34.69
N UNK Y 7 -57.06 7.08 35.79
CA UNK Y 7 -57.48 5.71 36.06
C UNK Y 7 -59.00 5.64 36.27
N UNK Y 8 -59.54 6.65 36.94
CA UNK Y 8 -60.96 6.74 37.23
C UNK Y 8 -61.79 6.85 35.96
N UNK Y 9 -61.33 7.66 35.01
CA UNK Y 9 -62.03 7.83 33.75
C UNK Y 9 -62.10 6.52 32.96
N UNK Y 10 -60.99 5.79 32.92
CA UNK Y 10 -60.93 4.50 32.24
C UNK Y 10 -61.80 3.47 32.94
N UNK Y 11 -61.77 3.45 34.27
CA UNK Y 11 -62.56 2.52 35.06
C UNK Y 11 -64.06 2.78 34.91
N UNK Y 12 -64.45 4.05 34.90
CA UNK Y 12 -65.85 4.45 34.75
C UNK Y 12 -66.41 4.02 33.40
N UNK Y 13 -65.62 4.20 32.35
CA UNK Y 13 -66.02 3.81 31.00
C UNK Y 13 -66.23 2.30 30.91
N UNK Y 14 -65.33 1.54 31.56
CA UNK Y 14 -65.42 0.09 31.59
C UNK Y 14 -66.71 -0.36 32.29
N UNK Y 15 -67.05 0.32 33.37
CA UNK Y 15 -68.28 0.03 34.11
C UNK Y 15 -69.52 0.34 33.27
N UNK Y 16 -69.48 1.45 32.55
CA UNK Y 16 -70.58 1.87 31.69
C UNK Y 16 -70.83 0.88 30.55
N UNK Y 17 -69.74 0.41 29.95
CA UNK Y 17 -69.82 -0.58 28.88
C UNK Y 17 -70.42 -1.89 29.39
N UNK Y 18 -70.03 -2.26 30.60
CA UNK Y 18 -70.52 -3.49 31.23
C UNK Y 18 -72.02 -3.43 31.51
N UNK Y 19 -72.51 -2.29 31.97
CA UNK Y 19 -73.95 -2.14 32.22
C UNK Y 19 -74.76 -2.23 30.93
N UNK Y 20 -74.28 -1.58 29.88
CA UNK Y 20 -74.98 -1.53 28.60
C UNK Y 20 -74.50 -2.65 27.67
N UNK Z 1 2.55 53.37 -32.62
CA UNK Z 1 4.01 53.37 -32.47
C UNK Z 1 4.64 54.60 -33.10
N UNK Z 2 3.99 55.16 -34.11
CA UNK Z 2 4.51 56.35 -34.80
C UNK Z 2 4.56 57.55 -33.86
N UNK Z 3 3.54 57.70 -33.03
CA UNK Z 3 3.52 58.76 -32.03
C UNK Z 3 4.62 58.56 -31.00
N UNK Z 4 5.00 57.30 -30.80
CA UNK Z 4 6.08 56.95 -29.89
C UNK Z 4 7.44 57.39 -30.44
N UNK Z 5 7.61 57.26 -31.75
CA UNK Z 5 8.84 57.64 -32.41
C UNK Z 5 9.00 59.16 -32.44
N UNK Z 6 7.89 59.86 -32.63
CA UNK Z 6 7.89 61.32 -32.57
C UNK Z 6 8.20 61.78 -31.15
N UNK Z 7 7.74 61.02 -30.17
CA UNK Z 7 8.02 61.31 -28.77
C UNK Z 7 9.50 61.07 -28.45
N UNK Z 8 10.06 60.04 -29.07
CA UNK Z 8 11.47 59.72 -28.89
C UNK Z 8 12.35 60.83 -29.43
N UNK Z 9 11.96 61.39 -30.58
CA UNK Z 9 12.67 62.53 -31.16
C UNK Z 9 12.42 63.78 -30.33
N UNK Z 10 11.35 63.77 -29.56
CA UNK Z 10 11.00 64.90 -28.68
C UNK Z 10 11.82 64.87 -27.40
N UNK Z 11 11.92 63.70 -26.79
CA UNK Z 11 12.78 63.51 -25.61
C UNK Z 11 14.21 63.89 -25.98
N UNK Z 12 14.57 63.55 -27.23
CA UNK Z 12 15.81 63.97 -27.86
C UNK Z 12 16.01 65.47 -27.74
N UNK Z 13 15.10 66.23 -28.35
CA UNK Z 13 15.19 67.68 -28.43
C UNK Z 13 15.14 68.35 -27.06
N UNK Z 14 14.35 67.77 -26.16
CA UNK Z 14 14.17 68.32 -24.82
C UNK Z 14 15.48 68.32 -24.04
N UNK AA 1 -5.16 -33.67 5.71
CA UNK AA 1 -4.79 -32.51 4.91
C UNK AA 1 -3.92 -31.54 5.71
N UNK AA 2 -4.42 -31.12 6.86
CA UNK AA 2 -3.71 -30.19 7.73
C UNK AA 2 -2.37 -30.78 8.16
N UNK AA 3 -2.38 -32.08 8.46
CA UNK AA 3 -1.18 -32.80 8.86
C UNK AA 3 -0.14 -32.80 7.75
N UNK AA 4 -0.60 -32.98 6.50
CA UNK AA 4 0.29 -33.00 5.35
C UNK AA 4 0.98 -31.65 5.16
N UNK AA 5 0.22 -30.57 5.32
CA UNK AA 5 0.76 -29.22 5.19
C UNK AA 5 1.80 -28.94 6.28
N UNK AA 6 1.48 -29.35 7.50
CA UNK AA 6 2.40 -29.20 8.63
C UNK AA 6 3.65 -30.04 8.43
N UNK AA 7 3.47 -31.24 7.87
CA UNK AA 7 4.59 -32.15 7.62
C UNK AA 7 5.57 -31.56 6.61
N UNK AA 8 5.03 -30.96 5.54
CA UNK AA 8 5.86 -30.35 4.50
C UNK AA 8 6.68 -29.19 5.05
N UNK AA 9 6.04 -28.35 5.87
CA UNK AA 9 6.73 -27.22 6.48
C UNK AA 9 7.82 -27.71 7.44
N UNK AA 10 7.52 -28.75 8.19
CA UNK AA 10 8.46 -29.33 9.15
C UNK AA 10 9.68 -29.93 8.45
N UNK AA 11 9.45 -30.59 7.32
CA UNK AA 11 10.53 -31.18 6.53
C UNK AA 11 11.47 -30.11 5.98
N UNK AA 12 10.89 -29.01 5.50
CA UNK AA 12 11.68 -27.91 4.98
C UNK AA 12 12.52 -27.27 6.08
N UNK AA 13 11.93 -27.12 7.25
CA UNK AA 13 12.64 -26.58 8.41
C UNK AA 13 13.78 -27.51 8.83
N UNK AA 14 13.52 -28.81 8.81
CA UNK AA 14 14.52 -29.80 9.17
C UNK AA 14 15.70 -29.80 8.19
N UNK AA 15 15.39 -29.69 6.90
CA UNK AA 15 16.43 -29.66 5.88
C UNK AA 15 17.30 -28.41 6.01
N UNK AA 16 16.67 -27.28 6.27
CA UNK AA 16 17.38 -26.00 6.44
C UNK AA 16 18.29 -26.01 7.67
N UNK AA 17 17.80 -26.56 8.78
CA UNK AA 17 18.58 -26.65 10.01
C UNK AA 17 19.80 -27.56 9.82
N UNK AA 18 19.58 -28.65 9.10
CA UNK AA 18 20.61 -29.66 8.80
C UNK AA 18 21.78 -29.10 8.00
N UNK AA 19 21.50 -28.17 7.09
CA UNK AA 19 22.53 -27.60 6.22
C UNK AA 19 23.17 -26.34 6.80
N UNK BA 1 20.41 46.35 40.01
CA UNK BA 1 20.45 45.04 40.65
C UNK BA 1 19.37 44.92 41.71
N UNK BA 2 19.70 45.30 42.93
CA UNK BA 2 18.74 45.28 44.03
C UNK BA 2 17.57 46.21 43.75
N UNK BA 3 17.86 47.33 43.10
CA UNK BA 3 16.84 48.30 42.70
C UNK BA 3 15.83 47.63 41.76
N UNK BA 4 16.35 47.00 40.71
CA UNK BA 4 15.51 46.31 39.73
C UNK BA 4 14.68 45.21 40.39
N UNK BA 5 15.28 44.50 41.34
CA UNK BA 5 14.59 43.44 42.06
C UNK BA 5 13.42 44.00 42.85
N UNK BA 6 13.61 45.16 43.46
CA UNK BA 6 12.56 45.82 44.22
C UNK BA 6 11.42 46.22 43.29
N UNK BA 7 11.78 46.74 42.11
CA UNK BA 7 10.81 47.15 41.12
C UNK BA 7 9.98 45.98 40.62
N UNK BA 8 10.63 44.84 40.40
CA UNK BA 8 9.94 43.64 39.95
C UNK BA 8 8.96 43.15 41.01
N UNK BA 9 9.37 43.25 42.28
CA UNK BA 9 8.52 42.87 43.40
C UNK BA 9 7.29 43.77 43.44
N UNK BA 10 7.52 45.07 43.22
CA UNK BA 10 6.46 46.06 43.20
C UNK BA 10 5.45 45.75 42.09
N UNK BA 11 5.96 45.36 40.93
CA UNK BA 11 5.12 45.01 39.79
C UNK BA 11 4.27 43.79 40.13
N UNK BA 12 4.87 42.84 40.83
CA UNK BA 12 4.16 41.62 41.24
C UNK BA 12 3.04 41.97 42.21
N UNK BA 13 3.31 42.91 43.11
CA UNK BA 13 2.31 43.37 44.07
C UNK BA 13 1.14 44.02 43.35
N UNK BA 14 1.46 44.81 42.32
CA UNK BA 14 0.44 45.47 41.50
C UNK BA 14 -0.42 44.44 40.78
N UNK BA 15 0.21 43.38 40.27
CA UNK BA 15 -0.50 42.31 39.60
C UNK BA 15 -1.46 41.61 40.56
N UNK BA 16 -1.00 41.42 41.80
CA UNK BA 16 -1.82 40.82 42.84
C UNK BA 16 -3.03 41.70 43.16
N UNK BA 17 -2.81 43.01 43.20
CA UNK BA 17 -3.87 43.98 43.46
C UNK BA 17 -4.92 43.97 42.34
N UNK BA 18 -4.48 43.87 41.11
CA UNK BA 18 -5.37 43.80 39.96
C UNK BA 18 -6.21 42.54 40.05
N UNK BA 19 -5.59 41.45 40.49
CA UNK BA 19 -6.26 40.17 40.67
C UNK BA 19 -7.31 40.27 41.76
N UNK BA 20 -6.96 40.98 42.83
CA UNK BA 20 -7.85 41.19 43.97
C UNK BA 20 -9.10 41.94 43.53
N UNK BA 21 -8.91 42.90 42.61
CA UNK BA 21 -10.01 43.71 42.11
C UNK BA 21 -10.58 43.12 40.83
#